data_2MX9
#
_entry.id   2MX9
#
_entity_poly.entity_id   1
_entity_poly.type   'polypeptide(L)'
_entity_poly.pdbx_seq_one_letter_code
;GSGNSQPIWTNPNAAMTMTNNLVQCASRSGVLTADQMDDMGMMADSVNSQMQKMGPNPPQHRLRAMNTAMAAEVAEVVAT
SPPQSYSAVLNTIGACLRESMMQATGSVDNAFTNEVMQLVKMLSADSANEVST
;
_entity_poly.pdbx_strand_id   A,B
#
# COMPACT_ATOMS: atom_id res chain seq x y z
N GLY A 1 12.76 15.12 9.21
CA GLY A 1 13.35 15.09 10.57
C GLY A 1 13.35 16.44 11.23
N SER A 2 13.70 17.46 10.45
CA SER A 2 13.68 18.84 10.92
C SER A 2 12.25 19.30 11.20
N GLY A 3 11.89 19.35 12.48
CA GLY A 3 10.55 19.73 12.87
C GLY A 3 9.50 18.77 12.35
N ASN A 4 8.33 19.29 12.06
CA ASN A 4 7.24 18.48 11.53
C ASN A 4 7.21 18.61 10.02
N SER A 5 6.37 17.85 9.35
CA SER A 5 6.28 17.90 7.91
C SER A 5 4.84 17.77 7.45
N GLN A 6 4.39 18.78 6.71
CA GLN A 6 3.04 18.80 6.19
C GLN A 6 2.95 17.96 4.93
N PRO A 7 2.13 16.89 4.96
CA PRO A 7 1.95 16.00 3.81
C PRO A 7 1.54 16.77 2.56
N ILE A 8 2.32 16.64 1.51
CA ILE A 8 2.10 17.37 0.27
C ILE A 8 0.91 16.83 -0.52
N TRP A 9 0.22 15.84 0.06
CA TRP A 9 -0.96 15.26 -0.57
C TRP A 9 -2.19 16.16 -0.42
N THR A 10 -1.94 17.43 -0.11
CA THR A 10 -3.01 18.42 -0.10
C THR A 10 -3.47 18.70 -1.52
N ASN A 11 -2.58 18.43 -2.47
CA ASN A 11 -2.91 18.50 -3.89
C ASN A 11 -2.57 17.18 -4.55
N PRO A 12 -3.60 16.48 -5.05
CA PRO A 12 -3.43 15.15 -5.63
C PRO A 12 -2.59 15.16 -6.91
N ASN A 13 -2.65 16.26 -7.65
CA ASN A 13 -1.87 16.40 -8.87
C ASN A 13 -0.41 16.69 -8.55
N ALA A 14 -0.18 17.42 -7.46
CA ALA A 14 1.17 17.70 -7.02
C ALA A 14 1.84 16.41 -6.56
N ALA A 15 1.09 15.58 -5.84
CA ALA A 15 1.57 14.29 -5.39
C ALA A 15 1.79 13.36 -6.58
N MET A 16 0.87 13.39 -7.54
CA MET A 16 0.96 12.58 -8.74
C MET A 16 2.22 12.93 -9.55
N THR A 17 2.65 14.18 -9.41
CA THR A 17 3.87 14.63 -10.07
C THR A 17 5.08 13.87 -9.54
N MET A 18 5.08 13.56 -8.24
CA MET A 18 6.13 12.77 -7.65
C MET A 18 6.10 11.35 -8.20
N THR A 19 4.90 10.82 -8.35
CA THR A 19 4.70 9.48 -8.87
C THR A 19 5.32 9.37 -10.28
N ASN A 20 5.12 10.41 -11.07
CA ASN A 20 5.66 10.47 -12.42
C ASN A 20 7.19 10.61 -12.39
N ASN A 21 7.67 11.52 -11.55
CA ASN A 21 9.11 11.77 -11.43
C ASN A 21 9.85 10.54 -10.92
N LEU A 22 9.21 9.79 -10.02
CA LEU A 22 9.81 8.56 -9.50
C LEU A 22 10.07 7.57 -10.62
N VAL A 23 9.06 7.35 -11.46
CA VAL A 23 9.20 6.44 -12.58
C VAL A 23 10.30 6.90 -13.54
N GLN A 24 10.35 8.21 -13.79
CA GLN A 24 11.38 8.76 -14.65
C GLN A 24 12.76 8.59 -14.04
N CYS A 25 12.88 8.86 -12.74
CA CYS A 25 14.16 8.73 -12.05
C CYS A 25 14.59 7.26 -12.00
N ALA A 26 13.64 6.37 -11.82
CA ALA A 26 13.92 4.94 -11.80
C ALA A 26 14.30 4.45 -13.18
N SER A 27 13.64 4.98 -14.19
CA SER A 27 13.90 4.61 -15.57
C SER A 27 15.28 5.12 -16.01
N ARG A 28 15.64 6.31 -15.55
CA ARG A 28 16.89 6.93 -15.95
C ARG A 28 18.06 6.34 -15.15
N SER A 29 17.76 5.73 -14.02
CA SER A 29 18.79 5.04 -13.24
C SER A 29 18.98 3.63 -13.77
N GLY A 30 17.87 2.94 -14.00
CA GLY A 30 17.93 1.62 -14.59
C GLY A 30 18.34 0.54 -13.59
N VAL A 31 18.16 0.83 -12.30
CA VAL A 31 18.50 -0.12 -11.26
C VAL A 31 17.40 -1.17 -11.12
N LEU A 32 16.19 -0.78 -11.48
CA LEU A 32 15.04 -1.64 -11.32
C LEU A 32 14.80 -2.48 -12.56
N THR A 33 14.19 -3.64 -12.37
CA THR A 33 13.91 -4.55 -13.47
C THR A 33 12.61 -4.14 -14.17
N ALA A 34 12.34 -4.76 -15.32
CA ALA A 34 11.15 -4.42 -16.10
C ALA A 34 9.87 -4.63 -15.29
N ASP A 35 9.86 -5.70 -14.49
CA ASP A 35 8.78 -5.99 -13.57
C ASP A 35 8.49 -4.79 -12.68
N GLN A 36 9.50 -4.40 -11.91
CA GLN A 36 9.35 -3.35 -10.91
C GLN A 36 9.06 -2.00 -11.56
N MET A 37 9.70 -1.76 -12.71
CA MET A 37 9.50 -0.51 -13.43
C MET A 37 8.06 -0.38 -13.92
N ASP A 38 7.52 -1.45 -14.47
CA ASP A 38 6.18 -1.42 -15.04
C ASP A 38 5.13 -1.33 -13.95
N ASP A 39 5.41 -1.94 -12.81
CA ASP A 39 4.50 -1.86 -11.65
C ASP A 39 4.44 -0.43 -11.13
N MET A 40 5.59 0.23 -11.08
CA MET A 40 5.64 1.64 -10.71
C MET A 40 4.95 2.50 -11.76
N GLY A 41 5.08 2.08 -13.02
CA GLY A 41 4.39 2.75 -14.11
C GLY A 41 2.89 2.69 -13.95
N MET A 42 2.37 1.51 -13.61
CA MET A 42 0.93 1.34 -13.44
C MET A 42 0.47 1.97 -12.12
N MET A 43 1.43 2.21 -11.22
CA MET A 43 1.17 2.96 -10.00
C MET A 43 0.76 4.39 -10.35
N ALA A 44 1.48 4.98 -11.29
CA ALA A 44 1.13 6.31 -11.78
C ALA A 44 -0.23 6.29 -12.45
N ASP A 45 -0.45 5.25 -13.26
CA ASP A 45 -1.71 5.09 -14.00
C ASP A 45 -2.90 4.89 -13.05
N SER A 46 -2.72 4.05 -12.04
CA SER A 46 -3.78 3.77 -11.09
C SER A 46 -4.23 5.04 -10.39
N VAL A 47 -3.29 5.83 -9.87
CA VAL A 47 -3.64 7.12 -9.25
C VAL A 47 -4.30 8.03 -10.27
N ASN A 48 -3.72 8.06 -11.46
CA ASN A 48 -4.19 8.91 -12.55
C ASN A 48 -5.66 8.62 -12.88
N SER A 49 -5.98 7.36 -13.09
CA SER A 49 -7.33 6.96 -13.48
C SER A 49 -8.27 6.98 -12.27
N GLN A 50 -7.75 6.67 -11.08
CA GLN A 50 -8.56 6.74 -9.86
C GLN A 50 -9.01 8.17 -9.62
N MET A 51 -8.11 9.11 -9.86
CA MET A 51 -8.41 10.53 -9.70
C MET A 51 -9.57 10.93 -10.60
N GLN A 52 -9.52 10.48 -11.86
CA GLN A 52 -10.57 10.79 -12.82
C GLN A 52 -11.92 10.26 -12.34
N LYS A 53 -11.89 9.10 -11.71
CA LYS A 53 -13.08 8.45 -11.19
C LYS A 53 -13.69 9.22 -10.02
N MET A 54 -12.85 9.99 -9.34
CA MET A 54 -13.28 10.69 -8.14
C MET A 54 -13.45 12.18 -8.41
N GLY A 55 -13.06 12.62 -9.60
CA GLY A 55 -13.22 14.01 -9.96
C GLY A 55 -11.97 14.83 -9.74
N PRO A 56 -12.00 16.13 -10.07
CA PRO A 56 -10.84 17.01 -9.92
C PRO A 56 -10.52 17.31 -8.46
N ASN A 57 -11.44 16.94 -7.59
CA ASN A 57 -11.27 17.13 -6.16
C ASN A 57 -11.94 15.98 -5.41
N PRO A 58 -11.25 14.83 -5.35
CA PRO A 58 -11.75 13.63 -4.67
C PRO A 58 -11.87 13.82 -3.16
N PRO A 59 -12.56 12.87 -2.48
CA PRO A 59 -12.68 12.86 -1.03
C PRO A 59 -11.33 12.98 -0.33
N GLN A 60 -11.24 13.88 0.64
CA GLN A 60 -9.99 14.16 1.34
C GLN A 60 -9.44 12.91 2.02
N HIS A 61 -10.34 12.11 2.60
CA HIS A 61 -9.92 10.91 3.32
C HIS A 61 -9.35 9.86 2.35
N ARG A 62 -9.79 9.91 1.10
CA ARG A 62 -9.31 8.97 0.10
C ARG A 62 -7.89 9.32 -0.30
N LEU A 63 -7.59 10.62 -0.36
CA LEU A 63 -6.23 11.08 -0.62
C LEU A 63 -5.31 10.63 0.51
N ARG A 64 -5.85 10.65 1.72
CA ARG A 64 -5.14 10.16 2.90
C ARG A 64 -4.70 8.70 2.69
N ALA A 65 -5.63 7.88 2.21
CA ALA A 65 -5.35 6.48 1.95
C ALA A 65 -4.37 6.31 0.79
N MET A 66 -4.61 7.05 -0.30
CA MET A 66 -3.79 6.96 -1.50
C MET A 66 -2.32 7.25 -1.22
N ASN A 67 -2.07 8.08 -0.22
CA ASN A 67 -0.70 8.39 0.22
C ASN A 67 0.08 7.12 0.49
N THR A 68 -0.49 6.24 1.30
CA THR A 68 0.20 5.02 1.70
C THR A 68 0.21 4.00 0.57
N ALA A 69 -0.82 4.04 -0.28
CA ALA A 69 -0.89 3.13 -1.42
C ALA A 69 0.29 3.33 -2.37
N MET A 70 0.51 4.58 -2.77
CA MET A 70 1.61 4.93 -3.66
C MET A 70 2.95 4.51 -3.05
N ALA A 71 3.12 4.81 -1.76
CA ALA A 71 4.36 4.50 -1.07
C ALA A 71 4.58 2.99 -0.98
N ALA A 72 3.51 2.25 -0.74
CA ALA A 72 3.58 0.80 -0.62
C ALA A 72 4.02 0.15 -1.91
N GLU A 73 3.50 0.66 -3.04
CA GLU A 73 3.84 0.10 -4.34
C GLU A 73 5.33 0.25 -4.62
N VAL A 74 5.87 1.43 -4.33
CA VAL A 74 7.30 1.67 -4.51
C VAL A 74 8.11 0.79 -3.56
N ALA A 75 7.65 0.66 -2.33
CA ALA A 75 8.35 -0.16 -1.35
C ALA A 75 8.34 -1.63 -1.73
N GLU A 76 7.23 -2.09 -2.27
CA GLU A 76 7.11 -3.49 -2.66
C GLU A 76 8.10 -3.82 -3.77
N VAL A 77 8.12 -3.01 -4.83
CA VAL A 77 8.99 -3.28 -5.96
C VAL A 77 10.46 -3.29 -5.53
N VAL A 78 10.83 -2.38 -4.62
CA VAL A 78 12.18 -2.34 -4.10
C VAL A 78 12.48 -3.62 -3.33
N ALA A 79 11.50 -4.09 -2.57
CA ALA A 79 11.68 -5.27 -1.72
C ALA A 79 11.58 -6.56 -2.52
N THR A 80 11.29 -6.45 -3.80
CA THR A 80 11.19 -7.60 -4.67
C THR A 80 12.46 -7.74 -5.53
N SER A 81 13.42 -6.88 -5.24
CA SER A 81 14.71 -6.92 -5.95
C SER A 81 15.57 -8.06 -5.39
N PRO A 82 16.56 -8.52 -6.17
CA PRO A 82 17.55 -9.50 -5.69
C PRO A 82 18.22 -9.04 -4.39
N PRO A 83 18.82 -9.98 -3.63
CA PRO A 83 19.30 -9.67 -2.27
C PRO A 83 20.44 -8.66 -2.29
N GLN A 84 21.12 -8.58 -3.42
CA GLN A 84 22.25 -7.66 -3.56
C GLN A 84 21.81 -6.36 -4.20
N SER A 85 20.72 -6.43 -4.94
CA SER A 85 20.22 -5.28 -5.67
C SER A 85 19.20 -4.51 -4.84
N TYR A 86 18.69 -5.17 -3.79
CA TYR A 86 17.74 -4.55 -2.88
C TYR A 86 18.29 -3.25 -2.31
N SER A 87 19.52 -3.31 -1.81
CA SER A 87 20.17 -2.13 -1.24
C SER A 87 20.40 -1.07 -2.31
N ALA A 88 20.67 -1.52 -3.54
CA ALA A 88 20.90 -0.62 -4.66
C ALA A 88 19.63 0.14 -5.03
N VAL A 89 18.56 -0.61 -5.26
CA VAL A 89 17.27 -0.02 -5.64
C VAL A 89 16.73 0.87 -4.52
N LEU A 90 16.88 0.40 -3.28
CA LEU A 90 16.41 1.14 -2.11
C LEU A 90 17.05 2.53 -2.08
N ASN A 91 18.37 2.57 -2.18
CA ASN A 91 19.11 3.82 -2.17
C ASN A 91 18.66 4.72 -3.32
N THR A 92 18.40 4.11 -4.47
CA THR A 92 17.99 4.85 -5.66
C THR A 92 16.63 5.52 -5.44
N ILE A 93 15.66 4.72 -5.00
CA ILE A 93 14.32 5.25 -4.75
C ILE A 93 14.35 6.31 -3.66
N GLY A 94 15.10 6.07 -2.59
CA GLY A 94 15.21 7.05 -1.52
C GLY A 94 15.75 8.38 -2.01
N ALA A 95 16.72 8.32 -2.92
CA ALA A 95 17.28 9.52 -3.51
C ALA A 95 16.25 10.20 -4.40
N CYS A 96 15.63 9.42 -5.28
CA CYS A 96 14.63 9.93 -6.21
C CYS A 96 13.44 10.53 -5.48
N LEU A 97 13.11 9.95 -4.32
CA LEU A 97 11.99 10.42 -3.49
C LEU A 97 12.15 11.91 -3.18
N ARG A 98 13.31 12.27 -2.63
CA ARG A 98 13.59 13.65 -2.25
C ARG A 98 13.50 14.57 -3.45
N GLU A 99 14.20 14.21 -4.52
CA GLU A 99 14.27 15.02 -5.73
C GLU A 99 12.89 15.22 -6.32
N SER A 100 12.13 14.14 -6.38
CA SER A 100 10.77 14.18 -6.91
C SER A 100 9.91 15.20 -6.17
N MET A 101 10.00 15.18 -4.85
CA MET A 101 9.23 16.10 -4.01
C MET A 101 9.65 17.55 -4.28
N MET A 102 10.95 17.78 -4.36
CA MET A 102 11.48 19.12 -4.54
C MET A 102 11.08 19.70 -5.90
N GLN A 103 10.95 18.82 -6.89
CA GLN A 103 10.57 19.26 -8.24
C GLN A 103 9.06 19.26 -8.42
N ALA A 104 8.34 18.66 -7.47
CA ALA A 104 6.89 18.61 -7.54
C ALA A 104 6.26 19.73 -6.73
N THR A 105 6.57 19.79 -5.45
CA THR A 105 5.96 20.76 -4.55
C THR A 105 6.92 21.90 -4.25
N GLY A 106 8.21 21.63 -4.35
CA GLY A 106 9.21 22.62 -4.02
C GLY A 106 9.84 22.37 -2.67
N SER A 107 9.29 21.41 -1.96
CA SER A 107 9.80 21.06 -0.64
C SER A 107 9.89 19.54 -0.50
N VAL A 108 10.71 19.08 0.43
CA VAL A 108 10.90 17.65 0.63
C VAL A 108 9.94 17.12 1.70
N ASP A 109 8.92 16.40 1.25
CA ASP A 109 7.97 15.77 2.15
C ASP A 109 8.64 14.63 2.92
N ASN A 110 8.79 14.82 4.21
CA ASN A 110 9.46 13.83 5.06
C ASN A 110 8.52 12.66 5.37
N ALA A 111 7.24 12.95 5.44
CA ALA A 111 6.25 11.94 5.83
C ALA A 111 6.21 10.80 4.81
N PHE A 112 6.12 11.16 3.54
CA PHE A 112 6.05 10.17 2.48
C PHE A 112 7.40 9.50 2.29
N THR A 113 8.47 10.29 2.27
CA THR A 113 9.80 9.76 2.02
C THR A 113 10.22 8.80 3.13
N ASN A 114 9.81 9.11 4.36
CA ASN A 114 10.10 8.25 5.51
C ASN A 114 9.23 6.99 5.46
N GLU A 115 7.97 7.17 5.08
CA GLU A 115 7.02 6.06 5.02
C GLU A 115 7.53 4.96 4.09
N VAL A 116 8.01 5.35 2.92
CA VAL A 116 8.52 4.39 1.94
C VAL A 116 9.69 3.59 2.49
N MET A 117 10.56 4.25 3.26
CA MET A 117 11.75 3.61 3.79
C MET A 117 11.37 2.57 4.84
N GLN A 118 10.39 2.91 5.65
CA GLN A 118 9.90 2.00 6.68
C GLN A 118 9.16 0.83 6.04
N LEU A 119 8.35 1.14 5.04
CA LEU A 119 7.58 0.14 4.31
C LEU A 119 8.48 -0.91 3.69
N VAL A 120 9.50 -0.46 2.95
CA VAL A 120 10.34 -1.36 2.18
C VAL A 120 11.17 -2.28 3.07
N LYS A 121 11.64 -1.76 4.20
CA LYS A 121 12.42 -2.56 5.14
C LYS A 121 11.54 -3.64 5.78
N MET A 122 10.31 -3.28 6.10
CA MET A 122 9.37 -4.20 6.71
C MET A 122 8.83 -5.20 5.68
N LEU A 123 8.62 -4.71 4.47
CA LEU A 123 8.03 -5.51 3.39
C LEU A 123 8.88 -6.73 3.05
N SER A 124 10.19 -6.62 3.25
CA SER A 124 11.10 -7.71 2.92
C SER A 124 11.53 -8.46 4.18
N ALA A 125 10.97 -8.09 5.32
CA ALA A 125 11.35 -8.72 6.58
C ALA A 125 10.28 -9.68 7.07
N ASP A 126 10.33 -10.90 6.59
CA ASP A 126 9.39 -11.93 7.02
C ASP A 126 10.01 -12.78 8.12
N SER A 127 9.91 -12.29 9.34
CA SER A 127 10.39 -13.00 10.52
C SER A 127 9.65 -12.51 11.74
N ALA A 128 8.73 -13.32 12.23
CA ALA A 128 7.87 -12.93 13.35
C ALA A 128 8.38 -13.51 14.66
N ASN A 129 9.55 -14.13 14.63
CA ASN A 129 10.14 -14.70 15.83
C ASN A 129 11.47 -14.03 16.14
N GLU A 130 11.90 -14.13 17.39
CA GLU A 130 13.15 -13.55 17.84
C GLU A 130 14.33 -14.26 17.20
N VAL A 131 15.02 -13.59 16.29
CA VAL A 131 16.20 -14.15 15.69
C VAL A 131 17.41 -13.85 16.57
N SER A 132 17.26 -12.84 17.42
CA SER A 132 18.29 -12.49 18.37
C SER A 132 18.23 -13.41 19.59
N THR A 133 19.34 -13.54 20.30
CA THR A 133 19.38 -14.37 21.50
C THR A 133 18.46 -13.82 22.58
N GLY B 1 2.26 -21.39 11.88
CA GLY B 1 3.63 -21.39 11.40
C GLY B 1 4.05 -22.78 10.93
N SER B 2 3.09 -23.54 10.44
CA SER B 2 3.35 -24.88 9.96
C SER B 2 3.80 -24.87 8.50
N GLY B 3 5.10 -24.98 8.28
CA GLY B 3 5.63 -25.00 6.94
C GLY B 3 5.78 -23.61 6.35
N ASN B 4 5.12 -23.38 5.23
CA ASN B 4 5.14 -22.07 4.59
C ASN B 4 3.72 -21.57 4.36
N SER B 5 3.51 -20.27 4.52
CA SER B 5 2.22 -19.67 4.25
C SER B 5 2.05 -19.46 2.75
N GLN B 6 0.93 -19.91 2.22
CA GLN B 6 0.67 -19.83 0.79
C GLN B 6 -0.22 -18.64 0.46
N PRO B 7 0.36 -17.60 -0.15
CA PRO B 7 -0.39 -16.42 -0.57
C PRO B 7 -1.32 -16.76 -1.74
N ILE B 8 -2.59 -16.42 -1.59
CA ILE B 8 -3.61 -16.77 -2.59
C ILE B 8 -3.53 -15.85 -3.80
N TRP B 9 -2.57 -14.93 -3.79
CA TRP B 9 -2.43 -13.96 -4.87
C TRP B 9 -1.84 -14.60 -6.12
N THR B 10 -2.73 -15.21 -6.88
CA THR B 10 -2.40 -15.80 -8.17
C THR B 10 -3.66 -15.81 -9.02
N ASN B 11 -4.79 -16.05 -8.36
CA ASN B 11 -6.09 -15.89 -8.97
C ASN B 11 -6.69 -14.57 -8.51
N PRO B 12 -6.85 -13.63 -9.43
CA PRO B 12 -7.29 -12.27 -9.11
C PRO B 12 -8.73 -12.23 -8.60
N ASN B 13 -9.56 -13.12 -9.12
CA ASN B 13 -10.96 -13.21 -8.69
C ASN B 13 -11.04 -13.75 -7.27
N ALA B 14 -10.23 -14.76 -6.98
CA ALA B 14 -10.20 -15.36 -5.65
C ALA B 14 -9.68 -14.36 -4.62
N ALA B 15 -8.62 -13.64 -4.99
CA ALA B 15 -8.05 -12.62 -4.12
C ALA B 15 -9.04 -11.48 -3.90
N MET B 16 -9.72 -11.09 -4.97
CA MET B 16 -10.72 -10.03 -4.92
C MET B 16 -11.88 -10.41 -3.99
N THR B 17 -12.13 -11.71 -3.87
CA THR B 17 -13.17 -12.21 -2.99
C THR B 17 -12.87 -11.82 -1.54
N MET B 18 -11.59 -11.89 -1.16
CA MET B 18 -11.18 -11.48 0.17
C MET B 18 -11.41 -9.99 0.36
N THR B 19 -11.08 -9.21 -0.67
CA THR B 19 -11.27 -7.77 -0.63
C THR B 19 -12.74 -7.43 -0.42
N ASN B 20 -13.61 -8.11 -1.15
CA ASN B 20 -15.05 -7.89 -1.03
C ASN B 20 -15.55 -8.32 0.35
N ASN B 21 -15.10 -9.48 0.81
CA ASN B 21 -15.53 -10.01 2.11
C ASN B 21 -15.09 -9.11 3.25
N LEU B 22 -13.94 -8.44 3.09
CA LEU B 22 -13.47 -7.51 4.12
C LEU B 22 -14.46 -6.37 4.31
N VAL B 23 -14.90 -5.79 3.21
CA VAL B 23 -15.85 -4.69 3.26
C VAL B 23 -17.17 -5.15 3.87
N GLN B 24 -17.59 -6.36 3.52
CA GLN B 24 -18.81 -6.92 4.06
C GLN B 24 -18.66 -7.18 5.56
N CYS B 25 -17.49 -7.67 5.96
CA CYS B 25 -17.20 -7.93 7.37
C CYS B 25 -17.18 -6.63 8.16
N ALA B 26 -16.57 -5.60 7.58
CA ALA B 26 -16.51 -4.29 8.20
C ALA B 26 -17.89 -3.66 8.30
N SER B 27 -18.71 -3.92 7.30
CA SER B 27 -20.05 -3.36 7.23
C SER B 27 -20.97 -4.00 8.27
N ARG B 28 -20.70 -5.25 8.62
CA ARG B 28 -21.53 -5.96 9.61
C ARG B 28 -20.89 -5.92 10.99
N SER B 29 -19.81 -5.17 11.14
CA SER B 29 -19.22 -4.98 12.46
C SER B 29 -19.54 -3.57 12.97
N GLY B 30 -19.40 -2.59 12.08
CA GLY B 30 -19.76 -1.23 12.42
C GLY B 30 -18.75 -0.55 13.31
N VAL B 31 -17.57 -1.13 13.42
CA VAL B 31 -16.51 -0.56 14.24
C VAL B 31 -15.82 0.59 13.49
N LEU B 32 -15.92 0.53 12.17
CA LEU B 32 -15.23 1.47 11.31
C LEU B 32 -16.11 2.69 11.02
N THR B 33 -15.51 3.74 10.48
CA THR B 33 -16.21 4.98 10.19
C THR B 33 -16.42 5.15 8.69
N ALA B 34 -17.09 6.25 8.29
CA ALA B 34 -17.31 6.54 6.89
C ALA B 34 -15.99 6.60 6.13
N ASP B 35 -14.98 7.22 6.76
CA ASP B 35 -13.62 7.22 6.25
C ASP B 35 -13.21 5.83 5.83
N GLN B 36 -13.18 4.95 6.83
CA GLN B 36 -12.67 3.60 6.67
C GLN B 36 -13.51 2.79 5.68
N MET B 37 -14.83 2.86 5.83
CA MET B 37 -15.73 2.05 5.00
C MET B 37 -15.65 2.47 3.53
N ASP B 38 -15.43 3.75 3.28
CA ASP B 38 -15.38 4.25 1.90
C ASP B 38 -14.00 4.00 1.29
N ASP B 39 -12.96 4.09 2.10
CA ASP B 39 -11.60 3.78 1.63
C ASP B 39 -11.49 2.29 1.30
N MET B 40 -12.03 1.45 2.17
CA MET B 40 -12.08 0.02 1.91
C MET B 40 -13.01 -0.28 0.74
N GLY B 41 -14.05 0.54 0.61
CA GLY B 41 -14.95 0.42 -0.51
C GLY B 41 -14.26 0.65 -1.84
N MET B 42 -13.46 1.72 -1.92
CA MET B 42 -12.73 2.01 -3.14
C MET B 42 -11.55 1.05 -3.30
N MET B 43 -11.19 0.37 -2.23
CA MET B 43 -10.18 -0.68 -2.29
C MET B 43 -10.67 -1.84 -3.16
N ALA B 44 -11.86 -2.31 -2.87
CA ALA B 44 -12.46 -3.37 -3.68
C ALA B 44 -12.73 -2.86 -5.10
N ASP B 45 -13.11 -1.61 -5.20
CA ASP B 45 -13.40 -0.99 -6.48
C ASP B 45 -12.14 -0.83 -7.33
N SER B 46 -11.04 -0.41 -6.70
CA SER B 46 -9.79 -0.21 -7.43
C SER B 46 -9.29 -1.53 -8.02
N VAL B 47 -9.29 -2.59 -7.22
CA VAL B 47 -8.89 -3.90 -7.70
C VAL B 47 -9.71 -4.30 -8.93
N ASN B 48 -11.02 -4.07 -8.83
CA ASN B 48 -11.95 -4.40 -9.91
C ASN B 48 -11.68 -3.54 -11.14
N SER B 49 -11.64 -2.23 -10.94
CA SER B 49 -11.54 -1.28 -12.04
C SER B 49 -10.17 -1.31 -12.72
N GLN B 50 -9.14 -1.73 -12.00
CA GLN B 50 -7.81 -1.88 -12.59
C GLN B 50 -7.75 -3.15 -13.43
N MET B 51 -8.49 -4.17 -13.00
CA MET B 51 -8.55 -5.42 -13.75
C MET B 51 -9.29 -5.22 -15.08
N GLN B 52 -10.39 -4.47 -15.03
CA GLN B 52 -11.18 -4.22 -16.23
C GLN B 52 -10.40 -3.36 -17.22
N LYS B 53 -9.40 -2.64 -16.72
CA LYS B 53 -8.52 -1.85 -17.57
C LYS B 53 -7.51 -2.74 -18.30
N MET B 54 -7.24 -3.91 -17.72
CA MET B 54 -6.22 -4.80 -18.24
C MET B 54 -6.84 -5.91 -19.09
N GLY B 55 -7.78 -6.64 -18.51
CA GLY B 55 -8.45 -7.70 -19.24
C GLY B 55 -8.67 -8.93 -18.37
N PRO B 56 -9.13 -10.03 -18.96
CA PRO B 56 -9.41 -11.28 -18.23
C PRO B 56 -8.14 -12.01 -17.80
N ASN B 57 -7.02 -11.55 -18.31
CA ASN B 57 -5.72 -12.11 -17.96
C ASN B 57 -4.66 -11.02 -17.93
N PRO B 58 -4.50 -10.36 -16.79
CA PRO B 58 -3.49 -9.32 -16.60
C PRO B 58 -2.12 -9.91 -16.30
N PRO B 59 -1.07 -9.07 -16.36
CA PRO B 59 0.28 -9.49 -15.98
C PRO B 59 0.37 -9.76 -14.47
N GLN B 60 0.92 -10.92 -14.13
CA GLN B 60 0.94 -11.37 -12.74
C GLN B 60 1.70 -10.41 -11.83
N HIS B 61 2.71 -9.74 -12.38
CA HIS B 61 3.50 -8.78 -11.60
C HIS B 61 2.62 -7.63 -11.08
N ARG B 62 1.57 -7.27 -11.84
CA ARG B 62 0.66 -6.23 -11.39
C ARG B 62 -0.16 -6.72 -10.21
N LEU B 63 -0.59 -7.98 -10.27
CA LEU B 63 -1.34 -8.59 -9.17
C LEU B 63 -0.46 -8.67 -7.94
N ARG B 64 0.83 -8.92 -8.17
CA ARG B 64 1.84 -8.87 -7.12
C ARG B 64 1.76 -7.54 -6.38
N ALA B 65 1.78 -6.45 -7.15
CA ALA B 65 1.73 -5.11 -6.57
C ALA B 65 0.37 -4.82 -5.93
N MET B 66 -0.65 -5.54 -6.35
CA MET B 66 -1.99 -5.36 -5.78
C MET B 66 -2.05 -5.94 -4.37
N ASN B 67 -1.23 -6.96 -4.13
CA ASN B 67 -1.13 -7.59 -2.80
C ASN B 67 -0.91 -6.54 -1.72
N THR B 68 0.18 -5.80 -1.83
CA THR B 68 0.53 -4.83 -0.81
C THR B 68 -0.36 -3.61 -0.86
N ALA B 69 -0.92 -3.31 -2.04
CA ALA B 69 -1.85 -2.21 -2.18
C ALA B 69 -3.07 -2.42 -1.30
N MET B 70 -3.71 -3.57 -1.48
CA MET B 70 -4.89 -3.93 -0.69
C MET B 70 -4.56 -3.97 0.80
N ALA B 71 -3.42 -4.58 1.13
CA ALA B 71 -3.00 -4.73 2.52
C ALA B 71 -2.74 -3.38 3.17
N ALA B 72 -2.03 -2.50 2.47
CA ALA B 72 -1.67 -1.19 2.99
C ALA B 72 -2.91 -0.32 3.19
N GLU B 73 -3.86 -0.44 2.27
CA GLU B 73 -5.10 0.32 2.37
C GLU B 73 -5.85 -0.01 3.66
N VAL B 74 -6.04 -1.29 3.93
CA VAL B 74 -6.71 -1.72 5.17
C VAL B 74 -5.95 -1.22 6.40
N ALA B 75 -4.64 -1.29 6.35
CA ALA B 75 -3.82 -0.84 7.46
C ALA B 75 -3.95 0.66 7.69
N GLU B 76 -3.93 1.43 6.60
CA GLU B 76 -4.14 2.88 6.68
C GLU B 76 -5.52 3.14 7.26
N VAL B 77 -6.50 2.39 6.77
CA VAL B 77 -7.86 2.47 7.25
C VAL B 77 -7.93 2.31 8.77
N VAL B 78 -7.41 1.19 9.27
CA VAL B 78 -7.45 0.89 10.69
C VAL B 78 -6.70 1.94 11.51
N ALA B 79 -5.55 2.37 10.99
CA ALA B 79 -4.67 3.30 11.70
C ALA B 79 -5.24 4.72 11.75
N THR B 80 -6.36 4.95 11.09
CA THR B 80 -6.99 6.27 11.08
C THR B 80 -7.94 6.41 12.26
N SER B 81 -8.24 5.30 12.90
CA SER B 81 -9.17 5.27 14.02
C SER B 81 -8.56 5.95 15.25
N PRO B 82 -9.41 6.45 16.17
CA PRO B 82 -8.95 6.97 17.47
C PRO B 82 -8.33 5.84 18.29
N PRO B 83 -7.57 6.17 19.34
CA PRO B 83 -6.81 5.16 20.10
C PRO B 83 -7.71 4.05 20.64
N GLN B 84 -8.85 4.45 21.16
CA GLN B 84 -9.79 3.49 21.74
C GLN B 84 -10.43 2.61 20.68
N SER B 85 -10.61 3.17 19.49
CA SER B 85 -11.27 2.46 18.41
C SER B 85 -10.26 1.64 17.63
N TYR B 86 -9.01 2.09 17.63
CA TYR B 86 -7.93 1.45 16.89
C TYR B 86 -7.83 -0.03 17.23
N SER B 87 -7.78 -0.35 18.50
CA SER B 87 -7.67 -1.73 18.95
C SER B 87 -8.88 -2.55 18.49
N ALA B 88 -10.06 -1.94 18.58
CA ALA B 88 -11.29 -2.62 18.21
C ALA B 88 -11.35 -2.89 16.70
N VAL B 89 -11.03 -1.88 15.90
CA VAL B 89 -11.02 -2.03 14.45
C VAL B 89 -9.96 -3.04 14.03
N LEU B 90 -8.79 -2.93 14.66
CA LEU B 90 -7.66 -3.82 14.37
C LEU B 90 -8.06 -5.27 14.62
N ASN B 91 -8.60 -5.52 15.81
CA ASN B 91 -9.07 -6.84 16.19
C ASN B 91 -10.10 -7.36 15.19
N THR B 92 -11.03 -6.50 14.83
CA THR B 92 -12.09 -6.85 13.89
C THR B 92 -11.52 -7.23 12.54
N ILE B 93 -10.74 -6.33 11.95
CA ILE B 93 -10.13 -6.57 10.65
C ILE B 93 -9.21 -7.80 10.70
N GLY B 94 -8.43 -7.93 11.77
CA GLY B 94 -7.54 -9.07 11.91
C GLY B 94 -8.28 -10.39 11.85
N ALA B 95 -9.52 -10.39 12.33
CA ALA B 95 -10.37 -11.56 12.25
C ALA B 95 -11.03 -11.66 10.88
N CYS B 96 -11.46 -10.52 10.36
CA CYS B 96 -12.11 -10.46 9.05
C CYS B 96 -11.19 -11.03 7.96
N LEU B 97 -9.90 -10.73 8.04
CA LEU B 97 -8.94 -11.25 7.07
C LEU B 97 -8.92 -12.77 7.07
N ARG B 98 -8.90 -13.35 8.26
CA ARG B 98 -8.92 -14.80 8.41
C ARG B 98 -10.16 -15.40 7.76
N GLU B 99 -11.33 -14.86 8.13
CA GLU B 99 -12.61 -15.35 7.61
C GLU B 99 -12.70 -15.18 6.10
N SER B 100 -12.36 -13.98 5.63
CA SER B 100 -12.40 -13.68 4.20
C SER B 100 -11.59 -14.67 3.39
N MET B 101 -10.43 -15.09 3.93
CA MET B 101 -9.59 -16.07 3.25
C MET B 101 -10.30 -17.41 3.16
N MET B 102 -10.94 -17.81 4.25
CA MET B 102 -11.63 -19.09 4.30
C MET B 102 -12.87 -19.09 3.41
N GLN B 103 -13.46 -17.93 3.22
CA GLN B 103 -14.62 -17.79 2.34
C GLN B 103 -14.20 -17.62 0.89
N ALA B 104 -12.99 -17.12 0.68
CA ALA B 104 -12.48 -16.90 -0.66
C ALA B 104 -11.90 -18.18 -1.26
N THR B 105 -10.94 -18.76 -0.55
CA THR B 105 -10.25 -19.94 -1.05
C THR B 105 -10.68 -21.19 -0.29
N GLY B 106 -10.91 -21.03 1.00
CA GLY B 106 -11.27 -22.16 1.83
C GLY B 106 -10.24 -22.40 2.93
N SER B 107 -9.10 -21.75 2.79
CA SER B 107 -8.02 -21.89 3.76
C SER B 107 -7.55 -20.50 4.19
N VAL B 108 -6.98 -20.42 5.39
CA VAL B 108 -6.52 -19.15 5.93
C VAL B 108 -5.05 -18.93 5.61
N ASP B 109 -4.76 -17.88 4.86
CA ASP B 109 -3.39 -17.47 4.61
C ASP B 109 -2.93 -16.51 5.70
N ASN B 110 -1.76 -16.76 6.24
CA ASN B 110 -1.22 -15.93 7.30
C ASN B 110 -0.28 -14.88 6.74
N ALA B 111 0.22 -15.11 5.54
CA ALA B 111 1.19 -14.20 4.93
C ALA B 111 0.59 -12.82 4.72
N PHE B 112 -0.58 -12.78 4.10
CA PHE B 112 -1.26 -11.52 3.86
C PHE B 112 -1.78 -10.93 5.17
N THR B 113 -2.45 -11.76 5.96
CA THR B 113 -2.99 -11.36 7.25
C THR B 113 -1.91 -10.77 8.16
N ASN B 114 -0.75 -11.42 8.20
CA ASN B 114 0.38 -10.94 9.02
C ASN B 114 0.90 -9.61 8.50
N GLU B 115 1.01 -9.50 7.18
CA GLU B 115 1.55 -8.30 6.55
C GLU B 115 0.74 -7.07 6.96
N VAL B 116 -0.58 -7.19 6.93
CA VAL B 116 -1.47 -6.10 7.28
C VAL B 116 -1.30 -5.69 8.75
N MET B 117 -0.99 -6.66 9.60
CA MET B 117 -0.82 -6.40 11.03
C MET B 117 0.43 -5.56 11.25
N GLN B 118 1.49 -5.92 10.57
CA GLN B 118 2.75 -5.22 10.66
C GLN B 118 2.63 -3.82 10.06
N LEU B 119 1.86 -3.73 8.99
CA LEU B 119 1.58 -2.46 8.33
C LEU B 119 0.87 -1.50 9.27
N VAL B 120 -0.25 -1.94 9.83
CA VAL B 120 -1.09 -1.07 10.64
C VAL B 120 -0.39 -0.62 11.92
N LYS B 121 0.43 -1.50 12.50
CA LYS B 121 1.21 -1.13 13.67
C LYS B 121 2.24 -0.07 13.32
N MET B 122 2.85 -0.23 12.15
CA MET B 122 3.89 0.68 11.68
C MET B 122 3.31 2.07 11.39
N LEU B 123 2.12 2.09 10.80
CA LEU B 123 1.44 3.36 10.50
C LEU B 123 1.02 4.07 11.78
N SER B 124 0.94 3.33 12.86
CA SER B 124 0.53 3.86 14.13
C SER B 124 1.73 4.01 15.06
N ALA B 125 2.92 3.85 14.51
CA ALA B 125 4.15 3.96 15.29
C ALA B 125 5.00 5.12 14.83
N ASP B 126 4.80 6.27 15.45
CA ASP B 126 5.58 7.46 15.15
C ASP B 126 6.86 7.44 15.99
N SER B 127 7.82 6.65 15.54
CA SER B 127 9.09 6.52 16.23
C SER B 127 10.20 6.19 15.24
N ALA B 128 11.17 7.08 15.13
CA ALA B 128 12.30 6.88 14.23
C ALA B 128 13.49 6.29 14.98
N ASN B 129 13.30 6.08 16.27
CA ASN B 129 14.34 5.54 17.13
C ASN B 129 13.72 4.57 18.13
N GLU B 130 14.47 3.53 18.51
CA GLU B 130 13.98 2.57 19.48
C GLU B 130 13.80 3.23 20.85
N VAL B 131 12.57 3.63 21.14
CA VAL B 131 12.26 4.27 22.40
C VAL B 131 11.97 3.22 23.47
N SER B 132 13.01 2.47 23.82
CA SER B 132 12.91 1.44 24.83
C SER B 132 14.17 1.44 25.69
N THR B 133 14.12 2.17 26.80
CA THR B 133 15.24 2.25 27.72
C THR B 133 14.73 2.46 29.14
N GLY A 1 2.81 25.71 -5.22
CA GLY A 1 2.42 24.49 -4.46
C GLY A 1 3.53 24.03 -3.54
N SER A 2 3.85 24.86 -2.55
CA SER A 2 4.95 24.58 -1.64
C SER A 2 4.43 23.82 -0.42
N GLY A 3 5.24 22.87 0.06
CA GLY A 3 4.86 22.07 1.21
C GLY A 3 5.15 22.78 2.52
N ASN A 4 4.45 23.89 2.76
CA ASN A 4 4.60 24.63 4.00
C ASN A 4 3.58 24.17 5.02
N SER A 5 2.58 23.42 4.56
CA SER A 5 1.54 22.90 5.42
C SER A 5 0.94 21.64 4.81
N GLN A 6 0.92 20.56 5.59
CA GLN A 6 0.38 19.27 5.16
C GLN A 6 1.24 18.66 4.04
N PRO A 7 1.08 17.34 3.78
CA PRO A 7 1.76 16.67 2.68
C PRO A 7 1.38 17.29 1.33
N ILE A 8 2.19 17.03 0.31
CA ILE A 8 1.99 17.65 -1.00
C ILE A 8 0.76 17.08 -1.71
N TRP A 9 0.08 16.12 -1.07
CA TRP A 9 -1.15 15.55 -1.62
C TRP A 9 -2.32 16.51 -1.47
N THR A 10 -2.03 17.72 -0.96
CA THR A 10 -3.01 18.79 -0.94
C THR A 10 -3.45 19.13 -2.36
N ASN A 11 -2.57 18.88 -3.31
CA ASN A 11 -2.90 18.95 -4.72
C ASN A 11 -2.48 17.66 -5.41
N PRO A 12 -3.47 16.91 -5.91
CA PRO A 12 -3.24 15.57 -6.44
C PRO A 12 -2.36 15.56 -7.69
N ASN A 13 -2.42 16.64 -8.45
CA ASN A 13 -1.58 16.75 -9.64
C ASN A 13 -0.13 16.99 -9.25
N ALA A 14 0.08 17.81 -8.22
CA ALA A 14 1.42 18.07 -7.73
C ALA A 14 2.02 16.81 -7.11
N ALA A 15 1.21 16.11 -6.35
CA ALA A 15 1.61 14.84 -5.76
C ALA A 15 1.90 13.81 -6.84
N MET A 16 1.05 13.79 -7.86
CA MET A 16 1.22 12.89 -9.00
C MET A 16 2.52 13.19 -9.74
N THR A 17 2.98 14.43 -9.61
CA THR A 17 4.25 14.82 -10.22
C THR A 17 5.41 14.15 -9.49
N MET A 18 5.27 13.98 -8.18
CA MET A 18 6.26 13.28 -7.38
C MET A 18 6.32 11.82 -7.81
N THR A 19 5.13 11.25 -8.05
CA THR A 19 5.02 9.89 -8.57
C THR A 19 5.67 9.78 -9.95
N ASN A 20 5.46 10.81 -10.76
CA ASN A 20 6.01 10.87 -12.11
C ASN A 20 7.54 10.95 -12.07
N ASN A 21 8.05 11.84 -11.24
CA ASN A 21 9.48 12.05 -11.09
C ASN A 21 10.16 10.79 -10.56
N LEU A 22 9.46 10.04 -9.72
CA LEU A 22 9.98 8.77 -9.22
C LEU A 22 10.23 7.81 -10.36
N VAL A 23 9.27 7.70 -11.26
CA VAL A 23 9.40 6.82 -12.41
C VAL A 23 10.56 7.29 -13.29
N GLN A 24 10.68 8.60 -13.46
CA GLN A 24 11.78 9.17 -14.23
C GLN A 24 13.12 8.81 -13.59
N CYS A 25 13.21 9.02 -12.28
CA CYS A 25 14.43 8.76 -11.54
C CYS A 25 14.80 7.27 -11.61
N ALA A 26 13.78 6.42 -11.53
CA ALA A 26 13.99 4.98 -11.65
C ALA A 26 14.40 4.59 -13.07
N SER A 27 13.80 5.26 -14.05
CA SER A 27 14.05 4.96 -15.45
C SER A 27 15.48 5.34 -15.86
N ARG A 28 16.02 6.39 -15.24
CA ARG A 28 17.37 6.84 -15.59
C ARG A 28 18.43 6.13 -14.75
N SER A 29 18.02 5.56 -13.62
CA SER A 29 18.95 4.84 -12.77
C SER A 29 19.17 3.43 -13.30
N GLY A 30 18.09 2.74 -13.62
CA GLY A 30 18.19 1.41 -14.19
C GLY A 30 18.55 0.35 -13.18
N VAL A 31 18.54 0.73 -11.90
CA VAL A 31 18.85 -0.20 -10.82
C VAL A 31 17.68 -1.16 -10.60
N LEU A 32 16.51 -0.76 -11.08
CA LEU A 32 15.30 -1.57 -10.98
C LEU A 32 15.25 -2.58 -12.12
N THR A 33 14.25 -3.45 -12.07
CA THR A 33 14.06 -4.45 -13.11
C THR A 33 12.85 -4.12 -13.97
N ALA A 34 12.57 -4.95 -14.98
CA ALA A 34 11.42 -4.75 -15.86
C ALA A 34 10.13 -4.84 -15.05
N ASP A 35 10.07 -5.81 -14.16
CA ASP A 35 8.95 -5.95 -13.23
C ASP A 35 8.74 -4.66 -12.46
N GLN A 36 9.82 -4.17 -11.87
CA GLN A 36 9.78 -2.98 -11.05
C GLN A 36 9.38 -1.73 -11.85
N MET A 37 9.98 -1.55 -13.01
CA MET A 37 9.71 -0.37 -13.83
C MET A 37 8.28 -0.36 -14.36
N ASP A 38 7.79 -1.51 -14.79
CA ASP A 38 6.42 -1.60 -15.29
C ASP A 38 5.43 -1.41 -14.16
N ASP A 39 5.82 -1.84 -12.97
CA ASP A 39 4.98 -1.70 -11.78
C ASP A 39 4.92 -0.24 -11.36
N MET A 40 6.09 0.42 -11.35
CA MET A 40 6.19 1.84 -11.05
C MET A 40 5.36 2.64 -12.06
N GLY A 41 5.43 2.24 -13.32
CA GLY A 41 4.62 2.86 -14.34
C GLY A 41 3.13 2.67 -14.10
N MET A 42 2.77 1.46 -13.68
CA MET A 42 1.39 1.15 -13.35
C MET A 42 0.90 2.01 -12.19
N MET A 43 1.77 2.21 -11.22
CA MET A 43 1.45 3.04 -10.07
C MET A 43 1.01 4.43 -10.51
N ALA A 44 1.82 5.06 -11.36
CA ALA A 44 1.50 6.39 -11.88
C ALA A 44 0.21 6.35 -12.70
N ASP A 45 0.10 5.33 -13.55
CA ASP A 45 -1.08 5.15 -14.39
C ASP A 45 -2.36 5.02 -13.56
N SER A 46 -2.28 4.22 -12.51
CA SER A 46 -3.42 3.99 -11.62
C SER A 46 -3.90 5.32 -11.02
N VAL A 47 -2.99 6.07 -10.42
CA VAL A 47 -3.32 7.35 -9.79
C VAL A 47 -3.99 8.28 -10.82
N ASN A 48 -3.43 8.32 -12.02
CA ASN A 48 -3.96 9.15 -13.09
C ASN A 48 -5.37 8.69 -13.48
N SER A 49 -5.52 7.38 -13.65
CA SER A 49 -6.80 6.80 -14.05
C SER A 49 -7.86 7.07 -12.99
N GLN A 50 -7.49 6.85 -11.73
CA GLN A 50 -8.40 7.05 -10.61
C GLN A 50 -8.85 8.51 -10.53
N MET A 51 -7.92 9.42 -10.80
CA MET A 51 -8.24 10.85 -10.82
C MET A 51 -9.26 11.17 -11.90
N GLN A 52 -9.07 10.58 -13.08
CA GLN A 52 -9.99 10.77 -14.19
C GLN A 52 -11.38 10.25 -13.83
N LYS A 53 -11.42 9.20 -13.03
CA LYS A 53 -12.67 8.58 -12.62
C LYS A 53 -13.38 9.37 -11.52
N MET A 54 -12.61 10.19 -10.80
CA MET A 54 -13.17 11.01 -9.73
C MET A 54 -13.56 12.39 -10.25
N GLY A 55 -12.71 12.98 -11.06
CA GLY A 55 -13.01 14.28 -11.64
C GLY A 55 -12.45 15.42 -10.81
N PRO A 56 -13.14 16.56 -10.79
CA PRO A 56 -12.70 17.75 -10.05
C PRO A 56 -12.89 17.59 -8.55
N ASN A 57 -11.85 17.94 -7.79
CA ASN A 57 -11.85 17.85 -6.33
C ASN A 57 -12.18 16.45 -5.83
N PRO A 58 -11.15 15.61 -5.66
CA PRO A 58 -11.34 14.27 -5.10
C PRO A 58 -11.57 14.32 -3.60
N PRO A 59 -12.15 13.25 -3.03
CA PRO A 59 -12.41 13.17 -1.60
C PRO A 59 -11.14 13.30 -0.78
N GLN A 60 -11.17 14.21 0.20
CA GLN A 60 -9.99 14.52 1.01
C GLN A 60 -9.48 13.28 1.73
N HIS A 61 -10.39 12.45 2.23
CA HIS A 61 -10.01 11.24 2.94
C HIS A 61 -9.34 10.25 1.99
N ARG A 62 -9.63 10.39 0.69
CA ARG A 62 -9.05 9.50 -0.30
C ARG A 62 -7.63 9.97 -0.62
N LEU A 63 -7.38 11.27 -0.49
CA LEU A 63 -6.03 11.81 -0.61
C LEU A 63 -5.16 11.22 0.48
N ARG A 64 -5.74 11.12 1.69
CA ARG A 64 -5.08 10.44 2.80
C ARG A 64 -4.71 9.00 2.42
N ALA A 65 -5.66 8.33 1.76
CA ALA A 65 -5.47 6.96 1.32
C ALA A 65 -4.40 6.85 0.25
N MET A 66 -4.52 7.65 -0.80
CA MET A 66 -3.63 7.56 -1.96
C MET A 66 -2.19 7.84 -1.58
N ASN A 67 -1.99 8.69 -0.58
CA ASN A 67 -0.66 8.96 -0.04
C ASN A 67 -0.01 7.66 0.44
N THR A 68 -0.78 6.87 1.16
CA THR A 68 -0.29 5.63 1.72
C THR A 68 -0.15 4.57 0.63
N ALA A 69 -1.10 4.56 -0.30
CA ALA A 69 -1.06 3.62 -1.42
C ALA A 69 0.19 3.78 -2.26
N MET A 70 0.43 5.01 -2.70
CA MET A 70 1.61 5.34 -3.51
C MET A 70 2.90 4.94 -2.79
N ALA A 71 2.95 5.19 -1.49
CA ALA A 71 4.12 4.87 -0.69
C ALA A 71 4.40 3.37 -0.67
N ALA A 72 3.35 2.59 -0.42
CA ALA A 72 3.49 1.15 -0.32
C ALA A 72 3.81 0.53 -1.69
N GLU A 73 3.34 1.17 -2.75
CA GLU A 73 3.61 0.70 -4.11
C GLU A 73 5.10 0.79 -4.42
N VAL A 74 5.69 1.95 -4.19
CA VAL A 74 7.13 2.13 -4.39
C VAL A 74 7.91 1.14 -3.52
N ALA A 75 7.46 0.96 -2.29
CA ALA A 75 8.11 0.08 -1.36
C ALA A 75 8.06 -1.37 -1.82
N GLU A 76 6.91 -1.80 -2.33
CA GLU A 76 6.76 -3.18 -2.79
C GLU A 76 7.56 -3.40 -4.06
N VAL A 77 7.83 -2.33 -4.79
CA VAL A 77 8.74 -2.38 -5.93
C VAL A 77 10.14 -2.72 -5.45
N VAL A 78 10.66 -1.90 -4.55
CA VAL A 78 12.00 -2.07 -4.01
C VAL A 78 12.15 -3.38 -3.24
N ALA A 79 11.10 -3.76 -2.51
CA ALA A 79 11.14 -4.94 -1.67
C ALA A 79 11.09 -6.24 -2.46
N THR A 80 11.00 -6.14 -3.78
CA THR A 80 10.97 -7.32 -4.64
C THR A 80 12.18 -7.32 -5.59
N SER A 81 13.21 -6.58 -5.20
CA SER A 81 14.44 -6.56 -5.97
C SER A 81 15.35 -7.70 -5.53
N PRO A 82 16.32 -8.10 -6.37
CA PRO A 82 17.29 -9.14 -6.01
C PRO A 82 18.00 -8.83 -4.70
N PRO A 83 18.28 -9.87 -3.90
CA PRO A 83 18.84 -9.69 -2.54
C PRO A 83 20.24 -9.09 -2.57
N GLN A 84 20.83 -9.07 -3.75
CA GLN A 84 22.16 -8.54 -3.94
C GLN A 84 22.11 -7.08 -4.41
N SER A 85 20.91 -6.59 -4.64
CA SER A 85 20.72 -5.25 -5.17
C SER A 85 19.66 -4.48 -4.40
N TYR A 86 19.08 -5.12 -3.37
CA TYR A 86 18.03 -4.51 -2.56
C TYR A 86 18.48 -3.16 -2.01
N SER A 87 19.67 -3.13 -1.44
CA SER A 87 20.22 -1.93 -0.85
C SER A 87 20.39 -0.83 -1.90
N ALA A 88 20.83 -1.23 -3.08
CA ALA A 88 21.06 -0.28 -4.18
C ALA A 88 19.75 0.33 -4.64
N VAL A 89 18.75 -0.51 -4.87
CA VAL A 89 17.44 -0.04 -5.31
C VAL A 89 16.82 0.84 -4.22
N LEU A 90 16.94 0.39 -2.97
CA LEU A 90 16.40 1.12 -1.84
C LEU A 90 17.02 2.51 -1.75
N ASN A 91 18.34 2.55 -1.79
CA ASN A 91 19.08 3.81 -1.74
C ASN A 91 18.66 4.73 -2.88
N THR A 92 18.48 4.15 -4.06
CA THR A 92 18.09 4.91 -5.23
C THR A 92 16.74 5.59 -5.01
N ILE A 93 15.73 4.78 -4.71
CA ILE A 93 14.39 5.31 -4.47
C ILE A 93 14.38 6.31 -3.31
N GLY A 94 15.08 5.98 -2.23
CA GLY A 94 15.14 6.86 -1.08
C GLY A 94 15.68 8.24 -1.43
N ALA A 95 16.63 8.28 -2.36
CA ALA A 95 17.18 9.53 -2.83
C ALA A 95 16.23 10.19 -3.82
N CYS A 96 15.65 9.38 -4.71
CA CYS A 96 14.71 9.89 -5.71
C CYS A 96 13.53 10.59 -5.06
N LEU A 97 13.02 10.04 -3.96
CA LEU A 97 11.88 10.64 -3.26
C LEU A 97 12.19 12.06 -2.84
N ARG A 98 13.37 12.28 -2.28
CA ARG A 98 13.75 13.60 -1.79
C ARG A 98 13.85 14.58 -2.96
N GLU A 99 14.48 14.14 -4.05
CA GLU A 99 14.64 14.96 -5.23
C GLU A 99 13.28 15.26 -5.88
N SER A 100 12.49 14.20 -6.08
CA SER A 100 11.18 14.32 -6.72
C SER A 100 10.30 15.34 -6.02
N MET A 101 10.37 15.36 -4.69
CA MET A 101 9.61 16.34 -3.92
C MET A 101 10.03 17.76 -4.28
N MET A 102 11.35 17.97 -4.36
CA MET A 102 11.88 19.29 -4.68
C MET A 102 11.60 19.67 -6.13
N GLN A 103 11.58 18.68 -7.01
CA GLN A 103 11.36 18.93 -8.43
C GLN A 103 9.87 19.10 -8.73
N ALA A 104 9.03 18.66 -7.80
CA ALA A 104 7.59 18.72 -7.99
C ALA A 104 6.99 19.94 -7.31
N THR A 105 7.36 20.16 -6.05
CA THR A 105 6.77 21.23 -5.26
C THR A 105 7.77 22.34 -4.97
N GLY A 106 9.05 22.02 -5.06
CA GLY A 106 10.09 22.95 -4.69
C GLY A 106 10.47 22.81 -3.24
N SER A 107 9.86 21.83 -2.58
CA SER A 107 10.08 21.59 -1.17
C SER A 107 10.09 20.09 -0.90
N VAL A 108 10.77 19.65 0.15
CA VAL A 108 10.88 18.23 0.44
C VAL A 108 10.05 17.84 1.65
N ASP A 109 9.08 16.96 1.42
CA ASP A 109 8.36 16.35 2.52
C ASP A 109 9.08 15.09 2.97
N ASN A 110 9.39 15.02 4.25
CA ASN A 110 10.14 13.89 4.78
C ASN A 110 9.20 12.85 5.37
N ALA A 111 7.93 13.20 5.49
CA ALA A 111 6.93 12.29 6.04
C ALA A 111 6.71 11.12 5.10
N PHE A 112 6.44 11.43 3.84
CA PHE A 112 6.23 10.42 2.82
C PHE A 112 7.52 9.65 2.56
N THR A 113 8.59 10.40 2.37
CA THR A 113 9.91 9.83 2.13
C THR A 113 10.31 8.82 3.22
N ASN A 114 10.09 9.19 4.48
CA ASN A 114 10.43 8.30 5.59
C ASN A 114 9.52 7.07 5.60
N GLU A 115 8.23 7.31 5.37
CA GLU A 115 7.23 6.25 5.41
C GLU A 115 7.58 5.14 4.42
N VAL A 116 7.94 5.52 3.20
CA VAL A 116 8.29 4.56 2.16
C VAL A 116 9.51 3.73 2.57
N MET A 117 10.44 4.36 3.29
CA MET A 117 11.67 3.69 3.69
C MET A 117 11.37 2.64 4.74
N GLN A 118 10.45 2.95 5.64
CA GLN A 118 10.08 2.03 6.69
C GLN A 118 9.20 0.91 6.14
N LEU A 119 8.38 1.25 5.15
CA LEU A 119 7.53 0.29 4.47
C LEU A 119 8.36 -0.79 3.79
N VAL A 120 9.33 -0.38 2.98
CA VAL A 120 10.13 -1.32 2.22
C VAL A 120 10.99 -2.20 3.14
N LYS A 121 11.45 -1.63 4.24
CA LYS A 121 12.20 -2.39 5.24
C LYS A 121 11.34 -3.50 5.80
N MET A 122 10.17 -3.13 6.30
CA MET A 122 9.25 -4.07 6.93
C MET A 122 8.72 -5.11 5.94
N LEU A 123 8.37 -4.66 4.74
CA LEU A 123 7.75 -5.51 3.75
C LEU A 123 8.72 -6.58 3.24
N SER A 124 10.01 -6.25 3.23
CA SER A 124 11.01 -7.18 2.75
C SER A 124 11.62 -7.96 3.91
N ALA A 125 11.13 -7.70 5.12
CA ALA A 125 11.63 -8.37 6.30
C ALA A 125 10.76 -9.56 6.66
N ASP A 126 11.12 -10.71 6.12
CA ASP A 126 10.45 -11.95 6.44
C ASP A 126 11.23 -12.70 7.50
N SER A 127 10.51 -13.17 8.51
CA SER A 127 11.12 -13.91 9.61
C SER A 127 10.33 -15.18 9.84
N ALA A 128 11.04 -16.27 10.13
CA ALA A 128 10.41 -17.57 10.28
C ALA A 128 10.62 -18.15 11.67
N ASN A 129 10.47 -17.32 12.68
CA ASN A 129 10.55 -17.78 14.06
C ASN A 129 9.23 -18.41 14.45
N GLU A 130 9.23 -19.72 14.58
CA GLU A 130 8.01 -20.47 14.84
C GLU A 130 7.61 -20.36 16.31
N VAL A 131 6.53 -19.63 16.56
CA VAL A 131 6.01 -19.48 17.90
C VAL A 131 4.88 -20.49 18.13
N SER A 132 4.43 -21.09 17.03
CA SER A 132 3.40 -22.10 17.07
C SER A 132 3.99 -23.46 16.72
N THR A 133 3.14 -24.42 16.42
CA THR A 133 3.58 -25.76 16.07
C THR A 133 2.78 -26.28 14.88
N GLY B 1 -5.24 -24.83 -7.51
CA GLY B 1 -6.37 -25.64 -7.06
C GLY B 1 -6.11 -26.29 -5.73
N SER B 2 -5.05 -27.08 -5.66
CA SER B 2 -4.67 -27.76 -4.44
C SER B 2 -4.12 -26.76 -3.42
N GLY B 3 -4.84 -26.58 -2.32
CA GLY B 3 -4.43 -25.62 -1.31
C GLY B 3 -3.47 -26.22 -0.30
N ASN B 4 -2.25 -26.47 -0.74
CA ASN B 4 -1.22 -26.98 0.16
C ASN B 4 -0.18 -25.92 0.45
N SER B 5 0.50 -25.43 -0.58
CA SER B 5 1.45 -24.34 -0.44
C SER B 5 1.42 -23.46 -1.68
N GLN B 6 0.64 -22.40 -1.59
CA GLN B 6 0.49 -21.45 -2.69
C GLN B 6 0.07 -20.08 -2.18
N PRO B 7 0.60 -19.01 -2.80
CA PRO B 7 0.11 -17.66 -2.56
C PRO B 7 -1.27 -17.50 -3.19
N ILE B 8 -2.23 -17.00 -2.41
CA ILE B 8 -3.61 -16.93 -2.88
C ILE B 8 -3.77 -15.90 -4.00
N TRP B 9 -2.77 -15.04 -4.16
CA TRP B 9 -2.78 -14.06 -5.23
C TRP B 9 -2.32 -14.68 -6.54
N THR B 10 -3.27 -15.24 -7.27
CA THR B 10 -3.04 -15.77 -8.60
C THR B 10 -4.31 -15.62 -9.41
N ASN B 11 -5.41 -16.08 -8.83
CA ASN B 11 -6.74 -15.85 -9.39
C ASN B 11 -7.29 -14.54 -8.83
N PRO B 12 -7.51 -13.56 -9.71
CA PRO B 12 -7.91 -12.21 -9.29
C PRO B 12 -9.29 -12.17 -8.65
N ASN B 13 -10.19 -13.02 -9.11
CA ASN B 13 -11.54 -13.07 -8.57
C ASN B 13 -11.53 -13.75 -7.21
N ALA B 14 -10.65 -14.74 -7.05
CA ALA B 14 -10.51 -15.44 -5.77
C ALA B 14 -9.97 -14.50 -4.71
N ALA B 15 -8.90 -13.78 -5.04
CA ALA B 15 -8.32 -12.81 -4.13
C ALA B 15 -9.30 -11.69 -3.83
N MET B 16 -10.04 -11.28 -4.85
CA MET B 16 -11.06 -10.24 -4.72
C MET B 16 -12.14 -10.65 -3.72
N THR B 17 -12.34 -11.95 -3.56
CA THR B 17 -13.32 -12.46 -2.62
C THR B 17 -12.89 -12.11 -1.19
N MET B 18 -11.60 -12.25 -0.89
CA MET B 18 -11.07 -11.89 0.42
C MET B 18 -11.27 -10.40 0.67
N THR B 19 -11.04 -9.62 -0.38
CA THR B 19 -11.23 -8.17 -0.32
C THR B 19 -12.69 -7.83 -0.04
N ASN B 20 -13.59 -8.55 -0.69
CA ASN B 20 -15.02 -8.28 -0.58
C ASN B 20 -15.55 -8.76 0.77
N ASN B 21 -15.07 -9.92 1.22
CA ASN B 21 -15.48 -10.46 2.51
C ASN B 21 -15.11 -9.52 3.65
N LEU B 22 -13.96 -8.87 3.52
CA LEU B 22 -13.52 -7.87 4.48
C LEU B 22 -14.54 -6.76 4.60
N VAL B 23 -15.02 -6.27 3.46
CA VAL B 23 -16.03 -5.22 3.45
C VAL B 23 -17.33 -5.73 4.05
N GLN B 24 -17.65 -6.99 3.81
CA GLN B 24 -18.88 -7.58 4.32
C GLN B 24 -18.88 -7.63 5.85
N CYS B 25 -17.76 -8.04 6.44
CA CYS B 25 -17.69 -8.15 7.89
C CYS B 25 -17.50 -6.78 8.53
N ALA B 26 -16.72 -5.92 7.89
CA ALA B 26 -16.53 -4.55 8.37
C ALA B 26 -17.86 -3.79 8.38
N SER B 27 -18.67 -4.02 7.36
CA SER B 27 -19.97 -3.37 7.24
C SER B 27 -20.92 -3.80 8.36
N ARG B 28 -20.74 -5.01 8.88
CA ARG B 28 -21.67 -5.54 9.88
C ARG B 28 -21.08 -5.48 11.29
N SER B 29 -19.83 -5.09 11.41
CA SER B 29 -19.21 -4.95 12.72
C SER B 29 -19.48 -3.57 13.29
N GLY B 30 -19.43 -2.56 12.42
CA GLY B 30 -19.74 -1.21 12.82
C GLY B 30 -18.67 -0.60 13.70
N VAL B 31 -17.48 -1.19 13.67
CA VAL B 31 -16.37 -0.69 14.46
C VAL B 31 -15.59 0.35 13.65
N LEU B 32 -15.85 0.38 12.36
CA LEU B 32 -15.18 1.30 11.46
C LEU B 32 -16.01 2.57 11.26
N THR B 33 -15.35 3.64 10.84
CA THR B 33 -16.01 4.92 10.60
C THR B 33 -16.37 5.09 9.13
N ALA B 34 -16.92 6.25 8.79
CA ALA B 34 -17.27 6.56 7.41
C ALA B 34 -16.02 6.58 6.53
N ASP B 35 -14.97 7.20 7.04
CA ASP B 35 -13.69 7.27 6.32
C ASP B 35 -13.20 5.86 6.04
N GLN B 36 -13.17 5.05 7.08
CA GLN B 36 -12.69 3.67 6.99
C GLN B 36 -13.52 2.84 6.02
N MET B 37 -14.85 2.87 6.18
CA MET B 37 -15.73 2.05 5.35
C MET B 37 -15.72 2.50 3.89
N ASP B 38 -15.60 3.80 3.66
CA ASP B 38 -15.56 4.31 2.30
C ASP B 38 -14.22 3.99 1.65
N ASP B 39 -13.17 3.93 2.48
CA ASP B 39 -11.84 3.54 2.01
C ASP B 39 -11.86 2.05 1.66
N MET B 40 -12.36 1.24 2.59
CA MET B 40 -12.51 -0.21 2.38
C MET B 40 -13.37 -0.48 1.15
N GLY B 41 -14.46 0.27 1.02
CA GLY B 41 -15.35 0.11 -0.11
C GLY B 41 -14.68 0.47 -1.43
N MET B 42 -13.96 1.59 -1.44
CA MET B 42 -13.29 2.04 -2.66
C MET B 42 -12.07 1.17 -2.95
N MET B 43 -11.57 0.50 -1.91
CA MET B 43 -10.49 -0.47 -2.06
C MET B 43 -10.96 -1.60 -2.98
N ALA B 44 -12.04 -2.24 -2.59
CA ALA B 44 -12.64 -3.31 -3.39
C ALA B 44 -13.08 -2.76 -4.74
N ASP B 45 -13.67 -1.57 -4.71
CA ASP B 45 -14.14 -0.90 -5.92
C ASP B 45 -13.00 -0.71 -6.92
N SER B 46 -11.85 -0.31 -6.41
CA SER B 46 -10.67 -0.09 -7.25
C SER B 46 -10.22 -1.40 -7.89
N VAL B 47 -10.10 -2.45 -7.07
CA VAL B 47 -9.70 -3.77 -7.58
C VAL B 47 -10.66 -4.22 -8.67
N ASN B 48 -11.95 -4.11 -8.38
CA ASN B 48 -12.98 -4.43 -9.37
C ASN B 48 -12.78 -3.61 -10.65
N SER B 49 -12.63 -2.30 -10.48
CA SER B 49 -12.50 -1.38 -11.59
C SER B 49 -11.28 -1.72 -12.45
N GLN B 50 -10.15 -1.93 -11.78
CA GLN B 50 -8.90 -2.19 -12.47
C GLN B 50 -8.95 -3.51 -13.22
N MET B 51 -9.61 -4.50 -12.64
CA MET B 51 -9.79 -5.79 -13.31
C MET B 51 -10.68 -5.65 -14.53
N GLN B 52 -11.74 -4.86 -14.40
CA GLN B 52 -12.67 -4.63 -15.50
C GLN B 52 -12.01 -3.81 -16.61
N LYS B 53 -10.96 -3.09 -16.26
CA LYS B 53 -10.21 -2.31 -17.24
C LYS B 53 -9.24 -3.20 -18.01
N MET B 54 -8.69 -4.21 -17.34
CA MET B 54 -7.72 -5.09 -17.96
C MET B 54 -8.40 -6.23 -18.69
N GLY B 55 -9.32 -6.90 -18.02
CA GLY B 55 -10.05 -7.99 -18.64
C GLY B 55 -9.52 -9.35 -18.23
N PRO B 56 -9.82 -10.41 -19.01
CA PRO B 56 -9.40 -11.77 -18.69
C PRO B 56 -7.90 -11.98 -18.87
N ASN B 57 -7.29 -12.67 -17.90
CA ASN B 57 -5.85 -12.96 -17.91
C ASN B 57 -5.03 -11.67 -17.81
N PRO B 58 -5.02 -11.04 -16.62
CA PRO B 58 -4.29 -9.80 -16.40
C PRO B 58 -2.82 -10.03 -16.07
N PRO B 59 -2.02 -8.95 -16.01
CA PRO B 59 -0.62 -9.02 -15.61
C PRO B 59 -0.46 -9.64 -14.23
N GLN B 60 0.17 -10.81 -14.18
CA GLN B 60 0.33 -11.55 -12.94
C GLN B 60 1.18 -10.77 -11.94
N HIS B 61 2.18 -10.06 -12.45
CA HIS B 61 3.08 -9.30 -11.59
C HIS B 61 2.34 -8.09 -11.01
N ARG B 62 1.30 -7.65 -11.71
CA ARG B 62 0.49 -6.54 -11.25
C ARG B 62 -0.39 -7.01 -10.09
N LEU B 63 -0.81 -8.28 -10.14
CA LEU B 63 -1.54 -8.88 -9.03
C LEU B 63 -0.65 -8.93 -7.80
N ARG B 64 0.64 -9.18 -8.04
CA ARG B 64 1.65 -9.13 -6.99
C ARG B 64 1.64 -7.77 -6.29
N ALA B 65 1.58 -6.71 -7.09
CA ALA B 65 1.54 -5.34 -6.57
C ALA B 65 0.23 -5.06 -5.85
N MET B 66 -0.87 -5.53 -6.42
CA MET B 66 -2.20 -5.29 -5.86
C MET B 66 -2.32 -5.92 -4.48
N ASN B 67 -1.54 -6.97 -4.24
CA ASN B 67 -1.45 -7.59 -2.92
C ASN B 67 -1.09 -6.55 -1.86
N THR B 68 -0.04 -5.81 -2.12
CA THR B 68 0.45 -4.80 -1.19
C THR B 68 -0.54 -3.65 -1.06
N ALA B 69 -1.17 -3.28 -2.17
CA ALA B 69 -2.13 -2.18 -2.18
C ALA B 69 -3.30 -2.49 -1.25
N MET B 70 -3.90 -3.67 -1.45
CA MET B 70 -5.03 -4.10 -0.63
C MET B 70 -4.64 -4.18 0.85
N ALA B 71 -3.49 -4.77 1.10
CA ALA B 71 -3.01 -4.95 2.47
C ALA B 71 -2.79 -3.60 3.17
N ALA B 72 -2.20 -2.66 2.45
CA ALA B 72 -1.90 -1.35 3.01
C ALA B 72 -3.16 -0.54 3.26
N GLU B 73 -4.14 -0.65 2.35
CA GLU B 73 -5.40 0.08 2.51
C GLU B 73 -6.13 -0.38 3.77
N VAL B 74 -6.19 -1.68 3.99
CA VAL B 74 -6.81 -2.19 5.21
C VAL B 74 -6.09 -1.67 6.44
N ALA B 75 -4.77 -1.64 6.39
CA ALA B 75 -3.96 -1.17 7.50
C ALA B 75 -4.19 0.31 7.79
N GLU B 76 -4.15 1.13 6.75
CA GLU B 76 -4.37 2.57 6.90
C GLU B 76 -5.78 2.84 7.41
N VAL B 77 -6.73 2.01 6.99
CA VAL B 77 -8.09 2.09 7.48
C VAL B 77 -8.12 1.90 9.00
N VAL B 78 -7.54 0.81 9.45
CA VAL B 78 -7.49 0.49 10.88
C VAL B 78 -6.75 1.57 11.67
N ALA B 79 -5.64 2.04 11.12
CA ALA B 79 -4.78 3.02 11.79
C ALA B 79 -5.47 4.38 11.90
N THR B 80 -6.40 4.67 11.01
CA THR B 80 -7.11 5.94 11.05
C THR B 80 -8.34 5.83 11.95
N SER B 81 -8.10 5.82 13.25
CA SER B 81 -9.16 5.69 14.24
C SER B 81 -8.71 6.27 15.57
N PRO B 82 -9.66 6.54 16.49
CA PRO B 82 -9.32 6.93 17.86
C PRO B 82 -8.57 5.81 18.57
N PRO B 83 -7.64 6.15 19.48
CA PRO B 83 -6.76 5.16 20.12
C PRO B 83 -7.56 4.18 20.98
N GLN B 84 -8.74 4.60 21.38
CA GLN B 84 -9.61 3.77 22.20
C GLN B 84 -10.38 2.76 21.36
N SER B 85 -10.42 2.99 20.05
CA SER B 85 -11.15 2.12 19.15
C SER B 85 -10.22 1.40 18.20
N TYR B 86 -9.02 1.94 18.02
CA TYR B 86 -8.00 1.34 17.14
C TYR B 86 -7.80 -0.14 17.42
N SER B 87 -7.67 -0.49 18.70
CA SER B 87 -7.40 -1.86 19.10
C SER B 87 -8.57 -2.76 18.71
N ALA B 88 -9.78 -2.21 18.72
CA ALA B 88 -10.98 -2.97 18.38
C ALA B 88 -11.07 -3.15 16.87
N VAL B 89 -10.82 -2.08 16.12
CA VAL B 89 -10.83 -2.15 14.66
C VAL B 89 -9.78 -3.14 14.18
N LEU B 90 -8.60 -3.07 14.80
CA LEU B 90 -7.48 -3.95 14.47
C LEU B 90 -7.89 -5.41 14.65
N ASN B 91 -8.44 -5.72 15.81
CA ASN B 91 -8.87 -7.09 16.13
C ASN B 91 -9.93 -7.56 15.15
N THR B 92 -10.83 -6.66 14.77
CA THR B 92 -11.92 -6.99 13.86
C THR B 92 -11.37 -7.41 12.50
N ILE B 93 -10.52 -6.57 11.93
CA ILE B 93 -9.90 -6.87 10.65
C ILE B 93 -9.02 -8.13 10.75
N GLY B 94 -8.24 -8.24 11.82
CA GLY B 94 -7.37 -9.38 11.99
C GLY B 94 -8.14 -10.69 12.00
N ALA B 95 -9.33 -10.68 12.59
CA ALA B 95 -10.19 -11.85 12.58
C ALA B 95 -10.79 -12.05 11.19
N CYS B 96 -11.27 -10.95 10.60
CA CYS B 96 -11.84 -10.98 9.26
C CYS B 96 -10.89 -11.58 8.23
N LEU B 97 -9.62 -11.23 8.34
CA LEU B 97 -8.59 -11.72 7.41
C LEU B 97 -8.62 -13.25 7.31
N ARG B 98 -8.62 -13.91 8.46
CA ARG B 98 -8.63 -15.37 8.52
C ARG B 98 -9.87 -15.94 7.84
N GLU B 99 -11.04 -15.43 8.23
CA GLU B 99 -12.31 -15.92 7.71
C GLU B 99 -12.44 -15.63 6.22
N SER B 100 -12.09 -14.41 5.83
CA SER B 100 -12.15 -13.99 4.44
C SER B 100 -11.34 -14.93 3.54
N MET B 101 -10.17 -15.31 4.00
CA MET B 101 -9.31 -16.22 3.25
C MET B 101 -9.98 -17.58 3.09
N MET B 102 -10.56 -18.08 4.16
CA MET B 102 -11.22 -19.38 4.14
C MET B 102 -12.44 -19.36 3.22
N GLN B 103 -13.15 -18.25 3.18
CA GLN B 103 -14.35 -18.13 2.35
C GLN B 103 -14.00 -17.70 0.94
N ALA B 104 -12.73 -17.43 0.70
CA ALA B 104 -12.26 -17.04 -0.62
C ALA B 104 -11.57 -18.21 -1.32
N THR B 105 -10.50 -18.71 -0.71
CA THR B 105 -9.69 -19.75 -1.31
C THR B 105 -10.04 -21.11 -0.74
N GLY B 106 -10.61 -21.11 0.47
CA GLY B 106 -10.91 -22.35 1.13
C GLY B 106 -9.88 -22.70 2.18
N SER B 107 -8.95 -21.79 2.41
CA SER B 107 -7.89 -21.99 3.39
C SER B 107 -7.42 -20.66 3.96
N VAL B 108 -6.83 -20.69 5.14
CA VAL B 108 -6.34 -19.47 5.76
C VAL B 108 -4.87 -19.23 5.41
N ASP B 109 -4.62 -18.16 4.67
CA ASP B 109 -3.26 -17.74 4.38
C ASP B 109 -2.74 -16.86 5.51
N ASN B 110 -1.50 -17.08 5.90
CA ASN B 110 -0.92 -16.36 7.02
C ASN B 110 -0.07 -15.20 6.53
N ALA B 111 0.50 -15.34 5.34
CA ALA B 111 1.39 -14.33 4.79
C ALA B 111 0.69 -12.98 4.66
N PHE B 112 -0.48 -12.99 4.04
CA PHE B 112 -1.25 -11.75 3.86
C PHE B 112 -1.76 -11.26 5.20
N THR B 113 -2.38 -12.17 5.95
CA THR B 113 -2.97 -11.82 7.24
C THR B 113 -1.92 -11.19 8.17
N ASN B 114 -0.74 -11.77 8.21
CA ASN B 114 0.36 -11.26 9.03
C ASN B 114 0.79 -9.88 8.57
N GLU B 115 1.01 -9.74 7.26
CA GLU B 115 1.58 -8.52 6.70
C GLU B 115 0.68 -7.32 7.00
N VAL B 116 -0.64 -7.51 6.84
CA VAL B 116 -1.60 -6.45 7.11
C VAL B 116 -1.52 -5.98 8.56
N MET B 117 -1.30 -6.92 9.47
CA MET B 117 -1.24 -6.60 10.89
C MET B 117 0.00 -5.79 11.20
N GLN B 118 1.10 -6.16 10.56
CA GLN B 118 2.37 -5.47 10.78
C GLN B 118 2.32 -4.07 10.15
N LEU B 119 1.63 -3.97 9.03
CA LEU B 119 1.45 -2.69 8.34
C LEU B 119 0.78 -1.67 9.25
N VAL B 120 -0.32 -2.07 9.87
CA VAL B 120 -1.10 -1.17 10.70
C VAL B 120 -0.37 -0.84 12.01
N LYS B 121 0.39 -1.81 12.51
CA LYS B 121 1.21 -1.61 13.70
C LYS B 121 2.30 -0.59 13.43
N MET B 122 2.93 -0.70 12.28
CA MET B 122 4.01 0.19 11.88
C MET B 122 3.48 1.60 11.59
N LEU B 123 2.33 1.67 10.93
CA LEU B 123 1.75 2.95 10.57
C LEU B 123 1.32 3.73 11.81
N SER B 124 0.91 3.00 12.84
CA SER B 124 0.49 3.63 14.09
C SER B 124 1.66 3.74 15.06
N ALA B 125 2.85 3.39 14.59
CA ALA B 125 4.03 3.41 15.44
C ALA B 125 4.80 4.71 15.26
N ASP B 126 4.62 5.62 16.19
CA ASP B 126 5.36 6.86 16.18
C ASP B 126 6.66 6.70 16.96
N SER B 127 7.73 7.25 16.42
CA SER B 127 9.03 7.18 17.06
C SER B 127 9.70 8.55 16.97
N ALA B 128 10.07 9.09 18.12
CA ALA B 128 10.56 10.47 18.19
C ALA B 128 12.07 10.53 18.37
N ASN B 129 12.78 9.49 17.90
CA ASN B 129 14.24 9.53 17.88
C ASN B 129 14.70 10.69 16.99
N GLU B 130 15.16 11.75 17.62
CA GLU B 130 15.43 12.99 16.91
C GLU B 130 16.76 12.94 16.17
N VAL B 131 16.68 12.64 14.88
CA VAL B 131 17.81 12.75 13.98
C VAL B 131 17.63 13.98 13.10
N SER B 132 16.64 14.78 13.46
CA SER B 132 16.30 15.99 12.74
C SER B 132 16.98 17.19 13.39
N THR B 133 17.82 17.86 12.63
CA THR B 133 18.51 19.04 13.10
C THR B 133 18.68 20.02 11.95
N GLY A 1 18.06 25.95 4.91
CA GLY A 1 16.67 25.67 4.49
C GLY A 1 15.67 26.09 5.55
N SER A 2 14.48 26.48 5.11
CA SER A 2 13.45 26.92 6.03
C SER A 2 12.70 25.74 6.65
N GLY A 3 12.96 24.54 6.15
CA GLY A 3 12.35 23.34 6.69
C GLY A 3 10.95 23.09 6.15
N ASN A 4 10.46 21.87 6.35
CA ASN A 4 9.13 21.48 5.89
C ASN A 4 8.30 20.93 7.03
N SER A 5 7.06 21.38 7.11
CA SER A 5 6.11 20.87 8.09
C SER A 5 4.80 20.50 7.39
N GLN A 6 4.12 19.47 7.92
CA GLN A 6 2.89 18.95 7.34
C GLN A 6 3.15 18.23 6.00
N PRO A 7 2.43 17.12 5.78
CA PRO A 7 2.54 16.34 4.53
C PRO A 7 2.01 17.11 3.32
N ILE A 8 2.63 16.88 2.16
CA ILE A 8 2.24 17.54 0.93
C ILE A 8 0.96 16.94 0.35
N TRP A 9 0.49 15.85 0.96
CA TRP A 9 -0.70 15.17 0.50
C TRP A 9 -1.95 16.00 0.77
N THR A 10 -2.29 16.83 -0.19
CA THR A 10 -3.49 17.65 -0.14
C THR A 10 -4.01 17.84 -1.56
N ASN A 11 -3.10 18.14 -2.47
CA ASN A 11 -3.43 18.22 -3.88
C ASN A 11 -2.99 16.95 -4.59
N PRO A 12 -3.93 16.24 -5.21
CA PRO A 12 -3.68 14.93 -5.81
C PRO A 12 -2.85 15.02 -7.08
N ASN A 13 -3.08 16.07 -7.86
CA ASN A 13 -2.34 16.28 -9.10
C ASN A 13 -0.87 16.59 -8.81
N ALA A 14 -0.64 17.31 -7.71
CA ALA A 14 0.72 17.64 -7.28
C ALA A 14 1.46 16.38 -6.84
N ALA A 15 0.76 15.54 -6.08
CA ALA A 15 1.33 14.28 -5.61
C ALA A 15 1.56 13.33 -6.76
N MET A 16 0.65 13.37 -7.75
CA MET A 16 0.77 12.53 -8.94
C MET A 16 2.05 12.85 -9.70
N THR A 17 2.51 14.09 -9.60
CA THR A 17 3.76 14.50 -10.22
C THR A 17 4.93 13.72 -9.60
N MET A 18 4.87 13.56 -8.27
CA MET A 18 5.89 12.82 -7.55
C MET A 18 5.90 11.37 -8.00
N THR A 19 4.72 10.81 -8.19
CA THR A 19 4.56 9.44 -8.66
C THR A 19 5.17 9.28 -10.06
N ASN A 20 4.87 10.23 -10.94
CA ASN A 20 5.34 10.19 -12.32
C ASN A 20 6.86 10.40 -12.37
N ASN A 21 7.34 11.34 -11.57
CA ASN A 21 8.76 11.66 -11.53
C ASN A 21 9.58 10.48 -11.05
N LEU A 22 9.03 9.70 -10.12
CA LEU A 22 9.71 8.49 -9.66
C LEU A 22 9.94 7.51 -10.80
N VAL A 23 8.92 7.33 -11.63
CA VAL A 23 9.01 6.42 -12.77
C VAL A 23 10.09 6.91 -13.75
N GLN A 24 10.09 8.21 -14.02
CA GLN A 24 11.10 8.80 -14.89
C GLN A 24 12.48 8.61 -14.29
N CYS A 25 12.58 8.83 -12.99
CA CYS A 25 13.84 8.72 -12.26
C CYS A 25 14.33 7.27 -12.23
N ALA A 26 13.42 6.34 -12.08
CA ALA A 26 13.76 4.92 -12.09
C ALA A 26 14.17 4.47 -13.48
N SER A 27 13.51 5.03 -14.48
CA SER A 27 13.79 4.70 -15.86
C SER A 27 15.20 5.17 -16.26
N ARG A 28 15.56 6.39 -15.88
CA ARG A 28 16.89 6.92 -16.19
C ARG A 28 17.97 6.18 -15.43
N SER A 29 17.71 5.85 -14.16
CA SER A 29 18.69 5.17 -13.34
C SER A 29 18.92 3.75 -13.86
N GLY A 30 17.84 3.04 -14.17
CA GLY A 30 17.95 1.72 -14.76
C GLY A 30 18.31 0.66 -13.74
N VAL A 31 18.33 1.04 -12.47
CA VAL A 31 18.65 0.11 -11.39
C VAL A 31 17.55 -0.94 -11.26
N LEU A 32 16.34 -0.53 -11.62
CA LEU A 32 15.17 -1.36 -11.45
C LEU A 32 14.91 -2.21 -12.69
N THR A 33 14.35 -3.39 -12.46
CA THR A 33 14.08 -4.34 -13.53
C THR A 33 12.77 -4.03 -14.24
N ALA A 34 12.45 -4.81 -15.26
CA ALA A 34 11.20 -4.65 -15.99
C ALA A 34 10.01 -4.95 -15.07
N ASP A 35 10.23 -5.85 -14.12
CA ASP A 35 9.21 -6.18 -13.12
C ASP A 35 8.92 -4.96 -12.27
N GLN A 36 9.98 -4.36 -11.76
CA GLN A 36 9.88 -3.20 -10.90
C GLN A 36 9.32 -1.99 -11.66
N MET A 37 9.87 -1.74 -12.84
CA MET A 37 9.44 -0.59 -13.65
C MET A 37 7.98 -0.71 -14.06
N ASP A 38 7.58 -1.90 -14.48
CA ASP A 38 6.20 -2.14 -14.91
C ASP A 38 5.23 -1.91 -13.76
N ASP A 39 5.64 -2.30 -12.57
CA ASP A 39 4.80 -2.15 -11.39
C ASP A 39 4.65 -0.68 -11.03
N MET A 40 5.76 0.06 -11.07
CA MET A 40 5.73 1.50 -10.83
C MET A 40 4.87 2.19 -11.89
N GLY A 41 4.85 1.60 -13.09
CA GLY A 41 4.00 2.12 -14.14
C GLY A 41 2.53 2.06 -13.77
N MET A 42 2.07 0.91 -13.28
CA MET A 42 0.68 0.76 -12.89
C MET A 42 0.40 1.53 -11.60
N MET A 43 1.46 1.81 -10.84
CA MET A 43 1.35 2.64 -9.65
C MET A 43 0.82 4.01 -10.04
N ALA A 44 1.49 4.65 -10.99
CA ALA A 44 1.06 5.95 -11.50
C ALA A 44 -0.34 5.83 -12.10
N ASP A 45 -0.58 4.72 -12.78
CA ASP A 45 -1.87 4.47 -13.41
C ASP A 45 -2.98 4.40 -12.36
N SER A 46 -2.75 3.68 -11.27
CA SER A 46 -3.75 3.53 -10.21
C SER A 46 -4.09 4.88 -9.58
N VAL A 47 -3.09 5.74 -9.47
CA VAL A 47 -3.31 7.08 -8.94
C VAL A 47 -4.21 7.88 -9.88
N ASN A 48 -4.01 7.70 -11.17
CA ASN A 48 -4.77 8.44 -12.19
C ASN A 48 -6.16 7.84 -12.38
N SER A 49 -6.26 6.53 -12.38
CA SER A 49 -7.52 5.83 -12.65
C SER A 49 -8.56 6.10 -11.56
N GLN A 50 -8.11 6.38 -10.35
CA GLN A 50 -9.03 6.79 -9.29
C GLN A 50 -9.45 8.24 -9.52
N MET A 51 -8.58 9.03 -10.14
CA MET A 51 -8.85 10.43 -10.39
C MET A 51 -9.93 10.60 -11.45
N GLN A 52 -9.93 9.72 -12.45
CA GLN A 52 -10.96 9.76 -13.48
C GLN A 52 -12.30 9.28 -12.92
N LYS A 53 -12.25 8.46 -11.88
CA LYS A 53 -13.45 8.01 -11.20
C LYS A 53 -14.06 9.13 -10.37
N MET A 54 -13.25 9.73 -9.52
CA MET A 54 -13.74 10.71 -8.54
C MET A 54 -13.73 12.13 -9.10
N GLY A 55 -12.67 12.45 -9.82
CA GLY A 55 -12.48 13.80 -10.31
C GLY A 55 -11.25 14.43 -9.71
N PRO A 56 -10.98 15.72 -9.98
CA PRO A 56 -9.82 16.43 -9.43
C PRO A 56 -9.97 16.75 -7.94
N ASN A 57 -11.11 16.37 -7.39
CA ASN A 57 -11.37 16.57 -5.97
C ASN A 57 -11.84 15.27 -5.32
N PRO A 58 -10.88 14.38 -5.02
CA PRO A 58 -11.14 13.17 -4.24
C PRO A 58 -11.42 13.48 -2.77
N PRO A 59 -11.96 12.51 -2.03
CA PRO A 59 -12.18 12.64 -0.58
C PRO A 59 -10.86 12.70 0.18
N GLN A 60 -10.89 13.35 1.34
CA GLN A 60 -9.68 13.54 2.16
C GLN A 60 -9.04 12.21 2.53
N HIS A 61 -9.86 11.21 2.85
CA HIS A 61 -9.33 9.90 3.23
C HIS A 61 -8.59 9.26 2.06
N ARG A 62 -8.94 9.65 0.85
CA ARG A 62 -8.28 9.11 -0.34
C ARG A 62 -6.86 9.66 -0.40
N LEU A 63 -6.66 10.85 0.15
CA LEU A 63 -5.33 11.44 0.22
C LEU A 63 -4.47 10.67 1.22
N ARG A 64 -4.99 10.46 2.42
CA ARG A 64 -4.25 9.71 3.44
C ARG A 64 -4.03 8.25 3.02
N ALA A 65 -4.96 7.72 2.24
CA ALA A 65 -4.86 6.35 1.76
C ALA A 65 -3.75 6.22 0.73
N MET A 66 -3.77 7.06 -0.29
CA MET A 66 -2.79 6.99 -1.37
C MET A 66 -1.39 7.29 -0.86
N ASN A 67 -1.31 8.02 0.24
CA ASN A 67 -0.04 8.24 0.93
C ASN A 67 0.62 6.91 1.25
N THR A 68 -0.20 5.94 1.63
CA THR A 68 0.30 4.61 1.95
C THR A 68 0.32 3.73 0.69
N ALA A 69 -0.73 3.82 -0.13
CA ALA A 69 -0.84 2.99 -1.33
C ALA A 69 0.35 3.20 -2.27
N MET A 70 0.60 4.45 -2.64
CA MET A 70 1.70 4.79 -3.53
C MET A 70 3.04 4.37 -2.91
N ALA A 71 3.18 4.62 -1.62
CA ALA A 71 4.41 4.32 -0.91
C ALA A 71 4.65 2.81 -0.85
N ALA A 72 3.60 2.06 -0.54
CA ALA A 72 3.68 0.60 -0.43
C ALA A 72 4.03 -0.02 -1.78
N GLU A 73 3.51 0.56 -2.85
CA GLU A 73 3.84 0.11 -4.19
C GLU A 73 5.32 0.28 -4.46
N VAL A 74 5.86 1.47 -4.20
CA VAL A 74 7.28 1.71 -4.35
C VAL A 74 8.10 0.75 -3.50
N ALA A 75 7.64 0.54 -2.26
CA ALA A 75 8.30 -0.37 -1.34
C ALA A 75 8.32 -1.79 -1.90
N GLU A 76 7.19 -2.24 -2.42
CA GLU A 76 7.08 -3.55 -3.05
C GLU A 76 8.06 -3.64 -4.22
N VAL A 77 8.05 -2.60 -5.04
CA VAL A 77 8.94 -2.52 -6.19
C VAL A 77 10.40 -2.64 -5.77
N VAL A 78 10.80 -1.88 -4.75
CA VAL A 78 12.18 -1.89 -4.28
C VAL A 78 12.55 -3.26 -3.68
N ALA A 79 11.66 -3.80 -2.87
CA ALA A 79 11.93 -5.07 -2.19
C ALA A 79 11.99 -6.23 -3.19
N THR A 80 11.28 -6.11 -4.30
CA THR A 80 11.29 -7.13 -5.33
C THR A 80 12.48 -6.92 -6.28
N SER A 81 13.66 -7.29 -5.80
CA SER A 81 14.88 -7.18 -6.57
C SER A 81 15.94 -8.10 -5.97
N PRO A 82 17.09 -8.30 -6.64
CA PRO A 82 18.21 -9.03 -6.06
C PRO A 82 18.66 -8.36 -4.77
N PRO A 83 18.98 -9.15 -3.73
CA PRO A 83 19.27 -8.60 -2.41
C PRO A 83 20.51 -7.73 -2.39
N GLN A 84 21.33 -7.86 -3.44
CA GLN A 84 22.54 -7.07 -3.56
C GLN A 84 22.25 -5.75 -4.27
N SER A 85 21.21 -5.76 -5.09
CA SER A 85 20.79 -4.57 -5.80
C SER A 85 19.70 -3.84 -5.03
N TYR A 86 19.12 -4.52 -4.05
CA TYR A 86 18.11 -3.94 -3.18
C TYR A 86 18.61 -2.63 -2.58
N SER A 87 19.84 -2.64 -2.09
CA SER A 87 20.45 -1.45 -1.54
C SER A 87 20.55 -0.35 -2.60
N ALA A 88 20.93 -0.73 -3.80
CA ALA A 88 21.06 0.20 -4.91
C ALA A 88 19.70 0.80 -5.28
N VAL A 89 18.70 -0.06 -5.42
CA VAL A 89 17.35 0.38 -5.76
C VAL A 89 16.79 1.27 -4.65
N LEU A 90 16.95 0.81 -3.41
CA LEU A 90 16.47 1.54 -2.24
C LEU A 90 17.08 2.94 -2.20
N ASN A 91 18.40 2.99 -2.34
CA ASN A 91 19.14 4.24 -2.38
C ASN A 91 18.62 5.15 -3.48
N THR A 92 18.39 4.56 -4.65
CA THR A 92 17.95 5.32 -5.81
C THR A 92 16.58 5.94 -5.56
N ILE A 93 15.62 5.11 -5.16
CA ILE A 93 14.28 5.58 -4.86
C ILE A 93 14.30 6.54 -3.68
N GLY A 94 14.98 6.16 -2.60
CA GLY A 94 15.00 6.97 -1.40
C GLY A 94 15.58 8.36 -1.65
N ALA A 95 16.67 8.42 -2.40
CA ALA A 95 17.32 9.68 -2.68
C ALA A 95 16.49 10.52 -3.65
N CYS A 96 15.83 9.86 -4.58
CA CYS A 96 15.08 10.56 -5.61
C CYS A 96 13.71 10.96 -5.07
N LEU A 97 13.25 10.30 -4.02
CA LEU A 97 12.03 10.68 -3.32
C LEU A 97 12.11 12.13 -2.89
N ARG A 98 13.26 12.50 -2.35
CA ARG A 98 13.54 13.86 -1.92
C ARG A 98 13.46 14.82 -3.10
N GLU A 99 14.15 14.47 -4.18
CA GLU A 99 14.20 15.29 -5.38
C GLU A 99 12.82 15.42 -6.01
N SER A 100 12.14 14.30 -6.17
CA SER A 100 10.80 14.25 -6.77
C SER A 100 9.84 15.17 -6.03
N MET A 101 9.85 15.12 -4.71
CA MET A 101 8.98 15.99 -3.92
C MET A 101 9.28 17.46 -4.19
N MET A 102 10.56 17.79 -4.30
CA MET A 102 10.98 19.16 -4.52
C MET A 102 10.61 19.61 -5.94
N GLN A 103 10.58 18.69 -6.87
CA GLN A 103 10.21 19.00 -8.24
C GLN A 103 8.69 19.07 -8.38
N ALA A 104 8.00 18.31 -7.54
CA ALA A 104 6.55 18.22 -7.60
C ALA A 104 5.88 19.41 -6.91
N THR A 105 6.30 19.70 -5.69
CA THR A 105 5.67 20.76 -4.90
C THR A 105 6.59 21.98 -4.74
N GLY A 106 7.88 21.72 -4.70
CA GLY A 106 8.84 22.80 -4.48
C GLY A 106 9.72 22.54 -3.28
N SER A 107 9.33 21.57 -2.46
CA SER A 107 10.11 21.20 -1.27
C SER A 107 9.94 19.72 -0.97
N VAL A 108 10.76 19.19 -0.08
CA VAL A 108 10.78 17.75 0.16
C VAL A 108 9.88 17.36 1.33
N ASP A 109 8.92 16.49 1.05
CA ASP A 109 8.06 15.92 2.08
C ASP A 109 8.77 14.77 2.77
N ASN A 110 8.82 14.81 4.09
CA ASN A 110 9.53 13.78 4.85
C ASN A 110 8.54 12.87 5.58
N ALA A 111 7.29 12.91 5.18
CA ALA A 111 6.29 12.04 5.74
C ALA A 111 6.10 10.82 4.83
N PHE A 112 5.94 11.11 3.55
CA PHE A 112 5.82 10.08 2.54
C PHE A 112 7.16 9.38 2.33
N THR A 113 8.20 10.18 2.10
CA THR A 113 9.54 9.65 1.86
C THR A 113 10.00 8.73 2.99
N ASN A 114 9.71 9.15 4.22
CA ASN A 114 10.12 8.39 5.40
C ASN A 114 9.31 7.10 5.50
N GLU A 115 8.02 7.17 5.19
CA GLU A 115 7.14 6.02 5.26
C GLU A 115 7.58 4.94 4.28
N VAL A 116 7.94 5.35 3.07
CA VAL A 116 8.37 4.42 2.02
C VAL A 116 9.56 3.59 2.49
N MET A 117 10.47 4.22 3.24
CA MET A 117 11.69 3.58 3.66
C MET A 117 11.39 2.48 4.67
N GLN A 118 10.41 2.75 5.52
CA GLN A 118 10.03 1.79 6.55
C GLN A 118 9.22 0.65 5.94
N LEU A 119 8.34 0.98 5.00
CA LEU A 119 7.52 0.00 4.31
C LEU A 119 8.39 -1.06 3.64
N VAL A 120 9.45 -0.62 2.98
CA VAL A 120 10.31 -1.53 2.25
C VAL A 120 11.19 -2.34 3.20
N LYS A 121 11.64 -1.71 4.29
CA LYS A 121 12.43 -2.40 5.30
C LYS A 121 11.66 -3.55 5.91
N MET A 122 10.39 -3.29 6.22
CA MET A 122 9.52 -4.30 6.81
C MET A 122 9.21 -5.41 5.82
N LEU A 123 9.06 -5.04 4.55
CA LEU A 123 8.70 -5.99 3.51
C LEU A 123 9.88 -6.87 3.13
N SER A 124 11.09 -6.38 3.41
CA SER A 124 12.31 -7.11 3.13
C SER A 124 12.69 -8.00 4.31
N ALA A 125 11.89 -7.96 5.36
CA ALA A 125 12.16 -8.74 6.56
C ALA A 125 11.02 -9.71 6.86
N ASP A 126 11.24 -10.97 6.52
CA ASP A 126 10.27 -12.03 6.81
C ASP A 126 10.21 -12.24 8.32
N SER A 127 9.22 -11.64 8.95
CA SER A 127 9.15 -11.60 10.40
C SER A 127 7.75 -11.97 10.90
N ALA A 128 7.63 -12.08 12.23
CA ALA A 128 6.41 -12.50 12.90
C ALA A 128 6.09 -13.96 12.62
N ASN A 129 7.11 -14.71 12.22
CA ASN A 129 6.97 -16.13 11.97
C ASN A 129 6.80 -16.87 13.29
N GLU A 130 5.61 -17.44 13.48
CA GLU A 130 5.31 -18.18 14.69
C GLU A 130 6.00 -19.53 14.67
N VAL A 131 6.84 -19.74 15.66
CA VAL A 131 7.65 -20.92 15.75
C VAL A 131 6.91 -22.04 16.45
N SER A 132 5.90 -21.67 17.22
CA SER A 132 5.09 -22.63 17.94
C SER A 132 3.61 -22.31 17.75
N THR A 133 2.80 -23.34 17.60
CA THR A 133 1.37 -23.16 17.41
C THR A 133 0.60 -24.40 17.87
N GLY B 1 -5.19 -29.40 5.99
CA GLY B 1 -4.79 -29.43 7.39
C GLY B 1 -3.29 -29.31 7.55
N SER B 2 -2.59 -29.03 6.46
CA SER B 2 -1.15 -28.89 6.49
C SER B 2 -0.75 -27.44 6.75
N GLY B 3 -1.73 -26.56 6.84
CA GLY B 3 -1.46 -25.15 7.03
C GLY B 3 -1.52 -24.40 5.72
N ASN B 4 -1.06 -23.15 5.71
CA ASN B 4 -1.05 -22.35 4.49
C ASN B 4 -0.36 -21.01 4.71
N SER B 5 0.54 -20.69 3.82
CA SER B 5 1.21 -19.40 3.80
C SER B 5 1.68 -19.10 2.39
N GLN B 6 0.77 -18.59 1.59
CA GLN B 6 0.99 -18.45 0.16
C GLN B 6 0.11 -17.34 -0.39
N PRO B 7 0.66 -16.49 -1.28
CA PRO B 7 -0.11 -15.46 -1.94
C PRO B 7 -1.20 -16.05 -2.85
N ILE B 8 -2.45 -15.95 -2.40
CA ILE B 8 -3.59 -16.51 -3.12
C ILE B 8 -3.98 -15.67 -4.33
N TRP B 9 -3.03 -14.88 -4.83
CA TRP B 9 -3.27 -13.95 -5.92
C TRP B 9 -3.01 -14.61 -7.28
N THR B 10 -2.96 -15.93 -7.29
CA THR B 10 -2.83 -16.68 -8.53
C THR B 10 -4.14 -16.56 -9.33
N ASN B 11 -5.24 -16.44 -8.61
CA ASN B 11 -6.54 -16.18 -9.20
C ASN B 11 -7.11 -14.89 -8.62
N PRO B 12 -7.01 -13.79 -9.40
CA PRO B 12 -7.26 -12.43 -8.92
C PRO B 12 -8.70 -12.20 -8.48
N ASN B 13 -9.64 -12.86 -9.14
CA ASN B 13 -11.05 -12.65 -8.83
C ASN B 13 -11.41 -13.26 -7.48
N ALA B 14 -10.65 -14.27 -7.05
CA ALA B 14 -10.87 -14.87 -5.75
C ALA B 14 -10.25 -13.98 -4.66
N ALA B 15 -9.13 -13.36 -4.99
CA ALA B 15 -8.50 -12.40 -4.11
C ALA B 15 -9.39 -11.18 -3.95
N MET B 16 -10.06 -10.81 -5.03
CA MET B 16 -11.02 -9.71 -5.02
C MET B 16 -12.18 -10.04 -4.09
N THR B 17 -12.50 -11.32 -3.97
CA THR B 17 -13.53 -11.77 -3.06
C THR B 17 -13.12 -11.49 -1.61
N MET B 18 -11.83 -11.62 -1.33
CA MET B 18 -11.30 -11.32 -0.01
C MET B 18 -11.47 -9.83 0.26
N THR B 19 -11.16 -9.01 -0.75
CA THR B 19 -11.32 -7.57 -0.66
C THR B 19 -12.78 -7.20 -0.45
N ASN B 20 -13.66 -7.87 -1.18
CA ASN B 20 -15.10 -7.62 -1.11
C ASN B 20 -15.65 -8.00 0.26
N ASN B 21 -15.37 -9.22 0.69
CA ASN B 21 -15.88 -9.73 1.96
C ASN B 21 -15.32 -8.94 3.14
N LEU B 22 -14.14 -8.38 2.96
CA LEU B 22 -13.49 -7.61 4.00
C LEU B 22 -14.29 -6.33 4.30
N VAL B 23 -14.90 -5.78 3.27
CA VAL B 23 -15.73 -4.59 3.43
C VAL B 23 -17.07 -4.96 4.04
N GLN B 24 -17.58 -6.13 3.69
CA GLN B 24 -18.88 -6.57 4.18
C GLN B 24 -18.83 -6.84 5.68
N CYS B 25 -17.75 -7.45 6.15
CA CYS B 25 -17.61 -7.75 7.57
C CYS B 25 -17.38 -6.47 8.37
N ALA B 26 -16.76 -5.48 7.74
CA ALA B 26 -16.53 -4.19 8.36
C ALA B 26 -17.83 -3.40 8.44
N SER B 27 -18.63 -3.52 7.40
CA SER B 27 -19.89 -2.80 7.33
C SER B 27 -20.91 -3.38 8.31
N ARG B 28 -20.86 -4.70 8.51
CA ARG B 28 -21.77 -5.36 9.44
C ARG B 28 -21.36 -5.08 10.89
N SER B 29 -20.05 -4.96 11.13
CA SER B 29 -19.56 -4.71 12.46
C SER B 29 -19.86 -3.28 12.87
N GLY B 30 -19.49 -2.33 12.01
CA GLY B 30 -19.80 -0.94 12.27
C GLY B 30 -18.82 -0.30 13.24
N VAL B 31 -17.69 -0.94 13.45
CA VAL B 31 -16.65 -0.41 14.32
C VAL B 31 -15.96 0.77 13.65
N LEU B 32 -15.92 0.72 12.33
CA LEU B 32 -15.23 1.73 11.54
C LEU B 32 -16.16 2.88 11.22
N THR B 33 -15.59 4.03 10.92
CA THR B 33 -16.38 5.20 10.56
C THR B 33 -16.67 5.20 9.06
N ALA B 34 -17.50 6.14 8.62
CA ALA B 34 -17.90 6.21 7.22
C ALA B 34 -16.71 6.52 6.32
N ASP B 35 -15.84 7.39 6.81
CA ASP B 35 -14.60 7.76 6.10
C ASP B 35 -13.75 6.52 5.86
N GLN B 36 -13.61 5.70 6.90
CA GLN B 36 -12.85 4.46 6.82
C GLN B 36 -13.54 3.44 5.93
N MET B 37 -14.86 3.31 6.11
CA MET B 37 -15.65 2.36 5.33
C MET B 37 -15.59 2.69 3.84
N ASP B 38 -15.68 3.97 3.52
CA ASP B 38 -15.66 4.42 2.14
C ASP B 38 -14.31 4.14 1.51
N ASP B 39 -13.25 4.23 2.30
CA ASP B 39 -11.91 3.92 1.81
C ASP B 39 -11.81 2.45 1.40
N MET B 40 -12.34 1.58 2.25
CA MET B 40 -12.37 0.16 1.96
C MET B 40 -13.23 -0.13 0.73
N GLY B 41 -14.29 0.66 0.58
CA GLY B 41 -15.17 0.51 -0.57
C GLY B 41 -14.47 0.83 -1.87
N MET B 42 -13.71 1.93 -1.90
CA MET B 42 -12.98 2.31 -3.09
C MET B 42 -11.81 1.36 -3.32
N MET B 43 -11.37 0.71 -2.25
CA MET B 43 -10.34 -0.33 -2.35
C MET B 43 -10.84 -1.47 -3.25
N ALA B 44 -12.03 -1.96 -2.96
CA ALA B 44 -12.64 -3.02 -3.77
C ALA B 44 -12.81 -2.57 -5.21
N ASP B 45 -13.24 -1.32 -5.38
CA ASP B 45 -13.45 -0.76 -6.71
C ASP B 45 -12.14 -0.63 -7.48
N SER B 46 -11.08 -0.17 -6.80
CA SER B 46 -9.80 0.03 -7.45
C SER B 46 -9.26 -1.28 -8.04
N VAL B 47 -9.30 -2.36 -7.26
CA VAL B 47 -8.88 -3.67 -7.75
C VAL B 47 -9.71 -4.05 -8.97
N ASN B 48 -11.01 -3.82 -8.85
CA ASN B 48 -11.95 -4.11 -9.93
C ASN B 48 -11.60 -3.32 -11.19
N SER B 49 -11.30 -2.04 -11.01
CA SER B 49 -10.99 -1.16 -12.12
C SER B 49 -9.65 -1.52 -12.75
N GLN B 50 -8.63 -1.73 -11.91
CA GLN B 50 -7.30 -2.04 -12.40
C GLN B 50 -7.29 -3.32 -13.24
N MET B 51 -8.11 -4.28 -12.83
CA MET B 51 -8.29 -5.51 -13.61
C MET B 51 -8.75 -5.18 -15.02
N GLN B 52 -9.76 -4.32 -15.11
CA GLN B 52 -10.34 -3.94 -16.40
C GLN B 52 -9.38 -3.06 -17.20
N LYS B 53 -8.49 -2.38 -16.51
CA LYS B 53 -7.49 -1.55 -17.15
C LYS B 53 -6.50 -2.41 -17.93
N MET B 54 -6.18 -3.57 -17.36
CA MET B 54 -5.15 -4.43 -17.92
C MET B 54 -5.75 -5.51 -18.84
N GLY B 55 -6.71 -6.26 -18.33
CA GLY B 55 -7.33 -7.30 -19.13
C GLY B 55 -7.73 -8.50 -18.31
N PRO B 56 -8.16 -9.59 -18.98
CA PRO B 56 -8.62 -10.82 -18.29
C PRO B 56 -7.54 -11.45 -17.44
N ASN B 57 -6.34 -11.46 -17.97
CA ASN B 57 -5.19 -12.01 -17.26
C ASN B 57 -4.03 -11.04 -17.32
N PRO B 58 -3.94 -10.17 -16.32
CA PRO B 58 -2.83 -9.22 -16.18
C PRO B 58 -1.56 -9.91 -15.68
N PRO B 59 -0.40 -9.25 -15.83
CA PRO B 59 0.87 -9.78 -15.37
C PRO B 59 0.85 -10.11 -13.87
N GLN B 60 1.13 -11.37 -13.55
CA GLN B 60 0.98 -11.89 -12.21
C GLN B 60 1.82 -11.12 -11.18
N HIS B 61 2.90 -10.50 -11.62
CA HIS B 61 3.73 -9.72 -10.70
C HIS B 61 2.96 -8.51 -10.17
N ARG B 62 2.02 -8.03 -10.96
CA ARG B 62 1.20 -6.90 -10.53
C ARG B 62 0.22 -7.35 -9.46
N LEU B 63 -0.13 -8.63 -9.49
CA LEU B 63 -1.02 -9.21 -8.48
C LEU B 63 -0.31 -9.32 -7.15
N ARG B 64 0.97 -9.72 -7.16
CA ARG B 64 1.75 -9.82 -5.92
C ARG B 64 1.97 -8.42 -5.34
N ALA B 65 2.01 -7.42 -6.19
CA ALA B 65 2.08 -6.03 -5.74
C ALA B 65 0.74 -5.59 -5.16
N MET B 66 -0.35 -5.95 -5.85
CA MET B 66 -1.70 -5.64 -5.38
C MET B 66 -1.93 -6.19 -3.97
N ASN B 67 -1.25 -7.29 -3.66
CA ASN B 67 -1.27 -7.86 -2.32
C ASN B 67 -0.87 -6.81 -1.29
N THR B 68 0.19 -6.08 -1.59
CA THR B 68 0.70 -5.05 -0.71
C THR B 68 -0.21 -3.83 -0.71
N ALA B 69 -0.73 -3.48 -1.89
CA ALA B 69 -1.62 -2.32 -2.03
C ALA B 69 -2.89 -2.49 -1.20
N MET B 70 -3.56 -3.62 -1.40
CA MET B 70 -4.78 -3.93 -0.65
C MET B 70 -4.50 -3.96 0.85
N ALA B 71 -3.41 -4.60 1.22
CA ALA B 71 -3.04 -4.74 2.62
C ALA B 71 -2.76 -3.39 3.26
N ALA B 72 -2.04 -2.53 2.52
CA ALA B 72 -1.67 -1.21 3.03
C ALA B 72 -2.89 -0.32 3.20
N GLU B 73 -3.84 -0.43 2.28
CA GLU B 73 -5.09 0.32 2.37
C GLU B 73 -5.84 -0.02 3.65
N VAL B 74 -5.99 -1.32 3.91
CA VAL B 74 -6.66 -1.77 5.12
C VAL B 74 -5.93 -1.25 6.37
N ALA B 75 -4.62 -1.34 6.35
CA ALA B 75 -3.80 -0.86 7.45
C ALA B 75 -4.02 0.63 7.68
N GLU B 76 -4.08 1.39 6.58
CA GLU B 76 -4.36 2.83 6.66
C GLU B 76 -5.74 3.06 7.26
N VAL B 77 -6.73 2.34 6.76
CA VAL B 77 -8.10 2.44 7.26
C VAL B 77 -8.14 2.21 8.78
N VAL B 78 -7.48 1.15 9.23
CA VAL B 78 -7.44 0.83 10.65
C VAL B 78 -6.70 1.92 11.44
N ALA B 79 -5.54 2.34 10.92
CA ALA B 79 -4.70 3.34 11.59
C ALA B 79 -5.33 4.74 11.53
N THR B 80 -6.42 4.88 10.79
CA THR B 80 -7.13 6.14 10.69
C THR B 80 -7.99 6.39 11.93
N SER B 81 -8.47 5.31 12.54
CA SER B 81 -9.37 5.43 13.68
C SER B 81 -8.62 5.91 14.92
N PRO B 82 -9.32 6.58 15.85
CA PRO B 82 -8.73 7.01 17.12
C PRO B 82 -8.33 5.80 17.97
N PRO B 83 -7.44 5.99 18.96
CA PRO B 83 -6.95 4.88 19.79
C PRO B 83 -8.08 4.09 20.42
N GLN B 84 -9.15 4.80 20.74
CA GLN B 84 -10.34 4.21 21.36
C GLN B 84 -10.99 3.18 20.44
N SER B 85 -10.89 3.41 19.14
CA SER B 85 -11.55 2.55 18.17
C SER B 85 -10.52 1.67 17.46
N TYR B 86 -9.29 2.15 17.39
CA TYR B 86 -8.20 1.47 16.69
C TYR B 86 -8.09 0.00 17.07
N SER B 87 -8.08 -0.27 18.36
CA SER B 87 -7.92 -1.63 18.85
C SER B 87 -9.10 -2.51 18.41
N ALA B 88 -10.31 -1.99 18.54
CA ALA B 88 -11.50 -2.72 18.14
C ALA B 88 -11.55 -2.91 16.62
N VAL B 89 -11.21 -1.85 15.88
CA VAL B 89 -11.17 -1.93 14.42
C VAL B 89 -10.11 -2.93 13.97
N LEU B 90 -8.93 -2.83 14.58
CA LEU B 90 -7.82 -3.74 14.28
C LEU B 90 -8.25 -5.19 14.50
N ASN B 91 -8.86 -5.44 15.65
CA ASN B 91 -9.35 -6.76 15.99
C ASN B 91 -10.37 -7.26 14.97
N THR B 92 -11.26 -6.37 14.57
CA THR B 92 -12.33 -6.71 13.64
C THR B 92 -11.76 -7.08 12.29
N ILE B 93 -10.87 -6.24 11.77
CA ILE B 93 -10.21 -6.51 10.50
C ILE B 93 -9.33 -7.75 10.61
N GLY B 94 -8.50 -7.81 11.64
CA GLY B 94 -7.58 -8.92 11.81
C GLY B 94 -8.28 -10.26 11.81
N ALA B 95 -9.40 -10.35 12.52
CA ALA B 95 -10.17 -11.59 12.57
C ALA B 95 -10.84 -11.85 11.24
N CYS B 96 -11.33 -10.80 10.60
CA CYS B 96 -12.06 -10.93 9.34
C CYS B 96 -11.16 -11.42 8.21
N LEU B 97 -9.89 -11.05 8.23
CA LEU B 97 -8.96 -11.51 7.20
C LEU B 97 -8.89 -13.02 7.15
N ARG B 98 -8.92 -13.65 8.32
CA ARG B 98 -8.93 -15.10 8.41
C ARG B 98 -10.20 -15.65 7.76
N GLU B 99 -11.33 -15.07 8.11
CA GLU B 99 -12.62 -15.52 7.62
C GLU B 99 -12.71 -15.31 6.10
N SER B 100 -12.40 -14.09 5.66
CA SER B 100 -12.52 -13.72 4.26
C SER B 100 -11.72 -14.64 3.34
N MET B 101 -10.52 -15.02 3.74
CA MET B 101 -9.71 -15.93 2.94
C MET B 101 -10.40 -17.28 2.81
N MET B 102 -10.99 -17.74 3.90
CA MET B 102 -11.67 -19.03 3.92
C MET B 102 -12.96 -18.96 3.10
N GLN B 103 -13.51 -17.76 2.97
CA GLN B 103 -14.72 -17.56 2.18
C GLN B 103 -14.39 -17.35 0.70
N ALA B 104 -13.16 -16.91 0.44
CA ALA B 104 -12.74 -16.58 -0.91
C ALA B 104 -12.10 -17.77 -1.61
N THR B 105 -11.09 -18.35 -0.99
CA THR B 105 -10.38 -19.47 -1.58
C THR B 105 -10.85 -20.79 -0.98
N GLY B 106 -11.35 -20.71 0.25
CA GLY B 106 -11.73 -21.90 0.98
C GLY B 106 -10.67 -22.28 2.00
N SER B 107 -9.67 -21.41 2.13
CA SER B 107 -8.57 -21.65 3.04
C SER B 107 -8.01 -20.32 3.53
N VAL B 108 -7.58 -20.27 4.79
CA VAL B 108 -7.02 -19.05 5.32
C VAL B 108 -5.52 -18.99 5.10
N ASP B 109 -5.06 -17.88 4.54
CA ASP B 109 -3.63 -17.63 4.39
C ASP B 109 -3.15 -16.72 5.51
N ASN B 110 -1.96 -17.00 6.02
CA ASN B 110 -1.40 -16.24 7.11
C ASN B 110 -0.48 -15.15 6.59
N ALA B 111 0.01 -15.32 5.37
CA ALA B 111 0.96 -14.37 4.79
C ALA B 111 0.34 -12.99 4.64
N PHE B 112 -0.84 -12.93 4.03
CA PHE B 112 -1.54 -11.68 3.82
C PHE B 112 -2.03 -11.11 5.15
N THR B 113 -2.71 -11.97 5.92
CA THR B 113 -3.23 -11.59 7.22
C THR B 113 -2.16 -11.01 8.14
N ASN B 114 -0.99 -11.66 8.18
CA ASN B 114 0.11 -11.20 9.01
C ASN B 114 0.67 -9.88 8.49
N GLU B 115 0.76 -9.77 7.17
CA GLU B 115 1.30 -8.58 6.52
C GLU B 115 0.55 -7.32 6.95
N VAL B 116 -0.78 -7.39 6.89
CA VAL B 116 -1.62 -6.24 7.27
C VAL B 116 -1.40 -5.85 8.72
N MET B 117 -1.17 -6.83 9.57
CA MET B 117 -0.98 -6.59 10.99
C MET B 117 0.31 -5.84 11.24
N GLN B 118 1.36 -6.22 10.52
CA GLN B 118 2.64 -5.57 10.64
C GLN B 118 2.56 -4.15 10.08
N LEU B 119 1.89 -4.01 8.95
CA LEU B 119 1.70 -2.73 8.29
C LEU B 119 1.06 -1.70 9.22
N VAL B 120 -0.07 -2.08 9.81
CA VAL B 120 -0.86 -1.14 10.60
C VAL B 120 -0.09 -0.67 11.85
N LYS B 121 0.70 -1.57 12.43
CA LYS B 121 1.51 -1.24 13.59
C LYS B 121 2.59 -0.24 13.23
N MET B 122 3.10 -0.36 12.01
CA MET B 122 4.19 0.48 11.53
C MET B 122 3.68 1.85 11.09
N LEU B 123 2.48 1.88 10.50
CA LEU B 123 1.91 3.12 9.98
C LEU B 123 1.71 4.16 11.07
N SER B 124 1.38 3.69 12.26
CA SER B 124 1.10 4.59 13.37
C SER B 124 2.34 4.78 14.25
N ALA B 125 3.49 4.31 13.77
CA ALA B 125 4.73 4.43 14.51
C ALA B 125 5.59 5.56 13.98
N ASP B 126 5.51 6.71 14.64
CA ASP B 126 6.34 7.86 14.27
C ASP B 126 7.79 7.58 14.62
N SER B 127 8.59 7.29 13.60
CA SER B 127 9.96 6.87 13.80
C SER B 127 10.85 7.32 12.64
N ALA B 128 12.17 7.19 12.84
CA ALA B 128 13.18 7.57 11.85
C ALA B 128 13.14 9.07 11.56
N ASN B 129 12.64 9.83 12.52
CA ASN B 129 12.46 11.27 12.37
C ASN B 129 13.80 11.99 12.31
N GLU B 130 14.19 12.42 11.13
CA GLU B 130 15.37 13.25 10.95
C GLU B 130 15.05 14.68 11.33
N VAL B 131 15.42 15.09 12.55
CA VAL B 131 15.05 16.39 13.06
C VAL B 131 16.24 17.34 13.10
N SER B 132 17.43 16.81 12.89
CA SER B 132 18.64 17.63 12.94
C SER B 132 18.82 18.43 11.65
N THR B 133 18.10 19.53 11.54
CA THR B 133 18.20 20.41 10.40
C THR B 133 17.85 21.84 10.78
N GLY A 1 -1.99 17.93 17.57
CA GLY A 1 -1.15 18.72 16.63
C GLY A 1 0.18 18.04 16.36
N SER A 2 1.02 18.71 15.58
CA SER A 2 2.32 18.16 15.24
C SER A 2 3.34 19.29 15.05
N GLY A 3 4.60 18.99 15.30
CA GLY A 3 5.66 19.96 15.07
C GLY A 3 6.30 19.78 13.71
N ASN A 4 5.78 18.85 12.93
CA ASN A 4 6.29 18.58 11.59
C ASN A 4 5.33 19.12 10.54
N SER A 5 5.73 19.06 9.28
CA SER A 5 4.92 19.57 8.19
C SER A 5 3.92 18.52 7.73
N GLN A 6 2.91 18.96 7.01
CA GLN A 6 1.92 18.08 6.43
C GLN A 6 2.39 17.56 5.08
N PRO A 7 2.02 16.34 4.70
CA PRO A 7 2.38 15.76 3.42
C PRO A 7 1.83 16.57 2.24
N ILE A 8 2.38 16.34 1.06
CA ILE A 8 2.01 17.11 -0.12
C ILE A 8 0.72 16.61 -0.76
N TRP A 9 0.04 15.72 -0.06
CA TRP A 9 -1.19 15.13 -0.56
C TRP A 9 -2.39 16.04 -0.36
N THR A 10 -2.12 17.33 -0.19
CA THR A 10 -3.17 18.33 -0.14
C THR A 10 -3.63 18.65 -1.56
N ASN A 11 -2.82 18.25 -2.53
CA ASN A 11 -3.13 18.41 -3.94
C ASN A 11 -2.86 17.11 -4.68
N PRO A 12 -3.90 16.49 -5.23
CA PRO A 12 -3.80 15.18 -5.90
C PRO A 12 -2.84 15.20 -7.07
N ASN A 13 -2.88 16.27 -7.85
CA ASN A 13 -2.07 16.37 -9.06
C ASN A 13 -0.62 16.71 -8.69
N ALA A 14 -0.45 17.47 -7.62
CA ALA A 14 0.89 17.79 -7.13
C ALA A 14 1.58 16.54 -6.61
N ALA A 15 0.82 15.73 -5.86
CA ALA A 15 1.33 14.46 -5.37
C ALA A 15 1.59 13.50 -6.52
N MET A 16 0.67 13.50 -7.49
CA MET A 16 0.82 12.69 -8.70
C MET A 16 2.11 13.04 -9.43
N THR A 17 2.50 14.30 -9.36
CA THR A 17 3.74 14.76 -9.97
C THR A 17 4.93 14.05 -9.33
N MET A 18 4.87 13.88 -8.01
CA MET A 18 5.91 13.16 -7.28
C MET A 18 5.94 11.72 -7.74
N THR A 19 4.76 11.14 -7.92
CA THR A 19 4.63 9.77 -8.39
C THR A 19 5.26 9.62 -9.78
N ASN A 20 4.93 10.54 -10.67
CA ASN A 20 5.46 10.52 -12.04
C ASN A 20 6.98 10.67 -12.02
N ASN A 21 7.48 11.63 -11.24
CA ASN A 21 8.91 11.87 -11.14
C ASN A 21 9.64 10.64 -10.63
N LEU A 22 9.00 9.87 -9.76
CA LEU A 22 9.58 8.63 -9.29
C LEU A 22 9.78 7.64 -10.42
N VAL A 23 8.75 7.50 -11.25
CA VAL A 23 8.83 6.64 -12.42
C VAL A 23 9.92 7.13 -13.37
N GLN A 24 10.00 8.45 -13.54
CA GLN A 24 11.05 9.05 -14.36
C GLN A 24 12.43 8.71 -13.80
N CYS A 25 12.61 8.95 -12.51
CA CYS A 25 13.89 8.71 -11.84
C CYS A 25 14.26 7.22 -11.90
N ALA A 26 13.26 6.36 -11.77
CA ALA A 26 13.47 4.92 -11.84
C ALA A 26 13.79 4.48 -13.26
N SER A 27 13.09 5.05 -14.22
CA SER A 27 13.26 4.70 -15.62
C SER A 27 14.63 5.14 -16.14
N ARG A 28 15.13 6.27 -15.63
CA ARG A 28 16.45 6.74 -16.04
C ARG A 28 17.56 5.95 -15.36
N SER A 29 17.36 5.58 -14.10
CA SER A 29 18.35 4.84 -13.35
C SER A 29 18.50 3.43 -13.92
N GLY A 30 17.36 2.76 -14.13
CA GLY A 30 17.38 1.44 -14.72
C GLY A 30 17.90 0.39 -13.75
N VAL A 31 17.79 0.68 -12.46
CA VAL A 31 18.22 -0.24 -11.43
C VAL A 31 17.09 -1.22 -11.09
N LEU A 32 15.87 -0.86 -11.49
CA LEU A 32 14.71 -1.71 -11.27
C LEU A 32 14.50 -2.61 -12.47
N THR A 33 13.88 -3.75 -12.23
CA THR A 33 13.60 -4.72 -13.28
C THR A 33 12.33 -4.36 -14.03
N ALA A 34 12.02 -5.13 -15.08
CA ALA A 34 10.83 -4.88 -15.90
C ALA A 34 9.56 -5.02 -15.06
N ASP A 35 9.57 -5.99 -14.15
CA ASP A 35 8.46 -6.19 -13.22
C ASP A 35 8.22 -4.91 -12.44
N GLN A 36 9.25 -4.51 -11.70
CA GLN A 36 9.17 -3.37 -10.79
C GLN A 36 8.78 -2.09 -11.52
N MET A 37 9.41 -1.85 -12.67
CA MET A 37 9.20 -0.63 -13.43
C MET A 37 7.76 -0.50 -13.91
N ASP A 38 7.17 -1.61 -14.31
CA ASP A 38 5.83 -1.57 -14.87
C ASP A 38 4.78 -1.45 -13.77
N ASP A 39 5.08 -2.04 -12.61
CA ASP A 39 4.21 -1.92 -11.45
C ASP A 39 4.25 -0.48 -10.91
N MET A 40 5.43 0.14 -11.01
CA MET A 40 5.57 1.57 -10.71
C MET A 40 4.69 2.38 -11.66
N GLY A 41 4.64 1.95 -12.92
CA GLY A 41 3.83 2.60 -13.91
C GLY A 41 2.36 2.54 -13.59
N MET A 42 1.88 1.36 -13.19
CA MET A 42 0.46 1.20 -12.86
C MET A 42 0.14 1.91 -11.55
N MET A 43 1.15 2.13 -10.72
CA MET A 43 0.98 2.91 -9.50
C MET A 43 0.53 4.32 -9.85
N ALA A 44 1.29 4.97 -10.72
CA ALA A 44 0.94 6.30 -11.20
C ALA A 44 -0.38 6.26 -11.96
N ASP A 45 -0.54 5.20 -12.76
CA ASP A 45 -1.76 5.00 -13.55
C ASP A 45 -3.00 4.90 -12.66
N SER A 46 -2.85 4.18 -11.55
CA SER A 46 -3.93 4.01 -10.60
C SER A 46 -4.37 5.36 -10.06
N VAL A 47 -3.42 6.15 -9.59
CA VAL A 47 -3.70 7.48 -9.05
C VAL A 47 -4.42 8.33 -10.10
N ASN A 48 -3.95 8.26 -11.33
CA ASN A 48 -4.51 9.03 -12.44
C ASN A 48 -5.94 8.58 -12.75
N SER A 49 -6.13 7.27 -12.99
CA SER A 49 -7.43 6.75 -13.40
C SER A 49 -8.49 6.94 -12.32
N GLN A 50 -8.09 6.84 -11.05
CA GLN A 50 -9.01 7.10 -9.94
C GLN A 50 -9.51 8.54 -9.98
N MET A 51 -8.62 9.45 -10.35
CA MET A 51 -8.98 10.87 -10.45
C MET A 51 -9.91 11.10 -11.65
N GLN A 52 -9.71 10.30 -12.69
CA GLN A 52 -10.58 10.35 -13.86
C GLN A 52 -11.99 9.92 -13.49
N LYS A 53 -12.07 8.92 -12.63
CA LYS A 53 -13.35 8.36 -12.20
C LYS A 53 -14.08 9.32 -11.25
N MET A 54 -13.37 10.32 -10.78
CA MET A 54 -13.95 11.32 -9.88
C MET A 54 -13.94 12.69 -10.56
N GLY A 55 -14.07 13.75 -9.78
CA GLY A 55 -14.10 15.09 -10.33
C GLY A 55 -13.24 16.07 -9.55
N PRO A 56 -13.72 17.30 -9.37
CA PRO A 56 -12.97 18.35 -8.66
C PRO A 56 -13.04 18.21 -7.14
N ASN A 57 -11.87 18.27 -6.51
CA ASN A 57 -11.73 18.18 -5.05
C ASN A 57 -12.27 16.87 -4.49
N PRO A 58 -11.38 15.88 -4.33
CA PRO A 58 -11.73 14.59 -3.73
C PRO A 58 -11.79 14.68 -2.20
N PRO A 59 -12.41 13.69 -1.55
CA PRO A 59 -12.49 13.63 -0.09
C PRO A 59 -11.12 13.55 0.58
N GLN A 60 -10.98 14.29 1.67
CA GLN A 60 -9.71 14.37 2.39
C GLN A 60 -9.26 13.01 2.92
N HIS A 61 -10.20 12.26 3.49
CA HIS A 61 -9.88 10.93 4.04
C HIS A 61 -9.31 10.03 2.94
N ARG A 62 -9.75 10.27 1.72
CA ARG A 62 -9.34 9.47 0.59
C ARG A 62 -7.91 9.81 0.19
N LEU A 63 -7.59 11.10 0.21
CA LEU A 63 -6.23 11.55 -0.05
C LEU A 63 -5.32 11.02 1.05
N ARG A 64 -5.84 11.03 2.27
CA ARG A 64 -5.15 10.46 3.42
C ARG A 64 -4.81 9.00 3.18
N ALA A 65 -5.74 8.27 2.57
CA ALA A 65 -5.54 6.86 2.24
C ALA A 65 -4.55 6.70 1.10
N MET A 66 -4.69 7.55 0.08
CA MET A 66 -3.84 7.48 -1.11
C MET A 66 -2.36 7.61 -0.77
N ASN A 67 -2.07 8.37 0.28
CA ASN A 67 -0.69 8.57 0.74
C ASN A 67 0.03 7.24 0.90
N THR A 68 -0.53 6.35 1.70
CA THR A 68 0.12 5.09 2.00
C THR A 68 0.08 4.14 0.81
N ALA A 69 -0.93 4.29 -0.04
CA ALA A 69 -1.07 3.45 -1.22
C ALA A 69 0.14 3.61 -2.14
N MET A 70 0.45 4.86 -2.47
CA MET A 70 1.60 5.17 -3.31
C MET A 70 2.90 4.78 -2.62
N ALA A 71 2.97 5.05 -1.31
CA ALA A 71 4.16 4.77 -0.54
C ALA A 71 4.47 3.27 -0.50
N ALA A 72 3.45 2.48 -0.19
CA ALA A 72 3.62 1.03 -0.08
C ALA A 72 3.90 0.40 -1.43
N GLU A 73 3.31 0.96 -2.49
CA GLU A 73 3.58 0.50 -3.84
C GLU A 73 5.07 0.59 -4.16
N VAL A 74 5.64 1.77 -4.01
CA VAL A 74 7.08 1.97 -4.24
C VAL A 74 7.89 1.02 -3.36
N ALA A 75 7.49 0.91 -2.10
CA ALA A 75 8.19 0.07 -1.14
C ALA A 75 8.21 -1.39 -1.57
N GLU A 76 7.06 -1.93 -1.92
CA GLU A 76 6.98 -3.33 -2.32
C GLU A 76 7.67 -3.54 -3.66
N VAL A 77 7.67 -2.50 -4.50
CA VAL A 77 8.43 -2.53 -5.75
C VAL A 77 9.92 -2.69 -5.44
N VAL A 78 10.42 -1.92 -4.49
CA VAL A 78 11.81 -2.03 -4.08
C VAL A 78 12.07 -3.40 -3.46
N ALA A 79 11.10 -3.89 -2.68
CA ALA A 79 11.23 -5.19 -2.02
C ALA A 79 11.03 -6.34 -3.01
N THR A 80 10.85 -6.02 -4.29
CA THR A 80 10.78 -7.02 -5.33
C THR A 80 12.19 -7.36 -5.83
N SER A 81 13.14 -6.53 -5.45
CA SER A 81 14.52 -6.72 -5.87
C SER A 81 15.16 -7.89 -5.12
N PRO A 82 16.05 -8.63 -5.78
CA PRO A 82 16.86 -9.65 -5.11
C PRO A 82 17.77 -9.00 -4.09
N PRO A 83 18.22 -9.72 -3.06
CA PRO A 83 18.96 -9.13 -1.94
C PRO A 83 20.22 -8.41 -2.41
N GLN A 84 20.84 -8.96 -3.44
CA GLN A 84 22.05 -8.39 -4.02
C GLN A 84 21.78 -7.07 -4.75
N SER A 85 20.54 -6.81 -5.10
CA SER A 85 20.20 -5.59 -5.83
C SER A 85 19.22 -4.74 -5.03
N TYR A 86 18.80 -5.26 -3.88
CA TYR A 86 17.83 -4.58 -3.02
C TYR A 86 18.35 -3.23 -2.56
N SER A 87 19.58 -3.22 -2.08
CA SER A 87 20.19 -2.00 -1.56
C SER A 87 20.32 -0.96 -2.67
N ALA A 88 20.71 -1.40 -3.87
CA ALA A 88 20.87 -0.52 -5.01
C ALA A 88 19.55 0.17 -5.36
N VAL A 89 18.50 -0.62 -5.48
CA VAL A 89 17.18 -0.09 -5.82
C VAL A 89 16.65 0.81 -4.71
N LEU A 90 16.84 0.38 -3.46
CA LEU A 90 16.40 1.13 -2.30
C LEU A 90 17.06 2.51 -2.28
N ASN A 91 18.39 2.51 -2.38
CA ASN A 91 19.16 3.75 -2.39
C ASN A 91 18.71 4.67 -3.52
N THR A 92 18.41 4.06 -4.67
CA THR A 92 17.95 4.81 -5.83
C THR A 92 16.62 5.50 -5.53
N ILE A 93 15.61 4.70 -5.18
CA ILE A 93 14.29 5.22 -4.89
C ILE A 93 14.34 6.24 -3.76
N GLY A 94 15.08 5.91 -2.69
CA GLY A 94 15.18 6.82 -1.55
C GLY A 94 15.69 8.19 -1.96
N ALA A 95 16.68 8.21 -2.85
CA ALA A 95 17.20 9.46 -3.37
C ALA A 95 16.19 10.13 -4.30
N CYS A 96 15.52 9.33 -5.11
CA CYS A 96 14.53 9.83 -6.05
C CYS A 96 13.40 10.55 -5.31
N LEU A 97 12.92 9.96 -4.21
CA LEU A 97 11.83 10.55 -3.45
C LEU A 97 12.13 12.00 -3.04
N ARG A 98 13.35 12.23 -2.58
CA ARG A 98 13.78 13.56 -2.19
C ARG A 98 13.71 14.54 -3.36
N GLU A 99 14.26 14.12 -4.50
CA GLU A 99 14.33 15.00 -5.67
C GLU A 99 12.96 15.17 -6.31
N SER A 100 12.22 14.07 -6.41
CA SER A 100 10.88 14.08 -6.96
C SER A 100 9.97 15.04 -6.20
N MET A 101 10.17 15.11 -4.89
CA MET A 101 9.41 16.03 -4.05
C MET A 101 9.71 17.47 -4.42
N MET A 102 10.99 17.76 -4.61
CA MET A 102 11.40 19.12 -4.96
C MET A 102 10.96 19.47 -6.39
N GLN A 103 10.88 18.47 -7.26
CA GLN A 103 10.41 18.67 -8.61
C GLN A 103 8.89 18.72 -8.66
N ALA A 104 8.24 18.32 -7.57
CA ALA A 104 6.80 18.30 -7.51
C ALA A 104 6.26 19.55 -6.80
N THR A 105 6.70 19.77 -5.57
CA THR A 105 6.19 20.87 -4.77
C THR A 105 7.25 21.94 -4.57
N GLY A 106 8.50 21.57 -4.80
CA GLY A 106 9.59 22.48 -4.55
C GLY A 106 10.15 22.31 -3.15
N SER A 107 9.62 21.32 -2.45
CA SER A 107 10.04 21.04 -1.08
C SER A 107 10.10 19.55 -0.84
N VAL A 108 10.98 19.12 0.05
CA VAL A 108 11.15 17.71 0.34
C VAL A 108 10.35 17.30 1.56
N ASP A 109 9.32 16.50 1.35
CA ASP A 109 8.53 15.97 2.45
C ASP A 109 9.25 14.75 3.02
N ASN A 110 9.50 14.78 4.32
CA ASN A 110 10.26 13.71 4.97
C ASN A 110 9.33 12.60 5.45
N ALA A 111 8.09 12.95 5.75
CA ALA A 111 7.13 11.98 6.26
C ALA A 111 6.90 10.85 5.26
N PHE A 112 6.67 11.24 4.01
CA PHE A 112 6.43 10.27 2.95
C PHE A 112 7.71 9.49 2.64
N THR A 113 8.79 10.23 2.37
CA THR A 113 10.07 9.64 2.05
C THR A 113 10.53 8.64 3.12
N ASN A 114 10.36 9.00 4.38
CA ASN A 114 10.77 8.13 5.48
C ASN A 114 9.87 6.90 5.56
N GLU A 115 8.58 7.11 5.38
CA GLU A 115 7.60 6.03 5.51
C GLU A 115 7.88 4.93 4.48
N VAL A 116 8.18 5.33 3.25
CA VAL A 116 8.49 4.38 2.19
C VAL A 116 9.70 3.52 2.56
N MET A 117 10.67 4.14 3.23
CA MET A 117 11.89 3.44 3.63
C MET A 117 11.58 2.43 4.73
N GLN A 118 10.59 2.74 5.54
CA GLN A 118 10.22 1.86 6.64
C GLN A 118 9.37 0.70 6.13
N LEU A 119 8.45 1.02 5.22
CA LEU A 119 7.58 0.02 4.60
C LEU A 119 8.41 -1.08 3.96
N VAL A 120 9.37 -0.69 3.14
CA VAL A 120 10.15 -1.64 2.37
C VAL A 120 11.01 -2.52 3.28
N LYS A 121 11.58 -1.93 4.33
CA LYS A 121 12.40 -2.69 5.27
C LYS A 121 11.58 -3.76 5.97
N MET A 122 10.36 -3.41 6.34
CA MET A 122 9.46 -4.33 7.01
C MET A 122 9.03 -5.45 6.07
N LEU A 123 8.77 -5.10 4.82
CA LEU A 123 8.35 -6.06 3.82
C LEU A 123 9.48 -7.05 3.52
N SER A 124 10.69 -6.53 3.42
CA SER A 124 11.85 -7.35 3.09
C SER A 124 12.50 -7.92 4.35
N ALA A 125 11.78 -7.88 5.47
CA ALA A 125 12.33 -8.37 6.73
C ALA A 125 11.98 -9.83 6.96
N ASP A 126 12.79 -10.70 6.39
CA ASP A 126 12.62 -12.14 6.56
C ASP A 126 13.48 -12.65 7.70
N SER A 127 12.82 -13.20 8.70
CA SER A 127 13.52 -13.82 9.81
C SER A 127 12.89 -15.16 10.12
N ALA A 128 12.20 -15.71 9.13
CA ALA A 128 11.55 -17.00 9.27
C ALA A 128 12.56 -18.11 9.04
N ASN A 129 13.55 -17.79 8.24
CA ASN A 129 14.63 -18.73 7.96
C ASN A 129 15.85 -18.35 8.80
N GLU A 130 15.69 -18.46 10.11
CA GLU A 130 16.76 -18.17 11.02
C GLU A 130 17.83 -19.25 10.97
N VAL A 131 19.06 -18.83 11.09
CA VAL A 131 20.20 -19.74 11.03
C VAL A 131 20.82 -19.88 12.41
N SER A 132 19.98 -19.71 13.42
CA SER A 132 20.38 -19.76 14.83
C SER A 132 21.20 -21.03 15.12
N THR A 133 22.49 -20.85 15.33
CA THR A 133 23.39 -21.97 15.58
C THR A 133 23.46 -22.31 17.06
N GLY B 1 11.21 -20.67 -1.89
CA GLY B 1 11.15 -19.23 -2.04
C GLY B 1 11.02 -18.52 -0.70
N SER B 2 10.53 -19.24 0.29
CA SER B 2 10.34 -18.70 1.63
C SER B 2 10.14 -19.82 2.63
N GLY B 3 10.24 -19.49 3.91
CA GLY B 3 9.96 -20.47 4.95
C GLY B 3 8.47 -20.61 5.18
N ASN B 4 7.71 -19.72 4.59
CA ASN B 4 6.25 -19.73 4.68
C ASN B 4 5.66 -19.92 3.28
N SER B 5 4.39 -20.28 3.21
CA SER B 5 3.70 -20.43 1.94
C SER B 5 3.44 -19.08 1.29
N GLN B 6 2.90 -19.10 0.09
CA GLN B 6 2.62 -17.90 -0.67
C GLN B 6 1.15 -17.53 -0.55
N PRO B 7 0.84 -16.23 -0.64
CA PRO B 7 -0.55 -15.74 -0.60
C PRO B 7 -1.39 -16.27 -1.77
N ILE B 8 -2.71 -16.08 -1.66
CA ILE B 8 -3.65 -16.64 -2.63
C ILE B 8 -3.74 -15.81 -3.92
N TRP B 9 -2.77 -14.93 -4.13
CA TRP B 9 -2.80 -14.03 -5.28
C TRP B 9 -2.28 -14.72 -6.54
N THR B 10 -2.78 -15.93 -6.78
CA THR B 10 -2.50 -16.63 -8.02
C THR B 10 -3.58 -16.31 -9.05
N ASN B 11 -4.73 -15.87 -8.54
CA ASN B 11 -5.84 -15.50 -9.39
C ASN B 11 -6.42 -14.17 -8.91
N PRO B 12 -6.64 -13.22 -9.83
CA PRO B 12 -7.07 -11.86 -9.49
C PRO B 12 -8.44 -11.82 -8.82
N ASN B 13 -9.41 -12.47 -9.44
CA ASN B 13 -10.79 -12.44 -8.95
C ASN B 13 -10.94 -13.29 -7.69
N ALA B 14 -10.09 -14.31 -7.55
CA ALA B 14 -10.11 -15.16 -6.38
C ALA B 14 -9.67 -14.37 -5.15
N ALA B 15 -8.59 -13.61 -5.30
CA ALA B 15 -8.10 -12.76 -4.23
C ALA B 15 -9.04 -11.58 -4.00
N MET B 16 -9.63 -11.11 -5.08
CA MET B 16 -10.63 -10.04 -5.05
C MET B 16 -11.79 -10.39 -4.11
N THR B 17 -12.10 -11.67 -4.01
CA THR B 17 -13.17 -12.13 -3.14
C THR B 17 -12.85 -11.81 -1.68
N MET B 18 -11.58 -11.89 -1.32
CA MET B 18 -11.15 -11.51 0.03
C MET B 18 -11.38 -10.02 0.25
N THR B 19 -11.01 -9.23 -0.75
CA THR B 19 -11.14 -7.78 -0.68
C THR B 19 -12.60 -7.37 -0.47
N ASN B 20 -13.49 -7.99 -1.22
CA ASN B 20 -14.92 -7.70 -1.13
C ASN B 20 -15.48 -8.16 0.21
N ASN B 21 -15.08 -9.36 0.64
CA ASN B 21 -15.54 -9.91 1.91
C ASN B 21 -15.05 -9.07 3.08
N LEU B 22 -13.89 -8.44 2.93
CA LEU B 22 -13.39 -7.54 3.95
C LEU B 22 -14.33 -6.36 4.14
N VAL B 23 -14.76 -5.77 3.04
CA VAL B 23 -15.70 -4.66 3.08
C VAL B 23 -17.02 -5.11 3.69
N GLN B 24 -17.46 -6.31 3.32
CA GLN B 24 -18.67 -6.89 3.89
C GLN B 24 -18.50 -7.12 5.38
N CYS B 25 -17.34 -7.62 5.77
CA CYS B 25 -17.05 -7.88 7.18
C CYS B 25 -16.97 -6.57 7.96
N ALA B 26 -16.43 -5.54 7.34
CA ALA B 26 -16.36 -4.23 7.96
C ALA B 26 -17.74 -3.59 8.05
N SER B 27 -18.55 -3.81 7.03
CA SER B 27 -19.90 -3.27 6.98
C SER B 27 -20.81 -3.99 7.97
N ARG B 28 -20.55 -5.27 8.19
CA ARG B 28 -21.37 -6.07 9.10
C ARG B 28 -20.94 -5.82 10.55
N SER B 29 -19.73 -5.31 10.74
CA SER B 29 -19.24 -5.01 12.09
C SER B 29 -19.62 -3.60 12.50
N GLY B 30 -19.38 -2.64 11.62
CA GLY B 30 -19.77 -1.27 11.88
C GLY B 30 -18.82 -0.56 12.84
N VAL B 31 -17.62 -1.08 12.96
CA VAL B 31 -16.61 -0.49 13.84
C VAL B 31 -15.83 0.59 13.10
N LEU B 32 -15.85 0.53 11.77
CA LEU B 32 -15.15 1.51 10.94
C LEU B 32 -16.04 2.72 10.70
N THR B 33 -15.42 3.87 10.48
CA THR B 33 -16.16 5.11 10.25
C THR B 33 -16.44 5.32 8.77
N ALA B 34 -17.15 6.41 8.45
CA ALA B 34 -17.47 6.78 7.07
C ALA B 34 -16.19 6.97 6.26
N ASP B 35 -15.14 7.42 6.93
CA ASP B 35 -13.82 7.52 6.31
C ASP B 35 -13.39 6.15 5.84
N GLN B 36 -13.21 5.27 6.81
CA GLN B 36 -12.63 3.97 6.60
C GLN B 36 -13.46 3.12 5.64
N MET B 37 -14.78 3.17 5.78
CA MET B 37 -15.66 2.34 4.96
C MET B 37 -15.59 2.73 3.49
N ASP B 38 -15.39 4.01 3.21
CA ASP B 38 -15.31 4.46 1.82
C ASP B 38 -13.93 4.14 1.25
N ASP B 39 -12.90 4.27 2.08
CA ASP B 39 -11.54 3.91 1.68
C ASP B 39 -11.44 2.41 1.43
N MET B 40 -12.09 1.63 2.30
CA MET B 40 -12.22 0.19 2.09
C MET B 40 -12.96 -0.09 0.79
N GLY B 41 -14.02 0.69 0.55
CA GLY B 41 -14.82 0.54 -0.64
C GLY B 41 -14.01 0.79 -1.89
N MET B 42 -13.27 1.90 -1.93
CA MET B 42 -12.47 2.25 -3.09
C MET B 42 -11.28 1.31 -3.23
N MET B 43 -10.90 0.66 -2.14
CA MET B 43 -9.86 -0.36 -2.18
C MET B 43 -10.31 -1.51 -3.07
N ALA B 44 -11.49 -2.05 -2.78
CA ALA B 44 -12.08 -3.09 -3.61
C ALA B 44 -12.30 -2.56 -5.01
N ASP B 45 -12.80 -1.35 -5.10
CA ASP B 45 -13.02 -0.67 -6.37
C ASP B 45 -11.74 -0.62 -7.20
N SER B 46 -10.63 -0.31 -6.55
CA SER B 46 -9.33 -0.26 -7.24
C SER B 46 -8.99 -1.62 -7.84
N VAL B 47 -9.13 -2.68 -7.05
CA VAL B 47 -8.82 -4.02 -7.52
C VAL B 47 -9.75 -4.42 -8.67
N ASN B 48 -11.04 -4.16 -8.48
CA ASN B 48 -12.05 -4.46 -9.49
C ASN B 48 -11.80 -3.68 -10.76
N SER B 49 -11.57 -2.37 -10.63
CA SER B 49 -11.41 -1.51 -11.79
C SER B 49 -10.15 -1.86 -12.56
N GLN B 50 -9.08 -2.22 -11.86
CA GLN B 50 -7.83 -2.60 -12.51
C GLN B 50 -8.02 -3.82 -13.40
N MET B 51 -8.93 -4.71 -13.02
CA MET B 51 -9.26 -5.88 -13.83
C MET B 51 -10.05 -5.47 -15.06
N GLN B 52 -10.78 -4.37 -14.95
CA GLN B 52 -11.56 -3.83 -16.06
C GLN B 52 -10.68 -2.92 -16.93
N LYS B 53 -9.66 -2.34 -16.32
CA LYS B 53 -8.66 -1.57 -17.04
C LYS B 53 -7.91 -2.48 -17.99
N MET B 54 -7.63 -3.69 -17.51
CA MET B 54 -6.94 -4.70 -18.30
C MET B 54 -7.95 -5.57 -19.02
N GLY B 55 -7.44 -6.51 -19.80
CA GLY B 55 -8.31 -7.45 -20.47
C GLY B 55 -8.02 -8.87 -20.03
N PRO B 56 -8.01 -9.84 -20.96
CA PRO B 56 -7.71 -11.23 -20.65
C PRO B 56 -6.22 -11.47 -20.42
N ASN B 57 -5.91 -12.41 -19.53
CA ASN B 57 -4.53 -12.78 -19.21
C ASN B 57 -3.79 -11.63 -18.54
N PRO B 58 -3.86 -11.54 -17.20
CA PRO B 58 -3.18 -10.51 -16.43
C PRO B 58 -1.74 -10.89 -16.08
N PRO B 59 -0.93 -9.87 -15.79
CA PRO B 59 0.48 -10.04 -15.42
C PRO B 59 0.64 -10.53 -13.98
N GLN B 60 1.55 -11.48 -13.78
CA GLN B 60 1.76 -12.09 -12.48
C GLN B 60 2.43 -11.12 -11.51
N HIS B 61 3.39 -10.34 -12.01
CA HIS B 61 4.10 -9.39 -11.17
C HIS B 61 3.13 -8.34 -10.61
N ARG B 62 2.06 -8.07 -11.34
CA ARG B 62 1.07 -7.10 -10.90
C ARG B 62 0.29 -7.64 -9.72
N LEU B 63 0.00 -8.94 -9.74
CA LEU B 63 -0.66 -9.59 -8.62
C LEU B 63 0.23 -9.52 -7.39
N ARG B 64 1.53 -9.67 -7.61
CA ARG B 64 2.52 -9.56 -6.55
C ARG B 64 2.49 -8.16 -5.93
N ALA B 65 2.30 -7.14 -6.76
CA ALA B 65 2.22 -5.77 -6.28
C ALA B 65 0.88 -5.50 -5.59
N MET B 66 -0.20 -5.93 -6.23
CA MET B 66 -1.55 -5.72 -5.71
C MET B 66 -1.73 -6.36 -4.33
N ASN B 67 -1.02 -7.47 -4.12
CA ASN B 67 -1.00 -8.14 -2.82
C ASN B 67 -0.68 -7.15 -1.71
N THR B 68 0.43 -6.45 -1.86
CA THR B 68 0.88 -5.52 -0.86
C THR B 68 0.04 -4.25 -0.86
N ALA B 69 -0.47 -3.89 -2.04
CA ALA B 69 -1.33 -2.72 -2.17
C ALA B 69 -2.58 -2.88 -1.30
N MET B 70 -3.30 -3.97 -1.54
CA MET B 70 -4.51 -4.28 -0.78
C MET B 70 -4.21 -4.40 0.71
N ALA B 71 -3.10 -5.07 1.03
CA ALA B 71 -2.71 -5.27 2.42
C ALA B 71 -2.46 -3.95 3.12
N ALA B 72 -1.73 -3.05 2.47
CA ALA B 72 -1.40 -1.77 3.04
C ALA B 72 -2.62 -0.87 3.13
N GLU B 73 -3.52 -0.98 2.16
CA GLU B 73 -4.74 -0.20 2.15
C GLU B 73 -5.59 -0.51 3.38
N VAL B 74 -5.85 -1.79 3.62
CA VAL B 74 -6.59 -2.21 4.82
C VAL B 74 -5.91 -1.67 6.07
N ALA B 75 -4.59 -1.80 6.12
CA ALA B 75 -3.81 -1.36 7.26
C ALA B 75 -3.96 0.15 7.49
N GLU B 76 -3.81 0.94 6.44
CA GLU B 76 -3.91 2.38 6.58
C GLU B 76 -5.36 2.79 6.88
N VAL B 77 -6.31 1.99 6.41
CA VAL B 77 -7.71 2.20 6.75
C VAL B 77 -7.90 2.05 8.26
N VAL B 78 -7.32 1.00 8.83
CA VAL B 78 -7.39 0.79 10.28
C VAL B 78 -6.69 1.92 11.01
N ALA B 79 -5.56 2.38 10.47
CA ALA B 79 -4.80 3.46 11.07
C ALA B 79 -5.49 4.81 10.91
N THR B 80 -6.60 4.83 10.20
CA THR B 80 -7.37 6.05 9.98
C THR B 80 -8.25 6.36 11.20
N SER B 81 -8.66 5.31 11.92
CA SER B 81 -9.54 5.50 13.07
C SER B 81 -8.76 6.06 14.26
N PRO B 82 -9.44 6.85 15.11
CA PRO B 82 -8.83 7.45 16.31
C PRO B 82 -8.31 6.38 17.27
N PRO B 83 -7.42 6.76 18.20
CA PRO B 83 -6.71 5.81 19.08
C PRO B 83 -7.66 4.85 19.80
N GLN B 84 -8.78 5.38 20.28
CA GLN B 84 -9.72 4.59 21.07
C GLN B 84 -10.45 3.56 20.20
N SER B 85 -10.42 3.76 18.89
CA SER B 85 -11.11 2.88 17.97
C SER B 85 -10.12 2.08 17.12
N TYR B 86 -8.86 2.46 17.22
CA TYR B 86 -7.78 1.84 16.45
C TYR B 86 -7.72 0.33 16.68
N SER B 87 -7.57 -0.08 17.93
CA SER B 87 -7.47 -1.49 18.27
C SER B 87 -8.76 -2.22 17.94
N ALA B 88 -9.89 -1.54 18.14
CA ALA B 88 -11.19 -2.12 17.85
C ALA B 88 -11.32 -2.45 16.37
N VAL B 89 -10.96 -1.51 15.51
CA VAL B 89 -11.01 -1.73 14.07
C VAL B 89 -9.97 -2.77 13.67
N LEU B 90 -8.78 -2.66 14.26
CA LEU B 90 -7.68 -3.59 13.99
C LEU B 90 -8.10 -5.02 14.31
N ASN B 91 -8.63 -5.21 15.51
CA ASN B 91 -9.10 -6.51 15.96
C ASN B 91 -10.14 -7.08 15.00
N THR B 92 -11.01 -6.20 14.52
CA THR B 92 -12.06 -6.59 13.61
C THR B 92 -11.48 -7.03 12.27
N ILE B 93 -10.67 -6.17 11.67
CA ILE B 93 -10.03 -6.48 10.39
C ILE B 93 -9.18 -7.75 10.49
N GLY B 94 -8.43 -7.87 11.58
CA GLY B 94 -7.59 -9.04 11.78
C GLY B 94 -8.37 -10.33 11.72
N ALA B 95 -9.58 -10.32 12.27
CA ALA B 95 -10.45 -11.49 12.22
C ALA B 95 -11.10 -11.60 10.84
N CYS B 96 -11.44 -10.45 10.26
CA CYS B 96 -12.07 -10.41 8.95
C CYS B 96 -11.16 -11.02 7.87
N LEU B 97 -9.86 -10.78 7.97
CA LEU B 97 -8.90 -11.35 7.02
C LEU B 97 -8.94 -12.87 7.06
N ARG B 98 -8.98 -13.42 8.28
CA ARG B 98 -9.04 -14.85 8.48
C ARG B 98 -10.30 -15.44 7.83
N GLU B 99 -11.43 -14.79 8.08
CA GLU B 99 -12.72 -15.25 7.53
C GLU B 99 -12.74 -15.13 6.01
N SER B 100 -12.38 -13.96 5.51
CA SER B 100 -12.41 -13.68 4.09
C SER B 100 -11.61 -14.69 3.29
N MET B 101 -10.45 -15.07 3.82
CA MET B 101 -9.61 -16.08 3.17
C MET B 101 -10.35 -17.40 3.07
N MET B 102 -10.99 -17.80 4.17
CA MET B 102 -11.72 -19.05 4.22
C MET B 102 -12.92 -19.03 3.28
N GLN B 103 -13.53 -17.87 3.11
CA GLN B 103 -14.69 -17.72 2.25
C GLN B 103 -14.26 -17.59 0.79
N ALA B 104 -13.03 -17.16 0.56
CA ALA B 104 -12.51 -16.99 -0.78
C ALA B 104 -11.93 -18.28 -1.32
N THR B 105 -10.87 -18.76 -0.70
CA THR B 105 -10.16 -19.94 -1.16
C THR B 105 -10.62 -21.19 -0.41
N GLY B 106 -10.98 -21.00 0.85
CA GLY B 106 -11.32 -22.12 1.70
C GLY B 106 -10.21 -22.42 2.69
N SER B 107 -9.21 -21.54 2.71
CA SER B 107 -8.07 -21.70 3.59
C SER B 107 -7.64 -20.34 4.11
N VAL B 108 -7.07 -20.29 5.30
CA VAL B 108 -6.64 -19.03 5.89
C VAL B 108 -5.15 -18.83 5.67
N ASP B 109 -4.80 -17.87 4.82
CA ASP B 109 -3.40 -17.53 4.60
C ASP B 109 -2.91 -16.65 5.75
N ASN B 110 -1.74 -16.98 6.27
CA ASN B 110 -1.18 -16.28 7.40
C ASN B 110 -0.27 -15.15 6.91
N ALA B 111 0.38 -15.36 5.78
CA ALA B 111 1.32 -14.38 5.23
C ALA B 111 0.65 -13.02 5.05
N PHE B 112 -0.48 -13.00 4.36
CA PHE B 112 -1.20 -11.77 4.09
C PHE B 112 -1.77 -11.19 5.38
N THR B 113 -2.45 -12.03 6.15
CA THR B 113 -3.07 -11.63 7.40
C THR B 113 -2.04 -11.05 8.38
N ASN B 114 -0.83 -11.61 8.38
CA ASN B 114 0.23 -11.13 9.27
C ASN B 114 0.78 -9.80 8.77
N GLU B 115 0.97 -9.69 7.46
CA GLU B 115 1.57 -8.51 6.86
C GLU B 115 0.75 -7.26 7.17
N VAL B 116 -0.56 -7.37 7.05
CA VAL B 116 -1.46 -6.25 7.32
C VAL B 116 -1.33 -5.81 8.78
N MET B 117 -1.12 -6.77 9.66
CA MET B 117 -1.00 -6.48 11.09
C MET B 117 0.28 -5.72 11.39
N GLN B 118 1.30 -5.94 10.57
CA GLN B 118 2.56 -5.23 10.72
C GLN B 118 2.47 -3.84 10.12
N LEU B 119 1.88 -3.77 8.93
CA LEU B 119 1.72 -2.51 8.21
C LEU B 119 0.99 -1.48 9.07
N VAL B 120 -0.12 -1.90 9.65
CA VAL B 120 -0.98 -0.98 10.39
C VAL B 120 -0.30 -0.44 11.65
N LYS B 121 0.41 -1.31 12.36
CA LYS B 121 1.07 -0.91 13.59
C LYS B 121 2.21 0.06 13.31
N MET B 122 2.89 -0.15 12.18
CA MET B 122 4.00 0.71 11.79
C MET B 122 3.49 2.10 11.41
N LEU B 123 2.34 2.14 10.74
CA LEU B 123 1.74 3.40 10.34
C LEU B 123 1.20 4.15 11.56
N SER B 124 0.90 3.40 12.60
CA SER B 124 0.35 3.96 13.81
C SER B 124 1.41 4.06 14.90
N ALA B 125 2.67 3.85 14.53
CA ALA B 125 3.75 3.85 15.50
C ALA B 125 4.23 5.26 15.79
N ASP B 126 3.55 5.89 16.73
CA ASP B 126 3.92 7.24 17.15
C ASP B 126 5.10 7.18 18.10
N SER B 127 6.27 7.51 17.58
CA SER B 127 7.48 7.53 18.39
C SER B 127 7.90 8.96 18.63
N ALA B 128 6.96 9.88 18.46
CA ALA B 128 7.21 11.28 18.70
C ALA B 128 6.84 11.65 20.13
N ASN B 129 6.27 10.69 20.83
CA ASN B 129 5.93 10.88 22.22
C ASN B 129 7.15 10.61 23.09
N GLU B 130 7.91 11.65 23.33
CA GLU B 130 9.10 11.57 24.14
C GLU B 130 8.76 11.25 25.58
N VAL B 131 9.21 10.09 26.03
CA VAL B 131 9.03 9.70 27.41
C VAL B 131 10.08 10.39 28.28
N SER B 132 11.06 10.98 27.61
CA SER B 132 12.10 11.77 28.26
C SER B 132 11.47 12.95 29.00
N THR B 133 11.49 12.89 30.32
CA THR B 133 10.89 13.93 31.14
C THR B 133 11.85 14.34 32.25
N GLY A 1 -3.91 15.45 16.49
CA GLY A 1 -4.37 16.84 16.25
C GLY A 1 -4.28 17.23 14.80
N SER A 2 -5.21 18.06 14.34
CA SER A 2 -5.25 18.50 12.97
C SER A 2 -4.08 19.44 12.68
N GLY A 3 -3.13 18.96 11.89
CA GLY A 3 -1.97 19.77 11.56
C GLY A 3 -0.73 19.30 12.29
N ASN A 4 -0.65 18.01 12.55
CA ASN A 4 0.53 17.42 13.18
C ASN A 4 1.54 17.00 12.12
N SER A 5 1.05 16.76 10.91
CA SER A 5 1.89 16.43 9.78
C SER A 5 1.24 16.96 8.51
N GLN A 6 2.04 17.21 7.49
CA GLN A 6 1.52 17.77 6.24
C GLN A 6 1.98 16.97 5.03
N PRO A 7 1.05 16.25 4.39
CA PRO A 7 1.30 15.54 3.16
C PRO A 7 1.11 16.45 1.95
N ILE A 8 1.79 16.16 0.85
CA ILE A 8 1.69 16.99 -0.35
C ILE A 8 0.41 16.69 -1.13
N TRP A 9 -0.47 15.89 -0.53
CA TRP A 9 -1.71 15.50 -1.18
C TRP A 9 -2.80 16.58 -1.04
N THR A 10 -2.36 17.83 -0.87
CA THR A 10 -3.29 18.94 -0.90
C THR A 10 -3.69 19.22 -2.36
N ASN A 11 -2.85 18.75 -3.27
CA ASN A 11 -3.17 18.75 -4.69
C ASN A 11 -2.78 17.40 -5.27
N PRO A 12 -3.77 16.63 -5.72
CA PRO A 12 -3.56 15.25 -6.19
C PRO A 12 -2.70 15.19 -7.45
N ASN A 13 -2.76 16.24 -8.26
CA ASN A 13 -1.93 16.33 -9.46
C ASN A 13 -0.47 16.56 -9.08
N ALA A 14 -0.26 17.38 -8.06
CA ALA A 14 1.09 17.66 -7.56
C ALA A 14 1.68 16.41 -6.93
N ALA A 15 0.85 15.70 -6.19
CA ALA A 15 1.26 14.43 -5.59
C ALA A 15 1.56 13.40 -6.69
N MET A 16 0.71 13.40 -7.70
CA MET A 16 0.87 12.51 -8.85
C MET A 16 2.16 12.85 -9.59
N THR A 17 2.57 14.11 -9.52
CA THR A 17 3.83 14.54 -10.12
C THR A 17 4.99 13.82 -9.46
N MET A 18 4.92 13.67 -8.14
CA MET A 18 5.94 12.96 -7.38
C MET A 18 5.98 11.50 -7.82
N THR A 19 4.80 10.92 -8.01
CA THR A 19 4.68 9.55 -8.46
C THR A 19 5.34 9.34 -9.82
N ASN A 20 5.09 10.28 -10.74
CA ASN A 20 5.66 10.19 -12.09
C ASN A 20 7.14 10.49 -12.08
N ASN A 21 7.56 11.44 -11.23
CA ASN A 21 8.97 11.78 -11.11
C ASN A 21 9.78 10.59 -10.62
N LEU A 22 9.19 9.79 -9.73
CA LEU A 22 9.83 8.58 -9.25
C LEU A 22 10.13 7.62 -10.40
N VAL A 23 9.15 7.46 -11.28
CA VAL A 23 9.32 6.58 -12.43
C VAL A 23 10.42 7.10 -13.35
N GLN A 24 10.45 8.41 -13.56
CA GLN A 24 11.49 9.02 -14.37
C GLN A 24 12.86 8.90 -13.70
N CYS A 25 12.87 9.00 -12.37
CA CYS A 25 14.12 8.86 -11.61
C CYS A 25 14.62 7.41 -11.67
N ALA A 26 13.68 6.48 -11.63
CA ALA A 26 14.02 5.07 -11.78
C ALA A 26 14.45 4.76 -13.20
N SER A 27 13.86 5.45 -14.15
CA SER A 27 14.16 5.25 -15.56
C SER A 27 15.55 5.81 -15.90
N ARG A 28 15.91 6.93 -15.28
CA ARG A 28 17.23 7.52 -15.52
C ARG A 28 18.32 6.71 -14.80
N SER A 29 17.97 6.05 -13.71
CA SER A 29 18.92 5.25 -12.96
C SER A 29 19.09 3.88 -13.62
N GLY A 30 17.97 3.18 -13.79
CA GLY A 30 18.01 1.88 -14.44
C GLY A 30 18.53 0.78 -13.52
N VAL A 31 18.33 0.95 -12.23
CA VAL A 31 18.75 -0.05 -11.24
C VAL A 31 17.71 -1.16 -11.16
N LEU A 32 16.49 -0.82 -11.56
CA LEU A 32 15.36 -1.73 -11.46
C LEU A 32 15.16 -2.48 -12.76
N THR A 33 14.48 -3.62 -12.69
CA THR A 33 14.19 -4.42 -13.87
C THR A 33 12.94 -3.87 -14.58
N ALA A 34 12.65 -4.42 -15.76
CA ALA A 34 11.51 -3.97 -16.55
C ALA A 34 10.20 -4.16 -15.79
N ASP A 35 10.05 -5.31 -15.14
CA ASP A 35 8.83 -5.62 -14.39
C ASP A 35 8.66 -4.64 -13.25
N GLN A 36 9.76 -4.26 -12.62
CA GLN A 36 9.74 -3.28 -11.55
C GLN A 36 9.39 -1.89 -12.07
N MET A 37 9.93 -1.54 -13.22
CA MET A 37 9.65 -0.26 -13.86
C MET A 37 8.19 -0.19 -14.30
N ASP A 38 7.69 -1.31 -14.83
CA ASP A 38 6.30 -1.39 -15.26
C ASP A 38 5.37 -1.36 -14.05
N ASP A 39 5.87 -1.88 -12.93
CA ASP A 39 5.14 -1.88 -11.67
C ASP A 39 4.94 -0.44 -11.20
N MET A 40 6.02 0.33 -11.24
CA MET A 40 5.96 1.76 -10.89
C MET A 40 5.14 2.52 -11.92
N GLY A 41 5.19 2.07 -13.17
CA GLY A 41 4.41 2.69 -14.22
C GLY A 41 2.92 2.57 -13.96
N MET A 42 2.47 1.37 -13.60
CA MET A 42 1.06 1.16 -13.32
C MET A 42 0.70 1.74 -11.95
N MET A 43 1.72 2.04 -11.14
CA MET A 43 1.51 2.76 -9.90
C MET A 43 0.94 4.15 -10.20
N ALA A 44 1.60 4.87 -11.09
CA ALA A 44 1.12 6.16 -11.54
C ALA A 44 -0.24 6.00 -12.22
N ASP A 45 -0.38 4.91 -12.96
CA ASP A 45 -1.63 4.60 -13.66
C ASP A 45 -2.80 4.42 -12.70
N SER A 46 -2.60 3.64 -11.64
CA SER A 46 -3.67 3.37 -10.69
C SER A 46 -4.09 4.64 -9.94
N VAL A 47 -3.14 5.55 -9.72
CA VAL A 47 -3.48 6.84 -9.13
C VAL A 47 -4.26 7.69 -10.12
N ASN A 48 -3.83 7.66 -11.38
CA ASN A 48 -4.38 8.51 -12.43
C ASN A 48 -5.78 8.04 -12.84
N SER A 49 -5.96 6.73 -12.98
CA SER A 49 -7.22 6.17 -13.45
C SER A 49 -8.38 6.49 -12.52
N GLN A 50 -8.12 6.48 -11.21
CA GLN A 50 -9.17 6.81 -10.25
C GLN A 50 -9.54 8.29 -10.34
N MET A 51 -8.58 9.11 -10.76
CA MET A 51 -8.83 10.53 -10.96
C MET A 51 -9.78 10.72 -12.14
N GLN A 52 -9.68 9.81 -13.09
CA GLN A 52 -10.54 9.81 -14.26
C GLN A 52 -11.92 9.27 -13.90
N LYS A 53 -11.96 8.46 -12.85
CA LYS A 53 -13.24 7.95 -12.33
C LYS A 53 -13.94 9.01 -11.49
N MET A 54 -13.19 10.03 -11.07
CA MET A 54 -13.72 11.09 -10.23
C MET A 54 -13.72 12.41 -10.98
N GLY A 55 -13.88 13.51 -10.26
CA GLY A 55 -13.91 14.83 -10.88
C GLY A 55 -13.13 15.86 -10.09
N PRO A 56 -13.50 17.14 -10.20
CA PRO A 56 -12.81 18.24 -9.52
C PRO A 56 -12.91 18.12 -7.99
N ASN A 57 -11.76 18.23 -7.34
CA ASN A 57 -11.64 18.07 -5.89
C ASN A 57 -12.22 16.74 -5.43
N PRO A 58 -11.44 15.67 -5.57
CA PRO A 58 -11.83 14.34 -5.09
C PRO A 58 -11.87 14.29 -3.57
N PRO A 59 -12.56 13.28 -3.01
CA PRO A 59 -12.63 13.08 -1.57
C PRO A 59 -11.24 12.94 -0.95
N GLN A 60 -10.90 13.85 -0.05
CA GLN A 60 -9.56 13.92 0.53
C GLN A 60 -9.19 12.62 1.25
N HIS A 61 -10.19 11.92 1.77
CA HIS A 61 -9.93 10.64 2.44
C HIS A 61 -9.47 9.58 1.43
N ARG A 62 -9.87 9.73 0.18
CA ARG A 62 -9.38 8.85 -0.87
C ARG A 62 -7.90 9.11 -1.07
N LEU A 63 -7.52 10.38 -0.91
CA LEU A 63 -6.13 10.79 -1.06
C LEU A 63 -5.27 10.26 0.08
N ARG A 64 -5.83 10.23 1.30
CA ARG A 64 -5.08 9.72 2.46
C ARG A 64 -4.74 8.25 2.27
N ALA A 65 -5.69 7.49 1.71
CA ALA A 65 -5.48 6.08 1.45
C ALA A 65 -4.42 5.89 0.35
N MET A 66 -4.46 6.76 -0.65
CA MET A 66 -3.54 6.68 -1.77
C MET A 66 -2.12 7.01 -1.35
N ASN A 67 -1.98 7.85 -0.33
CA ASN A 67 -0.67 8.19 0.21
C ASN A 67 0.04 6.93 0.68
N THR A 68 -0.68 6.12 1.45
CA THR A 68 -0.15 4.87 1.96
C THR A 68 -0.01 3.85 0.83
N ALA A 69 -0.96 3.87 -0.10
CA ALA A 69 -0.93 2.97 -1.26
C ALA A 69 0.30 3.22 -2.12
N MET A 70 0.47 4.46 -2.56
CA MET A 70 1.61 4.85 -3.39
C MET A 70 2.93 4.49 -2.72
N ALA A 71 3.03 4.80 -1.43
CA ALA A 71 4.23 4.51 -0.66
C ALA A 71 4.51 3.01 -0.63
N ALA A 72 3.47 2.22 -0.44
CA ALA A 72 3.60 0.78 -0.37
C ALA A 72 3.90 0.18 -1.74
N GLU A 73 3.37 0.81 -2.79
CA GLU A 73 3.63 0.35 -4.16
C GLU A 73 5.12 0.45 -4.47
N VAL A 74 5.72 1.61 -4.16
CA VAL A 74 7.16 1.78 -4.35
C VAL A 74 7.94 0.76 -3.54
N ALA A 75 7.53 0.59 -2.28
CA ALA A 75 8.18 -0.38 -1.39
C ALA A 75 8.08 -1.78 -1.96
N GLU A 76 6.92 -2.10 -2.52
CA GLU A 76 6.66 -3.39 -3.16
C GLU A 76 7.66 -3.59 -4.29
N VAL A 77 7.80 -2.58 -5.14
CA VAL A 77 8.72 -2.62 -6.27
C VAL A 77 10.15 -2.89 -5.81
N VAL A 78 10.59 -2.16 -4.79
CA VAL A 78 11.97 -2.27 -4.31
C VAL A 78 12.21 -3.60 -3.59
N ALA A 79 11.23 -4.08 -2.86
CA ALA A 79 11.40 -5.27 -2.03
C ALA A 79 11.54 -6.55 -2.87
N THR A 80 11.17 -6.49 -4.14
CA THR A 80 11.25 -7.66 -5.02
C THR A 80 12.66 -7.81 -5.58
N SER A 81 13.51 -6.83 -5.33
CA SER A 81 14.88 -6.85 -5.84
C SER A 81 15.69 -7.95 -5.16
N PRO A 82 16.73 -8.46 -5.85
CA PRO A 82 17.63 -9.49 -5.30
C PRO A 82 18.28 -9.01 -4.00
N PRO A 83 18.82 -9.92 -3.18
CA PRO A 83 19.31 -9.58 -1.84
C PRO A 83 20.43 -8.55 -1.89
N GLN A 84 21.23 -8.67 -2.92
CA GLN A 84 22.41 -7.81 -3.08
C GLN A 84 22.08 -6.53 -3.85
N SER A 85 21.04 -6.59 -4.67
CA SER A 85 20.64 -5.45 -5.48
C SER A 85 19.59 -4.64 -4.74
N TYR A 86 18.98 -5.25 -3.73
CA TYR A 86 17.96 -4.61 -2.91
C TYR A 86 18.46 -3.29 -2.33
N SER A 87 19.67 -3.31 -1.79
CA SER A 87 20.26 -2.11 -1.20
C SER A 87 20.47 -1.03 -2.26
N ALA A 88 20.85 -1.45 -3.46
CA ALA A 88 21.10 -0.51 -4.56
C ALA A 88 19.81 0.15 -4.99
N VAL A 89 18.78 -0.65 -5.24
CA VAL A 89 17.47 -0.15 -5.64
C VAL A 89 16.89 0.73 -4.54
N LEU A 90 17.02 0.28 -3.30
CA LEU A 90 16.51 1.01 -2.14
C LEU A 90 17.16 2.38 -2.04
N ASN A 91 18.49 2.41 -2.12
CA ASN A 91 19.25 3.66 -2.06
C ASN A 91 18.83 4.60 -3.18
N THR A 92 18.56 4.02 -4.34
CA THR A 92 18.14 4.80 -5.50
C THR A 92 16.79 5.46 -5.25
N ILE A 93 15.79 4.66 -4.91
CA ILE A 93 14.46 5.16 -4.65
C ILE A 93 14.47 6.16 -3.48
N GLY A 94 15.21 5.84 -2.43
CA GLY A 94 15.31 6.73 -1.28
C GLY A 94 15.77 8.12 -1.67
N ALA A 95 16.74 8.19 -2.57
CA ALA A 95 17.23 9.47 -3.07
C ALA A 95 16.21 10.11 -4.00
N CYS A 96 15.56 9.28 -4.82
CA CYS A 96 14.56 9.75 -5.77
C CYS A 96 13.42 10.46 -5.07
N LEU A 97 12.92 9.89 -3.97
CA LEU A 97 11.78 10.46 -3.25
C LEU A 97 12.05 11.91 -2.85
N ARG A 98 13.27 12.17 -2.40
CA ARG A 98 13.67 13.53 -2.01
C ARG A 98 13.60 14.47 -3.21
N GLU A 99 14.26 14.09 -4.28
CA GLU A 99 14.34 14.93 -5.48
C GLU A 99 12.97 15.09 -6.13
N SER A 100 12.26 13.98 -6.26
CA SER A 100 10.94 13.98 -6.88
C SER A 100 9.97 14.90 -6.16
N MET A 101 10.07 14.96 -4.83
CA MET A 101 9.22 15.86 -4.05
C MET A 101 9.53 17.31 -4.41
N MET A 102 10.81 17.63 -4.48
CA MET A 102 11.24 18.99 -4.76
C MET A 102 10.88 19.41 -6.18
N GLN A 103 10.88 18.45 -7.09
CA GLN A 103 10.50 18.71 -8.47
C GLN A 103 8.98 18.69 -8.63
N ALA A 104 8.28 18.18 -7.63
CA ALA A 104 6.83 18.11 -7.66
C ALA A 104 6.21 19.35 -7.04
N THR A 105 6.42 19.53 -5.75
CA THR A 105 5.80 20.63 -5.03
C THR A 105 6.72 21.84 -4.94
N GLY A 106 8.02 21.59 -5.10
CA GLY A 106 8.99 22.64 -4.94
C GLY A 106 9.69 22.54 -3.61
N SER A 107 9.30 21.56 -2.81
CA SER A 107 9.89 21.31 -1.51
C SER A 107 9.90 19.81 -1.24
N VAL A 108 10.78 19.34 -0.36
CA VAL A 108 10.83 17.92 -0.08
C VAL A 108 10.25 17.60 1.30
N ASP A 109 9.29 16.70 1.32
CA ASP A 109 8.74 16.18 2.56
C ASP A 109 9.56 14.98 3.02
N ASN A 110 9.68 14.83 4.32
CA ASN A 110 10.48 13.75 4.88
C ASN A 110 9.58 12.65 5.43
N ALA A 111 8.30 12.97 5.61
CA ALA A 111 7.35 12.01 6.16
C ALA A 111 7.10 10.86 5.18
N PHE A 112 6.77 11.22 3.95
CA PHE A 112 6.51 10.23 2.92
C PHE A 112 7.79 9.47 2.59
N THR A 113 8.87 10.21 2.37
CA THR A 113 10.17 9.64 2.08
C THR A 113 10.59 8.64 3.16
N ASN A 114 10.40 9.00 4.43
CA ASN A 114 10.77 8.12 5.53
C ASN A 114 9.85 6.91 5.59
N GLU A 115 8.56 7.14 5.39
CA GLU A 115 7.57 6.08 5.51
C GLU A 115 7.85 4.95 4.53
N VAL A 116 8.18 5.30 3.28
CA VAL A 116 8.47 4.29 2.26
C VAL A 116 9.69 3.46 2.67
N MET A 117 10.67 4.12 3.28
CA MET A 117 11.89 3.45 3.70
C MET A 117 11.58 2.40 4.77
N GLN A 118 10.59 2.67 5.60
CA GLN A 118 10.19 1.72 6.63
C GLN A 118 9.41 0.57 5.99
N LEU A 119 8.49 0.93 5.11
CA LEU A 119 7.63 -0.04 4.43
C LEU A 119 8.46 -1.09 3.70
N VAL A 120 9.39 -0.63 2.87
CA VAL A 120 10.15 -1.52 2.01
C VAL A 120 11.00 -2.50 2.82
N LYS A 121 11.52 -2.05 3.94
CA LYS A 121 12.34 -2.90 4.79
C LYS A 121 11.47 -3.90 5.55
N MET A 122 10.29 -3.44 5.97
CA MET A 122 9.38 -4.27 6.73
C MET A 122 8.80 -5.41 5.88
N LEU A 123 8.56 -5.12 4.60
CA LEU A 123 7.99 -6.10 3.69
C LEU A 123 8.91 -7.30 3.52
N SER A 124 10.19 -7.11 3.80
CA SER A 124 11.17 -8.17 3.66
C SER A 124 11.77 -8.50 5.03
N ALA A 125 11.07 -8.12 6.10
CA ALA A 125 11.57 -8.30 7.45
C ALA A 125 10.89 -9.45 8.16
N ASP A 126 10.46 -10.43 7.41
CA ASP A 126 9.88 -11.63 7.99
C ASP A 126 10.98 -12.55 8.48
N SER A 127 10.91 -12.93 9.74
CA SER A 127 11.93 -13.81 10.32
C SER A 127 11.78 -15.24 9.80
N ALA A 128 12.30 -15.47 8.61
CA ALA A 128 12.27 -16.78 7.98
C ALA A 128 13.61 -17.47 8.13
N ASN A 129 14.30 -17.16 9.24
CA ASN A 129 15.60 -17.77 9.51
C ASN A 129 15.43 -19.23 9.90
N GLU A 130 15.67 -20.10 8.93
CA GLU A 130 15.50 -21.53 9.13
C GLU A 130 16.67 -22.11 9.92
N VAL A 131 16.39 -22.50 11.16
CA VAL A 131 17.40 -23.07 12.03
C VAL A 131 17.29 -24.59 12.06
N SER A 132 16.12 -25.08 11.65
CA SER A 132 15.89 -26.51 11.56
C SER A 132 16.41 -27.04 10.23
N THR A 133 17.57 -27.66 10.27
CA THR A 133 18.20 -28.18 9.06
C THR A 133 18.04 -29.69 8.96
N GLY B 1 9.52 -20.32 -8.34
CA GLY B 1 8.60 -21.22 -9.02
C GLY B 1 8.92 -22.68 -8.74
N SER B 2 9.67 -22.91 -7.68
CA SER B 2 10.07 -24.25 -7.29
C SER B 2 10.38 -24.30 -5.80
N GLY B 3 9.47 -24.90 -5.02
CA GLY B 3 9.67 -25.00 -3.59
C GLY B 3 9.38 -23.70 -2.88
N ASN B 4 8.65 -22.82 -3.56
CA ASN B 4 8.36 -21.51 -3.01
C ASN B 4 6.99 -21.50 -2.35
N SER B 5 6.90 -20.84 -1.20
CA SER B 5 5.63 -20.69 -0.50
C SER B 5 4.64 -19.94 -1.37
N GLN B 6 3.45 -20.49 -1.54
CA GLN B 6 2.48 -19.92 -2.44
C GLN B 6 1.46 -19.07 -1.69
N PRO B 7 1.26 -17.83 -2.14
CA PRO B 7 0.20 -16.97 -1.65
C PRO B 7 -1.08 -17.18 -2.46
N ILE B 8 -2.21 -16.74 -1.93
CA ILE B 8 -3.48 -16.88 -2.63
C ILE B 8 -3.58 -15.88 -3.79
N TRP B 9 -2.68 -14.89 -3.79
CA TRP B 9 -2.66 -13.88 -4.82
C TRP B 9 -2.16 -14.44 -6.15
N THR B 10 -3.07 -15.06 -6.87
CA THR B 10 -2.83 -15.57 -8.20
C THR B 10 -4.13 -15.53 -8.98
N ASN B 11 -5.22 -15.77 -8.26
CA ASN B 11 -6.55 -15.63 -8.82
C ASN B 11 -7.09 -14.24 -8.47
N PRO B 12 -7.21 -13.35 -9.46
CA PRO B 12 -7.50 -11.94 -9.23
C PRO B 12 -8.85 -11.70 -8.56
N ASN B 13 -9.87 -12.39 -9.04
CA ASN B 13 -11.22 -12.17 -8.52
C ASN B 13 -11.42 -12.92 -7.22
N ALA B 14 -10.66 -13.99 -7.02
CA ALA B 14 -10.68 -14.71 -5.75
C ALA B 14 -10.07 -13.83 -4.66
N ALA B 15 -8.98 -13.15 -4.99
CA ALA B 15 -8.35 -12.21 -4.08
C ALA B 15 -9.28 -11.02 -3.82
N MET B 16 -9.98 -10.60 -4.86
CA MET B 16 -10.95 -9.50 -4.75
C MET B 16 -12.10 -9.90 -3.82
N THR B 17 -12.39 -11.20 -3.76
CA THR B 17 -13.41 -11.70 -2.86
C THR B 17 -13.00 -11.43 -1.41
N MET B 18 -11.71 -11.55 -1.14
CA MET B 18 -11.16 -11.27 0.18
C MET B 18 -11.35 -9.78 0.51
N THR B 19 -11.03 -8.93 -0.46
CA THR B 19 -11.21 -7.50 -0.33
C THR B 19 -12.67 -7.15 -0.07
N ASN B 20 -13.56 -7.82 -0.80
CA ASN B 20 -14.99 -7.63 -0.67
C ASN B 20 -15.47 -8.08 0.71
N ASN B 21 -15.08 -9.30 1.09
CA ASN B 21 -15.49 -9.87 2.37
C ASN B 21 -15.02 -9.01 3.54
N LEU B 22 -13.85 -8.38 3.39
CA LEU B 22 -13.34 -7.46 4.40
C LEU B 22 -14.32 -6.32 4.61
N VAL B 23 -14.73 -5.68 3.52
CA VAL B 23 -15.66 -4.57 3.58
C VAL B 23 -16.99 -5.03 4.17
N GLN B 24 -17.47 -6.18 3.73
CA GLN B 24 -18.71 -6.74 4.27
C GLN B 24 -18.58 -6.98 5.76
N CYS B 25 -17.49 -7.64 6.16
CA CYS B 25 -17.26 -7.97 7.57
C CYS B 25 -17.13 -6.70 8.41
N ALA B 26 -16.40 -5.71 7.90
CA ALA B 26 -16.19 -4.45 8.60
C ALA B 26 -17.49 -3.65 8.71
N SER B 27 -18.27 -3.70 7.64
CA SER B 27 -19.52 -2.95 7.60
C SER B 27 -20.54 -3.56 8.55
N ARG B 28 -20.60 -4.88 8.61
CA ARG B 28 -21.58 -5.55 9.46
C ARG B 28 -21.11 -5.64 10.91
N SER B 29 -19.81 -5.46 11.13
CA SER B 29 -19.30 -5.34 12.50
C SER B 29 -19.57 -3.93 13.01
N GLY B 30 -19.38 -2.95 12.12
CA GLY B 30 -19.72 -1.58 12.43
C GLY B 30 -18.77 -0.96 13.44
N VAL B 31 -17.54 -1.45 13.46
CA VAL B 31 -16.53 -0.88 14.35
C VAL B 31 -15.88 0.32 13.68
N LEU B 32 -15.98 0.37 12.37
CA LEU B 32 -15.38 1.43 11.58
C LEU B 32 -16.44 2.44 11.18
N THR B 33 -16.01 3.67 10.96
CA THR B 33 -16.91 4.73 10.54
C THR B 33 -17.10 4.70 9.03
N ALA B 34 -18.04 5.48 8.52
CA ALA B 34 -18.29 5.54 7.08
C ALA B 34 -17.09 6.11 6.35
N ASP B 35 -16.34 6.97 7.04
CA ASP B 35 -15.10 7.52 6.52
C ASP B 35 -14.12 6.39 6.23
N GLN B 36 -13.89 5.56 7.24
CA GLN B 36 -13.00 4.42 7.11
C GLN B 36 -13.55 3.39 6.12
N MET B 37 -14.85 3.12 6.21
CA MET B 37 -15.49 2.14 5.35
C MET B 37 -15.45 2.56 3.89
N ASP B 38 -15.48 3.87 3.64
CA ASP B 38 -15.46 4.37 2.28
C ASP B 38 -14.06 4.23 1.69
N ASP B 39 -13.04 4.40 2.54
CA ASP B 39 -11.66 4.12 2.16
C ASP B 39 -11.54 2.67 1.69
N MET B 40 -12.11 1.76 2.48
CA MET B 40 -12.08 0.33 2.15
C MET B 40 -12.92 0.04 0.91
N GLY B 41 -14.02 0.75 0.77
CA GLY B 41 -14.86 0.59 -0.40
C GLY B 41 -14.12 0.98 -1.68
N MET B 42 -13.41 2.10 -1.61
CA MET B 42 -12.60 2.56 -2.73
C MET B 42 -11.48 1.58 -3.02
N MET B 43 -10.97 0.96 -1.96
CA MET B 43 -9.93 -0.05 -2.09
C MET B 43 -10.39 -1.19 -2.98
N ALA B 44 -11.60 -1.69 -2.72
CA ALA B 44 -12.17 -2.75 -3.52
C ALA B 44 -12.35 -2.29 -4.96
N ASP B 45 -12.78 -1.06 -5.12
CA ASP B 45 -13.05 -0.48 -6.44
C ASP B 45 -11.76 -0.29 -7.24
N SER B 46 -10.70 0.14 -6.59
CA SER B 46 -9.42 0.34 -7.27
C SER B 46 -8.85 -0.98 -7.78
N VAL B 47 -9.05 -2.05 -7.01
CA VAL B 47 -8.67 -3.39 -7.47
C VAL B 47 -9.59 -3.82 -8.60
N ASN B 48 -10.86 -3.48 -8.47
CA ASN B 48 -11.90 -3.89 -9.39
C ASN B 48 -11.77 -3.21 -10.76
N SER B 49 -11.59 -1.90 -10.75
CA SER B 49 -11.58 -1.10 -11.97
C SER B 49 -10.51 -1.56 -12.94
N GLN B 50 -9.31 -1.83 -12.43
CA GLN B 50 -8.22 -2.28 -13.28
C GLN B 50 -8.53 -3.63 -13.91
N MET B 51 -9.37 -4.41 -13.25
CA MET B 51 -9.77 -5.72 -13.78
C MET B 51 -10.74 -5.56 -14.93
N GLN B 52 -11.47 -4.46 -14.93
CA GLN B 52 -12.37 -4.15 -16.03
C GLN B 52 -11.57 -3.55 -17.18
N LYS B 53 -10.51 -2.84 -16.82
CA LYS B 53 -9.63 -2.20 -17.79
C LYS B 53 -8.76 -3.22 -18.52
N MET B 54 -8.38 -4.28 -17.81
CA MET B 54 -7.56 -5.33 -18.40
C MET B 54 -8.45 -6.42 -18.99
N GLY B 55 -7.81 -7.43 -19.58
CA GLY B 55 -8.55 -8.51 -20.19
C GLY B 55 -8.07 -9.86 -19.69
N PRO B 56 -7.97 -10.85 -20.60
CA PRO B 56 -7.56 -12.22 -20.24
C PRO B 56 -6.09 -12.29 -19.80
N ASN B 57 -5.87 -12.85 -18.62
CA ASN B 57 -4.54 -13.06 -18.06
C ASN B 57 -3.79 -11.74 -17.87
N PRO B 58 -3.95 -11.11 -16.70
CA PRO B 58 -3.22 -9.88 -16.36
C PRO B 58 -1.78 -10.16 -15.98
N PRO B 59 -0.92 -9.13 -15.97
CA PRO B 59 0.48 -9.26 -15.57
C PRO B 59 0.62 -9.69 -14.11
N GLN B 60 1.51 -10.64 -13.86
CA GLN B 60 1.70 -11.20 -12.52
C GLN B 60 2.12 -10.14 -11.51
N HIS B 61 2.93 -9.18 -11.95
CA HIS B 61 3.39 -8.13 -11.04
C HIS B 61 2.24 -7.25 -10.59
N ARG B 62 1.15 -7.24 -11.36
CA ARG B 62 -0.02 -6.49 -10.99
C ARG B 62 -0.61 -7.10 -9.72
N LEU B 63 -0.50 -8.41 -9.60
CA LEU B 63 -1.00 -9.12 -8.43
C LEU B 63 -0.10 -8.87 -7.22
N ARG B 64 1.22 -8.90 -7.43
CA ARG B 64 2.16 -8.72 -6.31
C ARG B 64 2.07 -7.31 -5.73
N ALA B 65 1.79 -6.32 -6.58
CA ALA B 65 1.71 -4.93 -6.13
C ALA B 65 0.40 -4.66 -5.40
N MET B 66 -0.70 -5.11 -5.98
CA MET B 66 -2.02 -4.88 -5.38
C MET B 66 -2.13 -5.61 -4.05
N ASN B 67 -1.34 -6.67 -3.90
CA ASN B 67 -1.23 -7.37 -2.61
C ASN B 67 -0.87 -6.39 -1.50
N THR B 68 0.24 -5.69 -1.70
CA THR B 68 0.73 -4.75 -0.69
C THR B 68 -0.15 -3.51 -0.64
N ALA B 69 -0.68 -3.11 -1.80
CA ALA B 69 -1.56 -1.95 -1.86
C ALA B 69 -2.82 -2.18 -1.01
N MET B 70 -3.52 -3.27 -1.28
CA MET B 70 -4.72 -3.63 -0.53
C MET B 70 -4.41 -3.74 0.97
N ALA B 71 -3.31 -4.39 1.30
CA ALA B 71 -2.90 -4.57 2.67
C ALA B 71 -2.63 -3.24 3.36
N ALA B 72 -1.95 -2.35 2.64
CA ALA B 72 -1.60 -1.04 3.17
C ALA B 72 -2.83 -0.16 3.35
N GLU B 73 -3.78 -0.25 2.42
CA GLU B 73 -5.01 0.51 2.50
C GLU B 73 -5.81 0.11 3.74
N VAL B 74 -5.92 -1.19 3.98
CA VAL B 74 -6.59 -1.69 5.17
C VAL B 74 -5.87 -1.18 6.43
N ALA B 75 -4.55 -1.23 6.41
CA ALA B 75 -3.76 -0.75 7.54
C ALA B 75 -4.01 0.73 7.80
N GLU B 76 -4.08 1.51 6.72
CA GLU B 76 -4.39 2.94 6.81
C GLU B 76 -5.75 3.13 7.47
N VAL B 77 -6.73 2.39 7.01
CA VAL B 77 -8.09 2.48 7.52
C VAL B 77 -8.15 2.15 9.01
N VAL B 78 -7.42 1.11 9.42
CA VAL B 78 -7.41 0.68 10.81
C VAL B 78 -6.66 1.69 11.68
N ALA B 79 -5.53 2.18 11.18
CA ALA B 79 -4.70 3.13 11.92
C ALA B 79 -5.44 4.45 12.13
N THR B 80 -6.19 4.88 11.13
CA THR B 80 -6.97 6.11 11.24
C THR B 80 -8.27 5.85 12.01
N SER B 81 -8.14 5.74 13.33
CA SER B 81 -9.27 5.53 14.21
C SER B 81 -8.94 6.05 15.61
N PRO B 82 -9.96 6.30 16.45
CA PRO B 82 -9.74 6.72 17.83
C PRO B 82 -8.97 5.66 18.60
N PRO B 83 -8.02 6.08 19.46
CA PRO B 83 -7.11 5.16 20.15
C PRO B 83 -7.86 4.20 21.07
N GLN B 84 -9.08 4.56 21.42
CA GLN B 84 -9.89 3.74 22.31
C GLN B 84 -10.55 2.60 21.53
N SER B 85 -10.60 2.76 20.21
CA SER B 85 -11.24 1.78 19.35
C SER B 85 -10.23 1.16 18.37
N TYR B 86 -9.00 1.66 18.40
CA TYR B 86 -7.95 1.16 17.50
C TYR B 86 -7.78 -0.35 17.66
N SER B 87 -7.67 -0.79 18.90
CA SER B 87 -7.50 -2.21 19.20
C SER B 87 -8.72 -3.00 18.70
N ALA B 88 -9.90 -2.42 18.84
CA ALA B 88 -11.13 -3.07 18.40
C ALA B 88 -11.16 -3.20 16.89
N VAL B 89 -10.91 -2.09 16.19
CA VAL B 89 -10.90 -2.09 14.73
C VAL B 89 -9.83 -3.05 14.21
N LEU B 90 -8.66 -2.99 14.83
CA LEU B 90 -7.55 -3.85 14.44
C LEU B 90 -7.93 -5.32 14.58
N ASN B 91 -8.45 -5.68 15.75
CA ASN B 91 -8.85 -7.06 16.01
C ASN B 91 -9.97 -7.49 15.07
N THR B 92 -10.88 -6.56 14.78
CA THR B 92 -11.99 -6.83 13.88
C THR B 92 -11.47 -7.17 12.49
N ILE B 93 -10.66 -6.28 11.93
CA ILE B 93 -10.08 -6.51 10.61
C ILE B 93 -9.22 -7.78 10.62
N GLY B 94 -8.39 -7.95 11.65
CA GLY B 94 -7.55 -9.13 11.75
C GLY B 94 -8.36 -10.41 11.68
N ALA B 95 -9.47 -10.44 12.40
CA ALA B 95 -10.35 -11.60 12.39
C ALA B 95 -11.04 -11.73 11.04
N CYS B 96 -11.50 -10.62 10.50
CA CYS B 96 -12.19 -10.62 9.20
C CYS B 96 -11.28 -11.13 8.09
N LEU B 97 -9.97 -10.81 8.18
CA LEU B 97 -9.01 -11.28 7.20
C LEU B 97 -9.00 -12.80 7.09
N ARG B 98 -8.98 -13.46 8.24
CA ARG B 98 -8.96 -14.92 8.29
C ARG B 98 -10.20 -15.49 7.60
N GLU B 99 -11.36 -14.95 7.95
CA GLU B 99 -12.62 -15.44 7.42
C GLU B 99 -12.71 -15.17 5.91
N SER B 100 -12.38 -13.94 5.52
CA SER B 100 -12.41 -13.54 4.11
C SER B 100 -11.59 -14.50 3.25
N MET B 101 -10.38 -14.81 3.70
CA MET B 101 -9.51 -15.71 2.97
C MET B 101 -10.10 -17.11 2.87
N MET B 102 -10.63 -17.59 3.98
CA MET B 102 -11.16 -18.94 4.07
C MET B 102 -12.41 -19.10 3.19
N GLN B 103 -13.17 -18.02 3.03
CA GLN B 103 -14.37 -18.05 2.21
C GLN B 103 -14.06 -17.70 0.76
N ALA B 104 -12.88 -17.16 0.51
CA ALA B 104 -12.49 -16.76 -0.84
C ALA B 104 -11.71 -17.86 -1.55
N THR B 105 -10.75 -18.46 -0.84
CA THR B 105 -9.92 -19.48 -1.42
C THR B 105 -10.26 -20.86 -0.84
N GLY B 106 -10.51 -20.89 0.46
CA GLY B 106 -10.75 -22.15 1.15
C GLY B 106 -9.82 -22.33 2.32
N SER B 107 -8.86 -21.42 2.44
CA SER B 107 -7.90 -21.44 3.54
C SER B 107 -7.46 -20.01 3.84
N VAL B 108 -6.94 -19.79 5.04
CA VAL B 108 -6.51 -18.45 5.42
C VAL B 108 -5.06 -18.20 5.02
N ASP B 109 -4.87 -17.26 4.11
CA ASP B 109 -3.53 -16.83 3.71
C ASP B 109 -2.89 -16.08 4.88
N ASN B 110 -1.94 -16.74 5.52
CA ASN B 110 -1.32 -16.17 6.71
C ASN B 110 -0.34 -15.07 6.35
N ALA B 111 0.24 -15.15 5.15
CA ALA B 111 1.23 -14.19 4.71
C ALA B 111 0.62 -12.80 4.61
N PHE B 112 -0.55 -12.72 4.00
CA PHE B 112 -1.25 -11.47 3.83
C PHE B 112 -1.77 -10.97 5.19
N THR B 113 -2.46 -11.84 5.90
CA THR B 113 -3.00 -11.53 7.21
C THR B 113 -1.92 -11.05 8.18
N ASN B 114 -0.75 -11.68 8.14
CA ASN B 114 0.36 -11.30 9.00
C ASN B 114 0.90 -9.93 8.61
N GLU B 115 1.06 -9.71 7.31
CA GLU B 115 1.63 -8.47 6.79
C GLU B 115 0.77 -7.27 7.17
N VAL B 116 -0.55 -7.40 6.99
CA VAL B 116 -1.48 -6.32 7.31
C VAL B 116 -1.35 -5.89 8.77
N MET B 117 -1.14 -6.86 9.65
CA MET B 117 -1.04 -6.59 11.08
C MET B 117 0.22 -5.80 11.40
N GLN B 118 1.28 -6.06 10.65
CA GLN B 118 2.54 -5.35 10.86
C GLN B 118 2.48 -3.96 10.23
N LEU B 119 1.83 -3.88 9.07
CA LEU B 119 1.65 -2.62 8.36
C LEU B 119 0.96 -1.58 9.25
N VAL B 120 -0.13 -1.98 9.87
CA VAL B 120 -0.95 -1.07 10.66
C VAL B 120 -0.23 -0.65 11.94
N LYS B 121 0.57 -1.55 12.51
CA LYS B 121 1.27 -1.26 13.74
C LYS B 121 2.52 -0.43 13.48
N MET B 122 3.06 -0.53 12.26
CA MET B 122 4.19 0.30 11.85
C MET B 122 3.76 1.75 11.74
N LEU B 123 2.55 1.97 11.25
CA LEU B 123 1.99 3.31 11.14
C LEU B 123 1.61 3.83 12.52
N SER B 124 1.48 2.91 13.46
CA SER B 124 1.10 3.24 14.82
C SER B 124 2.32 3.17 15.74
N ALA B 125 3.50 3.14 15.15
CA ALA B 125 4.74 2.98 15.89
C ALA B 125 5.24 4.32 16.42
N ASP B 126 4.31 5.21 16.68
CA ASP B 126 4.60 6.52 17.22
C ASP B 126 4.87 6.45 18.72
N SER B 127 6.12 6.63 19.11
CA SER B 127 6.51 6.61 20.50
C SER B 127 6.19 7.94 21.15
N ALA B 128 5.68 7.90 22.37
CA ALA B 128 5.19 9.10 23.04
C ALA B 128 6.25 9.69 23.96
N ASN B 129 7.50 9.29 23.78
CA ASN B 129 8.59 9.86 24.57
C ASN B 129 8.93 11.26 24.08
N GLU B 130 8.05 12.18 24.37
CA GLU B 130 8.27 13.57 23.99
C GLU B 130 8.77 14.35 25.18
N VAL B 131 9.97 14.88 25.05
CA VAL B 131 10.58 15.66 26.12
C VAL B 131 10.11 17.11 26.07
N SER B 132 9.13 17.36 25.21
CA SER B 132 8.53 18.68 25.10
C SER B 132 7.49 18.89 26.19
N THR B 133 7.97 19.24 27.38
CA THR B 133 7.11 19.45 28.52
C THR B 133 6.59 20.89 28.54
N GLY A 1 2.37 27.28 -1.64
CA GLY A 1 3.04 25.97 -1.55
C GLY A 1 2.59 25.17 -0.34
N SER A 2 3.47 24.31 0.16
CA SER A 2 3.14 23.49 1.31
C SER A 2 3.44 24.24 2.61
N GLY A 3 4.67 24.68 2.77
CA GLY A 3 5.06 25.39 3.96
C GLY A 3 6.25 24.74 4.63
N ASN A 4 6.16 24.55 5.94
CA ASN A 4 7.23 23.91 6.70
C ASN A 4 6.65 22.70 7.45
N SER A 5 5.41 22.37 7.11
CA SER A 5 4.72 21.24 7.69
C SER A 5 3.66 20.75 6.72
N GLN A 6 3.00 19.64 7.07
CA GLN A 6 1.94 19.04 6.24
C GLN A 6 2.50 18.35 5.00
N PRO A 7 2.13 17.07 4.81
CA PRO A 7 2.48 16.32 3.61
C PRO A 7 1.89 16.94 2.36
N ILE A 8 2.49 16.67 1.21
CA ILE A 8 2.11 17.33 -0.03
C ILE A 8 0.78 16.79 -0.58
N TRP A 9 0.14 15.90 0.17
CA TRP A 9 -1.12 15.29 -0.25
C TRP A 9 -2.31 16.20 0.04
N THR A 10 -2.06 17.49 0.17
CA THR A 10 -3.13 18.46 0.29
C THR A 10 -3.80 18.66 -1.08
N ASN A 11 -3.04 18.41 -2.13
CA ASN A 11 -3.56 18.46 -3.50
C ASN A 11 -3.19 17.18 -4.23
N PRO A 12 -4.18 16.56 -4.90
CA PRO A 12 -4.01 15.26 -5.55
C PRO A 12 -3.10 15.32 -6.78
N ASN A 13 -3.16 16.43 -7.50
CA ASN A 13 -2.35 16.58 -8.70
C ASN A 13 -0.93 17.00 -8.33
N ALA A 14 -0.82 17.74 -7.23
CA ALA A 14 0.49 18.12 -6.71
C ALA A 14 1.29 16.89 -6.30
N ALA A 15 0.65 16.00 -5.56
CA ALA A 15 1.28 14.76 -5.13
C ALA A 15 1.57 13.85 -6.32
N MET A 16 0.68 13.90 -7.31
CA MET A 16 0.85 13.12 -8.54
C MET A 16 2.17 13.45 -9.23
N THR A 17 2.63 14.69 -9.08
CA THR A 17 3.90 15.10 -9.66
C THR A 17 5.05 14.28 -9.07
N MET A 18 4.94 13.97 -7.77
CA MET A 18 5.94 13.17 -7.09
C MET A 18 5.92 11.74 -7.65
N THR A 19 4.71 11.25 -7.90
CA THR A 19 4.52 9.91 -8.46
C THR A 19 5.11 9.84 -9.86
N ASN A 20 4.83 10.86 -10.67
CA ASN A 20 5.36 10.95 -12.04
C ASN A 20 6.88 10.96 -12.04
N ASN A 21 7.46 11.79 -11.17
CA ASN A 21 8.91 11.94 -11.10
C ASN A 21 9.58 10.62 -10.71
N LEU A 22 8.95 9.86 -9.83
CA LEU A 22 9.51 8.57 -9.42
C LEU A 22 9.64 7.62 -10.60
N VAL A 23 8.62 7.60 -11.46
CA VAL A 23 8.65 6.74 -12.64
C VAL A 23 9.71 7.22 -13.61
N GLN A 24 9.86 8.54 -13.73
CA GLN A 24 10.84 9.13 -14.62
C GLN A 24 12.26 8.79 -14.17
N CYS A 25 12.54 8.96 -12.88
CA CYS A 25 13.87 8.68 -12.36
C CYS A 25 14.15 7.19 -12.33
N ALA A 26 13.12 6.39 -12.06
CA ALA A 26 13.25 4.94 -12.09
C ALA A 26 13.59 4.46 -13.50
N SER A 27 12.89 5.00 -14.48
CA SER A 27 13.06 4.60 -15.86
C SER A 27 14.45 4.95 -16.40
N ARG A 28 15.03 6.03 -15.88
CA ARG A 28 16.34 6.47 -16.35
C ARG A 28 17.47 5.85 -15.52
N SER A 29 17.12 5.16 -14.44
CA SER A 29 18.13 4.56 -13.59
C SER A 29 18.73 3.33 -14.24
N GLY A 30 17.87 2.44 -14.69
CA GLY A 30 18.31 1.19 -15.28
C GLY A 30 18.54 0.12 -14.23
N VAL A 31 18.13 0.41 -13.00
CA VAL A 31 18.31 -0.55 -11.90
C VAL A 31 17.15 -1.53 -11.85
N LEU A 32 15.95 -1.03 -12.14
CA LEU A 32 14.74 -1.83 -12.02
C LEU A 32 14.52 -2.71 -13.24
N THR A 33 13.77 -3.78 -13.05
CA THR A 33 13.45 -4.70 -14.14
C THR A 33 12.16 -4.28 -14.83
N ALA A 34 11.77 -5.03 -15.86
CA ALA A 34 10.54 -4.74 -16.60
C ALA A 34 9.34 -4.90 -15.69
N ASP A 35 9.35 -5.97 -14.89
CA ASP A 35 8.29 -6.21 -13.91
C ASP A 35 8.14 -5.01 -13.00
N GLN A 36 9.26 -4.57 -12.45
CA GLN A 36 9.28 -3.46 -11.50
C GLN A 36 8.84 -2.15 -12.13
N MET A 37 9.34 -1.87 -13.33
CA MET A 37 8.98 -0.63 -14.02
C MET A 37 7.51 -0.62 -14.39
N ASP A 38 6.98 -1.79 -14.75
CA ASP A 38 5.57 -1.91 -15.10
C ASP A 38 4.71 -1.76 -13.83
N ASP A 39 5.22 -2.27 -12.72
CA ASP A 39 4.56 -2.09 -11.42
C ASP A 39 4.53 -0.60 -11.06
N MET A 40 5.69 0.04 -11.20
CA MET A 40 5.82 1.48 -10.96
C MET A 40 4.90 2.25 -11.89
N GLY A 41 4.81 1.81 -13.13
CA GLY A 41 3.90 2.41 -14.09
C GLY A 41 2.46 2.31 -13.64
N MET A 42 2.07 1.12 -13.17
CA MET A 42 0.72 0.90 -12.67
C MET A 42 0.42 1.81 -11.49
N MET A 43 1.44 2.07 -10.68
CA MET A 43 1.28 2.96 -9.53
C MET A 43 0.84 4.35 -9.97
N ALA A 44 1.59 4.94 -10.89
CA ALA A 44 1.25 6.27 -11.39
C ALA A 44 -0.07 6.23 -12.16
N ASP A 45 -0.31 5.12 -12.82
CA ASP A 45 -1.52 4.93 -13.60
C ASP A 45 -2.75 4.89 -12.71
N SER A 46 -2.65 4.17 -11.59
CA SER A 46 -3.77 4.03 -10.67
C SER A 46 -4.13 5.37 -10.04
N VAL A 47 -3.10 6.17 -9.70
CA VAL A 47 -3.33 7.49 -9.14
C VAL A 47 -4.14 8.34 -10.13
N ASN A 48 -3.68 8.36 -11.38
CA ASN A 48 -4.36 9.13 -12.41
C ASN A 48 -5.75 8.58 -12.70
N SER A 49 -5.86 7.26 -12.70
CA SER A 49 -7.13 6.60 -12.97
C SER A 49 -8.15 6.89 -11.87
N GLN A 50 -7.73 6.81 -10.62
CA GLN A 50 -8.66 7.06 -9.51
C GLN A 50 -8.93 8.55 -9.34
N MET A 51 -7.95 9.38 -9.70
CA MET A 51 -8.13 10.81 -9.71
C MET A 51 -9.32 11.18 -10.59
N GLN A 52 -9.36 10.60 -11.79
CA GLN A 52 -10.42 10.90 -12.74
C GLN A 52 -11.70 10.13 -12.39
N LYS A 53 -11.56 8.99 -11.71
CA LYS A 53 -12.71 8.26 -11.19
C LYS A 53 -13.46 9.12 -10.18
N MET A 54 -12.71 9.77 -9.30
CA MET A 54 -13.29 10.67 -8.31
C MET A 54 -13.72 11.97 -8.96
N GLY A 55 -12.91 12.46 -9.89
CA GLY A 55 -13.26 13.64 -10.65
C GLY A 55 -12.72 14.91 -10.01
N PRO A 56 -13.28 16.07 -10.36
CA PRO A 56 -12.86 17.35 -9.80
C PRO A 56 -13.25 17.47 -8.34
N ASN A 57 -12.32 17.95 -7.52
CA ASN A 57 -12.51 18.08 -6.07
C ASN A 57 -12.89 16.74 -5.46
N PRO A 58 -11.90 15.84 -5.34
CA PRO A 58 -12.13 14.52 -4.75
C PRO A 58 -12.09 14.55 -3.23
N PRO A 59 -12.63 13.50 -2.58
CA PRO A 59 -12.60 13.38 -1.13
C PRO A 59 -11.20 13.19 -0.61
N GLN A 60 -10.90 13.80 0.53
CA GLN A 60 -9.54 13.82 1.04
C GLN A 60 -9.22 12.55 1.80
N HIS A 61 -10.24 11.82 2.23
CA HIS A 61 -10.00 10.54 2.88
C HIS A 61 -9.55 9.49 1.86
N ARG A 62 -10.02 9.61 0.63
CA ARG A 62 -9.51 8.74 -0.42
C ARG A 62 -8.08 9.14 -0.77
N LEU A 63 -7.75 10.40 -0.53
CA LEU A 63 -6.40 10.90 -0.73
C LEU A 63 -5.47 10.36 0.36
N ARG A 64 -5.97 10.28 1.60
CA ARG A 64 -5.18 9.74 2.70
C ARG A 64 -4.81 8.29 2.41
N ALA A 65 -5.75 7.56 1.81
CA ALA A 65 -5.52 6.18 1.44
C ALA A 65 -4.50 6.08 0.30
N MET A 66 -4.56 7.03 -0.62
CA MET A 66 -3.64 7.06 -1.76
C MET A 66 -2.20 7.28 -1.31
N ASN A 67 -2.02 8.04 -0.22
CA ASN A 67 -0.69 8.31 0.32
C ASN A 67 0.08 7.02 0.55
N THR A 68 -0.45 6.16 1.41
CA THR A 68 0.21 4.91 1.73
C THR A 68 0.10 3.92 0.57
N ALA A 69 -0.89 4.09 -0.29
CA ALA A 69 -1.02 3.24 -1.47
C ALA A 69 0.21 3.41 -2.36
N MET A 70 0.46 4.65 -2.76
CA MET A 70 1.62 4.99 -3.59
C MET A 70 2.91 4.56 -2.90
N ALA A 71 3.02 4.88 -1.61
CA ALA A 71 4.20 4.56 -0.83
C ALA A 71 4.46 3.06 -0.78
N ALA A 72 3.41 2.29 -0.51
CA ALA A 72 3.53 0.85 -0.36
C ALA A 72 3.84 0.18 -1.69
N GLU A 73 3.29 0.72 -2.77
CA GLU A 73 3.54 0.16 -4.09
C GLU A 73 5.02 0.30 -4.45
N VAL A 74 5.59 1.47 -4.20
CA VAL A 74 7.01 1.69 -4.39
C VAL A 74 7.83 0.71 -3.56
N ALA A 75 7.48 0.61 -2.29
CA ALA A 75 8.17 -0.29 -1.38
C ALA A 75 8.08 -1.73 -1.84
N GLU A 76 6.91 -2.12 -2.33
CA GLU A 76 6.70 -3.46 -2.87
C GLU A 76 7.64 -3.71 -4.04
N VAL A 77 7.71 -2.75 -4.96
CA VAL A 77 8.60 -2.84 -6.11
C VAL A 77 10.03 -3.08 -5.66
N VAL A 78 10.49 -2.26 -4.73
CA VAL A 78 11.87 -2.35 -4.23
C VAL A 78 12.10 -3.63 -3.44
N ALA A 79 11.16 -3.98 -2.57
CA ALA A 79 11.29 -5.15 -1.69
C ALA A 79 11.34 -6.43 -2.49
N THR A 80 10.75 -6.43 -3.68
CA THR A 80 10.69 -7.62 -4.51
C THR A 80 11.82 -7.62 -5.55
N SER A 81 12.91 -6.97 -5.21
CA SER A 81 14.10 -7.01 -6.04
C SER A 81 14.92 -8.25 -5.70
N PRO A 82 15.75 -8.73 -6.63
CA PRO A 82 16.71 -9.80 -6.34
C PRO A 82 17.62 -9.38 -5.19
N PRO A 83 18.15 -10.34 -4.43
CA PRO A 83 18.98 -10.03 -3.26
C PRO A 83 20.16 -9.14 -3.62
N GLN A 84 20.65 -9.33 -4.84
CA GLN A 84 21.81 -8.60 -5.34
C GLN A 84 21.43 -7.21 -5.86
N SER A 85 20.14 -6.95 -5.98
CA SER A 85 19.67 -5.71 -6.60
C SER A 85 18.83 -4.88 -5.63
N TYR A 86 18.42 -5.50 -4.53
CA TYR A 86 17.57 -4.83 -3.53
C TYR A 86 18.14 -3.48 -3.13
N SER A 87 19.34 -3.51 -2.60
CA SER A 87 20.00 -2.34 -2.08
C SER A 87 20.16 -1.26 -3.15
N ALA A 88 20.46 -1.69 -4.37
CA ALA A 88 20.65 -0.76 -5.49
C ALA A 88 19.33 -0.07 -5.85
N VAL A 89 18.26 -0.84 -5.96
CA VAL A 89 16.95 -0.29 -6.26
C VAL A 89 16.48 0.61 -5.12
N LEU A 90 16.73 0.15 -3.89
CA LEU A 90 16.34 0.87 -2.68
C LEU A 90 16.95 2.27 -2.66
N ASN A 91 18.27 2.33 -2.83
CA ASN A 91 18.97 3.60 -2.81
C ASN A 91 18.45 4.54 -3.89
N THR A 92 18.14 3.97 -5.05
CA THR A 92 17.66 4.76 -6.17
C THR A 92 16.35 5.46 -5.84
N ILE A 93 15.40 4.69 -5.30
CA ILE A 93 14.11 5.23 -4.90
C ILE A 93 14.25 6.20 -3.73
N GLY A 94 15.00 5.81 -2.70
CA GLY A 94 15.15 6.65 -1.52
C GLY A 94 15.82 7.97 -1.84
N ALA A 95 16.69 7.98 -2.84
CA ALA A 95 17.34 9.21 -3.26
C ALA A 95 16.40 10.04 -4.11
N CYS A 96 15.67 9.38 -5.00
CA CYS A 96 14.76 10.06 -5.90
C CYS A 96 13.60 10.68 -5.12
N LEU A 97 13.14 9.98 -4.09
CA LEU A 97 12.06 10.48 -3.22
C LEU A 97 12.31 11.92 -2.78
N ARG A 98 13.53 12.16 -2.29
CA ARG A 98 13.91 13.48 -1.80
C ARG A 98 13.84 14.52 -2.92
N GLU A 99 14.41 14.19 -4.06
CA GLU A 99 14.49 15.12 -5.19
C GLU A 99 13.12 15.33 -5.82
N SER A 100 12.41 14.24 -6.00
CA SER A 100 11.05 14.28 -6.55
C SER A 100 10.14 15.21 -5.75
N MET A 101 10.26 15.14 -4.43
CA MET A 101 9.48 16.01 -3.55
C MET A 101 9.85 17.48 -3.77
N MET A 102 11.15 17.72 -3.90
CA MET A 102 11.65 19.08 -4.06
C MET A 102 11.33 19.63 -5.44
N GLN A 103 11.23 18.76 -6.43
CA GLN A 103 10.86 19.18 -7.78
C GLN A 103 9.35 19.36 -7.89
N ALA A 104 8.61 18.53 -7.16
CA ALA A 104 7.15 18.55 -7.21
C ALA A 104 6.60 19.78 -6.50
N THR A 105 7.09 20.03 -5.29
CA THR A 105 6.56 21.12 -4.48
C THR A 105 7.60 22.23 -4.31
N GLY A 106 8.81 21.82 -3.96
CA GLY A 106 9.86 22.78 -3.69
C GLY A 106 10.65 22.40 -2.45
N SER A 107 10.09 21.50 -1.67
CA SER A 107 10.74 21.01 -0.46
C SER A 107 10.55 19.50 -0.33
N VAL A 108 11.44 18.86 0.41
CA VAL A 108 11.35 17.41 0.57
C VAL A 108 10.54 17.05 1.82
N ASP A 109 9.43 16.37 1.59
CA ASP A 109 8.62 15.85 2.69
C ASP A 109 9.24 14.57 3.25
N ASN A 110 9.28 14.48 4.57
CA ASN A 110 9.87 13.32 5.22
C ASN A 110 8.80 12.28 5.53
N ALA A 111 7.56 12.72 5.65
CA ALA A 111 6.48 11.83 6.05
C ALA A 111 6.26 10.72 5.03
N PHE A 112 6.24 11.09 3.75
CA PHE A 112 6.08 10.11 2.68
C PHE A 112 7.39 9.33 2.48
N THR A 113 8.48 10.07 2.35
CA THR A 113 9.79 9.47 2.07
C THR A 113 10.18 8.45 3.14
N ASN A 114 9.99 8.80 4.41
CA ASN A 114 10.33 7.92 5.52
C ASN A 114 9.47 6.67 5.49
N GLU A 115 8.17 6.87 5.24
CA GLU A 115 7.21 5.78 5.26
C GLU A 115 7.59 4.69 4.25
N VAL A 116 7.98 5.12 3.05
CA VAL A 116 8.40 4.18 2.00
C VAL A 116 9.61 3.35 2.46
N MET A 117 10.51 4.00 3.19
CA MET A 117 11.74 3.35 3.62
C MET A 117 11.44 2.32 4.69
N GLN A 118 10.51 2.64 5.57
CA GLN A 118 10.12 1.73 6.63
C GLN A 118 9.30 0.57 6.07
N LEU A 119 8.47 0.89 5.08
CA LEU A 119 7.66 -0.11 4.40
C LEU A 119 8.54 -1.19 3.78
N VAL A 120 9.54 -0.76 3.02
CA VAL A 120 10.37 -1.68 2.26
C VAL A 120 11.23 -2.56 3.17
N LYS A 121 11.62 -2.03 4.33
CA LYS A 121 12.36 -2.81 5.31
C LYS A 121 11.47 -3.93 5.86
N MET A 122 10.23 -3.57 6.19
CA MET A 122 9.28 -4.50 6.77
C MET A 122 8.84 -5.55 5.74
N LEU A 123 8.61 -5.12 4.51
CA LEU A 123 8.18 -6.01 3.44
C LEU A 123 9.23 -7.08 3.15
N SER A 124 10.47 -6.81 3.52
CA SER A 124 11.57 -7.72 3.25
C SER A 124 11.67 -8.80 4.33
N ALA A 125 10.81 -8.72 5.34
CA ALA A 125 10.85 -9.67 6.44
C ALA A 125 9.48 -10.21 6.77
N ASP A 126 9.31 -11.51 6.58
CA ASP A 126 8.07 -12.17 6.97
C ASP A 126 8.31 -13.09 8.14
N SER A 127 7.34 -13.16 9.04
CA SER A 127 7.43 -13.98 10.25
C SER A 127 7.20 -15.46 9.95
N ALA A 128 7.97 -15.99 9.02
CA ALA A 128 7.88 -17.39 8.64
C ALA A 128 9.00 -18.20 9.30
N ASN A 129 9.55 -17.65 10.38
CA ASN A 129 10.63 -18.30 11.11
C ASN A 129 10.08 -19.42 11.99
N GLU A 130 10.83 -20.50 12.11
CA GLU A 130 10.42 -21.63 12.93
C GLU A 130 10.48 -21.27 14.42
N VAL A 131 9.33 -21.08 15.03
CA VAL A 131 9.25 -20.76 16.44
C VAL A 131 8.77 -21.96 17.25
N SER A 132 7.94 -22.79 16.62
CA SER A 132 7.39 -23.97 17.26
C SER A 132 6.65 -24.82 16.22
N THR A 133 6.53 -26.11 16.49
CA THR A 133 5.82 -27.01 15.58
C THR A 133 4.92 -27.95 16.38
N GLY B 1 -8.43 -26.75 -3.64
CA GLY B 1 -7.98 -25.60 -2.89
C GLY B 1 -6.78 -24.94 -3.53
N SER B 2 -6.17 -24.00 -2.82
CA SER B 2 -5.03 -23.26 -3.33
C SER B 2 -3.74 -23.73 -2.67
N GLY B 3 -3.79 -23.89 -1.37
CA GLY B 3 -2.61 -24.28 -0.62
C GLY B 3 -2.70 -23.82 0.82
N ASN B 4 -1.77 -24.26 1.64
CA ASN B 4 -1.75 -23.89 3.05
C ASN B 4 -0.62 -22.92 3.32
N SER B 5 -0.07 -22.36 2.26
CA SER B 5 1.02 -21.40 2.36
C SER B 5 1.04 -20.52 1.11
N GLN B 6 1.77 -19.40 1.21
CA GLN B 6 1.92 -18.44 0.12
C GLN B 6 0.65 -17.62 -0.13
N PRO B 7 0.82 -16.35 -0.53
CA PRO B 7 -0.32 -15.45 -0.82
C PRO B 7 -1.17 -15.97 -1.97
N ILE B 8 -2.47 -15.74 -1.86
CA ILE B 8 -3.43 -16.26 -2.84
C ILE B 8 -3.53 -15.37 -4.08
N TRP B 9 -2.55 -14.50 -4.25
CA TRP B 9 -2.58 -13.53 -5.34
C TRP B 9 -2.07 -14.13 -6.65
N THR B 10 -2.64 -15.27 -7.02
CA THR B 10 -2.38 -15.88 -8.30
C THR B 10 -3.54 -15.57 -9.24
N ASN B 11 -4.75 -15.80 -8.75
CA ASN B 11 -5.95 -15.47 -9.49
C ASN B 11 -6.59 -14.22 -8.89
N PRO B 12 -6.79 -13.19 -9.71
CA PRO B 12 -7.28 -11.90 -9.24
C PRO B 12 -8.69 -11.96 -8.69
N ASN B 13 -9.47 -12.93 -9.17
CA ASN B 13 -10.84 -13.10 -8.72
C ASN B 13 -10.88 -13.67 -7.30
N ALA B 14 -9.98 -14.61 -7.02
CA ALA B 14 -9.90 -15.22 -5.70
C ALA B 14 -9.44 -14.22 -4.66
N ALA B 15 -8.39 -13.46 -5.01
CA ALA B 15 -7.86 -12.44 -4.12
C ALA B 15 -8.87 -11.32 -3.89
N MET B 16 -9.60 -10.97 -4.94
CA MET B 16 -10.60 -9.92 -4.86
C MET B 16 -11.72 -10.29 -3.89
N THR B 17 -11.98 -11.58 -3.77
CA THR B 17 -13.00 -12.07 -2.85
C THR B 17 -12.59 -11.77 -1.40
N MET B 18 -11.29 -11.86 -1.12
CA MET B 18 -10.77 -11.53 0.21
C MET B 18 -11.02 -10.05 0.49
N THR B 19 -10.82 -9.23 -0.54
CA THR B 19 -11.05 -7.79 -0.46
C THR B 19 -12.52 -7.49 -0.21
N ASN B 20 -13.38 -8.15 -0.96
CA ASN B 20 -14.83 -7.94 -0.85
C ASN B 20 -15.36 -8.42 0.50
N ASN B 21 -14.88 -9.58 0.95
CA ASN B 21 -15.30 -10.14 2.24
C ASN B 21 -14.98 -9.18 3.39
N LEU B 22 -13.83 -8.50 3.29
CA LEU B 22 -13.44 -7.53 4.30
C LEU B 22 -14.45 -6.38 4.37
N VAL B 23 -14.90 -5.92 3.22
CA VAL B 23 -15.88 -4.84 3.18
C VAL B 23 -17.19 -5.28 3.81
N GLN B 24 -17.56 -6.54 3.57
CA GLN B 24 -18.78 -7.10 4.12
C GLN B 24 -18.74 -7.14 5.65
N CYS B 25 -17.67 -7.71 6.20
CA CYS B 25 -17.56 -7.84 7.65
C CYS B 25 -17.36 -6.48 8.31
N ALA B 26 -16.60 -5.61 7.66
CA ALA B 26 -16.36 -4.27 8.16
C ALA B 26 -17.66 -3.49 8.26
N SER B 27 -18.47 -3.59 7.22
CA SER B 27 -19.75 -2.88 7.17
C SER B 27 -20.70 -3.40 8.25
N ARG B 28 -20.74 -4.71 8.43
CA ARG B 28 -21.69 -5.31 9.35
C ARG B 28 -21.18 -5.28 10.79
N SER B 29 -19.94 -4.85 10.99
CA SER B 29 -19.38 -4.78 12.33
C SER B 29 -19.84 -3.51 13.04
N GLY B 30 -19.87 -2.41 12.30
CA GLY B 30 -20.27 -1.14 12.87
C GLY B 30 -19.12 -0.44 13.58
N VAL B 31 -17.93 -1.01 13.49
CA VAL B 31 -16.76 -0.42 14.14
C VAL B 31 -16.07 0.58 13.20
N LEU B 32 -16.32 0.45 11.90
CA LEU B 32 -15.80 1.40 10.92
C LEU B 32 -16.86 2.44 10.60
N THR B 33 -16.40 3.64 10.25
CA THR B 33 -17.31 4.71 9.86
C THR B 33 -17.51 4.72 8.34
N ALA B 34 -18.43 5.54 7.87
CA ALA B 34 -18.68 5.66 6.43
C ALA B 34 -17.43 6.14 5.71
N ASP B 35 -16.64 6.95 6.40
CA ASP B 35 -15.37 7.45 5.88
C ASP B 35 -14.44 6.27 5.58
N GLN B 36 -14.17 5.49 6.62
CA GLN B 36 -13.32 4.32 6.52
C GLN B 36 -13.88 3.30 5.52
N MET B 37 -15.20 3.14 5.55
CA MET B 37 -15.86 2.17 4.69
C MET B 37 -15.78 2.58 3.22
N ASP B 38 -15.74 3.87 2.95
CA ASP B 38 -15.64 4.35 1.57
C ASP B 38 -14.24 4.11 1.04
N ASP B 39 -13.25 4.26 1.91
CA ASP B 39 -11.87 3.95 1.55
C ASP B 39 -11.72 2.44 1.33
N MET B 40 -12.32 1.65 2.22
CA MET B 40 -12.38 0.20 2.07
C MET B 40 -13.06 -0.17 0.74
N GLY B 41 -14.14 0.54 0.44
CA GLY B 41 -14.86 0.33 -0.80
C GLY B 41 -14.02 0.69 -2.01
N MET B 42 -13.26 1.78 -1.91
CA MET B 42 -12.37 2.20 -2.98
C MET B 42 -11.28 1.16 -3.20
N MET B 43 -10.85 0.51 -2.11
CA MET B 43 -9.88 -0.57 -2.20
C MET B 43 -10.41 -1.70 -3.09
N ALA B 44 -11.64 -2.13 -2.82
CA ALA B 44 -12.27 -3.17 -3.62
C ALA B 44 -12.50 -2.68 -5.05
N ASP B 45 -12.83 -1.40 -5.18
CA ASP B 45 -13.11 -0.80 -6.48
C ASP B 45 -11.85 -0.70 -7.33
N SER B 46 -10.76 -0.28 -6.71
CA SER B 46 -9.48 -0.12 -7.42
C SER B 46 -9.00 -1.45 -7.98
N VAL B 47 -9.02 -2.50 -7.15
CA VAL B 47 -8.60 -3.82 -7.60
C VAL B 47 -9.49 -4.28 -8.76
N ASN B 48 -10.78 -4.00 -8.65
CA ASN B 48 -11.74 -4.36 -9.70
C ASN B 48 -11.45 -3.58 -10.99
N SER B 49 -11.25 -2.27 -10.83
CA SER B 49 -11.01 -1.39 -11.97
C SER B 49 -9.68 -1.72 -12.66
N GLN B 50 -8.63 -1.90 -11.87
CA GLN B 50 -7.31 -2.18 -12.43
C GLN B 50 -7.28 -3.54 -13.12
N MET B 51 -8.07 -4.48 -12.60
CA MET B 51 -8.18 -5.80 -13.19
C MET B 51 -8.62 -5.71 -14.65
N GLN B 52 -9.73 -5.00 -14.86
CA GLN B 52 -10.29 -4.86 -16.20
C GLN B 52 -9.45 -3.91 -17.05
N LYS B 53 -8.64 -3.09 -16.41
CA LYS B 53 -7.68 -2.24 -17.10
C LYS B 53 -6.49 -3.06 -17.62
N MET B 54 -6.19 -4.16 -16.94
CA MET B 54 -5.09 -5.03 -17.34
C MET B 54 -5.54 -5.99 -18.42
N GLY B 55 -6.76 -6.48 -18.30
CA GLY B 55 -7.36 -7.26 -19.37
C GLY B 55 -7.16 -8.76 -19.21
N PRO B 56 -6.70 -9.44 -20.28
CA PRO B 56 -6.59 -10.90 -20.30
C PRO B 56 -5.45 -11.42 -19.42
N ASN B 57 -5.83 -12.20 -18.42
CA ASN B 57 -4.88 -12.84 -17.50
C ASN B 57 -3.86 -11.85 -16.96
N PRO B 58 -4.27 -11.03 -15.97
CA PRO B 58 -3.39 -10.00 -15.40
C PRO B 58 -2.06 -10.53 -14.90
N PRO B 59 -1.03 -9.67 -15.00
CA PRO B 59 0.32 -10.00 -14.55
C PRO B 59 0.40 -10.09 -13.03
N GLN B 60 0.87 -11.22 -12.53
CA GLN B 60 0.93 -11.44 -11.09
C GLN B 60 2.02 -10.61 -10.42
N HIS B 61 2.84 -9.93 -11.22
CA HIS B 61 3.77 -8.97 -10.64
C HIS B 61 3.01 -7.70 -10.24
N ARG B 62 1.98 -7.36 -11.00
CA ARG B 62 1.11 -6.27 -10.61
C ARG B 62 0.24 -6.72 -9.44
N LEU B 63 -0.02 -8.02 -9.38
CA LEU B 63 -0.76 -8.61 -8.28
C LEU B 63 0.06 -8.53 -6.98
N ARG B 64 1.36 -8.81 -7.08
CA ARG B 64 2.24 -8.71 -5.90
C ARG B 64 2.26 -7.29 -5.38
N ALA B 65 2.20 -6.32 -6.30
CA ALA B 65 2.15 -4.91 -5.93
C ALA B 65 0.82 -4.59 -5.27
N MET B 66 -0.27 -5.13 -5.84
CA MET B 66 -1.60 -4.89 -5.32
C MET B 66 -1.82 -5.62 -4.00
N ASN B 67 -1.07 -6.69 -3.78
CA ASN B 67 -1.09 -7.41 -2.51
C ASN B 67 -0.82 -6.45 -1.36
N THR B 68 0.29 -5.75 -1.44
CA THR B 68 0.67 -4.80 -0.41
C THR B 68 -0.15 -3.52 -0.53
N ALA B 69 -0.66 -3.24 -1.73
CA ALA B 69 -1.56 -2.10 -1.93
C ALA B 69 -2.83 -2.29 -1.11
N MET B 70 -3.50 -3.43 -1.34
CA MET B 70 -4.71 -3.79 -0.60
C MET B 70 -4.42 -3.83 0.90
N ALA B 71 -3.33 -4.49 1.25
CA ALA B 71 -2.94 -4.63 2.65
C ALA B 71 -2.71 -3.26 3.30
N ALA B 72 -2.08 -2.35 2.56
CA ALA B 72 -1.78 -1.02 3.06
C ALA B 72 -3.05 -0.18 3.16
N GLU B 73 -3.98 -0.39 2.24
CA GLU B 73 -5.25 0.32 2.27
C GLU B 73 -6.01 -0.01 3.54
N VAL B 74 -6.14 -1.30 3.83
CA VAL B 74 -6.77 -1.74 5.07
C VAL B 74 -6.05 -1.17 6.28
N ALA B 75 -4.73 -1.25 6.25
CA ALA B 75 -3.91 -0.74 7.35
C ALA B 75 -4.11 0.76 7.53
N GLU B 76 -4.19 1.49 6.43
CA GLU B 76 -4.41 2.93 6.48
C GLU B 76 -5.78 3.22 7.10
N VAL B 77 -6.78 2.47 6.66
CA VAL B 77 -8.14 2.62 7.16
C VAL B 77 -8.19 2.39 8.68
N VAL B 78 -7.42 1.42 9.16
CA VAL B 78 -7.41 1.09 10.57
C VAL B 78 -6.52 2.05 11.37
N ALA B 79 -5.34 2.34 10.83
CA ALA B 79 -4.36 3.17 11.54
C ALA B 79 -4.83 4.62 11.68
N THR B 80 -5.40 5.17 10.62
CA THR B 80 -5.87 6.54 10.66
C THR B 80 -7.30 6.58 11.21
N SER B 81 -7.41 6.29 12.50
CA SER B 81 -8.69 6.27 13.19
C SER B 81 -8.53 6.94 14.55
N PRO B 82 -9.65 7.31 15.20
CA PRO B 82 -9.62 7.84 16.56
C PRO B 82 -8.92 6.87 17.51
N PRO B 83 -8.17 7.39 18.50
CA PRO B 83 -7.35 6.56 19.37
C PRO B 83 -8.19 5.60 20.22
N GLN B 84 -9.48 5.88 20.28
CA GLN B 84 -10.40 5.08 21.06
C GLN B 84 -11.02 3.97 20.21
N SER B 85 -10.74 3.98 18.91
CA SER B 85 -11.37 3.04 18.00
C SER B 85 -10.32 2.20 17.26
N TYR B 86 -9.07 2.65 17.31
CA TYR B 86 -7.97 2.00 16.57
C TYR B 86 -7.95 0.48 16.77
N SER B 87 -7.71 0.07 18.01
CA SER B 87 -7.57 -1.36 18.32
C SER B 87 -8.87 -2.12 18.07
N ALA B 88 -10.00 -1.42 18.16
CA ALA B 88 -11.29 -2.04 17.91
C ALA B 88 -11.43 -2.40 16.43
N VAL B 89 -11.12 -1.43 15.57
CA VAL B 89 -11.13 -1.65 14.13
C VAL B 89 -10.07 -2.69 13.76
N LEU B 90 -8.90 -2.58 14.40
CA LEU B 90 -7.78 -3.47 14.15
C LEU B 90 -8.18 -4.93 14.39
N ASN B 91 -8.75 -5.19 15.56
CA ASN B 91 -9.19 -6.53 15.93
C ASN B 91 -10.18 -7.07 14.91
N THR B 92 -11.07 -6.20 14.46
CA THR B 92 -12.13 -6.59 13.55
C THR B 92 -11.54 -7.05 12.22
N ILE B 93 -10.63 -6.25 11.68
CA ILE B 93 -9.97 -6.58 10.43
C ILE B 93 -9.09 -7.83 10.58
N GLY B 94 -8.30 -7.89 11.65
CA GLY B 94 -7.42 -9.02 11.86
C GLY B 94 -8.17 -10.33 11.98
N ALA B 95 -9.31 -10.30 12.67
CA ALA B 95 -10.13 -11.49 12.83
C ALA B 95 -10.82 -11.86 11.51
N CYS B 96 -11.30 -10.84 10.80
CA CYS B 96 -11.99 -11.05 9.54
C CYS B 96 -11.03 -11.54 8.46
N LEU B 97 -9.79 -11.07 8.54
CA LEU B 97 -8.73 -11.47 7.60
C LEU B 97 -8.65 -12.99 7.49
N ARG B 98 -8.69 -13.66 8.64
CA ARG B 98 -8.61 -15.12 8.69
C ARG B 98 -9.81 -15.74 7.98
N GLU B 99 -10.99 -15.18 8.22
CA GLU B 99 -12.22 -15.69 7.63
C GLU B 99 -12.26 -15.41 6.13
N SER B 100 -11.98 -14.16 5.78
CA SER B 100 -11.98 -13.73 4.39
C SER B 100 -11.13 -14.64 3.52
N MET B 101 -9.95 -15.00 4.00
CA MET B 101 -9.08 -15.92 3.28
C MET B 101 -9.73 -17.29 3.15
N MET B 102 -10.25 -17.80 4.25
CA MET B 102 -10.83 -19.13 4.30
C MET B 102 -12.11 -19.22 3.47
N GLN B 103 -12.81 -18.11 3.34
CA GLN B 103 -14.05 -18.07 2.58
C GLN B 103 -13.78 -17.63 1.14
N ALA B 104 -12.56 -17.24 0.84
CA ALA B 104 -12.18 -16.86 -0.51
C ALA B 104 -11.56 -18.03 -1.26
N THR B 105 -10.61 -18.70 -0.64
CA THR B 105 -9.92 -19.80 -1.26
C THR B 105 -10.33 -21.13 -0.65
N GLY B 106 -10.52 -21.11 0.66
CA GLY B 106 -10.83 -22.31 1.39
C GLY B 106 -9.91 -22.51 2.56
N SER B 107 -8.74 -21.87 2.48
CA SER B 107 -7.74 -21.97 3.53
C SER B 107 -7.26 -20.56 3.89
N VAL B 108 -6.67 -20.40 5.07
CA VAL B 108 -6.25 -19.08 5.52
C VAL B 108 -4.75 -18.88 5.30
N ASP B 109 -4.42 -17.85 4.53
CA ASP B 109 -3.04 -17.45 4.36
C ASP B 109 -2.60 -16.55 5.51
N ASN B 110 -1.41 -16.78 6.01
CA ASN B 110 -0.89 -16.01 7.13
C ASN B 110 -0.03 -14.85 6.62
N ALA B 111 0.49 -14.98 5.40
CA ALA B 111 1.40 -13.99 4.85
C ALA B 111 0.70 -12.63 4.72
N PHE B 112 -0.42 -12.62 4.02
CA PHE B 112 -1.18 -11.39 3.81
C PHE B 112 -1.75 -10.90 5.14
N THR B 113 -2.30 -11.82 5.91
CA THR B 113 -2.91 -11.48 7.19
C THR B 113 -1.90 -10.84 8.15
N ASN B 114 -0.72 -11.44 8.24
CA ASN B 114 0.34 -10.92 9.11
C ASN B 114 0.84 -9.58 8.59
N GLU B 115 0.97 -9.48 7.27
CA GLU B 115 1.47 -8.27 6.64
C GLU B 115 0.61 -7.07 7.01
N VAL B 116 -0.71 -7.23 6.90
CA VAL B 116 -1.65 -6.15 7.22
C VAL B 116 -1.50 -5.73 8.68
N MET B 117 -1.25 -6.70 9.56
CA MET B 117 -1.15 -6.42 10.99
C MET B 117 0.11 -5.61 11.29
N GLN B 118 1.18 -5.93 10.61
CA GLN B 118 2.44 -5.22 10.80
C GLN B 118 2.39 -3.84 10.16
N LEU B 119 1.70 -3.76 9.02
CA LEU B 119 1.50 -2.50 8.32
C LEU B 119 0.80 -1.48 9.20
N VAL B 120 -0.33 -1.88 9.77
CA VAL B 120 -1.17 -0.98 10.54
C VAL B 120 -0.46 -0.50 11.82
N LYS B 121 0.39 -1.35 12.37
CA LYS B 121 1.15 -0.98 13.56
C LYS B 121 2.19 0.08 13.21
N MET B 122 2.82 -0.09 12.06
CA MET B 122 3.83 0.85 11.58
C MET B 122 3.20 2.16 11.15
N LEU B 123 2.08 2.07 10.44
CA LEU B 123 1.38 3.25 9.93
C LEU B 123 0.87 4.14 11.06
N SER B 124 0.61 3.55 12.22
CA SER B 124 0.06 4.29 13.34
C SER B 124 1.15 4.67 14.34
N ALA B 125 2.40 4.41 14.00
CA ALA B 125 3.49 4.71 14.91
C ALA B 125 4.75 5.13 14.17
N ASP B 126 4.88 6.43 13.92
CA ASP B 126 6.10 6.97 13.36
C ASP B 126 7.08 7.26 14.49
N SER B 127 8.10 6.44 14.60
CA SER B 127 9.02 6.51 15.71
C SER B 127 10.16 7.48 15.43
N ALA B 128 10.04 8.69 15.97
CA ALA B 128 11.04 9.72 15.85
C ALA B 128 10.72 10.87 16.78
N ASN B 129 11.02 10.68 18.05
CA ASN B 129 10.80 11.74 19.04
C ASN B 129 11.83 12.84 18.84
N GLU B 130 11.55 14.02 19.38
CA GLU B 130 12.38 15.18 19.15
C GLU B 130 13.61 15.18 20.05
N VAL B 131 14.63 14.44 19.64
CA VAL B 131 15.91 14.45 20.34
C VAL B 131 16.77 15.61 19.86
N SER B 132 16.59 15.98 18.61
CA SER B 132 17.35 17.08 18.03
C SER B 132 16.40 18.20 17.62
N THR B 133 16.67 19.39 18.12
CA THR B 133 15.87 20.55 17.76
C THR B 133 16.79 21.75 17.49
N GLY A 1 8.79 23.31 3.52
CA GLY A 1 9.29 22.46 4.61
C GLY A 1 10.43 21.57 4.18
N SER A 2 11.23 21.12 5.14
CA SER A 2 12.33 20.20 4.87
C SER A 2 12.66 19.43 6.15
N GLY A 3 12.86 18.13 6.02
CA GLY A 3 13.10 17.30 7.19
C GLY A 3 11.84 16.57 7.59
N ASN A 4 10.70 17.22 7.39
CA ASN A 4 9.39 16.63 7.54
C ASN A 4 8.34 17.64 7.12
N SER A 5 7.24 17.16 6.57
CA SER A 5 6.13 18.01 6.20
C SER A 5 4.83 17.23 6.26
N GLN A 6 3.74 17.90 5.92
CA GLN A 6 2.45 17.26 5.86
C GLN A 6 2.24 16.69 4.47
N PRO A 7 1.67 15.47 4.38
CA PRO A 7 1.47 14.77 3.11
C PRO A 7 1.00 15.69 1.99
N ILE A 8 1.78 15.75 0.92
CA ILE A 8 1.54 16.69 -0.18
C ILE A 8 0.35 16.25 -1.05
N TRP A 9 -0.42 15.30 -0.55
CA TRP A 9 -1.57 14.76 -1.29
C TRP A 9 -2.78 15.66 -1.17
N THR A 10 -2.60 16.87 -0.64
CA THR A 10 -3.66 17.86 -0.64
C THR A 10 -4.00 18.24 -2.07
N ASN A 11 -2.99 18.16 -2.93
CA ASN A 11 -3.16 18.39 -4.36
C ASN A 11 -2.88 17.10 -5.10
N PRO A 12 -3.89 16.55 -5.79
CA PRO A 12 -3.81 15.26 -6.44
C PRO A 12 -2.87 15.27 -7.65
N ASN A 13 -2.65 16.46 -8.19
CA ASN A 13 -1.77 16.62 -9.35
C ASN A 13 -0.33 16.75 -8.88
N ALA A 14 -0.13 17.55 -7.84
CA ALA A 14 1.21 17.77 -7.30
C ALA A 14 1.76 16.49 -6.68
N ALA A 15 0.90 15.76 -5.99
CA ALA A 15 1.29 14.48 -5.41
C ALA A 15 1.63 13.49 -6.51
N MET A 16 0.83 13.50 -7.56
CA MET A 16 1.03 12.63 -8.72
C MET A 16 2.36 12.94 -9.39
N THR A 17 2.82 14.18 -9.25
CA THR A 17 4.09 14.61 -9.81
C THR A 17 5.24 13.86 -9.13
N MET A 18 5.15 13.69 -7.82
CA MET A 18 6.14 12.93 -7.05
C MET A 18 6.15 11.49 -7.53
N THR A 19 4.97 10.95 -7.79
CA THR A 19 4.82 9.59 -8.30
C THR A 19 5.50 9.46 -9.67
N ASN A 20 5.24 10.41 -10.54
CA ASN A 20 5.81 10.39 -11.90
C ASN A 20 7.31 10.65 -11.87
N ASN A 21 7.74 11.57 -11.02
CA ASN A 21 9.16 11.88 -10.88
C ASN A 21 9.94 10.64 -10.45
N LEU A 22 9.33 9.83 -9.59
CA LEU A 22 9.93 8.57 -9.17
C LEU A 22 10.17 7.66 -10.36
N VAL A 23 9.16 7.51 -11.19
CA VAL A 23 9.27 6.68 -12.39
C VAL A 23 10.36 7.23 -13.31
N GLN A 24 10.41 8.54 -13.48
CA GLN A 24 11.43 9.17 -14.30
C GLN A 24 12.82 8.95 -13.71
N CYS A 25 12.93 9.08 -12.40
CA CYS A 25 14.22 8.91 -11.73
C CYS A 25 14.65 7.45 -11.77
N ALA A 26 13.70 6.54 -11.64
CA ALA A 26 13.98 5.12 -11.71
C ALA A 26 14.39 4.73 -13.12
N SER A 27 13.73 5.33 -14.10
CA SER A 27 14.05 5.09 -15.50
C SER A 27 15.43 5.66 -15.85
N ARG A 28 15.77 6.82 -15.30
CA ARG A 28 17.03 7.48 -15.61
C ARG A 28 18.18 6.81 -14.86
N SER A 29 17.87 6.04 -13.82
CA SER A 29 18.88 5.32 -13.07
C SER A 29 19.11 3.93 -13.67
N GLY A 30 18.02 3.21 -13.90
CA GLY A 30 18.11 1.91 -14.53
C GLY A 30 18.52 0.81 -13.57
N VAL A 31 18.30 1.03 -12.28
CA VAL A 31 18.65 0.04 -11.28
C VAL A 31 17.55 -1.02 -11.18
N LEU A 32 16.35 -0.64 -11.57
CA LEU A 32 15.19 -1.51 -11.46
C LEU A 32 15.02 -2.33 -12.74
N THR A 33 14.35 -3.47 -12.62
CA THR A 33 14.09 -4.32 -13.77
C THR A 33 12.80 -3.89 -14.48
N ALA A 34 12.47 -4.57 -15.56
CA ALA A 34 11.27 -4.27 -16.32
C ALA A 34 10.01 -4.44 -15.47
N ASP A 35 9.96 -5.52 -14.71
CA ASP A 35 8.82 -5.83 -13.86
C ASP A 35 8.66 -4.77 -12.77
N GLN A 36 9.79 -4.34 -12.21
CA GLN A 36 9.79 -3.31 -11.18
C GLN A 36 9.35 -1.97 -11.78
N MET A 37 9.91 -1.63 -12.92
CA MET A 37 9.60 -0.37 -13.59
C MET A 37 8.14 -0.32 -14.05
N ASP A 38 7.67 -1.43 -14.59
CA ASP A 38 6.29 -1.51 -15.08
C ASP A 38 5.31 -1.37 -13.91
N ASP A 39 5.73 -1.87 -12.75
CA ASP A 39 4.93 -1.76 -11.53
C ASP A 39 4.82 -0.29 -11.13
N MET A 40 5.96 0.39 -11.14
CA MET A 40 6.03 1.82 -10.88
C MET A 40 5.17 2.59 -11.88
N GLY A 41 5.21 2.13 -13.14
CA GLY A 41 4.43 2.75 -14.18
C GLY A 41 2.94 2.64 -13.95
N MET A 42 2.47 1.43 -13.64
CA MET A 42 1.04 1.22 -13.42
C MET A 42 0.60 1.88 -12.12
N MET A 43 1.56 2.07 -11.19
CA MET A 43 1.29 2.79 -9.96
C MET A 43 0.84 4.22 -10.28
N ALA A 44 1.64 4.90 -11.08
CA ALA A 44 1.32 6.27 -11.50
C ALA A 44 0.01 6.29 -12.28
N ASP A 45 -0.17 5.28 -13.14
CA ASP A 45 -1.39 5.17 -13.94
C ASP A 45 -2.62 4.99 -13.07
N SER A 46 -2.46 4.22 -11.99
CA SER A 46 -3.54 3.99 -11.04
C SER A 46 -4.01 5.31 -10.42
N VAL A 47 -3.05 6.13 -10.01
CA VAL A 47 -3.39 7.44 -9.43
C VAL A 47 -4.00 8.35 -10.49
N ASN A 48 -3.42 8.29 -11.69
CA ASN A 48 -3.87 9.12 -12.81
C ASN A 48 -5.31 8.78 -13.21
N SER A 49 -5.59 7.49 -13.32
CA SER A 49 -6.90 7.04 -13.80
C SER A 49 -8.01 7.43 -12.81
N GLN A 50 -7.78 7.21 -11.52
CA GLN A 50 -8.76 7.57 -10.51
C GLN A 50 -9.08 9.06 -10.56
N MET A 51 -8.04 9.87 -10.68
CA MET A 51 -8.17 11.31 -10.75
C MET A 51 -9.10 11.71 -11.88
N GLN A 52 -8.89 11.11 -13.04
CA GLN A 52 -9.70 11.42 -14.22
C GLN A 52 -11.12 10.91 -14.06
N LYS A 53 -11.29 9.78 -13.38
CA LYS A 53 -12.60 9.20 -13.16
C LYS A 53 -13.39 10.02 -12.13
N MET A 54 -12.71 10.49 -11.11
CA MET A 54 -13.34 11.31 -10.09
C MET A 54 -13.58 12.73 -10.59
N GLY A 55 -12.60 13.26 -11.30
CA GLY A 55 -12.74 14.59 -11.87
C GLY A 55 -12.27 15.67 -10.93
N PRO A 56 -12.85 16.87 -11.02
CA PRO A 56 -12.53 17.98 -10.14
C PRO A 56 -13.13 17.81 -8.74
N ASN A 57 -12.38 18.21 -7.73
CA ASN A 57 -12.82 18.11 -6.33
C ASN A 57 -13.09 16.66 -5.92
N PRO A 58 -12.03 15.87 -5.75
CA PRO A 58 -12.14 14.48 -5.32
C PRO A 58 -12.15 14.35 -3.81
N PRO A 59 -12.63 13.18 -3.31
CA PRO A 59 -12.65 12.89 -1.87
C PRO A 59 -11.24 12.83 -1.28
N GLN A 60 -11.00 13.66 -0.27
CA GLN A 60 -9.67 13.80 0.31
C GLN A 60 -9.21 12.52 0.99
N HIS A 61 -10.14 11.73 1.50
CA HIS A 61 -9.77 10.48 2.16
C HIS A 61 -9.22 9.49 1.13
N ARG A 62 -9.65 9.62 -0.11
CA ARG A 62 -9.20 8.72 -1.16
C ARG A 62 -7.77 9.09 -1.57
N LEU A 63 -7.46 10.37 -1.46
CA LEU A 63 -6.10 10.83 -1.67
C LEU A 63 -5.22 10.39 -0.51
N ARG A 64 -5.80 10.40 0.70
CA ARG A 64 -5.14 9.82 1.87
C ARG A 64 -4.81 8.35 1.62
N ALA A 65 -5.77 7.64 1.03
CA ALA A 65 -5.61 6.23 0.73
C ALA A 65 -4.49 5.99 -0.25
N MET A 66 -4.47 6.77 -1.33
CA MET A 66 -3.50 6.59 -2.38
C MET A 66 -2.09 6.97 -1.92
N ASN A 67 -2.02 7.79 -0.88
CA ASN A 67 -0.74 8.10 -0.24
C ASN A 67 -0.08 6.81 0.26
N THR A 68 -0.85 6.02 0.98
CA THR A 68 -0.35 4.77 1.52
C THR A 68 -0.12 3.76 0.40
N ALA A 69 -1.03 3.77 -0.57
CA ALA A 69 -0.95 2.87 -1.72
C ALA A 69 0.34 3.10 -2.51
N MET A 70 0.60 4.36 -2.84
CA MET A 70 1.80 4.73 -3.59
C MET A 70 3.06 4.34 -2.81
N ALA A 71 3.09 4.65 -1.53
CA ALA A 71 4.24 4.35 -0.69
C ALA A 71 4.50 2.85 -0.62
N ALA A 72 3.44 2.09 -0.42
CA ALA A 72 3.55 0.63 -0.35
C ALA A 72 4.02 0.06 -1.67
N GLU A 73 3.53 0.62 -2.77
CA GLU A 73 3.91 0.19 -4.10
C GLU A 73 5.41 0.37 -4.34
N VAL A 74 5.90 1.57 -4.14
CA VAL A 74 7.32 1.86 -4.31
C VAL A 74 8.17 0.92 -3.45
N ALA A 75 7.76 0.73 -2.21
CA ALA A 75 8.48 -0.11 -1.29
C ALA A 75 8.47 -1.57 -1.73
N GLU A 76 7.32 -2.06 -2.17
CA GLU A 76 7.22 -3.44 -2.61
C GLU A 76 7.95 -3.65 -3.94
N VAL A 77 8.03 -2.58 -4.74
CA VAL A 77 8.84 -2.61 -5.96
C VAL A 77 10.30 -2.84 -5.62
N VAL A 78 10.80 -2.07 -4.65
CA VAL A 78 12.18 -2.17 -4.22
C VAL A 78 12.45 -3.53 -3.56
N ALA A 79 11.51 -3.97 -2.73
CA ALA A 79 11.64 -5.23 -2.00
C ALA A 79 11.65 -6.43 -2.95
N THR A 80 11.01 -6.27 -4.11
CA THR A 80 11.00 -7.34 -5.09
C THR A 80 12.22 -7.24 -6.00
N SER A 81 13.37 -7.67 -5.47
CA SER A 81 14.62 -7.65 -6.20
C SER A 81 15.60 -8.61 -5.54
N PRO A 82 16.69 -8.98 -6.24
CA PRO A 82 17.77 -9.79 -5.65
C PRO A 82 18.42 -9.04 -4.50
N PRO A 83 18.71 -9.73 -3.38
CA PRO A 83 19.20 -9.08 -2.15
C PRO A 83 20.58 -8.47 -2.32
N GLN A 84 21.24 -8.83 -3.42
CA GLN A 84 22.56 -8.32 -3.72
C GLN A 84 22.47 -6.94 -4.37
N SER A 85 21.28 -6.57 -4.83
CA SER A 85 21.08 -5.28 -5.47
C SER A 85 19.95 -4.52 -4.81
N TYR A 86 19.39 -5.11 -3.75
CA TYR A 86 18.28 -4.51 -3.02
C TYR A 86 18.68 -3.15 -2.44
N SER A 87 19.89 -3.06 -1.91
CA SER A 87 20.37 -1.84 -1.31
C SER A 87 20.55 -0.76 -2.37
N ALA A 88 20.94 -1.18 -3.57
CA ALA A 88 21.11 -0.24 -4.68
C ALA A 88 19.77 0.34 -5.11
N VAL A 89 18.79 -0.54 -5.31
CA VAL A 89 17.46 -0.10 -5.69
C VAL A 89 16.85 0.78 -4.61
N LEU A 90 17.03 0.38 -3.35
CA LEU A 90 16.50 1.11 -2.21
C LEU A 90 17.08 2.52 -2.17
N ASN A 91 18.41 2.59 -2.19
CA ASN A 91 19.12 3.88 -2.13
C ASN A 91 18.68 4.79 -3.27
N THR A 92 18.43 4.19 -4.42
CA THR A 92 17.99 4.94 -5.59
C THR A 92 16.63 5.58 -5.33
N ILE A 93 15.65 4.77 -4.95
CA ILE A 93 14.33 5.29 -4.63
C ILE A 93 14.40 6.29 -3.49
N GLY A 94 15.17 5.98 -2.45
CA GLY A 94 15.32 6.89 -1.33
C GLY A 94 15.84 8.25 -1.75
N ALA A 95 16.81 8.25 -2.64
CA ALA A 95 17.37 9.49 -3.16
C ALA A 95 16.37 10.20 -4.06
N CYS A 96 15.72 9.45 -4.95
CA CYS A 96 14.74 10.01 -5.87
C CYS A 96 13.52 10.54 -5.10
N LEU A 97 13.22 9.93 -3.97
CA LEU A 97 12.13 10.38 -3.11
C LEU A 97 12.33 11.85 -2.72
N ARG A 98 13.54 12.15 -2.31
CA ARG A 98 13.91 13.51 -1.91
C ARG A 98 13.70 14.49 -3.06
N GLU A 99 14.27 14.16 -4.22
CA GLU A 99 14.22 15.07 -5.36
C GLU A 99 12.85 15.08 -6.04
N SER A 100 12.10 13.99 -5.93
CA SER A 100 10.74 13.96 -6.46
C SER A 100 9.88 15.00 -5.74
N MET A 101 10.06 15.10 -4.44
CA MET A 101 9.36 16.11 -3.66
C MET A 101 9.86 17.50 -4.05
N MET A 102 11.17 17.61 -4.23
CA MET A 102 11.80 18.87 -4.64
C MET A 102 11.28 19.32 -6.01
N GLN A 103 11.09 18.38 -6.93
CA GLN A 103 10.61 18.70 -8.27
C GLN A 103 9.10 18.90 -8.27
N ALA A 104 8.42 18.28 -7.32
CA ALA A 104 6.96 18.33 -7.29
C ALA A 104 6.45 19.59 -6.59
N THR A 105 6.74 19.69 -5.29
CA THR A 105 6.24 20.80 -4.50
C THR A 105 7.28 21.91 -4.40
N GLY A 106 8.54 21.54 -4.53
CA GLY A 106 9.62 22.49 -4.35
C GLY A 106 10.20 22.40 -2.96
N SER A 107 9.69 21.44 -2.19
CA SER A 107 10.16 21.22 -0.84
C SER A 107 10.29 19.73 -0.57
N VAL A 108 11.29 19.35 0.20
CA VAL A 108 11.52 17.94 0.50
C VAL A 108 10.74 17.50 1.72
N ASP A 109 9.66 16.77 1.49
CA ASP A 109 8.95 16.12 2.59
C ASP A 109 9.68 14.83 2.94
N ASN A 110 9.93 14.63 4.22
CA ASN A 110 10.61 13.43 4.67
C ASN A 110 9.63 12.50 5.36
N ALA A 111 8.40 12.95 5.52
CA ALA A 111 7.38 12.14 6.17
C ALA A 111 6.99 10.98 5.26
N PHE A 112 6.63 11.30 4.03
CA PHE A 112 6.33 10.28 3.04
C PHE A 112 7.60 9.49 2.70
N THR A 113 8.70 10.22 2.56
CA THR A 113 9.99 9.62 2.22
C THR A 113 10.41 8.58 3.27
N ASN A 114 10.34 8.93 4.55
CA ASN A 114 10.70 8.01 5.63
C ASN A 114 9.73 6.84 5.67
N GLU A 115 8.46 7.13 5.44
CA GLU A 115 7.42 6.11 5.45
C GLU A 115 7.76 4.99 4.48
N VAL A 116 8.16 5.35 3.27
CA VAL A 116 8.53 4.38 2.24
C VAL A 116 9.77 3.59 2.67
N MET A 117 10.68 4.25 3.37
CA MET A 117 11.93 3.63 3.79
C MET A 117 11.66 2.59 4.86
N GLN A 118 10.68 2.88 5.71
CA GLN A 118 10.28 1.95 6.76
C GLN A 118 9.50 0.79 6.15
N LEU A 119 8.66 1.11 5.17
CA LEU A 119 7.87 0.11 4.46
C LEU A 119 8.77 -0.93 3.81
N VAL A 120 9.71 -0.46 2.99
CA VAL A 120 10.56 -1.35 2.22
C VAL A 120 11.44 -2.22 3.13
N LYS A 121 11.79 -1.69 4.30
CA LYS A 121 12.56 -2.45 5.27
C LYS A 121 11.69 -3.48 5.96
N MET A 122 10.42 -3.14 6.18
CA MET A 122 9.48 -4.04 6.82
C MET A 122 9.21 -5.25 5.93
N LEU A 123 9.03 -5.03 4.63
CA LEU A 123 8.82 -6.13 3.68
C LEU A 123 10.08 -6.96 3.54
N SER A 124 11.21 -6.38 3.87
CA SER A 124 12.50 -7.05 3.72
C SER A 124 12.94 -7.71 5.02
N ALA A 125 12.09 -7.65 6.04
CA ALA A 125 12.43 -8.23 7.33
C ALA A 125 11.26 -9.01 7.90
N ASP A 126 11.27 -10.31 7.68
CA ASP A 126 10.24 -11.18 8.23
C ASP A 126 10.54 -11.52 9.68
N SER A 127 9.60 -11.20 10.56
CA SER A 127 9.78 -11.46 11.97
C SER A 127 9.53 -12.93 12.30
N ALA A 128 10.53 -13.74 12.03
CA ALA A 128 10.45 -15.17 12.29
C ALA A 128 11.20 -15.51 13.57
N ASN A 129 11.43 -14.50 14.39
CA ASN A 129 12.14 -14.68 15.65
C ASN A 129 11.21 -15.30 16.68
N GLU A 130 11.28 -16.62 16.80
CA GLU A 130 10.41 -17.34 17.70
C GLU A 130 11.16 -17.82 18.92
N VAL A 131 10.44 -18.02 20.01
CA VAL A 131 11.00 -18.56 21.23
C VAL A 131 10.13 -19.71 21.72
N SER A 132 9.41 -20.30 20.77
CA SER A 132 8.45 -21.34 21.06
C SER A 132 9.14 -22.69 21.20
N THR A 133 9.51 -23.04 22.43
CA THR A 133 10.12 -24.32 22.71
C THR A 133 9.06 -25.34 23.14
N GLY B 1 -6.03 -25.80 8.20
CA GLY B 1 -5.42 -25.09 7.08
C GLY B 1 -5.16 -23.64 7.41
N SER B 2 -4.61 -23.40 8.59
CA SER B 2 -4.28 -22.05 9.02
C SER B 2 -2.78 -21.91 9.16
N GLY B 3 -2.18 -21.08 8.33
CA GLY B 3 -0.75 -20.88 8.39
C GLY B 3 -0.27 -19.95 7.31
N ASN B 4 0.36 -20.49 6.28
CA ASN B 4 0.83 -19.68 5.17
C ASN B 4 0.49 -20.37 3.85
N SER B 5 0.24 -19.57 2.85
CA SER B 5 0.00 -20.07 1.51
C SER B 5 0.74 -19.19 0.52
N GLN B 6 0.68 -19.55 -0.75
CA GLN B 6 1.23 -18.71 -1.78
C GLN B 6 0.19 -17.67 -2.17
N PRO B 7 0.62 -16.43 -2.49
CA PRO B 7 -0.25 -15.30 -2.77
C PRO B 7 -1.55 -15.70 -3.48
N ILE B 8 -2.66 -15.57 -2.76
CA ILE B 8 -3.96 -16.04 -3.24
C ILE B 8 -4.46 -15.19 -4.43
N TRP B 9 -3.68 -14.20 -4.80
CA TRP B 9 -3.99 -13.33 -5.92
C TRP B 9 -3.72 -14.04 -7.25
N THR B 10 -3.47 -15.34 -7.19
CA THR B 10 -3.28 -16.14 -8.40
C THR B 10 -4.51 -16.04 -9.31
N ASN B 11 -5.68 -15.92 -8.68
CA ASN B 11 -6.90 -15.63 -9.40
C ASN B 11 -7.40 -14.26 -9.00
N PRO B 12 -7.61 -13.37 -9.97
CA PRO B 12 -7.99 -11.99 -9.71
C PRO B 12 -9.35 -11.87 -9.05
N ASN B 13 -10.26 -12.79 -9.37
CA ASN B 13 -11.59 -12.78 -8.80
C ASN B 13 -11.59 -13.43 -7.41
N ALA B 14 -10.83 -14.51 -7.27
CA ALA B 14 -10.73 -15.21 -5.98
C ALA B 14 -10.10 -14.31 -4.93
N ALA B 15 -9.06 -13.59 -5.32
CA ALA B 15 -8.40 -12.65 -4.43
C ALA B 15 -9.34 -11.49 -4.09
N MET B 16 -10.05 -11.03 -5.09
CA MET B 16 -11.03 -9.96 -4.93
C MET B 16 -12.13 -10.38 -3.96
N THR B 17 -12.36 -11.68 -3.84
CA THR B 17 -13.34 -12.21 -2.92
C THR B 17 -12.94 -11.90 -1.47
N MET B 18 -11.64 -12.00 -1.19
CA MET B 18 -11.10 -11.67 0.12
C MET B 18 -11.33 -10.18 0.39
N THR B 19 -11.08 -9.37 -0.64
CA THR B 19 -11.25 -7.93 -0.55
C THR B 19 -12.72 -7.55 -0.29
N ASN B 20 -13.62 -8.20 -1.01
CA ASN B 20 -15.05 -7.92 -0.89
C ASN B 20 -15.62 -8.41 0.43
N ASN B 21 -15.28 -9.63 0.82
CA ASN B 21 -15.77 -10.18 2.08
C ASN B 21 -15.20 -9.40 3.25
N LEU B 22 -14.01 -8.85 3.07
CA LEU B 22 -13.38 -8.03 4.09
C LEU B 22 -14.25 -6.83 4.42
N VAL B 23 -14.72 -6.16 3.38
CA VAL B 23 -15.59 -5.01 3.53
C VAL B 23 -16.92 -5.43 4.15
N GLN B 24 -17.45 -6.57 3.72
CA GLN B 24 -18.71 -7.08 4.25
C GLN B 24 -18.58 -7.40 5.74
N CYS B 25 -17.43 -7.90 6.14
CA CYS B 25 -17.17 -8.22 7.54
C CYS B 25 -17.08 -6.93 8.36
N ALA B 26 -16.43 -5.92 7.81
CA ALA B 26 -16.32 -4.62 8.46
C ALA B 26 -17.68 -3.93 8.53
N SER B 27 -18.48 -4.16 7.50
CA SER B 27 -19.80 -3.58 7.40
C SER B 27 -20.75 -4.16 8.46
N ARG B 28 -20.58 -5.44 8.78
CA ARG B 28 -21.47 -6.10 9.73
C ARG B 28 -20.97 -5.96 11.17
N SER B 29 -19.74 -5.48 11.33
CA SER B 29 -19.21 -5.26 12.66
C SER B 29 -19.54 -3.85 13.13
N GLY B 30 -19.41 -2.89 12.22
CA GLY B 30 -19.81 -1.52 12.51
C GLY B 30 -18.83 -0.80 13.43
N VAL B 31 -17.62 -1.33 13.54
CA VAL B 31 -16.60 -0.72 14.40
C VAL B 31 -15.97 0.49 13.71
N LEU B 32 -15.96 0.43 12.38
CA LEU B 32 -15.27 1.44 11.58
C LEU B 32 -16.19 2.63 11.31
N THR B 33 -15.59 3.77 11.03
CA THR B 33 -16.33 4.98 10.72
C THR B 33 -16.66 5.05 9.23
N ALA B 34 -17.37 6.09 8.82
CA ALA B 34 -17.75 6.27 7.42
C ALA B 34 -16.52 6.43 6.54
N ASP B 35 -15.53 7.18 7.03
CA ASP B 35 -14.29 7.41 6.30
C ASP B 35 -13.56 6.09 6.09
N GLN B 36 -13.46 5.32 7.16
CA GLN B 36 -12.79 4.02 7.13
C GLN B 36 -13.52 3.05 6.20
N MET B 37 -14.84 2.96 6.34
CA MET B 37 -15.63 2.03 5.56
C MET B 37 -15.62 2.38 4.07
N ASP B 38 -15.66 3.66 3.75
CA ASP B 38 -15.68 4.09 2.35
C ASP B 38 -14.32 3.83 1.72
N ASP B 39 -13.27 3.90 2.52
CA ASP B 39 -11.92 3.59 2.07
C ASP B 39 -11.84 2.12 1.69
N MET B 40 -12.43 1.27 2.55
CA MET B 40 -12.52 -0.16 2.32
C MET B 40 -13.34 -0.44 1.05
N GLY B 41 -14.49 0.21 0.95
CA GLY B 41 -15.34 0.04 -0.22
C GLY B 41 -14.66 0.49 -1.50
N MET B 42 -13.95 1.61 -1.41
CA MET B 42 -13.17 2.12 -2.52
C MET B 42 -12.10 1.12 -2.94
N MET B 43 -11.44 0.55 -1.95
CA MET B 43 -10.39 -0.42 -2.18
C MET B 43 -10.88 -1.54 -3.11
N ALA B 44 -11.99 -2.16 -2.72
CA ALA B 44 -12.56 -3.26 -3.49
C ALA B 44 -13.01 -2.79 -4.87
N ASP B 45 -13.49 -1.56 -4.95
CA ASP B 45 -13.99 -0.98 -6.19
C ASP B 45 -12.85 -0.68 -7.16
N SER B 46 -11.74 -0.20 -6.61
CA SER B 46 -10.57 0.13 -7.42
C SER B 46 -9.96 -1.14 -8.02
N VAL B 47 -9.96 -2.22 -7.26
CA VAL B 47 -9.49 -3.51 -7.77
C VAL B 47 -10.44 -3.98 -8.86
N ASN B 48 -11.72 -3.79 -8.63
CA ASN B 48 -12.76 -4.21 -9.55
C ASN B 48 -12.67 -3.46 -10.88
N SER B 49 -12.64 -2.13 -10.80
CA SER B 49 -12.67 -1.28 -11.99
C SER B 49 -11.43 -1.49 -12.86
N GLN B 50 -10.27 -1.61 -12.23
CA GLN B 50 -9.03 -1.88 -12.96
C GLN B 50 -9.09 -3.22 -13.66
N MET B 51 -9.78 -4.18 -13.06
CA MET B 51 -9.93 -5.50 -13.66
C MET B 51 -10.94 -5.45 -14.80
N GLN B 52 -11.86 -4.49 -14.76
CA GLN B 52 -12.79 -4.29 -15.87
C GLN B 52 -12.05 -3.75 -17.08
N LYS B 53 -11.08 -2.88 -16.81
CA LYS B 53 -10.26 -2.29 -17.86
C LYS B 53 -9.38 -3.33 -18.55
N MET B 54 -8.67 -4.12 -17.76
CA MET B 54 -7.70 -5.06 -18.31
C MET B 54 -8.34 -6.39 -18.66
N GLY B 55 -9.25 -6.85 -17.83
CA GLY B 55 -9.89 -8.13 -18.07
C GLY B 55 -9.03 -9.29 -17.58
N PRO B 56 -9.34 -10.52 -18.00
CA PRO B 56 -8.59 -11.71 -17.60
C PRO B 56 -7.19 -11.74 -18.22
N ASN B 57 -6.28 -12.45 -17.56
CA ASN B 57 -4.89 -12.57 -17.99
C ASN B 57 -4.18 -11.22 -18.01
N PRO B 58 -3.84 -10.69 -16.81
CA PRO B 58 -3.04 -9.50 -16.67
C PRO B 58 -1.56 -9.85 -16.43
N PRO B 59 -0.69 -8.85 -16.30
CA PRO B 59 0.70 -9.10 -15.91
C PRO B 59 0.79 -9.70 -14.51
N GLN B 60 1.78 -10.56 -14.27
CA GLN B 60 1.88 -11.25 -12.99
C GLN B 60 2.18 -10.29 -11.85
N HIS B 61 2.99 -9.28 -12.12
CA HIS B 61 3.32 -8.29 -11.09
C HIS B 61 2.10 -7.46 -10.70
N ARG B 62 1.11 -7.44 -11.58
CA ARG B 62 -0.16 -6.79 -11.30
C ARG B 62 -0.78 -7.40 -10.05
N LEU B 63 -0.76 -8.72 -9.99
CA LEU B 63 -1.29 -9.45 -8.84
C LEU B 63 -0.33 -9.31 -7.66
N ARG B 64 0.97 -9.38 -7.96
CA ARG B 64 2.02 -9.22 -6.95
C ARG B 64 1.88 -7.91 -6.19
N ALA B 65 1.68 -6.83 -6.92
CA ALA B 65 1.61 -5.51 -6.33
C ALA B 65 0.30 -5.26 -5.61
N MET B 66 -0.81 -5.65 -6.23
CA MET B 66 -2.14 -5.40 -5.64
C MET B 66 -2.30 -6.10 -4.31
N ASN B 67 -1.56 -7.20 -4.13
CA ASN B 67 -1.51 -7.86 -2.83
C ASN B 67 -1.07 -6.87 -1.76
N THR B 68 0.05 -6.20 -2.01
CA THR B 68 0.60 -5.23 -1.08
C THR B 68 -0.30 -4.01 -0.98
N ALA B 69 -0.85 -3.59 -2.12
CA ALA B 69 -1.74 -2.43 -2.17
C ALA B 69 -2.94 -2.64 -1.26
N MET B 70 -3.60 -3.78 -1.41
CA MET B 70 -4.79 -4.11 -0.62
C MET B 70 -4.47 -4.11 0.88
N ALA B 71 -3.36 -4.72 1.24
CA ALA B 71 -2.97 -4.82 2.64
C ALA B 71 -2.76 -3.44 3.26
N ALA B 72 -2.06 -2.58 2.54
CA ALA B 72 -1.78 -1.23 3.02
C ALA B 72 -3.06 -0.42 3.17
N GLU B 73 -4.00 -0.62 2.25
CA GLU B 73 -5.28 0.08 2.28
C GLU B 73 -6.06 -0.31 3.53
N VAL B 74 -6.02 -1.58 3.89
CA VAL B 74 -6.70 -2.05 5.09
C VAL B 74 -6.04 -1.48 6.35
N ALA B 75 -4.72 -1.51 6.37
CA ALA B 75 -3.96 -1.04 7.53
C ALA B 75 -4.20 0.44 7.79
N GLU B 76 -4.22 1.24 6.72
CA GLU B 76 -4.44 2.66 6.86
C GLU B 76 -5.84 2.93 7.41
N VAL B 77 -6.80 2.09 7.00
CA VAL B 77 -8.17 2.20 7.48
C VAL B 77 -8.21 2.00 8.98
N VAL B 78 -7.52 0.98 9.45
CA VAL B 78 -7.48 0.68 10.88
C VAL B 78 -6.75 1.79 11.64
N ALA B 79 -5.63 2.25 11.08
CA ALA B 79 -4.80 3.27 11.71
C ALA B 79 -5.50 4.62 11.77
N THR B 80 -6.42 4.85 10.85
CA THR B 80 -7.17 6.10 10.83
C THR B 80 -8.40 6.00 11.74
N SER B 81 -8.15 6.04 13.05
CA SER B 81 -9.20 5.99 14.04
C SER B 81 -8.65 6.46 15.38
N PRO B 82 -9.52 6.88 16.31
CA PRO B 82 -9.09 7.23 17.67
C PRO B 82 -8.53 6.02 18.40
N PRO B 83 -7.54 6.22 19.28
CA PRO B 83 -6.85 5.13 19.97
C PRO B 83 -7.83 4.22 20.72
N GLN B 84 -8.91 4.83 21.20
CA GLN B 84 -9.93 4.11 21.95
C GLN B 84 -10.60 3.02 21.11
N SER B 85 -10.64 3.23 19.80
CA SER B 85 -11.30 2.29 18.90
C SER B 85 -10.28 1.58 18.00
N TYR B 86 -9.04 2.05 18.03
CA TYR B 86 -7.98 1.52 17.17
C TYR B 86 -7.82 0.02 17.33
N SER B 87 -7.69 -0.44 18.56
CA SER B 87 -7.46 -1.85 18.82
C SER B 87 -8.70 -2.67 18.45
N ALA B 88 -9.87 -2.08 18.67
CA ALA B 88 -11.12 -2.71 18.31
C ALA B 88 -11.23 -2.92 16.81
N VAL B 89 -10.97 -1.86 16.05
CA VAL B 89 -11.00 -1.93 14.59
C VAL B 89 -9.94 -2.92 14.10
N LEU B 90 -8.77 -2.87 14.73
CA LEU B 90 -7.65 -3.74 14.41
C LEU B 90 -8.06 -5.20 14.59
N ASN B 91 -8.58 -5.51 15.77
CA ASN B 91 -8.98 -6.87 16.11
C ASN B 91 -10.09 -7.34 15.18
N THR B 92 -10.94 -6.42 14.75
CA THR B 92 -12.00 -6.74 13.81
C THR B 92 -11.41 -7.16 12.47
N ILE B 93 -10.59 -6.30 11.89
CA ILE B 93 -9.95 -6.59 10.61
C ILE B 93 -9.09 -7.86 10.70
N GLY B 94 -8.31 -7.97 11.78
CA GLY B 94 -7.44 -9.12 11.96
C GLY B 94 -8.19 -10.44 11.93
N ALA B 95 -9.42 -10.43 12.39
CA ALA B 95 -10.26 -11.62 12.39
C ALA B 95 -10.94 -11.81 11.03
N CYS B 96 -11.38 -10.70 10.44
CA CYS B 96 -12.06 -10.74 9.16
C CYS B 96 -11.15 -11.24 8.04
N LEU B 97 -9.85 -10.91 8.12
CA LEU B 97 -8.90 -11.38 7.12
C LEU B 97 -8.85 -12.90 7.10
N ARG B 98 -8.83 -13.49 8.28
CA ARG B 98 -8.79 -14.94 8.42
C ARG B 98 -10.00 -15.58 7.75
N GLU B 99 -11.19 -15.05 8.02
CA GLU B 99 -12.41 -15.64 7.50
C GLU B 99 -12.59 -15.34 6.02
N SER B 100 -12.14 -14.18 5.56
CA SER B 100 -12.22 -13.82 4.16
C SER B 100 -11.41 -14.79 3.31
N MET B 101 -10.25 -15.20 3.83
CA MET B 101 -9.43 -16.20 3.14
C MET B 101 -10.14 -17.54 3.13
N MET B 102 -10.74 -17.90 4.25
CA MET B 102 -11.49 -19.15 4.38
C MET B 102 -12.65 -19.19 3.37
N GLN B 103 -13.27 -18.04 3.15
CA GLN B 103 -14.42 -17.94 2.27
C GLN B 103 -14.00 -17.65 0.82
N ALA B 104 -12.71 -17.44 0.61
CA ALA B 104 -12.20 -17.14 -0.72
C ALA B 104 -11.47 -18.34 -1.32
N THR B 105 -10.45 -18.82 -0.62
CA THR B 105 -9.64 -19.92 -1.10
C THR B 105 -10.04 -21.23 -0.45
N GLY B 106 -10.49 -21.13 0.80
CA GLY B 106 -10.83 -22.31 1.55
C GLY B 106 -9.78 -22.62 2.60
N SER B 107 -8.75 -21.79 2.64
CA SER B 107 -7.67 -21.94 3.60
C SER B 107 -7.32 -20.58 4.22
N VAL B 108 -6.65 -20.60 5.36
CA VAL B 108 -6.28 -19.36 6.04
C VAL B 108 -4.82 -19.03 5.83
N ASP B 109 -4.56 -18.04 4.98
CA ASP B 109 -3.21 -17.51 4.84
C ASP B 109 -3.00 -16.40 5.86
N ASN B 110 -2.08 -16.62 6.78
CA ASN B 110 -1.79 -15.63 7.79
C ASN B 110 -0.61 -14.78 7.37
N ALA B 111 -0.05 -15.08 6.22
CA ALA B 111 1.07 -14.30 5.70
C ALA B 111 0.59 -12.91 5.31
N PHE B 112 -0.46 -12.86 4.51
CA PHE B 112 -1.09 -11.59 4.13
C PHE B 112 -1.69 -10.94 5.38
N THR B 113 -2.44 -11.73 6.14
CA THR B 113 -3.04 -11.28 7.37
C THR B 113 -2.02 -10.64 8.33
N ASN B 114 -0.86 -11.28 8.49
CA ASN B 114 0.16 -10.75 9.40
C ASN B 114 0.78 -9.48 8.83
N GLU B 115 0.91 -9.42 7.51
CA GLU B 115 1.49 -8.25 6.85
C GLU B 115 0.68 -7.00 7.21
N VAL B 116 -0.63 -7.13 7.15
CA VAL B 116 -1.53 -6.02 7.49
C VAL B 116 -1.36 -5.63 8.96
N MET B 117 -1.11 -6.61 9.82
CA MET B 117 -0.96 -6.36 11.25
C MET B 117 0.30 -5.57 11.52
N GLN B 118 1.35 -5.88 10.75
CA GLN B 118 2.62 -5.18 10.88
C GLN B 118 2.50 -3.76 10.32
N LEU B 119 1.81 -3.65 9.18
CA LEU B 119 1.60 -2.36 8.53
C LEU B 119 0.92 -1.37 9.47
N VAL B 120 -0.17 -1.80 10.08
CA VAL B 120 -0.98 -0.91 10.90
C VAL B 120 -0.25 -0.51 12.18
N LYS B 121 0.64 -1.38 12.65
CA LYS B 121 1.45 -1.07 13.83
C LYS B 121 2.56 -0.09 13.48
N MET B 122 3.11 -0.23 12.28
CA MET B 122 4.16 0.65 11.80
C MET B 122 3.63 2.08 11.65
N LEU B 123 2.40 2.20 11.17
CA LEU B 123 1.77 3.50 11.00
C LEU B 123 1.46 4.14 12.35
N SER B 124 1.31 3.32 13.37
CA SER B 124 0.97 3.82 14.70
C SER B 124 2.24 4.08 15.51
N ALA B 125 3.39 3.84 14.91
CA ALA B 125 4.65 4.03 15.59
C ALA B 125 5.13 5.48 15.46
N ASP B 126 4.82 6.28 16.47
CA ASP B 126 5.20 7.68 16.48
C ASP B 126 6.55 7.88 17.13
N SER B 127 7.34 6.82 17.16
CA SER B 127 8.64 6.86 17.77
C SER B 127 9.70 7.29 16.76
N ALA B 128 9.83 8.60 16.58
CA ALA B 128 10.82 9.16 15.68
C ALA B 128 11.90 9.87 16.48
N ASN B 129 12.21 9.29 17.63
CA ASN B 129 13.18 9.85 18.56
C ASN B 129 14.54 10.00 17.89
N GLU B 130 15.10 11.21 17.98
CA GLU B 130 16.39 11.49 17.38
C GLU B 130 17.50 11.14 18.37
N VAL B 131 18.33 10.17 17.98
CA VAL B 131 19.37 9.65 18.85
C VAL B 131 20.61 10.54 18.86
N SER B 132 20.46 11.75 18.34
CA SER B 132 21.54 12.73 18.35
C SER B 132 21.85 13.14 19.80
N THR B 133 22.87 12.50 20.37
CA THR B 133 23.23 12.71 21.75
C THR B 133 24.45 13.62 21.88
N GLY A 1 5.08 28.15 2.55
CA GLY A 1 5.62 29.21 3.43
C GLY A 1 4.68 29.56 4.56
N SER A 2 4.14 28.55 5.22
CA SER A 2 3.25 28.74 6.35
C SER A 2 3.67 27.84 7.51
N GLY A 3 3.09 28.07 8.68
CA GLY A 3 3.42 27.24 9.84
C GLY A 3 2.71 25.90 9.82
N ASN A 4 2.81 25.20 8.70
CA ASN A 4 2.12 23.93 8.52
C ASN A 4 3.07 22.87 7.97
N SER A 5 3.51 21.98 8.84
CA SER A 5 4.32 20.86 8.42
C SER A 5 3.44 19.63 8.19
N GLN A 6 3.18 19.32 6.93
CA GLN A 6 2.27 18.25 6.57
C GLN A 6 2.60 17.74 5.17
N PRO A 7 2.15 16.51 4.83
CA PRO A 7 2.34 15.94 3.49
C PRO A 7 1.67 16.80 2.41
N ILE A 8 2.17 16.68 1.18
CA ILE A 8 1.70 17.51 0.07
C ILE A 8 0.36 17.03 -0.48
N TRP A 9 -0.28 16.11 0.22
CA TRP A 9 -1.52 15.52 -0.26
C TRP A 9 -2.73 16.42 0.02
N THR A 10 -2.80 17.52 -0.72
CA THR A 10 -3.98 18.37 -0.72
C THR A 10 -4.59 18.40 -2.11
N ASN A 11 -3.73 18.15 -3.11
CA ASN A 11 -4.16 18.09 -4.50
C ASN A 11 -3.65 16.81 -5.15
N PRO A 12 -4.54 16.09 -5.85
CA PRO A 12 -4.20 14.82 -6.48
C PRO A 12 -3.14 14.98 -7.57
N ASN A 13 -3.30 16.01 -8.39
CA ASN A 13 -2.37 16.25 -9.50
C ASN A 13 -0.99 16.62 -8.99
N ALA A 14 -0.95 17.40 -7.91
CA ALA A 14 0.31 17.79 -7.29
C ALA A 14 1.06 16.56 -6.79
N ALA A 15 0.32 15.64 -6.18
CA ALA A 15 0.90 14.40 -5.68
C ALA A 15 1.31 13.50 -6.84
N MET A 16 0.46 13.43 -7.86
CA MET A 16 0.73 12.61 -9.04
C MET A 16 2.04 13.02 -9.71
N THR A 17 2.35 14.31 -9.65
CA THR A 17 3.61 14.81 -10.21
C THR A 17 4.80 14.16 -9.52
N MET A 18 4.69 13.94 -8.22
CA MET A 18 5.73 13.25 -7.45
C MET A 18 5.79 11.79 -7.90
N THR A 19 4.62 11.19 -8.09
CA THR A 19 4.51 9.81 -8.53
C THR A 19 5.14 9.62 -9.91
N ASN A 20 4.87 10.57 -10.80
CA ASN A 20 5.35 10.51 -12.18
C ASN A 20 6.87 10.67 -12.23
N ASN A 21 7.38 11.69 -11.54
CA ASN A 21 8.83 11.93 -11.49
C ASN A 21 9.55 10.72 -10.90
N LEU A 22 8.88 10.06 -9.96
CA LEU A 22 9.43 8.89 -9.28
C LEU A 22 9.63 7.74 -10.26
N VAL A 23 8.76 7.65 -11.26
CA VAL A 23 8.88 6.62 -12.28
C VAL A 23 9.97 7.00 -13.28
N GLN A 24 10.03 8.27 -13.63
CA GLN A 24 11.02 8.78 -14.57
C GLN A 24 12.45 8.51 -14.10
N CYS A 25 12.72 8.77 -12.82
CA CYS A 25 14.05 8.56 -12.28
C CYS A 25 14.38 7.07 -12.21
N ALA A 26 13.40 6.27 -11.82
CA ALA A 26 13.55 4.82 -11.75
C ALA A 26 13.84 4.25 -13.13
N SER A 27 13.15 4.77 -14.11
CA SER A 27 13.28 4.31 -15.48
C SER A 27 14.70 4.51 -16.02
N ARG A 28 15.28 5.67 -15.74
CA ARG A 28 16.61 5.99 -16.27
C ARG A 28 17.72 5.45 -15.38
N SER A 29 17.45 5.28 -14.09
CA SER A 29 18.46 4.77 -13.16
C SER A 29 18.82 3.32 -13.52
N GLY A 30 17.80 2.55 -13.88
CA GLY A 30 18.03 1.21 -14.38
C GLY A 30 18.22 0.18 -13.28
N VAL A 31 18.01 0.59 -12.03
CA VAL A 31 18.16 -0.33 -10.90
C VAL A 31 16.95 -1.24 -10.78
N LEU A 32 15.84 -0.85 -11.40
CA LEU A 32 14.63 -1.65 -11.38
C LEU A 32 14.48 -2.41 -12.69
N THR A 33 13.85 -3.57 -12.62
CA THR A 33 13.63 -4.38 -13.80
C THR A 33 12.35 -3.97 -14.52
N ALA A 34 12.05 -4.62 -15.64
CA ALA A 34 10.86 -4.29 -16.42
C ALA A 34 9.59 -4.59 -15.63
N ASP A 35 9.67 -5.61 -14.78
CA ASP A 35 8.56 -5.98 -13.92
C ASP A 35 8.30 -4.86 -12.92
N GLN A 36 9.35 -4.47 -12.22
CA GLN A 36 9.25 -3.43 -11.19
C GLN A 36 8.80 -2.10 -11.78
N MET A 37 9.30 -1.79 -12.97
CA MET A 37 8.98 -0.53 -13.63
C MET A 37 7.50 -0.44 -13.99
N ASP A 38 6.90 -1.56 -14.34
CA ASP A 38 5.48 -1.57 -14.67
C ASP A 38 4.64 -1.63 -13.40
N ASP A 39 5.22 -2.18 -12.34
CA ASP A 39 4.57 -2.14 -11.02
C ASP A 39 4.41 -0.69 -10.57
N MET A 40 5.52 0.05 -10.62
CA MET A 40 5.49 1.48 -10.31
C MET A 40 4.70 2.23 -11.40
N GLY A 41 4.62 1.63 -12.57
CA GLY A 41 3.84 2.18 -13.64
C GLY A 41 2.36 2.20 -13.29
N MET A 42 1.86 1.09 -12.76
CA MET A 42 0.47 1.01 -12.36
C MET A 42 0.23 1.84 -11.10
N MET A 43 1.30 2.12 -10.37
CA MET A 43 1.23 3.06 -9.26
C MET A 43 0.77 4.43 -9.75
N ALA A 44 1.49 4.95 -10.74
CA ALA A 44 1.14 6.23 -11.33
C ALA A 44 -0.22 6.15 -12.04
N ASP A 45 -0.51 4.98 -12.58
CA ASP A 45 -1.77 4.76 -13.30
C ASP A 45 -2.96 4.72 -12.34
N SER A 46 -2.77 4.10 -11.18
CA SER A 46 -3.86 3.99 -10.20
C SER A 46 -4.22 5.37 -9.65
N VAL A 47 -3.21 6.21 -9.43
CA VAL A 47 -3.46 7.57 -9.00
C VAL A 47 -4.15 8.36 -10.11
N ASN A 48 -3.74 8.11 -11.34
CA ASN A 48 -4.27 8.80 -12.51
C ASN A 48 -5.72 8.40 -12.78
N SER A 49 -5.97 7.10 -12.78
CA SER A 49 -7.30 6.57 -13.07
C SER A 49 -8.32 7.07 -12.06
N GLN A 50 -7.91 7.20 -10.80
CA GLN A 50 -8.78 7.72 -9.76
C GLN A 50 -9.21 9.15 -10.08
N MET A 51 -8.30 9.94 -10.62
CA MET A 51 -8.63 11.31 -11.00
C MET A 51 -9.58 11.32 -12.19
N GLN A 52 -9.47 10.30 -13.03
CA GLN A 52 -10.38 10.16 -14.18
C GLN A 52 -11.75 9.69 -13.71
N LYS A 53 -11.76 8.90 -12.64
CA LYS A 53 -13.01 8.42 -12.04
C LYS A 53 -13.72 9.55 -11.29
N MET A 54 -12.98 10.21 -10.41
CA MET A 54 -13.54 11.26 -9.58
C MET A 54 -13.59 12.59 -10.33
N GLY A 55 -12.46 13.26 -10.41
CA GLY A 55 -12.41 14.54 -11.08
C GLY A 55 -11.54 15.54 -10.33
N PRO A 56 -11.84 16.85 -10.47
CA PRO A 56 -11.03 17.92 -9.89
C PRO A 56 -11.39 18.24 -8.44
N ASN A 57 -12.39 17.54 -7.92
CA ASN A 57 -12.86 17.77 -6.56
C ASN A 57 -13.14 16.45 -5.84
N PRO A 58 -12.08 15.67 -5.56
CA PRO A 58 -12.19 14.42 -4.81
C PRO A 58 -12.18 14.65 -3.29
N PRO A 59 -12.61 13.64 -2.52
CA PRO A 59 -12.58 13.68 -1.06
C PRO A 59 -11.15 13.69 -0.52
N GLN A 60 -10.90 14.53 0.47
CA GLN A 60 -9.57 14.70 1.04
C GLN A 60 -9.08 13.42 1.73
N HIS A 61 -9.98 12.73 2.43
CA HIS A 61 -9.61 11.51 3.15
C HIS A 61 -9.11 10.44 2.19
N ARG A 62 -9.57 10.51 0.95
CA ARG A 62 -9.15 9.56 -0.06
C ARG A 62 -7.68 9.78 -0.39
N LEU A 63 -7.27 11.05 -0.38
CA LEU A 63 -5.87 11.41 -0.58
C LEU A 63 -5.06 10.98 0.64
N ARG A 64 -5.69 11.07 1.82
CA ARG A 64 -5.08 10.59 3.06
C ARG A 64 -4.69 9.12 2.93
N ALA A 65 -5.60 8.31 2.40
CA ALA A 65 -5.35 6.90 2.22
C ALA A 65 -4.36 6.66 1.08
N MET A 66 -4.48 7.46 0.02
CA MET A 66 -3.61 7.34 -1.14
C MET A 66 -2.16 7.65 -0.80
N ASN A 67 -1.94 8.44 0.24
CA ASN A 67 -0.61 8.74 0.73
C ASN A 67 0.17 7.46 1.03
N THR A 68 -0.45 6.56 1.79
CA THR A 68 0.18 5.29 2.12
C THR A 68 0.12 4.33 0.93
N ALA A 69 -0.92 4.46 0.11
CA ALA A 69 -1.07 3.62 -1.07
C ALA A 69 0.12 3.78 -2.00
N MET A 70 0.36 5.01 -2.43
CA MET A 70 1.48 5.31 -3.33
C MET A 70 2.81 4.92 -2.67
N ALA A 71 2.91 5.20 -1.38
CA ALA A 71 4.13 4.89 -0.63
C ALA A 71 4.44 3.39 -0.66
N ALA A 72 3.44 2.57 -0.36
CA ALA A 72 3.62 1.13 -0.32
C ALA A 72 3.79 0.56 -1.72
N GLU A 73 3.19 1.22 -2.71
CA GLU A 73 3.32 0.77 -4.10
C GLU A 73 4.76 0.88 -4.57
N VAL A 74 5.56 1.66 -3.86
CA VAL A 74 6.99 1.73 -4.13
C VAL A 74 7.76 0.73 -3.26
N ALA A 75 7.45 0.73 -1.97
CA ALA A 75 8.17 -0.10 -0.99
C ALA A 75 8.22 -1.57 -1.40
N GLU A 76 7.07 -2.16 -1.69
CA GLU A 76 7.02 -3.56 -2.08
C GLU A 76 7.79 -3.83 -3.37
N VAL A 77 7.83 -2.83 -4.25
CA VAL A 77 8.59 -2.95 -5.49
C VAL A 77 10.09 -3.01 -5.17
N VAL A 78 10.50 -2.29 -4.14
CA VAL A 78 11.89 -2.31 -3.70
C VAL A 78 12.22 -3.61 -2.98
N ALA A 79 11.30 -4.06 -2.14
CA ALA A 79 11.52 -5.25 -1.31
C ALA A 79 11.42 -6.55 -2.12
N THR A 80 10.87 -6.47 -3.33
CA THR A 80 10.67 -7.66 -4.15
C THR A 80 11.89 -7.94 -5.04
N SER A 81 12.92 -7.11 -4.91
CA SER A 81 14.11 -7.27 -5.73
C SER A 81 15.11 -8.21 -5.06
N PRO A 82 16.10 -8.73 -5.81
CA PRO A 82 17.18 -9.55 -5.25
C PRO A 82 17.97 -8.80 -4.17
N PRO A 83 18.69 -9.52 -3.29
CA PRO A 83 19.38 -8.89 -2.17
C PRO A 83 20.47 -7.93 -2.64
N GLN A 84 21.00 -8.21 -3.82
CA GLN A 84 22.04 -7.36 -4.41
C GLN A 84 21.42 -6.11 -5.04
N SER A 85 20.14 -6.18 -5.35
CA SER A 85 19.46 -5.09 -6.03
C SER A 85 18.66 -4.28 -5.03
N TYR A 86 18.31 -4.91 -3.91
CA TYR A 86 17.54 -4.26 -2.84
C TYR A 86 18.11 -2.91 -2.48
N SER A 87 19.36 -2.90 -2.02
CA SER A 87 20.03 -1.70 -1.61
C SER A 87 20.15 -0.70 -2.76
N ALA A 88 20.35 -1.21 -3.97
CA ALA A 88 20.48 -0.37 -5.15
C ALA A 88 19.17 0.35 -5.45
N VAL A 89 18.07 -0.39 -5.39
CA VAL A 89 16.76 0.19 -5.64
C VAL A 89 16.33 1.09 -4.48
N LEU A 90 16.56 0.61 -3.26
CA LEU A 90 16.20 1.36 -2.06
C LEU A 90 16.87 2.73 -2.07
N ASN A 91 18.17 2.74 -2.29
CA ASN A 91 18.95 3.98 -2.34
C ASN A 91 18.42 4.90 -3.43
N THR A 92 18.16 4.32 -4.60
CA THR A 92 17.68 5.06 -5.75
C THR A 92 16.32 5.69 -5.48
N ILE A 93 15.40 4.88 -4.98
CA ILE A 93 14.07 5.36 -4.64
C ILE A 93 14.14 6.37 -3.49
N GLY A 94 14.84 6.02 -2.42
CA GLY A 94 14.95 6.88 -1.26
C GLY A 94 15.44 8.27 -1.61
N ALA A 95 16.43 8.33 -2.49
CA ALA A 95 16.96 9.61 -2.94
C ALA A 95 15.99 10.31 -3.88
N CYS A 96 15.35 9.54 -4.74
CA CYS A 96 14.45 10.10 -5.75
C CYS A 96 13.20 10.70 -5.12
N LEU A 97 12.74 10.15 -4.00
CA LEU A 97 11.59 10.73 -3.31
C LEU A 97 11.89 12.16 -2.90
N ARG A 98 13.10 12.38 -2.43
CA ARG A 98 13.57 13.72 -2.09
C ARG A 98 13.60 14.60 -3.34
N GLU A 99 14.11 14.04 -4.43
CA GLU A 99 14.19 14.76 -5.71
C GLU A 99 12.81 15.09 -6.26
N SER A 100 11.95 14.08 -6.34
CA SER A 100 10.61 14.24 -6.90
C SER A 100 9.81 15.31 -6.15
N MET A 101 9.94 15.34 -4.83
CA MET A 101 9.26 16.37 -4.04
C MET A 101 9.80 17.76 -4.40
N MET A 102 11.12 17.83 -4.59
CA MET A 102 11.77 19.07 -4.99
C MET A 102 11.33 19.50 -6.39
N GLN A 103 11.04 18.51 -7.24
CA GLN A 103 10.62 18.79 -8.61
C GLN A 103 9.13 19.11 -8.68
N ALA A 104 8.34 18.51 -7.79
CA ALA A 104 6.90 18.66 -7.82
C ALA A 104 6.44 19.92 -7.08
N THR A 105 6.73 19.98 -5.79
CA THR A 105 6.28 21.09 -4.97
C THR A 105 7.38 22.12 -4.79
N GLY A 106 8.61 21.66 -4.80
CA GLY A 106 9.74 22.54 -4.56
C GLY A 106 10.20 22.44 -3.11
N SER A 107 9.58 21.54 -2.37
CA SER A 107 9.89 21.34 -0.98
C SER A 107 9.96 19.84 -0.69
N VAL A 108 11.02 19.42 0.00
CA VAL A 108 11.19 18.00 0.30
C VAL A 108 10.39 17.61 1.52
N ASP A 109 9.30 16.89 1.29
CA ASP A 109 8.53 16.33 2.38
C ASP A 109 9.23 15.09 2.93
N ASN A 110 9.28 14.99 4.24
CA ASN A 110 9.98 13.89 4.87
C ASN A 110 8.98 12.82 5.32
N ALA A 111 7.71 13.21 5.44
CA ALA A 111 6.68 12.31 5.93
C ALA A 111 6.45 11.16 4.96
N PHE A 112 6.33 11.49 3.68
CA PHE A 112 6.13 10.49 2.65
C PHE A 112 7.42 9.71 2.41
N THR A 113 8.51 10.44 2.25
CA THR A 113 9.82 9.86 2.01
C THR A 113 10.22 8.85 3.09
N ASN A 114 9.98 9.21 4.35
CA ASN A 114 10.32 8.34 5.47
C ASN A 114 9.40 7.13 5.51
N GLU A 115 8.12 7.36 5.22
CA GLU A 115 7.10 6.32 5.29
C GLU A 115 7.44 5.16 4.35
N VAL A 116 7.83 5.48 3.13
CA VAL A 116 8.19 4.46 2.15
C VAL A 116 9.39 3.64 2.64
N MET A 117 10.30 4.31 3.34
CA MET A 117 11.51 3.65 3.82
C MET A 117 11.16 2.66 4.92
N GLN A 118 10.27 3.06 5.79
CA GLN A 118 9.85 2.21 6.91
C GLN A 118 9.05 1.02 6.39
N LEU A 119 8.24 1.25 5.36
CA LEU A 119 7.47 0.20 4.73
C LEU A 119 8.37 -0.90 4.18
N VAL A 120 9.36 -0.50 3.38
CA VAL A 120 10.22 -1.46 2.71
C VAL A 120 11.15 -2.17 3.69
N LYS A 121 11.63 -1.45 4.70
CA LYS A 121 12.51 -2.03 5.71
C LYS A 121 11.75 -3.01 6.58
N MET A 122 10.47 -2.74 6.80
CA MET A 122 9.62 -3.59 7.60
C MET A 122 9.42 -4.96 6.95
N LEU A 123 9.14 -4.95 5.66
CA LEU A 123 8.92 -6.19 4.92
C LEU A 123 10.22 -6.95 4.69
N SER A 124 11.34 -6.24 4.79
CA SER A 124 12.64 -6.85 4.58
C SER A 124 13.30 -7.15 5.92
N ALA A 125 12.52 -7.07 6.99
CA ALA A 125 13.05 -7.25 8.34
C ALA A 125 12.94 -8.70 8.79
N ASP A 126 12.91 -9.60 7.84
CA ASP A 126 12.88 -11.02 8.15
C ASP A 126 14.25 -11.63 7.90
N SER A 127 15.20 -11.24 8.74
CA SER A 127 16.54 -11.77 8.68
C SER A 127 16.81 -12.62 9.91
N ALA A 128 17.32 -13.82 9.71
CA ALA A 128 17.52 -14.76 10.82
C ALA A 128 18.92 -15.36 10.77
N ASN A 129 19.89 -14.53 10.45
CA ASN A 129 21.28 -14.98 10.44
C ASN A 129 21.90 -14.73 11.81
N GLU A 130 22.03 -15.79 12.58
CA GLU A 130 22.52 -15.70 13.95
C GLU A 130 24.03 -15.47 13.96
N VAL A 131 24.43 -14.36 14.54
CA VAL A 131 25.82 -13.96 14.57
C VAL A 131 26.58 -14.73 15.64
N SER A 132 25.85 -15.40 16.51
CA SER A 132 26.45 -16.29 17.50
C SER A 132 27.12 -17.45 16.79
N THR A 133 28.43 -17.41 16.71
CA THR A 133 29.19 -18.38 15.94
C THR A 133 29.90 -19.38 16.85
N GLY B 1 -3.55 -31.55 0.64
CA GLY B 1 -2.59 -32.07 -0.33
C GLY B 1 -1.62 -31.02 -0.79
N SER B 2 -2.08 -29.76 -0.81
CA SER B 2 -1.23 -28.66 -1.20
C SER B 2 -0.38 -28.19 -0.01
N GLY B 3 0.82 -28.74 0.09
CA GLY B 3 1.71 -28.40 1.19
C GLY B 3 2.40 -27.08 0.97
N ASN B 4 2.82 -26.84 -0.26
CA ASN B 4 3.43 -25.56 -0.62
C ASN B 4 2.38 -24.63 -1.20
N SER B 5 1.86 -23.77 -0.34
CA SER B 5 0.82 -22.83 -0.74
C SER B 5 1.41 -21.46 -1.02
N GLN B 6 0.61 -20.56 -1.57
CA GLN B 6 1.05 -19.22 -1.90
C GLN B 6 -0.08 -18.23 -1.67
N PRO B 7 0.21 -16.92 -1.64
CA PRO B 7 -0.82 -15.88 -1.58
C PRO B 7 -1.88 -16.07 -2.68
N ILE B 8 -3.14 -15.84 -2.33
CA ILE B 8 -4.25 -16.16 -3.23
C ILE B 8 -4.36 -15.16 -4.37
N TRP B 9 -3.42 -14.22 -4.45
CA TRP B 9 -3.43 -13.21 -5.49
C TRP B 9 -2.90 -13.78 -6.82
N THR B 10 -2.76 -15.10 -6.85
CA THR B 10 -2.48 -15.80 -8.09
C THR B 10 -3.68 -15.68 -9.02
N ASN B 11 -4.86 -15.55 -8.42
CA ASN B 11 -6.10 -15.33 -9.14
C ASN B 11 -6.72 -14.01 -8.67
N PRO B 12 -6.83 -13.03 -9.57
CA PRO B 12 -7.25 -11.68 -9.20
C PRO B 12 -8.73 -11.60 -8.82
N ASN B 13 -9.55 -12.42 -9.46
CA ASN B 13 -10.98 -12.43 -9.19
C ASN B 13 -11.27 -13.13 -7.86
N ALA B 14 -10.57 -14.23 -7.63
CA ALA B 14 -10.71 -14.96 -6.38
C ALA B 14 -10.16 -14.13 -5.21
N ALA B 15 -9.03 -13.47 -5.44
CA ALA B 15 -8.45 -12.59 -4.44
C ALA B 15 -9.37 -11.43 -4.13
N MET B 16 -10.08 -10.95 -5.16
CA MET B 16 -11.02 -9.86 -5.01
C MET B 16 -12.14 -10.24 -4.04
N THR B 17 -12.40 -11.52 -3.91
CA THR B 17 -13.42 -12.01 -2.99
C THR B 17 -13.00 -11.71 -1.54
N MET B 18 -11.70 -11.81 -1.27
CA MET B 18 -11.16 -11.51 0.04
C MET B 18 -11.36 -10.02 0.34
N THR B 19 -11.09 -9.19 -0.67
CA THR B 19 -11.27 -7.76 -0.55
C THR B 19 -12.75 -7.41 -0.33
N ASN B 20 -13.60 -8.08 -1.10
CA ASN B 20 -15.04 -7.87 -1.03
C ASN B 20 -15.61 -8.25 0.34
N ASN B 21 -15.15 -9.38 0.88
CA ASN B 21 -15.63 -9.85 2.17
C ASN B 21 -15.23 -8.91 3.29
N LEU B 22 -14.03 -8.35 3.21
CA LEU B 22 -13.55 -7.38 4.19
C LEU B 22 -14.50 -6.20 4.30
N VAL B 23 -14.95 -5.69 3.16
CA VAL B 23 -15.86 -4.56 3.15
C VAL B 23 -17.20 -4.93 3.78
N GLN B 24 -17.67 -6.14 3.49
CA GLN B 24 -18.95 -6.61 4.00
C GLN B 24 -18.93 -6.80 5.51
N CYS B 25 -17.80 -7.27 6.04
CA CYS B 25 -17.68 -7.47 7.48
C CYS B 25 -17.37 -6.16 8.20
N ALA B 26 -16.55 -5.33 7.57
CA ALA B 26 -16.19 -4.02 8.13
C ALA B 26 -17.41 -3.14 8.29
N SER B 27 -18.23 -3.07 7.24
CA SER B 27 -19.39 -2.19 7.23
C SER B 27 -20.43 -2.61 8.27
N ARG B 28 -20.44 -3.89 8.64
CA ARG B 28 -21.44 -4.39 9.57
C ARG B 28 -20.90 -4.45 11.00
N SER B 29 -19.66 -4.04 11.19
CA SER B 29 -19.04 -4.10 12.52
C SER B 29 -19.48 -2.91 13.37
N GLY B 30 -19.33 -1.72 12.81
CA GLY B 30 -19.63 -0.52 13.55
C GLY B 30 -18.41 0.07 14.22
N VAL B 31 -17.26 -0.55 13.97
CA VAL B 31 -16.01 -0.09 14.57
C VAL B 31 -15.38 1.01 13.71
N LEU B 32 -15.52 0.87 12.40
CA LEU B 32 -14.91 1.79 11.47
C LEU B 32 -15.86 2.94 11.13
N THR B 33 -15.28 4.09 10.82
CA THR B 33 -16.06 5.27 10.49
C THR B 33 -16.40 5.30 9.00
N ALA B 34 -17.27 6.22 8.61
CA ALA B 34 -17.64 6.39 7.21
C ALA B 34 -16.43 6.76 6.37
N ASP B 35 -15.50 7.47 7.00
CA ASP B 35 -14.25 7.87 6.37
C ASP B 35 -13.45 6.63 5.96
N GLN B 36 -13.18 5.81 6.96
CA GLN B 36 -12.41 4.58 6.78
C GLN B 36 -13.12 3.63 5.81
N MET B 37 -14.43 3.52 5.96
CA MET B 37 -15.23 2.61 5.14
C MET B 37 -15.19 3.00 3.66
N ASP B 38 -15.13 4.30 3.39
CA ASP B 38 -15.08 4.76 2.01
C ASP B 38 -13.72 4.42 1.40
N ASP B 39 -12.66 4.52 2.20
CA ASP B 39 -11.32 4.14 1.75
C ASP B 39 -11.29 2.67 1.36
N MET B 40 -11.92 1.83 2.19
CA MET B 40 -11.99 0.40 1.91
C MET B 40 -12.85 0.13 0.68
N GLY B 41 -13.84 0.99 0.47
CA GLY B 41 -14.70 0.84 -0.68
C GLY B 41 -13.96 1.07 -1.99
N MET B 42 -13.15 2.12 -2.04
CA MET B 42 -12.37 2.41 -3.24
C MET B 42 -11.29 1.34 -3.43
N MET B 43 -10.88 0.72 -2.32
CA MET B 43 -9.93 -0.39 -2.38
C MET B 43 -10.47 -1.52 -3.24
N ALA B 44 -11.68 -1.96 -2.92
CA ALA B 44 -12.31 -3.03 -3.68
C ALA B 44 -12.56 -2.62 -5.13
N ASP B 45 -12.95 -1.36 -5.31
CA ASP B 45 -13.27 -0.84 -6.65
C ASP B 45 -12.02 -0.71 -7.52
N SER B 46 -10.92 -0.25 -6.93
CA SER B 46 -9.68 -0.10 -7.67
C SER B 46 -9.16 -1.45 -8.16
N VAL B 47 -9.24 -2.47 -7.31
CA VAL B 47 -8.86 -3.82 -7.72
C VAL B 47 -9.79 -4.30 -8.84
N ASN B 48 -11.06 -3.95 -8.72
CA ASN B 48 -12.07 -4.31 -9.73
C ASN B 48 -11.77 -3.63 -11.06
N SER B 49 -11.48 -2.33 -11.00
CA SER B 49 -11.23 -1.55 -12.20
C SER B 49 -9.90 -1.93 -12.85
N GLN B 50 -8.96 -2.43 -12.06
CA GLN B 50 -7.72 -2.93 -12.62
C GLN B 50 -7.98 -4.17 -13.46
N MET B 51 -8.92 -5.00 -13.00
CA MET B 51 -9.33 -6.17 -13.77
C MET B 51 -10.08 -5.76 -15.02
N GLN B 52 -10.73 -4.60 -14.97
CA GLN B 52 -11.38 -4.03 -16.14
C GLN B 52 -10.34 -3.63 -17.18
N LYS B 53 -9.16 -3.25 -16.69
CA LYS B 53 -8.05 -2.86 -17.56
C LYS B 53 -7.30 -4.09 -18.09
N MET B 54 -6.98 -5.01 -17.18
CA MET B 54 -6.19 -6.19 -17.53
C MET B 54 -7.03 -7.20 -18.29
N GLY B 55 -8.20 -7.52 -17.74
CA GLY B 55 -9.03 -8.55 -18.32
C GLY B 55 -8.45 -9.93 -18.11
N PRO B 56 -8.41 -10.75 -19.17
CA PRO B 56 -7.84 -12.09 -19.11
C PRO B 56 -6.31 -12.09 -19.23
N ASN B 57 -5.70 -13.15 -18.72
CA ASN B 57 -4.23 -13.32 -18.74
C ASN B 57 -3.55 -12.12 -18.11
N PRO B 58 -3.64 -11.96 -16.77
CA PRO B 58 -3.06 -10.80 -16.10
C PRO B 58 -1.57 -10.94 -15.82
N PRO B 59 -0.90 -9.79 -15.67
CA PRO B 59 0.53 -9.73 -15.34
C PRO B 59 0.79 -10.15 -13.89
N GLN B 60 1.51 -11.26 -13.73
CA GLN B 60 1.78 -11.82 -12.41
C GLN B 60 2.43 -10.81 -11.47
N HIS B 61 3.35 -10.01 -11.99
CA HIS B 61 4.09 -9.06 -11.15
C HIS B 61 3.15 -7.98 -10.58
N ARG B 62 2.16 -7.56 -11.35
CA ARG B 62 1.22 -6.56 -10.84
C ARG B 62 0.40 -7.16 -9.71
N LEU B 63 0.21 -8.48 -9.76
CA LEU B 63 -0.56 -9.19 -8.74
C LEU B 63 0.24 -9.28 -7.44
N ARG B 64 1.56 -9.46 -7.57
CA ARG B 64 2.43 -9.55 -6.38
C ARG B 64 2.42 -8.21 -5.63
N ALA B 65 2.38 -7.11 -6.39
CA ALA B 65 2.35 -5.79 -5.80
C ALA B 65 0.97 -5.47 -5.23
N MET B 66 -0.07 -5.83 -5.97
CA MET B 66 -1.44 -5.59 -5.53
C MET B 66 -1.79 -6.41 -4.29
N ASN B 67 -1.10 -7.53 -4.13
CA ASN B 67 -1.23 -8.34 -2.93
C ASN B 67 -1.02 -7.48 -1.68
N THR B 68 0.11 -6.82 -1.63
CA THR B 68 0.43 -5.97 -0.50
C THR B 68 -0.27 -4.61 -0.61
N ALA B 69 -0.62 -4.21 -1.82
CA ALA B 69 -1.37 -2.97 -2.02
C ALA B 69 -2.67 -3.01 -1.25
N MET B 70 -3.44 -4.08 -1.46
CA MET B 70 -4.69 -4.29 -0.74
C MET B 70 -4.43 -4.30 0.76
N ALA B 71 -3.38 -5.01 1.16
CA ALA B 71 -3.02 -5.13 2.57
C ALA B 71 -2.70 -3.77 3.20
N ALA B 72 -1.89 -2.98 2.51
CA ALA B 72 -1.49 -1.66 2.99
C ALA B 72 -2.66 -0.70 3.02
N GLU B 73 -3.57 -0.86 2.07
CA GLU B 73 -4.79 -0.04 2.04
C GLU B 73 -5.61 -0.29 3.29
N VAL B 74 -5.80 -1.57 3.63
CA VAL B 74 -6.50 -1.93 4.86
C VAL B 74 -5.75 -1.39 6.07
N ALA B 75 -4.43 -1.56 6.08
CA ALA B 75 -3.60 -1.10 7.17
C ALA B 75 -3.74 0.42 7.36
N GLU B 76 -3.75 1.15 6.26
CA GLU B 76 -3.95 2.59 6.28
C GLU B 76 -5.31 2.93 6.90
N VAL B 77 -6.32 2.16 6.55
CA VAL B 77 -7.67 2.36 7.08
C VAL B 77 -7.69 2.11 8.59
N VAL B 78 -7.05 1.03 9.01
CA VAL B 78 -7.01 0.66 10.42
C VAL B 78 -6.17 1.65 11.23
N ALA B 79 -5.00 2.01 10.70
CA ALA B 79 -4.09 2.91 11.40
C ALA B 79 -4.69 4.30 11.57
N THR B 80 -5.49 4.72 10.60
CA THR B 80 -6.14 6.02 10.69
C THR B 80 -7.43 5.91 11.48
N SER B 81 -7.30 5.85 12.79
CA SER B 81 -8.45 5.77 13.68
C SER B 81 -8.09 6.34 15.04
N PRO B 82 -9.10 6.69 15.86
CA PRO B 82 -8.87 7.11 17.25
C PRO B 82 -8.12 6.05 18.04
N PRO B 83 -7.30 6.47 19.02
CA PRO B 83 -6.44 5.55 19.78
C PRO B 83 -7.27 4.55 20.58
N GLN B 84 -8.53 4.89 20.79
CA GLN B 84 -9.45 4.05 21.53
C GLN B 84 -10.12 3.02 20.63
N SER B 85 -10.12 3.28 19.32
CA SER B 85 -10.80 2.41 18.37
C SER B 85 -9.80 1.60 17.54
N TYR B 86 -8.58 2.11 17.42
CA TYR B 86 -7.51 1.46 16.65
C TYR B 86 -7.45 -0.04 16.92
N SER B 87 -7.23 -0.38 18.18
CA SER B 87 -7.07 -1.76 18.59
C SER B 87 -8.29 -2.61 18.24
N ALA B 88 -9.47 -1.99 18.26
CA ALA B 88 -10.70 -2.67 17.93
C ALA B 88 -10.82 -2.88 16.43
N VAL B 89 -10.55 -1.83 15.66
CA VAL B 89 -10.57 -1.92 14.20
C VAL B 89 -9.57 -2.97 13.73
N LEU B 90 -8.38 -2.94 14.33
CA LEU B 90 -7.30 -3.86 14.00
C LEU B 90 -7.77 -5.30 14.19
N ASN B 91 -8.34 -5.58 15.35
CA ASN B 91 -8.83 -6.92 15.67
C ASN B 91 -9.95 -7.34 14.73
N THR B 92 -10.80 -6.39 14.38
CA THR B 92 -11.93 -6.67 13.50
C THR B 92 -11.45 -7.12 12.13
N ILE B 93 -10.51 -6.36 11.57
CA ILE B 93 -9.93 -6.72 10.28
C ILE B 93 -9.13 -8.02 10.37
N GLY B 94 -8.30 -8.13 11.40
CA GLY B 94 -7.49 -9.34 11.57
C GLY B 94 -8.34 -10.60 11.69
N ALA B 95 -9.46 -10.48 12.38
CA ALA B 95 -10.38 -11.60 12.53
C ALA B 95 -11.07 -11.93 11.21
N CYS B 96 -11.49 -10.88 10.50
CA CYS B 96 -12.21 -11.04 9.25
C CYS B 96 -11.27 -11.54 8.14
N LEU B 97 -9.99 -11.22 8.27
CA LEU B 97 -8.97 -11.69 7.34
C LEU B 97 -8.99 -13.21 7.21
N ARG B 98 -9.03 -13.87 8.36
CA ARG B 98 -9.08 -15.33 8.40
C ARG B 98 -10.33 -15.83 7.67
N GLU B 99 -11.47 -15.26 8.03
CA GLU B 99 -12.76 -15.64 7.45
C GLU B 99 -12.76 -15.43 5.94
N SER B 100 -12.34 -14.23 5.53
CA SER B 100 -12.34 -13.85 4.12
C SER B 100 -11.57 -14.84 3.25
N MET B 101 -10.42 -15.28 3.75
CA MET B 101 -9.60 -16.23 2.99
C MET B 101 -10.31 -17.58 2.87
N MET B 102 -10.91 -18.02 3.97
CA MET B 102 -11.63 -19.28 3.99
C MET B 102 -12.80 -19.27 3.02
N GLN B 103 -13.48 -18.13 2.94
CA GLN B 103 -14.66 -18.00 2.10
C GLN B 103 -14.30 -17.70 0.65
N ALA B 104 -13.07 -17.26 0.42
CA ALA B 104 -12.64 -16.88 -0.92
C ALA B 104 -12.06 -18.08 -1.67
N THR B 105 -11.09 -18.76 -1.06
CA THR B 105 -10.39 -19.82 -1.74
C THR B 105 -10.74 -21.19 -1.16
N GLY B 106 -10.81 -21.27 0.16
CA GLY B 106 -11.05 -22.53 0.83
C GLY B 106 -9.96 -22.82 1.84
N SER B 107 -8.90 -22.03 1.79
CA SER B 107 -7.81 -22.12 2.75
C SER B 107 -7.49 -20.74 3.28
N VAL B 108 -7.15 -20.64 4.55
CA VAL B 108 -6.79 -19.36 5.12
C VAL B 108 -5.30 -19.12 5.04
N ASP B 109 -4.90 -18.25 4.12
CA ASP B 109 -3.51 -17.90 3.95
C ASP B 109 -3.04 -17.02 5.11
N ASN B 110 -1.92 -17.40 5.71
CA ASN B 110 -1.39 -16.68 6.85
C ASN B 110 -0.46 -15.56 6.38
N ALA B 111 0.10 -15.71 5.19
CA ALA B 111 1.04 -14.74 4.66
C ALA B 111 0.40 -13.36 4.52
N PHE B 112 -0.72 -13.31 3.81
CA PHE B 112 -1.43 -12.06 3.59
C PHE B 112 -2.01 -11.54 4.91
N THR B 113 -2.64 -12.44 5.67
CA THR B 113 -3.26 -12.09 6.93
C THR B 113 -2.23 -11.45 7.89
N ASN B 114 -1.04 -12.04 7.96
CA ASN B 114 0.00 -11.54 8.83
C ASN B 114 0.59 -10.24 8.28
N GLU B 115 0.73 -10.17 6.97
CA GLU B 115 1.33 -9.01 6.30
C GLU B 115 0.52 -7.75 6.60
N VAL B 116 -0.81 -7.86 6.55
CA VAL B 116 -1.67 -6.72 6.88
C VAL B 116 -1.40 -6.25 8.30
N MET B 117 -1.18 -7.21 9.19
CA MET B 117 -0.91 -6.91 10.59
C MET B 117 0.44 -6.21 10.73
N GLN B 118 1.44 -6.72 10.03
CA GLN B 118 2.78 -6.13 10.05
C GLN B 118 2.73 -4.66 9.61
N LEU B 119 1.96 -4.41 8.55
CA LEU B 119 1.83 -3.07 7.99
C LEU B 119 1.22 -2.10 8.99
N VAL B 120 0.08 -2.48 9.57
CA VAL B 120 -0.66 -1.59 10.46
C VAL B 120 0.06 -1.42 11.80
N LYS B 121 0.75 -2.46 12.24
CA LYS B 121 1.49 -2.41 13.50
C LYS B 121 2.77 -1.60 13.34
N MET B 122 3.09 -1.22 12.13
CA MET B 122 4.26 -0.40 11.86
C MET B 122 3.85 1.05 11.67
N LEU B 123 2.88 1.28 10.80
CA LEU B 123 2.43 2.62 10.45
C LEU B 123 1.90 3.38 11.67
N SER B 124 1.20 2.67 12.53
CA SER B 124 0.57 3.31 13.68
C SER B 124 1.42 3.15 14.94
N ALA B 125 2.68 2.74 14.76
CA ALA B 125 3.57 2.49 15.89
C ALA B 125 4.48 3.67 16.16
N ASP B 126 4.01 4.84 15.80
CA ASP B 126 4.77 6.06 16.07
C ASP B 126 4.38 6.63 17.42
N SER B 127 5.10 6.20 18.44
CA SER B 127 4.86 6.66 19.80
C SER B 127 6.13 6.55 20.62
N ALA B 128 6.72 7.70 20.93
CA ALA B 128 7.95 7.76 21.69
C ALA B 128 7.66 8.18 23.13
N ASN B 129 6.58 7.64 23.66
CA ASN B 129 6.13 7.96 25.02
C ASN B 129 7.22 7.62 26.04
N GLU B 130 7.39 8.48 27.02
CA GLU B 130 8.41 8.30 28.05
C GLU B 130 8.07 7.12 28.95
N VAL B 131 9.08 6.38 29.34
CA VAL B 131 8.87 5.19 30.17
C VAL B 131 9.23 5.50 31.62
N SER B 132 9.50 6.76 31.89
CA SER B 132 9.78 7.22 33.24
C SER B 132 8.51 7.12 34.08
N THR B 133 8.46 6.10 34.92
CA THR B 133 7.29 5.83 35.73
C THR B 133 7.45 6.45 37.13
N GLY A 1 9.32 25.72 2.26
CA GLY A 1 10.46 25.17 3.04
C GLY A 1 10.49 23.66 2.97
N SER A 2 11.19 23.04 3.92
CA SER A 2 11.29 21.60 3.98
C SER A 2 11.56 21.15 5.41
N GLY A 3 11.93 19.90 5.58
CA GLY A 3 12.14 19.36 6.92
C GLY A 3 10.82 18.95 7.54
N ASN A 4 10.16 19.89 8.18
CA ASN A 4 8.81 19.66 8.66
C ASN A 4 7.83 20.42 7.76
N SER A 5 6.83 19.70 7.27
CA SER A 5 5.84 20.28 6.39
C SER A 5 4.54 19.49 6.47
N GLN A 6 3.43 20.13 6.14
CA GLN A 6 2.15 19.44 6.07
C GLN A 6 2.14 18.53 4.85
N PRO A 7 1.49 17.35 4.96
CA PRO A 7 1.45 16.36 3.89
C PRO A 7 1.10 16.96 2.53
N ILE A 8 2.00 16.77 1.57
CA ILE A 8 1.86 17.37 0.24
C ILE A 8 0.68 16.77 -0.54
N TRP A 9 0.07 15.73 0.03
CA TRP A 9 -1.06 15.07 -0.60
C TRP A 9 -2.33 15.92 -0.55
N THR A 10 -2.18 17.16 -0.13
CA THR A 10 -3.28 18.12 -0.18
C THR A 10 -3.64 18.39 -1.65
N ASN A 11 -2.68 18.17 -2.54
CA ASN A 11 -2.91 18.31 -3.97
C ASN A 11 -2.60 17.00 -4.68
N PRO A 12 -3.62 16.37 -5.26
CA PRO A 12 -3.49 15.06 -5.90
C PRO A 12 -2.69 15.13 -7.20
N ASN A 13 -2.82 16.22 -7.93
CA ASN A 13 -2.07 16.42 -9.17
C ASN A 13 -0.59 16.59 -8.85
N ALA A 14 -0.30 17.35 -7.80
CA ALA A 14 1.06 17.55 -7.35
C ALA A 14 1.67 16.24 -6.85
N ALA A 15 0.87 15.48 -6.11
CA ALA A 15 1.31 14.17 -5.62
C ALA A 15 1.58 13.23 -6.78
N MET A 16 0.69 13.25 -7.77
CA MET A 16 0.84 12.43 -8.97
C MET A 16 2.11 12.82 -9.72
N THR A 17 2.48 14.09 -9.61
CA THR A 17 3.70 14.57 -10.22
C THR A 17 4.92 13.91 -9.57
N MET A 18 4.83 13.68 -8.26
CA MET A 18 5.88 12.99 -7.52
C MET A 18 5.97 11.54 -8.00
N THR A 19 4.80 10.93 -8.20
CA THR A 19 4.72 9.58 -8.74
C THR A 19 5.35 9.52 -10.13
N ASN A 20 5.02 10.50 -10.96
CA ASN A 20 5.56 10.60 -12.31
C ASN A 20 7.07 10.82 -12.28
N ASN A 21 7.52 11.70 -11.40
CA ASN A 21 8.94 11.99 -11.25
C ASN A 21 9.72 10.73 -10.88
N LEU A 22 9.14 9.91 -9.99
CA LEU A 22 9.78 8.67 -9.59
C LEU A 22 9.94 7.72 -10.77
N VAL A 23 8.91 7.63 -11.61
CA VAL A 23 8.96 6.76 -12.77
C VAL A 23 10.04 7.23 -13.75
N GLN A 24 10.09 8.53 -13.99
CA GLN A 24 11.12 9.10 -14.86
C GLN A 24 12.50 8.86 -14.25
N CYS A 25 12.60 9.12 -12.95
CA CYS A 25 13.84 8.96 -12.22
C CYS A 25 14.32 7.50 -12.27
N ALA A 26 13.38 6.58 -12.10
CA ALA A 26 13.69 5.15 -12.14
C ALA A 26 14.09 4.71 -13.54
N SER A 27 13.38 5.22 -14.53
CA SER A 27 13.63 4.85 -15.91
C SER A 27 14.99 5.38 -16.39
N ARG A 28 15.39 6.55 -15.88
CA ARG A 28 16.64 7.15 -16.31
C ARG A 28 17.82 6.63 -15.48
N SER A 29 17.55 6.15 -14.28
CA SER A 29 18.59 5.57 -13.44
C SER A 29 18.97 4.19 -13.96
N GLY A 30 17.96 3.41 -14.35
CA GLY A 30 18.20 2.12 -14.96
C GLY A 30 18.68 1.09 -13.95
N VAL A 31 18.44 1.36 -12.68
CA VAL A 31 18.85 0.44 -11.62
C VAL A 31 17.74 -0.58 -11.35
N LEU A 32 16.53 -0.26 -11.80
CA LEU A 32 15.40 -1.16 -11.64
C LEU A 32 15.20 -2.01 -12.89
N THR A 33 14.63 -3.19 -12.70
CA THR A 33 14.40 -4.11 -13.80
C THR A 33 13.07 -3.82 -14.50
N ALA A 34 12.78 -4.59 -15.54
CA ALA A 34 11.52 -4.45 -16.28
C ALA A 34 10.33 -4.66 -15.36
N ASP A 35 10.43 -5.68 -14.50
CA ASP A 35 9.42 -5.96 -13.49
C ASP A 35 9.11 -4.74 -12.66
N GLN A 36 10.16 -4.21 -12.02
CA GLN A 36 10.02 -3.09 -11.12
C GLN A 36 9.46 -1.86 -11.84
N MET A 37 10.02 -1.57 -13.00
CA MET A 37 9.60 -0.39 -13.77
C MET A 37 8.12 -0.45 -14.15
N ASP A 38 7.69 -1.60 -14.63
CA ASP A 38 6.33 -1.75 -15.13
C ASP A 38 5.31 -1.65 -14.00
N ASP A 39 5.68 -2.14 -12.82
CA ASP A 39 4.80 -2.05 -11.66
C ASP A 39 4.70 -0.61 -11.17
N MET A 40 5.80 0.12 -11.24
CA MET A 40 5.80 1.55 -10.90
C MET A 40 4.92 2.31 -11.87
N GLY A 41 4.90 1.87 -13.12
CA GLY A 41 4.02 2.46 -14.11
C GLY A 41 2.56 2.28 -13.73
N MET A 42 2.23 1.10 -13.22
CA MET A 42 0.88 0.82 -12.74
C MET A 42 0.54 1.71 -11.55
N MET A 43 1.52 1.99 -10.72
CA MET A 43 1.34 2.88 -9.57
C MET A 43 0.87 4.26 -10.02
N ALA A 44 1.52 4.80 -11.04
CA ALA A 44 1.12 6.09 -11.59
C ALA A 44 -0.28 6.02 -12.20
N ASP A 45 -0.58 4.91 -12.84
CA ASP A 45 -1.86 4.70 -13.50
C ASP A 45 -2.99 4.57 -12.49
N SER A 46 -2.73 3.88 -11.38
CA SER A 46 -3.75 3.68 -10.34
C SER A 46 -4.11 5.01 -9.68
N VAL A 47 -3.11 5.84 -9.43
CA VAL A 47 -3.38 7.18 -8.89
C VAL A 47 -4.16 8.01 -9.91
N ASN A 48 -3.84 7.80 -11.17
CA ASN A 48 -4.43 8.55 -12.28
C ASN A 48 -5.89 8.15 -12.51
N SER A 49 -6.13 6.85 -12.59
CA SER A 49 -7.44 6.31 -12.90
C SER A 49 -8.47 6.70 -11.85
N GLN A 50 -8.07 6.67 -10.58
CA GLN A 50 -8.96 7.06 -9.51
C GLN A 50 -9.43 8.51 -9.69
N MET A 51 -8.52 9.36 -10.14
CA MET A 51 -8.81 10.77 -10.32
C MET A 51 -9.89 10.98 -11.35
N GLN A 52 -9.75 10.35 -12.51
CA GLN A 52 -10.70 10.52 -13.60
C GLN A 52 -12.05 9.85 -13.27
N LYS A 53 -12.02 8.90 -12.34
CA LYS A 53 -13.25 8.25 -11.89
C LYS A 53 -14.02 9.12 -10.90
N MET A 54 -13.31 9.66 -9.92
CA MET A 54 -13.94 10.43 -8.84
C MET A 54 -14.27 11.85 -9.27
N GLY A 55 -13.27 12.57 -9.75
CA GLY A 55 -13.46 13.95 -10.12
C GLY A 55 -12.26 14.81 -9.76
N PRO A 56 -12.44 16.14 -9.66
CA PRO A 56 -11.35 17.07 -9.38
C PRO A 56 -11.04 17.20 -7.89
N ASN A 57 -11.95 16.72 -7.06
CA ASN A 57 -11.81 16.85 -5.63
C ASN A 57 -12.14 15.54 -4.92
N PRO A 58 -11.17 14.63 -4.88
CA PRO A 58 -11.29 13.37 -4.13
C PRO A 58 -11.44 13.60 -2.63
N PRO A 59 -12.00 12.60 -1.92
CA PRO A 59 -12.22 12.69 -0.47
C PRO A 59 -10.90 12.73 0.31
N GLN A 60 -10.97 13.30 1.50
CA GLN A 60 -9.79 13.45 2.35
C GLN A 60 -9.15 12.10 2.66
N HIS A 61 -9.98 11.10 2.96
CA HIS A 61 -9.49 9.77 3.29
C HIS A 61 -8.70 9.17 2.12
N ARG A 62 -9.14 9.47 0.90
CA ARG A 62 -8.49 8.92 -0.29
C ARG A 62 -7.07 9.45 -0.42
N LEU A 63 -6.90 10.73 -0.10
CA LEU A 63 -5.58 11.35 -0.18
C LEU A 63 -4.63 10.71 0.81
N ARG A 64 -5.07 10.60 2.06
CA ARG A 64 -4.22 10.01 3.10
C ARG A 64 -4.07 8.50 2.94
N ALA A 65 -5.00 7.87 2.22
CA ALA A 65 -4.89 6.44 1.91
C ALA A 65 -3.86 6.21 0.82
N MET A 66 -4.00 6.94 -0.28
CA MET A 66 -3.11 6.78 -1.43
C MET A 66 -1.69 7.15 -1.07
N ASN A 67 -1.53 7.95 -0.02
CA ASN A 67 -0.21 8.22 0.53
C ASN A 67 0.53 6.91 0.79
N THR A 68 -0.13 6.02 1.53
CA THR A 68 0.45 4.73 1.87
C THR A 68 0.40 3.78 0.68
N ALA A 69 -0.65 3.89 -0.14
CA ALA A 69 -0.79 3.05 -1.32
C ALA A 69 0.38 3.24 -2.29
N MET A 70 0.62 4.48 -2.68
CA MET A 70 1.72 4.83 -3.58
C MET A 70 3.05 4.40 -2.97
N ALA A 71 3.22 4.69 -1.69
CA ALA A 71 4.45 4.37 -0.98
C ALA A 71 4.67 2.85 -0.95
N ALA A 72 3.60 2.11 -0.68
CA ALA A 72 3.68 0.65 -0.59
C ALA A 72 4.06 0.05 -1.93
N GLU A 73 3.54 0.63 -3.01
CA GLU A 73 3.86 0.15 -4.35
C GLU A 73 5.35 0.32 -4.63
N VAL A 74 5.88 1.50 -4.35
CA VAL A 74 7.31 1.74 -4.52
C VAL A 74 8.13 0.77 -3.68
N ALA A 75 7.73 0.61 -2.43
CA ALA A 75 8.44 -0.28 -1.50
C ALA A 75 8.42 -1.72 -2.00
N GLU A 76 7.25 -2.17 -2.48
CA GLU A 76 7.12 -3.51 -3.03
C GLU A 76 8.06 -3.66 -4.21
N VAL A 77 8.07 -2.64 -5.07
CA VAL A 77 8.94 -2.61 -6.24
C VAL A 77 10.41 -2.71 -5.83
N VAL A 78 10.82 -1.87 -4.88
CA VAL A 78 12.21 -1.87 -4.42
C VAL A 78 12.60 -3.21 -3.79
N ALA A 79 11.71 -3.73 -2.95
CA ALA A 79 11.96 -5.00 -2.25
C ALA A 79 12.08 -6.16 -3.24
N THR A 80 11.55 -5.98 -4.44
CA THR A 80 11.64 -7.01 -5.46
C THR A 80 12.89 -6.82 -6.30
N SER A 81 14.04 -7.05 -5.69
CA SER A 81 15.32 -6.95 -6.37
C SER A 81 16.33 -7.89 -5.71
N PRO A 82 17.33 -8.35 -6.47
CA PRO A 82 18.40 -9.19 -5.90
C PRO A 82 19.17 -8.45 -4.82
N PRO A 83 19.59 -9.16 -3.76
CA PRO A 83 20.30 -8.56 -2.62
C PRO A 83 21.52 -7.75 -3.03
N GLN A 84 22.07 -8.10 -4.19
CA GLN A 84 23.20 -7.41 -4.76
C GLN A 84 22.87 -5.95 -5.04
N SER A 85 21.76 -5.72 -5.70
CA SER A 85 21.39 -4.39 -6.15
C SER A 85 20.25 -3.81 -5.33
N TYR A 86 19.83 -4.54 -4.29
CA TYR A 86 18.75 -4.09 -3.41
C TYR A 86 19.08 -2.71 -2.83
N SER A 87 20.29 -2.57 -2.30
CA SER A 87 20.71 -1.30 -1.72
C SER A 87 20.73 -0.20 -2.78
N ALA A 88 21.16 -0.55 -3.98
CA ALA A 88 21.24 0.41 -5.08
C ALA A 88 19.86 0.93 -5.45
N VAL A 89 18.92 0.00 -5.65
CA VAL A 89 17.54 0.36 -5.98
C VAL A 89 16.93 1.17 -4.84
N LEU A 90 17.11 0.69 -3.61
CA LEU A 90 16.59 1.34 -2.43
C LEU A 90 17.12 2.78 -2.32
N ASN A 91 18.43 2.91 -2.46
CA ASN A 91 19.10 4.21 -2.40
C ASN A 91 18.55 5.16 -3.47
N THR A 92 18.39 4.63 -4.68
CA THR A 92 17.94 5.43 -5.82
C THR A 92 16.58 6.04 -5.52
N ILE A 93 15.64 5.20 -5.09
CA ILE A 93 14.31 5.66 -4.75
C ILE A 93 14.34 6.57 -3.52
N GLY A 94 15.01 6.14 -2.46
CA GLY A 94 15.02 6.90 -1.23
C GLY A 94 15.67 8.27 -1.37
N ALA A 95 16.65 8.37 -2.26
CA ALA A 95 17.31 9.64 -2.50
C ALA A 95 16.49 10.51 -3.45
N CYS A 96 15.89 9.88 -4.44
CA CYS A 96 15.16 10.63 -5.46
C CYS A 96 13.80 11.07 -4.91
N LEU A 97 13.30 10.33 -3.92
CA LEU A 97 12.06 10.66 -3.24
C LEU A 97 12.05 12.12 -2.78
N ARG A 98 13.09 12.48 -2.04
CA ARG A 98 13.24 13.84 -1.53
C ARG A 98 13.22 14.86 -2.66
N GLU A 99 14.03 14.61 -3.68
CA GLU A 99 14.15 15.53 -4.81
C GLU A 99 12.83 15.62 -5.57
N SER A 100 12.24 14.47 -5.87
CA SER A 100 10.94 14.41 -6.53
C SER A 100 9.91 15.29 -5.84
N MET A 101 9.93 15.30 -4.51
CA MET A 101 9.03 16.14 -3.74
C MET A 101 9.32 17.61 -4.00
N MET A 102 10.58 17.97 -4.00
CA MET A 102 10.99 19.36 -4.24
C MET A 102 10.74 19.75 -5.69
N GLN A 103 10.76 18.77 -6.59
CA GLN A 103 10.48 19.00 -7.99
C GLN A 103 8.99 19.16 -8.22
N ALA A 104 8.21 18.40 -7.47
CA ALA A 104 6.77 18.39 -7.63
C ALA A 104 6.13 19.55 -6.87
N THR A 105 6.18 19.50 -5.56
CA THR A 105 5.54 20.49 -4.71
C THR A 105 6.50 21.65 -4.42
N GLY A 106 7.75 21.31 -4.18
CA GLY A 106 8.73 22.31 -3.82
C GLY A 106 9.13 22.18 -2.37
N SER A 107 8.52 21.23 -1.69
CA SER A 107 8.80 20.97 -0.29
C SER A 107 9.05 19.47 -0.09
N VAL A 108 10.10 19.15 0.66
CA VAL A 108 10.43 17.75 0.91
C VAL A 108 9.48 17.15 1.94
N ASP A 109 8.53 16.37 1.44
CA ASP A 109 7.60 15.65 2.30
C ASP A 109 8.31 14.45 2.91
N ASN A 110 8.72 14.59 4.17
CA ASN A 110 9.47 13.53 4.84
C ASN A 110 8.54 12.41 5.28
N ALA A 111 7.26 12.70 5.37
CA ALA A 111 6.27 11.71 5.81
C ALA A 111 6.19 10.57 4.80
N PHE A 112 5.98 10.93 3.55
CA PHE A 112 5.89 9.94 2.47
C PHE A 112 7.23 9.27 2.27
N THR A 113 8.28 10.07 2.16
CA THR A 113 9.63 9.58 1.93
C THR A 113 10.04 8.55 2.99
N ASN A 114 9.77 8.86 4.25
CA ASN A 114 10.12 7.96 5.35
C ASN A 114 9.31 6.68 5.28
N GLU A 115 8.01 6.81 5.00
CA GLU A 115 7.10 5.67 5.00
C GLU A 115 7.56 4.62 3.98
N VAL A 116 7.99 5.08 2.81
CA VAL A 116 8.48 4.17 1.77
C VAL A 116 9.65 3.33 2.28
N MET A 117 10.54 3.97 3.05
CA MET A 117 11.74 3.31 3.54
C MET A 117 11.37 2.27 4.59
N GLN A 118 10.39 2.61 5.42
CA GLN A 118 9.93 1.70 6.46
C GLN A 118 9.20 0.50 5.85
N LEU A 119 8.39 0.79 4.85
CA LEU A 119 7.62 -0.25 4.15
C LEU A 119 8.54 -1.31 3.55
N VAL A 120 9.58 -0.86 2.86
CA VAL A 120 10.48 -1.78 2.18
C VAL A 120 11.34 -2.55 3.18
N LYS A 121 11.75 -1.89 4.26
CA LYS A 121 12.55 -2.55 5.29
C LYS A 121 11.73 -3.63 5.99
N MET A 122 10.43 -3.38 6.13
CA MET A 122 9.53 -4.35 6.76
C MET A 122 9.36 -5.58 5.87
N LEU A 123 9.29 -5.37 4.57
CA LEU A 123 9.11 -6.47 3.64
C LEU A 123 10.39 -7.28 3.48
N SER A 124 11.50 -6.60 3.58
CA SER A 124 12.80 -7.22 3.46
C SER A 124 13.32 -7.66 4.84
N ALA A 125 12.45 -7.66 5.82
CA ALA A 125 12.83 -8.05 7.17
C ALA A 125 12.67 -9.56 7.36
N ASP A 126 13.79 -10.26 7.32
CA ASP A 126 13.80 -11.70 7.52
C ASP A 126 14.84 -12.06 8.58
N SER A 127 14.43 -12.82 9.59
CA SER A 127 15.31 -13.22 10.67
C SER A 127 16.43 -14.12 10.17
N ALA A 128 17.66 -13.61 10.24
CA ALA A 128 18.82 -14.30 9.67
C ALA A 128 19.47 -15.21 10.70
N ASN A 129 18.66 -15.76 11.58
CA ASN A 129 19.15 -16.67 12.61
C ASN A 129 19.64 -17.97 11.97
N GLU A 130 20.96 -18.17 11.97
CA GLU A 130 21.53 -19.37 11.40
C GLU A 130 21.63 -20.45 12.46
N VAL A 131 20.91 -21.53 12.22
CA VAL A 131 20.72 -22.57 13.20
C VAL A 131 21.87 -23.56 13.16
N SER A 132 22.39 -23.78 11.97
CA SER A 132 23.51 -24.69 11.79
C SER A 132 24.82 -23.95 12.03
N THR A 133 25.92 -24.68 11.98
CA THR A 133 27.24 -24.10 12.23
C THR A 133 28.33 -24.98 11.63
N GLY B 1 -5.90 -25.48 4.77
CA GLY B 1 -6.90 -24.44 4.93
C GLY B 1 -6.54 -23.50 6.08
N SER B 2 -5.42 -23.77 6.71
CA SER B 2 -4.95 -22.95 7.82
C SER B 2 -3.43 -22.94 7.85
N GLY B 3 -2.85 -21.78 8.13
CA GLY B 3 -1.41 -21.67 8.23
C GLY B 3 -0.77 -21.33 6.90
N ASN B 4 0.52 -21.63 6.77
CA ASN B 4 1.24 -21.38 5.53
C ASN B 4 0.60 -22.13 4.37
N SER B 5 0.24 -21.39 3.33
CA SER B 5 -0.41 -21.96 2.17
C SER B 5 0.15 -21.35 0.90
N GLN B 6 -0.23 -21.89 -0.25
CA GLN B 6 0.16 -21.32 -1.52
C GLN B 6 -0.51 -19.97 -1.73
N PRO B 7 0.17 -19.01 -2.38
CA PRO B 7 -0.37 -17.67 -2.64
C PRO B 7 -1.77 -17.72 -3.23
N ILE B 8 -2.75 -17.25 -2.46
CA ILE B 8 -4.15 -17.32 -2.86
C ILE B 8 -4.46 -16.38 -4.02
N TRP B 9 -3.44 -15.63 -4.45
CA TRP B 9 -3.59 -14.73 -5.58
C TRP B 9 -3.48 -15.47 -6.91
N THR B 10 -3.55 -16.80 -6.85
CA THR B 10 -3.56 -17.62 -8.07
C THR B 10 -4.78 -17.25 -8.92
N ASN B 11 -5.84 -16.83 -8.25
CA ASN B 11 -7.04 -16.36 -8.91
C ASN B 11 -7.45 -15.02 -8.33
N PRO B 12 -7.33 -13.96 -9.11
CA PRO B 12 -7.54 -12.58 -8.65
C PRO B 12 -9.00 -12.31 -8.29
N ASN B 13 -9.90 -13.07 -8.91
CA ASN B 13 -11.32 -12.95 -8.62
C ASN B 13 -11.61 -13.44 -7.20
N ALA B 14 -10.89 -14.48 -6.79
CA ALA B 14 -11.04 -15.04 -5.45
C ALA B 14 -10.43 -14.09 -4.42
N ALA B 15 -9.27 -13.55 -4.75
CA ALA B 15 -8.61 -12.58 -3.89
C ALA B 15 -9.46 -11.33 -3.72
N MET B 16 -10.08 -10.89 -4.82
CA MET B 16 -10.97 -9.74 -4.80
C MET B 16 -12.18 -10.01 -3.91
N THR B 17 -12.54 -11.28 -3.78
CA THR B 17 -13.64 -11.68 -2.92
C THR B 17 -13.29 -11.43 -1.45
N MET B 18 -12.02 -11.67 -1.11
CA MET B 18 -11.52 -11.38 0.24
C MET B 18 -11.62 -9.89 0.51
N THR B 19 -11.31 -9.10 -0.51
CA THR B 19 -11.42 -7.64 -0.43
C THR B 19 -12.87 -7.22 -0.19
N ASN B 20 -13.78 -7.79 -0.97
CA ASN B 20 -15.20 -7.46 -0.89
C ASN B 20 -15.79 -7.91 0.45
N ASN B 21 -15.38 -9.09 0.90
CA ASN B 21 -15.88 -9.63 2.17
C ASN B 21 -15.51 -8.74 3.33
N LEU B 22 -14.32 -8.15 3.27
CA LEU B 22 -13.86 -7.23 4.30
C LEU B 22 -14.81 -6.04 4.42
N VAL B 23 -15.16 -5.44 3.29
CA VAL B 23 -16.05 -4.29 3.27
C VAL B 23 -17.42 -4.66 3.85
N GLN B 24 -17.95 -5.80 3.43
CA GLN B 24 -19.23 -6.27 3.94
C GLN B 24 -19.14 -6.51 5.44
N CYS B 25 -18.04 -7.11 5.85
CA CYS B 25 -17.79 -7.42 7.26
C CYS B 25 -17.68 -6.14 8.08
N ALA B 26 -16.99 -5.16 7.53
CA ALA B 26 -16.84 -3.86 8.18
C ALA B 26 -18.19 -3.17 8.33
N SER B 27 -19.04 -3.33 7.33
CA SER B 27 -20.37 -2.76 7.37
C SER B 27 -21.25 -3.48 8.39
N ARG B 28 -20.87 -4.70 8.72
CA ARG B 28 -21.58 -5.48 9.73
C ARG B 28 -21.18 -5.05 11.13
N SER B 29 -19.91 -4.71 11.29
CA SER B 29 -19.39 -4.35 12.60
C SER B 29 -19.72 -2.91 12.94
N GLY B 30 -19.48 -2.01 12.00
CA GLY B 30 -19.76 -0.61 12.22
C GLY B 30 -18.77 0.02 13.19
N VAL B 31 -17.59 -0.59 13.30
CA VAL B 31 -16.55 -0.11 14.19
C VAL B 31 -15.68 0.92 13.45
N LEU B 32 -15.94 1.08 12.16
CA LEU B 32 -15.18 2.00 11.34
C LEU B 32 -15.98 3.26 11.06
N THR B 33 -15.29 4.31 10.66
CA THR B 33 -15.94 5.58 10.33
C THR B 33 -16.32 5.62 8.85
N ALA B 34 -17.04 6.66 8.44
CA ALA B 34 -17.44 6.82 7.05
C ALA B 34 -16.22 6.92 6.15
N ASP B 35 -15.22 7.66 6.60
CA ASP B 35 -13.95 7.77 5.88
C ASP B 35 -13.36 6.40 5.61
N GLN B 36 -13.31 5.59 6.65
CA GLN B 36 -12.71 4.26 6.58
C GLN B 36 -13.54 3.34 5.69
N MET B 37 -14.86 3.36 5.87
CA MET B 37 -15.76 2.50 5.11
C MET B 37 -15.69 2.83 3.62
N ASP B 38 -15.73 4.12 3.29
CA ASP B 38 -15.70 4.55 1.90
C ASP B 38 -14.32 4.29 1.30
N ASP B 39 -13.30 4.24 2.14
CA ASP B 39 -11.94 3.96 1.70
C ASP B 39 -11.81 2.49 1.34
N MET B 40 -12.36 1.62 2.18
CA MET B 40 -12.36 0.19 1.91
C MET B 40 -13.14 -0.11 0.64
N GLY B 41 -14.24 0.61 0.44
CA GLY B 41 -15.01 0.48 -0.77
C GLY B 41 -14.21 0.94 -1.98
N MET B 42 -13.51 2.05 -1.82
CA MET B 42 -12.61 2.58 -2.86
C MET B 42 -11.53 1.56 -3.17
N MET B 43 -10.98 0.95 -2.12
CA MET B 43 -9.96 -0.08 -2.26
C MET B 43 -10.45 -1.21 -3.16
N ALA B 44 -11.63 -1.74 -2.87
CA ALA B 44 -12.19 -2.85 -3.63
C ALA B 44 -12.43 -2.43 -5.07
N ASP B 45 -13.00 -1.24 -5.25
CA ASP B 45 -13.30 -0.73 -6.59
C ASP B 45 -12.03 -0.49 -7.39
N SER B 46 -10.97 -0.10 -6.70
CA SER B 46 -9.68 0.11 -7.35
C SER B 46 -9.17 -1.20 -7.95
N VAL B 47 -9.16 -2.27 -7.14
CA VAL B 47 -8.75 -3.59 -7.61
C VAL B 47 -9.64 -4.02 -8.78
N ASN B 48 -10.93 -3.76 -8.61
CA ASN B 48 -11.92 -4.08 -9.63
C ASN B 48 -11.63 -3.35 -10.95
N SER B 49 -11.36 -2.05 -10.84
CA SER B 49 -11.09 -1.23 -12.01
C SER B 49 -9.77 -1.60 -12.66
N GLN B 50 -8.74 -1.79 -11.83
CA GLN B 50 -7.41 -2.17 -12.35
C GLN B 50 -7.49 -3.48 -13.13
N MET B 51 -8.26 -4.43 -12.60
CA MET B 51 -8.46 -5.72 -13.24
C MET B 51 -9.00 -5.57 -14.66
N GLN B 52 -10.04 -4.76 -14.80
CA GLN B 52 -10.69 -4.58 -16.10
C GLN B 52 -9.96 -3.56 -16.97
N LYS B 53 -8.98 -2.88 -16.38
CA LYS B 53 -8.08 -2.03 -17.16
C LYS B 53 -6.99 -2.88 -17.80
N MET B 54 -6.94 -4.14 -17.40
CA MET B 54 -6.01 -5.10 -17.96
C MET B 54 -6.77 -6.15 -18.76
N GLY B 55 -6.07 -7.18 -19.22
CA GLY B 55 -6.73 -8.26 -19.93
C GLY B 55 -7.31 -9.29 -18.98
N PRO B 56 -7.96 -10.33 -19.51
CA PRO B 56 -8.57 -11.39 -18.69
C PRO B 56 -7.54 -12.24 -17.98
N ASN B 57 -6.29 -12.12 -18.41
CA ASN B 57 -5.18 -12.80 -17.80
C ASN B 57 -4.07 -11.81 -17.49
N PRO B 58 -4.16 -11.14 -16.32
CA PRO B 58 -3.18 -10.15 -15.91
C PRO B 58 -1.85 -10.78 -15.49
N PRO B 59 -0.78 -9.99 -15.56
CA PRO B 59 0.56 -10.44 -15.18
C PRO B 59 0.65 -10.77 -13.68
N GLN B 60 1.48 -11.74 -13.35
CA GLN B 60 1.61 -12.21 -11.97
C GLN B 60 2.22 -11.13 -11.10
N HIS B 61 3.08 -10.29 -11.69
CA HIS B 61 3.72 -9.21 -10.93
C HIS B 61 2.69 -8.15 -10.52
N ARG B 62 1.56 -8.11 -11.22
CA ARG B 62 0.47 -7.23 -10.82
C ARG B 62 -0.13 -7.73 -9.52
N LEU B 63 -0.24 -9.05 -9.40
CA LEU B 63 -0.83 -9.68 -8.23
C LEU B 63 0.05 -9.47 -7.00
N ARG B 64 1.36 -9.57 -7.18
CA ARG B 64 2.29 -9.36 -6.06
C ARG B 64 2.21 -7.92 -5.56
N ALA B 65 2.08 -6.98 -6.49
CA ALA B 65 2.00 -5.56 -6.14
C ALA B 65 0.64 -5.23 -5.51
N MET B 66 -0.42 -5.83 -6.05
CA MET B 66 -1.76 -5.60 -5.55
C MET B 66 -1.93 -6.21 -4.16
N ASN B 67 -1.19 -7.28 -3.89
CA ASN B 67 -1.19 -7.89 -2.56
C ASN B 67 -0.83 -6.86 -1.50
N THR B 68 0.26 -6.15 -1.74
CA THR B 68 0.72 -5.12 -0.82
C THR B 68 -0.22 -3.91 -0.85
N ALA B 69 -0.75 -3.59 -2.03
CA ALA B 69 -1.65 -2.46 -2.17
C ALA B 69 -2.93 -2.64 -1.36
N MET B 70 -3.57 -3.79 -1.53
CA MET B 70 -4.79 -4.10 -0.79
C MET B 70 -4.54 -4.12 0.71
N ALA B 71 -3.46 -4.79 1.11
CA ALA B 71 -3.11 -4.90 2.52
C ALA B 71 -2.80 -3.54 3.13
N ALA B 72 -2.08 -2.71 2.37
CA ALA B 72 -1.70 -1.38 2.84
C ALA B 72 -2.92 -0.51 3.04
N GLU B 73 -3.89 -0.61 2.12
CA GLU B 73 -5.13 0.15 2.22
C GLU B 73 -5.91 -0.23 3.47
N VAL B 74 -6.07 -1.53 3.70
CA VAL B 74 -6.74 -2.00 4.91
C VAL B 74 -6.03 -1.48 6.15
N ALA B 75 -4.71 -1.58 6.15
CA ALA B 75 -3.90 -1.10 7.25
C ALA B 75 -4.09 0.40 7.44
N GLU B 76 -4.06 1.15 6.34
CA GLU B 76 -4.30 2.58 6.36
C GLU B 76 -5.65 2.88 6.99
N VAL B 77 -6.68 2.19 6.50
CA VAL B 77 -8.04 2.34 7.01
C VAL B 77 -8.07 2.17 8.53
N VAL B 78 -7.45 1.10 9.01
CA VAL B 78 -7.40 0.83 10.44
C VAL B 78 -6.62 1.91 11.18
N ALA B 79 -5.52 2.34 10.60
CA ALA B 79 -4.63 3.33 11.24
C ALA B 79 -5.16 4.75 11.08
N THR B 80 -6.31 4.92 10.45
CA THR B 80 -6.92 6.23 10.30
C THR B 80 -7.89 6.49 11.46
N SER B 81 -8.18 5.44 12.22
CA SER B 81 -9.11 5.55 13.34
C SER B 81 -8.45 6.27 14.51
N PRO B 82 -9.24 6.79 15.45
CA PRO B 82 -8.73 7.38 16.68
C PRO B 82 -8.07 6.31 17.55
N PRO B 83 -7.01 6.66 18.28
CA PRO B 83 -6.26 5.70 19.10
C PRO B 83 -7.16 4.96 20.08
N GLN B 84 -8.20 5.65 20.53
CA GLN B 84 -9.17 5.10 21.48
C GLN B 84 -9.99 3.97 20.87
N SER B 85 -9.99 3.88 19.54
CA SER B 85 -10.79 2.89 18.84
C SER B 85 -9.91 2.03 17.93
N TYR B 86 -8.60 2.28 17.99
CA TYR B 86 -7.65 1.61 17.12
C TYR B 86 -7.76 0.09 17.21
N SER B 87 -7.60 -0.43 18.42
CA SER B 87 -7.63 -1.87 18.63
C SER B 87 -8.97 -2.47 18.25
N ALA B 88 -10.05 -1.73 18.49
CA ALA B 88 -11.39 -2.19 18.13
C ALA B 88 -11.50 -2.38 16.62
N VAL B 89 -10.98 -1.43 15.86
CA VAL B 89 -10.99 -1.52 14.41
C VAL B 89 -10.02 -2.61 13.96
N LEU B 90 -8.82 -2.61 14.54
CA LEU B 90 -7.79 -3.58 14.20
C LEU B 90 -8.29 -5.01 14.41
N ASN B 91 -8.83 -5.26 15.60
CA ASN B 91 -9.31 -6.59 15.97
C ASN B 91 -10.38 -7.06 14.99
N THR B 92 -11.21 -6.14 14.54
CA THR B 92 -12.30 -6.47 13.63
C THR B 92 -11.76 -6.92 12.28
N ILE B 93 -10.87 -6.12 11.70
CA ILE B 93 -10.26 -6.47 10.43
C ILE B 93 -9.41 -7.73 10.55
N GLY B 94 -8.58 -7.80 11.59
CA GLY B 94 -7.69 -8.94 11.77
C GLY B 94 -8.44 -10.25 11.90
N ALA B 95 -9.54 -10.23 12.64
CA ALA B 95 -10.34 -11.43 12.87
C ALA B 95 -11.11 -11.82 11.62
N CYS B 96 -11.57 -10.83 10.87
CA CYS B 96 -12.40 -11.10 9.71
C CYS B 96 -11.53 -11.34 8.48
N LEU B 97 -10.25 -10.99 8.57
CA LEU B 97 -9.28 -11.34 7.55
C LEU B 97 -9.26 -12.85 7.37
N ARG B 98 -9.20 -13.55 8.49
CA ARG B 98 -9.25 -15.01 8.52
C ARG B 98 -10.53 -15.51 7.87
N GLU B 99 -11.67 -14.94 8.29
CA GLU B 99 -12.98 -15.32 7.78
C GLU B 99 -13.05 -15.12 6.26
N SER B 100 -12.62 -13.95 5.83
CA SER B 100 -12.65 -13.59 4.41
C SER B 100 -11.92 -14.61 3.56
N MET B 101 -10.73 -15.02 3.98
CA MET B 101 -9.94 -15.98 3.23
C MET B 101 -10.67 -17.33 3.15
N MET B 102 -11.32 -17.72 4.23
CA MET B 102 -12.04 -19.00 4.28
C MET B 102 -13.26 -18.99 3.36
N GLN B 103 -13.79 -17.82 3.07
CA GLN B 103 -14.93 -17.70 2.18
C GLN B 103 -14.49 -17.36 0.75
N ALA B 104 -13.29 -16.82 0.61
CA ALA B 104 -12.76 -16.45 -0.69
C ALA B 104 -12.11 -17.65 -1.38
N THR B 105 -11.12 -18.23 -0.71
CA THR B 105 -10.39 -19.36 -1.28
C THR B 105 -10.78 -20.65 -0.57
N GLY B 106 -11.21 -20.53 0.68
CA GLY B 106 -11.51 -21.69 1.49
C GLY B 106 -10.38 -22.02 2.43
N SER B 107 -9.32 -21.23 2.36
CA SER B 107 -8.13 -21.45 3.16
C SER B 107 -7.66 -20.14 3.76
N VAL B 108 -7.31 -20.15 5.03
CA VAL B 108 -6.83 -18.96 5.70
C VAL B 108 -5.34 -18.83 5.54
N ASP B 109 -4.92 -17.96 4.65
CA ASP B 109 -3.51 -17.65 4.49
C ASP B 109 -3.06 -16.71 5.60
N ASN B 110 -1.93 -17.03 6.20
CA ASN B 110 -1.41 -16.24 7.30
C ASN B 110 -0.46 -15.17 6.79
N ALA B 111 0.07 -15.37 5.59
CA ALA B 111 1.04 -14.43 5.03
C ALA B 111 0.41 -13.07 4.80
N PHE B 112 -0.71 -13.06 4.10
CA PHE B 112 -1.43 -11.81 3.84
C PHE B 112 -2.00 -11.23 5.13
N THR B 113 -2.70 -12.07 5.88
CA THR B 113 -3.32 -11.67 7.14
C THR B 113 -2.28 -11.05 8.08
N ASN B 114 -1.12 -11.68 8.20
CA ASN B 114 -0.06 -11.18 9.07
C ASN B 114 0.54 -9.90 8.51
N GLU B 115 0.68 -9.83 7.19
CA GLU B 115 1.29 -8.68 6.55
C GLU B 115 0.47 -7.42 6.81
N VAL B 116 -0.86 -7.55 6.72
CA VAL B 116 -1.75 -6.43 7.00
C VAL B 116 -1.53 -5.94 8.43
N MET B 117 -1.35 -6.87 9.35
CA MET B 117 -1.12 -6.54 10.75
C MET B 117 0.19 -5.79 10.92
N GLN B 118 1.23 -6.24 10.23
CA GLN B 118 2.53 -5.58 10.30
C GLN B 118 2.44 -4.16 9.77
N LEU B 119 1.77 -4.02 8.64
CA LEU B 119 1.59 -2.73 7.98
C LEU B 119 0.95 -1.71 8.91
N VAL B 120 -0.16 -2.08 9.52
CA VAL B 120 -0.92 -1.17 10.35
C VAL B 120 -0.17 -0.82 11.63
N LYS B 121 0.54 -1.81 12.19
CA LYS B 121 1.36 -1.59 13.37
C LYS B 121 2.49 -0.62 13.07
N MET B 122 3.06 -0.75 11.88
CA MET B 122 4.15 0.12 11.44
C MET B 122 3.65 1.54 11.21
N LEU B 123 2.45 1.67 10.66
CA LEU B 123 1.86 2.98 10.41
C LEU B 123 1.58 3.71 11.73
N SER B 124 1.31 2.94 12.77
CA SER B 124 1.03 3.50 14.08
C SER B 124 2.29 3.56 14.94
N ALA B 125 3.43 3.25 14.32
CA ALA B 125 4.69 3.19 15.04
C ALA B 125 5.37 4.55 15.07
N ASP B 126 4.56 5.59 15.09
CA ASP B 126 5.05 6.96 15.23
C ASP B 126 5.69 7.14 16.61
N SER B 127 6.95 7.54 16.60
CA SER B 127 7.70 7.72 17.83
C SER B 127 7.13 8.88 18.64
N ALA B 128 6.80 8.60 19.89
CA ALA B 128 6.18 9.60 20.74
C ALA B 128 6.60 9.40 22.20
N ASN B 129 7.89 9.56 22.45
CA ASN B 129 8.40 9.50 23.82
C ASN B 129 8.08 10.81 24.54
N GLU B 130 7.30 10.71 25.60
CA GLU B 130 6.90 11.89 26.35
C GLU B 130 8.02 12.34 27.29
N VAL B 131 8.39 13.59 27.15
CA VAL B 131 9.49 14.16 27.91
C VAL B 131 8.97 14.91 29.13
N SER B 132 7.66 15.00 29.21
CA SER B 132 7.00 15.70 30.31
C SER B 132 6.69 14.74 31.44
N THR B 133 6.98 15.14 32.66
CA THR B 133 6.65 14.34 33.83
C THR B 133 6.32 15.25 35.01
N GLY A 1 -7.26 19.47 4.56
CA GLY A 1 -8.65 19.24 5.01
C GLY A 1 -8.73 18.26 6.16
N SER A 2 -9.05 17.01 5.86
CA SER A 2 -9.25 15.99 6.88
C SER A 2 -7.93 15.34 7.28
N GLY A 3 -7.75 15.12 8.57
CA GLY A 3 -6.56 14.46 9.05
C GLY A 3 -5.65 15.38 9.83
N ASN A 4 -5.08 14.86 10.91
CA ASN A 4 -4.15 15.65 11.73
C ASN A 4 -2.86 15.94 10.96
N SER A 5 -2.16 14.89 10.59
CA SER A 5 -0.93 15.05 9.83
C SER A 5 -1.26 15.14 8.34
N GLN A 6 -0.67 16.12 7.68
CA GLN A 6 -0.94 16.36 6.28
C GLN A 6 0.31 16.21 5.44
N PRO A 7 0.25 15.34 4.41
CA PRO A 7 1.32 15.20 3.43
C PRO A 7 1.15 16.22 2.31
N ILE A 8 1.77 15.97 1.17
CA ILE A 8 1.65 16.86 0.02
C ILE A 8 0.38 16.58 -0.78
N TRP A 9 -0.55 15.88 -0.16
CA TRP A 9 -1.79 15.47 -0.82
C TRP A 9 -2.87 16.54 -0.67
N THR A 10 -2.46 17.80 -0.61
CA THR A 10 -3.40 18.90 -0.64
C THR A 10 -4.10 18.92 -2.00
N ASN A 11 -3.35 18.62 -3.04
CA ASN A 11 -3.89 18.47 -4.38
C ASN A 11 -3.36 17.19 -5.00
N PRO A 12 -4.24 16.43 -5.68
CA PRO A 12 -3.90 15.12 -6.23
C PRO A 12 -2.86 15.21 -7.35
N ASN A 13 -2.91 16.28 -8.13
CA ASN A 13 -1.96 16.45 -9.24
C ASN A 13 -0.57 16.77 -8.71
N ALA A 14 -0.51 17.48 -7.59
CA ALA A 14 0.75 17.83 -6.96
C ALA A 14 1.44 16.57 -6.46
N ALA A 15 0.69 15.73 -5.77
CA ALA A 15 1.21 14.46 -5.28
C ALA A 15 1.56 13.53 -6.43
N MET A 16 0.71 13.54 -7.47
CA MET A 16 0.93 12.73 -8.66
C MET A 16 2.24 13.11 -9.35
N THR A 17 2.67 14.36 -9.16
CA THR A 17 3.92 14.82 -9.74
C THR A 17 5.11 14.07 -9.10
N MET A 18 4.98 13.77 -7.82
CA MET A 18 6.00 12.99 -7.10
C MET A 18 5.99 11.56 -7.61
N THR A 19 4.80 11.04 -7.86
CA THR A 19 4.63 9.70 -8.39
C THR A 19 5.28 9.57 -9.77
N ASN A 20 5.10 10.60 -10.61
CA ASN A 20 5.64 10.61 -11.94
C ASN A 20 7.17 10.73 -11.92
N ASN A 21 7.67 11.60 -11.05
CA ASN A 21 9.12 11.83 -10.97
C ASN A 21 9.86 10.58 -10.51
N LEU A 22 9.23 9.79 -9.64
CA LEU A 22 9.83 8.53 -9.19
C LEU A 22 10.10 7.60 -10.36
N VAL A 23 9.18 7.58 -11.33
CA VAL A 23 9.33 6.73 -12.49
C VAL A 23 10.45 7.27 -13.39
N GLN A 24 10.55 8.58 -13.47
CA GLN A 24 11.57 9.21 -14.30
C GLN A 24 12.96 8.96 -13.72
N CYS A 25 13.12 9.14 -12.42
CA CYS A 25 14.41 8.95 -11.78
C CYS A 25 14.80 7.47 -11.79
N ALA A 26 13.81 6.60 -11.66
CA ALA A 26 14.05 5.16 -11.75
C ALA A 26 14.49 4.77 -13.16
N SER A 27 13.88 5.37 -14.16
CA SER A 27 14.19 5.08 -15.55
C SER A 27 15.59 5.61 -15.91
N ARG A 28 15.98 6.73 -15.33
CA ARG A 28 17.27 7.34 -15.64
C ARG A 28 18.38 6.74 -14.78
N SER A 29 18.01 5.97 -13.77
CA SER A 29 18.99 5.26 -12.95
C SER A 29 19.25 3.88 -13.54
N GLY A 30 18.18 3.22 -13.97
CA GLY A 30 18.31 1.92 -14.61
C GLY A 30 18.72 0.84 -13.66
N VAL A 31 18.45 1.05 -12.37
CA VAL A 31 18.80 0.07 -11.35
C VAL A 31 17.67 -0.95 -11.17
N LEU A 32 16.49 -0.60 -11.67
CA LEU A 32 15.33 -1.48 -11.57
C LEU A 32 15.19 -2.31 -12.84
N THR A 33 14.43 -3.40 -12.74
CA THR A 33 14.16 -4.25 -13.90
C THR A 33 12.85 -3.83 -14.57
N ALA A 34 12.51 -4.49 -15.68
CA ALA A 34 11.32 -4.14 -16.44
C ALA A 34 10.05 -4.41 -15.64
N ASP A 35 10.07 -5.48 -14.85
CA ASP A 35 8.95 -5.83 -13.98
C ASP A 35 8.69 -4.68 -13.00
N GLN A 36 9.74 -4.29 -12.29
CA GLN A 36 9.67 -3.23 -11.30
C GLN A 36 9.24 -1.91 -11.92
N MET A 37 9.86 -1.57 -13.06
CA MET A 37 9.57 -0.31 -13.73
C MET A 37 8.12 -0.24 -14.21
N ASP A 38 7.58 -1.39 -14.60
CA ASP A 38 6.21 -1.43 -15.12
C ASP A 38 5.21 -1.26 -13.99
N ASP A 39 5.54 -1.80 -12.81
CA ASP A 39 4.71 -1.60 -11.63
C ASP A 39 4.69 -0.14 -11.21
N MET A 40 5.84 0.51 -11.29
CA MET A 40 5.92 1.94 -11.00
C MET A 40 5.15 2.74 -12.05
N GLY A 41 5.22 2.28 -13.29
CA GLY A 41 4.47 2.92 -14.35
C GLY A 41 2.97 2.82 -14.14
N MET A 42 2.52 1.62 -13.77
CA MET A 42 1.10 1.40 -13.52
C MET A 42 0.69 2.03 -12.19
N MET A 43 1.68 2.32 -11.34
CA MET A 43 1.44 3.05 -10.11
C MET A 43 0.98 4.46 -10.43
N ALA A 44 1.68 5.10 -11.35
CA ALA A 44 1.27 6.42 -11.83
C ALA A 44 -0.05 6.31 -12.58
N ASP A 45 -0.25 5.18 -13.21
CA ASP A 45 -1.47 4.91 -13.96
C ASP A 45 -2.68 4.77 -13.04
N SER A 46 -2.51 4.02 -11.95
CA SER A 46 -3.60 3.78 -11.00
C SER A 46 -4.01 5.06 -10.29
N VAL A 47 -3.03 5.87 -9.89
CA VAL A 47 -3.32 7.15 -9.26
C VAL A 47 -4.10 8.05 -10.21
N ASN A 48 -3.67 8.07 -11.47
CA ASN A 48 -4.30 8.89 -12.49
C ASN A 48 -5.74 8.41 -12.77
N SER A 49 -5.89 7.11 -12.97
CA SER A 49 -7.20 6.55 -13.30
C SER A 49 -8.18 6.74 -12.15
N GLN A 50 -7.73 6.49 -10.93
CA GLN A 50 -8.55 6.72 -9.76
C GLN A 50 -8.95 8.19 -9.66
N MET A 51 -7.97 9.07 -9.86
CA MET A 51 -8.20 10.50 -9.79
C MET A 51 -9.28 10.92 -10.78
N GLN A 52 -9.13 10.53 -12.04
CA GLN A 52 -10.07 10.92 -13.08
C GLN A 52 -11.44 10.25 -12.89
N LYS A 53 -11.46 9.10 -12.24
CA LYS A 53 -12.73 8.43 -11.93
C LYS A 53 -13.49 9.17 -10.85
N MET A 54 -12.76 9.94 -10.05
CA MET A 54 -13.38 10.75 -9.00
C MET A 54 -13.68 12.15 -9.55
N GLY A 55 -12.80 12.63 -10.42
CA GLY A 55 -13.01 13.91 -11.06
C GLY A 55 -12.20 15.01 -10.40
N PRO A 56 -12.41 16.27 -10.81
CA PRO A 56 -11.71 17.41 -10.23
C PRO A 56 -12.05 17.60 -8.76
N ASN A 57 -11.03 17.89 -7.95
CA ASN A 57 -11.18 18.04 -6.50
C ASN A 57 -11.78 16.79 -5.87
N PRO A 58 -11.00 15.70 -5.80
CA PRO A 58 -11.44 14.44 -5.22
C PRO A 58 -11.47 14.48 -3.68
N PRO A 59 -12.17 13.53 -3.06
CA PRO A 59 -12.26 13.44 -1.59
C PRO A 59 -10.91 13.12 -0.95
N GLN A 60 -10.66 13.71 0.20
CA GLN A 60 -9.36 13.61 0.85
C GLN A 60 -9.16 12.29 1.57
N HIS A 61 -10.25 11.70 2.05
CA HIS A 61 -10.13 10.41 2.74
C HIS A 61 -9.58 9.35 1.79
N ARG A 62 -10.00 9.40 0.52
CA ARG A 62 -9.48 8.50 -0.49
C ARG A 62 -8.02 8.82 -0.78
N LEU A 63 -7.65 10.10 -0.65
CA LEU A 63 -6.27 10.51 -0.82
C LEU A 63 -5.41 9.95 0.30
N ARG A 64 -6.01 9.80 1.48
CA ARG A 64 -5.33 9.17 2.62
C ARG A 64 -4.92 7.75 2.26
N ALA A 65 -5.90 6.97 1.82
CA ALA A 65 -5.66 5.57 1.46
C ALA A 65 -4.72 5.47 0.26
N MET A 66 -4.85 6.41 -0.67
CA MET A 66 -4.02 6.41 -1.87
C MET A 66 -2.57 6.74 -1.55
N ASN A 67 -2.37 7.58 -0.55
CA ASN A 67 -1.01 7.92 -0.09
C ASN A 67 -0.24 6.66 0.26
N THR A 68 -0.85 5.82 1.08
CA THR A 68 -0.23 4.58 1.51
C THR A 68 -0.19 3.57 0.36
N ALA A 69 -1.16 3.66 -0.55
CA ALA A 69 -1.18 2.81 -1.73
C ALA A 69 0.06 3.06 -2.58
N MET A 70 0.30 4.33 -2.92
CA MET A 70 1.46 4.73 -3.69
C MET A 70 2.75 4.32 -2.98
N ALA A 71 2.81 4.57 -1.68
CA ALA A 71 3.98 4.27 -0.88
C ALA A 71 4.28 2.77 -0.87
N ALA A 72 3.24 1.96 -0.70
CA ALA A 72 3.40 0.52 -0.63
C ALA A 72 3.75 -0.07 -2.00
N GLU A 73 3.22 0.55 -3.06
CA GLU A 73 3.55 0.12 -4.42
C GLU A 73 5.05 0.25 -4.66
N VAL A 74 5.61 1.39 -4.27
CA VAL A 74 7.06 1.61 -4.39
C VAL A 74 7.83 0.57 -3.56
N ALA A 75 7.37 0.36 -2.33
CA ALA A 75 8.01 -0.61 -1.45
C ALA A 75 7.97 -2.01 -2.06
N GLU A 76 6.83 -2.37 -2.63
CA GLU A 76 6.68 -3.65 -3.31
C GLU A 76 7.71 -3.78 -4.43
N VAL A 77 7.80 -2.73 -5.24
CA VAL A 77 8.73 -2.68 -6.35
C VAL A 77 10.17 -2.88 -5.89
N VAL A 78 10.54 -2.19 -4.82
CA VAL A 78 11.92 -2.21 -4.34
C VAL A 78 12.22 -3.50 -3.57
N ALA A 79 11.32 -3.88 -2.65
CA ALA A 79 11.55 -5.01 -1.77
C ALA A 79 11.63 -6.33 -2.55
N THR A 80 10.72 -6.50 -3.50
CA THR A 80 10.70 -7.73 -4.27
C THR A 80 11.62 -7.61 -5.48
N SER A 81 12.91 -7.65 -5.22
CA SER A 81 13.93 -7.56 -6.24
C SER A 81 15.03 -8.58 -5.94
N PRO A 82 16.03 -8.75 -6.84
CA PRO A 82 17.19 -9.58 -6.55
C PRO A 82 17.90 -9.12 -5.29
N PRO A 83 18.37 -10.06 -4.44
CA PRO A 83 18.92 -9.73 -3.12
C PRO A 83 20.20 -8.93 -3.22
N GLN A 84 20.77 -8.86 -4.42
CA GLN A 84 22.00 -8.13 -4.64
C GLN A 84 21.72 -6.73 -5.17
N SER A 85 20.49 -6.50 -5.61
CA SER A 85 20.13 -5.23 -6.21
C SER A 85 19.21 -4.44 -5.29
N TYR A 86 18.62 -5.12 -4.32
CA TYR A 86 17.68 -4.52 -3.37
C TYR A 86 18.23 -3.23 -2.75
N SER A 87 19.44 -3.30 -2.22
CA SER A 87 20.05 -2.15 -1.55
C SER A 87 20.28 -1.01 -2.54
N ALA A 88 20.57 -1.35 -3.78
CA ALA A 88 20.83 -0.35 -4.81
C ALA A 88 19.53 0.31 -5.26
N VAL A 89 18.49 -0.50 -5.48
CA VAL A 89 17.18 0.00 -5.85
C VAL A 89 16.60 0.87 -4.73
N LEU A 90 16.75 0.38 -3.50
CA LEU A 90 16.25 1.09 -2.32
C LEU A 90 16.90 2.45 -2.21
N ASN A 91 18.22 2.48 -2.31
CA ASN A 91 18.98 3.73 -2.21
C ASN A 91 18.53 4.72 -3.29
N THR A 92 18.21 4.20 -4.47
CA THR A 92 17.78 5.03 -5.58
C THR A 92 16.44 5.69 -5.25
N ILE A 93 15.49 4.87 -4.81
CA ILE A 93 14.17 5.38 -4.46
C ILE A 93 14.22 6.30 -3.24
N GLY A 94 14.95 5.89 -2.21
CA GLY A 94 15.02 6.69 -0.98
C GLY A 94 15.62 8.06 -1.23
N ALA A 95 16.59 8.14 -2.13
CA ALA A 95 17.19 9.41 -2.49
C ALA A 95 16.25 10.20 -3.40
N CYS A 96 15.61 9.50 -4.33
CA CYS A 96 14.72 10.13 -5.28
C CYS A 96 13.48 10.68 -4.59
N LEU A 97 13.02 9.99 -3.55
CA LEU A 97 11.87 10.44 -2.76
C LEU A 97 12.06 11.90 -2.32
N ARG A 98 13.25 12.19 -1.81
CA ARG A 98 13.59 13.53 -1.35
C ARG A 98 13.55 14.51 -2.51
N GLU A 99 14.25 14.17 -3.58
CA GLU A 99 14.35 15.01 -4.75
C GLU A 99 12.98 15.23 -5.39
N SER A 100 12.24 14.13 -5.58
CA SER A 100 10.92 14.19 -6.17
C SER A 100 10.00 15.13 -5.41
N MET A 101 10.10 15.14 -4.09
CA MET A 101 9.29 16.05 -3.29
C MET A 101 9.69 17.50 -3.56
N MET A 102 10.98 17.74 -3.67
CA MET A 102 11.48 19.08 -3.95
C MET A 102 11.15 19.50 -5.38
N GLN A 103 11.07 18.53 -6.29
CA GLN A 103 10.73 18.81 -7.67
C GLN A 103 9.23 19.00 -7.84
N ALA A 104 8.47 18.40 -6.93
CA ALA A 104 7.01 18.47 -6.98
C ALA A 104 6.49 19.69 -6.25
N THR A 105 6.79 19.79 -4.95
CA THR A 105 6.28 20.86 -4.13
C THR A 105 7.31 21.98 -4.01
N GLY A 106 8.57 21.60 -3.84
CA GLY A 106 9.63 22.57 -3.65
C GLY A 106 10.37 22.36 -2.35
N SER A 107 9.75 21.58 -1.47
CA SER A 107 10.34 21.28 -0.18
C SER A 107 10.32 19.77 0.06
N VAL A 108 11.16 19.30 0.98
CA VAL A 108 11.28 17.88 1.24
C VAL A 108 10.22 17.41 2.23
N ASP A 109 9.23 16.69 1.73
CA ASP A 109 8.24 16.05 2.60
C ASP A 109 8.83 14.79 3.19
N ASN A 110 9.01 14.77 4.50
CA ASN A 110 9.63 13.64 5.15
C ASN A 110 8.57 12.62 5.57
N ALA A 111 7.31 13.04 5.56
CA ALA A 111 6.21 12.19 6.01
C ALA A 111 6.04 10.99 5.09
N PHE A 112 5.98 11.26 3.79
CA PHE A 112 5.82 10.19 2.80
C PHE A 112 7.11 9.40 2.67
N THR A 113 8.23 10.11 2.56
CA THR A 113 9.52 9.49 2.37
C THR A 113 9.86 8.54 3.53
N ASN A 114 9.57 8.95 4.76
CA ASN A 114 9.86 8.15 5.93
C ASN A 114 9.04 6.86 5.91
N GLU A 115 7.79 6.97 5.47
CA GLU A 115 6.88 5.83 5.48
C GLU A 115 7.35 4.76 4.50
N VAL A 116 7.71 5.17 3.29
CA VAL A 116 8.15 4.24 2.25
C VAL A 116 9.38 3.47 2.68
N MET A 117 10.30 4.14 3.35
CA MET A 117 11.55 3.51 3.78
C MET A 117 11.29 2.41 4.80
N GLN A 118 10.31 2.62 5.65
CA GLN A 118 9.94 1.60 6.62
C GLN A 118 9.19 0.45 5.94
N LEU A 119 8.31 0.83 5.02
CA LEU A 119 7.51 -0.14 4.27
C LEU A 119 8.39 -1.15 3.55
N VAL A 120 9.39 -0.66 2.85
CA VAL A 120 10.23 -1.51 2.01
C VAL A 120 11.11 -2.43 2.84
N LYS A 121 11.55 -1.96 4.00
CA LYS A 121 12.41 -2.75 4.87
C LYS A 121 11.59 -3.83 5.59
N MET A 122 10.31 -3.56 5.79
CA MET A 122 9.40 -4.53 6.39
C MET A 122 8.94 -5.54 5.33
N LEU A 123 8.66 -5.04 4.14
CA LEU A 123 8.20 -5.88 3.03
C LEU A 123 9.28 -6.87 2.61
N SER A 124 10.54 -6.45 2.72
CA SER A 124 11.66 -7.26 2.29
C SER A 124 12.04 -8.30 3.35
N ALA A 125 11.25 -8.37 4.41
CA ALA A 125 11.51 -9.33 5.48
C ALA A 125 10.83 -10.65 5.21
N ASP A 126 11.60 -11.60 4.69
CA ASP A 126 11.11 -12.94 4.41
C ASP A 126 11.20 -13.80 5.66
N SER A 127 10.12 -14.50 5.97
CA SER A 127 10.06 -15.31 7.17
C SER A 127 10.63 -16.71 6.91
N ALA A 128 11.78 -16.99 7.53
CA ALA A 128 12.43 -18.29 7.37
C ALA A 128 12.03 -19.23 8.50
N ASN A 129 10.95 -18.87 9.18
CA ASN A 129 10.43 -19.66 10.29
C ASN A 129 9.72 -20.90 9.78
N GLU A 130 9.29 -21.77 10.68
CA GLU A 130 8.66 -23.02 10.30
C GLU A 130 7.19 -22.83 9.95
N VAL A 131 6.94 -22.20 8.81
CA VAL A 131 5.59 -22.00 8.33
C VAL A 131 5.22 -23.08 7.31
N SER A 132 6.24 -23.68 6.72
CA SER A 132 6.05 -24.71 5.72
C SER A 132 7.32 -25.55 5.57
N THR A 133 7.31 -26.73 6.17
CA THR A 133 8.48 -27.60 6.15
C THR A 133 8.07 -29.06 6.21
N GLY B 1 3.53 -12.93 -10.77
CA GLY B 1 4.10 -14.17 -11.26
C GLY B 1 5.57 -14.26 -10.94
N SER B 2 6.24 -13.12 -10.91
CA SER B 2 7.65 -13.06 -10.58
C SER B 2 7.85 -13.30 -9.08
N GLY B 3 8.39 -14.46 -8.74
CA GLY B 3 8.58 -14.82 -7.35
C GLY B 3 8.89 -16.30 -7.18
N ASN B 4 8.21 -16.94 -6.24
CA ASN B 4 8.41 -18.37 -5.99
C ASN B 4 7.15 -18.98 -5.39
N SER B 5 6.93 -18.72 -4.10
CA SER B 5 5.74 -19.22 -3.42
C SER B 5 4.50 -18.48 -3.89
N GLN B 6 3.40 -19.20 -3.99
CA GLN B 6 2.16 -18.64 -4.52
C GLN B 6 1.14 -18.39 -3.43
N PRO B 7 0.70 -17.13 -3.25
CA PRO B 7 -0.37 -16.79 -2.32
C PRO B 7 -1.75 -17.00 -2.95
N ILE B 8 -2.79 -16.50 -2.30
CA ILE B 8 -4.14 -16.64 -2.83
C ILE B 8 -4.38 -15.69 -4.00
N TRP B 9 -3.38 -14.85 -4.29
CA TRP B 9 -3.47 -13.90 -5.40
C TRP B 9 -3.18 -14.59 -6.73
N THR B 10 -3.20 -15.92 -6.72
CA THR B 10 -3.09 -16.70 -7.94
C THR B 10 -4.31 -16.48 -8.82
N ASN B 11 -5.45 -16.30 -8.17
CA ASN B 11 -6.68 -15.94 -8.86
C ASN B 11 -7.17 -14.59 -8.34
N PRO B 12 -7.17 -13.57 -9.21
CA PRO B 12 -7.59 -12.21 -8.85
C PRO B 12 -9.01 -12.18 -8.32
N ASN B 13 -9.85 -13.06 -8.86
CA ASN B 13 -11.23 -13.16 -8.45
C ASN B 13 -11.32 -13.65 -6.99
N ALA B 14 -10.51 -14.66 -6.66
CA ALA B 14 -10.49 -15.20 -5.31
C ALA B 14 -9.94 -14.17 -4.33
N ALA B 15 -8.86 -13.51 -4.74
CA ALA B 15 -8.24 -12.46 -3.93
C ALA B 15 -9.22 -11.32 -3.70
N MET B 16 -9.94 -10.95 -4.76
CA MET B 16 -10.92 -9.87 -4.69
C MET B 16 -12.05 -10.24 -3.73
N THR B 17 -12.35 -11.53 -3.63
CA THR B 17 -13.37 -12.01 -2.73
C THR B 17 -12.97 -11.73 -1.28
N MET B 18 -11.68 -11.83 -1.00
CA MET B 18 -11.14 -11.50 0.32
C MET B 18 -11.29 -10.01 0.57
N THR B 19 -10.99 -9.21 -0.45
CA THR B 19 -11.10 -7.76 -0.38
C THR B 19 -12.54 -7.33 -0.12
N ASN B 20 -13.47 -7.96 -0.86
CA ASN B 20 -14.89 -7.63 -0.73
C ASN B 20 -15.44 -8.05 0.62
N ASN B 21 -15.02 -9.21 1.10
CA ASN B 21 -15.45 -9.70 2.41
C ASN B 21 -15.02 -8.77 3.53
N LEU B 22 -13.83 -8.19 3.39
CA LEU B 22 -13.32 -7.24 4.36
C LEU B 22 -14.25 -6.04 4.49
N VAL B 23 -14.68 -5.50 3.36
CA VAL B 23 -15.56 -4.35 3.38
C VAL B 23 -16.92 -4.73 3.95
N GLN B 24 -17.36 -5.95 3.66
CA GLN B 24 -18.62 -6.44 4.20
C GLN B 24 -18.55 -6.60 5.71
N CYS B 25 -17.52 -7.29 6.20
CA CYS B 25 -17.38 -7.54 7.63
C CYS B 25 -17.14 -6.23 8.39
N ALA B 26 -16.43 -5.31 7.75
CA ALA B 26 -16.20 -3.99 8.32
C ALA B 26 -17.49 -3.20 8.39
N SER B 27 -18.27 -3.27 7.34
CA SER B 27 -19.54 -2.57 7.26
C SER B 27 -20.50 -3.04 8.36
N ARG B 28 -20.45 -4.34 8.67
CA ARG B 28 -21.34 -4.91 9.68
C ARG B 28 -20.74 -4.82 11.08
N SER B 29 -19.56 -4.25 11.21
CA SER B 29 -18.93 -4.12 12.51
C SER B 29 -19.38 -2.84 13.19
N GLY B 30 -19.45 -1.77 12.42
CA GLY B 30 -19.83 -0.49 12.96
C GLY B 30 -18.68 0.21 13.65
N VAL B 31 -17.48 -0.32 13.47
CA VAL B 31 -16.30 0.24 14.09
C VAL B 31 -15.67 1.30 13.18
N LEU B 32 -15.90 1.15 11.89
CA LEU B 32 -15.29 2.04 10.90
C LEU B 32 -16.26 3.17 10.53
N THR B 33 -15.69 4.29 10.16
CA THR B 33 -16.46 5.48 9.80
C THR B 33 -16.82 5.48 8.31
N ALA B 34 -17.55 6.51 7.88
CA ALA B 34 -17.93 6.65 6.48
C ALA B 34 -16.69 6.86 5.61
N ASP B 35 -15.71 7.58 6.14
CA ASP B 35 -14.44 7.79 5.43
C ASP B 35 -13.68 6.48 5.30
N GLN B 36 -13.52 5.81 6.43
CA GLN B 36 -12.81 4.54 6.50
C GLN B 36 -13.42 3.49 5.58
N MET B 37 -14.75 3.38 5.63
CA MET B 37 -15.45 2.36 4.84
C MET B 37 -15.30 2.60 3.35
N ASP B 38 -15.37 3.85 2.91
CA ASP B 38 -15.29 4.14 1.48
C ASP B 38 -13.85 3.98 0.99
N ASP B 39 -12.90 4.13 1.91
CA ASP B 39 -11.49 3.87 1.60
C ASP B 39 -11.29 2.41 1.25
N MET B 40 -11.67 1.54 2.16
CA MET B 40 -11.61 0.10 1.90
C MET B 40 -12.57 -0.28 0.78
N GLY B 41 -13.64 0.48 0.66
CA GLY B 41 -14.58 0.27 -0.41
C GLY B 41 -13.95 0.49 -1.77
N MET B 42 -13.19 1.58 -1.90
CA MET B 42 -12.53 1.88 -3.17
C MET B 42 -11.32 0.97 -3.36
N MET B 43 -10.87 0.38 -2.25
CA MET B 43 -9.81 -0.63 -2.31
C MET B 43 -10.28 -1.80 -3.17
N ALA B 44 -11.42 -2.35 -2.82
CA ALA B 44 -12.02 -3.44 -3.59
C ALA B 44 -12.39 -2.94 -4.99
N ASP B 45 -12.88 -1.71 -5.05
CA ASP B 45 -13.35 -1.11 -6.30
C ASP B 45 -12.20 -0.88 -7.29
N SER B 46 -11.05 -0.47 -6.78
CA SER B 46 -9.89 -0.23 -7.64
C SER B 46 -9.34 -1.54 -8.19
N VAL B 47 -9.24 -2.56 -7.33
CA VAL B 47 -8.84 -3.88 -7.79
C VAL B 47 -9.84 -4.38 -8.83
N ASN B 48 -11.11 -4.12 -8.55
CA ASN B 48 -12.20 -4.51 -9.42
C ASN B 48 -12.10 -3.85 -10.79
N SER B 49 -12.04 -2.52 -10.81
CA SER B 49 -12.03 -1.76 -12.04
C SER B 49 -10.75 -2.00 -12.86
N GLN B 50 -9.62 -2.11 -12.17
CA GLN B 50 -8.36 -2.40 -12.85
C GLN B 50 -8.40 -3.77 -13.50
N MET B 51 -9.02 -4.73 -12.83
CA MET B 51 -9.18 -6.07 -13.39
C MET B 51 -10.00 -6.01 -14.67
N GLN B 52 -11.02 -5.17 -14.67
CA GLN B 52 -11.84 -4.96 -15.85
C GLN B 52 -11.02 -4.35 -16.98
N LYS B 53 -10.24 -3.33 -16.64
CA LYS B 53 -9.42 -2.63 -17.63
C LYS B 53 -8.41 -3.56 -18.29
N MET B 54 -7.71 -4.34 -17.47
CA MET B 54 -6.72 -5.29 -17.99
C MET B 54 -7.42 -6.40 -18.75
N GLY B 55 -8.52 -6.89 -18.18
CA GLY B 55 -9.31 -7.91 -18.84
C GLY B 55 -8.75 -9.30 -18.62
N PRO B 56 -9.10 -10.25 -19.50
CA PRO B 56 -8.61 -11.63 -19.41
C PRO B 56 -7.10 -11.72 -19.64
N ASN B 57 -6.44 -12.59 -18.89
CA ASN B 57 -4.98 -12.76 -18.96
C ASN B 57 -4.27 -11.45 -18.64
N PRO B 58 -4.32 -11.01 -17.37
CA PRO B 58 -3.69 -9.77 -16.93
C PRO B 58 -2.23 -9.98 -16.49
N PRO B 59 -1.47 -8.88 -16.36
CA PRO B 59 -0.09 -8.93 -15.87
C PRO B 59 -0.03 -9.37 -14.41
N GLN B 60 0.49 -10.56 -14.17
CA GLN B 60 0.51 -11.14 -12.84
C GLN B 60 1.46 -10.39 -11.91
N HIS B 61 2.41 -9.66 -12.47
CA HIS B 61 3.33 -8.88 -11.66
C HIS B 61 2.59 -7.69 -11.03
N ARG B 62 1.51 -7.25 -11.67
CA ARG B 62 0.70 -6.18 -11.13
C ARG B 62 -0.08 -6.71 -9.94
N LEU B 63 -0.42 -8.00 -9.98
CA LEU B 63 -1.04 -8.67 -8.83
C LEU B 63 -0.06 -8.68 -7.66
N ARG B 64 1.22 -8.85 -7.97
CA ARG B 64 2.29 -8.73 -6.97
C ARG B 64 2.16 -7.42 -6.21
N ALA B 65 2.11 -6.32 -6.96
CA ALA B 65 1.99 -4.99 -6.36
C ALA B 65 0.64 -4.81 -5.66
N MET B 66 -0.43 -5.29 -6.27
CA MET B 66 -1.77 -5.13 -5.73
C MET B 66 -1.93 -5.84 -4.38
N ASN B 67 -1.17 -6.92 -4.20
CA ASN B 67 -1.17 -7.66 -2.92
C ASN B 67 -0.84 -6.72 -1.77
N THR B 68 0.29 -6.07 -1.86
CA THR B 68 0.74 -5.16 -0.83
C THR B 68 -0.09 -3.87 -0.83
N ALA B 69 -0.62 -3.50 -1.99
CA ALA B 69 -1.49 -2.34 -2.10
C ALA B 69 -2.73 -2.53 -1.23
N MET B 70 -3.42 -3.65 -1.44
CA MET B 70 -4.61 -3.98 -0.66
C MET B 70 -4.29 -4.05 0.83
N ALA B 71 -3.17 -4.70 1.15
CA ALA B 71 -2.76 -4.86 2.54
C ALA B 71 -2.49 -3.50 3.20
N ALA B 72 -1.83 -2.62 2.46
CA ALA B 72 -1.48 -1.30 2.99
C ALA B 72 -2.72 -0.42 3.11
N GLU B 73 -3.65 -0.55 2.17
CA GLU B 73 -4.89 0.20 2.22
C GLU B 73 -5.69 -0.15 3.46
N VAL B 74 -5.78 -1.45 3.75
CA VAL B 74 -6.45 -1.90 4.98
C VAL B 74 -5.75 -1.33 6.21
N ALA B 75 -4.44 -1.43 6.23
CA ALA B 75 -3.65 -0.90 7.34
C ALA B 75 -3.90 0.60 7.51
N GLU B 76 -3.96 1.30 6.38
CA GLU B 76 -4.26 2.74 6.38
C GLU B 76 -5.64 2.99 6.98
N VAL B 77 -6.63 2.24 6.52
CA VAL B 77 -8.00 2.36 7.00
C VAL B 77 -8.06 2.14 8.52
N VAL B 78 -7.33 1.14 9.00
CA VAL B 78 -7.32 0.84 10.42
C VAL B 78 -6.56 1.92 11.21
N ALA B 79 -5.38 2.28 10.72
CA ALA B 79 -4.54 3.26 11.40
C ALA B 79 -5.19 4.64 11.44
N THR B 80 -5.97 4.96 10.43
CA THR B 80 -6.65 6.25 10.39
C THR B 80 -7.96 6.20 11.16
N SER B 81 -7.84 6.17 12.47
CA SER B 81 -8.99 6.14 13.36
C SER B 81 -8.60 6.74 14.70
N PRO B 82 -9.58 7.12 15.54
CA PRO B 82 -9.29 7.62 16.88
C PRO B 82 -8.60 6.56 17.72
N PRO B 83 -7.70 6.97 18.63
CA PRO B 83 -6.90 6.04 19.44
C PRO B 83 -7.79 5.08 20.22
N GLN B 84 -8.96 5.56 20.60
CA GLN B 84 -9.91 4.76 21.38
C GLN B 84 -10.56 3.68 20.54
N SER B 85 -10.55 3.87 19.23
CA SER B 85 -11.25 2.96 18.33
C SER B 85 -10.27 2.14 17.49
N TYR B 86 -9.02 2.61 17.41
CA TYR B 86 -7.97 1.93 16.65
C TYR B 86 -7.88 0.44 17.00
N SER B 87 -7.88 0.15 18.30
CA SER B 87 -7.80 -1.22 18.78
C SER B 87 -8.99 -2.04 18.29
N ALA B 88 -10.18 -1.44 18.31
CA ALA B 88 -11.39 -2.12 17.90
C ALA B 88 -11.39 -2.36 16.39
N VAL B 89 -10.96 -1.36 15.63
CA VAL B 89 -10.86 -1.50 14.18
C VAL B 89 -9.84 -2.58 13.82
N LEU B 90 -8.70 -2.53 14.50
CA LEU B 90 -7.61 -3.47 14.27
C LEU B 90 -8.07 -4.90 14.53
N ASN B 91 -8.67 -5.09 15.69
CA ASN B 91 -9.14 -6.41 16.11
C ASN B 91 -10.21 -6.93 15.16
N THR B 92 -11.04 -6.02 14.64
CA THR B 92 -12.08 -6.38 13.70
C THR B 92 -11.46 -6.89 12.39
N ILE B 93 -10.55 -6.09 11.85
CA ILE B 93 -9.88 -6.43 10.60
C ILE B 93 -9.03 -7.69 10.76
N GLY B 94 -8.21 -7.73 11.80
CA GLY B 94 -7.30 -8.85 11.99
C GLY B 94 -8.02 -10.19 12.04
N ALA B 95 -9.18 -10.21 12.67
CA ALA B 95 -9.97 -11.43 12.76
C ALA B 95 -10.67 -11.71 11.44
N CYS B 96 -11.11 -10.66 10.76
CA CYS B 96 -11.84 -10.80 9.52
C CYS B 96 -10.95 -11.35 8.40
N LEU B 97 -9.67 -11.00 8.42
CA LEU B 97 -8.75 -11.49 7.40
C LEU B 97 -8.68 -13.01 7.39
N ARG B 98 -8.63 -13.61 8.58
CA ARG B 98 -8.57 -15.06 8.70
C ARG B 98 -9.87 -15.69 8.21
N GLU B 99 -10.98 -15.02 8.51
CA GLU B 99 -12.30 -15.49 8.08
C GLU B 99 -12.46 -15.36 6.57
N SER B 100 -12.20 -14.16 6.06
CA SER B 100 -12.34 -13.88 4.64
C SER B 100 -11.54 -14.85 3.79
N MET B 101 -10.36 -15.22 4.26
CA MET B 101 -9.54 -16.19 3.55
C MET B 101 -10.22 -17.55 3.51
N MET B 102 -10.77 -17.96 4.64
CA MET B 102 -11.44 -19.25 4.72
C MET B 102 -12.76 -19.24 3.94
N GLN B 103 -13.32 -18.06 3.76
CA GLN B 103 -14.56 -17.90 3.02
C GLN B 103 -14.32 -17.71 1.53
N ALA B 104 -13.06 -17.45 1.17
CA ALA B 104 -12.72 -17.20 -0.22
C ALA B 104 -11.98 -18.38 -0.84
N THR B 105 -10.90 -18.81 -0.19
CA THR B 105 -10.08 -19.89 -0.70
C THR B 105 -10.33 -21.18 0.08
N GLY B 106 -10.80 -21.03 1.31
CA GLY B 106 -11.02 -22.16 2.18
C GLY B 106 -9.86 -22.36 3.15
N SER B 107 -8.77 -21.67 2.87
CA SER B 107 -7.57 -21.79 3.68
C SER B 107 -7.18 -20.42 4.24
N VAL B 108 -6.39 -20.39 5.29
CA VAL B 108 -6.00 -19.13 5.90
C VAL B 108 -4.63 -18.70 5.39
N ASP B 109 -4.62 -17.69 4.53
CA ASP B 109 -3.38 -17.07 4.10
C ASP B 109 -2.82 -16.21 5.23
N ASN B 110 -1.88 -16.78 5.97
CA ASN B 110 -1.32 -16.10 7.13
C ASN B 110 -0.29 -15.07 6.71
N ALA B 111 0.23 -15.20 5.49
CA ALA B 111 1.24 -14.28 5.00
C ALA B 111 0.65 -12.88 4.82
N PHE B 112 -0.49 -12.82 4.16
CA PHE B 112 -1.18 -11.56 3.93
C PHE B 112 -1.67 -10.99 5.26
N THR B 113 -2.37 -11.82 6.02
CA THR B 113 -2.91 -11.45 7.32
C THR B 113 -1.82 -10.91 8.25
N ASN B 114 -0.69 -11.60 8.35
CA ASN B 114 0.40 -11.18 9.21
C ASN B 114 1.02 -9.88 8.71
N GLU B 115 1.11 -9.75 7.39
CA GLU B 115 1.71 -8.56 6.80
C GLU B 115 0.91 -7.31 7.17
N VAL B 116 -0.41 -7.40 7.07
CA VAL B 116 -1.30 -6.29 7.40
C VAL B 116 -1.12 -5.88 8.87
N MET B 117 -0.95 -6.86 9.74
CA MET B 117 -0.78 -6.60 11.17
C MET B 117 0.50 -5.81 11.42
N GLN B 118 1.54 -6.11 10.66
CA GLN B 118 2.81 -5.39 10.76
C GLN B 118 2.65 -3.98 10.19
N LEU B 119 1.99 -3.91 9.04
CA LEU B 119 1.75 -2.65 8.35
C LEU B 119 1.06 -1.65 9.25
N VAL B 120 -0.07 -2.06 9.82
CA VAL B 120 -0.90 -1.15 10.60
C VAL B 120 -0.19 -0.70 11.88
N LYS B 121 0.64 -1.56 12.44
CA LYS B 121 1.41 -1.22 13.63
C LYS B 121 2.56 -0.29 13.29
N MET B 122 3.14 -0.48 12.11
CA MET B 122 4.21 0.37 11.63
C MET B 122 3.70 1.77 11.32
N LEU B 123 2.53 1.84 10.70
CA LEU B 123 1.90 3.11 10.38
C LEU B 123 1.50 3.84 11.66
N SER B 124 1.12 3.06 12.68
CA SER B 124 0.66 3.63 13.94
C SER B 124 1.84 4.03 14.82
N ALA B 125 3.05 3.83 14.33
CA ALA B 125 4.23 4.20 15.08
C ALA B 125 4.53 5.68 14.89
N ASP B 126 3.98 6.48 15.80
CA ASP B 126 4.17 7.92 15.76
C ASP B 126 5.63 8.28 16.00
N SER B 127 6.22 8.97 15.04
CA SER B 127 7.62 9.33 15.11
C SER B 127 7.79 10.59 15.95
N ALA B 128 8.76 10.57 16.85
CA ALA B 128 9.00 11.70 17.73
C ALA B 128 9.92 12.71 17.09
N ASN B 129 10.15 12.54 15.78
CA ASN B 129 10.94 13.48 14.99
C ASN B 129 10.14 14.76 14.78
N GLU B 130 10.32 15.71 15.67
CA GLU B 130 9.54 16.94 15.65
C GLU B 130 10.14 17.95 14.70
N VAL B 131 9.71 17.90 13.46
CA VAL B 131 10.01 18.96 12.51
C VAL B 131 8.87 19.95 12.52
N SER B 132 7.75 19.52 13.09
CA SER B 132 6.59 20.36 13.27
C SER B 132 6.57 20.92 14.68
N THR B 133 6.07 22.13 14.84
CA THR B 133 5.98 22.75 16.15
C THR B 133 4.80 23.72 16.16
N GLY A 1 6.44 25.54 -3.28
CA GLY A 1 5.67 25.16 -2.07
C GLY A 1 6.53 24.46 -1.05
N SER A 2 6.42 24.88 0.21
CA SER A 2 7.20 24.28 1.28
C SER A 2 6.42 23.17 1.95
N GLY A 3 6.90 21.94 1.79
CA GLY A 3 6.25 20.80 2.37
C GLY A 3 7.25 19.75 2.83
N ASN A 4 8.07 20.10 3.81
CA ASN A 4 9.00 19.15 4.41
C ASN A 4 8.25 18.28 5.41
N SER A 5 7.08 18.76 5.80
CA SER A 5 6.18 18.05 6.66
C SER A 5 4.76 18.41 6.23
N GLN A 6 3.77 17.74 6.84
CA GLN A 6 2.38 17.86 6.41
C GLN A 6 2.24 17.34 4.99
N PRO A 7 1.93 16.03 4.84
CA PRO A 7 1.88 15.35 3.55
C PRO A 7 1.27 16.20 2.44
N ILE A 8 1.98 16.25 1.31
CA ILE A 8 1.57 17.10 0.18
C ILE A 8 0.32 16.56 -0.51
N TRP A 9 -0.28 15.54 0.06
CA TRP A 9 -1.46 14.89 -0.51
C TRP A 9 -2.74 15.70 -0.28
N THR A 10 -2.59 17.00 -0.09
CA THR A 10 -3.74 17.89 -0.07
C THR A 10 -4.06 18.29 -1.51
N ASN A 11 -3.06 18.12 -2.38
CA ASN A 11 -3.22 18.33 -3.81
C ASN A 11 -2.85 17.06 -4.55
N PRO A 12 -3.83 16.42 -5.19
CA PRO A 12 -3.64 15.10 -5.78
C PRO A 12 -2.71 15.11 -6.99
N ASN A 13 -2.70 16.20 -7.73
CA ASN A 13 -1.87 16.32 -8.93
C ASN A 13 -0.43 16.60 -8.55
N ALA A 14 -0.23 17.31 -7.45
CA ALA A 14 1.11 17.57 -6.94
C ALA A 14 1.74 16.26 -6.49
N ALA A 15 0.96 15.46 -5.78
CA ALA A 15 1.40 14.14 -5.32
C ALA A 15 1.65 13.22 -6.51
N MET A 16 0.75 13.30 -7.50
CA MET A 16 0.87 12.49 -8.72
C MET A 16 2.17 12.79 -9.45
N THR A 17 2.62 14.03 -9.36
CA THR A 17 3.87 14.44 -9.97
C THR A 17 5.05 13.72 -9.31
N MET A 18 4.97 13.56 -8.00
CA MET A 18 5.99 12.82 -7.25
C MET A 18 6.01 11.37 -7.70
N THR A 19 4.81 10.83 -7.95
CA THR A 19 4.66 9.48 -8.46
C THR A 19 5.31 9.33 -9.84
N ASN A 20 5.01 10.29 -10.71
CA ASN A 20 5.52 10.28 -12.09
C ASN A 20 7.03 10.46 -12.10
N ASN A 21 7.54 11.40 -11.30
CA ASN A 21 8.97 11.67 -11.24
C ASN A 21 9.76 10.45 -10.80
N LEU A 22 9.16 9.63 -9.93
CA LEU A 22 9.78 8.38 -9.51
C LEU A 22 9.97 7.45 -10.68
N VAL A 23 8.94 7.34 -11.52
CA VAL A 23 9.01 6.49 -12.70
C VAL A 23 10.05 7.01 -13.68
N GLN A 24 10.13 8.33 -13.82
CA GLN A 24 11.15 8.96 -14.66
C GLN A 24 12.54 8.67 -14.12
N CYS A 25 12.70 8.79 -12.80
CA CYS A 25 13.97 8.45 -12.16
C CYS A 25 14.35 7.00 -12.41
N ALA A 26 13.40 6.10 -12.18
CA ALA A 26 13.62 4.68 -12.37
C ALA A 26 13.94 4.38 -13.84
N SER A 27 13.24 5.06 -14.74
CA SER A 27 13.42 4.87 -16.17
C SER A 27 14.77 5.41 -16.65
N ARG A 28 15.30 6.43 -15.98
CA ARG A 28 16.60 6.99 -16.37
C ARG A 28 17.73 6.23 -15.68
N SER A 29 17.49 5.75 -14.47
CA SER A 29 18.50 5.02 -13.72
C SER A 29 18.72 3.64 -14.34
N GLY A 30 17.62 2.94 -14.57
CA GLY A 30 17.70 1.62 -15.16
C GLY A 30 18.18 0.58 -14.17
N VAL A 31 18.20 0.95 -12.89
CA VAL A 31 18.63 0.04 -11.84
C VAL A 31 17.51 -0.95 -11.51
N LEU A 32 16.29 -0.59 -11.89
CA LEU A 32 15.14 -1.46 -11.68
C LEU A 32 14.97 -2.40 -12.86
N THR A 33 14.32 -3.53 -12.63
CA THR A 33 14.02 -4.48 -13.69
C THR A 33 12.72 -4.13 -14.39
N ALA A 34 12.43 -4.82 -15.50
CA ALA A 34 11.21 -4.58 -16.25
C ALA A 34 9.98 -4.81 -15.39
N ASP A 35 10.05 -5.84 -14.55
CA ASP A 35 8.97 -6.15 -13.62
C ASP A 35 8.72 -4.97 -12.70
N GLN A 36 9.79 -4.48 -12.10
CA GLN A 36 9.72 -3.37 -11.15
C GLN A 36 9.22 -2.11 -11.84
N MET A 37 9.69 -1.87 -13.07
CA MET A 37 9.31 -0.67 -13.82
C MET A 37 7.82 -0.65 -14.13
N ASP A 38 7.28 -1.80 -14.50
CA ASP A 38 5.86 -1.87 -14.85
C ASP A 38 4.99 -1.71 -13.61
N ASP A 39 5.46 -2.22 -12.47
CA ASP A 39 4.77 -2.03 -11.20
C ASP A 39 4.72 -0.55 -10.86
N MET A 40 5.86 0.12 -11.03
CA MET A 40 5.96 1.56 -10.83
C MET A 40 5.02 2.30 -11.78
N GLY A 41 4.97 1.82 -13.03
CA GLY A 41 4.08 2.39 -14.02
C GLY A 41 2.63 2.26 -13.62
N MET A 42 2.24 1.09 -13.14
CA MET A 42 0.88 0.86 -12.70
C MET A 42 0.54 1.75 -11.52
N MET A 43 1.54 2.04 -10.68
CA MET A 43 1.34 2.94 -9.55
C MET A 43 0.85 4.30 -10.03
N ALA A 44 1.58 4.87 -10.98
CA ALA A 44 1.21 6.17 -11.56
C ALA A 44 -0.15 6.08 -12.25
N ASP A 45 -0.37 4.96 -12.91
CA ASP A 45 -1.62 4.71 -13.62
C ASP A 45 -2.80 4.58 -12.66
N SER A 46 -2.57 3.91 -11.54
CA SER A 46 -3.59 3.70 -10.53
C SER A 46 -4.11 5.04 -10.00
N VAL A 47 -3.19 5.94 -9.66
CA VAL A 47 -3.57 7.26 -9.17
C VAL A 47 -4.35 8.01 -10.26
N ASN A 48 -3.89 7.85 -11.50
CA ASN A 48 -4.50 8.50 -12.65
C ASN A 48 -5.93 8.01 -12.88
N SER A 49 -6.08 6.69 -12.93
CA SER A 49 -7.35 6.06 -13.26
C SER A 49 -8.43 6.42 -12.26
N GLN A 50 -8.06 6.52 -11.00
CA GLN A 50 -9.01 6.89 -9.97
C GLN A 50 -9.42 8.34 -10.09
N MET A 51 -8.50 9.19 -10.55
CA MET A 51 -8.81 10.60 -10.73
C MET A 51 -9.84 10.79 -11.83
N GLN A 52 -9.76 9.97 -12.87
CA GLN A 52 -10.71 10.06 -13.98
C GLN A 52 -12.02 9.35 -13.62
N LYS A 53 -11.98 8.51 -12.60
CA LYS A 53 -13.18 7.86 -12.06
C LYS A 53 -14.00 8.87 -11.27
N MET A 54 -13.30 9.73 -10.54
CA MET A 54 -13.93 10.68 -9.65
C MET A 54 -14.14 12.03 -10.32
N GLY A 55 -14.44 13.05 -9.50
CA GLY A 55 -14.65 14.39 -10.01
C GLY A 55 -13.54 15.34 -9.61
N PRO A 56 -13.78 16.66 -9.70
CA PRO A 56 -12.77 17.69 -9.42
C PRO A 56 -12.54 17.90 -7.92
N ASN A 57 -13.40 17.32 -7.12
CA ASN A 57 -13.31 17.45 -5.67
C ASN A 57 -13.62 16.13 -4.98
N PRO A 58 -12.65 15.21 -4.99
CA PRO A 58 -12.76 13.93 -4.27
C PRO A 58 -12.67 14.10 -2.76
N PRO A 59 -13.12 13.08 -2.01
CA PRO A 59 -13.05 13.08 -0.56
C PRO A 59 -11.61 13.02 -0.04
N GLN A 60 -11.38 13.58 1.12
CA GLN A 60 -10.04 13.68 1.68
C GLN A 60 -9.48 12.32 2.07
N HIS A 61 -10.37 11.38 2.43
CA HIS A 61 -9.94 10.04 2.80
C HIS A 61 -9.36 9.32 1.58
N ARG A 62 -9.79 9.73 0.40
CA ARG A 62 -9.26 9.18 -0.85
C ARG A 62 -7.76 9.50 -0.92
N LEU A 63 -7.41 10.67 -0.44
CA LEU A 63 -6.03 11.13 -0.47
C LEU A 63 -5.21 10.42 0.61
N ARG A 64 -5.82 10.18 1.77
CA ARG A 64 -5.12 9.54 2.87
C ARG A 64 -4.82 8.07 2.55
N ALA A 65 -5.74 7.41 1.86
CA ALA A 65 -5.57 6.00 1.51
C ALA A 65 -4.53 5.84 0.42
N MET A 66 -4.61 6.66 -0.61
CA MET A 66 -3.68 6.58 -1.74
C MET A 66 -2.28 7.00 -1.31
N ASN A 67 -2.20 7.81 -0.26
CA ASN A 67 -0.92 8.20 0.32
C ASN A 67 -0.12 6.97 0.72
N THR A 68 -0.75 6.09 1.46
CA THR A 68 -0.12 4.85 1.89
C THR A 68 0.03 3.89 0.72
N ALA A 69 -0.97 3.89 -0.16
CA ALA A 69 -0.96 3.01 -1.33
C ALA A 69 0.25 3.26 -2.21
N MET A 70 0.49 4.51 -2.56
CA MET A 70 1.63 4.88 -3.41
C MET A 70 2.94 4.46 -2.76
N ALA A 71 3.08 4.76 -1.48
CA ALA A 71 4.30 4.46 -0.75
C ALA A 71 4.58 2.97 -0.70
N ALA A 72 3.53 2.19 -0.40
CA ALA A 72 3.66 0.75 -0.29
C ALA A 72 4.02 0.10 -1.63
N GLU A 73 3.50 0.65 -2.71
CA GLU A 73 3.79 0.14 -4.05
C GLU A 73 5.28 0.25 -4.37
N VAL A 74 5.85 1.44 -4.15
CA VAL A 74 7.29 1.65 -4.38
C VAL A 74 8.11 0.68 -3.53
N ALA A 75 7.71 0.50 -2.29
CA ALA A 75 8.40 -0.42 -1.40
C ALA A 75 8.30 -1.85 -1.90
N GLU A 76 7.12 -2.23 -2.36
CA GLU A 76 6.89 -3.55 -2.94
C GLU A 76 7.80 -3.74 -4.15
N VAL A 77 8.00 -2.67 -4.91
CA VAL A 77 8.86 -2.70 -6.09
C VAL A 77 10.32 -2.96 -5.71
N VAL A 78 10.77 -2.37 -4.60
CA VAL A 78 12.16 -2.48 -4.22
C VAL A 78 12.43 -3.73 -3.38
N ALA A 79 11.53 -4.04 -2.46
CA ALA A 79 11.76 -5.12 -1.50
C ALA A 79 11.80 -6.50 -2.16
N THR A 80 11.17 -6.62 -3.33
CA THR A 80 11.06 -7.90 -4.00
C THR A 80 12.21 -8.14 -4.97
N SER A 81 13.20 -7.27 -4.94
CA SER A 81 14.32 -7.36 -5.85
C SER A 81 15.41 -8.25 -5.25
N PRO A 82 16.30 -8.80 -6.11
CA PRO A 82 17.44 -9.60 -5.64
C PRO A 82 18.33 -8.80 -4.69
N PRO A 83 18.86 -9.45 -3.64
CA PRO A 83 19.62 -8.76 -2.59
C PRO A 83 20.90 -8.13 -3.13
N GLN A 84 21.30 -8.58 -4.31
CA GLN A 84 22.53 -8.08 -4.95
C GLN A 84 22.28 -6.73 -5.61
N SER A 85 21.03 -6.31 -5.67
CA SER A 85 20.67 -5.05 -6.25
C SER A 85 19.64 -4.32 -5.39
N TYR A 86 19.27 -4.93 -4.27
CA TYR A 86 18.27 -4.38 -3.37
C TYR A 86 18.67 -2.99 -2.89
N SER A 87 19.88 -2.88 -2.38
CA SER A 87 20.37 -1.62 -1.85
C SER A 87 20.54 -0.58 -2.96
N ALA A 88 20.90 -1.04 -4.15
CA ALA A 88 21.08 -0.16 -5.30
C ALA A 88 19.75 0.47 -5.71
N VAL A 89 18.74 -0.38 -5.92
CA VAL A 89 17.40 0.07 -6.29
C VAL A 89 16.81 0.94 -5.18
N LEU A 90 17.02 0.50 -3.94
CA LEU A 90 16.47 1.21 -2.79
C LEU A 90 17.06 2.61 -2.68
N ASN A 91 18.37 2.70 -2.88
CA ASN A 91 19.06 3.99 -2.79
C ASN A 91 18.58 4.93 -3.89
N THR A 92 18.34 4.39 -5.07
CA THR A 92 17.86 5.19 -6.19
C THR A 92 16.49 5.75 -5.88
N ILE A 93 15.60 4.90 -5.39
CA ILE A 93 14.26 5.33 -5.01
C ILE A 93 14.31 6.33 -3.85
N GLY A 94 15.04 5.99 -2.80
CA GLY A 94 15.13 6.87 -1.64
C GLY A 94 15.65 8.25 -2.00
N ALA A 95 16.69 8.28 -2.83
CA ALA A 95 17.27 9.54 -3.28
C ALA A 95 16.29 10.31 -4.15
N CYS A 96 15.66 9.62 -5.08
CA CYS A 96 14.72 10.26 -5.99
C CYS A 96 13.42 10.63 -5.30
N LEU A 97 13.11 9.97 -4.19
CA LEU A 97 11.97 10.36 -3.35
C LEU A 97 12.12 11.82 -2.94
N ARG A 98 13.30 12.12 -2.41
CA ARG A 98 13.66 13.47 -2.02
C ARG A 98 13.54 14.43 -3.18
N GLU A 99 14.12 14.06 -4.31
CA GLU A 99 14.15 14.92 -5.49
C GLU A 99 12.77 15.09 -6.09
N SER A 100 12.01 14.00 -6.14
CA SER A 100 10.65 14.04 -6.67
C SER A 100 9.79 15.04 -5.94
N MET A 101 9.87 15.03 -4.61
CA MET A 101 9.13 15.99 -3.80
C MET A 101 9.57 17.41 -4.10
N MET A 102 10.88 17.59 -4.27
CA MET A 102 11.44 18.90 -4.55
C MET A 102 11.10 19.36 -5.98
N GLN A 103 10.88 18.40 -6.87
CA GLN A 103 10.47 18.72 -8.23
C GLN A 103 8.97 18.95 -8.31
N ALA A 104 8.24 18.31 -7.40
CA ALA A 104 6.78 18.41 -7.38
C ALA A 104 6.32 19.68 -6.67
N THR A 105 6.68 19.79 -5.39
CA THR A 105 6.24 20.92 -4.58
C THR A 105 7.31 22.00 -4.52
N GLY A 106 8.56 21.58 -4.47
CA GLY A 106 9.66 22.51 -4.34
C GLY A 106 10.53 22.17 -3.15
N SER A 107 10.05 21.24 -2.33
CA SER A 107 10.78 20.81 -1.14
C SER A 107 10.46 19.35 -0.84
N VAL A 108 11.32 18.70 -0.06
CA VAL A 108 11.16 17.28 0.20
C VAL A 108 10.39 17.01 1.49
N ASP A 109 9.26 16.33 1.35
CA ASP A 109 8.47 15.88 2.49
C ASP A 109 9.12 14.67 3.13
N ASN A 110 9.20 14.68 4.44
CA ASN A 110 9.83 13.58 5.17
C ASN A 110 8.82 12.48 5.45
N ALA A 111 7.55 12.84 5.58
CA ALA A 111 6.52 11.88 5.96
C ALA A 111 6.42 10.74 4.95
N PHE A 112 6.29 11.10 3.68
CA PHE A 112 6.15 10.12 2.62
C PHE A 112 7.47 9.38 2.39
N THR A 113 8.56 10.13 2.35
CA THR A 113 9.87 9.56 2.08
C THR A 113 10.26 8.55 3.17
N ASN A 114 9.98 8.89 4.42
CA ASN A 114 10.26 8.01 5.54
C ASN A 114 9.39 6.76 5.48
N GLU A 115 8.12 6.96 5.14
CA GLU A 115 7.15 5.87 5.08
C GLU A 115 7.62 4.76 4.15
N VAL A 116 8.05 5.15 2.95
CA VAL A 116 8.52 4.19 1.95
C VAL A 116 9.71 3.39 2.46
N MET A 117 10.61 4.06 3.16
CA MET A 117 11.83 3.41 3.65
C MET A 117 11.50 2.38 4.72
N GLN A 118 10.50 2.70 5.54
CA GLN A 118 10.09 1.80 6.61
C GLN A 118 9.31 0.61 6.04
N LEU A 119 8.49 0.88 5.03
CA LEU A 119 7.71 -0.15 4.36
C LEU A 119 8.61 -1.21 3.74
N VAL A 120 9.57 -0.75 2.95
CA VAL A 120 10.44 -1.67 2.21
C VAL A 120 11.28 -2.53 3.14
N LYS A 121 11.66 -1.98 4.29
CA LYS A 121 12.39 -2.73 5.30
C LYS A 121 11.51 -3.81 5.89
N MET A 122 10.30 -3.43 6.30
CA MET A 122 9.37 -4.34 6.94
C MET A 122 8.92 -5.45 5.99
N LEU A 123 8.69 -5.10 4.73
CA LEU A 123 8.25 -6.06 3.72
C LEU A 123 9.29 -7.16 3.51
N SER A 124 10.54 -6.87 3.85
CA SER A 124 11.61 -7.82 3.65
C SER A 124 12.13 -8.33 5.00
N ALA A 125 11.43 -7.99 6.08
CA ALA A 125 11.86 -8.39 7.41
C ALA A 125 10.68 -8.73 8.31
N ASP A 126 10.42 -10.01 8.49
CA ASP A 126 9.43 -10.46 9.45
C ASP A 126 10.01 -11.58 10.30
N SER A 127 9.79 -11.49 11.59
CA SER A 127 10.35 -12.44 12.54
C SER A 127 9.58 -13.76 12.58
N ALA A 128 8.96 -14.11 11.46
CA ALA A 128 8.26 -15.37 11.31
C ALA A 128 9.24 -16.53 11.35
N ASN A 129 10.47 -16.24 10.98
CA ASN A 129 11.54 -17.23 11.02
C ASN A 129 12.19 -17.21 12.40
N GLU A 130 11.87 -18.22 13.19
CA GLU A 130 12.31 -18.28 14.57
C GLU A 130 13.75 -18.74 14.68
N VAL A 131 14.65 -17.77 14.80
CA VAL A 131 16.05 -18.04 15.11
C VAL A 131 16.24 -17.99 16.62
N SER A 132 15.13 -17.78 17.32
CA SER A 132 15.12 -17.69 18.76
C SER A 132 15.24 -19.07 19.40
N THR A 133 16.35 -19.29 20.10
CA THR A 133 16.58 -20.54 20.79
C THR A 133 17.49 -20.33 22.00
N GLY B 1 -8.04 -27.21 -2.49
CA GLY B 1 -9.22 -26.72 -1.81
C GLY B 1 -8.90 -26.21 -0.43
N SER B 2 -7.64 -26.35 -0.03
CA SER B 2 -7.18 -25.87 1.26
C SER B 2 -5.68 -25.56 1.22
N GLY B 3 -5.35 -24.28 1.17
CA GLY B 3 -3.96 -23.87 1.19
C GLY B 3 -3.72 -22.82 2.25
N ASN B 4 -3.22 -23.25 3.41
CA ASN B 4 -2.92 -22.34 4.50
C ASN B 4 -1.48 -21.88 4.44
N SER B 5 -0.85 -22.15 3.32
CA SER B 5 0.54 -21.77 3.08
C SER B 5 0.69 -21.34 1.63
N GLN B 6 1.70 -20.50 1.37
CA GLN B 6 1.94 -19.92 0.05
C GLN B 6 0.87 -18.88 -0.28
N PRO B 7 1.29 -17.65 -0.63
CA PRO B 7 0.37 -16.55 -0.93
C PRO B 7 -0.66 -16.90 -1.99
N ILE B 8 -1.93 -16.70 -1.65
CA ILE B 8 -3.04 -17.03 -2.55
C ILE B 8 -3.14 -16.01 -3.70
N TRP B 9 -2.34 -14.96 -3.63
CA TRP B 9 -2.36 -13.89 -4.62
C TRP B 9 -1.75 -14.34 -5.94
N THR B 10 -2.45 -15.20 -6.64
CA THR B 10 -2.10 -15.59 -8.00
C THR B 10 -3.31 -15.44 -8.91
N ASN B 11 -4.43 -15.02 -8.33
CA ASN B 11 -5.66 -14.80 -9.07
C ASN B 11 -6.29 -13.49 -8.62
N PRO B 12 -6.63 -12.61 -9.57
CA PRO B 12 -7.17 -11.28 -9.26
C PRO B 12 -8.57 -11.34 -8.67
N ASN B 13 -9.41 -12.17 -9.26
CA ASN B 13 -10.80 -12.31 -8.82
C ASN B 13 -10.87 -12.93 -7.42
N ALA B 14 -10.01 -13.92 -7.17
CA ALA B 14 -9.96 -14.58 -5.87
C ALA B 14 -9.52 -13.59 -4.79
N ALA B 15 -8.51 -12.80 -5.10
CA ALA B 15 -8.01 -11.79 -4.16
C ALA B 15 -9.06 -10.70 -3.93
N MET B 16 -9.71 -10.28 -5.02
CA MET B 16 -10.76 -9.27 -4.96
C MET B 16 -11.90 -9.72 -4.05
N THR B 17 -12.14 -11.02 -4.02
CA THR B 17 -13.16 -11.59 -3.16
C THR B 17 -12.83 -11.34 -1.70
N MET B 18 -11.54 -11.46 -1.36
CA MET B 18 -11.07 -11.20 0.00
C MET B 18 -11.28 -9.74 0.35
N THR B 19 -11.02 -8.87 -0.63
CA THR B 19 -11.22 -7.43 -0.46
C THR B 19 -12.70 -7.12 -0.21
N ASN B 20 -13.57 -7.76 -0.98
CA ASN B 20 -15.01 -7.55 -0.88
C ASN B 20 -15.53 -8.06 0.46
N ASN B 21 -15.07 -9.25 0.87
CA ASN B 21 -15.52 -9.86 2.12
C ASN B 21 -15.15 -8.98 3.33
N LEU B 22 -14.02 -8.27 3.23
CA LEU B 22 -13.60 -7.37 4.29
C LEU B 22 -14.61 -6.25 4.49
N VAL B 23 -15.09 -5.70 3.38
CA VAL B 23 -16.07 -4.62 3.44
C VAL B 23 -17.37 -5.12 4.08
N GLN B 24 -17.76 -6.34 3.74
CA GLN B 24 -18.93 -6.96 4.37
C GLN B 24 -18.73 -7.07 5.87
N CYS B 25 -17.56 -7.55 6.27
CA CYS B 25 -17.22 -7.67 7.68
C CYS B 25 -17.32 -6.33 8.39
N ALA B 26 -16.71 -5.30 7.81
CA ALA B 26 -16.71 -3.97 8.40
C ALA B 26 -18.14 -3.43 8.51
N SER B 27 -18.95 -3.70 7.50
CA SER B 27 -20.33 -3.24 7.47
C SER B 27 -21.16 -3.97 8.52
N ARG B 28 -20.92 -5.26 8.70
CA ARG B 28 -21.70 -6.07 9.62
C ARG B 28 -21.19 -5.93 11.05
N SER B 29 -20.00 -5.35 11.22
CA SER B 29 -19.44 -5.14 12.54
C SER B 29 -19.84 -3.77 13.08
N GLY B 30 -19.81 -2.76 12.21
CA GLY B 30 -20.21 -1.42 12.60
C GLY B 30 -19.17 -0.74 13.46
N VAL B 31 -17.96 -1.27 13.47
CA VAL B 31 -16.87 -0.70 14.25
C VAL B 31 -16.31 0.54 13.57
N LEU B 32 -16.33 0.52 12.25
CA LEU B 32 -15.75 1.58 11.46
C LEU B 32 -16.79 2.62 11.09
N THR B 33 -16.34 3.84 10.87
CA THR B 33 -17.22 4.95 10.51
C THR B 33 -17.40 5.01 8.99
N ALA B 34 -18.27 5.91 8.53
CA ALA B 34 -18.53 6.05 7.10
C ALA B 34 -17.25 6.35 6.33
N ASP B 35 -16.41 7.19 6.91
CA ASP B 35 -15.12 7.57 6.30
C ASP B 35 -14.24 6.35 6.10
N GLN B 36 -14.25 5.45 7.09
CA GLN B 36 -13.46 4.23 7.03
C GLN B 36 -14.11 3.22 6.09
N MET B 37 -15.44 3.12 6.14
CA MET B 37 -16.19 2.21 5.28
C MET B 37 -16.02 2.60 3.82
N ASP B 38 -16.20 3.88 3.54
CA ASP B 38 -16.09 4.39 2.18
C ASP B 38 -14.64 4.31 1.70
N ASP B 39 -13.72 4.39 2.65
CA ASP B 39 -12.29 4.24 2.36
C ASP B 39 -12.01 2.82 1.88
N MET B 40 -12.50 1.84 2.63
CA MET B 40 -12.38 0.44 2.26
C MET B 40 -13.15 0.15 0.98
N GLY B 41 -14.23 0.89 0.76
CA GLY B 41 -14.97 0.78 -0.46
C GLY B 41 -14.15 1.17 -1.67
N MET B 42 -13.44 2.28 -1.55
CA MET B 42 -12.57 2.75 -2.63
C MET B 42 -11.43 1.76 -2.86
N MET B 43 -11.02 1.07 -1.80
CA MET B 43 -10.01 0.03 -1.89
C MET B 43 -10.47 -1.08 -2.84
N ALA B 44 -11.67 -1.59 -2.61
CA ALA B 44 -12.27 -2.61 -3.47
C ALA B 44 -12.43 -2.07 -4.87
N ASP B 45 -12.86 -0.81 -4.95
CA ASP B 45 -13.01 -0.11 -6.22
C ASP B 45 -11.70 -0.08 -7.00
N SER B 46 -10.61 0.23 -6.29
CA SER B 46 -9.29 0.29 -6.90
C SER B 46 -8.93 -1.04 -7.55
N VAL B 47 -9.11 -2.14 -6.81
CA VAL B 47 -8.78 -3.47 -7.32
C VAL B 47 -9.64 -3.82 -8.54
N ASN B 48 -10.93 -3.51 -8.44
CA ASN B 48 -11.87 -3.80 -9.52
C ASN B 48 -11.52 -2.98 -10.77
N SER B 49 -11.16 -1.72 -10.56
CA SER B 49 -10.85 -0.84 -11.67
C SER B 49 -9.60 -1.30 -12.42
N GLN B 50 -8.55 -1.66 -11.69
CA GLN B 50 -7.33 -2.13 -12.33
C GLN B 50 -7.56 -3.44 -13.07
N MET B 51 -8.41 -4.28 -12.51
CA MET B 51 -8.80 -5.53 -13.13
C MET B 51 -9.39 -5.29 -14.52
N GLN B 52 -10.35 -4.36 -14.61
CA GLN B 52 -11.01 -4.06 -15.89
C GLN B 52 -10.14 -3.19 -16.78
N LYS B 53 -9.10 -2.60 -16.20
CA LYS B 53 -8.11 -1.84 -16.96
C LYS B 53 -7.23 -2.78 -17.77
N MET B 54 -7.31 -4.06 -17.47
CA MET B 54 -6.50 -5.06 -18.14
C MET B 54 -7.38 -6.07 -18.86
N GLY B 55 -6.76 -7.08 -19.43
CA GLY B 55 -7.49 -8.14 -20.10
C GLY B 55 -7.22 -9.48 -19.46
N PRO B 56 -7.63 -10.58 -20.11
CA PRO B 56 -7.44 -11.93 -19.58
C PRO B 56 -5.97 -12.28 -19.36
N ASN B 57 -5.70 -12.99 -18.27
CA ASN B 57 -4.35 -13.38 -17.87
C ASN B 57 -3.46 -12.15 -17.65
N PRO B 58 -3.53 -11.55 -16.45
CA PRO B 58 -2.74 -10.40 -16.09
C PRO B 58 -1.37 -10.79 -15.53
N PRO B 59 -0.41 -9.86 -15.55
CA PRO B 59 0.94 -10.09 -15.04
C PRO B 59 0.94 -10.42 -13.54
N GLN B 60 1.75 -11.39 -13.14
CA GLN B 60 1.76 -11.86 -11.76
C GLN B 60 2.48 -10.87 -10.86
N HIS B 61 3.52 -10.23 -11.37
CA HIS B 61 4.22 -9.20 -10.60
C HIS B 61 3.28 -8.04 -10.31
N ARG B 62 2.31 -7.84 -11.17
CA ARG B 62 1.34 -6.79 -10.97
C ARG B 62 0.43 -7.14 -9.80
N LEU B 63 0.27 -8.43 -9.57
CA LEU B 63 -0.53 -8.92 -8.46
C LEU B 63 0.21 -8.73 -7.13
N ARG B 64 1.53 -8.93 -7.15
CA ARG B 64 2.34 -8.73 -5.95
C ARG B 64 2.24 -7.26 -5.51
N ALA B 65 2.20 -6.35 -6.48
CA ALA B 65 2.07 -4.93 -6.20
C ALA B 65 0.70 -4.61 -5.61
N MET B 66 -0.34 -5.14 -6.22
CA MET B 66 -1.71 -4.92 -5.74
C MET B 66 -1.92 -5.55 -4.37
N ASN B 67 -1.20 -6.64 -4.12
CA ASN B 67 -1.22 -7.31 -2.82
C ASN B 67 -0.91 -6.34 -1.69
N THR B 68 0.22 -5.66 -1.82
CA THR B 68 0.66 -4.73 -0.80
C THR B 68 -0.19 -3.47 -0.81
N ALA B 69 -0.73 -3.13 -1.98
CA ALA B 69 -1.63 -1.98 -2.10
C ALA B 69 -2.87 -2.19 -1.25
N MET B 70 -3.55 -3.32 -1.48
CA MET B 70 -4.75 -3.66 -0.71
C MET B 70 -4.45 -3.71 0.78
N ALA B 71 -3.38 -4.40 1.13
CA ALA B 71 -2.98 -4.57 2.52
C ALA B 71 -2.70 -3.22 3.19
N ALA B 72 -2.02 -2.34 2.48
CA ALA B 72 -1.68 -1.02 3.01
C ALA B 72 -2.94 -0.17 3.19
N GLU B 73 -3.87 -0.30 2.26
CA GLU B 73 -5.13 0.44 2.34
C GLU B 73 -5.92 0.04 3.58
N VAL B 74 -6.02 -1.27 3.82
CA VAL B 74 -6.68 -1.77 5.02
C VAL B 74 -5.99 -1.23 6.28
N ALA B 75 -4.66 -1.34 6.29
CA ALA B 75 -3.87 -0.86 7.43
C ALA B 75 -4.08 0.63 7.65
N GLU B 76 -4.16 1.39 6.57
CA GLU B 76 -4.40 2.82 6.64
C GLU B 76 -5.73 3.09 7.33
N VAL B 77 -6.78 2.39 6.89
CA VAL B 77 -8.12 2.56 7.43
C VAL B 77 -8.17 2.24 8.91
N VAL B 78 -7.38 1.25 9.33
CA VAL B 78 -7.35 0.84 10.73
C VAL B 78 -6.49 1.81 11.56
N ALA B 79 -5.36 2.23 11.00
CA ALA B 79 -4.45 3.11 11.71
C ALA B 79 -5.01 4.51 11.85
N THR B 80 -5.58 5.03 10.78
CA THR B 80 -6.15 6.36 10.80
C THR B 80 -7.58 6.32 11.35
N SER B 81 -7.68 6.01 12.63
CA SER B 81 -8.97 5.95 13.30
C SER B 81 -8.81 6.55 14.69
N PRO B 82 -9.93 6.86 15.39
CA PRO B 82 -9.87 7.34 16.77
C PRO B 82 -9.08 6.38 17.65
N PRO B 83 -8.28 6.90 18.59
CA PRO B 83 -7.39 6.08 19.41
C PRO B 83 -8.16 5.16 20.34
N GLN B 84 -9.46 5.41 20.45
CA GLN B 84 -10.33 4.61 21.29
C GLN B 84 -11.04 3.53 20.46
N SER B 85 -10.87 3.60 19.15
CA SER B 85 -11.53 2.66 18.26
C SER B 85 -10.50 1.82 17.51
N TYR B 86 -9.25 2.25 17.56
CA TYR B 86 -8.15 1.56 16.86
C TYR B 86 -8.17 0.06 17.12
N SER B 87 -8.06 -0.30 18.40
CA SER B 87 -7.95 -1.69 18.80
C SER B 87 -9.17 -2.49 18.35
N ALA B 88 -10.35 -1.89 18.49
CA ALA B 88 -11.59 -2.53 18.08
C ALA B 88 -11.60 -2.78 16.57
N VAL B 89 -11.22 -1.77 15.79
CA VAL B 89 -11.17 -1.90 14.34
C VAL B 89 -10.13 -2.94 13.93
N LEU B 90 -8.97 -2.89 14.58
CA LEU B 90 -7.87 -3.81 14.28
C LEU B 90 -8.33 -5.25 14.48
N ASN B 91 -8.94 -5.52 15.62
CA ASN B 91 -9.44 -6.84 15.95
C ASN B 91 -10.49 -7.31 14.95
N THR B 92 -11.22 -6.36 14.40
CA THR B 92 -12.27 -6.66 13.46
C THR B 92 -11.67 -7.15 12.14
N ILE B 93 -10.82 -6.31 11.56
CA ILE B 93 -10.16 -6.65 10.31
C ILE B 93 -9.29 -7.89 10.47
N GLY B 94 -8.51 -7.95 11.54
CA GLY B 94 -7.60 -9.06 11.76
C GLY B 94 -8.30 -10.41 11.82
N ALA B 95 -9.46 -10.44 12.47
CA ALA B 95 -10.21 -11.69 12.60
C ALA B 95 -10.91 -12.03 11.29
N CYS B 96 -11.44 -11.02 10.60
CA CYS B 96 -12.15 -11.24 9.36
C CYS B 96 -11.18 -11.57 8.22
N LEU B 97 -9.95 -11.09 8.33
CA LEU B 97 -8.90 -11.43 7.36
C LEU B 97 -8.82 -12.95 7.18
N ARG B 98 -8.94 -13.65 8.30
CA ARG B 98 -8.86 -15.10 8.32
C ARG B 98 -10.05 -15.73 7.57
N GLU B 99 -11.25 -15.25 7.84
CA GLU B 99 -12.44 -15.84 7.23
C GLU B 99 -12.66 -15.31 5.81
N SER B 100 -12.25 -14.08 5.54
CA SER B 100 -12.35 -13.51 4.20
C SER B 100 -11.56 -14.36 3.22
N MET B 101 -10.38 -14.80 3.64
CA MET B 101 -9.58 -15.69 2.83
C MET B 101 -10.27 -17.04 2.68
N MET B 102 -10.86 -17.52 3.77
CA MET B 102 -11.53 -18.81 3.75
C MET B 102 -12.77 -18.79 2.87
N GLN B 103 -13.38 -17.62 2.74
CA GLN B 103 -14.54 -17.44 1.86
C GLN B 103 -14.08 -17.15 0.43
N ALA B 104 -12.83 -16.76 0.29
CA ALA B 104 -12.28 -16.39 -1.01
C ALA B 104 -11.64 -17.59 -1.70
N THR B 105 -10.82 -18.32 -0.97
CA THR B 105 -10.13 -19.48 -1.51
C THR B 105 -10.67 -20.78 -0.91
N GLY B 106 -10.89 -20.75 0.40
CA GLY B 106 -11.31 -21.95 1.10
C GLY B 106 -10.46 -22.16 2.34
N SER B 107 -9.34 -21.45 2.38
CA SER B 107 -8.42 -21.54 3.48
C SER B 107 -7.94 -20.14 3.86
N VAL B 108 -7.10 -20.03 4.86
CA VAL B 108 -6.65 -18.72 5.33
C VAL B 108 -5.19 -18.46 4.98
N ASP B 109 -4.98 -17.43 4.16
CA ASP B 109 -3.64 -16.97 3.82
C ASP B 109 -3.07 -16.21 5.01
N ASN B 110 -2.18 -16.87 5.74
CA ASN B 110 -1.60 -16.27 6.94
C ASN B 110 -0.58 -15.20 6.58
N ALA B 111 0.02 -15.34 5.41
CA ALA B 111 1.07 -14.41 4.98
C ALA B 111 0.50 -13.02 4.80
N PHE B 112 -0.60 -12.93 4.06
CA PHE B 112 -1.26 -11.67 3.80
C PHE B 112 -1.80 -11.10 5.11
N THR B 113 -2.49 -11.95 5.86
CA THR B 113 -3.08 -11.57 7.14
C THR B 113 -2.01 -11.01 8.10
N ASN B 114 -0.88 -11.70 8.19
CA ASN B 114 0.22 -11.27 9.05
C ASN B 114 0.78 -9.95 8.57
N GLU B 115 0.95 -9.82 7.25
CA GLU B 115 1.53 -8.62 6.67
C GLU B 115 0.69 -7.38 7.00
N VAL B 116 -0.62 -7.51 6.89
CA VAL B 116 -1.53 -6.39 7.18
C VAL B 116 -1.38 -5.93 8.63
N MET B 117 -1.14 -6.87 9.52
CA MET B 117 -1.04 -6.57 10.94
C MET B 117 0.24 -5.79 11.22
N GLN B 118 1.29 -6.13 10.49
CA GLN B 118 2.57 -5.44 10.64
C GLN B 118 2.48 -4.02 10.09
N LEU B 119 1.79 -3.89 8.95
CA LEU B 119 1.61 -2.61 8.29
C LEU B 119 0.96 -1.59 9.21
N VAL B 120 -0.19 -1.96 9.77
CA VAL B 120 -0.96 -1.05 10.59
C VAL B 120 -0.18 -0.67 11.86
N LYS B 121 0.62 -1.60 12.36
CA LYS B 121 1.47 -1.33 13.52
C LYS B 121 2.54 -0.30 13.17
N MET B 122 3.20 -0.51 12.05
CA MET B 122 4.30 0.36 11.62
C MET B 122 3.81 1.79 11.38
N LEU B 123 2.61 1.92 10.82
CA LEU B 123 2.03 3.24 10.55
C LEU B 123 1.84 4.02 11.85
N SER B 124 1.70 3.31 12.96
CA SER B 124 1.54 3.96 14.26
C SER B 124 2.85 3.92 15.05
N ALA B 125 3.91 3.44 14.40
CA ALA B 125 5.21 3.28 15.06
C ALA B 125 6.22 4.27 14.53
N ASP B 126 5.74 5.43 14.14
CA ASP B 126 6.62 6.48 13.64
C ASP B 126 6.98 7.45 14.75
N SER B 127 8.26 7.54 15.04
CA SER B 127 8.76 8.49 16.02
C SER B 127 9.80 9.40 15.39
N ALA B 128 9.39 10.59 15.00
CA ALA B 128 10.30 11.57 14.42
C ALA B 128 11.19 12.14 15.52
N ASN B 129 10.65 12.14 16.72
CA ASN B 129 11.37 12.57 17.89
C ASN B 129 11.70 11.35 18.75
N GLU B 130 12.97 11.03 18.84
CA GLU B 130 13.43 9.94 19.65
C GLU B 130 13.54 10.39 21.09
N VAL B 131 13.03 9.58 21.99
CA VAL B 131 12.84 9.99 23.38
C VAL B 131 14.12 9.91 24.21
N SER B 132 15.24 9.91 23.54
CA SER B 132 16.53 9.98 24.20
C SER B 132 17.00 11.43 24.26
N THR B 133 17.78 11.76 25.28
CA THR B 133 18.27 13.11 25.47
C THR B 133 19.78 13.11 25.69
N GLY A 1 -8.66 24.88 -0.52
CA GLY A 1 -7.38 25.39 0.05
C GLY A 1 -6.67 24.33 0.87
N SER A 2 -5.36 24.23 0.69
CA SER A 2 -4.55 23.25 1.40
C SER A 2 -3.07 23.53 1.15
N GLY A 3 -2.21 22.79 1.83
CA GLY A 3 -0.79 22.99 1.68
C GLY A 3 -0.09 23.08 3.03
N ASN A 4 -0.78 23.64 4.01
CA ASN A 4 -0.24 23.73 5.36
C ASN A 4 -0.91 22.71 6.26
N SER A 5 -2.04 22.19 5.79
CA SER A 5 -2.75 21.12 6.47
C SER A 5 -2.56 19.84 5.69
N GLN A 6 -2.06 18.79 6.36
CA GLN A 6 -1.76 17.51 5.73
C GLN A 6 -0.59 17.64 4.74
N PRO A 7 -0.07 16.49 4.24
CA PRO A 7 0.98 16.48 3.21
C PRO A 7 0.49 17.08 1.88
N ILE A 8 1.30 16.91 0.82
CA ILE A 8 0.98 17.51 -0.48
C ILE A 8 -0.22 16.81 -1.14
N TRP A 9 -0.73 15.76 -0.52
CA TRP A 9 -1.82 14.99 -1.09
C TRP A 9 -3.16 15.71 -0.95
N THR A 10 -3.36 16.68 -1.81
CA THR A 10 -4.64 17.36 -1.95
C THR A 10 -4.95 17.54 -3.44
N ASN A 11 -3.90 17.75 -4.21
CA ASN A 11 -4.01 17.76 -5.67
C ASN A 11 -3.51 16.43 -6.21
N PRO A 12 -4.39 15.63 -6.82
CA PRO A 12 -4.04 14.31 -7.35
C PRO A 12 -2.94 14.40 -8.40
N ASN A 13 -3.08 15.37 -9.29
CA ASN A 13 -2.12 15.55 -10.37
C ASN A 13 -0.76 16.00 -9.84
N ALA A 14 -0.78 16.83 -8.81
CA ALA A 14 0.46 17.29 -8.19
C ALA A 14 1.21 16.12 -7.55
N ALA A 15 0.45 15.25 -6.88
CA ALA A 15 1.02 14.06 -6.26
C ALA A 15 1.53 13.10 -7.34
N MET A 16 0.76 12.98 -8.43
CA MET A 16 1.13 12.12 -9.55
C MET A 16 2.45 12.60 -10.17
N THR A 17 2.75 13.88 -10.01
CA THR A 17 3.99 14.43 -10.51
C THR A 17 5.19 13.76 -9.82
N MET A 18 5.07 13.53 -8.51
CA MET A 18 6.09 12.82 -7.76
C MET A 18 6.18 11.39 -8.24
N THR A 19 5.02 10.78 -8.47
CA THR A 19 4.94 9.42 -8.94
C THR A 19 5.65 9.24 -10.28
N ASN A 20 5.42 10.19 -11.19
CA ASN A 20 6.05 10.14 -12.51
C ASN A 20 7.54 10.42 -12.43
N ASN A 21 7.91 11.46 -11.68
CA ASN A 21 9.32 11.82 -11.53
C ASN A 21 10.10 10.68 -10.89
N LEU A 22 9.44 9.95 -10.00
CA LEU A 22 10.04 8.81 -9.34
C LEU A 22 10.37 7.72 -10.37
N VAL A 23 9.39 7.42 -11.21
CA VAL A 23 9.57 6.43 -12.27
C VAL A 23 10.61 6.89 -13.27
N GLN A 24 10.60 8.17 -13.62
CA GLN A 24 11.58 8.73 -14.53
C GLN A 24 12.98 8.57 -13.94
N CYS A 25 13.15 8.92 -12.67
CA CYS A 25 14.43 8.77 -11.99
C CYS A 25 14.90 7.30 -12.05
N ALA A 26 14.00 6.39 -11.72
CA ALA A 26 14.32 4.96 -11.74
C ALA A 26 14.69 4.49 -13.14
N SER A 27 13.96 4.99 -14.12
CA SER A 27 14.17 4.64 -15.51
C SER A 27 15.53 5.16 -16.00
N ARG A 28 15.99 6.26 -15.40
CA ARG A 28 17.27 6.85 -15.78
C ARG A 28 18.42 6.20 -15.03
N SER A 29 18.23 6.02 -13.73
CA SER A 29 19.26 5.41 -12.89
C SER A 29 19.61 4.02 -13.39
N GLY A 30 18.59 3.19 -13.57
CA GLY A 30 18.80 1.85 -14.08
C GLY A 30 19.29 0.90 -13.00
N VAL A 31 19.06 1.26 -11.75
CA VAL A 31 19.41 0.39 -10.64
C VAL A 31 18.36 -0.72 -10.54
N LEU A 32 17.17 -0.40 -11.03
CA LEU A 32 16.05 -1.32 -10.97
C LEU A 32 15.95 -2.12 -12.25
N THR A 33 15.41 -3.31 -12.14
CA THR A 33 15.24 -4.19 -13.28
C THR A 33 13.96 -3.85 -14.03
N ALA A 34 13.77 -4.48 -15.19
CA ALA A 34 12.57 -4.26 -15.99
C ALA A 34 11.31 -4.60 -15.22
N ASP A 35 11.41 -5.65 -14.40
CA ASP A 35 10.30 -6.10 -13.58
C ASP A 35 9.89 -5.00 -12.60
N GLN A 36 10.88 -4.50 -11.87
CA GLN A 36 10.66 -3.44 -10.90
C GLN A 36 10.11 -2.18 -11.58
N MET A 37 10.64 -1.90 -12.76
CA MET A 37 10.22 -0.73 -13.52
C MET A 37 8.77 -0.82 -13.94
N ASP A 38 8.33 -2.01 -14.34
CA ASP A 38 6.95 -2.20 -14.77
C ASP A 38 5.99 -1.97 -13.61
N ASP A 39 6.33 -2.49 -12.43
CA ASP A 39 5.53 -2.26 -11.22
C ASP A 39 5.38 -0.77 -10.95
N MET A 40 6.48 -0.03 -11.05
CA MET A 40 6.45 1.42 -10.83
C MET A 40 5.70 2.12 -11.96
N GLY A 41 5.85 1.61 -13.17
CA GLY A 41 5.16 2.19 -14.31
C GLY A 41 3.66 2.12 -14.15
N MET A 42 3.15 0.94 -13.80
CA MET A 42 1.73 0.75 -13.58
C MET A 42 1.28 1.46 -12.30
N MET A 43 2.21 1.75 -11.41
CA MET A 43 1.91 2.55 -10.22
C MET A 43 1.40 3.92 -10.64
N ALA A 44 2.20 4.62 -11.43
CA ALA A 44 1.82 5.94 -11.94
C ALA A 44 0.56 5.85 -12.79
N ASP A 45 0.49 4.78 -13.57
CA ASP A 45 -0.65 4.52 -14.44
C ASP A 45 -1.95 4.39 -13.64
N SER A 46 -1.91 3.60 -12.57
CA SER A 46 -3.10 3.39 -11.75
C SER A 46 -3.58 4.70 -11.14
N VAL A 47 -2.65 5.53 -10.69
CA VAL A 47 -2.99 6.83 -10.13
C VAL A 47 -3.66 7.70 -11.20
N ASN A 48 -3.20 7.56 -12.42
CA ASN A 48 -3.75 8.31 -13.55
C ASN A 48 -5.19 7.88 -13.83
N SER A 49 -5.43 6.57 -13.88
CA SER A 49 -6.75 6.04 -14.15
C SER A 49 -7.72 6.33 -13.02
N GLN A 50 -7.22 6.50 -11.80
CA GLN A 50 -8.09 6.82 -10.68
C GLN A 50 -8.41 8.32 -10.64
N MET A 51 -7.63 9.11 -11.37
CA MET A 51 -7.99 10.50 -11.59
C MET A 51 -9.13 10.58 -12.59
N GLN A 52 -9.28 9.51 -13.38
CA GLN A 52 -10.38 9.38 -14.32
C GLN A 52 -11.61 8.86 -13.60
N LYS A 53 -11.36 8.10 -12.54
CA LYS A 53 -12.43 7.62 -11.66
C LYS A 53 -13.06 8.78 -10.90
N MET A 54 -12.25 9.80 -10.62
CA MET A 54 -12.70 10.97 -9.90
C MET A 54 -12.96 12.13 -10.86
N GLY A 55 -13.09 13.34 -10.30
CA GLY A 55 -13.35 14.50 -11.14
C GLY A 55 -12.82 15.78 -10.52
N PRO A 56 -13.50 16.91 -10.76
CA PRO A 56 -13.06 18.22 -10.24
C PRO A 56 -13.22 18.33 -8.73
N ASN A 57 -13.96 17.40 -8.16
CA ASN A 57 -14.18 17.37 -6.73
C ASN A 57 -14.24 15.92 -6.25
N PRO A 58 -13.09 15.24 -6.21
CA PRO A 58 -13.00 13.85 -5.78
C PRO A 58 -13.21 13.66 -4.28
N PRO A 59 -13.57 12.44 -3.89
CA PRO A 59 -13.69 12.06 -2.49
C PRO A 59 -12.33 12.06 -1.80
N GLN A 60 -12.26 12.73 -0.66
CA GLN A 60 -10.99 12.88 0.07
C GLN A 60 -10.44 11.53 0.52
N HIS A 61 -11.30 10.52 0.57
CA HIS A 61 -10.89 9.18 0.97
C HIS A 61 -9.87 8.63 -0.03
N ARG A 62 -10.02 9.01 -1.29
CA ARG A 62 -9.09 8.58 -2.32
C ARG A 62 -7.69 9.09 -2.02
N LEU A 63 -7.62 10.35 -1.60
CA LEU A 63 -6.35 10.99 -1.31
C LEU A 63 -5.61 10.28 -0.18
N ARG A 64 -6.33 10.03 0.93
CA ARG A 64 -5.71 9.37 2.08
C ARG A 64 -5.28 7.94 1.74
N ALA A 65 -6.11 7.22 1.00
CA ALA A 65 -5.82 5.83 0.67
C ALA A 65 -4.69 5.70 -0.35
N MET A 66 -4.73 6.52 -1.40
CA MET A 66 -3.74 6.44 -2.46
C MET A 66 -2.39 6.95 -1.98
N ASN A 67 -2.42 7.75 -0.92
CA ASN A 67 -1.19 8.21 -0.26
C ASN A 67 -0.34 7.02 0.16
N THR A 68 -0.95 6.10 0.90
CA THR A 68 -0.25 4.90 1.36
C THR A 68 -0.04 3.93 0.19
N ALA A 69 -1.00 3.90 -0.72
CA ALA A 69 -0.93 3.01 -1.88
C ALA A 69 0.31 3.26 -2.72
N MET A 70 0.58 4.51 -3.03
CA MET A 70 1.75 4.87 -3.83
C MET A 70 3.04 4.47 -3.11
N ALA A 71 3.09 4.72 -1.82
CA ALA A 71 4.27 4.43 -1.01
C ALA A 71 4.53 2.93 -0.95
N ALA A 72 3.48 2.15 -0.71
CA ALA A 72 3.60 0.71 -0.62
C ALA A 72 4.06 0.11 -1.94
N GLU A 73 3.58 0.66 -3.04
CA GLU A 73 3.94 0.18 -4.37
C GLU A 73 5.43 0.41 -4.64
N VAL A 74 5.96 1.52 -4.16
CA VAL A 74 7.39 1.79 -4.29
C VAL A 74 8.20 0.80 -3.43
N ALA A 75 7.74 0.60 -2.20
CA ALA A 75 8.43 -0.27 -1.27
C ALA A 75 8.50 -1.70 -1.78
N GLU A 76 7.38 -2.20 -2.31
CA GLU A 76 7.35 -3.56 -2.84
C GLU A 76 8.32 -3.70 -4.01
N VAL A 77 8.44 -2.64 -4.80
CA VAL A 77 9.35 -2.63 -5.94
C VAL A 77 10.80 -2.71 -5.48
N VAL A 78 11.15 -1.91 -4.49
CA VAL A 78 12.51 -1.91 -3.96
C VAL A 78 12.84 -3.25 -3.31
N ALA A 79 11.88 -3.80 -2.58
CA ALA A 79 12.06 -5.06 -1.88
C ALA A 79 12.18 -6.23 -2.87
N THR A 80 11.52 -6.13 -4.01
CA THR A 80 11.59 -7.17 -5.02
C THR A 80 12.85 -7.01 -5.87
N SER A 81 13.98 -7.30 -5.26
CA SER A 81 15.27 -7.23 -5.93
C SER A 81 16.24 -8.18 -5.23
N PRO A 82 17.41 -8.45 -5.84
CA PRO A 82 18.45 -9.22 -5.17
C PRO A 82 18.88 -8.52 -3.89
N PRO A 83 19.01 -9.27 -2.79
CA PRO A 83 19.25 -8.66 -1.46
C PRO A 83 20.57 -7.91 -1.39
N GLN A 84 21.41 -8.13 -2.40
CA GLN A 84 22.70 -7.48 -2.47
C GLN A 84 22.59 -6.13 -3.20
N SER A 85 21.56 -5.99 -4.01
CA SER A 85 21.35 -4.77 -4.77
C SER A 85 20.20 -3.97 -4.15
N TYR A 86 19.51 -4.62 -3.22
CA TYR A 86 18.42 -4.00 -2.44
C TYR A 86 18.81 -2.63 -1.94
N SER A 87 19.93 -2.58 -1.25
CA SER A 87 20.43 -1.36 -0.64
C SER A 87 20.65 -0.27 -1.69
N ALA A 88 21.10 -0.66 -2.88
CA ALA A 88 21.35 0.29 -3.95
C ALA A 88 20.05 0.87 -4.47
N VAL A 89 19.09 -0.01 -4.75
CA VAL A 89 17.77 0.40 -5.22
C VAL A 89 17.08 1.25 -4.16
N LEU A 90 17.19 0.81 -2.91
CA LEU A 90 16.62 1.52 -1.78
C LEU A 90 17.17 2.94 -1.71
N ASN A 91 18.49 3.04 -1.80
CA ASN A 91 19.19 4.32 -1.75
C ASN A 91 18.73 5.23 -2.88
N THR A 92 18.54 4.65 -4.06
CA THR A 92 18.16 5.42 -5.23
C THR A 92 16.74 5.97 -5.08
N ILE A 93 15.81 5.10 -4.68
CA ILE A 93 14.42 5.52 -4.47
C ILE A 93 14.34 6.52 -3.33
N GLY A 94 14.99 6.20 -2.20
CA GLY A 94 14.94 7.07 -1.04
C GLY A 94 15.38 8.49 -1.35
N ALA A 95 16.45 8.61 -2.13
CA ALA A 95 16.95 9.92 -2.52
C ALA A 95 15.99 10.60 -3.50
N CYS A 96 15.54 9.87 -4.51
CA CYS A 96 14.69 10.44 -5.54
C CYS A 96 13.30 10.80 -5.04
N LEU A 97 12.87 10.25 -3.90
CA LEU A 97 11.62 10.67 -3.29
C LEU A 97 11.72 12.14 -2.88
N ARG A 98 12.79 12.45 -2.17
CA ARG A 98 13.07 13.80 -1.71
C ARG A 98 13.20 14.74 -2.91
N GLU A 99 13.91 14.27 -3.92
CA GLU A 99 14.12 15.04 -5.14
C GLU A 99 12.81 15.30 -5.86
N SER A 100 12.03 14.24 -6.07
CA SER A 100 10.74 14.34 -6.75
C SER A 100 9.83 15.36 -6.09
N MET A 101 9.74 15.32 -4.76
CA MET A 101 8.91 16.27 -4.02
C MET A 101 9.34 17.70 -4.28
N MET A 102 10.65 17.92 -4.28
CA MET A 102 11.21 19.24 -4.48
C MET A 102 11.00 19.73 -5.90
N GLN A 103 10.87 18.79 -6.83
CA GLN A 103 10.63 19.14 -8.23
C GLN A 103 9.13 19.25 -8.51
N ALA A 104 8.32 18.58 -7.70
CA ALA A 104 6.88 18.56 -7.89
C ALA A 104 6.22 19.77 -7.24
N THR A 105 6.43 19.93 -5.94
CA THR A 105 5.79 21.01 -5.20
C THR A 105 6.79 22.10 -4.85
N GLY A 106 8.05 21.69 -4.68
CA GLY A 106 9.09 22.63 -4.26
C GLY A 106 9.54 22.36 -2.85
N SER A 107 8.77 21.54 -2.15
CA SER A 107 9.07 21.18 -0.78
C SER A 107 9.06 19.67 -0.62
N VAL A 108 9.91 19.15 0.25
CA VAL A 108 9.98 17.71 0.45
C VAL A 108 9.14 17.27 1.65
N ASP A 109 8.13 16.45 1.37
CA ASP A 109 7.34 15.85 2.43
C ASP A 109 8.11 14.67 3.01
N ASN A 110 8.51 14.80 4.27
CA ASN A 110 9.35 13.80 4.90
C ASN A 110 8.51 12.62 5.39
N ALA A 111 7.22 12.87 5.60
CA ALA A 111 6.31 11.82 6.08
C ALA A 111 6.25 10.67 5.08
N PHE A 112 5.99 11.02 3.83
CA PHE A 112 5.88 10.03 2.76
C PHE A 112 7.23 9.35 2.53
N THR A 113 8.25 10.17 2.35
CA THR A 113 9.61 9.70 2.15
C THR A 113 10.04 8.69 3.23
N ASN A 114 9.79 9.03 4.49
CA ASN A 114 10.16 8.17 5.60
C ASN A 114 9.30 6.91 5.63
N GLU A 115 8.01 7.08 5.36
CA GLU A 115 7.06 5.97 5.37
C GLU A 115 7.50 4.87 4.40
N VAL A 116 7.94 5.27 3.21
CA VAL A 116 8.41 4.31 2.21
C VAL A 116 9.64 3.56 2.72
N MET A 117 10.50 4.26 3.46
CA MET A 117 11.70 3.65 4.01
C MET A 117 11.32 2.62 5.08
N GLN A 118 10.27 2.93 5.82
CA GLN A 118 9.76 2.01 6.83
C GLN A 118 9.16 0.78 6.15
N LEU A 119 8.31 1.04 5.15
CA LEU A 119 7.61 0.00 4.42
C LEU A 119 8.57 -0.99 3.79
N VAL A 120 9.57 -0.47 3.08
CA VAL A 120 10.47 -1.31 2.30
C VAL A 120 11.30 -2.23 3.20
N LYS A 121 11.63 -1.75 4.40
CA LYS A 121 12.37 -2.57 5.36
C LYS A 121 11.46 -3.64 5.95
N MET A 122 10.23 -3.26 6.21
CA MET A 122 9.25 -4.16 6.83
C MET A 122 8.83 -5.26 5.87
N LEU A 123 8.69 -4.92 4.59
CA LEU A 123 8.26 -5.89 3.59
C LEU A 123 9.36 -6.89 3.26
N SER A 124 10.49 -6.72 3.92
CA SER A 124 11.59 -7.68 3.80
C SER A 124 11.95 -8.23 5.17
N ALA A 125 11.12 -7.91 6.16
CA ALA A 125 11.40 -8.29 7.54
C ALA A 125 10.70 -9.59 7.92
N ASP A 126 10.39 -10.37 6.92
CA ASP A 126 9.82 -11.70 7.14
C ASP A 126 10.80 -12.75 6.63
N SER A 127 11.89 -12.89 7.34
CA SER A 127 12.94 -13.82 6.97
C SER A 127 13.55 -14.48 8.20
N ALA A 128 13.20 -15.73 8.42
CA ALA A 128 13.72 -16.49 9.54
C ALA A 128 14.92 -17.32 9.08
N ASN A 129 15.23 -17.20 7.80
CA ASN A 129 16.34 -17.93 7.21
C ASN A 129 17.61 -17.10 7.28
N GLU A 130 18.70 -17.75 7.68
CA GLU A 130 20.00 -17.11 7.73
C GLU A 130 20.77 -17.44 6.46
N VAL A 131 21.52 -16.48 5.96
CA VAL A 131 22.20 -16.64 4.68
C VAL A 131 23.64 -17.13 4.88
N SER A 132 24.10 -17.08 6.11
CA SER A 132 25.41 -17.61 6.45
C SER A 132 25.40 -19.12 6.37
N THR A 133 26.03 -19.67 5.35
CA THR A 133 26.02 -21.10 5.12
C THR A 133 27.32 -21.73 5.61
N GLY B 1 0.19 -18.36 -12.85
CA GLY B 1 -0.66 -19.54 -12.77
C GLY B 1 -0.39 -20.35 -11.51
N SER B 2 -1.44 -20.91 -10.95
CA SER B 2 -1.35 -21.74 -9.75
C SER B 2 -2.74 -22.30 -9.42
N GLY B 3 -2.78 -23.39 -8.67
CA GLY B 3 -4.05 -24.00 -8.33
C GLY B 3 -4.03 -24.74 -7.02
N ASN B 4 -2.91 -25.39 -6.70
CA ASN B 4 -2.84 -26.22 -5.49
C ASN B 4 -1.93 -25.57 -4.46
N SER B 5 -1.23 -24.53 -4.85
CA SER B 5 -0.29 -23.86 -3.97
C SER B 5 -0.32 -22.34 -4.19
N GLN B 6 0.57 -21.64 -3.49
CA GLN B 6 0.72 -20.20 -3.61
C GLN B 6 -0.47 -19.43 -3.03
N PRO B 7 -0.27 -18.14 -2.69
CA PRO B 7 -1.33 -17.27 -2.16
C PRO B 7 -2.51 -17.13 -3.12
N ILE B 8 -3.61 -16.59 -2.61
CA ILE B 8 -4.86 -16.53 -3.37
C ILE B 8 -4.81 -15.45 -4.47
N TRP B 9 -3.70 -14.74 -4.56
CA TRP B 9 -3.55 -13.67 -5.54
C TRP B 9 -3.26 -14.20 -6.93
N THR B 10 -3.73 -15.41 -7.20
CA THR B 10 -3.63 -15.98 -8.53
C THR B 10 -4.86 -15.58 -9.36
N ASN B 11 -5.90 -15.15 -8.66
CA ASN B 11 -7.13 -14.71 -9.32
C ASN B 11 -7.57 -13.37 -8.73
N PRO B 12 -7.78 -12.36 -9.59
CA PRO B 12 -8.11 -11.01 -9.15
C PRO B 12 -9.51 -10.92 -8.55
N ASN B 13 -10.49 -11.54 -9.19
CA ASN B 13 -11.87 -11.52 -8.72
C ASN B 13 -11.99 -12.30 -7.40
N ALA B 14 -11.31 -13.44 -7.34
CA ALA B 14 -11.30 -14.27 -6.15
C ALA B 14 -10.66 -13.51 -4.98
N ALA B 15 -9.54 -12.84 -5.24
CA ALA B 15 -8.88 -12.03 -4.24
C ALA B 15 -9.75 -10.86 -3.82
N MET B 16 -10.43 -10.27 -4.80
CA MET B 16 -11.36 -9.17 -4.55
C MET B 16 -12.50 -9.62 -3.65
N THR B 17 -12.79 -10.91 -3.66
CA THR B 17 -13.83 -11.46 -2.81
C THR B 17 -13.41 -11.33 -1.34
N MET B 18 -12.12 -11.48 -1.08
CA MET B 18 -11.56 -11.28 0.25
C MET B 18 -11.73 -9.83 0.65
N THR B 19 -11.44 -8.93 -0.29
CA THR B 19 -11.59 -7.50 -0.08
C THR B 19 -13.06 -7.15 0.22
N ASN B 20 -13.96 -7.75 -0.54
CA ASN B 20 -15.39 -7.53 -0.39
C ASN B 20 -15.89 -8.04 0.96
N ASN B 21 -15.53 -9.28 1.28
CA ASN B 21 -15.95 -9.90 2.55
C ASN B 21 -15.37 -9.12 3.73
N LEU B 22 -14.20 -8.52 3.51
CA LEU B 22 -13.53 -7.75 4.54
C LEU B 22 -14.36 -6.54 4.93
N VAL B 23 -14.82 -5.79 3.93
CA VAL B 23 -15.65 -4.62 4.15
C VAL B 23 -16.97 -5.02 4.81
N GLN B 24 -17.54 -6.13 4.33
CA GLN B 24 -18.77 -6.67 4.90
C GLN B 24 -18.58 -6.99 6.38
N CYS B 25 -17.51 -7.69 6.70
CA CYS B 25 -17.21 -8.06 8.08
C CYS B 25 -17.02 -6.81 8.95
N ALA B 26 -16.45 -5.76 8.37
CA ALA B 26 -16.25 -4.50 9.07
C ALA B 26 -17.59 -3.81 9.33
N SER B 27 -18.48 -3.87 8.35
CA SER B 27 -19.80 -3.29 8.48
C SER B 27 -20.66 -4.13 9.43
N ARG B 28 -20.42 -5.43 9.44
CA ARG B 28 -21.12 -6.35 10.34
C ARG B 28 -20.67 -6.17 11.78
N SER B 29 -19.41 -5.82 11.95
CA SER B 29 -18.87 -5.57 13.28
C SER B 29 -19.26 -4.18 13.77
N GLY B 30 -19.02 -3.18 12.92
CA GLY B 30 -19.41 -1.82 13.25
C GLY B 30 -18.43 -1.13 14.17
N VAL B 31 -17.18 -1.57 14.11
CA VAL B 31 -16.13 -0.99 14.96
C VAL B 31 -15.55 0.27 14.31
N LEU B 32 -15.61 0.31 12.99
CA LEU B 32 -14.96 1.36 12.23
C LEU B 32 -15.90 2.53 11.97
N THR B 33 -15.31 3.70 11.76
CA THR B 33 -16.07 4.91 11.46
C THR B 33 -16.41 4.98 9.97
N ALA B 34 -17.25 5.93 9.60
CA ALA B 34 -17.66 6.10 8.21
C ALA B 34 -16.46 6.36 7.30
N ASP B 35 -15.51 7.18 7.78
CA ASP B 35 -14.31 7.50 7.00
C ASP B 35 -13.53 6.24 6.70
N GLN B 36 -13.46 5.36 7.70
CA GLN B 36 -12.76 4.09 7.56
C GLN B 36 -13.54 3.15 6.65
N MET B 37 -14.86 3.11 6.83
CA MET B 37 -15.71 2.25 6.03
C MET B 37 -15.70 2.66 4.55
N ASP B 38 -15.77 3.96 4.30
CA ASP B 38 -15.69 4.48 2.94
C ASP B 38 -14.34 4.14 2.33
N ASP B 39 -13.29 4.29 3.13
CA ASP B 39 -11.93 4.02 2.70
C ASP B 39 -11.80 2.56 2.26
N MET B 40 -12.36 1.66 3.06
CA MET B 40 -12.36 0.24 2.74
C MET B 40 -13.27 -0.05 1.55
N GLY B 41 -14.38 0.67 1.46
CA GLY B 41 -15.29 0.52 0.34
C GLY B 41 -14.60 0.84 -0.97
N MET B 42 -13.95 2.00 -1.03
CA MET B 42 -13.23 2.41 -2.23
C MET B 42 -11.93 1.62 -2.36
N MET B 43 -11.50 0.96 -1.29
CA MET B 43 -10.38 0.03 -1.36
C MET B 43 -10.71 -1.08 -2.33
N ALA B 44 -11.87 -1.70 -2.13
CA ALA B 44 -12.36 -2.75 -3.03
C ALA B 44 -12.64 -2.17 -4.41
N ASP B 45 -13.09 -0.92 -4.42
CA ASP B 45 -13.40 -0.23 -5.67
C ASP B 45 -12.12 0.02 -6.48
N SER B 46 -11.03 0.30 -5.79
CA SER B 46 -9.74 0.47 -6.44
C SER B 46 -9.25 -0.84 -7.02
N VAL B 47 -9.49 -1.94 -6.29
CA VAL B 47 -9.20 -3.27 -6.80
C VAL B 47 -10.06 -3.54 -8.04
N ASN B 48 -11.32 -3.13 -7.96
CA ASN B 48 -12.24 -3.22 -9.08
C ASN B 48 -11.72 -2.42 -10.26
N SER B 49 -11.21 -1.23 -9.97
CA SER B 49 -10.67 -0.33 -10.99
C SER B 49 -9.46 -0.94 -11.68
N GLN B 50 -8.71 -1.76 -10.97
CA GLN B 50 -7.54 -2.40 -11.56
C GLN B 50 -7.95 -3.64 -12.35
N MET B 51 -9.15 -4.17 -12.07
CA MET B 51 -9.65 -5.30 -12.85
C MET B 51 -10.17 -4.83 -14.21
N GLN B 52 -10.62 -3.58 -14.28
CA GLN B 52 -11.01 -3.01 -15.56
C GLN B 52 -9.79 -2.43 -16.28
N LYS B 53 -8.72 -2.22 -15.53
CA LYS B 53 -7.43 -1.87 -16.11
C LYS B 53 -6.82 -3.09 -16.79
N MET B 54 -7.09 -4.25 -16.22
CA MET B 54 -6.68 -5.51 -16.80
C MET B 54 -7.85 -6.11 -17.59
N GLY B 55 -7.80 -7.41 -17.83
CA GLY B 55 -8.88 -8.07 -18.54
C GLY B 55 -8.64 -9.56 -18.64
N PRO B 56 -8.94 -10.15 -19.81
CA PRO B 56 -8.68 -11.57 -20.04
C PRO B 56 -7.18 -11.88 -20.03
N ASN B 57 -6.77 -12.62 -19.01
CA ASN B 57 -5.35 -12.94 -18.78
C ASN B 57 -4.57 -11.67 -18.46
N PRO B 58 -4.55 -11.27 -17.18
CA PRO B 58 -3.90 -10.04 -16.75
C PRO B 58 -2.41 -10.21 -16.47
N PRO B 59 -1.67 -9.09 -16.45
CA PRO B 59 -0.24 -9.08 -16.15
C PRO B 59 0.04 -9.35 -14.67
N GLN B 60 1.05 -10.18 -14.42
CA GLN B 60 1.43 -10.58 -13.06
C GLN B 60 1.74 -9.38 -12.18
N HIS B 61 2.30 -8.33 -12.78
CA HIS B 61 2.66 -7.11 -12.03
C HIS B 61 1.47 -6.53 -11.29
N ARG B 62 0.31 -6.55 -11.94
CA ARG B 62 -0.90 -5.98 -11.36
C ARG B 62 -1.27 -6.69 -10.06
N LEU B 63 -1.11 -8.02 -10.07
CA LEU B 63 -1.44 -8.82 -8.89
C LEU B 63 -0.46 -8.56 -7.77
N ARG B 64 0.81 -8.43 -8.11
CA ARG B 64 1.86 -8.15 -7.14
C ARG B 64 1.59 -6.84 -6.39
N ALA B 65 1.26 -5.80 -7.14
CA ALA B 65 0.98 -4.51 -6.55
C ALA B 65 -0.31 -4.53 -5.74
N MET B 66 -1.30 -5.26 -6.24
CA MET B 66 -2.58 -5.39 -5.57
C MET B 66 -2.42 -5.99 -4.18
N ASN B 67 -1.52 -6.96 -4.07
CA ASN B 67 -1.24 -7.62 -2.80
C ASN B 67 -0.85 -6.58 -1.76
N THR B 68 0.11 -5.73 -2.10
CA THR B 68 0.61 -4.73 -1.19
C THR B 68 -0.38 -3.59 -1.00
N ALA B 69 -0.99 -3.16 -2.10
CA ALA B 69 -1.92 -2.04 -2.07
C ALA B 69 -3.11 -2.32 -1.16
N MET B 70 -3.79 -3.45 -1.40
CA MET B 70 -4.96 -3.82 -0.61
C MET B 70 -4.61 -3.93 0.87
N ALA B 71 -3.48 -4.56 1.17
CA ALA B 71 -3.06 -4.77 2.54
C ALA B 71 -2.75 -3.44 3.23
N ALA B 72 -2.06 -2.55 2.52
CA ALA B 72 -1.70 -1.25 3.06
C ALA B 72 -2.94 -0.38 3.27
N GLU B 73 -3.91 -0.51 2.38
CA GLU B 73 -5.16 0.21 2.50
C GLU B 73 -5.89 -0.20 3.78
N VAL B 74 -5.93 -1.50 4.04
CA VAL B 74 -6.52 -2.00 5.28
C VAL B 74 -5.75 -1.46 6.49
N ALA B 75 -4.43 -1.52 6.42
CA ALA B 75 -3.59 -1.07 7.52
C ALA B 75 -3.80 0.41 7.82
N GLU B 76 -3.88 1.23 6.77
CA GLU B 76 -4.08 2.65 6.98
C GLU B 76 -5.47 2.92 7.54
N VAL B 77 -6.45 2.12 7.13
CA VAL B 77 -7.80 2.24 7.66
C VAL B 77 -7.81 1.98 9.16
N VAL B 78 -7.04 1.00 9.59
CA VAL B 78 -6.94 0.66 11.00
C VAL B 78 -6.12 1.70 11.74
N ALA B 79 -4.93 2.00 11.21
CA ALA B 79 -4.02 2.94 11.85
C ALA B 79 -4.61 4.35 11.94
N THR B 80 -5.31 4.77 10.90
CA THR B 80 -5.93 6.09 10.87
C THR B 80 -7.28 6.06 11.58
N SER B 81 -7.21 5.99 12.90
CA SER B 81 -8.39 6.01 13.74
C SER B 81 -8.00 6.57 15.10
N PRO B 82 -8.98 6.88 15.98
CA PRO B 82 -8.68 7.26 17.35
C PRO B 82 -7.96 6.13 18.08
N PRO B 83 -6.93 6.46 18.87
CA PRO B 83 -6.12 5.46 19.56
C PRO B 83 -6.94 4.64 20.56
N GLN B 84 -8.10 5.17 20.92
CA GLN B 84 -9.01 4.51 21.83
C GLN B 84 -9.71 3.33 21.15
N SER B 85 -9.79 3.38 19.82
CA SER B 85 -10.50 2.36 19.06
C SER B 85 -9.55 1.61 18.13
N TYR B 86 -8.31 2.07 18.04
CA TYR B 86 -7.31 1.47 17.18
C TYR B 86 -7.18 -0.03 17.40
N SER B 87 -7.02 -0.43 18.65
CA SER B 87 -6.84 -1.83 19.00
C SER B 87 -8.08 -2.65 18.64
N ALA B 88 -9.25 -2.06 18.87
CA ALA B 88 -10.51 -2.73 18.57
C ALA B 88 -10.66 -2.96 17.07
N VAL B 89 -10.39 -1.92 16.29
CA VAL B 89 -10.47 -2.02 14.84
C VAL B 89 -9.43 -3.02 14.32
N LEU B 90 -8.23 -2.96 14.89
CA LEU B 90 -7.14 -3.84 14.50
C LEU B 90 -7.52 -5.30 14.69
N ASN B 91 -7.96 -5.63 15.89
CA ASN B 91 -8.32 -7.01 16.23
C ASN B 91 -9.47 -7.49 15.35
N THR B 92 -10.40 -6.59 15.06
CA THR B 92 -11.54 -6.90 14.22
C THR B 92 -11.10 -7.24 12.81
N ILE B 93 -10.32 -6.36 12.20
CA ILE B 93 -9.82 -6.59 10.85
C ILE B 93 -9.01 -7.88 10.78
N GLY B 94 -8.15 -8.10 11.76
CA GLY B 94 -7.32 -9.29 11.78
C GLY B 94 -8.12 -10.57 11.77
N ALA B 95 -9.23 -10.57 12.48
CA ALA B 95 -10.12 -11.72 12.52
C ALA B 95 -10.90 -11.83 11.22
N CYS B 96 -11.41 -10.71 10.75
CA CYS B 96 -12.17 -10.66 9.51
C CYS B 96 -11.34 -11.17 8.33
N LEU B 97 -10.05 -10.83 8.32
CA LEU B 97 -9.16 -11.27 7.25
C LEU B 97 -9.18 -12.79 7.08
N ARG B 98 -9.04 -13.50 8.18
CA ARG B 98 -8.98 -14.95 8.16
C ARG B 98 -10.24 -15.53 7.56
N GLU B 99 -11.38 -15.02 8.01
CA GLU B 99 -12.68 -15.52 7.57
C GLU B 99 -12.94 -15.15 6.12
N SER B 100 -12.66 -13.90 5.77
CA SER B 100 -12.81 -13.43 4.40
C SER B 100 -12.09 -14.35 3.41
N MET B 101 -10.91 -14.82 3.81
CA MET B 101 -10.14 -15.74 2.99
C MET B 101 -10.91 -17.04 2.76
N MET B 102 -11.42 -17.61 3.85
CA MET B 102 -12.16 -18.87 3.79
C MET B 102 -13.48 -18.68 3.05
N GLN B 103 -14.03 -17.47 3.12
CA GLN B 103 -15.28 -17.16 2.45
C GLN B 103 -15.04 -16.72 1.01
N ALA B 104 -13.78 -16.66 0.62
CA ALA B 104 -13.41 -16.28 -0.74
C ALA B 104 -12.82 -17.45 -1.51
N THR B 105 -11.80 -18.07 -0.95
CA THR B 105 -11.10 -19.15 -1.63
C THR B 105 -11.38 -20.50 -0.97
N GLY B 106 -11.89 -20.44 0.26
CA GLY B 106 -12.12 -21.65 1.02
C GLY B 106 -10.92 -22.01 1.88
N SER B 107 -9.87 -21.23 1.75
CA SER B 107 -8.63 -21.46 2.48
C SER B 107 -8.16 -20.16 3.11
N VAL B 108 -7.37 -20.25 4.17
CA VAL B 108 -6.88 -19.06 4.84
C VAL B 108 -5.42 -18.80 4.48
N ASP B 109 -5.19 -17.70 3.79
CA ASP B 109 -3.84 -17.29 3.43
C ASP B 109 -3.20 -16.52 4.57
N ASN B 110 -1.99 -16.91 4.95
CA ASN B 110 -1.30 -16.28 6.06
C ASN B 110 -0.41 -15.14 5.60
N ALA B 111 0.05 -15.22 4.35
CA ALA B 111 0.98 -14.23 3.81
C ALA B 111 0.36 -12.84 3.83
N PHE B 112 -0.87 -12.74 3.37
CA PHE B 112 -1.58 -11.48 3.33
C PHE B 112 -1.96 -11.03 4.74
N THR B 113 -2.59 -11.94 5.47
CA THR B 113 -3.04 -11.66 6.83
C THR B 113 -1.89 -11.21 7.74
N ASN B 114 -0.73 -11.81 7.60
CA ASN B 114 0.43 -11.45 8.43
C ASN B 114 1.00 -10.11 7.99
N GLU B 115 1.05 -9.89 6.67
CA GLU B 115 1.58 -8.65 6.12
C GLU B 115 0.79 -7.45 6.64
N VAL B 116 -0.53 -7.56 6.61
CA VAL B 116 -1.42 -6.50 7.09
C VAL B 116 -1.14 -6.15 8.55
N MET B 117 -0.90 -7.18 9.36
CA MET B 117 -0.65 -6.98 10.77
C MET B 117 0.65 -6.21 10.99
N GLN B 118 1.65 -6.49 10.17
CA GLN B 118 2.92 -5.79 10.27
C GLN B 118 2.77 -4.35 9.80
N LEU B 119 2.08 -4.19 8.67
CA LEU B 119 1.85 -2.88 8.07
C LEU B 119 1.25 -1.90 9.08
N VAL B 120 0.20 -2.35 9.76
CA VAL B 120 -0.55 -1.47 10.64
C VAL B 120 0.24 -1.13 11.90
N LYS B 121 0.95 -2.12 12.47
CA LYS B 121 1.72 -1.90 13.69
C LYS B 121 2.90 -0.96 13.43
N MET B 122 3.45 -1.05 12.21
CA MET B 122 4.55 -0.19 11.81
C MET B 122 4.13 1.28 11.83
N LEU B 123 2.97 1.55 11.26
CA LEU B 123 2.45 2.92 11.18
C LEU B 123 2.06 3.42 12.57
N SER B 124 1.73 2.50 13.46
CA SER B 124 1.38 2.85 14.83
C SER B 124 2.60 3.30 15.61
N ALA B 125 3.76 2.88 15.13
CA ALA B 125 5.02 3.16 15.81
C ALA B 125 5.71 4.37 15.19
N ASP B 126 4.92 5.18 14.52
CA ASP B 126 5.40 6.40 13.89
C ASP B 126 4.90 7.60 14.69
N SER B 127 4.64 7.35 15.96
CA SER B 127 4.12 8.37 16.85
C SER B 127 5.21 8.89 17.79
N ALA B 128 5.16 10.19 18.08
CA ALA B 128 6.17 10.82 18.93
C ALA B 128 5.51 11.65 20.03
N ASN B 129 4.50 11.07 20.66
CA ASN B 129 3.79 11.75 21.73
C ASN B 129 3.72 10.85 22.96
N GLU B 130 3.92 11.42 24.13
CA GLU B 130 3.94 10.65 25.38
C GLU B 130 2.54 10.51 25.96
N VAL B 131 2.35 9.48 26.78
CA VAL B 131 1.03 9.19 27.34
C VAL B 131 1.09 9.06 28.86
N SER B 132 2.21 9.44 29.45
CA SER B 132 2.43 9.31 30.88
C SER B 132 1.58 10.30 31.68
N THR B 133 0.98 9.82 32.76
CA THR B 133 0.18 10.66 33.63
C THR B 133 0.17 10.10 35.05
N GLY A 1 8.23 27.01 4.69
CA GLY A 1 7.54 26.50 5.90
C GLY A 1 8.51 25.94 6.92
N SER A 2 8.37 26.37 8.16
CA SER A 2 9.26 25.94 9.23
C SER A 2 8.50 25.08 10.25
N GLY A 3 9.24 24.47 11.17
CA GLY A 3 8.62 23.69 12.22
C GLY A 3 8.50 22.23 11.87
N ASN A 4 7.80 21.97 10.78
CA ASN A 4 7.64 20.60 10.27
C ASN A 4 7.22 20.65 8.81
N SER A 5 7.56 19.62 8.06
CA SER A 5 7.16 19.53 6.67
C SER A 5 5.70 19.11 6.59
N GLN A 6 4.90 19.94 5.92
CA GLN A 6 3.49 19.66 5.75
C GLN A 6 3.29 18.69 4.59
N PRO A 7 2.73 17.50 4.87
CA PRO A 7 2.49 16.47 3.85
C PRO A 7 1.80 17.03 2.62
N ILE A 8 2.34 16.71 1.45
CA ILE A 8 1.83 17.27 0.20
C ILE A 8 0.58 16.53 -0.26
N TRP A 9 0.19 15.51 0.49
CA TRP A 9 -0.99 14.71 0.14
C TRP A 9 -2.28 15.43 0.49
N THR A 10 -2.31 16.72 0.20
CA THR A 10 -3.52 17.51 0.27
C THR A 10 -4.01 17.79 -1.14
N ASN A 11 -3.15 17.49 -2.10
CA ASN A 11 -3.44 17.71 -3.51
C ASN A 11 -3.22 16.43 -4.31
N PRO A 12 -4.26 15.99 -5.03
CA PRO A 12 -4.23 14.72 -5.78
C PRO A 12 -3.22 14.73 -6.92
N ASN A 13 -3.23 15.78 -7.72
CA ASN A 13 -2.36 15.85 -8.89
C ASN A 13 -0.93 16.23 -8.50
N ALA A 14 -0.80 17.05 -7.46
CA ALA A 14 0.51 17.43 -6.96
C ALA A 14 1.27 16.21 -6.46
N ALA A 15 0.56 15.30 -5.81
CA ALA A 15 1.14 14.04 -5.37
C ALA A 15 1.46 13.15 -6.56
N MET A 16 0.59 13.16 -7.56
CA MET A 16 0.79 12.40 -8.78
C MET A 16 2.06 12.84 -9.50
N THR A 17 2.38 14.13 -9.37
CA THR A 17 3.60 14.67 -9.94
C THR A 17 4.83 13.98 -9.34
N MET A 18 4.74 13.69 -8.04
CA MET A 18 5.82 13.00 -7.33
C MET A 18 5.91 11.56 -7.83
N THR A 19 4.76 10.92 -7.98
CA THR A 19 4.69 9.56 -8.47
C THR A 19 5.30 9.47 -9.86
N ASN A 20 4.96 10.44 -10.71
CA ASN A 20 5.47 10.51 -12.07
C ASN A 20 6.99 10.66 -12.08
N ASN A 21 7.50 11.56 -11.24
CA ASN A 21 8.93 11.82 -11.17
C ASN A 21 9.70 10.59 -10.70
N LEU A 22 9.08 9.78 -9.84
CA LEU A 22 9.70 8.55 -9.39
C LEU A 22 9.86 7.57 -10.55
N VAL A 23 8.83 7.51 -11.38
CA VAL A 23 8.84 6.63 -12.55
C VAL A 23 9.94 7.01 -13.53
N GLN A 24 9.96 8.29 -13.91
CA GLN A 24 10.98 8.78 -14.85
C GLN A 24 12.37 8.58 -14.28
N CYS A 25 12.50 8.80 -12.98
CA CYS A 25 13.77 8.65 -12.29
C CYS A 25 14.23 7.19 -12.29
N ALA A 26 13.27 6.29 -12.08
CA ALA A 26 13.55 4.86 -12.12
C ALA A 26 13.94 4.41 -13.53
N SER A 27 13.23 4.96 -14.52
CA SER A 27 13.52 4.67 -15.91
C SER A 27 14.91 5.19 -16.30
N ARG A 28 15.28 6.34 -15.76
CA ARG A 28 16.60 6.92 -15.99
C ARG A 28 17.69 6.06 -15.39
N SER A 29 17.52 5.70 -14.12
CA SER A 29 18.52 4.91 -13.40
C SER A 29 18.70 3.53 -14.04
N GLY A 30 17.59 2.85 -14.28
CA GLY A 30 17.64 1.53 -14.89
C GLY A 30 18.15 0.48 -13.92
N VAL A 31 18.02 0.76 -12.63
CA VAL A 31 18.39 -0.19 -11.61
C VAL A 31 17.23 -1.16 -11.37
N LEU A 32 16.05 -0.77 -11.85
CA LEU A 32 14.86 -1.60 -11.72
C LEU A 32 14.62 -2.34 -13.03
N THR A 33 13.91 -3.45 -12.94
CA THR A 33 13.57 -4.26 -14.10
C THR A 33 12.21 -3.85 -14.67
N ALA A 34 11.83 -4.43 -15.81
CA ALA A 34 10.55 -4.12 -16.44
C ALA A 34 9.39 -4.52 -15.52
N ASP A 35 9.59 -5.62 -14.80
CA ASP A 35 8.64 -6.09 -13.79
C ASP A 35 8.35 -4.97 -12.80
N GLN A 36 9.42 -4.45 -12.22
CA GLN A 36 9.34 -3.41 -11.21
C GLN A 36 8.86 -2.08 -11.81
N MET A 37 9.28 -1.80 -13.03
CA MET A 37 8.91 -0.56 -13.71
C MET A 37 7.42 -0.51 -14.00
N ASP A 38 6.84 -1.64 -14.37
CA ASP A 38 5.42 -1.69 -14.70
C ASP A 38 4.60 -1.66 -13.43
N ASP A 39 5.15 -2.21 -12.35
CA ASP A 39 4.54 -2.10 -11.02
C ASP A 39 4.39 -0.63 -10.63
N MET A 40 5.48 0.12 -10.76
CA MET A 40 5.47 1.55 -10.47
C MET A 40 4.62 2.30 -11.49
N GLY A 41 4.58 1.78 -12.71
CA GLY A 41 3.74 2.36 -13.74
C GLY A 41 2.27 2.28 -13.36
N MET A 42 1.85 1.12 -12.88
CA MET A 42 0.47 0.93 -12.43
C MET A 42 0.18 1.77 -11.20
N MET A 43 1.21 2.00 -10.39
CA MET A 43 1.09 2.87 -9.22
C MET A 43 0.58 4.26 -9.62
N ALA A 44 1.29 4.87 -10.58
CA ALA A 44 0.89 6.18 -11.09
C ALA A 44 -0.48 6.10 -11.77
N ASP A 45 -0.67 5.03 -12.52
CA ASP A 45 -1.93 4.79 -13.23
C ASP A 45 -3.10 4.69 -12.27
N SER A 46 -2.88 4.03 -11.14
CA SER A 46 -3.91 3.88 -10.13
C SER A 46 -4.34 5.23 -9.57
N VAL A 47 -3.36 6.06 -9.21
CA VAL A 47 -3.63 7.40 -8.69
C VAL A 47 -4.38 8.22 -9.74
N ASN A 48 -4.04 7.98 -11.00
CA ASN A 48 -4.63 8.69 -12.13
C ASN A 48 -6.07 8.23 -12.37
N SER A 49 -6.25 6.92 -12.44
CA SER A 49 -7.54 6.32 -12.77
C SER A 49 -8.61 6.65 -11.74
N GLN A 50 -8.20 6.80 -10.49
CA GLN A 50 -9.13 7.17 -9.43
C GLN A 50 -9.64 8.58 -9.67
N MET A 51 -8.77 9.44 -10.17
CA MET A 51 -9.12 10.85 -10.40
C MET A 51 -10.01 11.01 -11.62
N GLN A 52 -9.77 10.22 -12.66
CA GLN A 52 -10.60 10.28 -13.87
C GLN A 52 -11.96 9.64 -13.62
N LYS A 53 -12.06 8.83 -12.57
CA LYS A 53 -13.34 8.27 -12.16
C LYS A 53 -14.19 9.31 -11.44
N MET A 54 -13.56 10.02 -10.51
CA MET A 54 -14.28 10.97 -9.67
C MET A 54 -14.40 12.32 -10.35
N GLY A 55 -14.99 13.27 -9.64
CA GLY A 55 -15.17 14.61 -10.18
C GLY A 55 -14.20 15.61 -9.59
N PRO A 56 -14.56 16.89 -9.58
CA PRO A 56 -13.71 17.96 -9.03
C PRO A 56 -13.58 17.86 -7.51
N ASN A 57 -12.34 18.05 -7.03
CA ASN A 57 -12.02 17.98 -5.61
C ASN A 57 -12.32 16.59 -5.04
N PRO A 58 -11.40 15.64 -5.24
CA PRO A 58 -11.53 14.29 -4.68
C PRO A 58 -11.48 14.31 -3.16
N PRO A 59 -12.01 13.27 -2.51
CA PRO A 59 -12.03 13.15 -1.05
C PRO A 59 -10.63 13.11 -0.47
N GLN A 60 -10.45 13.79 0.65
CA GLN A 60 -9.15 13.85 1.32
C GLN A 60 -8.69 12.47 1.75
N HIS A 61 -9.64 11.60 2.11
CA HIS A 61 -9.29 10.26 2.55
C HIS A 61 -8.71 9.44 1.41
N ARG A 62 -9.01 9.83 0.17
CA ARG A 62 -8.41 9.15 -0.98
C ARG A 62 -6.92 9.39 -0.96
N LEU A 63 -6.54 10.59 -0.57
CA LEU A 63 -5.14 10.95 -0.45
C LEU A 63 -4.53 10.21 0.73
N ARG A 64 -5.35 10.02 1.78
CA ARG A 64 -4.96 9.24 2.94
C ARG A 64 -4.68 7.78 2.54
N ALA A 65 -5.47 7.28 1.61
CA ALA A 65 -5.31 5.91 1.12
C ALA A 65 -4.14 5.80 0.15
N MET A 66 -4.12 6.67 -0.85
CA MET A 66 -3.14 6.58 -1.92
C MET A 66 -1.75 6.89 -1.40
N ASN A 67 -1.67 7.64 -0.29
CA ASN A 67 -0.40 7.90 0.37
C ASN A 67 0.28 6.58 0.71
N THR A 68 -0.43 5.75 1.47
CA THR A 68 0.09 4.47 1.89
C THR A 68 0.21 3.52 0.70
N ALA A 69 -0.72 3.62 -0.24
CA ALA A 69 -0.69 2.79 -1.44
C ALA A 69 0.58 3.03 -2.24
N MET A 70 0.79 4.28 -2.65
CA MET A 70 1.96 4.66 -3.45
C MET A 70 3.25 4.32 -2.72
N ALA A 71 3.30 4.65 -1.44
CA ALA A 71 4.48 4.41 -0.63
C ALA A 71 4.79 2.91 -0.52
N ALA A 72 3.77 2.11 -0.25
CA ALA A 72 3.95 0.67 -0.07
C ALA A 72 4.32 0.01 -1.38
N GLU A 73 3.72 0.45 -2.48
CA GLU A 73 4.02 -0.12 -3.79
C GLU A 73 5.48 0.09 -4.14
N VAL A 74 5.98 1.32 -3.98
CA VAL A 74 7.39 1.62 -4.22
C VAL A 74 8.27 0.73 -3.34
N ALA A 75 7.94 0.65 -2.06
CA ALA A 75 8.70 -0.16 -1.13
C ALA A 75 8.72 -1.63 -1.55
N GLU A 76 7.57 -2.13 -1.98
CA GLU A 76 7.47 -3.49 -2.47
C GLU A 76 8.33 -3.69 -3.71
N VAL A 77 8.23 -2.74 -4.64
CA VAL A 77 9.03 -2.77 -5.86
C VAL A 77 10.51 -2.91 -5.53
N VAL A 78 10.93 -2.20 -4.49
CA VAL A 78 12.31 -2.25 -4.04
C VAL A 78 12.61 -3.59 -3.35
N ALA A 79 11.73 -3.99 -2.44
CA ALA A 79 11.96 -5.19 -1.62
C ALA A 79 11.97 -6.47 -2.45
N THR A 80 11.22 -6.48 -3.55
CA THR A 80 11.07 -7.68 -4.35
C THR A 80 12.13 -7.76 -5.47
N SER A 81 13.22 -7.02 -5.29
CA SER A 81 14.33 -7.06 -6.24
C SER A 81 15.32 -8.14 -5.80
N PRO A 82 16.22 -8.59 -6.71
CA PRO A 82 17.29 -9.51 -6.37
C PRO A 82 18.16 -8.95 -5.25
N PRO A 83 18.68 -9.81 -4.36
CA PRO A 83 19.46 -9.37 -3.19
C PRO A 83 20.75 -8.68 -3.58
N GLN A 84 21.13 -8.82 -4.84
CA GLN A 84 22.33 -8.18 -5.37
C GLN A 84 22.05 -6.72 -5.73
N SER A 85 20.78 -6.37 -5.81
CA SER A 85 20.38 -5.06 -6.27
C SER A 85 19.34 -4.43 -5.34
N TYR A 86 19.05 -5.11 -4.23
CA TYR A 86 18.05 -4.63 -3.27
C TYR A 86 18.44 -3.26 -2.74
N SER A 87 19.67 -3.14 -2.24
CA SER A 87 20.14 -1.90 -1.68
C SER A 87 20.36 -0.87 -2.79
N ALA A 88 20.65 -1.36 -3.99
CA ALA A 88 20.87 -0.50 -5.15
C ALA A 88 19.57 0.20 -5.54
N VAL A 89 18.51 -0.58 -5.71
CA VAL A 89 17.19 -0.02 -6.02
C VAL A 89 16.71 0.84 -4.85
N LEU A 90 16.95 0.36 -3.64
CA LEU A 90 16.56 1.06 -2.43
C LEU A 90 17.19 2.45 -2.37
N ASN A 91 18.51 2.49 -2.51
CA ASN A 91 19.25 3.76 -2.49
C ASN A 91 18.75 4.69 -3.58
N THR A 92 18.46 4.14 -4.75
CA THR A 92 18.00 4.92 -5.89
C THR A 92 16.67 5.59 -5.56
N ILE A 93 15.72 4.79 -5.12
CA ILE A 93 14.40 5.28 -4.78
C ILE A 93 14.46 6.21 -3.56
N GLY A 94 15.11 5.76 -2.49
CA GLY A 94 15.14 6.52 -1.25
C GLY A 94 15.74 7.91 -1.42
N ALA A 95 16.70 8.03 -2.32
CA ALA A 95 17.35 9.31 -2.57
C ALA A 95 16.52 10.17 -3.51
N CYS A 96 15.89 9.52 -4.48
CA CYS A 96 15.18 10.23 -5.52
C CYS A 96 13.83 10.72 -5.02
N LEU A 97 13.29 10.11 -3.97
CA LEU A 97 12.05 10.57 -3.36
C LEU A 97 12.16 12.03 -2.93
N ARG A 98 13.31 12.35 -2.34
CA ARG A 98 13.60 13.70 -1.89
C ARG A 98 13.64 14.66 -3.08
N GLU A 99 14.18 14.17 -4.19
CA GLU A 99 14.29 14.97 -5.40
C GLU A 99 12.93 15.13 -6.06
N SER A 100 12.25 14.02 -6.27
CA SER A 100 10.92 14.03 -6.88
C SER A 100 9.97 14.96 -6.14
N MET A 101 10.03 14.94 -4.81
CA MET A 101 9.21 15.82 -4.00
C MET A 101 9.56 17.28 -4.26
N MET A 102 10.85 17.58 -4.26
CA MET A 102 11.31 18.94 -4.43
C MET A 102 11.03 19.46 -5.84
N GLN A 103 11.08 18.56 -6.81
CA GLN A 103 10.81 18.92 -8.20
C GLN A 103 9.31 18.95 -8.48
N ALA A 104 8.54 18.43 -7.54
CA ALA A 104 7.09 18.40 -7.68
C ALA A 104 6.46 19.62 -7.02
N THR A 105 6.66 19.75 -5.72
CA THR A 105 6.05 20.81 -4.95
C THR A 105 6.96 22.02 -4.83
N GLY A 106 8.19 21.78 -4.40
CA GLY A 106 9.13 22.84 -4.16
C GLY A 106 9.92 22.57 -2.90
N SER A 107 9.33 21.80 -2.01
CA SER A 107 9.98 21.36 -0.78
C SER A 107 10.02 19.84 -0.78
N VAL A 108 10.49 19.23 0.30
CA VAL A 108 10.53 17.78 0.36
C VAL A 108 9.64 17.26 1.48
N ASP A 109 8.71 16.39 1.10
CA ASP A 109 7.88 15.70 2.07
C ASP A 109 8.70 14.60 2.74
N ASN A 110 9.22 14.90 3.91
CA ASN A 110 10.09 13.97 4.61
C ASN A 110 9.30 12.80 5.17
N ALA A 111 8.03 13.05 5.48
CA ALA A 111 7.18 12.01 6.05
C ALA A 111 6.99 10.87 5.08
N PHE A 112 6.71 11.20 3.83
CA PHE A 112 6.52 10.21 2.80
C PHE A 112 7.83 9.48 2.51
N THR A 113 8.88 10.26 2.26
CA THR A 113 10.20 9.72 1.98
C THR A 113 10.67 8.77 3.10
N ASN A 114 10.46 9.19 4.34
CA ASN A 114 10.85 8.38 5.50
C ASN A 114 10.01 7.10 5.56
N GLU A 115 8.70 7.26 5.42
CA GLU A 115 7.75 6.14 5.54
C GLU A 115 8.08 5.04 4.53
N VAL A 116 8.36 5.42 3.30
CA VAL A 116 8.70 4.46 2.25
C VAL A 116 9.96 3.67 2.62
N MET A 117 10.90 4.34 3.27
CA MET A 117 12.17 3.71 3.63
C MET A 117 11.98 2.73 4.75
N GLN A 118 10.93 2.92 5.54
CA GLN A 118 10.64 2.01 6.64
C GLN A 118 9.78 0.86 6.15
N LEU A 119 8.91 1.16 5.20
CA LEU A 119 8.06 0.16 4.57
C LEU A 119 8.89 -0.92 3.91
N VAL A 120 9.88 -0.50 3.12
CA VAL A 120 10.71 -1.44 2.39
C VAL A 120 11.55 -2.31 3.32
N LYS A 121 11.96 -1.73 4.45
CA LYS A 121 12.70 -2.47 5.45
C LYS A 121 11.79 -3.46 6.16
N MET A 122 10.55 -3.03 6.40
CA MET A 122 9.58 -3.87 7.09
C MET A 122 9.13 -5.04 6.22
N LEU A 123 9.00 -4.79 4.92
CA LEU A 123 8.60 -5.83 3.98
C LEU A 123 9.76 -6.81 3.74
N SER A 124 10.86 -6.56 4.42
CA SER A 124 12.02 -7.43 4.36
C SER A 124 12.57 -7.66 5.76
N ALA A 125 11.76 -7.35 6.77
CA ALA A 125 12.21 -7.42 8.14
C ALA A 125 12.03 -8.80 8.73
N ASP A 126 12.90 -9.69 8.32
CA ASP A 126 12.94 -11.03 8.87
C ASP A 126 14.34 -11.57 8.70
N SER A 127 15.07 -11.68 9.81
CA SER A 127 16.40 -12.24 9.78
C SER A 127 16.35 -13.70 9.32
N ALA A 128 16.67 -13.91 8.05
CA ALA A 128 16.60 -15.23 7.44
C ALA A 128 17.87 -16.02 7.71
N ASN A 129 18.43 -15.78 8.88
CA ASN A 129 19.63 -16.48 9.32
C ASN A 129 19.29 -17.94 9.62
N GLU A 130 19.59 -18.80 8.67
CA GLU A 130 19.28 -20.22 8.82
C GLU A 130 20.34 -20.92 9.63
N VAL A 131 20.00 -21.24 10.87
CA VAL A 131 20.87 -22.00 11.74
C VAL A 131 20.56 -23.49 11.60
N SER A 132 19.39 -23.76 11.04
CA SER A 132 18.95 -25.13 10.78
C SER A 132 18.02 -25.16 9.57
N THR A 133 18.45 -25.85 8.52
CA THR A 133 17.67 -25.96 7.31
C THR A 133 17.12 -27.38 7.15
N GLY B 1 -1.92 -33.87 3.11
CA GLY B 1 -1.70 -32.91 4.18
C GLY B 1 -0.31 -32.29 4.10
N SER B 2 0.13 -32.02 2.89
CA SER B 2 1.44 -31.42 2.67
C SER B 2 1.32 -30.15 1.85
N GLY B 3 2.46 -29.55 1.51
CA GLY B 3 2.46 -28.35 0.70
C GLY B 3 3.03 -27.16 1.44
N ASN B 4 2.63 -25.97 1.01
CA ASN B 4 3.10 -24.72 1.60
C ASN B 4 2.08 -23.63 1.33
N SER B 5 1.91 -22.71 2.29
CA SER B 5 0.94 -21.64 2.14
C SER B 5 1.30 -20.70 1.01
N GLN B 6 0.30 -20.30 0.25
CA GLN B 6 0.50 -19.44 -0.89
C GLN B 6 -0.43 -18.24 -0.82
N PRO B 7 0.13 -17.02 -0.89
CA PRO B 7 -0.68 -15.80 -0.96
C PRO B 7 -1.63 -15.87 -2.14
N ILE B 8 -2.92 -15.71 -1.87
CA ILE B 8 -3.95 -15.94 -2.87
C ILE B 8 -3.93 -14.88 -3.97
N TRP B 9 -3.09 -13.86 -3.80
CA TRP B 9 -2.93 -12.84 -4.83
C TRP B 9 -2.13 -13.39 -6.01
N THR B 10 -2.86 -14.09 -6.86
CA THR B 10 -2.33 -14.65 -8.09
C THR B 10 -3.47 -14.75 -9.09
N ASN B 11 -4.64 -15.11 -8.56
CA ASN B 11 -5.88 -15.05 -9.32
C ASN B 11 -6.62 -13.78 -8.94
N PRO B 12 -6.83 -12.87 -9.91
CA PRO B 12 -7.38 -11.53 -9.65
C PRO B 12 -8.76 -11.58 -9.01
N ASN B 13 -9.65 -12.34 -9.63
CA ASN B 13 -11.02 -12.44 -9.18
C ASN B 13 -11.12 -13.14 -7.83
N ALA B 14 -10.26 -14.13 -7.62
CA ALA B 14 -10.26 -14.89 -6.39
C ALA B 14 -9.73 -14.07 -5.22
N ALA B 15 -8.77 -13.19 -5.53
CA ALA B 15 -8.20 -12.32 -4.52
C ALA B 15 -9.15 -11.18 -4.19
N MET B 16 -9.89 -10.72 -5.21
CA MET B 16 -10.88 -9.66 -5.04
C MET B 16 -11.96 -10.08 -4.05
N THR B 17 -12.19 -11.39 -3.96
CA THR B 17 -13.18 -11.92 -3.04
C THR B 17 -12.85 -11.54 -1.61
N MET B 18 -11.57 -11.59 -1.25
CA MET B 18 -11.13 -11.22 0.10
C MET B 18 -11.41 -9.74 0.33
N THR B 19 -11.11 -8.92 -0.65
CA THR B 19 -11.33 -7.48 -0.57
C THR B 19 -12.82 -7.18 -0.39
N ASN B 20 -13.63 -7.88 -1.16
CA ASN B 20 -15.08 -7.73 -1.12
C ASN B 20 -15.65 -8.18 0.23
N ASN B 21 -15.19 -9.34 0.70
CA ASN B 21 -15.70 -9.92 1.95
C ASN B 21 -15.29 -9.07 3.15
N LEU B 22 -14.15 -8.39 3.05
CA LEU B 22 -13.70 -7.49 4.11
C LEU B 22 -14.68 -6.33 4.27
N VAL B 23 -15.08 -5.73 3.16
CA VAL B 23 -16.04 -4.63 3.19
C VAL B 23 -17.36 -5.10 3.77
N GLN B 24 -17.77 -6.32 3.40
CA GLN B 24 -18.97 -6.92 3.98
C GLN B 24 -18.86 -7.01 5.49
N CYS B 25 -17.73 -7.53 5.97
CA CYS B 25 -17.50 -7.64 7.40
C CYS B 25 -17.55 -6.29 8.10
N ALA B 26 -16.82 -5.33 7.56
CA ALA B 26 -16.73 -4.00 8.14
C ALA B 26 -18.10 -3.32 8.19
N SER B 27 -18.89 -3.53 7.16
CA SER B 27 -20.23 -2.95 7.09
C SER B 27 -21.15 -3.53 8.16
N ARG B 28 -20.81 -4.70 8.67
CA ARG B 28 -21.59 -5.32 9.74
C ARG B 28 -21.17 -4.73 11.08
N SER B 29 -19.87 -4.78 11.34
CA SER B 29 -19.31 -4.44 12.64
C SER B 29 -19.67 -3.03 13.07
N GLY B 30 -19.50 -2.07 12.17
CA GLY B 30 -19.82 -0.69 12.48
C GLY B 30 -18.80 -0.07 13.41
N VAL B 31 -17.61 -0.67 13.47
CA VAL B 31 -16.52 -0.13 14.28
C VAL B 31 -15.84 1.01 13.53
N LEU B 32 -15.91 0.95 12.22
CA LEU B 32 -15.24 1.91 11.37
C LEU B 32 -16.17 3.06 11.02
N THR B 33 -15.58 4.21 10.76
CA THR B 33 -16.33 5.39 10.38
C THR B 33 -16.64 5.37 8.88
N ALA B 34 -17.43 6.34 8.43
CA ALA B 34 -17.80 6.42 7.02
C ALA B 34 -16.57 6.64 6.16
N ASP B 35 -15.66 7.48 6.65
CA ASP B 35 -14.40 7.76 5.97
C ASP B 35 -13.63 6.46 5.73
N GLN B 36 -13.59 5.62 6.76
CA GLN B 36 -12.89 4.34 6.67
C GLN B 36 -13.64 3.37 5.76
N MET B 37 -14.96 3.31 5.91
CA MET B 37 -15.80 2.42 5.10
C MET B 37 -15.72 2.78 3.62
N ASP B 38 -15.85 4.07 3.33
CA ASP B 38 -15.80 4.54 1.95
C ASP B 38 -14.41 4.32 1.35
N ASP B 39 -13.41 4.34 2.22
CA ASP B 39 -12.04 4.07 1.79
C ASP B 39 -11.88 2.60 1.39
N MET B 40 -12.45 1.72 2.20
CA MET B 40 -12.43 0.29 1.91
C MET B 40 -13.25 -0.04 0.67
N GLY B 41 -14.37 0.64 0.51
CA GLY B 41 -15.18 0.47 -0.68
C GLY B 41 -14.42 0.92 -1.92
N MET B 42 -13.73 2.05 -1.80
CA MET B 42 -12.89 2.56 -2.88
C MET B 42 -11.76 1.58 -3.17
N MET B 43 -11.24 0.95 -2.12
CA MET B 43 -10.21 -0.07 -2.24
C MET B 43 -10.68 -1.22 -3.13
N ALA B 44 -11.87 -1.73 -2.84
CA ALA B 44 -12.44 -2.83 -3.61
C ALA B 44 -12.64 -2.43 -5.06
N ASP B 45 -13.08 -1.19 -5.26
CA ASP B 45 -13.27 -0.64 -6.60
C ASP B 45 -11.92 -0.54 -7.32
N SER B 46 -10.89 -0.18 -6.58
CA SER B 46 -9.54 -0.08 -7.14
C SER B 46 -9.10 -1.44 -7.71
N VAL B 47 -9.32 -2.50 -6.93
CA VAL B 47 -8.98 -3.85 -7.37
C VAL B 47 -9.82 -4.22 -8.60
N ASN B 48 -11.10 -3.87 -8.54
CA ASN B 48 -12.02 -4.10 -9.65
C ASN B 48 -11.53 -3.38 -10.91
N SER B 49 -11.08 -2.15 -10.72
CA SER B 49 -10.60 -1.32 -11.82
C SER B 49 -9.38 -1.93 -12.48
N GLN B 50 -8.60 -2.70 -11.74
CA GLN B 50 -7.41 -3.30 -12.31
C GLN B 50 -7.79 -4.49 -13.18
N MET B 51 -8.96 -5.08 -12.92
CA MET B 51 -9.43 -6.21 -13.70
C MET B 51 -10.12 -5.75 -14.98
N GLN B 52 -10.47 -4.47 -15.05
CA GLN B 52 -11.00 -3.91 -16.29
C GLN B 52 -9.85 -3.27 -17.09
N LYS B 53 -8.71 -3.12 -16.42
CA LYS B 53 -7.47 -2.72 -17.08
C LYS B 53 -6.87 -3.92 -17.79
N MET B 54 -6.71 -5.00 -17.04
CA MET B 54 -6.11 -6.23 -17.56
C MET B 54 -7.19 -7.15 -18.11
N GLY B 55 -7.21 -7.32 -19.42
CA GLY B 55 -8.24 -8.14 -20.04
C GLY B 55 -7.83 -9.60 -20.18
N PRO B 56 -7.30 -9.99 -21.34
CA PRO B 56 -6.90 -11.37 -21.61
C PRO B 56 -5.55 -11.72 -20.98
N ASN B 57 -5.61 -12.58 -19.96
CA ASN B 57 -4.41 -13.10 -19.28
C ASN B 57 -3.55 -11.98 -18.69
N PRO B 58 -3.83 -11.59 -17.44
CA PRO B 58 -3.11 -10.51 -16.80
C PRO B 58 -1.73 -10.92 -16.30
N PRO B 59 -0.84 -9.92 -16.17
CA PRO B 59 0.52 -10.12 -15.64
C PRO B 59 0.52 -10.45 -14.15
N GLN B 60 1.22 -11.50 -13.79
CA GLN B 60 1.24 -11.99 -12.41
C GLN B 60 1.85 -10.97 -11.45
N HIS B 61 2.93 -10.31 -11.88
CA HIS B 61 3.61 -9.34 -11.03
C HIS B 61 2.69 -8.15 -10.72
N ARG B 62 1.70 -7.93 -11.58
CA ARG B 62 0.80 -6.81 -11.42
C ARG B 62 -0.17 -7.10 -10.28
N LEU B 63 -0.54 -8.38 -10.13
CA LEU B 63 -1.32 -8.81 -8.98
C LEU B 63 -0.48 -8.74 -7.72
N ARG B 64 0.83 -8.95 -7.89
CA ARG B 64 1.78 -8.83 -6.79
C ARG B 64 1.74 -7.42 -6.21
N ALA B 65 1.73 -6.42 -7.07
CA ALA B 65 1.67 -5.03 -6.64
C ALA B 65 0.32 -4.71 -6.01
N MET B 66 -0.73 -5.33 -6.54
CA MET B 66 -2.07 -5.13 -5.98
C MET B 66 -2.19 -5.77 -4.59
N ASN B 67 -1.42 -6.83 -4.38
CA ASN B 67 -1.33 -7.48 -3.06
C ASN B 67 -0.91 -6.48 -2.01
N THR B 68 0.22 -5.81 -2.27
CA THR B 68 0.76 -4.82 -1.35
C THR B 68 -0.20 -3.64 -1.20
N ALA B 69 -0.85 -3.27 -2.31
CA ALA B 69 -1.79 -2.16 -2.31
C ALA B 69 -2.96 -2.44 -1.37
N MET B 70 -3.63 -3.58 -1.58
CA MET B 70 -4.78 -3.96 -0.76
C MET B 70 -4.41 -4.04 0.71
N ALA B 71 -3.31 -4.72 1.00
CA ALA B 71 -2.88 -4.92 2.38
C ALA B 71 -2.56 -3.58 3.05
N ALA B 72 -1.88 -2.70 2.32
CA ALA B 72 -1.52 -1.41 2.84
C ALA B 72 -2.76 -0.54 3.08
N GLU B 73 -3.70 -0.60 2.13
CA GLU B 73 -4.93 0.17 2.25
C GLU B 73 -5.72 -0.27 3.48
N VAL B 74 -5.95 -1.57 3.63
CA VAL B 74 -6.66 -2.11 4.79
C VAL B 74 -5.99 -1.66 6.09
N ALA B 75 -4.68 -1.82 6.16
CA ALA B 75 -3.93 -1.43 7.34
C ALA B 75 -4.03 0.06 7.59
N GLU B 76 -3.97 0.84 6.52
CA GLU B 76 -4.06 2.29 6.60
C GLU B 76 -5.49 2.72 6.98
N VAL B 77 -6.48 1.95 6.58
CA VAL B 77 -7.86 2.19 7.00
C VAL B 77 -7.99 2.02 8.51
N VAL B 78 -7.36 0.98 9.04
CA VAL B 78 -7.37 0.71 10.47
C VAL B 78 -6.55 1.75 11.22
N ALA B 79 -5.35 2.01 10.73
CA ALA B 79 -4.42 2.93 11.38
C ALA B 79 -4.99 4.35 11.43
N THR B 80 -5.71 4.75 10.39
CA THR B 80 -6.30 6.07 10.36
C THR B 80 -7.64 6.07 11.11
N SER B 81 -7.54 6.09 12.43
CA SER B 81 -8.71 6.13 13.29
C SER B 81 -8.31 6.69 14.65
N PRO B 82 -9.28 7.04 15.51
CA PRO B 82 -8.99 7.43 16.89
C PRO B 82 -8.33 6.27 17.65
N PRO B 83 -7.37 6.58 18.53
CA PRO B 83 -6.61 5.53 19.24
C PRO B 83 -7.51 4.69 20.14
N GLN B 84 -8.67 5.24 20.47
CA GLN B 84 -9.63 4.56 21.32
C GLN B 84 -10.43 3.55 20.51
N SER B 85 -10.37 3.68 19.20
CA SER B 85 -11.13 2.81 18.31
C SER B 85 -10.19 1.90 17.51
N TYR B 86 -8.93 2.31 17.44
CA TYR B 86 -7.91 1.61 16.67
C TYR B 86 -7.88 0.10 16.96
N SER B 87 -7.84 -0.25 18.23
CA SER B 87 -7.74 -1.65 18.64
C SER B 87 -8.96 -2.43 18.16
N ALA B 88 -10.14 -1.84 18.32
CA ALA B 88 -11.39 -2.49 17.94
C ALA B 88 -11.47 -2.67 16.42
N VAL B 89 -11.07 -1.64 15.68
CA VAL B 89 -11.05 -1.71 14.23
C VAL B 89 -10.06 -2.77 13.77
N LEU B 90 -8.88 -2.76 14.38
CA LEU B 90 -7.82 -3.71 14.06
C LEU B 90 -8.31 -5.13 14.26
N ASN B 91 -8.88 -5.39 15.42
CA ASN B 91 -9.39 -6.71 15.78
C ASN B 91 -10.46 -7.17 14.80
N THR B 92 -11.26 -6.22 14.31
CA THR B 92 -12.32 -6.53 13.38
C THR B 92 -11.74 -6.99 12.05
N ILE B 93 -10.83 -6.21 11.51
CA ILE B 93 -10.19 -6.54 10.24
C ILE B 93 -9.34 -7.80 10.36
N GLY B 94 -8.53 -7.89 11.41
CA GLY B 94 -7.65 -9.03 11.59
C GLY B 94 -8.40 -10.35 11.64
N ALA B 95 -9.55 -10.34 12.31
CA ALA B 95 -10.37 -11.54 12.42
C ALA B 95 -11.00 -11.88 11.07
N CYS B 96 -11.62 -10.89 10.45
CA CYS B 96 -12.31 -11.09 9.18
C CYS B 96 -11.35 -11.35 8.03
N LEU B 97 -10.09 -10.97 8.21
CA LEU B 97 -9.04 -11.32 7.24
C LEU B 97 -8.99 -12.82 7.06
N ARG B 98 -8.90 -13.52 8.18
CA ARG B 98 -8.88 -14.97 8.22
C ARG B 98 -10.17 -15.53 7.61
N GLU B 99 -11.30 -14.99 8.04
CA GLU B 99 -12.62 -15.41 7.57
C GLU B 99 -12.75 -15.23 6.07
N SER B 100 -12.33 -14.06 5.59
CA SER B 100 -12.39 -13.74 4.17
C SER B 100 -11.64 -14.78 3.34
N MET B 101 -10.47 -15.18 3.81
CA MET B 101 -9.65 -16.15 3.11
C MET B 101 -10.35 -17.51 3.02
N MET B 102 -11.01 -17.91 4.11
CA MET B 102 -11.67 -19.20 4.16
C MET B 102 -12.91 -19.23 3.27
N GLN B 103 -13.46 -18.06 2.98
CA GLN B 103 -14.62 -17.95 2.10
C GLN B 103 -14.18 -17.79 0.64
N ALA B 104 -13.07 -17.07 0.45
CA ALA B 104 -12.56 -16.81 -0.88
C ALA B 104 -11.91 -18.05 -1.50
N THR B 105 -10.88 -18.55 -0.83
CA THR B 105 -10.15 -19.70 -1.34
C THR B 105 -10.53 -20.97 -0.59
N GLY B 106 -10.87 -20.81 0.68
CA GLY B 106 -11.16 -21.96 1.52
C GLY B 106 -10.01 -22.25 2.45
N SER B 107 -8.96 -21.46 2.31
CA SER B 107 -7.75 -21.63 3.10
C SER B 107 -7.28 -20.26 3.58
N VAL B 108 -6.96 -20.15 4.85
CA VAL B 108 -6.52 -18.87 5.39
C VAL B 108 -5.01 -18.69 5.22
N ASP B 109 -4.64 -17.77 4.34
CA ASP B 109 -3.25 -17.41 4.18
C ASP B 109 -2.81 -16.50 5.31
N ASN B 110 -1.76 -16.90 6.00
CA ASN B 110 -1.27 -16.15 7.14
C ASN B 110 -0.27 -15.09 6.70
N ALA B 111 0.25 -15.24 5.48
CA ALA B 111 1.25 -14.31 4.98
C ALA B 111 0.64 -12.93 4.78
N PHE B 112 -0.43 -12.87 3.99
CA PHE B 112 -1.12 -11.61 3.73
C PHE B 112 -1.70 -11.05 5.02
N THR B 113 -2.35 -11.92 5.78
CA THR B 113 -2.98 -11.52 7.04
C THR B 113 -1.96 -10.91 8.00
N ASN B 114 -0.79 -11.53 8.11
CA ASN B 114 0.26 -11.04 9.00
C ASN B 114 0.85 -9.75 8.47
N GLU B 115 1.00 -9.66 7.15
CA GLU B 115 1.58 -8.48 6.52
C GLU B 115 0.76 -7.24 6.85
N VAL B 116 -0.56 -7.38 6.79
CA VAL B 116 -1.46 -6.29 7.13
C VAL B 116 -1.26 -5.86 8.59
N MET B 117 -1.03 -6.83 9.45
CA MET B 117 -0.84 -6.55 10.87
C MET B 117 0.44 -5.76 11.11
N GLN B 118 1.48 -6.08 10.35
CA GLN B 118 2.74 -5.36 10.44
C GLN B 118 2.56 -3.92 9.97
N LEU B 119 1.87 -3.77 8.84
CA LEU B 119 1.61 -2.46 8.25
C LEU B 119 0.86 -1.55 9.22
N VAL B 120 -0.21 -2.07 9.81
CA VAL B 120 -1.08 -1.27 10.66
C VAL B 120 -0.38 -0.92 11.99
N LYS B 121 0.52 -1.78 12.45
CA LYS B 121 1.25 -1.52 13.67
C LYS B 121 2.36 -0.50 13.43
N MET B 122 3.02 -0.62 12.29
CA MET B 122 4.10 0.30 11.93
C MET B 122 3.57 1.72 11.78
N LEU B 123 2.43 1.85 11.11
CA LEU B 123 1.83 3.16 10.87
C LEU B 123 1.29 3.77 12.16
N SER B 124 1.25 2.97 13.22
CA SER B 124 0.77 3.45 14.51
C SER B 124 1.95 3.62 15.48
N ALA B 125 3.15 3.45 14.97
CA ALA B 125 4.35 3.50 15.81
C ALA B 125 5.00 4.87 15.76
N ASP B 126 4.19 5.88 15.45
CA ASP B 126 4.67 7.25 15.43
C ASP B 126 4.88 7.76 16.83
N SER B 127 6.10 8.19 17.12
CA SER B 127 6.44 8.70 18.44
C SER B 127 5.84 10.09 18.64
N ALA B 128 4.87 10.18 19.53
CA ALA B 128 4.22 11.45 19.84
C ALA B 128 4.93 12.12 21.00
N ASN B 129 6.26 12.00 21.00
CA ASN B 129 7.10 12.53 22.05
C ASN B 129 6.98 14.05 22.18
N GLU B 130 6.00 14.48 22.97
CA GLU B 130 5.84 15.89 23.29
C GLU B 130 6.33 16.16 24.70
N VAL B 131 7.36 15.43 25.07
CA VAL B 131 7.94 15.53 26.41
C VAL B 131 8.88 16.73 26.48
N SER B 132 9.32 17.19 25.32
CA SER B 132 10.18 18.35 25.24
C SER B 132 9.37 19.56 24.80
N THR B 133 8.88 20.31 25.77
CA THR B 133 8.07 21.49 25.49
C THR B 133 8.94 22.74 25.54
N GLY A 1 16.03 16.05 7.41
CA GLY A 1 14.82 16.88 7.65
C GLY A 1 14.89 17.61 8.96
N SER A 2 14.36 18.83 8.98
CA SER A 2 14.42 19.66 10.18
C SER A 2 13.04 19.72 10.85
N GLY A 3 12.90 18.98 11.94
CA GLY A 3 11.66 19.01 12.71
C GLY A 3 10.52 18.27 12.03
N ASN A 4 9.31 18.76 12.26
CA ASN A 4 8.10 18.15 11.70
C ASN A 4 8.09 18.24 10.18
N SER A 5 7.83 17.11 9.54
CA SER A 5 7.72 17.05 8.10
C SER A 5 6.26 17.18 7.70
N GLN A 6 5.99 17.89 6.63
CA GLN A 6 4.63 18.18 6.22
C GLN A 6 4.25 17.38 4.98
N PRO A 7 3.32 16.43 5.15
CA PRO A 7 2.79 15.64 4.04
C PRO A 7 2.10 16.54 3.02
N ILE A 8 2.61 16.54 1.79
CA ILE A 8 2.12 17.44 0.74
C ILE A 8 0.80 16.96 0.15
N TRP A 9 0.22 15.94 0.76
CA TRP A 9 -0.98 15.30 0.22
C TRP A 9 -2.24 16.09 0.54
N THR A 10 -2.34 17.27 -0.05
CA THR A 10 -3.57 18.05 -0.03
C THR A 10 -3.97 18.42 -1.45
N ASN A 11 -3.04 18.22 -2.38
CA ASN A 11 -3.29 18.47 -3.80
C ASN A 11 -2.94 17.23 -4.61
N PRO A 12 -3.89 16.75 -5.39
CA PRO A 12 -3.75 15.50 -6.14
C PRO A 12 -2.71 15.58 -7.24
N ASN A 13 -2.64 16.70 -7.94
CA ASN A 13 -1.72 16.84 -9.06
C ASN A 13 -0.29 17.07 -8.56
N ALA A 14 -0.17 17.80 -7.45
CA ALA A 14 1.13 18.04 -6.83
C ALA A 14 1.76 16.72 -6.39
N ALA A 15 0.95 15.89 -5.75
CA ALA A 15 1.42 14.58 -5.29
C ALA A 15 1.67 13.65 -6.47
N MET A 16 0.79 13.73 -7.47
CA MET A 16 0.92 12.91 -8.69
C MET A 16 2.24 13.21 -9.40
N THR A 17 2.72 14.44 -9.26
CA THR A 17 3.99 14.85 -9.85
C THR A 17 5.15 14.09 -9.19
N MET A 18 5.03 13.86 -7.88
CA MET A 18 6.02 13.10 -7.13
C MET A 18 6.05 11.66 -7.65
N THR A 19 4.87 11.12 -7.91
CA THR A 19 4.73 9.78 -8.46
C THR A 19 5.34 9.70 -9.86
N ASN A 20 5.10 10.74 -10.65
CA ASN A 20 5.61 10.83 -12.01
C ASN A 20 7.14 10.85 -12.03
N ASN A 21 7.73 11.70 -11.18
CA ASN A 21 9.17 11.86 -11.15
C ASN A 21 9.88 10.58 -10.77
N LEU A 22 9.23 9.78 -9.92
CA LEU A 22 9.79 8.49 -9.50
C LEU A 22 10.00 7.57 -10.70
N VAL A 23 9.00 7.47 -11.55
CA VAL A 23 9.08 6.62 -12.73
C VAL A 23 10.14 7.16 -13.69
N GLN A 24 10.27 8.48 -13.74
CA GLN A 24 11.24 9.12 -14.60
C GLN A 24 12.67 8.88 -14.11
N CYS A 25 12.88 8.95 -12.80
CA CYS A 25 14.21 8.73 -12.25
C CYS A 25 14.57 7.24 -12.32
N ALA A 26 13.58 6.39 -12.14
CA ALA A 26 13.77 4.96 -12.31
C ALA A 26 14.15 4.64 -13.75
N SER A 27 13.55 5.35 -14.68
CA SER A 27 13.82 5.15 -16.10
C SER A 27 15.18 5.74 -16.49
N ARG A 28 15.68 6.70 -15.71
CA ARG A 28 16.98 7.31 -15.98
C ARG A 28 18.09 6.50 -15.32
N SER A 29 17.74 5.74 -14.28
CA SER A 29 18.71 4.93 -13.57
C SER A 29 18.88 3.58 -14.27
N GLY A 30 17.79 2.83 -14.37
CA GLY A 30 17.85 1.53 -15.00
C GLY A 30 18.33 0.45 -14.06
N VAL A 31 18.28 0.75 -12.77
CA VAL A 31 18.68 -0.20 -11.74
C VAL A 31 17.56 -1.20 -11.49
N LEU A 32 16.35 -0.80 -11.82
CA LEU A 32 15.19 -1.66 -11.67
C LEU A 32 14.98 -2.48 -12.94
N THR A 33 14.29 -3.60 -12.80
CA THR A 33 13.93 -4.42 -13.93
C THR A 33 12.70 -3.83 -14.62
N ALA A 34 12.39 -4.30 -15.82
CA ALA A 34 11.22 -3.83 -16.55
C ALA A 34 9.96 -4.24 -15.80
N ASP A 35 10.04 -5.39 -15.14
CA ASP A 35 8.95 -5.89 -14.30
C ASP A 35 8.61 -4.87 -13.22
N GLN A 36 9.66 -4.31 -12.62
CA GLN A 36 9.51 -3.28 -11.60
C GLN A 36 9.12 -1.94 -12.22
N MET A 37 9.62 -1.67 -13.43
CA MET A 37 9.31 -0.41 -14.12
C MET A 37 7.84 -0.34 -14.46
N ASP A 38 7.27 -1.44 -14.95
CA ASP A 38 5.85 -1.48 -15.26
C ASP A 38 5.03 -1.45 -13.98
N ASP A 39 5.60 -2.03 -12.93
CA ASP A 39 4.99 -1.99 -11.60
C ASP A 39 4.79 -0.55 -11.15
N MET A 40 5.85 0.24 -11.25
CA MET A 40 5.81 1.65 -10.90
C MET A 40 4.95 2.45 -11.88
N GLY A 41 4.99 2.05 -13.15
CA GLY A 41 4.17 2.69 -14.16
C GLY A 41 2.69 2.54 -13.85
N MET A 42 2.30 1.34 -13.44
CA MET A 42 0.92 1.08 -13.06
C MET A 42 0.54 1.87 -11.81
N MET A 43 1.49 2.06 -10.93
CA MET A 43 1.27 2.86 -9.73
C MET A 43 0.81 4.28 -10.11
N ALA A 44 1.55 4.90 -11.03
CA ALA A 44 1.21 6.24 -11.51
C ALA A 44 -0.12 6.20 -12.27
N ASP A 45 -0.33 5.12 -12.99
CA ASP A 45 -1.56 4.91 -13.74
C ASP A 45 -2.75 4.83 -12.80
N SER A 46 -2.57 4.16 -11.66
CA SER A 46 -3.62 4.03 -10.66
C SER A 46 -4.02 5.40 -10.14
N VAL A 47 -3.03 6.22 -9.80
CA VAL A 47 -3.30 7.58 -9.30
C VAL A 47 -4.15 8.35 -10.31
N ASN A 48 -3.81 8.21 -11.59
CA ASN A 48 -4.56 8.87 -12.65
C ASN A 48 -5.97 8.29 -12.78
N SER A 49 -6.06 6.97 -12.82
CA SER A 49 -7.33 6.29 -13.05
C SER A 49 -8.28 6.43 -11.85
N GLN A 50 -7.72 6.67 -10.67
CA GLN A 50 -8.54 6.93 -9.50
C GLN A 50 -9.07 8.36 -9.55
N MET A 51 -8.23 9.28 -10.00
CA MET A 51 -8.62 10.68 -10.15
C MET A 51 -9.76 10.83 -11.15
N GLN A 52 -9.66 10.12 -12.27
CA GLN A 52 -10.68 10.20 -13.31
C GLN A 52 -11.97 9.52 -12.88
N LYS A 53 -11.90 8.71 -11.84
CA LYS A 53 -13.08 8.08 -11.26
C LYS A 53 -13.71 8.97 -10.19
N MET A 54 -13.00 10.04 -9.83
CA MET A 54 -13.50 10.98 -8.84
C MET A 54 -13.93 12.29 -9.50
N GLY A 55 -13.05 12.82 -10.35
CA GLY A 55 -13.34 14.08 -11.01
C GLY A 55 -12.65 15.24 -10.31
N PRO A 56 -13.05 16.47 -10.63
CA PRO A 56 -12.49 17.67 -9.99
C PRO A 56 -12.85 17.76 -8.51
N ASN A 57 -11.87 18.16 -7.71
CA ASN A 57 -12.05 18.29 -6.25
C ASN A 57 -12.47 16.96 -5.63
N PRO A 58 -11.53 16.03 -5.48
CA PRO A 58 -11.81 14.70 -4.93
C PRO A 58 -11.85 14.70 -3.41
N PRO A 59 -12.35 13.61 -2.81
CA PRO A 59 -12.41 13.45 -1.36
C PRO A 59 -11.03 13.48 -0.72
N GLN A 60 -10.83 14.40 0.21
CA GLN A 60 -9.54 14.57 0.87
C GLN A 60 -9.15 13.32 1.64
N HIS A 61 -10.15 12.63 2.21
CA HIS A 61 -9.91 11.39 2.95
C HIS A 61 -9.27 10.34 2.03
N ARG A 62 -9.66 10.36 0.77
CA ARG A 62 -9.17 9.41 -0.19
C ARG A 62 -7.72 9.75 -0.56
N LEU A 63 -7.42 11.04 -0.55
CA LEU A 63 -6.05 11.49 -0.79
C LEU A 63 -5.14 11.06 0.36
N ARG A 64 -5.70 11.01 1.56
CA ARG A 64 -4.99 10.49 2.72
C ARG A 64 -4.55 9.07 2.44
N ALA A 65 -5.49 8.26 1.96
CA ALA A 65 -5.23 6.87 1.60
C ALA A 65 -4.21 6.78 0.48
N MET A 66 -4.28 7.71 -0.46
CA MET A 66 -3.37 7.74 -1.60
C MET A 66 -1.92 7.86 -1.14
N ASN A 67 -1.71 8.58 -0.03
CA ASN A 67 -0.40 8.65 0.60
C ASN A 67 0.13 7.25 0.87
N THR A 68 -0.66 6.46 1.60
CA THR A 68 -0.29 5.11 1.95
C THR A 68 -0.20 4.22 0.71
N ALA A 69 -1.16 4.37 -0.19
CA ALA A 69 -1.23 3.57 -1.41
C ALA A 69 0.05 3.71 -2.24
N MET A 70 0.37 4.95 -2.60
CA MET A 70 1.55 5.22 -3.44
C MET A 70 2.83 4.74 -2.76
N ALA A 71 2.97 5.04 -1.47
CA ALA A 71 4.16 4.66 -0.72
C ALA A 71 4.32 3.15 -0.67
N ALA A 72 3.22 2.45 -0.43
CA ALA A 72 3.24 0.99 -0.36
C ALA A 72 3.63 0.38 -1.70
N GLU A 73 3.11 0.95 -2.78
CA GLU A 73 3.43 0.46 -4.13
C GLU A 73 4.94 0.52 -4.38
N VAL A 74 5.53 1.69 -4.15
CA VAL A 74 6.97 1.86 -4.35
C VAL A 74 7.76 0.84 -3.54
N ALA A 75 7.40 0.69 -2.27
CA ALA A 75 8.07 -0.25 -1.37
C ALA A 75 7.94 -1.67 -1.90
N GLU A 76 6.75 -2.01 -2.36
CA GLU A 76 6.47 -3.33 -2.92
C GLU A 76 7.35 -3.57 -4.15
N VAL A 77 7.47 -2.56 -4.99
CA VAL A 77 8.30 -2.63 -6.20
C VAL A 77 9.76 -2.88 -5.84
N VAL A 78 10.25 -2.16 -4.83
CA VAL A 78 11.65 -2.27 -4.42
C VAL A 78 11.91 -3.64 -3.78
N ALA A 79 10.97 -4.10 -2.97
CA ALA A 79 11.13 -5.36 -2.25
C ALA A 79 11.14 -6.56 -3.21
N THR A 80 10.59 -6.37 -4.41
CA THR A 80 10.61 -7.42 -5.41
C THR A 80 11.87 -7.31 -6.27
N SER A 81 12.98 -7.75 -5.72
CA SER A 81 14.25 -7.75 -6.41
C SER A 81 15.19 -8.76 -5.77
N PRO A 82 16.26 -9.17 -6.47
CA PRO A 82 17.27 -10.07 -5.91
C PRO A 82 17.99 -9.40 -4.75
N PRO A 83 18.57 -10.20 -3.83
CA PRO A 83 19.19 -9.66 -2.61
C PRO A 83 20.29 -8.65 -2.92
N GLN A 84 21.02 -8.92 -3.99
CA GLN A 84 22.13 -8.06 -4.39
C GLN A 84 21.65 -6.78 -5.07
N SER A 85 20.42 -6.80 -5.58
CA SER A 85 19.88 -5.67 -6.32
C SER A 85 18.93 -4.86 -5.45
N TYR A 86 18.41 -5.50 -4.40
CA TYR A 86 17.44 -4.87 -3.50
C TYR A 86 17.93 -3.52 -2.97
N SER A 87 19.14 -3.49 -2.43
CA SER A 87 19.67 -2.27 -1.86
C SER A 87 20.02 -1.26 -2.94
N ALA A 88 20.30 -1.74 -4.15
CA ALA A 88 20.60 -0.86 -5.27
C ALA A 88 19.34 -0.14 -5.74
N VAL A 89 18.28 -0.91 -5.90
CA VAL A 89 16.98 -0.35 -6.25
C VAL A 89 16.49 0.58 -5.13
N LEU A 90 16.64 0.13 -3.89
CA LEU A 90 16.22 0.89 -2.72
C LEU A 90 16.95 2.23 -2.65
N ASN A 91 18.28 2.17 -2.78
CA ASN A 91 19.12 3.36 -2.70
C ASN A 91 18.70 4.40 -3.74
N THR A 92 18.27 3.91 -4.90
CA THR A 92 17.86 4.78 -5.98
C THR A 92 16.53 5.46 -5.64
N ILE A 93 15.53 4.66 -5.28
CA ILE A 93 14.23 5.19 -4.92
C ILE A 93 14.33 6.13 -3.72
N GLY A 94 15.11 5.74 -2.71
CA GLY A 94 15.28 6.57 -1.53
C GLY A 94 15.78 7.96 -1.87
N ALA A 95 16.62 8.06 -2.88
CA ALA A 95 17.15 9.35 -3.32
C ALA A 95 16.11 10.09 -4.16
N CYS A 96 15.35 9.34 -4.95
CA CYS A 96 14.33 9.91 -5.81
C CYS A 96 13.22 10.59 -5.03
N LEU A 97 12.80 9.99 -3.92
CA LEU A 97 11.74 10.58 -3.11
C LEU A 97 12.12 11.96 -2.63
N ARG A 98 13.40 12.14 -2.37
CA ARG A 98 13.92 13.43 -1.94
C ARG A 98 13.80 14.46 -3.06
N GLU A 99 14.26 14.09 -4.25
CA GLU A 99 14.29 15.02 -5.37
C GLU A 99 12.90 15.26 -5.95
N SER A 100 12.07 14.22 -5.99
CA SER A 100 10.71 14.33 -6.52
C SER A 100 9.92 15.35 -5.72
N MET A 101 10.07 15.33 -4.41
CA MET A 101 9.38 16.26 -3.54
C MET A 101 9.87 17.69 -3.79
N MET A 102 11.18 17.84 -3.95
CA MET A 102 11.78 19.15 -4.16
C MET A 102 11.38 19.73 -5.53
N GLN A 103 11.11 18.85 -6.49
CA GLN A 103 10.66 19.29 -7.79
C GLN A 103 9.16 19.54 -7.80
N ALA A 104 8.42 18.75 -7.04
CA ALA A 104 6.96 18.85 -7.00
C ALA A 104 6.52 20.06 -6.19
N THR A 105 7.04 20.20 -4.99
CA THR A 105 6.64 21.29 -4.10
C THR A 105 7.75 22.32 -3.96
N GLY A 106 8.95 21.83 -3.73
CA GLY A 106 10.07 22.72 -3.50
C GLY A 106 10.84 22.33 -2.26
N SER A 107 10.29 21.40 -1.50
CA SER A 107 10.92 20.93 -0.28
C SER A 107 10.77 19.41 -0.18
N VAL A 108 11.74 18.76 0.42
CA VAL A 108 11.68 17.31 0.58
C VAL A 108 10.96 16.93 1.87
N ASP A 109 9.79 16.36 1.73
CA ASP A 109 9.04 15.83 2.86
C ASP A 109 9.68 14.53 3.34
N ASN A 110 10.00 14.47 4.61
CA ASN A 110 10.65 13.29 5.18
C ASN A 110 9.60 12.27 5.59
N ALA A 111 8.37 12.71 5.79
CA ALA A 111 7.31 11.83 6.26
C ALA A 111 7.03 10.73 5.24
N PHE A 112 6.78 11.12 4.00
CA PHE A 112 6.49 10.17 2.93
C PHE A 112 7.74 9.35 2.61
N THR A 113 8.86 10.04 2.49
CA THR A 113 10.13 9.39 2.18
C THR A 113 10.50 8.35 3.24
N ASN A 114 10.28 8.68 4.52
CA ASN A 114 10.59 7.74 5.60
C ASN A 114 9.58 6.61 5.62
N GLU A 115 8.32 6.94 5.37
CA GLU A 115 7.23 5.95 5.36
C GLU A 115 7.55 4.80 4.40
N VAL A 116 8.02 5.15 3.20
CA VAL A 116 8.39 4.16 2.20
C VAL A 116 9.59 3.33 2.66
N MET A 117 10.51 3.95 3.37
CA MET A 117 11.70 3.28 3.85
C MET A 117 11.33 2.21 4.87
N GLN A 118 10.33 2.51 5.69
CA GLN A 118 9.83 1.57 6.66
C GLN A 118 9.10 0.43 5.95
N LEU A 119 8.24 0.80 5.01
CA LEU A 119 7.45 -0.15 4.24
C LEU A 119 8.31 -1.22 3.57
N VAL A 120 9.32 -0.75 2.84
CA VAL A 120 10.14 -1.63 2.04
C VAL A 120 10.98 -2.58 2.90
N LYS A 121 11.37 -2.12 4.08
CA LYS A 121 12.15 -2.95 4.99
C LYS A 121 11.23 -3.96 5.68
N MET A 122 10.03 -3.52 6.00
CA MET A 122 9.04 -4.38 6.63
C MET A 122 8.64 -5.53 5.70
N LEU A 123 8.40 -5.20 4.44
CA LEU A 123 7.99 -6.20 3.45
C LEU A 123 9.16 -7.10 3.06
N SER A 124 10.37 -6.66 3.36
CA SER A 124 11.56 -7.44 3.05
C SER A 124 11.97 -8.26 4.28
N ALA A 125 11.17 -8.20 5.33
CA ALA A 125 11.48 -8.93 6.55
C ALA A 125 10.73 -10.25 6.60
N ASP A 126 11.21 -11.20 5.80
CA ASP A 126 10.67 -12.55 5.82
C ASP A 126 10.93 -13.19 7.17
N SER A 127 9.89 -13.34 7.96
CA SER A 127 10.00 -13.86 9.31
C SER A 127 9.01 -14.98 9.54
N ALA A 128 9.50 -16.08 10.07
CA ALA A 128 8.70 -17.27 10.30
C ALA A 128 9.37 -18.18 11.32
N ASN A 129 9.29 -17.79 12.58
CA ASN A 129 9.78 -18.61 13.67
C ASN A 129 8.80 -19.77 13.89
N GLU A 130 9.26 -20.81 14.56
CA GLU A 130 8.44 -21.99 14.76
C GLU A 130 7.27 -21.72 15.70
N VAL A 131 6.07 -21.75 15.14
CA VAL A 131 4.85 -21.67 15.93
C VAL A 131 4.31 -23.06 16.17
N SER A 132 5.07 -24.06 15.73
CA SER A 132 4.72 -25.44 15.87
C SER A 132 4.94 -25.93 17.30
N THR A 133 4.28 -27.03 17.65
CA THR A 133 4.39 -27.58 19.01
C THR A 133 4.01 -29.06 19.01
N GLY B 1 -4.71 -22.19 6.34
CA GLY B 1 -3.66 -23.10 5.93
C GLY B 1 -2.70 -23.41 7.06
N SER B 2 -1.71 -24.25 6.79
CA SER B 2 -0.72 -24.62 7.79
C SER B 2 0.63 -24.90 7.13
N GLY B 3 1.70 -24.48 7.81
CA GLY B 3 3.04 -24.73 7.29
C GLY B 3 3.60 -23.52 6.58
N ASN B 4 3.92 -23.68 5.30
CA ASN B 4 4.50 -22.60 4.52
C ASN B 4 3.42 -21.62 4.06
N SER B 5 3.83 -20.41 3.73
CA SER B 5 2.89 -19.39 3.30
C SER B 5 2.84 -19.31 1.78
N GLN B 6 1.64 -19.17 1.25
CA GLN B 6 1.44 -19.03 -0.18
C GLN B 6 0.30 -18.08 -0.48
N PRO B 7 0.64 -16.82 -0.80
CA PRO B 7 -0.33 -15.79 -1.10
C PRO B 7 -1.27 -16.17 -2.24
N ILE B 8 -2.56 -16.05 -1.99
CA ILE B 8 -3.57 -16.46 -2.96
C ILE B 8 -3.65 -15.48 -4.14
N TRP B 9 -2.72 -14.53 -4.18
CA TRP B 9 -2.73 -13.46 -5.17
C TRP B 9 -2.25 -13.92 -6.54
N THR B 10 -2.04 -15.22 -6.68
CA THR B 10 -1.76 -15.77 -7.99
C THR B 10 -3.08 -15.97 -8.73
N ASN B 11 -4.17 -15.86 -7.97
CA ASN B 11 -5.52 -15.89 -8.52
C ASN B 11 -6.23 -14.59 -8.13
N PRO B 12 -6.38 -13.67 -9.10
CA PRO B 12 -6.95 -12.35 -8.84
C PRO B 12 -8.39 -12.42 -8.36
N ASN B 13 -9.13 -13.39 -8.88
CA ASN B 13 -10.54 -13.56 -8.55
C ASN B 13 -10.70 -14.02 -7.11
N ALA B 14 -9.84 -14.95 -6.70
CA ALA B 14 -9.85 -15.45 -5.33
C ALA B 14 -9.44 -14.34 -4.36
N ALA B 15 -8.39 -13.61 -4.71
CA ALA B 15 -7.91 -12.51 -3.90
C ALA B 15 -8.96 -11.41 -3.78
N MET B 16 -9.62 -11.12 -4.90
CA MET B 16 -10.67 -10.12 -4.94
C MET B 16 -11.84 -10.51 -4.04
N THR B 17 -12.06 -11.81 -3.89
CA THR B 17 -13.11 -12.31 -3.02
C THR B 17 -12.77 -11.99 -1.56
N MET B 18 -11.48 -12.03 -1.24
CA MET B 18 -10.99 -11.66 0.08
C MET B 18 -11.28 -10.18 0.33
N THR B 19 -11.01 -9.37 -0.69
CA THR B 19 -11.26 -7.93 -0.63
C THR B 19 -12.74 -7.63 -0.37
N ASN B 20 -13.60 -8.36 -1.10
CA ASN B 20 -15.04 -8.18 -0.98
C ASN B 20 -15.53 -8.54 0.43
N ASN B 21 -15.09 -9.69 0.92
CA ASN B 21 -15.55 -10.19 2.21
C ASN B 21 -15.10 -9.29 3.36
N LEU B 22 -13.98 -8.60 3.17
CA LEU B 22 -13.51 -7.64 4.16
C LEU B 22 -14.53 -6.53 4.34
N VAL B 23 -15.01 -5.98 3.24
CA VAL B 23 -16.01 -4.93 3.28
C VAL B 23 -17.29 -5.42 3.94
N GLN B 24 -17.68 -6.65 3.60
CA GLN B 24 -18.87 -7.25 4.21
C GLN B 24 -18.66 -7.45 5.71
N CYS B 25 -17.48 -7.93 6.09
CA CYS B 25 -17.16 -8.17 7.50
C CYS B 25 -17.13 -6.85 8.26
N ALA B 26 -16.65 -5.80 7.60
CA ALA B 26 -16.63 -4.47 8.20
C ALA B 26 -18.04 -3.89 8.30
N SER B 27 -18.86 -4.16 7.30
CA SER B 27 -20.23 -3.69 7.27
C SER B 27 -21.09 -4.46 8.28
N ARG B 28 -20.75 -5.72 8.51
CA ARG B 28 -21.49 -6.55 9.46
C ARG B 28 -21.06 -6.26 10.90
N SER B 29 -19.89 -5.67 11.06
CA SER B 29 -19.40 -5.29 12.37
C SER B 29 -19.85 -3.87 12.71
N GLY B 30 -19.61 -2.95 11.78
CA GLY B 30 -20.01 -1.58 11.98
C GLY B 30 -19.11 -0.87 12.97
N VAL B 31 -17.89 -1.36 13.10
CA VAL B 31 -16.91 -0.77 14.02
C VAL B 31 -16.08 0.30 13.30
N LEU B 32 -16.23 0.38 11.99
CA LEU B 32 -15.52 1.37 11.20
C LEU B 32 -16.46 2.51 10.82
N THR B 33 -15.88 3.69 10.66
CA THR B 33 -16.65 4.88 10.31
C THR B 33 -16.84 5.00 8.80
N ALA B 34 -17.51 6.05 8.37
CA ALA B 34 -17.78 6.27 6.95
C ALA B 34 -16.48 6.42 6.18
N ASP B 35 -15.53 7.14 6.77
CA ASP B 35 -14.21 7.35 6.17
C ASP B 35 -13.56 6.00 5.90
N GLN B 36 -13.55 5.16 6.93
CA GLN B 36 -12.90 3.86 6.87
C GLN B 36 -13.63 2.93 5.91
N MET B 37 -14.96 2.88 6.01
CA MET B 37 -15.76 1.99 5.16
C MET B 37 -15.64 2.38 3.69
N ASP B 38 -15.74 3.67 3.41
CA ASP B 38 -15.69 4.18 2.04
C ASP B 38 -14.34 3.94 1.40
N ASP B 39 -13.29 4.03 2.21
CA ASP B 39 -11.93 3.84 1.70
C ASP B 39 -11.69 2.36 1.40
N MET B 40 -12.22 1.49 2.24
CA MET B 40 -12.16 0.05 1.99
C MET B 40 -12.98 -0.30 0.75
N GLY B 41 -14.06 0.45 0.54
CA GLY B 41 -14.83 0.31 -0.67
C GLY B 41 -13.97 0.60 -1.91
N MET B 42 -13.14 1.62 -1.81
CA MET B 42 -12.21 1.96 -2.90
C MET B 42 -11.20 0.85 -3.10
N MET B 43 -10.81 0.21 -2.01
CA MET B 43 -9.90 -0.92 -2.07
C MET B 43 -10.43 -1.99 -3.02
N ALA B 44 -11.69 -2.37 -2.81
CA ALA B 44 -12.34 -3.34 -3.67
C ALA B 44 -12.46 -2.84 -5.10
N ASP B 45 -12.79 -1.56 -5.23
CA ASP B 45 -12.92 -0.91 -6.54
C ASP B 45 -11.59 -0.92 -7.29
N SER B 46 -10.51 -0.65 -6.57
CA SER B 46 -9.17 -0.65 -7.15
C SER B 46 -8.86 -2.00 -7.79
N VAL B 47 -9.07 -3.07 -7.03
CA VAL B 47 -8.81 -4.42 -7.54
C VAL B 47 -9.66 -4.72 -8.77
N ASN B 48 -10.93 -4.31 -8.71
CA ASN B 48 -11.87 -4.54 -9.80
C ASN B 48 -11.50 -3.74 -11.05
N SER B 49 -11.29 -2.44 -10.87
CA SER B 49 -11.10 -1.53 -11.99
C SER B 49 -9.79 -1.77 -12.73
N GLN B 50 -8.81 -2.33 -12.05
CA GLN B 50 -7.54 -2.64 -12.70
C GLN B 50 -7.60 -4.01 -13.36
N MET B 51 -8.35 -4.93 -12.77
CA MET B 51 -8.52 -6.25 -13.36
C MET B 51 -9.34 -6.18 -14.63
N GLN B 52 -10.37 -5.34 -14.64
CA GLN B 52 -11.21 -5.18 -15.83
C GLN B 52 -10.40 -4.55 -16.97
N LYS B 53 -9.38 -3.79 -16.61
CA LYS B 53 -8.54 -3.13 -17.60
C LYS B 53 -7.42 -4.06 -18.09
N MET B 54 -7.21 -5.17 -17.38
CA MET B 54 -6.19 -6.13 -17.79
C MET B 54 -6.81 -7.37 -18.42
N GLY B 55 -7.91 -7.83 -17.86
CA GLY B 55 -8.63 -8.95 -18.43
C GLY B 55 -8.11 -10.29 -17.92
N PRO B 56 -8.36 -11.38 -18.67
CA PRO B 56 -7.92 -12.72 -18.29
C PRO B 56 -6.41 -12.89 -18.35
N ASN B 57 -5.88 -13.62 -17.39
CA ASN B 57 -4.43 -13.85 -17.26
C ASN B 57 -3.65 -12.54 -17.32
N PRO B 58 -3.66 -11.76 -16.24
CA PRO B 58 -2.93 -10.51 -16.16
C PRO B 58 -1.47 -10.72 -15.78
N PRO B 59 -0.66 -9.65 -15.83
CA PRO B 59 0.73 -9.71 -15.39
C PRO B 59 0.83 -10.02 -13.90
N GLN B 60 1.47 -11.13 -13.58
CA GLN B 60 1.57 -11.60 -12.20
C GLN B 60 2.23 -10.55 -11.30
N HIS B 61 3.09 -9.72 -11.89
CA HIS B 61 3.79 -8.71 -11.12
C HIS B 61 2.85 -7.59 -10.69
N ARG B 62 1.85 -7.29 -11.50
CA ARG B 62 0.89 -6.25 -11.14
C ARG B 62 -0.03 -6.78 -10.05
N LEU B 63 -0.11 -8.10 -9.95
CA LEU B 63 -0.79 -8.75 -8.85
C LEU B 63 0.05 -8.64 -7.58
N ARG B 64 1.39 -8.66 -7.75
CA ARG B 64 2.32 -8.41 -6.64
C ARG B 64 1.95 -7.12 -5.95
N ALA B 65 1.88 -6.06 -6.75
CA ALA B 65 1.56 -4.72 -6.24
C ALA B 65 0.20 -4.69 -5.57
N MET B 66 -0.80 -5.30 -6.19
CA MET B 66 -2.16 -5.29 -5.66
C MET B 66 -2.21 -5.90 -4.26
N ASN B 67 -1.34 -6.88 -4.03
CA ASN B 67 -1.21 -7.53 -2.71
C ASN B 67 -0.99 -6.48 -1.62
N THR B 68 0.04 -5.67 -1.80
CA THR B 68 0.39 -4.66 -0.82
C THR B 68 -0.58 -3.49 -0.85
N ALA B 69 -1.11 -3.18 -2.04
CA ALA B 69 -2.07 -2.10 -2.19
C ALA B 69 -3.30 -2.33 -1.30
N MET B 70 -3.91 -3.51 -1.46
CA MET B 70 -5.08 -3.87 -0.69
C MET B 70 -4.78 -3.88 0.80
N ALA B 71 -3.66 -4.48 1.16
CA ALA B 71 -3.24 -4.58 2.55
C ALA B 71 -3.04 -3.20 3.17
N ALA B 72 -2.40 -2.32 2.41
CA ALA B 72 -2.11 -0.97 2.89
C ALA B 72 -3.39 -0.17 3.12
N GLU B 73 -4.37 -0.36 2.25
CA GLU B 73 -5.65 0.32 2.37
C GLU B 73 -6.38 -0.09 3.65
N VAL B 74 -6.30 -1.38 3.99
CA VAL B 74 -6.89 -1.86 5.23
C VAL B 74 -6.16 -1.26 6.43
N ALA B 75 -4.85 -1.20 6.36
CA ALA B 75 -4.05 -0.62 7.42
C ALA B 75 -4.37 0.87 7.57
N GLU B 76 -4.56 1.52 6.43
CA GLU B 76 -4.92 2.94 6.39
C GLU B 76 -6.16 3.19 7.24
N VAL B 77 -7.22 2.45 6.94
CA VAL B 77 -8.50 2.67 7.60
C VAL B 77 -8.47 2.30 9.07
N VAL B 78 -7.71 1.26 9.44
CA VAL B 78 -7.61 0.86 10.83
C VAL B 78 -6.80 1.90 11.62
N ALA B 79 -5.78 2.43 10.99
CA ALA B 79 -4.90 3.40 11.64
C ALA B 79 -5.59 4.74 11.80
N THR B 80 -6.41 5.11 10.82
CA THR B 80 -7.17 6.34 10.91
C THR B 80 -8.48 6.09 11.66
N SER B 81 -8.37 6.03 12.97
CA SER B 81 -9.51 5.87 13.84
C SER B 81 -9.22 6.57 15.17
N PRO B 82 -10.25 6.85 15.98
CA PRO B 82 -10.05 7.41 17.30
C PRO B 82 -9.29 6.43 18.19
N PRO B 83 -8.34 6.93 19.00
CA PRO B 83 -7.49 6.10 19.85
C PRO B 83 -8.24 5.01 20.60
N GLN B 84 -9.45 5.36 21.04
CA GLN B 84 -10.29 4.45 21.77
C GLN B 84 -10.75 3.30 20.88
N SER B 85 -11.28 3.63 19.72
CA SER B 85 -11.89 2.66 18.84
C SER B 85 -10.87 1.93 17.98
N TYR B 86 -9.63 2.41 18.00
CA TYR B 86 -8.54 1.83 17.20
C TYR B 86 -8.45 0.31 17.42
N SER B 87 -8.34 -0.08 18.68
CA SER B 87 -8.18 -1.49 19.05
C SER B 87 -9.38 -2.31 18.56
N ALA B 88 -10.57 -1.75 18.69
CA ALA B 88 -11.79 -2.43 18.26
C ALA B 88 -11.77 -2.67 16.75
N VAL B 89 -11.39 -1.64 16.00
CA VAL B 89 -11.29 -1.75 14.55
C VAL B 89 -10.20 -2.75 14.15
N LEU B 90 -9.04 -2.62 14.80
CA LEU B 90 -7.89 -3.49 14.51
C LEU B 90 -8.26 -4.96 14.75
N ASN B 91 -8.83 -5.24 15.90
CA ASN B 91 -9.22 -6.59 16.27
C ASN B 91 -10.25 -7.15 15.29
N THR B 92 -11.17 -6.30 14.86
CA THR B 92 -12.20 -6.70 13.92
C THR B 92 -11.59 -7.09 12.59
N ILE B 93 -10.83 -6.18 11.99
CA ILE B 93 -10.21 -6.43 10.70
C ILE B 93 -9.29 -7.64 10.76
N GLY B 94 -8.51 -7.76 11.83
CA GLY B 94 -7.62 -8.90 11.97
C GLY B 94 -8.36 -10.22 11.86
N ALA B 95 -9.54 -10.28 12.47
CA ALA B 95 -10.37 -11.46 12.38
C ALA B 95 -11.01 -11.57 11.00
N CYS B 96 -11.42 -10.43 10.46
CA CYS B 96 -12.07 -10.39 9.14
C CYS B 96 -11.16 -10.95 8.05
N LEU B 97 -9.85 -10.72 8.19
CA LEU B 97 -8.90 -11.25 7.21
C LEU B 97 -8.86 -12.78 7.24
N ARG B 98 -8.84 -13.34 8.44
CA ARG B 98 -8.89 -14.79 8.61
C ARG B 98 -10.18 -15.35 8.01
N GLU B 99 -11.27 -14.63 8.23
CA GLU B 99 -12.58 -15.00 7.69
C GLU B 99 -12.58 -14.97 6.17
N SER B 100 -12.20 -13.84 5.60
CA SER B 100 -12.26 -13.62 4.17
C SER B 100 -11.47 -14.66 3.39
N MET B 101 -10.28 -15.00 3.88
CA MET B 101 -9.45 -16.01 3.22
C MET B 101 -10.15 -17.36 3.21
N MET B 102 -10.82 -17.67 4.31
CA MET B 102 -11.52 -18.96 4.44
C MET B 102 -12.70 -19.04 3.48
N GLN B 103 -13.36 -17.91 3.28
CA GLN B 103 -14.53 -17.86 2.40
C GLN B 103 -14.11 -17.75 0.94
N ALA B 104 -13.02 -17.04 0.70
CA ALA B 104 -12.54 -16.79 -0.66
C ALA B 104 -11.94 -18.05 -1.27
N THR B 105 -10.98 -18.64 -0.59
CA THR B 105 -10.30 -19.80 -1.12
C THR B 105 -10.72 -21.07 -0.36
N GLY B 106 -10.68 -20.99 0.96
CA GLY B 106 -10.97 -22.13 1.79
C GLY B 106 -9.91 -22.30 2.85
N SER B 107 -8.74 -21.72 2.58
CA SER B 107 -7.62 -21.78 3.49
C SER B 107 -7.22 -20.36 3.88
N VAL B 108 -6.89 -20.16 5.15
CA VAL B 108 -6.54 -18.83 5.61
C VAL B 108 -5.05 -18.56 5.49
N ASP B 109 -4.70 -17.71 4.53
CA ASP B 109 -3.31 -17.29 4.34
C ASP B 109 -2.89 -16.36 5.47
N ASN B 110 -1.75 -16.66 6.07
CA ASN B 110 -1.26 -15.88 7.19
C ASN B 110 -0.34 -14.78 6.69
N ALA B 111 0.15 -14.91 5.46
CA ALA B 111 1.08 -13.93 4.91
C ALA B 111 0.41 -12.57 4.76
N PHE B 112 -0.74 -12.56 4.10
CA PHE B 112 -1.47 -11.32 3.87
C PHE B 112 -2.03 -10.79 5.19
N THR B 113 -2.63 -11.68 5.96
CA THR B 113 -3.19 -11.33 7.26
C THR B 113 -2.12 -10.71 8.17
N ASN B 114 -0.92 -11.25 8.16
CA ASN B 114 0.17 -10.70 8.98
C ASN B 114 0.65 -9.37 8.40
N GLU B 115 0.75 -9.31 7.07
CA GLU B 115 1.22 -8.13 6.37
C GLU B 115 0.44 -6.89 6.79
N VAL B 116 -0.88 -7.02 6.86
CA VAL B 116 -1.74 -5.91 7.25
C VAL B 116 -1.50 -5.52 8.71
N MET B 117 -1.25 -6.52 9.55
CA MET B 117 -1.01 -6.28 10.97
C MET B 117 0.26 -5.47 11.16
N GLN B 118 1.27 -5.80 10.37
CA GLN B 118 2.54 -5.08 10.42
C GLN B 118 2.36 -3.66 9.90
N LEU B 119 1.63 -3.54 8.80
CA LEU B 119 1.37 -2.25 8.16
C LEU B 119 0.70 -1.29 9.14
N VAL B 120 -0.36 -1.73 9.78
CA VAL B 120 -1.14 -0.85 10.62
C VAL B 120 -0.35 -0.43 11.87
N LYS B 121 0.45 -1.33 12.41
CA LYS B 121 1.29 -1.03 13.57
C LYS B 121 2.37 -0.02 13.21
N MET B 122 2.94 -0.19 12.02
CA MET B 122 3.97 0.70 11.52
C MET B 122 3.42 2.10 11.27
N LEU B 123 2.23 2.17 10.66
CA LEU B 123 1.62 3.46 10.35
C LEU B 123 1.06 4.12 11.59
N SER B 124 1.00 3.36 12.68
CA SER B 124 0.53 3.89 13.95
C SER B 124 1.70 4.45 14.75
N ALA B 125 2.90 4.38 14.18
CA ALA B 125 4.09 4.87 14.85
C ALA B 125 4.99 5.64 13.88
N ASP B 126 4.78 6.95 13.82
CA ASP B 126 5.62 7.80 13.02
C ASP B 126 6.85 8.19 13.84
N SER B 127 8.00 8.18 13.19
CA SER B 127 9.24 8.50 13.86
C SER B 127 9.29 9.97 14.27
N ALA B 128 8.95 10.24 15.52
CA ALA B 128 9.03 11.59 16.07
C ALA B 128 10.40 11.81 16.72
N ASN B 129 11.27 10.82 16.56
CA ASN B 129 12.64 10.91 17.02
C ASN B 129 13.37 11.97 16.20
N GLU B 130 13.70 13.07 16.83
CA GLU B 130 14.25 14.22 16.13
C GLU B 130 15.69 13.96 15.71
N VAL B 131 15.89 13.86 14.41
CA VAL B 131 17.21 13.70 13.84
C VAL B 131 17.85 15.07 13.63
N SER B 132 17.03 16.11 13.74
CA SER B 132 17.50 17.48 13.65
C SER B 132 17.75 18.05 15.04
N THR B 133 19.01 18.17 15.41
CA THR B 133 19.37 18.65 16.73
C THR B 133 19.78 20.13 16.66
N GLY A 1 -4.18 24.51 5.42
CA GLY A 1 -4.18 25.97 5.14
C GLY A 1 -3.26 26.72 6.08
N SER A 2 -3.84 27.39 7.06
CA SER A 2 -3.05 28.14 8.04
C SER A 2 -2.60 27.21 9.17
N GLY A 3 -1.65 26.34 8.85
CA GLY A 3 -1.16 25.40 9.84
C GLY A 3 0.35 25.40 9.92
N ASN A 4 0.92 24.48 10.68
CA ASN A 4 2.35 24.41 10.85
C ASN A 4 2.94 23.35 9.93
N SER A 5 2.35 22.16 9.98
CA SER A 5 2.86 21.03 9.24
C SER A 5 1.78 20.35 8.39
N GLN A 6 1.99 20.32 7.09
CA GLN A 6 1.11 19.61 6.19
C GLN A 6 1.88 19.20 4.93
N PRO A 7 1.79 17.91 4.56
CA PRO A 7 2.49 17.37 3.39
C PRO A 7 1.88 17.86 2.08
N ILE A 8 2.47 17.45 0.97
CA ILE A 8 1.99 17.87 -0.35
C ILE A 8 0.75 17.09 -0.74
N TRP A 9 0.43 16.07 0.03
CA TRP A 9 -0.74 15.25 -0.23
C TRP A 9 -2.02 15.99 0.13
N THR A 10 -2.48 16.76 -0.82
CA THR A 10 -3.71 17.52 -0.71
C THR A 10 -4.12 17.96 -2.11
N ASN A 11 -3.11 18.13 -2.96
CA ASN A 11 -3.32 18.38 -4.38
C ASN A 11 -2.88 17.14 -5.17
N PRO A 12 -3.85 16.46 -5.78
CA PRO A 12 -3.61 15.15 -6.41
C PRO A 12 -2.65 15.22 -7.60
N ASN A 13 -2.80 16.26 -8.41
CA ASN A 13 -1.93 16.44 -9.58
C ASN A 13 -0.49 16.68 -9.15
N ALA A 14 -0.32 17.40 -8.04
CA ALA A 14 1.00 17.70 -7.51
C ALA A 14 1.68 16.43 -7.00
N ALA A 15 0.92 15.62 -6.27
CA ALA A 15 1.43 14.36 -5.76
C ALA A 15 1.74 13.39 -6.91
N MET A 16 0.88 13.40 -7.92
CA MET A 16 1.07 12.55 -9.10
C MET A 16 2.35 12.94 -9.84
N THR A 17 2.73 14.21 -9.74
CA THR A 17 3.97 14.68 -10.34
C THR A 17 5.16 13.98 -9.70
N MET A 18 5.07 13.78 -8.39
CA MET A 18 6.12 13.08 -7.64
C MET A 18 6.18 11.63 -8.10
N THR A 19 5.01 11.04 -8.34
CA THR A 19 4.90 9.67 -8.84
C THR A 19 5.58 9.52 -10.20
N ASN A 20 5.37 10.52 -11.05
CA ASN A 20 5.92 10.51 -12.40
C ASN A 20 7.44 10.73 -12.37
N ASN A 21 7.88 11.66 -11.53
CA ASN A 21 9.31 11.97 -11.41
C ASN A 21 10.10 10.76 -10.94
N LEU A 22 9.48 9.93 -10.11
CA LEU A 22 10.11 8.69 -9.65
C LEU A 22 10.42 7.78 -10.83
N VAL A 23 9.49 7.72 -11.77
CA VAL A 23 9.66 6.88 -12.95
C VAL A 23 10.76 7.43 -13.84
N GLN A 24 10.86 8.75 -13.90
CA GLN A 24 11.88 9.42 -14.72
C GLN A 24 13.28 9.02 -14.28
N CYS A 25 13.57 9.15 -12.99
CA CYS A 25 14.90 8.85 -12.48
C CYS A 25 15.16 7.35 -12.45
N ALA A 26 14.15 6.57 -12.09
CA ALA A 26 14.26 5.12 -12.09
C ALA A 26 14.60 4.58 -13.48
N SER A 27 13.96 5.15 -14.49
CA SER A 27 14.14 4.68 -15.86
C SER A 27 15.53 5.01 -16.39
N ARG A 28 16.21 5.97 -15.78
CA ARG A 28 17.52 6.37 -16.24
C ARG A 28 18.63 5.88 -15.30
N SER A 29 18.26 5.27 -14.18
CA SER A 29 19.24 4.72 -13.27
C SER A 29 19.60 3.30 -13.72
N GLY A 30 18.58 2.51 -14.04
CA GLY A 30 18.81 1.17 -14.54
C GLY A 30 19.07 0.17 -13.42
N VAL A 31 18.96 0.63 -12.18
CA VAL A 31 19.21 -0.23 -11.04
C VAL A 31 18.03 -1.19 -10.82
N LEU A 32 16.88 -0.83 -11.38
CA LEU A 32 15.69 -1.66 -11.27
C LEU A 32 15.54 -2.51 -12.52
N THR A 33 14.77 -3.58 -12.41
CA THR A 33 14.51 -4.46 -13.55
C THR A 33 13.23 -4.03 -14.26
N ALA A 34 12.91 -4.70 -15.36
CA ALA A 34 11.74 -4.36 -16.16
C ALA A 34 10.46 -4.58 -15.38
N ASP A 35 10.40 -5.67 -14.62
CA ASP A 35 9.23 -5.98 -13.80
C ASP A 35 9.01 -4.88 -12.76
N GLN A 36 10.11 -4.42 -12.17
CA GLN A 36 10.07 -3.35 -11.20
C GLN A 36 9.65 -2.04 -11.87
N MET A 37 10.28 -1.72 -12.99
CA MET A 37 10.00 -0.49 -13.73
C MET A 37 8.56 -0.45 -14.22
N ASP A 38 8.09 -1.57 -14.74
CA ASP A 38 6.74 -1.66 -15.27
C ASP A 38 5.71 -1.48 -14.17
N ASP A 39 6.02 -2.02 -12.99
CA ASP A 39 5.11 -1.91 -11.85
C ASP A 39 5.09 -0.48 -11.32
N MET A 40 6.23 0.21 -11.40
CA MET A 40 6.29 1.63 -11.06
C MET A 40 5.48 2.43 -12.07
N GLY A 41 5.52 2.00 -13.32
CA GLY A 41 4.66 2.59 -14.33
C GLY A 41 3.20 2.36 -14.01
N MET A 42 2.91 1.18 -13.46
CA MET A 42 1.56 0.87 -13.00
C MET A 42 1.15 1.82 -11.89
N MET A 43 2.08 2.07 -10.98
CA MET A 43 1.83 2.96 -9.86
C MET A 43 1.35 4.33 -10.34
N ALA A 44 2.04 4.86 -11.33
CA ALA A 44 1.64 6.14 -11.91
C ALA A 44 0.27 6.03 -12.56
N ASP A 45 0.02 4.89 -13.20
CA ASP A 45 -1.24 4.63 -13.88
C ASP A 45 -2.41 4.50 -12.90
N SER A 46 -2.19 3.82 -11.79
CA SER A 46 -3.24 3.62 -10.80
C SER A 46 -3.68 4.96 -10.20
N VAL A 47 -2.72 5.80 -9.85
CA VAL A 47 -3.04 7.14 -9.36
C VAL A 47 -3.70 7.97 -10.46
N ASN A 48 -3.15 7.84 -11.67
CA ASN A 48 -3.63 8.57 -12.83
C ASN A 48 -5.09 8.24 -13.14
N SER A 49 -5.36 6.95 -13.27
CA SER A 49 -6.67 6.47 -13.67
C SER A 49 -7.74 6.91 -12.69
N GLN A 50 -7.48 6.78 -11.40
CA GLN A 50 -8.45 7.12 -10.37
C GLN A 50 -8.80 8.60 -10.43
N MET A 51 -7.84 9.42 -10.81
CA MET A 51 -8.07 10.86 -10.97
C MET A 51 -8.90 11.15 -12.21
N GLN A 52 -8.82 10.26 -13.19
CA GLN A 52 -9.59 10.41 -14.42
C GLN A 52 -11.00 9.87 -14.22
N LYS A 53 -11.14 8.94 -13.29
CA LYS A 53 -12.45 8.42 -12.92
C LYS A 53 -13.19 9.45 -12.08
N MET A 54 -12.44 10.37 -11.50
CA MET A 54 -12.99 11.45 -10.69
C MET A 54 -12.88 12.78 -11.42
N GLY A 55 -13.14 13.85 -10.70
CA GLY A 55 -12.99 15.19 -11.25
C GLY A 55 -12.42 16.15 -10.23
N PRO A 56 -12.79 17.43 -10.31
CA PRO A 56 -12.33 18.44 -9.35
C PRO A 56 -12.88 18.19 -7.96
N ASN A 57 -12.02 18.32 -6.95
CA ASN A 57 -12.37 18.09 -5.55
C ASN A 57 -12.77 16.62 -5.33
N PRO A 58 -11.77 15.76 -5.08
CA PRO A 58 -11.98 14.35 -4.82
C PRO A 58 -12.28 14.06 -3.35
N PRO A 59 -12.80 12.86 -3.04
CA PRO A 59 -13.09 12.46 -1.67
C PRO A 59 -11.82 12.26 -0.84
N GLN A 60 -11.86 12.70 0.40
CA GLN A 60 -10.71 12.62 1.30
C GLN A 60 -10.29 11.17 1.54
N HIS A 61 -11.24 10.25 1.39
CA HIS A 61 -10.95 8.82 1.53
C HIS A 61 -9.82 8.42 0.59
N ARG A 62 -10.03 8.65 -0.70
CA ARG A 62 -9.07 8.26 -1.72
C ARG A 62 -7.76 9.01 -1.55
N LEU A 63 -7.83 10.28 -1.16
CA LEU A 63 -6.63 11.08 -0.96
C LEU A 63 -5.73 10.46 0.12
N ARG A 64 -6.32 10.20 1.29
CA ARG A 64 -5.55 9.65 2.40
C ARG A 64 -5.05 8.24 2.07
N ALA A 65 -5.84 7.50 1.29
CA ALA A 65 -5.50 6.13 0.94
C ALA A 65 -4.38 6.08 -0.08
N MET A 66 -4.48 6.90 -1.12
CA MET A 66 -3.48 6.90 -2.18
C MET A 66 -2.14 7.38 -1.66
N ASN A 67 -2.16 8.17 -0.58
CA ASN A 67 -0.95 8.58 0.11
C ASN A 67 -0.10 7.36 0.46
N THR A 68 -0.69 6.42 1.19
CA THR A 68 0.02 5.21 1.60
C THR A 68 0.13 4.23 0.43
N ALA A 69 -0.89 4.19 -0.42
CA ALA A 69 -0.91 3.29 -1.56
C ALA A 69 0.29 3.51 -2.47
N MET A 70 0.52 4.76 -2.87
CA MET A 70 1.64 5.11 -3.74
C MET A 70 2.97 4.71 -3.09
N ALA A 71 3.08 4.97 -1.79
CA ALA A 71 4.29 4.67 -1.06
C ALA A 71 4.58 3.17 -1.05
N ALA A 72 3.54 2.37 -0.84
CA ALA A 72 3.67 0.93 -0.82
C ALA A 72 4.02 0.40 -2.21
N GLU A 73 3.51 1.06 -3.24
CA GLU A 73 3.77 0.66 -4.63
C GLU A 73 5.25 0.84 -4.97
N VAL A 74 5.92 1.76 -4.29
CA VAL A 74 7.36 1.92 -4.46
C VAL A 74 8.11 0.88 -3.63
N ALA A 75 7.66 0.70 -2.40
CA ALA A 75 8.30 -0.23 -1.46
C ALA A 75 8.31 -1.65 -2.00
N GLU A 76 7.18 -2.08 -2.56
CA GLU A 76 7.08 -3.42 -3.13
C GLU A 76 8.09 -3.61 -4.26
N VAL A 77 8.28 -2.56 -5.05
CA VAL A 77 9.19 -2.59 -6.17
C VAL A 77 10.64 -2.71 -5.68
N VAL A 78 10.98 -1.95 -4.66
CA VAL A 78 12.33 -1.97 -4.10
C VAL A 78 12.62 -3.31 -3.42
N ALA A 79 11.64 -3.81 -2.67
CA ALA A 79 11.80 -5.06 -1.93
C ALA A 79 11.95 -6.25 -2.89
N THR A 80 11.32 -6.16 -4.04
CA THR A 80 11.41 -7.22 -5.03
C THR A 80 12.66 -7.04 -5.91
N SER A 81 13.80 -7.38 -5.35
CA SER A 81 15.07 -7.25 -6.04
C SER A 81 16.06 -8.27 -5.46
N PRO A 82 17.21 -8.48 -6.14
CA PRO A 82 18.27 -9.35 -5.61
C PRO A 82 18.81 -8.82 -4.29
N PRO A 83 19.19 -9.71 -3.36
CA PRO A 83 19.55 -9.33 -2.00
C PRO A 83 20.85 -8.53 -1.96
N GLN A 84 21.62 -8.62 -3.04
CA GLN A 84 22.88 -7.88 -3.12
C GLN A 84 22.67 -6.54 -3.82
N SER A 85 21.43 -6.30 -4.24
CA SER A 85 21.10 -5.08 -4.95
C SER A 85 19.99 -4.32 -4.23
N TYR A 86 19.51 -4.90 -3.12
CA TYR A 86 18.42 -4.30 -2.35
C TYR A 86 18.77 -2.90 -1.88
N SER A 87 19.96 -2.74 -1.32
CA SER A 87 20.40 -1.45 -0.82
C SER A 87 20.59 -0.47 -1.98
N ALA A 88 21.05 -0.98 -3.12
CA ALA A 88 21.26 -0.16 -4.30
C ALA A 88 19.95 0.41 -4.81
N VAL A 89 18.95 -0.45 -4.96
CA VAL A 89 17.63 -0.04 -5.43
C VAL A 89 16.98 0.89 -4.41
N LEU A 90 17.06 0.51 -3.13
CA LEU A 90 16.47 1.28 -2.04
C LEU A 90 17.01 2.70 -2.02
N ASN A 91 18.34 2.82 -2.03
CA ASN A 91 18.99 4.11 -1.99
C ASN A 91 18.60 4.98 -3.17
N THR A 92 18.56 4.37 -4.36
CA THR A 92 18.21 5.09 -5.58
C THR A 92 16.81 5.70 -5.45
N ILE A 93 15.87 4.92 -4.97
CA ILE A 93 14.51 5.41 -4.75
C ILE A 93 14.47 6.44 -3.63
N GLY A 94 15.17 6.17 -2.54
CA GLY A 94 15.20 7.11 -1.42
C GLY A 94 15.72 8.47 -1.83
N ALA A 95 16.76 8.48 -2.67
CA ALA A 95 17.28 9.71 -3.21
C ALA A 95 16.26 10.34 -4.15
N CYS A 96 15.69 9.52 -5.02
CA CYS A 96 14.66 9.98 -5.95
C CYS A 96 13.50 10.64 -5.23
N LEU A 97 13.03 10.01 -4.16
CA LEU A 97 11.92 10.56 -3.36
C LEU A 97 12.16 12.02 -3.00
N ARG A 98 13.35 12.29 -2.47
CA ARG A 98 13.71 13.64 -2.05
C ARG A 98 13.77 14.59 -3.25
N GLU A 99 14.47 14.17 -4.30
CA GLU A 99 14.63 14.98 -5.51
C GLU A 99 13.28 15.22 -6.18
N SER A 100 12.51 14.15 -6.35
CA SER A 100 11.21 14.21 -6.97
C SER A 100 10.29 15.20 -6.26
N MET A 101 10.26 15.14 -4.94
CA MET A 101 9.46 16.05 -4.15
C MET A 101 9.87 17.49 -4.40
N MET A 102 11.17 17.74 -4.31
CA MET A 102 11.71 19.10 -4.43
C MET A 102 11.44 19.67 -5.82
N GLN A 103 11.55 18.83 -6.84
CA GLN A 103 11.39 19.29 -8.20
C GLN A 103 9.92 19.33 -8.62
N ALA A 104 9.05 18.77 -7.78
CA ALA A 104 7.63 18.75 -8.07
C ALA A 104 6.89 19.87 -7.34
N THR A 105 7.16 20.01 -6.05
CA THR A 105 6.42 20.95 -5.22
C THR A 105 7.30 22.13 -4.79
N GLY A 106 8.61 21.97 -4.94
CA GLY A 106 9.54 22.99 -4.51
C GLY A 106 10.04 22.74 -3.10
N SER A 107 9.58 21.63 -2.51
CA SER A 107 9.97 21.26 -1.16
C SER A 107 9.96 19.74 -1.02
N VAL A 108 10.67 19.20 -0.04
CA VAL A 108 10.71 17.76 0.13
C VAL A 108 9.90 17.34 1.37
N ASP A 109 8.84 16.58 1.12
CA ASP A 109 8.03 16.03 2.19
C ASP A 109 8.73 14.81 2.80
N ASN A 110 8.77 14.76 4.11
CA ASN A 110 9.43 13.69 4.81
C ASN A 110 8.45 12.59 5.17
N ALA A 111 7.16 12.93 5.25
CA ALA A 111 6.15 11.96 5.65
C ALA A 111 6.06 10.82 4.65
N PHE A 112 5.91 11.16 3.38
CA PHE A 112 5.83 10.17 2.33
C PHE A 112 7.16 9.45 2.15
N THR A 113 8.23 10.25 2.04
CA THR A 113 9.56 9.71 1.81
C THR A 113 9.96 8.72 2.91
N ASN A 114 9.67 9.05 4.16
CA ASN A 114 10.02 8.20 5.30
C ASN A 114 9.16 6.94 5.31
N GLU A 115 7.88 7.10 5.00
CA GLU A 115 6.94 5.99 5.00
C GLU A 115 7.38 4.90 4.03
N VAL A 116 7.83 5.31 2.85
CA VAL A 116 8.32 4.37 1.85
C VAL A 116 9.50 3.57 2.39
N MET A 117 10.37 4.25 3.14
CA MET A 117 11.56 3.62 3.68
C MET A 117 11.18 2.57 4.71
N GLN A 118 10.22 2.91 5.55
CA GLN A 118 9.75 2.01 6.59
C GLN A 118 9.06 0.80 5.97
N LEU A 119 8.22 1.07 4.98
CA LEU A 119 7.46 0.03 4.28
C LEU A 119 8.39 -1.02 3.69
N VAL A 120 9.41 -0.58 2.97
CA VAL A 120 10.30 -1.49 2.26
C VAL A 120 11.19 -2.28 3.24
N LYS A 121 11.55 -1.66 4.35
CA LYS A 121 12.35 -2.33 5.37
C LYS A 121 11.52 -3.38 6.08
N MET A 122 10.24 -3.07 6.31
CA MET A 122 9.32 -4.00 6.94
C MET A 122 9.07 -5.21 6.06
N LEU A 123 8.95 -4.98 4.76
CA LEU A 123 8.71 -6.06 3.81
C LEU A 123 9.96 -6.92 3.63
N SER A 124 11.09 -6.39 4.07
CA SER A 124 12.36 -7.11 3.98
C SER A 124 12.64 -7.82 5.31
N ALA A 125 11.60 -7.96 6.13
CA ALA A 125 11.71 -8.66 7.40
C ALA A 125 11.10 -10.05 7.28
N ASP A 126 11.24 -10.63 6.12
CA ASP A 126 10.67 -11.92 5.82
C ASP A 126 11.22 -13.00 6.75
N SER A 127 10.34 -13.85 7.24
CA SER A 127 10.74 -15.02 8.00
C SER A 127 11.11 -16.15 7.03
N ALA A 128 12.40 -16.45 6.94
CA ALA A 128 12.91 -17.44 5.99
C ALA A 128 12.77 -18.87 6.52
N ASN A 129 11.82 -19.06 7.43
CA ASN A 129 11.57 -20.36 8.02
C ASN A 129 10.39 -21.02 7.33
N GLU A 130 10.58 -22.23 6.84
CA GLU A 130 9.51 -22.94 6.15
C GLU A 130 8.46 -23.42 7.14
N VAL A 131 7.25 -22.90 7.00
CA VAL A 131 6.16 -23.23 7.92
C VAL A 131 5.41 -24.48 7.45
N SER A 132 5.88 -25.05 6.36
CA SER A 132 5.31 -26.27 5.82
C SER A 132 6.41 -27.09 5.14
N THR A 133 6.05 -28.23 4.58
CA THR A 133 7.01 -29.07 3.88
C THR A 133 6.83 -28.94 2.36
N GLY B 1 -1.04 -24.08 -7.84
CA GLY B 1 -0.58 -23.68 -6.53
C GLY B 1 0.21 -24.76 -5.84
N SER B 2 1.46 -24.93 -6.26
CA SER B 2 2.32 -25.94 -5.68
C SER B 2 3.56 -25.31 -5.06
N GLY B 3 4.14 -25.98 -4.08
CA GLY B 3 5.32 -25.47 -3.42
C GLY B 3 5.23 -25.65 -1.92
N ASN B 4 6.10 -24.96 -1.18
CA ASN B 4 6.08 -25.03 0.28
C ASN B 4 4.79 -24.39 0.80
N SER B 5 4.42 -23.29 0.18
CA SER B 5 3.16 -22.62 0.45
C SER B 5 2.75 -21.81 -0.77
N GLN B 6 1.46 -21.76 -1.05
CA GLN B 6 0.98 -21.04 -2.22
C GLN B 6 0.05 -19.90 -1.82
N PRO B 7 0.35 -18.68 -2.28
CA PRO B 7 -0.49 -17.51 -2.05
C PRO B 7 -1.78 -17.57 -2.86
N ILE B 8 -2.86 -17.06 -2.29
CA ILE B 8 -4.17 -17.12 -2.94
C ILE B 8 -4.28 -16.10 -4.07
N TRP B 9 -3.29 -15.21 -4.16
CA TRP B 9 -3.30 -14.13 -5.14
C TRP B 9 -2.92 -14.62 -6.54
N THR B 10 -3.12 -15.91 -6.77
CA THR B 10 -2.95 -16.47 -8.10
C THR B 10 -4.27 -16.32 -8.88
N ASN B 11 -5.29 -15.84 -8.19
CA ASN B 11 -6.58 -15.55 -8.80
C ASN B 11 -7.10 -14.21 -8.31
N PRO B 12 -7.23 -13.24 -9.22
CA PRO B 12 -7.58 -11.87 -8.88
C PRO B 12 -9.02 -11.71 -8.38
N ASN B 13 -9.96 -12.38 -9.04
CA ASN B 13 -11.37 -12.27 -8.68
C ASN B 13 -11.61 -12.96 -7.33
N ALA B 14 -10.80 -13.97 -7.04
CA ALA B 14 -10.88 -14.66 -5.77
C ALA B 14 -10.41 -13.74 -4.64
N ALA B 15 -9.30 -13.05 -4.89
CA ALA B 15 -8.77 -12.10 -3.92
C ALA B 15 -9.75 -10.96 -3.68
N MET B 16 -10.44 -10.55 -4.74
CA MET B 16 -11.45 -9.49 -4.66
C MET B 16 -12.59 -9.89 -3.72
N THR B 17 -12.84 -11.19 -3.63
CA THR B 17 -13.87 -11.69 -2.75
C THR B 17 -13.45 -11.50 -1.29
N MET B 18 -12.14 -11.61 -1.04
CA MET B 18 -11.58 -11.38 0.29
C MET B 18 -11.74 -9.91 0.66
N THR B 19 -11.50 -9.03 -0.32
CA THR B 19 -11.66 -7.60 -0.13
C THR B 19 -13.11 -7.27 0.21
N ASN B 20 -14.03 -7.89 -0.50
CA ASN B 20 -15.47 -7.71 -0.26
C ASN B 20 -15.86 -8.26 1.11
N ASN B 21 -15.38 -9.45 1.41
CA ASN B 21 -15.72 -10.11 2.67
C ASN B 21 -15.16 -9.34 3.87
N LEU B 22 -14.10 -8.58 3.66
CA LEU B 22 -13.60 -7.69 4.69
C LEU B 22 -14.59 -6.57 4.96
N VAL B 23 -15.08 -5.98 3.88
CA VAL B 23 -16.06 -4.90 3.96
C VAL B 23 -17.33 -5.35 4.67
N GLN B 24 -17.88 -6.49 4.24
CA GLN B 24 -19.11 -7.01 4.83
C GLN B 24 -18.91 -7.34 6.31
N CYS B 25 -17.73 -7.83 6.64
CA CYS B 25 -17.42 -8.20 8.02
C CYS B 25 -17.28 -6.95 8.89
N ALA B 26 -16.65 -5.93 8.32
CA ALA B 26 -16.52 -4.64 8.99
C ALA B 26 -17.88 -3.97 9.14
N SER B 27 -18.71 -4.13 8.12
CA SER B 27 -20.03 -3.54 8.10
C SER B 27 -20.95 -4.15 9.18
N ARG B 28 -20.79 -5.45 9.41
CA ARG B 28 -21.65 -6.15 10.38
C ARG B 28 -21.02 -6.16 11.77
N SER B 29 -19.85 -5.56 11.92
CA SER B 29 -19.23 -5.46 13.24
C SER B 29 -19.56 -4.10 13.86
N GLY B 30 -19.47 -3.05 13.04
CA GLY B 30 -19.83 -1.72 13.50
C GLY B 30 -18.79 -1.13 14.43
N VAL B 31 -17.53 -1.50 14.22
CA VAL B 31 -16.44 -0.97 15.03
C VAL B 31 -15.67 0.11 14.26
N LEU B 32 -16.00 0.25 12.98
CA LEU B 32 -15.35 1.26 12.14
C LEU B 32 -16.33 2.39 11.83
N THR B 33 -15.79 3.57 11.57
CA THR B 33 -16.61 4.73 11.24
C THR B 33 -16.91 4.75 9.73
N ALA B 34 -17.73 5.70 9.30
CA ALA B 34 -18.10 5.80 7.90
C ALA B 34 -16.89 6.13 7.04
N ASP B 35 -15.97 6.91 7.59
CA ASP B 35 -14.73 7.25 6.89
C ASP B 35 -13.93 5.99 6.60
N GLN B 36 -13.83 5.14 7.60
CA GLN B 36 -13.11 3.89 7.49
C GLN B 36 -13.85 2.92 6.55
N MET B 37 -15.15 2.83 6.73
CA MET B 37 -15.98 1.91 5.93
C MET B 37 -15.94 2.26 4.45
N ASP B 38 -16.15 3.54 4.13
CA ASP B 38 -16.17 3.96 2.72
C ASP B 38 -14.78 3.88 2.12
N ASP B 39 -13.76 4.05 2.97
CA ASP B 39 -12.38 3.92 2.53
C ASP B 39 -12.11 2.47 2.11
N MET B 40 -12.61 1.52 2.91
CA MET B 40 -12.52 0.11 2.58
C MET B 40 -13.38 -0.21 1.35
N GLY B 41 -14.51 0.47 1.26
CA GLY B 41 -15.36 0.33 0.10
C GLY B 41 -14.66 0.75 -1.17
N MET B 42 -13.91 1.85 -1.07
CA MET B 42 -13.10 2.32 -2.19
C MET B 42 -12.05 1.29 -2.54
N MET B 43 -11.47 0.68 -1.51
CA MET B 43 -10.43 -0.32 -1.71
C MET B 43 -10.90 -1.46 -2.61
N ALA B 44 -12.09 -1.97 -2.32
CA ALA B 44 -12.66 -3.03 -3.15
C ALA B 44 -12.94 -2.52 -4.55
N ASP B 45 -13.38 -1.27 -4.62
CA ASP B 45 -13.71 -0.63 -5.90
C ASP B 45 -12.46 -0.43 -6.75
N SER B 46 -11.37 0.01 -6.14
CA SER B 46 -10.14 0.26 -6.87
C SER B 46 -9.56 -1.02 -7.47
N VAL B 47 -9.58 -2.10 -6.68
CA VAL B 47 -9.14 -3.41 -7.19
C VAL B 47 -10.02 -3.84 -8.35
N ASN B 48 -11.33 -3.70 -8.18
CA ASN B 48 -12.29 -4.14 -9.18
C ASN B 48 -12.23 -3.26 -10.44
N SER B 49 -11.96 -1.98 -10.24
CA SER B 49 -11.84 -1.04 -11.35
C SER B 49 -10.55 -1.27 -12.12
N GLN B 50 -9.56 -1.85 -11.47
CA GLN B 50 -8.32 -2.21 -12.15
C GLN B 50 -8.50 -3.50 -12.94
N MET B 51 -9.57 -4.23 -12.64
CA MET B 51 -9.94 -5.39 -13.43
C MET B 51 -10.66 -4.94 -14.70
N GLN B 52 -11.00 -3.66 -14.75
CA GLN B 52 -11.49 -3.04 -15.96
C GLN B 52 -10.30 -2.51 -16.75
N LYS B 53 -9.29 -2.06 -16.01
CA LYS B 53 -8.03 -1.62 -16.61
C LYS B 53 -7.27 -2.79 -17.23
N MET B 54 -7.30 -3.92 -16.54
CA MET B 54 -6.62 -5.12 -17.02
C MET B 54 -7.59 -6.02 -17.76
N GLY B 55 -7.19 -6.48 -18.94
CA GLY B 55 -8.05 -7.30 -19.76
C GLY B 55 -7.85 -8.78 -19.52
N PRO B 56 -7.44 -9.53 -20.55
CA PRO B 56 -7.27 -10.98 -20.47
C PRO B 56 -5.97 -11.39 -19.75
N ASN B 57 -6.12 -11.92 -18.55
CA ASN B 57 -4.99 -12.38 -17.73
C ASN B 57 -4.09 -11.22 -17.32
N PRO B 58 -4.37 -10.64 -16.15
CA PRO B 58 -3.64 -9.46 -15.65
C PRO B 58 -2.14 -9.71 -15.47
N PRO B 59 -1.37 -8.62 -15.46
CA PRO B 59 0.07 -8.67 -15.22
C PRO B 59 0.39 -9.18 -13.82
N GLN B 60 1.21 -10.22 -13.74
CA GLN B 60 1.57 -10.86 -12.48
C GLN B 60 2.08 -9.85 -11.45
N HIS B 61 2.88 -8.89 -11.88
CA HIS B 61 3.42 -7.90 -10.95
C HIS B 61 2.33 -7.01 -10.38
N ARG B 62 1.28 -6.74 -11.15
CA ARG B 62 0.21 -5.89 -10.64
C ARG B 62 -0.63 -6.68 -9.64
N LEU B 63 -0.63 -8.00 -9.78
CA LEU B 63 -1.32 -8.87 -8.83
C LEU B 63 -0.58 -8.90 -7.50
N ARG B 64 0.73 -9.16 -7.55
CA ARG B 64 1.54 -9.18 -6.34
C ARG B 64 1.68 -7.78 -5.75
N ALA B 65 1.49 -6.77 -6.58
CA ALA B 65 1.46 -5.38 -6.14
C ALA B 65 0.22 -5.12 -5.32
N MET B 66 -0.93 -5.49 -5.87
CA MET B 66 -2.21 -5.25 -5.21
C MET B 66 -2.32 -6.06 -3.92
N ASN B 67 -1.52 -7.11 -3.82
CA ASN B 67 -1.40 -7.86 -2.58
C ASN B 67 -0.97 -6.94 -1.43
N THR B 68 0.02 -6.11 -1.71
CA THR B 68 0.52 -5.16 -0.72
C THR B 68 -0.39 -3.93 -0.65
N ALA B 69 -0.89 -3.50 -1.81
CA ALA B 69 -1.76 -2.33 -1.87
C ALA B 69 -3.03 -2.52 -1.05
N MET B 70 -3.73 -3.63 -1.30
CA MET B 70 -4.95 -3.95 -0.57
C MET B 70 -4.68 -4.07 0.93
N ALA B 71 -3.58 -4.72 1.26
CA ALA B 71 -3.19 -4.92 2.65
C ALA B 71 -2.91 -3.58 3.33
N ALA B 72 -2.19 -2.71 2.62
CA ALA B 72 -1.85 -1.39 3.13
C ALA B 72 -3.09 -0.56 3.36
N GLU B 73 -4.06 -0.67 2.46
CA GLU B 73 -5.31 0.08 2.58
C GLU B 73 -6.06 -0.35 3.85
N VAL B 74 -6.17 -1.65 4.07
CA VAL B 74 -6.81 -2.16 5.28
C VAL B 74 -6.09 -1.68 6.52
N ALA B 75 -4.77 -1.82 6.53
CA ALA B 75 -3.96 -1.40 7.67
C ALA B 75 -4.12 0.09 7.91
N GLU B 76 -4.16 0.86 6.82
CA GLU B 76 -4.38 2.29 6.90
C GLU B 76 -5.71 2.59 7.57
N VAL B 77 -6.76 1.92 7.12
CA VAL B 77 -8.10 2.10 7.65
C VAL B 77 -8.13 1.84 9.17
N VAL B 78 -7.39 0.83 9.59
CA VAL B 78 -7.32 0.47 11.01
C VAL B 78 -6.45 1.47 11.78
N ALA B 79 -5.28 1.78 11.25
CA ALA B 79 -4.33 2.66 11.92
C ALA B 79 -4.86 4.08 12.00
N THR B 80 -5.52 4.53 10.94
CA THR B 80 -6.07 5.88 10.90
C THR B 80 -7.44 5.92 11.59
N SER B 81 -7.42 5.73 12.90
CA SER B 81 -8.63 5.76 13.70
C SER B 81 -8.28 6.36 15.07
N PRO B 82 -9.28 6.65 15.92
CA PRO B 82 -9.02 7.06 17.29
C PRO B 82 -8.32 5.93 18.06
N PRO B 83 -7.30 6.27 18.86
CA PRO B 83 -6.49 5.27 19.57
C PRO B 83 -7.35 4.41 20.50
N GLN B 84 -8.50 4.95 20.86
CA GLN B 84 -9.46 4.28 21.70
C GLN B 84 -10.01 3.02 21.04
N SER B 85 -10.48 3.19 19.81
CA SER B 85 -11.12 2.12 19.09
C SER B 85 -10.12 1.33 18.25
N TYR B 86 -8.89 1.85 18.16
CA TYR B 86 -7.83 1.25 17.36
C TYR B 86 -7.70 -0.25 17.60
N SER B 87 -7.44 -0.61 18.85
CA SER B 87 -7.18 -1.99 19.21
C SER B 87 -8.37 -2.90 18.87
N ALA B 88 -9.57 -2.36 19.00
CA ALA B 88 -10.79 -3.11 18.68
C ALA B 88 -10.95 -3.28 17.18
N VAL B 89 -10.75 -2.20 16.43
CA VAL B 89 -10.83 -2.23 14.97
C VAL B 89 -9.80 -3.22 14.43
N LEU B 90 -8.60 -3.17 15.01
CA LEU B 90 -7.50 -4.04 14.62
C LEU B 90 -7.89 -5.50 14.79
N ASN B 91 -8.38 -5.83 15.98
CA ASN B 91 -8.78 -7.20 16.30
C ASN B 91 -9.89 -7.66 15.35
N THR B 92 -10.80 -6.75 15.04
CA THR B 92 -11.93 -7.05 14.17
C THR B 92 -11.43 -7.38 12.76
N ILE B 93 -10.63 -6.50 12.18
CA ILE B 93 -10.10 -6.71 10.84
C ILE B 93 -9.26 -7.98 10.79
N GLY B 94 -8.39 -8.17 11.79
CA GLY B 94 -7.54 -9.35 11.83
C GLY B 94 -8.34 -10.64 11.76
N ALA B 95 -9.43 -10.69 12.52
CA ALA B 95 -10.30 -11.85 12.52
C ALA B 95 -11.05 -11.97 11.20
N CYS B 96 -11.52 -10.84 10.68
CA CYS B 96 -12.25 -10.83 9.41
C CYS B 96 -11.37 -11.32 8.27
N LEU B 97 -10.07 -11.00 8.32
CA LEU B 97 -9.13 -11.44 7.28
C LEU B 97 -9.12 -12.95 7.14
N ARG B 98 -8.93 -13.64 8.26
CA ARG B 98 -8.87 -15.09 8.28
C ARG B 98 -10.11 -15.70 7.64
N GLU B 99 -11.26 -15.16 8.04
CA GLU B 99 -12.55 -15.66 7.57
C GLU B 99 -12.73 -15.36 6.08
N SER B 100 -12.44 -14.13 5.69
CA SER B 100 -12.58 -13.70 4.30
C SER B 100 -11.80 -14.59 3.36
N MET B 101 -10.58 -14.94 3.75
CA MET B 101 -9.75 -15.83 2.94
C MET B 101 -10.38 -17.20 2.79
N MET B 102 -10.88 -17.72 3.90
CA MET B 102 -11.48 -19.04 3.92
C MET B 102 -12.79 -19.07 3.12
N GLN B 103 -13.44 -17.93 3.02
CA GLN B 103 -14.67 -17.82 2.26
C GLN B 103 -14.38 -17.56 0.78
N ALA B 104 -13.31 -16.81 0.52
CA ALA B 104 -12.96 -16.44 -0.84
C ALA B 104 -12.33 -17.61 -1.60
N THR B 105 -11.30 -18.19 -1.01
CA THR B 105 -10.60 -19.28 -1.65
C THR B 105 -10.98 -20.61 -1.02
N GLY B 106 -10.94 -20.65 0.30
CA GLY B 106 -11.21 -21.89 1.02
C GLY B 106 -10.11 -22.18 2.01
N SER B 107 -9.11 -21.31 2.06
CA SER B 107 -8.00 -21.43 2.98
C SER B 107 -7.51 -20.04 3.36
N VAL B 108 -6.99 -19.91 4.57
CA VAL B 108 -6.55 -18.61 5.06
C VAL B 108 -5.12 -18.31 4.63
N ASP B 109 -4.99 -17.32 3.74
CA ASP B 109 -3.69 -16.85 3.29
C ASP B 109 -2.98 -16.13 4.44
N ASN B 110 -1.91 -16.75 4.93
CA ASN B 110 -1.20 -16.22 6.08
C ASN B 110 -0.29 -15.07 5.66
N ALA B 111 0.17 -15.09 4.42
CA ALA B 111 1.08 -14.06 3.93
C ALA B 111 0.41 -12.69 3.94
N PHE B 112 -0.82 -12.65 3.44
CA PHE B 112 -1.58 -11.41 3.37
C PHE B 112 -1.96 -10.95 4.78
N THR B 113 -2.57 -11.86 5.53
CA THR B 113 -3.00 -11.57 6.89
C THR B 113 -1.83 -11.12 7.77
N ASN B 114 -0.64 -11.65 7.51
CA ASN B 114 0.55 -11.26 8.26
C ASN B 114 0.97 -9.84 7.91
N GLU B 115 1.02 -9.55 6.62
CA GLU B 115 1.49 -8.24 6.14
C GLU B 115 0.64 -7.12 6.73
N VAL B 116 -0.67 -7.32 6.72
CA VAL B 116 -1.62 -6.31 7.21
C VAL B 116 -1.36 -5.97 8.68
N MET B 117 -1.05 -6.98 9.48
CA MET B 117 -0.88 -6.79 10.92
C MET B 117 0.36 -5.95 11.20
N GLN B 118 1.42 -6.19 10.44
CA GLN B 118 2.65 -5.47 10.64
C GLN B 118 2.54 -4.06 10.06
N LEU B 119 1.80 -3.96 8.96
CA LEU B 119 1.54 -2.67 8.32
C LEU B 119 0.86 -1.70 9.29
N VAL B 120 -0.21 -2.17 9.93
CA VAL B 120 -1.00 -1.33 10.80
C VAL B 120 -0.20 -0.95 12.06
N LYS B 121 0.59 -1.89 12.57
CA LYS B 121 1.44 -1.61 13.72
C LYS B 121 2.48 -0.55 13.39
N MET B 122 3.04 -0.64 12.19
CA MET B 122 4.03 0.31 11.72
C MET B 122 3.41 1.68 11.48
N LEU B 123 2.24 1.69 10.85
CA LEU B 123 1.54 2.94 10.55
C LEU B 123 0.88 3.51 11.80
N SER B 124 0.94 2.76 12.89
CA SER B 124 0.41 3.20 14.16
C SER B 124 1.45 4.05 14.88
N ALA B 125 2.60 4.19 14.27
CA ALA B 125 3.67 5.01 14.82
C ALA B 125 3.47 6.47 14.41
N ASP B 126 2.75 7.19 15.25
CA ASP B 126 2.46 8.60 14.99
C ASP B 126 3.68 9.44 15.31
N SER B 127 4.47 9.72 14.30
CA SER B 127 5.69 10.50 14.47
C SER B 127 5.44 11.98 14.21
N ALA B 128 4.72 12.59 15.13
CA ALA B 128 4.36 14.00 15.03
C ALA B 128 5.15 14.82 16.05
N ASN B 129 6.41 14.40 16.26
CA ASN B 129 7.31 15.05 17.21
C ASN B 129 7.28 16.57 17.04
N GLU B 130 6.80 17.25 18.08
CA GLU B 130 6.68 18.70 18.04
C GLU B 130 8.03 19.39 18.15
N VAL B 131 8.67 19.57 17.02
CA VAL B 131 9.92 20.33 16.95
C VAL B 131 9.65 21.70 16.35
N SER B 132 8.38 22.02 16.24
CA SER B 132 7.94 23.30 15.70
C SER B 132 6.69 23.76 16.43
N THR B 133 6.33 25.02 16.25
CA THR B 133 5.18 25.60 16.92
C THR B 133 4.55 26.68 16.03
N GLY A 1 -1.47 22.17 3.40
CA GLY A 1 -1.57 20.88 4.12
C GLY A 1 -2.31 21.03 5.44
N SER A 2 -2.74 19.91 6.00
CA SER A 2 -3.51 19.93 7.24
C SER A 2 -3.04 18.79 8.15
N GLY A 3 -3.32 18.92 9.45
CA GLY A 3 -2.89 17.93 10.41
C GLY A 3 -1.72 18.43 11.23
N ASN A 4 -1.18 17.59 12.11
CA ASN A 4 -0.01 17.97 12.91
C ASN A 4 1.21 18.06 12.02
N SER A 5 1.68 16.90 11.55
CA SER A 5 2.71 16.87 10.53
C SER A 5 2.05 16.79 9.16
N GLN A 6 2.40 17.72 8.30
CA GLN A 6 1.69 17.90 7.05
C GLN A 6 2.51 17.41 5.86
N PRO A 7 1.98 16.41 5.15
CA PRO A 7 2.56 15.95 3.89
C PRO A 7 2.03 16.73 2.71
N ILE A 8 2.62 16.55 1.54
CA ILE A 8 2.17 17.25 0.33
C ILE A 8 0.83 16.69 -0.16
N TRP A 9 0.42 15.56 0.37
CA TRP A 9 -0.81 14.91 -0.07
C TRP A 9 -2.04 15.66 0.44
N THR A 10 -2.45 16.63 -0.35
CA THR A 10 -3.67 17.40 -0.11
C THR A 10 -4.27 17.80 -1.45
N ASN A 11 -3.39 18.11 -2.40
CA ASN A 11 -3.79 18.32 -3.78
C ASN A 11 -3.44 17.07 -4.59
N PRO A 12 -4.42 16.52 -5.32
CA PRO A 12 -4.27 15.23 -6.01
C PRO A 12 -3.21 15.28 -7.11
N ASN A 13 -3.38 16.19 -8.06
CA ASN A 13 -2.53 16.26 -9.23
C ASN A 13 -1.13 16.78 -8.86
N ALA A 14 -1.06 17.57 -7.79
CA ALA A 14 0.22 18.05 -7.30
C ALA A 14 1.05 16.90 -6.75
N ALA A 15 0.41 16.03 -5.98
CA ALA A 15 1.07 14.87 -5.40
C ALA A 15 1.34 13.82 -6.48
N MET A 16 0.43 13.72 -7.44
CA MET A 16 0.57 12.78 -8.55
C MET A 16 1.84 13.07 -9.35
N THR A 17 2.26 14.34 -9.36
CA THR A 17 3.48 14.72 -10.04
C THR A 17 4.67 13.99 -9.44
N MET A 18 4.64 13.80 -8.13
CA MET A 18 5.70 13.07 -7.43
C MET A 18 5.70 11.62 -7.88
N THR A 19 4.51 11.05 -8.02
CA THR A 19 4.34 9.68 -8.47
C THR A 19 4.93 9.48 -9.87
N ASN A 20 4.55 10.37 -10.78
CA ASN A 20 5.03 10.30 -12.16
C ASN A 20 6.53 10.52 -12.22
N ASN A 21 7.03 11.48 -11.45
CA ASN A 21 8.45 11.81 -11.44
C ASN A 21 9.28 10.69 -10.84
N LEU A 22 8.68 9.88 -9.96
CA LEU A 22 9.36 8.71 -9.44
C LEU A 22 9.63 7.71 -10.56
N VAL A 23 8.62 7.46 -11.38
CA VAL A 23 8.77 6.58 -12.52
C VAL A 23 9.79 7.15 -13.49
N GLN A 24 9.74 8.46 -13.70
CA GLN A 24 10.71 9.14 -14.55
C GLN A 24 12.12 8.99 -13.99
N CYS A 25 12.25 9.09 -12.67
CA CYS A 25 13.56 8.97 -12.03
C CYS A 25 14.08 7.54 -12.11
N ALA A 26 13.17 6.59 -12.01
CA ALA A 26 13.52 5.19 -12.14
C ALA A 26 13.90 4.85 -13.58
N SER A 27 13.19 5.44 -14.53
CA SER A 27 13.43 5.20 -15.93
C SER A 27 14.73 5.86 -16.41
N ARG A 28 15.19 6.88 -15.67
CA ARG A 28 16.45 7.55 -16.03
C ARG A 28 17.63 6.95 -15.28
N SER A 29 17.35 6.22 -14.21
CA SER A 29 18.41 5.56 -13.45
C SER A 29 18.69 4.17 -14.03
N GLY A 30 17.62 3.44 -14.34
CA GLY A 30 17.76 2.15 -14.98
C GLY A 30 18.29 1.08 -14.04
N VAL A 31 18.09 1.26 -12.75
CA VAL A 31 18.53 0.27 -11.76
C VAL A 31 17.49 -0.84 -11.63
N LEU A 32 16.24 -0.48 -11.90
CA LEU A 32 15.13 -1.39 -11.71
C LEU A 32 14.91 -2.26 -12.94
N THR A 33 14.32 -3.43 -12.72
CA THR A 33 14.04 -4.36 -13.79
C THR A 33 12.68 -4.06 -14.42
N ALA A 34 12.31 -4.83 -15.44
CA ALA A 34 11.01 -4.66 -16.09
C ALA A 34 9.88 -4.89 -15.10
N ASP A 35 10.02 -5.92 -14.27
CA ASP A 35 9.07 -6.23 -13.21
C ASP A 35 8.80 -4.99 -12.35
N GLN A 36 9.89 -4.41 -11.86
CA GLN A 36 9.82 -3.28 -10.96
C GLN A 36 9.27 -2.03 -11.66
N MET A 37 9.77 -1.76 -12.86
CA MET A 37 9.36 -0.57 -13.62
C MET A 37 7.89 -0.63 -14.00
N ASP A 38 7.44 -1.78 -14.47
CA ASP A 38 6.05 -1.97 -14.87
C ASP A 38 5.12 -1.80 -13.67
N ASP A 39 5.59 -2.23 -12.52
CA ASP A 39 4.83 -2.11 -11.28
C ASP A 39 4.61 -0.64 -10.93
N MET A 40 5.68 0.15 -11.05
CA MET A 40 5.60 1.58 -10.78
C MET A 40 4.74 2.29 -11.83
N GLY A 41 4.73 1.74 -13.04
CA GLY A 41 3.91 2.27 -14.10
C GLY A 41 2.43 2.17 -13.77
N MET A 42 2.00 0.99 -13.37
CA MET A 42 0.59 0.78 -13.02
C MET A 42 0.24 1.54 -11.74
N MET A 43 1.25 1.80 -10.91
CA MET A 43 1.07 2.58 -9.70
C MET A 43 0.56 3.97 -10.06
N ALA A 44 1.27 4.66 -10.94
CA ALA A 44 0.87 5.98 -11.37
C ALA A 44 -0.49 5.94 -12.04
N ASP A 45 -0.73 4.88 -12.80
CA ASP A 45 -2.01 4.71 -13.50
C ASP A 45 -3.16 4.54 -12.51
N SER A 46 -2.95 3.75 -11.47
CA SER A 46 -3.99 3.52 -10.47
C SER A 46 -4.34 4.80 -9.72
N VAL A 47 -3.36 5.70 -9.57
CA VAL A 47 -3.61 6.99 -8.96
C VAL A 47 -4.38 7.89 -9.91
N ASN A 48 -3.99 7.86 -11.18
CA ASN A 48 -4.61 8.70 -12.21
C ASN A 48 -6.04 8.23 -12.49
N SER A 49 -6.23 6.92 -12.55
CA SER A 49 -7.53 6.36 -12.85
C SER A 49 -8.55 6.68 -11.74
N GLN A 50 -8.06 6.93 -10.54
CA GLN A 50 -8.93 7.34 -9.45
C GLN A 50 -9.53 8.72 -9.77
N MET A 51 -8.71 9.58 -10.35
CA MET A 51 -9.10 10.93 -10.70
C MET A 51 -10.15 10.94 -11.81
N GLN A 52 -9.99 10.05 -12.79
CA GLN A 52 -10.93 9.97 -13.90
C GLN A 52 -12.21 9.25 -13.48
N LYS A 53 -12.11 8.35 -12.50
CA LYS A 53 -13.28 7.68 -11.96
C LYS A 53 -14.09 8.63 -11.08
N MET A 54 -13.38 9.49 -10.36
CA MET A 54 -14.02 10.50 -9.52
C MET A 54 -14.16 11.81 -10.30
N GLY A 55 -14.40 12.89 -9.57
CA GLY A 55 -14.47 14.19 -10.19
C GLY A 55 -13.54 15.17 -9.52
N PRO A 56 -13.63 16.46 -9.86
CA PRO A 56 -12.82 17.51 -9.24
C PRO A 56 -13.19 17.72 -7.77
N ASN A 57 -12.19 18.08 -6.97
CA ASN A 57 -12.38 18.30 -5.53
C ASN A 57 -12.89 17.05 -4.84
N PRO A 58 -12.01 16.06 -4.64
CA PRO A 58 -12.36 14.79 -4.02
C PRO A 58 -12.24 14.81 -2.49
N PRO A 59 -12.70 13.73 -1.83
CA PRO A 59 -12.59 13.58 -0.37
C PRO A 59 -11.13 13.49 0.07
N GLN A 60 -10.82 14.15 1.19
CA GLN A 60 -9.45 14.22 1.68
C GLN A 60 -8.94 12.85 2.11
N HIS A 61 -9.78 12.04 2.75
CA HIS A 61 -9.35 10.73 3.22
C HIS A 61 -8.95 9.82 2.06
N ARG A 62 -9.52 10.07 0.88
CA ARG A 62 -9.18 9.27 -0.29
C ARG A 62 -7.78 9.60 -0.77
N LEU A 63 -7.39 10.85 -0.62
CA LEU A 63 -6.06 11.31 -1.01
C LEU A 63 -5.01 10.83 -0.01
N ARG A 64 -5.32 10.99 1.28
CA ARG A 64 -4.42 10.56 2.34
C ARG A 64 -4.19 9.05 2.25
N ALA A 65 -5.18 8.34 1.74
CA ALA A 65 -5.08 6.90 1.56
C ALA A 65 -4.13 6.56 0.43
N MET A 66 -4.27 7.27 -0.69
CA MET A 66 -3.41 7.06 -1.84
C MET A 66 -1.94 7.28 -1.49
N ASN A 67 -1.71 8.12 -0.48
CA ASN A 67 -0.35 8.33 0.05
C ASN A 67 0.30 6.99 0.41
N THR A 68 -0.39 6.18 1.19
CA THR A 68 0.16 4.91 1.63
C THR A 68 0.11 3.87 0.52
N ALA A 69 -0.91 3.93 -0.32
CA ALA A 69 -1.00 3.02 -1.47
C ALA A 69 0.20 3.22 -2.41
N MET A 70 0.48 4.48 -2.71
CA MET A 70 1.62 4.83 -3.55
C MET A 70 2.93 4.44 -2.87
N ALA A 71 3.03 4.73 -1.58
CA ALA A 71 4.23 4.44 -0.81
C ALA A 71 4.48 2.93 -0.74
N ALA A 72 3.43 2.18 -0.47
CA ALA A 72 3.53 0.73 -0.34
C ALA A 72 3.95 0.09 -1.66
N GLU A 73 3.43 0.62 -2.76
CA GLU A 73 3.78 0.13 -4.08
C GLU A 73 5.27 0.31 -4.37
N VAL A 74 5.79 1.50 -4.11
CA VAL A 74 7.21 1.76 -4.30
C VAL A 74 8.06 0.80 -3.45
N ALA A 75 7.63 0.59 -2.21
CA ALA A 75 8.31 -0.34 -1.32
C ALA A 75 8.23 -1.77 -1.86
N GLU A 76 7.04 -2.14 -2.32
CA GLU A 76 6.83 -3.44 -2.95
C GLU A 76 7.76 -3.63 -4.13
N VAL A 77 7.96 -2.56 -4.88
CA VAL A 77 8.82 -2.56 -6.05
C VAL A 77 10.28 -2.82 -5.66
N VAL A 78 10.76 -2.10 -4.65
CA VAL A 78 12.14 -2.24 -4.24
C VAL A 78 12.39 -3.56 -3.52
N ALA A 79 11.44 -3.95 -2.67
CA ALA A 79 11.56 -5.20 -1.91
C ALA A 79 11.58 -6.42 -2.82
N THR A 80 10.90 -6.31 -3.96
CA THR A 80 10.88 -7.40 -4.91
C THR A 80 12.02 -7.26 -5.91
N SER A 81 13.20 -7.65 -5.47
CA SER A 81 14.38 -7.62 -6.31
C SER A 81 15.42 -8.59 -5.76
N PRO A 82 16.50 -8.88 -6.51
CA PRO A 82 17.61 -9.68 -6.01
C PRO A 82 18.25 -9.00 -4.80
N PRO A 83 18.67 -9.76 -3.78
CA PRO A 83 19.13 -9.21 -2.51
C PRO A 83 20.38 -8.35 -2.67
N GLN A 84 21.09 -8.57 -3.76
CA GLN A 84 22.31 -7.84 -4.03
C GLN A 84 22.03 -6.54 -4.78
N SER A 85 20.86 -6.48 -5.41
CA SER A 85 20.47 -5.31 -6.18
C SER A 85 19.47 -4.47 -5.38
N TYR A 86 18.90 -5.08 -4.35
CA TYR A 86 17.93 -4.43 -3.48
C TYR A 86 18.48 -3.10 -2.95
N SER A 87 19.72 -3.11 -2.50
CA SER A 87 20.36 -1.92 -1.95
C SER A 87 20.50 -0.84 -3.02
N ALA A 88 20.89 -1.25 -4.22
CA ALA A 88 21.07 -0.33 -5.33
C ALA A 88 19.75 0.33 -5.70
N VAL A 89 18.72 -0.49 -5.85
CA VAL A 89 17.39 0.00 -6.20
C VAL A 89 16.84 0.89 -5.09
N LEU A 90 17.01 0.44 -3.83
CA LEU A 90 16.48 1.17 -2.69
C LEU A 90 17.11 2.55 -2.57
N ASN A 91 18.43 2.62 -2.70
CA ASN A 91 19.14 3.89 -2.64
C ASN A 91 18.68 4.81 -3.75
N THR A 92 18.43 4.23 -4.91
CA THR A 92 17.97 4.99 -6.07
C THR A 92 16.60 5.62 -5.81
N ILE A 93 15.65 4.78 -5.42
CA ILE A 93 14.30 5.26 -5.12
C ILE A 93 14.34 6.28 -3.98
N GLY A 94 15.05 5.97 -2.90
CA GLY A 94 15.11 6.85 -1.76
C GLY A 94 15.60 8.24 -2.12
N ALA A 95 16.60 8.30 -3.00
CA ALA A 95 17.13 9.57 -3.45
C ALA A 95 16.13 10.29 -4.35
N CYS A 96 15.44 9.53 -5.20
CA CYS A 96 14.47 10.10 -6.11
C CYS A 96 13.29 10.71 -5.36
N LEU A 97 12.83 10.05 -4.30
CA LEU A 97 11.71 10.57 -3.52
C LEU A 97 11.97 12.00 -3.06
N ARG A 98 13.20 12.27 -2.66
CA ARG A 98 13.58 13.58 -2.19
C ARG A 98 13.53 14.61 -3.33
N GLU A 99 14.08 14.26 -4.48
CA GLU A 99 14.15 15.19 -5.60
C GLU A 99 12.80 15.31 -6.31
N SER A 100 12.06 14.21 -6.40
CA SER A 100 10.73 14.22 -6.99
C SER A 100 9.81 15.15 -6.21
N MET A 101 10.00 15.20 -4.88
CA MET A 101 9.23 16.10 -4.04
C MET A 101 9.56 17.55 -4.35
N MET A 102 10.85 17.85 -4.49
CA MET A 102 11.28 19.21 -4.76
C MET A 102 10.93 19.62 -6.19
N GLN A 103 10.73 18.64 -7.07
CA GLN A 103 10.27 18.92 -8.42
C GLN A 103 8.77 19.12 -8.45
N ALA A 104 8.05 18.28 -7.69
CA ALA A 104 6.61 18.32 -7.68
C ALA A 104 6.08 19.53 -6.90
N THR A 105 6.54 19.69 -5.67
CA THR A 105 6.03 20.76 -4.81
C THR A 105 7.08 21.86 -4.64
N GLY A 106 8.34 21.48 -4.64
CA GLY A 106 9.40 22.44 -4.42
C GLY A 106 9.97 22.30 -3.03
N SER A 107 9.40 21.39 -2.27
CA SER A 107 9.80 21.15 -0.89
C SER A 107 9.99 19.66 -0.66
N VAL A 108 10.91 19.31 0.23
CA VAL A 108 11.16 17.91 0.52
C VAL A 108 10.20 17.38 1.57
N ASP A 109 9.21 16.62 1.10
CA ASP A 109 8.31 15.93 2.00
C ASP A 109 9.04 14.78 2.67
N ASN A 110 8.92 14.68 3.98
CA ASN A 110 9.65 13.66 4.72
C ASN A 110 8.72 12.54 5.14
N ALA A 111 7.45 12.86 5.31
CA ALA A 111 6.46 11.89 5.75
C ALA A 111 6.36 10.72 4.78
N PHE A 112 6.29 11.05 3.49
CA PHE A 112 6.16 10.03 2.46
C PHE A 112 7.48 9.29 2.28
N THR A 113 8.56 10.07 2.13
CA THR A 113 9.89 9.52 1.92
C THR A 113 10.28 8.58 3.07
N ASN A 114 9.95 8.95 4.30
CA ASN A 114 10.24 8.12 5.46
C ASN A 114 9.37 6.86 5.45
N GLU A 115 8.08 7.04 5.13
CA GLU A 115 7.12 5.95 5.13
C GLU A 115 7.58 4.82 4.22
N VAL A 116 7.99 5.16 3.00
CA VAL A 116 8.43 4.18 2.02
C VAL A 116 9.66 3.41 2.52
N MET A 117 10.57 4.13 3.15
CA MET A 117 11.82 3.54 3.61
C MET A 117 11.57 2.52 4.71
N GLN A 118 10.50 2.73 5.48
CA GLN A 118 10.16 1.84 6.57
C GLN A 118 9.32 0.67 6.05
N LEU A 119 8.44 0.96 5.10
CA LEU A 119 7.59 -0.05 4.48
C LEU A 119 8.43 -1.17 3.87
N VAL A 120 9.46 -0.78 3.12
CA VAL A 120 10.27 -1.73 2.39
C VAL A 120 11.07 -2.64 3.33
N LYS A 121 11.49 -2.09 4.47
CA LYS A 121 12.23 -2.85 5.47
C LYS A 121 11.36 -3.96 6.04
N MET A 122 10.13 -3.57 6.40
CA MET A 122 9.19 -4.48 7.02
C MET A 122 8.77 -5.60 6.07
N LEU A 123 8.58 -5.26 4.80
CA LEU A 123 8.12 -6.24 3.81
C LEU A 123 9.21 -7.26 3.49
N SER A 124 10.42 -7.01 3.97
CA SER A 124 11.52 -7.91 3.73
C SER A 124 11.87 -8.69 5.00
N ALA A 125 11.06 -8.52 6.04
CA ALA A 125 11.34 -9.14 7.32
C ALA A 125 10.08 -9.27 8.16
N ASP A 126 10.28 -9.43 9.46
CA ASP A 126 9.19 -9.48 10.43
C ASP A 126 9.71 -9.11 11.81
N SER A 127 8.93 -8.33 12.55
CA SER A 127 9.31 -7.93 13.89
C SER A 127 8.07 -7.74 14.75
N ALA A 128 8.19 -8.01 16.04
CA ALA A 128 7.07 -7.92 16.96
C ALA A 128 7.14 -6.63 17.76
N ASN A 129 7.49 -5.55 17.08
CA ASN A 129 7.64 -4.23 17.70
C ASN A 129 6.39 -3.82 18.47
N GLU A 130 6.54 -3.69 19.78
CA GLU A 130 5.50 -3.13 20.62
C GLU A 130 6.08 -2.00 21.46
N VAL A 131 6.31 -0.86 20.80
CA VAL A 131 6.95 0.27 21.46
C VAL A 131 5.93 1.14 22.18
N SER A 132 4.66 1.00 21.79
CA SER A 132 3.59 1.77 22.39
C SER A 132 2.68 0.87 23.21
N THR A 133 1.96 1.48 24.15
CA THR A 133 1.02 0.76 25.00
C THR A 133 -0.05 0.05 24.16
N GLY B 1 1.64 -22.16 -6.01
CA GLY B 1 1.54 -20.78 -6.44
C GLY B 1 2.73 -20.34 -7.25
N SER B 2 3.57 -21.30 -7.62
CA SER B 2 4.78 -21.04 -8.41
C SER B 2 5.73 -20.11 -7.66
N GLY B 3 6.38 -20.64 -6.63
CA GLY B 3 7.31 -19.87 -5.83
C GLY B 3 7.73 -20.62 -4.59
N ASN B 4 8.44 -19.92 -3.71
CA ASN B 4 8.90 -20.53 -2.46
C ASN B 4 7.74 -20.68 -1.50
N SER B 5 7.06 -19.57 -1.23
CA SER B 5 5.88 -19.58 -0.40
C SER B 5 4.64 -19.80 -1.26
N GLN B 6 3.58 -20.31 -0.66
CA GLN B 6 2.35 -20.57 -1.39
C GLN B 6 1.21 -19.70 -0.86
N PRO B 7 1.04 -18.51 -1.44
CA PRO B 7 -0.04 -17.60 -1.05
C PRO B 7 -1.30 -17.83 -1.86
N ILE B 8 -2.43 -17.35 -1.35
CA ILE B 8 -3.70 -17.47 -2.06
C ILE B 8 -3.78 -16.50 -3.22
N TRP B 9 -2.95 -15.47 -3.16
CA TRP B 9 -3.03 -14.38 -4.12
C TRP B 9 -2.34 -14.75 -5.43
N THR B 10 -3.01 -15.61 -6.20
CA THR B 10 -2.53 -15.99 -7.51
C THR B 10 -3.60 -15.66 -8.56
N ASN B 11 -4.86 -15.61 -8.12
CA ASN B 11 -5.97 -15.27 -9.01
C ASN B 11 -6.54 -13.92 -8.63
N PRO B 12 -6.87 -13.09 -9.63
CA PRO B 12 -7.38 -11.74 -9.40
C PRO B 12 -8.77 -11.74 -8.75
N ASN B 13 -9.64 -12.61 -9.24
CA ASN B 13 -11.00 -12.72 -8.71
C ASN B 13 -11.00 -13.14 -7.24
N ALA B 14 -10.16 -14.12 -6.90
CA ALA B 14 -10.05 -14.60 -5.53
C ALA B 14 -9.55 -13.49 -4.62
N ALA B 15 -8.57 -12.75 -5.11
CA ALA B 15 -8.00 -11.62 -4.37
C ALA B 15 -9.06 -10.53 -4.16
N MET B 16 -9.80 -10.26 -5.22
CA MET B 16 -10.87 -9.27 -5.17
C MET B 16 -11.94 -9.70 -4.17
N THR B 17 -12.23 -10.99 -4.14
CA THR B 17 -13.20 -11.52 -3.20
C THR B 17 -12.80 -11.23 -1.76
N MET B 18 -11.53 -11.46 -1.44
CA MET B 18 -11.01 -11.18 -0.10
C MET B 18 -11.20 -9.70 0.21
N THR B 19 -10.88 -8.86 -0.78
CA THR B 19 -11.00 -7.42 -0.64
C THR B 19 -12.46 -7.01 -0.38
N ASN B 20 -13.37 -7.50 -1.21
CA ASN B 20 -14.80 -7.19 -1.09
C ASN B 20 -15.35 -7.71 0.23
N ASN B 21 -14.97 -8.93 0.59
CA ASN B 21 -15.45 -9.55 1.81
C ASN B 21 -14.97 -8.80 3.05
N LEU B 22 -13.81 -8.16 2.95
CA LEU B 22 -13.33 -7.31 4.04
C LEU B 22 -14.27 -6.12 4.20
N VAL B 23 -14.62 -5.49 3.09
CA VAL B 23 -15.57 -4.38 3.12
C VAL B 23 -16.91 -4.85 3.67
N GLN B 24 -17.36 -6.02 3.22
CA GLN B 24 -18.60 -6.60 3.72
C GLN B 24 -18.50 -6.88 5.22
N CYS B 25 -17.37 -7.45 5.66
CA CYS B 25 -17.18 -7.76 7.07
C CYS B 25 -17.09 -6.48 7.90
N ALA B 26 -16.55 -5.43 7.30
CA ALA B 26 -16.48 -4.13 7.94
C ALA B 26 -17.86 -3.50 8.04
N SER B 27 -18.65 -3.65 6.98
CA SER B 27 -19.99 -3.09 6.92
C SER B 27 -20.90 -3.78 7.94
N ARG B 28 -20.75 -5.10 8.09
CA ARG B 28 -21.57 -5.86 9.03
C ARG B 28 -21.12 -5.63 10.48
N SER B 29 -19.82 -5.40 10.69
CA SER B 29 -19.31 -5.15 12.03
C SER B 29 -19.74 -3.77 12.51
N GLY B 30 -19.52 -2.76 11.68
CA GLY B 30 -19.94 -1.42 12.02
C GLY B 30 -18.98 -0.75 12.98
N VAL B 31 -17.74 -1.19 13.00
CA VAL B 31 -16.73 -0.60 13.87
C VAL B 31 -15.91 0.44 13.12
N LEU B 32 -16.16 0.54 11.82
CA LEU B 32 -15.46 1.51 10.99
C LEU B 32 -16.34 2.72 10.72
N THR B 33 -15.71 3.88 10.53
CA THR B 33 -16.41 5.11 10.25
C THR B 33 -16.58 5.31 8.74
N ALA B 34 -17.21 6.42 8.35
CA ALA B 34 -17.43 6.72 6.94
C ALA B 34 -16.12 6.78 6.17
N ASP B 35 -15.13 7.44 6.75
CA ASP B 35 -13.81 7.56 6.13
C ASP B 35 -13.16 6.19 5.96
N GLN B 36 -13.30 5.35 6.98
CA GLN B 36 -12.71 4.02 6.96
C GLN B 36 -13.44 3.12 5.95
N MET B 37 -14.76 3.17 5.95
CA MET B 37 -15.57 2.33 5.06
C MET B 37 -15.40 2.72 3.60
N ASP B 38 -15.54 4.01 3.30
CA ASP B 38 -15.42 4.48 1.93
C ASP B 38 -14.03 4.21 1.39
N ASP B 39 -13.04 4.30 2.27
CA ASP B 39 -11.66 4.01 1.93
C ASP B 39 -11.52 2.58 1.43
N MET B 40 -12.00 1.63 2.22
CA MET B 40 -11.94 0.23 1.86
C MET B 40 -12.83 -0.05 0.65
N GLY B 41 -13.91 0.70 0.53
CA GLY B 41 -14.81 0.55 -0.59
C GLY B 41 -14.16 0.90 -1.91
N MET B 42 -13.45 2.02 -1.94
CA MET B 42 -12.77 2.44 -3.16
C MET B 42 -11.57 1.53 -3.44
N MET B 43 -11.06 0.91 -2.38
CA MET B 43 -10.00 -0.08 -2.50
C MET B 43 -10.46 -1.24 -3.39
N ALA B 44 -11.62 -1.81 -3.06
CA ALA B 44 -12.20 -2.90 -3.85
C ALA B 44 -12.41 -2.46 -5.30
N ASP B 45 -12.98 -1.27 -5.44
CA ASP B 45 -13.21 -0.67 -6.76
C ASP B 45 -11.92 -0.57 -7.57
N SER B 46 -10.85 -0.15 -6.90
CA SER B 46 -9.57 0.03 -7.56
C SER B 46 -9.01 -1.30 -8.08
N VAL B 47 -9.19 -2.37 -7.34
CA VAL B 47 -8.74 -3.69 -7.78
C VAL B 47 -9.51 -4.12 -9.03
N ASN B 48 -10.81 -3.83 -9.03
CA ASN B 48 -11.68 -4.16 -10.16
C ASN B 48 -11.33 -3.32 -11.38
N SER B 49 -11.16 -2.01 -11.17
CA SER B 49 -10.83 -1.11 -12.26
C SER B 49 -9.46 -1.42 -12.86
N GLN B 50 -8.53 -1.89 -12.03
CA GLN B 50 -7.22 -2.32 -12.52
C GLN B 50 -7.36 -3.44 -13.53
N MET B 51 -8.21 -4.41 -13.22
CA MET B 51 -8.45 -5.54 -14.11
C MET B 51 -8.98 -5.05 -15.45
N GLN B 52 -9.74 -3.97 -15.42
CA GLN B 52 -10.30 -3.39 -16.64
C GLN B 52 -9.25 -2.55 -17.38
N LYS B 53 -8.26 -2.06 -16.66
CA LYS B 53 -7.18 -1.28 -17.26
C LYS B 53 -6.13 -2.20 -17.86
N MET B 54 -6.11 -3.44 -17.42
CA MET B 54 -5.13 -4.41 -17.88
C MET B 54 -5.76 -5.39 -18.87
N GLY B 55 -6.67 -6.22 -18.37
CA GLY B 55 -7.28 -7.24 -19.19
C GLY B 55 -7.25 -8.59 -18.51
N PRO B 56 -7.68 -9.65 -19.19
CA PRO B 56 -7.66 -11.00 -18.65
C PRO B 56 -6.25 -11.60 -18.64
N ASN B 57 -6.00 -12.49 -17.69
CA ASN B 57 -4.70 -13.15 -17.55
C ASN B 57 -3.60 -12.12 -17.31
N PRO B 58 -3.60 -11.49 -16.12
CA PRO B 58 -2.65 -10.42 -15.80
C PRO B 58 -1.31 -10.93 -15.31
N PRO B 59 -0.31 -10.03 -15.23
CA PRO B 59 1.02 -10.35 -14.74
C PRO B 59 1.02 -10.70 -13.26
N GLN B 60 1.81 -11.71 -12.91
CA GLN B 60 1.87 -12.19 -11.53
C GLN B 60 2.46 -11.13 -10.59
N HIS B 61 3.40 -10.34 -11.08
CA HIS B 61 4.04 -9.33 -10.22
C HIS B 61 3.05 -8.25 -9.82
N ARG B 62 2.10 -7.94 -10.69
CA ARG B 62 1.12 -6.93 -10.40
C ARG B 62 0.19 -7.43 -9.30
N LEU B 63 0.11 -8.75 -9.17
CA LEU B 63 -0.68 -9.36 -8.12
C LEU B 63 0.08 -9.36 -6.79
N ARG B 64 1.37 -9.70 -6.83
CA ARG B 64 2.19 -9.71 -5.62
C ARG B 64 2.36 -8.31 -5.05
N ALA B 65 2.19 -7.31 -5.92
CA ALA B 65 2.23 -5.92 -5.50
C ALA B 65 0.91 -5.53 -4.83
N MET B 66 -0.20 -5.80 -5.52
CA MET B 66 -1.52 -5.47 -5.01
C MET B 66 -1.83 -6.21 -3.71
N ASN B 67 -1.13 -7.31 -3.49
CA ASN B 67 -1.20 -8.04 -2.23
C ASN B 67 -0.86 -7.10 -1.08
N THR B 68 0.18 -6.31 -1.27
CA THR B 68 0.60 -5.34 -0.27
C THR B 68 -0.24 -4.06 -0.36
N ALA B 69 -0.65 -3.70 -1.57
CA ALA B 69 -1.45 -2.49 -1.78
C ALA B 69 -2.77 -2.56 -1.00
N MET B 70 -3.53 -3.62 -1.25
CA MET B 70 -4.82 -3.80 -0.58
C MET B 70 -4.63 -3.86 0.94
N ALA B 71 -3.59 -4.56 1.35
CA ALA B 71 -3.30 -4.74 2.74
C ALA B 71 -2.92 -3.43 3.42
N ALA B 72 -2.15 -2.61 2.72
CA ALA B 72 -1.74 -1.31 3.24
C ALA B 72 -2.94 -0.40 3.45
N GLU B 73 -3.87 -0.44 2.50
CA GLU B 73 -5.13 0.29 2.62
C GLU B 73 -5.85 -0.09 3.91
N VAL B 74 -6.12 -1.38 4.06
CA VAL B 74 -6.79 -1.89 5.26
C VAL B 74 -6.06 -1.46 6.53
N ALA B 75 -4.75 -1.66 6.56
CA ALA B 75 -3.95 -1.32 7.72
C ALA B 75 -4.02 0.17 8.05
N GLU B 76 -3.94 1.00 7.03
CA GLU B 76 -4.04 2.45 7.22
C GLU B 76 -5.44 2.81 7.72
N VAL B 77 -6.44 2.15 7.17
CA VAL B 77 -7.82 2.32 7.60
C VAL B 77 -7.97 2.03 9.09
N VAL B 78 -7.27 1.00 9.55
CA VAL B 78 -7.28 0.64 10.96
C VAL B 78 -6.49 1.67 11.78
N ALA B 79 -5.25 1.94 11.36
CA ALA B 79 -4.35 2.82 12.09
C ALA B 79 -4.92 4.23 12.22
N THR B 80 -5.61 4.69 11.19
CA THR B 80 -6.17 6.03 11.19
C THR B 80 -7.55 6.04 11.84
N SER B 81 -7.55 5.99 13.16
CA SER B 81 -8.77 6.03 13.94
C SER B 81 -8.45 6.52 15.34
N PRO B 82 -9.46 6.92 16.12
CA PRO B 82 -9.26 7.30 17.53
C PRO B 82 -8.66 6.13 18.31
N PRO B 83 -7.74 6.42 19.25
CA PRO B 83 -7.00 5.36 19.96
C PRO B 83 -7.92 4.46 20.77
N GLN B 84 -9.11 4.97 21.07
CA GLN B 84 -10.10 4.24 21.84
C GLN B 84 -10.85 3.23 20.96
N SER B 85 -10.80 3.44 19.66
CA SER B 85 -11.51 2.59 18.72
C SER B 85 -10.52 1.77 17.89
N TYR B 86 -9.28 2.22 17.86
CA TYR B 86 -8.20 1.58 17.11
C TYR B 86 -8.11 0.08 17.41
N SER B 87 -8.12 -0.25 18.69
CA SER B 87 -8.01 -1.65 19.11
C SER B 87 -9.20 -2.47 18.61
N ALA B 88 -10.39 -1.88 18.67
CA ALA B 88 -11.60 -2.55 18.24
C ALA B 88 -11.60 -2.78 16.73
N VAL B 89 -11.23 -1.74 15.98
CA VAL B 89 -11.16 -1.83 14.52
C VAL B 89 -10.11 -2.86 14.11
N LEU B 90 -8.97 -2.82 14.79
CA LEU B 90 -7.87 -3.74 14.52
C LEU B 90 -8.31 -5.18 14.71
N ASN B 91 -8.90 -5.45 15.87
CA ASN B 91 -9.38 -6.78 16.22
C ASN B 91 -10.44 -7.27 15.24
N THR B 92 -11.25 -6.35 14.75
CA THR B 92 -12.30 -6.68 13.80
C THR B 92 -11.70 -7.08 12.46
N ILE B 93 -10.89 -6.21 11.89
CA ILE B 93 -10.24 -6.49 10.62
C ILE B 93 -9.39 -7.75 10.69
N GLY B 94 -8.58 -7.87 11.74
CA GLY B 94 -7.72 -9.03 11.90
C GLY B 94 -8.48 -10.33 11.82
N ALA B 95 -9.64 -10.38 12.46
CA ALA B 95 -10.45 -11.58 12.46
C ALA B 95 -11.17 -11.77 11.13
N CYS B 96 -11.63 -10.68 10.52
CA CYS B 96 -12.31 -10.74 9.23
C CYS B 96 -11.38 -11.26 8.16
N LEU B 97 -10.09 -10.94 8.25
CA LEU B 97 -9.13 -11.38 7.26
C LEU B 97 -9.10 -12.91 7.15
N ARG B 98 -9.12 -13.59 8.28
CA ARG B 98 -9.09 -15.04 8.28
C ARG B 98 -10.33 -15.60 7.61
N GLU B 99 -11.50 -15.10 8.00
CA GLU B 99 -12.75 -15.62 7.49
C GLU B 99 -12.95 -15.24 6.02
N SER B 100 -12.56 -14.03 5.64
CA SER B 100 -12.65 -13.59 4.25
C SER B 100 -11.83 -14.50 3.35
N MET B 101 -10.66 -14.93 3.84
CA MET B 101 -9.82 -15.84 3.08
C MET B 101 -10.50 -17.17 2.85
N MET B 102 -11.17 -17.68 3.87
CA MET B 102 -11.85 -18.97 3.76
C MET B 102 -13.15 -18.84 2.96
N GLN B 103 -13.69 -17.63 2.88
CA GLN B 103 -14.87 -17.38 2.05
C GLN B 103 -14.46 -17.17 0.59
N ALA B 104 -13.25 -16.67 0.39
CA ALA B 104 -12.74 -16.38 -0.94
C ALA B 104 -12.09 -17.61 -1.57
N THR B 105 -10.97 -18.01 -1.00
CA THR B 105 -10.21 -19.13 -1.54
C THR B 105 -10.64 -20.44 -0.88
N GLY B 106 -11.04 -20.35 0.38
CA GLY B 106 -11.41 -21.52 1.13
C GLY B 106 -10.30 -21.91 2.09
N SER B 107 -9.21 -21.17 2.05
CA SER B 107 -8.06 -21.43 2.88
C SER B 107 -7.59 -20.16 3.55
N VAL B 108 -7.00 -20.29 4.73
CA VAL B 108 -6.53 -19.15 5.48
C VAL B 108 -5.09 -18.79 5.11
N ASP B 109 -4.92 -17.67 4.43
CA ASP B 109 -3.59 -17.17 4.11
C ASP B 109 -3.07 -16.33 5.26
N ASN B 110 -2.08 -16.85 5.97
CA ASN B 110 -1.55 -16.15 7.14
C ASN B 110 -0.54 -15.09 6.72
N ALA B 111 0.08 -15.29 5.55
CA ALA B 111 1.09 -14.36 5.07
C ALA B 111 0.51 -12.97 4.87
N PHE B 112 -0.62 -12.92 4.19
CA PHE B 112 -1.31 -11.66 3.93
C PHE B 112 -1.84 -11.07 5.23
N THR B 113 -2.58 -11.89 5.97
CA THR B 113 -3.12 -11.48 7.27
C THR B 113 -2.01 -10.98 8.21
N ASN B 114 -0.83 -11.57 8.11
CA ASN B 114 0.30 -11.13 8.92
C ASN B 114 0.81 -9.78 8.45
N GLU B 115 0.85 -9.59 7.12
CA GLU B 115 1.30 -8.33 6.53
C GLU B 115 0.49 -7.16 7.07
N VAL B 116 -0.84 -7.29 7.05
CA VAL B 116 -1.72 -6.23 7.53
C VAL B 116 -1.46 -5.89 8.98
N MET B 117 -1.15 -6.90 9.78
CA MET B 117 -0.92 -6.71 11.21
C MET B 117 0.38 -5.95 11.43
N GLN B 118 1.36 -6.22 10.58
CA GLN B 118 2.64 -5.55 10.66
C GLN B 118 2.54 -4.13 10.14
N LEU B 119 1.82 -3.98 9.03
CA LEU B 119 1.61 -2.68 8.42
C LEU B 119 1.00 -1.69 9.40
N VAL B 120 -0.04 -2.14 10.10
CA VAL B 120 -0.76 -1.25 11.01
C VAL B 120 0.08 -0.91 12.24
N LYS B 121 0.89 -1.86 12.70
CA LYS B 121 1.78 -1.61 13.84
C LYS B 121 2.85 -0.61 13.45
N MET B 122 3.44 -0.82 12.27
CA MET B 122 4.50 0.05 11.78
C MET B 122 3.99 1.46 11.54
N LEU B 123 2.78 1.57 11.00
CA LEU B 123 2.20 2.88 10.71
C LEU B 123 1.78 3.59 11.98
N SER B 124 1.76 2.87 13.09
CA SER B 124 1.44 3.46 14.38
C SER B 124 2.72 3.76 15.15
N ALA B 125 3.86 3.60 14.46
CA ALA B 125 5.17 3.82 15.06
C ALA B 125 6.18 4.17 13.98
N ASP B 126 7.43 3.82 14.23
CA ASP B 126 8.49 3.98 13.23
C ASP B 126 9.49 2.83 13.39
N SER B 127 9.27 1.76 12.65
CA SER B 127 10.09 0.56 12.76
C SER B 127 11.34 0.67 11.90
N ALA B 128 12.49 0.88 12.55
CA ALA B 128 13.75 1.04 11.84
C ALA B 128 14.76 -0.02 12.26
N ASN B 129 14.26 -1.11 12.81
CA ASN B 129 15.12 -2.20 13.29
C ASN B 129 15.78 -2.92 12.11
N GLU B 130 17.03 -3.33 12.31
CA GLU B 130 17.79 -3.99 11.27
C GLU B 130 17.82 -5.49 11.48
N VAL B 131 16.87 -6.18 10.88
CA VAL B 131 16.79 -7.63 10.97
C VAL B 131 16.97 -8.27 9.58
N SER B 132 17.39 -7.45 8.63
CA SER B 132 17.60 -7.91 7.27
C SER B 132 18.99 -8.52 7.10
N THR B 133 19.07 -9.84 7.21
CA THR B 133 20.31 -10.56 6.99
C THR B 133 20.01 -11.99 6.51
N GLY A 1 -3.44 24.32 20.27
CA GLY A 1 -2.50 24.55 19.15
C GLY A 1 -3.14 24.26 17.81
N SER A 2 -2.31 24.07 16.79
CA SER A 2 -2.82 23.75 15.47
C SER A 2 -3.10 22.25 15.38
N GLY A 3 -2.18 21.45 15.90
CA GLY A 3 -2.35 20.01 15.96
C GLY A 3 -2.16 19.33 14.60
N ASN A 4 -2.89 19.80 13.61
CA ASN A 4 -2.89 19.20 12.29
C ASN A 4 -1.60 19.52 11.54
N SER A 5 -0.97 18.50 10.99
CA SER A 5 0.19 18.68 10.15
C SER A 5 -0.24 18.77 8.69
N GLN A 6 0.47 19.58 7.91
CA GLN A 6 0.08 19.82 6.53
C GLN A 6 0.98 19.04 5.58
N PRO A 7 0.44 17.99 4.94
CA PRO A 7 1.16 17.18 3.96
C PRO A 7 1.08 17.78 2.55
N ILE A 8 1.69 17.10 1.59
CA ILE A 8 1.67 17.57 0.21
C ILE A 8 0.42 17.09 -0.53
N TRP A 9 -0.37 16.26 0.16
CA TRP A 9 -1.55 15.67 -0.45
C TRP A 9 -2.76 16.58 -0.31
N THR A 10 -2.78 17.63 -1.11
CA THR A 10 -3.95 18.50 -1.20
C THR A 10 -4.45 18.53 -2.64
N ASN A 11 -3.51 18.60 -3.58
CA ASN A 11 -3.84 18.52 -4.99
C ASN A 11 -3.33 17.20 -5.56
N PRO A 12 -4.22 16.44 -6.20
CA PRO A 12 -3.89 15.11 -6.71
C PRO A 12 -2.87 15.14 -7.83
N ASN A 13 -2.89 16.19 -8.65
CA ASN A 13 -1.93 16.33 -9.74
C ASN A 13 -0.54 16.66 -9.18
N ALA A 14 -0.52 17.40 -8.08
CA ALA A 14 0.73 17.73 -7.41
C ALA A 14 1.35 16.47 -6.83
N ALA A 15 0.51 15.63 -6.23
CA ALA A 15 0.96 14.35 -5.70
C ALA A 15 1.40 13.44 -6.84
N MET A 16 0.67 13.49 -7.95
CA MET A 16 1.02 12.75 -9.16
C MET A 16 2.39 13.17 -9.68
N THR A 17 2.75 14.42 -9.43
CA THR A 17 4.06 14.92 -9.85
C THR A 17 5.16 14.13 -9.14
N MET A 18 4.94 13.84 -7.85
CA MET A 18 5.83 13.00 -7.07
C MET A 18 5.88 11.59 -7.65
N THR A 19 4.70 11.08 -8.03
CA THR A 19 4.58 9.75 -8.61
C THR A 19 5.34 9.65 -9.94
N ASN A 20 5.05 10.59 -10.84
CA ASN A 20 5.64 10.59 -12.17
C ASN A 20 7.16 10.78 -12.11
N ASN A 21 7.60 11.72 -11.28
CA ASN A 21 9.03 11.98 -11.12
C ASN A 21 9.73 10.76 -10.56
N LEU A 22 9.03 10.03 -9.70
CA LEU A 22 9.58 8.83 -9.10
C LEU A 22 9.83 7.77 -10.17
N VAL A 23 8.87 7.59 -11.06
CA VAL A 23 9.00 6.64 -12.16
C VAL A 23 10.09 7.07 -13.13
N GLN A 24 10.15 8.36 -13.43
CA GLN A 24 11.18 8.89 -14.32
C GLN A 24 12.56 8.70 -13.70
N CYS A 25 12.64 8.84 -12.38
CA CYS A 25 13.89 8.65 -11.65
C CYS A 25 14.33 7.18 -11.75
N ALA A 26 13.36 6.29 -11.76
CA ALA A 26 13.62 4.86 -11.90
C ALA A 26 14.01 4.52 -13.34
N SER A 27 13.39 5.21 -14.28
CA SER A 27 13.62 4.98 -15.69
C SER A 27 15.00 5.49 -16.11
N ARG A 28 15.52 6.48 -15.39
CA ARG A 28 16.83 7.05 -15.72
C ARG A 28 17.95 6.31 -15.00
N SER A 29 17.61 5.65 -13.90
CA SER A 29 18.61 4.94 -13.11
C SER A 29 18.89 3.56 -13.71
N GLY A 30 17.84 2.90 -14.18
CA GLY A 30 17.99 1.61 -14.82
C GLY A 30 18.29 0.49 -13.83
N VAL A 31 18.18 0.80 -12.54
CA VAL A 31 18.45 -0.19 -11.51
C VAL A 31 17.24 -1.13 -11.34
N LEU A 32 16.08 -0.66 -11.77
CA LEU A 32 14.88 -1.50 -11.75
C LEU A 32 14.70 -2.17 -13.10
N THR A 33 14.06 -3.33 -13.09
CA THR A 33 13.79 -4.06 -14.31
C THR A 33 12.50 -3.57 -14.96
N ALA A 34 12.24 -4.01 -16.18
CA ALA A 34 11.04 -3.60 -16.90
C ALA A 34 9.79 -4.09 -16.18
N ASP A 35 9.91 -5.22 -15.50
CA ASP A 35 8.84 -5.76 -14.67
C ASP A 35 8.50 -4.76 -13.58
N GLN A 36 9.52 -4.35 -12.83
CA GLN A 36 9.36 -3.40 -11.74
C GLN A 36 8.92 -2.03 -12.25
N MET A 37 9.36 -1.68 -13.45
CA MET A 37 8.99 -0.41 -14.05
C MET A 37 7.51 -0.38 -14.42
N ASP A 38 6.92 -1.54 -14.67
CA ASP A 38 5.49 -1.62 -14.97
C ASP A 38 4.69 -1.61 -13.67
N ASP A 39 5.30 -2.12 -12.59
CA ASP A 39 4.72 -1.98 -11.25
C ASP A 39 4.50 -0.52 -10.94
N MET A 40 5.59 0.24 -10.93
CA MET A 40 5.55 1.67 -10.68
C MET A 40 4.82 2.41 -11.80
N GLY A 41 4.85 1.82 -12.98
CA GLY A 41 4.14 2.39 -14.11
C GLY A 41 2.63 2.39 -13.88
N MET A 42 2.09 1.25 -13.48
CA MET A 42 0.66 1.17 -13.22
C MET A 42 0.32 1.91 -11.94
N MET A 43 1.32 2.15 -11.10
CA MET A 43 1.15 2.97 -9.91
C MET A 43 0.71 4.38 -10.31
N ALA A 44 1.49 4.99 -11.20
CA ALA A 44 1.17 6.30 -11.73
C ALA A 44 -0.16 6.25 -12.49
N ASP A 45 -0.35 5.18 -13.22
CA ASP A 45 -1.58 4.95 -13.97
C ASP A 45 -2.79 4.92 -13.03
N SER A 46 -2.64 4.25 -11.89
CA SER A 46 -3.72 4.15 -10.91
C SER A 46 -4.04 5.52 -10.32
N VAL A 47 -3.03 6.36 -10.16
CA VAL A 47 -3.24 7.72 -9.67
C VAL A 47 -3.96 8.55 -10.73
N ASN A 48 -3.50 8.45 -11.96
CA ASN A 48 -4.07 9.20 -13.07
C ASN A 48 -5.51 8.76 -13.34
N SER A 49 -5.74 7.46 -13.38
CA SER A 49 -7.07 6.92 -13.65
C SER A 49 -8.05 7.30 -12.55
N GLN A 50 -7.58 7.39 -11.31
CA GLN A 50 -8.45 7.79 -10.23
C GLN A 50 -8.87 9.24 -10.37
N MET A 51 -7.98 10.07 -10.91
CA MET A 51 -8.29 11.49 -11.09
C MET A 51 -9.39 11.70 -12.15
N GLN A 52 -9.57 10.71 -13.02
CA GLN A 52 -10.65 10.77 -14.01
C GLN A 52 -11.86 9.99 -13.53
N LYS A 53 -11.68 9.18 -12.49
CA LYS A 53 -12.79 8.53 -11.81
C LYS A 53 -13.44 9.50 -10.83
N MET A 54 -12.62 10.35 -10.24
CA MET A 54 -13.08 11.36 -9.30
C MET A 54 -13.40 12.66 -10.03
N GLY A 55 -13.97 13.61 -9.31
CA GLY A 55 -14.30 14.89 -9.92
C GLY A 55 -13.43 16.01 -9.37
N PRO A 56 -13.73 17.27 -9.73
CA PRO A 56 -12.99 18.43 -9.24
C PRO A 56 -13.09 18.56 -7.71
N ASN A 57 -11.94 18.70 -7.07
CA ASN A 57 -11.84 18.66 -5.61
C ASN A 57 -12.37 17.32 -5.09
N PRO A 58 -11.50 16.31 -5.06
CA PRO A 58 -11.87 14.94 -4.70
C PRO A 58 -12.09 14.77 -3.20
N PRO A 59 -12.67 13.63 -2.80
CA PRO A 59 -12.84 13.30 -1.37
C PRO A 59 -11.49 13.26 -0.66
N GLN A 60 -11.38 14.03 0.42
CA GLN A 60 -10.13 14.15 1.16
C GLN A 60 -9.65 12.79 1.68
N HIS A 61 -10.59 11.95 2.08
CA HIS A 61 -10.24 10.64 2.61
C HIS A 61 -9.65 9.74 1.52
N ARG A 62 -9.91 10.07 0.27
CA ARG A 62 -9.34 9.31 -0.82
C ARG A 62 -7.87 9.65 -0.94
N LEU A 63 -7.54 10.90 -0.70
CA LEU A 63 -6.15 11.36 -0.72
C LEU A 63 -5.34 10.71 0.39
N ARG A 64 -5.95 10.60 1.58
CA ARG A 64 -5.26 9.98 2.72
C ARG A 64 -4.92 8.53 2.41
N ALA A 65 -5.84 7.82 1.75
CA ALA A 65 -5.59 6.44 1.39
C ALA A 65 -4.51 6.33 0.32
N MET A 66 -4.56 7.23 -0.65
CA MET A 66 -3.63 7.19 -1.78
C MET A 66 -2.21 7.50 -1.34
N ASN A 67 -2.06 8.15 -0.18
CA ASN A 67 -0.76 8.38 0.41
C ASN A 67 -0.03 7.06 0.62
N THR A 68 -0.70 6.13 1.28
CA THR A 68 -0.11 4.83 1.57
C THR A 68 -0.03 3.98 0.31
N ALA A 69 -0.92 4.24 -0.63
CA ALA A 69 -0.95 3.50 -1.90
C ALA A 69 0.37 3.62 -2.65
N MET A 70 0.75 4.84 -3.01
CA MET A 70 1.98 5.09 -3.76
C MET A 70 3.19 4.61 -2.95
N ALA A 71 3.11 4.79 -1.64
CA ALA A 71 4.21 4.40 -0.76
C ALA A 71 4.44 2.89 -0.76
N ALA A 72 3.37 2.15 -0.51
CA ALA A 72 3.45 0.70 -0.41
C ALA A 72 3.80 0.07 -1.75
N GLU A 73 3.28 0.63 -2.83
CA GLU A 73 3.58 0.11 -4.16
C GLU A 73 5.07 0.17 -4.45
N VAL A 74 5.68 1.32 -4.18
CA VAL A 74 7.11 1.49 -4.39
C VAL A 74 7.91 0.52 -3.52
N ALA A 75 7.52 0.39 -2.26
CA ALA A 75 8.19 -0.51 -1.33
C ALA A 75 8.08 -1.95 -1.82
N GLU A 76 6.91 -2.29 -2.36
CA GLU A 76 6.67 -3.62 -2.94
C GLU A 76 7.65 -3.87 -4.07
N VAL A 77 7.82 -2.86 -4.92
CA VAL A 77 8.73 -2.94 -6.05
C VAL A 77 10.17 -3.16 -5.60
N VAL A 78 10.58 -2.43 -4.58
CA VAL A 78 11.95 -2.50 -4.08
C VAL A 78 12.19 -3.80 -3.31
N ALA A 79 11.27 -4.14 -2.41
CA ALA A 79 11.42 -5.31 -1.56
C ALA A 79 11.41 -6.59 -2.39
N THR A 80 10.56 -6.63 -3.40
CA THR A 80 10.48 -7.78 -4.28
C THR A 80 11.52 -7.67 -5.40
N SER A 81 12.78 -7.78 -5.01
CA SER A 81 13.89 -7.73 -5.95
C SER A 81 14.91 -8.80 -5.57
N PRO A 82 15.78 -9.19 -6.51
CA PRO A 82 16.88 -10.09 -6.20
C PRO A 82 17.77 -9.50 -5.11
N PRO A 83 18.17 -10.31 -4.12
CA PRO A 83 18.90 -9.82 -2.94
C PRO A 83 20.24 -9.20 -3.30
N GLN A 84 20.71 -9.47 -4.51
CA GLN A 84 22.00 -8.98 -4.97
C GLN A 84 21.91 -7.53 -5.41
N SER A 85 20.69 -7.03 -5.59
CA SER A 85 20.50 -5.66 -6.07
C SER A 85 19.47 -4.92 -5.24
N TYR A 86 19.05 -5.54 -4.14
CA TYR A 86 18.03 -4.96 -3.25
C TYR A 86 18.47 -3.58 -2.73
N SER A 87 19.69 -3.51 -2.21
CA SER A 87 20.17 -2.27 -1.60
C SER A 87 20.31 -1.16 -2.66
N ALA A 88 20.69 -1.55 -3.87
CA ALA A 88 20.85 -0.60 -4.97
C ALA A 88 19.50 0.04 -5.33
N VAL A 89 18.49 -0.80 -5.52
CA VAL A 89 17.15 -0.31 -5.85
C VAL A 89 16.61 0.54 -4.70
N LEU A 90 16.81 0.06 -3.47
CA LEU A 90 16.37 0.77 -2.28
C LEU A 90 17.00 2.16 -2.22
N ASN A 91 18.32 2.20 -2.36
CA ASN A 91 19.06 3.45 -2.36
C ASN A 91 18.53 4.42 -3.40
N THR A 92 18.26 3.90 -4.59
CA THR A 92 17.81 4.70 -5.70
C THR A 92 16.48 5.38 -5.36
N ILE A 93 15.50 4.57 -5.02
CA ILE A 93 14.18 5.07 -4.68
C ILE A 93 14.25 6.04 -3.48
N GLY A 94 14.99 5.65 -2.45
CA GLY A 94 15.11 6.48 -1.26
C GLY A 94 15.63 7.87 -1.57
N ALA A 95 16.55 7.96 -2.53
CA ALA A 95 17.09 9.24 -2.95
C ALA A 95 16.10 9.97 -3.84
N CYS A 96 15.44 9.23 -4.72
CA CYS A 96 14.47 9.82 -5.64
C CYS A 96 13.32 10.48 -4.90
N LEU A 97 12.82 9.84 -3.84
CA LEU A 97 11.69 10.39 -3.08
C LEU A 97 11.98 11.82 -2.62
N ARG A 98 13.21 12.05 -2.20
CA ARG A 98 13.63 13.37 -1.74
C ARG A 98 13.59 14.38 -2.89
N GLU A 99 14.17 14.00 -4.03
CA GLU A 99 14.28 14.92 -5.15
C GLU A 99 12.95 15.07 -5.88
N SER A 100 12.16 14.01 -5.91
CA SER A 100 10.84 14.05 -6.53
C SER A 100 9.94 15.04 -5.79
N MET A 101 10.00 15.01 -4.46
CA MET A 101 9.20 15.92 -3.64
C MET A 101 9.59 17.38 -3.90
N MET A 102 10.88 17.63 -4.02
CA MET A 102 11.37 18.98 -4.27
C MET A 102 11.02 19.44 -5.69
N GLN A 103 10.74 18.48 -6.57
CA GLN A 103 10.32 18.79 -7.92
C GLN A 103 8.80 18.74 -8.03
N ALA A 104 8.15 18.32 -6.95
CA ALA A 104 6.70 18.24 -6.91
C ALA A 104 6.11 19.44 -6.18
N THR A 105 6.50 19.63 -4.93
CA THR A 105 5.99 20.71 -4.11
C THR A 105 7.07 21.75 -3.82
N GLY A 106 8.32 21.36 -4.03
CA GLY A 106 9.42 22.25 -3.72
C GLY A 106 9.94 22.03 -2.32
N SER A 107 9.34 21.07 -1.62
CA SER A 107 9.72 20.76 -0.26
C SER A 107 9.90 19.26 -0.11
N VAL A 108 10.73 18.83 0.83
CA VAL A 108 10.96 17.41 1.03
C VAL A 108 10.23 16.92 2.28
N ASP A 109 9.12 16.24 2.06
CA ASP A 109 8.39 15.63 3.16
C ASP A 109 9.09 14.38 3.65
N ASN A 110 9.47 14.40 4.91
CA ASN A 110 10.19 13.27 5.50
C ASN A 110 9.22 12.18 5.90
N ALA A 111 7.96 12.54 6.12
CA ALA A 111 6.96 11.58 6.56
C ALA A 111 6.77 10.49 5.52
N PHE A 112 6.58 10.88 4.27
CA PHE A 112 6.36 9.94 3.19
C PHE A 112 7.65 9.19 2.87
N THR A 113 8.72 9.94 2.67
CA THR A 113 10.02 9.36 2.38
C THR A 113 10.44 8.34 3.46
N ASN A 114 10.18 8.65 4.71
CA ASN A 114 10.49 7.73 5.81
C ASN A 114 9.55 6.53 5.77
N GLU A 115 8.27 6.80 5.51
CA GLU A 115 7.24 5.75 5.45
C GLU A 115 7.66 4.65 4.47
N VAL A 116 8.04 5.05 3.26
CA VAL A 116 8.42 4.09 2.23
C VAL A 116 9.68 3.32 2.63
N MET A 117 10.58 3.96 3.35
CA MET A 117 11.83 3.33 3.76
C MET A 117 11.56 2.28 4.82
N GLN A 118 10.61 2.57 5.69
CA GLN A 118 10.23 1.65 6.73
C GLN A 118 9.40 0.51 6.13
N LEU A 119 8.56 0.85 5.16
CA LEU A 119 7.75 -0.12 4.44
C LEU A 119 8.63 -1.20 3.83
N VAL A 120 9.62 -0.78 3.06
CA VAL A 120 10.46 -1.70 2.33
C VAL A 120 11.32 -2.54 3.28
N LYS A 121 11.70 -1.96 4.42
CA LYS A 121 12.46 -2.69 5.43
C LYS A 121 11.56 -3.72 6.11
N MET A 122 10.36 -3.28 6.46
CA MET A 122 9.39 -4.14 7.12
C MET A 122 9.03 -5.34 6.25
N LEU A 123 8.82 -5.09 4.97
CA LEU A 123 8.49 -6.16 4.03
C LEU A 123 9.67 -7.12 3.85
N SER A 124 10.87 -6.58 4.00
CA SER A 124 12.09 -7.38 3.88
C SER A 124 12.38 -8.09 5.20
N ALA A 125 11.64 -7.70 6.22
CA ALA A 125 11.78 -8.29 7.55
C ALA A 125 10.72 -9.35 7.76
N ASP A 126 10.16 -9.80 6.66
CA ASP A 126 9.19 -10.88 6.68
C ASP A 126 9.94 -12.18 6.41
N SER A 127 10.01 -13.04 7.41
CA SER A 127 10.81 -14.26 7.37
C SER A 127 10.43 -15.16 6.19
N ALA A 128 11.24 -15.10 5.13
CA ALA A 128 11.06 -15.95 3.96
C ALA A 128 12.38 -16.60 3.58
N ASN A 129 13.27 -16.68 4.56
CA ASN A 129 14.60 -17.23 4.34
C ASN A 129 14.66 -18.68 4.81
N GLU A 130 15.82 -19.31 4.67
CA GLU A 130 16.00 -20.68 5.12
C GLU A 130 16.80 -20.71 6.41
N VAL A 131 16.16 -21.18 7.48
CA VAL A 131 16.83 -21.29 8.77
C VAL A 131 17.68 -22.54 8.82
N SER A 132 17.30 -23.53 8.02
CA SER A 132 18.00 -24.80 7.95
C SER A 132 17.42 -25.64 6.81
N THR A 133 18.27 -26.09 5.90
CA THR A 133 17.82 -26.91 4.79
C THR A 133 17.92 -28.40 5.11
N GLY B 1 11.39 -27.28 -3.55
CA GLY B 1 10.68 -28.54 -3.56
C GLY B 1 9.37 -28.44 -4.34
N SER B 2 8.97 -27.22 -4.65
CA SER B 2 7.75 -26.98 -5.40
C SER B 2 7.94 -25.80 -6.35
N GLY B 3 9.18 -25.36 -6.48
CA GLY B 3 9.47 -24.20 -7.31
C GLY B 3 9.20 -22.91 -6.56
N ASN B 4 7.94 -22.48 -6.60
CA ASN B 4 7.53 -21.28 -5.89
C ASN B 4 6.29 -21.59 -5.08
N SER B 5 6.18 -20.99 -3.90
CA SER B 5 5.00 -21.16 -3.08
C SER B 5 3.78 -20.60 -3.79
N GLN B 6 2.70 -21.35 -3.77
CA GLN B 6 1.48 -20.97 -4.46
C GLN B 6 0.50 -20.33 -3.49
N PRO B 7 0.33 -19.00 -3.57
CA PRO B 7 -0.59 -18.28 -2.71
C PRO B 7 -2.00 -18.24 -3.28
N ILE B 8 -2.90 -17.59 -2.56
CA ILE B 8 -4.28 -17.45 -3.00
C ILE B 8 -4.41 -16.31 -4.00
N TRP B 9 -3.42 -15.45 -3.99
CA TRP B 9 -3.48 -14.17 -4.69
C TRP B 9 -2.95 -14.32 -6.13
N THR B 10 -3.09 -15.51 -6.69
CA THR B 10 -2.71 -15.75 -8.08
C THR B 10 -3.90 -15.52 -8.99
N ASN B 11 -5.06 -15.34 -8.38
CA ASN B 11 -6.30 -15.07 -9.10
C ASN B 11 -6.84 -13.71 -8.69
N PRO B 12 -7.12 -12.84 -9.67
CA PRO B 12 -7.50 -11.46 -9.41
C PRO B 12 -8.88 -11.32 -8.75
N ASN B 13 -9.86 -12.06 -9.25
CA ASN B 13 -11.22 -11.98 -8.73
C ASN B 13 -11.33 -12.72 -7.40
N ALA B 14 -10.58 -13.81 -7.27
CA ALA B 14 -10.51 -14.54 -6.01
C ALA B 14 -9.89 -13.67 -4.93
N ALA B 15 -8.88 -12.89 -5.34
CA ALA B 15 -8.26 -11.92 -4.46
C ALA B 15 -9.26 -10.84 -4.06
N MET B 16 -10.02 -10.38 -5.06
CA MET B 16 -11.07 -9.38 -4.83
C MET B 16 -12.11 -9.89 -3.83
N THR B 17 -12.26 -11.22 -3.77
CA THR B 17 -13.23 -11.81 -2.86
C THR B 17 -12.85 -11.50 -1.41
N MET B 18 -11.56 -11.54 -1.10
CA MET B 18 -11.09 -11.16 0.24
C MET B 18 -11.38 -9.69 0.48
N THR B 19 -11.13 -8.87 -0.53
CA THR B 19 -11.37 -7.44 -0.45
C THR B 19 -12.83 -7.15 -0.13
N ASN B 20 -13.72 -7.83 -0.84
CA ASN B 20 -15.16 -7.67 -0.65
C ASN B 20 -15.59 -8.21 0.71
N ASN B 21 -15.06 -9.37 1.09
CA ASN B 21 -15.39 -9.98 2.37
C ASN B 21 -14.90 -9.12 3.53
N LEU B 22 -13.78 -8.43 3.33
CA LEU B 22 -13.29 -7.49 4.33
C LEU B 22 -14.29 -6.36 4.56
N VAL B 23 -14.80 -5.81 3.47
CA VAL B 23 -15.79 -4.76 3.54
C VAL B 23 -17.07 -5.27 4.20
N GLN B 24 -17.47 -6.49 3.83
CA GLN B 24 -18.62 -7.13 4.43
C GLN B 24 -18.40 -7.37 5.93
N CYS B 25 -17.19 -7.78 6.29
CA CYS B 25 -16.85 -8.02 7.69
C CYS B 25 -16.83 -6.71 8.48
N ALA B 26 -16.30 -5.67 7.86
CA ALA B 26 -16.31 -4.35 8.47
C ALA B 26 -17.74 -3.85 8.64
N SER B 27 -18.57 -4.15 7.66
CA SER B 27 -19.98 -3.78 7.70
C SER B 27 -20.73 -4.63 8.73
N ARG B 28 -20.29 -5.86 8.93
CA ARG B 28 -20.95 -6.77 9.86
C ARG B 28 -20.48 -6.51 11.30
N SER B 29 -19.39 -5.78 11.44
CA SER B 29 -18.87 -5.41 12.74
C SER B 29 -19.38 -4.03 13.16
N GLY B 30 -19.24 -3.07 12.26
CA GLY B 30 -19.71 -1.73 12.53
C GLY B 30 -18.75 -0.95 13.42
N VAL B 31 -17.51 -1.39 13.46
CA VAL B 31 -16.50 -0.72 14.28
C VAL B 31 -15.82 0.40 13.48
N LEU B 32 -16.05 0.40 12.17
CA LEU B 32 -15.50 1.43 11.30
C LEU B 32 -16.58 2.44 10.93
N THR B 33 -16.17 3.66 10.64
CA THR B 33 -17.10 4.70 10.21
C THR B 33 -17.30 4.65 8.70
N ALA B 34 -18.30 5.36 8.20
CA ALA B 34 -18.57 5.39 6.76
C ALA B 34 -17.38 5.94 5.99
N ASP B 35 -16.69 6.89 6.61
CA ASP B 35 -15.45 7.45 6.09
C ASP B 35 -14.44 6.32 5.80
N GLN B 36 -14.25 5.47 6.79
CA GLN B 36 -13.35 4.34 6.67
C GLN B 36 -13.93 3.25 5.76
N MET B 37 -15.25 3.08 5.81
CA MET B 37 -15.92 2.08 4.99
C MET B 37 -15.83 2.46 3.52
N ASP B 38 -15.84 3.75 3.21
CA ASP B 38 -15.73 4.21 1.84
C ASP B 38 -14.29 4.05 1.36
N ASP B 39 -13.33 4.20 2.27
CA ASP B 39 -11.93 3.87 1.98
C ASP B 39 -11.81 2.43 1.51
N MET B 40 -12.37 1.52 2.29
CA MET B 40 -12.33 0.09 1.97
C MET B 40 -13.19 -0.21 0.75
N GLY B 41 -14.28 0.53 0.60
CA GLY B 41 -15.15 0.34 -0.54
C GLY B 41 -14.47 0.67 -1.85
N MET B 42 -13.77 1.81 -1.89
CA MET B 42 -13.05 2.21 -3.08
C MET B 42 -11.80 1.36 -3.26
N MET B 43 -11.35 0.72 -2.17
CA MET B 43 -10.26 -0.23 -2.23
C MET B 43 -10.65 -1.41 -3.11
N ALA B 44 -11.84 -1.95 -2.86
CA ALA B 44 -12.37 -3.03 -3.67
C ALA B 44 -12.60 -2.57 -5.10
N ASP B 45 -13.03 -1.32 -5.23
CA ASP B 45 -13.26 -0.71 -6.53
C ASP B 45 -11.94 -0.62 -7.31
N SER B 46 -10.86 -0.31 -6.60
CA SER B 46 -9.53 -0.25 -7.20
C SER B 46 -9.12 -1.63 -7.71
N VAL B 47 -9.39 -2.66 -6.92
CA VAL B 47 -9.13 -4.04 -7.34
C VAL B 47 -9.94 -4.37 -8.57
N ASN B 48 -11.18 -3.89 -8.58
CA ASN B 48 -12.10 -4.11 -9.69
C ASN B 48 -11.59 -3.41 -10.97
N SER B 49 -11.19 -2.16 -10.82
CA SER B 49 -10.73 -1.37 -11.96
C SER B 49 -9.41 -1.88 -12.50
N GLN B 50 -8.61 -2.53 -11.67
CA GLN B 50 -7.37 -3.13 -12.12
C GLN B 50 -7.64 -4.40 -12.92
N MET B 51 -8.79 -5.03 -12.67
CA MET B 51 -9.16 -6.20 -13.42
C MET B 51 -9.68 -5.84 -14.80
N GLN B 52 -10.10 -4.58 -14.98
CA GLN B 52 -10.49 -4.10 -16.29
C GLN B 52 -9.32 -3.42 -17.00
N LYS B 53 -8.26 -3.14 -16.23
CA LYS B 53 -6.99 -2.71 -16.81
C LYS B 53 -6.34 -3.90 -17.52
N MET B 54 -6.53 -5.07 -16.91
CA MET B 54 -5.97 -6.32 -17.44
C MET B 54 -7.02 -7.06 -18.26
N GLY B 55 -6.68 -8.26 -18.72
CA GLY B 55 -7.61 -9.03 -19.53
C GLY B 55 -7.56 -10.52 -19.21
N PRO B 56 -7.73 -11.39 -20.24
CA PRO B 56 -7.74 -12.85 -20.06
C PRO B 56 -6.36 -13.40 -19.72
N ASN B 57 -5.35 -12.62 -20.06
CA ASN B 57 -3.97 -12.97 -19.78
C ASN B 57 -3.29 -11.79 -19.10
N PRO B 58 -3.52 -11.60 -17.81
CA PRO B 58 -2.95 -10.49 -17.05
C PRO B 58 -1.52 -10.73 -16.62
N PRO B 59 -0.81 -9.65 -16.31
CA PRO B 59 0.54 -9.71 -15.77
C PRO B 59 0.53 -10.01 -14.27
N GLN B 60 1.01 -11.19 -13.90
CA GLN B 60 0.97 -11.65 -12.52
C GLN B 60 1.79 -10.72 -11.61
N HIS B 61 2.75 -10.01 -12.18
CA HIS B 61 3.57 -9.10 -11.40
C HIS B 61 2.75 -7.91 -10.91
N ARG B 62 1.68 -7.58 -11.62
CA ARG B 62 0.80 -6.52 -11.16
C ARG B 62 -0.02 -7.01 -9.98
N LEU B 63 -0.15 -8.33 -9.89
CA LEU B 63 -0.85 -8.94 -8.76
C LEU B 63 0.02 -8.93 -7.52
N ARG B 64 1.34 -9.15 -7.69
CA ARG B 64 2.25 -9.08 -6.55
C ARG B 64 2.26 -7.67 -5.98
N ALA B 65 2.15 -6.67 -6.86
CA ALA B 65 2.05 -5.28 -6.44
C ALA B 65 0.71 -5.02 -5.73
N MET B 66 -0.35 -5.59 -6.28
CA MET B 66 -1.69 -5.42 -5.72
C MET B 66 -1.83 -6.09 -4.36
N ASN B 67 -1.00 -7.10 -4.12
CA ASN B 67 -1.01 -7.79 -2.84
C ASN B 67 -0.75 -6.81 -1.71
N THR B 68 0.38 -6.11 -1.79
CA THR B 68 0.73 -5.11 -0.81
C THR B 68 -0.21 -3.90 -0.88
N ALA B 69 -0.81 -3.70 -2.06
CA ALA B 69 -1.74 -2.59 -2.26
C ALA B 69 -2.94 -2.70 -1.33
N MET B 70 -3.66 -3.81 -1.44
CA MET B 70 -4.84 -4.04 -0.62
C MET B 70 -4.47 -4.06 0.86
N ALA B 71 -3.33 -4.69 1.15
CA ALA B 71 -2.84 -4.80 2.51
C ALA B 71 -2.60 -3.44 3.13
N ALA B 72 -1.93 -2.56 2.40
CA ALA B 72 -1.61 -1.24 2.89
C ALA B 72 -2.85 -0.37 3.00
N GLU B 73 -3.77 -0.52 2.05
CA GLU B 73 -5.02 0.22 2.09
C GLU B 73 -5.79 -0.10 3.37
N VAL B 74 -5.87 -1.38 3.70
CA VAL B 74 -6.52 -1.81 4.93
C VAL B 74 -5.81 -1.23 6.16
N ALA B 75 -4.49 -1.29 6.15
CA ALA B 75 -3.69 -0.74 7.25
C ALA B 75 -3.92 0.76 7.39
N GLU B 76 -4.03 1.45 6.26
CA GLU B 76 -4.32 2.88 6.23
C GLU B 76 -5.65 3.14 6.94
N VAL B 77 -6.67 2.38 6.55
CA VAL B 77 -8.01 2.53 7.12
C VAL B 77 -8.00 2.35 8.64
N VAL B 78 -7.28 1.34 9.10
CA VAL B 78 -7.21 1.05 10.53
C VAL B 78 -6.41 2.11 11.27
N ALA B 79 -5.28 2.50 10.67
CA ALA B 79 -4.40 3.49 11.29
C ALA B 79 -5.05 4.86 11.35
N THR B 80 -5.77 5.23 10.30
CA THR B 80 -6.48 6.50 10.29
C THR B 80 -7.80 6.37 11.04
N SER B 81 -7.70 6.44 12.36
CA SER B 81 -8.84 6.36 13.24
C SER B 81 -8.54 7.14 14.51
N PRO B 82 -9.52 7.33 15.41
CA PRO B 82 -9.25 7.87 16.73
C PRO B 82 -8.34 6.91 17.50
N PRO B 83 -7.23 7.42 18.05
CA PRO B 83 -6.18 6.57 18.64
C PRO B 83 -6.69 5.76 19.83
N GLN B 84 -7.86 6.13 20.33
CA GLN B 84 -8.46 5.46 21.47
C GLN B 84 -9.27 4.24 21.01
N SER B 85 -9.59 4.19 19.73
CA SER B 85 -10.39 3.10 19.18
C SER B 85 -9.60 2.33 18.14
N TYR B 86 -8.33 2.70 17.98
CA TYR B 86 -7.44 2.06 17.03
C TYR B 86 -7.34 0.55 17.27
N SER B 87 -7.24 0.17 18.53
CA SER B 87 -7.11 -1.23 18.90
C SER B 87 -8.35 -2.04 18.47
N ALA B 88 -9.53 -1.45 18.67
CA ALA B 88 -10.78 -2.12 18.35
C ALA B 88 -10.88 -2.40 16.85
N VAL B 89 -10.64 -1.37 16.06
CA VAL B 89 -10.71 -1.48 14.61
C VAL B 89 -9.67 -2.49 14.09
N LEU B 90 -8.47 -2.41 14.67
CA LEU B 90 -7.38 -3.29 14.29
C LEU B 90 -7.76 -4.75 14.48
N ASN B 91 -8.22 -5.06 15.69
CA ASN B 91 -8.60 -6.43 16.04
C ASN B 91 -9.68 -6.97 15.11
N THR B 92 -10.60 -6.11 14.72
CA THR B 92 -11.67 -6.51 13.83
C THR B 92 -11.11 -6.94 12.48
N ILE B 93 -10.39 -6.03 11.83
CA ILE B 93 -9.79 -6.32 10.53
C ILE B 93 -8.88 -7.54 10.59
N GLY B 94 -8.11 -7.65 11.68
CA GLY B 94 -7.22 -8.78 11.86
C GLY B 94 -7.93 -10.11 11.72
N ALA B 95 -9.08 -10.23 12.38
CA ALA B 95 -9.87 -11.45 12.30
C ALA B 95 -10.60 -11.54 10.97
N CYS B 96 -11.04 -10.39 10.45
CA CYS B 96 -11.74 -10.34 9.17
C CYS B 96 -10.87 -10.88 8.05
N LEU B 97 -9.57 -10.59 8.10
CA LEU B 97 -8.65 -11.07 7.09
C LEU B 97 -8.66 -12.60 7.03
N ARG B 98 -8.69 -13.22 8.20
CA ARG B 98 -8.68 -14.67 8.28
C ARG B 98 -9.97 -15.25 7.69
N GLU B 99 -11.10 -14.72 8.12
CA GLU B 99 -12.39 -15.22 7.67
C GLU B 99 -12.62 -14.91 6.18
N SER B 100 -12.11 -13.77 5.72
CA SER B 100 -12.23 -13.40 4.32
C SER B 100 -11.54 -14.42 3.43
N MET B 101 -10.37 -14.90 3.87
CA MET B 101 -9.62 -15.90 3.13
C MET B 101 -10.42 -17.18 2.99
N MET B 102 -10.99 -17.64 4.09
CA MET B 102 -11.76 -18.88 4.08
C MET B 102 -13.04 -18.73 3.26
N GLN B 103 -13.61 -17.53 3.27
CA GLN B 103 -14.83 -17.25 2.52
C GLN B 103 -14.52 -16.88 1.06
N ALA B 104 -13.24 -16.79 0.75
CA ALA B 104 -12.81 -16.44 -0.60
C ALA B 104 -12.25 -17.66 -1.33
N THR B 105 -11.16 -18.18 -0.80
CA THR B 105 -10.44 -19.26 -1.46
C THR B 105 -10.78 -20.60 -0.83
N GLY B 106 -11.18 -20.56 0.44
CA GLY B 106 -11.46 -21.78 1.16
C GLY B 106 -10.30 -22.17 2.07
N SER B 107 -9.25 -21.37 2.02
CA SER B 107 -8.05 -21.61 2.80
C SER B 107 -7.62 -20.32 3.49
N VAL B 108 -6.92 -20.45 4.61
CA VAL B 108 -6.49 -19.29 5.37
C VAL B 108 -4.98 -19.12 5.29
N ASP B 109 -4.55 -17.98 4.75
CA ASP B 109 -3.14 -17.63 4.76
C ASP B 109 -2.87 -16.62 5.86
N ASN B 110 -1.94 -16.96 6.75
CA ASN B 110 -1.60 -16.09 7.85
C ASN B 110 -0.45 -15.15 7.47
N ALA B 111 0.25 -15.48 6.41
CA ALA B 111 1.39 -14.69 5.97
C ALA B 111 0.97 -13.28 5.60
N PHE B 112 -0.07 -13.18 4.77
CA PHE B 112 -0.62 -11.91 4.37
C PHE B 112 -1.20 -11.17 5.58
N THR B 113 -2.11 -11.86 6.27
CA THR B 113 -2.71 -11.34 7.49
C THR B 113 -1.65 -10.80 8.48
N ASN B 114 -0.58 -11.56 8.67
CA ASN B 114 0.52 -11.15 9.55
C ASN B 114 1.14 -9.85 9.06
N GLU B 115 1.43 -9.82 7.76
CA GLU B 115 2.11 -8.67 7.16
C GLU B 115 1.26 -7.41 7.28
N VAL B 116 -0.06 -7.57 7.15
CA VAL B 116 -0.99 -6.46 7.33
C VAL B 116 -0.97 -5.95 8.76
N MET B 117 -0.79 -6.88 9.71
CA MET B 117 -0.72 -6.52 11.12
C MET B 117 0.55 -5.72 11.39
N GLN B 118 1.59 -6.00 10.61
CA GLN B 118 2.84 -5.28 10.72
C GLN B 118 2.68 -3.89 10.10
N LEU B 119 2.02 -3.84 8.95
CA LEU B 119 1.78 -2.61 8.22
C LEU B 119 1.08 -1.58 9.07
N VAL B 120 0.02 -2.00 9.75
CA VAL B 120 -0.78 -1.09 10.54
C VAL B 120 -0.04 -0.65 11.80
N LYS B 121 0.82 -1.52 12.34
CA LYS B 121 1.67 -1.16 13.47
C LYS B 121 2.57 0.02 13.10
N MET B 122 3.30 -0.17 12.00
CA MET B 122 4.28 0.81 11.54
C MET B 122 3.64 2.17 11.29
N LEU B 123 2.45 2.17 10.71
CA LEU B 123 1.75 3.41 10.40
C LEU B 123 1.24 4.10 11.67
N SER B 124 1.38 3.42 12.80
CA SER B 124 1.01 3.98 14.08
C SER B 124 2.23 4.03 15.01
N ALA B 125 3.42 3.86 14.43
CA ALA B 125 4.65 3.84 15.21
C ALA B 125 5.44 5.12 15.02
N ASP B 126 4.76 6.16 14.62
CA ASP B 126 5.39 7.45 14.47
C ASP B 126 5.37 8.17 15.81
N SER B 127 6.53 8.65 16.24
CA SER B 127 6.67 9.34 17.51
C SER B 127 5.72 10.54 17.62
N ALA B 128 4.59 10.31 18.27
CA ALA B 128 3.60 11.35 18.50
C ALA B 128 3.59 11.73 19.97
N ASN B 129 4.74 11.54 20.62
CA ASN B 129 4.89 11.84 22.04
C ASN B 129 4.59 13.30 22.33
N GLU B 130 3.48 13.55 23.01
CA GLU B 130 3.11 14.91 23.38
C GLU B 130 3.83 15.32 24.66
N VAL B 131 5.03 15.86 24.49
CA VAL B 131 5.85 16.25 25.62
C VAL B 131 5.48 17.63 26.13
N SER B 132 5.02 18.48 25.23
CA SER B 132 4.64 19.84 25.57
C SER B 132 3.35 20.24 24.87
N THR B 133 2.30 20.47 25.65
CA THR B 133 1.02 20.87 25.10
C THR B 133 0.46 22.06 25.86
N GLY A 1 17.12 31.15 4.71
CA GLY A 1 17.32 29.69 4.83
C GLY A 1 16.18 28.92 4.19
N SER A 2 16.33 27.60 4.10
CA SER A 2 15.32 26.77 3.47
C SER A 2 15.27 25.38 4.10
N GLY A 3 14.30 25.19 4.99
CA GLY A 3 14.07 23.89 5.57
C GLY A 3 12.90 23.19 4.90
N ASN A 4 12.77 21.90 5.13
CA ASN A 4 11.69 21.13 4.50
C ASN A 4 10.99 20.26 5.53
N SER A 5 9.66 20.41 5.60
CA SER A 5 8.86 19.64 6.54
C SER A 5 7.40 19.60 6.08
N GLN A 6 6.60 18.75 6.74
CA GLN A 6 5.17 18.62 6.49
C GLN A 6 4.86 17.89 5.18
N PRO A 7 3.91 16.93 5.24
CA PRO A 7 3.48 16.16 4.06
C PRO A 7 2.74 17.02 3.04
N ILE A 8 2.86 16.66 1.77
CA ILE A 8 2.23 17.43 0.70
C ILE A 8 0.88 16.82 0.30
N TRP A 9 0.51 15.74 0.97
CA TRP A 9 -0.70 15.01 0.61
C TRP A 9 -1.95 15.78 1.00
N THR A 10 -2.39 16.63 0.08
CA THR A 10 -3.61 17.40 0.22
C THR A 10 -4.15 17.70 -1.17
N ASN A 11 -3.25 18.08 -2.06
CA ASN A 11 -3.58 18.30 -3.45
C ASN A 11 -3.22 17.07 -4.27
N PRO A 12 -4.20 16.48 -4.96
CA PRO A 12 -4.01 15.24 -5.72
C PRO A 12 -2.98 15.40 -6.83
N ASN A 13 -3.08 16.52 -7.55
CA ASN A 13 -2.21 16.75 -8.70
C ASN A 13 -0.77 16.98 -8.24
N ALA A 14 -0.61 17.68 -7.12
CA ALA A 14 0.72 17.93 -6.56
C ALA A 14 1.39 16.61 -6.17
N ALA A 15 0.61 15.73 -5.53
CA ALA A 15 1.11 14.43 -5.14
C ALA A 15 1.39 13.55 -6.36
N MET A 16 0.50 13.65 -7.35
CA MET A 16 0.63 12.89 -8.59
C MET A 16 1.90 13.29 -9.33
N THR A 17 2.31 14.54 -9.15
CA THR A 17 3.54 15.04 -9.75
C THR A 17 4.75 14.30 -9.16
N MET A 18 4.67 14.00 -7.86
CA MET A 18 5.71 13.24 -7.19
C MET A 18 5.76 11.83 -7.76
N THR A 19 4.57 11.25 -7.98
CA THR A 19 4.46 9.91 -8.55
C THR A 19 5.04 9.88 -9.96
N ASN A 20 4.73 10.90 -10.76
CA ASN A 20 5.22 11.00 -12.13
C ASN A 20 6.74 11.08 -12.15
N ASN A 21 7.29 12.05 -11.42
CA ASN A 21 8.73 12.27 -11.36
C ASN A 21 9.44 11.04 -10.82
N LEU A 22 8.80 10.35 -9.89
CA LEU A 22 9.37 9.16 -9.28
C LEU A 22 9.63 8.08 -10.33
N VAL A 23 8.62 7.83 -11.15
CA VAL A 23 8.72 6.82 -12.20
C VAL A 23 9.80 7.22 -13.21
N GLN A 24 9.85 8.50 -13.54
CA GLN A 24 10.84 9.00 -14.49
C GLN A 24 12.25 8.87 -13.93
N CYS A 25 12.40 9.13 -12.65
CA CYS A 25 13.69 8.99 -11.99
C CYS A 25 14.11 7.52 -11.99
N ALA A 26 13.15 6.63 -11.73
CA ALA A 26 13.41 5.20 -11.75
C ALA A 26 13.73 4.74 -13.16
N SER A 27 13.03 5.30 -14.14
CA SER A 27 13.21 4.95 -15.54
C SER A 27 14.62 5.28 -16.02
N ARG A 28 15.14 6.43 -15.57
CA ARG A 28 16.44 6.89 -16.04
C ARG A 28 17.59 6.26 -15.26
N SER A 29 17.27 5.59 -14.16
CA SER A 29 18.31 4.97 -13.35
C SER A 29 18.75 3.64 -13.97
N GLY A 30 17.80 2.73 -14.13
CA GLY A 30 18.10 1.44 -14.74
C GLY A 30 18.35 0.36 -13.72
N VAL A 31 18.26 0.71 -12.43
CA VAL A 31 18.42 -0.27 -11.37
C VAL A 31 17.19 -1.17 -11.28
N LEU A 32 16.05 -0.65 -11.69
CA LEU A 32 14.82 -1.42 -11.70
C LEU A 32 14.61 -2.08 -13.05
N THR A 33 13.99 -3.24 -13.03
CA THR A 33 13.68 -3.96 -14.25
C THR A 33 12.38 -3.44 -14.85
N ALA A 34 12.07 -3.84 -16.07
CA ALA A 34 10.80 -3.49 -16.69
C ALA A 34 9.63 -4.05 -15.88
N ASP A 35 9.91 -5.13 -15.16
CA ASP A 35 8.94 -5.75 -14.27
C ASP A 35 8.59 -4.79 -13.14
N GLN A 36 9.62 -4.34 -12.43
CA GLN A 36 9.47 -3.38 -11.34
C GLN A 36 8.90 -2.06 -11.87
N MET A 37 9.44 -1.63 -12.99
CA MET A 37 9.02 -0.36 -13.61
C MET A 37 7.56 -0.40 -14.03
N ASP A 38 7.11 -1.54 -14.53
CA ASP A 38 5.73 -1.67 -15.00
C ASP A 38 4.75 -1.57 -13.84
N ASP A 39 5.13 -2.14 -12.70
CA ASP A 39 4.30 -2.03 -11.50
C ASP A 39 4.23 -0.59 -11.04
N MET A 40 5.35 0.12 -11.10
CA MET A 40 5.38 1.55 -10.78
C MET A 40 4.61 2.34 -11.84
N GLY A 41 4.55 1.80 -13.04
CA GLY A 41 3.77 2.38 -14.10
C GLY A 41 2.30 2.39 -13.75
N MET A 42 1.79 1.27 -13.28
CA MET A 42 0.38 1.19 -12.89
C MET A 42 0.14 1.96 -11.59
N MET A 43 1.22 2.22 -10.85
CA MET A 43 1.14 3.09 -9.67
C MET A 43 0.64 4.46 -10.09
N ALA A 44 1.34 5.07 -11.03
CA ALA A 44 0.93 6.36 -11.57
C ALA A 44 -0.44 6.26 -12.22
N ASP A 45 -0.66 5.15 -12.93
CA ASP A 45 -1.93 4.90 -13.61
C ASP A 45 -3.10 4.84 -12.63
N SER A 46 -2.91 4.17 -11.50
CA SER A 46 -3.97 4.02 -10.50
C SER A 46 -4.32 5.39 -9.89
N VAL A 47 -3.32 6.23 -9.67
CA VAL A 47 -3.57 7.57 -9.18
C VAL A 47 -4.24 8.40 -10.28
N ASN A 48 -3.76 8.20 -11.50
CA ASN A 48 -4.29 8.89 -12.69
C ASN A 48 -5.78 8.62 -12.88
N SER A 49 -6.15 7.35 -12.93
CA SER A 49 -7.54 6.97 -13.18
C SER A 49 -8.45 7.28 -12.00
N GLN A 50 -7.92 7.20 -10.79
CA GLN A 50 -8.72 7.47 -9.60
C GLN A 50 -8.99 8.97 -9.48
N MET A 51 -8.08 9.78 -10.01
CA MET A 51 -8.25 11.21 -10.03
C MET A 51 -9.52 11.58 -10.77
N GLN A 52 -9.66 11.08 -12.00
CA GLN A 52 -10.83 11.36 -12.81
C GLN A 52 -12.07 10.63 -12.27
N LYS A 53 -11.84 9.62 -11.46
CA LYS A 53 -12.92 8.95 -10.73
C LYS A 53 -13.47 9.86 -9.63
N MET A 54 -12.70 10.87 -9.26
CA MET A 54 -13.10 11.78 -8.21
C MET A 54 -13.50 13.14 -8.78
N GLY A 55 -12.63 13.72 -9.60
CA GLY A 55 -12.91 15.00 -10.19
C GLY A 55 -12.41 16.15 -9.33
N PRO A 56 -13.09 17.31 -9.38
CA PRO A 56 -12.69 18.50 -8.61
C PRO A 56 -12.90 18.32 -7.11
N ASN A 57 -11.94 18.82 -6.33
CA ASN A 57 -11.94 18.70 -4.87
C ASN A 57 -12.27 17.28 -4.42
N PRO A 58 -11.35 16.34 -4.65
CA PRO A 58 -11.53 14.95 -4.25
C PRO A 58 -11.58 14.77 -2.73
N PRO A 59 -12.17 13.65 -2.29
CA PRO A 59 -12.27 13.32 -0.86
C PRO A 59 -10.90 13.11 -0.24
N GLN A 60 -10.57 13.93 0.74
CA GLN A 60 -9.25 13.92 1.38
C GLN A 60 -8.84 12.54 1.89
N HIS A 61 -9.82 11.73 2.32
CA HIS A 61 -9.52 10.39 2.82
C HIS A 61 -8.95 9.51 1.73
N ARG A 62 -9.29 9.79 0.48
CA ARG A 62 -8.79 9.02 -0.63
C ARG A 62 -7.31 9.35 -0.85
N LEU A 63 -6.94 10.58 -0.48
CA LEU A 63 -5.56 11.02 -0.59
C LEU A 63 -4.71 10.40 0.51
N ARG A 64 -5.25 10.33 1.73
CA ARG A 64 -4.53 9.77 2.86
C ARG A 64 -4.20 8.30 2.60
N ALA A 65 -5.12 7.60 1.96
CA ALA A 65 -4.93 6.20 1.67
C ALA A 65 -3.97 6.01 0.49
N MET A 66 -4.05 6.89 -0.50
CA MET A 66 -3.16 6.82 -1.66
C MET A 66 -1.73 7.16 -1.26
N ASN A 67 -1.57 7.90 -0.17
CA ASN A 67 -0.27 8.17 0.42
C ASN A 67 0.44 6.85 0.71
N THR A 68 -0.22 5.99 1.46
CA THR A 68 0.33 4.69 1.80
C THR A 68 0.30 3.74 0.61
N ALA A 69 -0.69 3.92 -0.27
CA ALA A 69 -0.80 3.11 -1.48
C ALA A 69 0.42 3.31 -2.38
N MET A 70 0.64 4.56 -2.80
CA MET A 70 1.78 4.90 -3.66
C MET A 70 3.09 4.48 -3.01
N ALA A 71 3.22 4.75 -1.72
CA ALA A 71 4.43 4.41 -0.98
C ALA A 71 4.66 2.90 -0.96
N ALA A 72 3.60 2.14 -0.72
CA ALA A 72 3.69 0.68 -0.63
C ALA A 72 3.99 0.07 -2.00
N GLU A 73 3.46 0.68 -3.06
CA GLU A 73 3.71 0.21 -4.42
C GLU A 73 5.20 0.33 -4.75
N VAL A 74 5.81 1.44 -4.33
CA VAL A 74 7.25 1.63 -4.52
C VAL A 74 8.05 0.69 -3.62
N ALA A 75 7.66 0.60 -2.36
CA ALA A 75 8.34 -0.28 -1.42
C ALA A 75 8.27 -1.73 -1.89
N GLU A 76 7.15 -2.10 -2.49
CA GLU A 76 6.95 -3.44 -3.02
C GLU A 76 7.96 -3.77 -4.12
N VAL A 77 8.10 -2.88 -5.08
CA VAL A 77 8.99 -3.13 -6.22
C VAL A 77 10.45 -3.07 -5.79
N VAL A 78 10.75 -2.29 -4.75
CA VAL A 78 12.11 -2.22 -4.24
C VAL A 78 12.43 -3.45 -3.41
N ALA A 79 11.42 -3.95 -2.70
CA ALA A 79 11.61 -5.10 -1.81
C ALA A 79 11.70 -6.39 -2.60
N THR A 80 10.87 -6.53 -3.63
CA THR A 80 10.92 -7.67 -4.50
C THR A 80 11.86 -7.39 -5.67
N SER A 81 13.15 -7.38 -5.37
CA SER A 81 14.18 -7.17 -6.36
C SER A 81 15.28 -8.22 -6.16
N PRO A 82 16.25 -8.31 -7.08
CA PRO A 82 17.41 -9.18 -6.88
C PRO A 82 18.16 -8.80 -5.60
N PRO A 83 18.52 -9.79 -4.77
CA PRO A 83 19.11 -9.54 -3.46
C PRO A 83 20.48 -8.89 -3.57
N GLN A 84 21.02 -8.86 -4.78
CA GLN A 84 22.32 -8.28 -5.02
C GLN A 84 22.18 -6.85 -5.54
N SER A 85 20.95 -6.42 -5.75
CA SER A 85 20.68 -5.10 -6.31
C SER A 85 19.68 -4.34 -5.44
N TYR A 86 19.22 -4.98 -4.37
CA TYR A 86 18.24 -4.39 -3.45
C TYR A 86 18.67 -3.01 -3.00
N SER A 87 19.84 -2.95 -2.39
CA SER A 87 20.36 -1.72 -1.83
C SER A 87 20.54 -0.64 -2.91
N ALA A 88 20.81 -1.07 -4.14
CA ALA A 88 20.99 -0.15 -5.24
C ALA A 88 19.65 0.47 -5.62
N VAL A 89 18.63 -0.38 -5.75
CA VAL A 89 17.29 0.08 -6.06
C VAL A 89 16.75 0.94 -4.92
N LEU A 90 16.99 0.48 -3.69
CA LEU A 90 16.54 1.19 -2.50
C LEU A 90 17.14 2.60 -2.46
N ASN A 91 18.46 2.69 -2.58
CA ASN A 91 19.16 3.96 -2.52
C ASN A 91 18.73 4.87 -3.67
N THR A 92 18.49 4.27 -4.82
CA THR A 92 18.05 5.01 -6.00
C THR A 92 16.69 5.66 -5.75
N ILE A 93 15.72 4.83 -5.38
CA ILE A 93 14.37 5.32 -5.10
C ILE A 93 14.40 6.34 -3.95
N GLY A 94 15.12 6.02 -2.89
CA GLY A 94 15.21 6.91 -1.74
C GLY A 94 15.69 8.31 -2.12
N ALA A 95 16.68 8.37 -2.99
CA ALA A 95 17.19 9.64 -3.47
C ALA A 95 16.16 10.33 -4.36
N CYS A 96 15.53 9.55 -5.23
CA CYS A 96 14.53 10.07 -6.16
C CYS A 96 13.37 10.73 -5.40
N LEU A 97 12.94 10.13 -4.29
CA LEU A 97 11.83 10.66 -3.50
C LEU A 97 12.09 12.11 -3.09
N ARG A 98 13.30 12.37 -2.62
CA ARG A 98 13.67 13.72 -2.18
C ARG A 98 13.56 14.70 -3.34
N GLU A 99 14.20 14.38 -4.46
CA GLU A 99 14.22 15.26 -5.61
C GLU A 99 12.83 15.46 -6.18
N SER A 100 12.10 14.36 -6.35
CA SER A 100 10.75 14.40 -6.89
C SER A 100 9.85 15.34 -6.08
N MET A 101 10.02 15.35 -4.77
CA MET A 101 9.26 16.23 -3.90
C MET A 101 9.57 17.69 -4.22
N MET A 102 10.84 18.00 -4.39
CA MET A 102 11.27 19.36 -4.69
C MET A 102 10.84 19.77 -6.10
N GLN A 103 10.75 18.80 -7.00
CA GLN A 103 10.33 19.07 -8.36
C GLN A 103 8.80 19.18 -8.44
N ALA A 104 8.12 18.53 -7.52
CA ALA A 104 6.66 18.53 -7.50
C ALA A 104 6.12 19.76 -6.79
N THR A 105 6.46 19.92 -5.53
CA THR A 105 5.96 21.03 -4.74
C THR A 105 7.03 22.11 -4.57
N GLY A 106 8.26 21.67 -4.32
CA GLY A 106 9.34 22.59 -4.04
C GLY A 106 9.84 22.39 -2.63
N SER A 107 9.17 21.51 -1.90
CA SER A 107 9.53 21.19 -0.53
C SER A 107 9.71 19.68 -0.40
N VAL A 108 10.74 19.25 0.32
CA VAL A 108 10.97 17.83 0.52
C VAL A 108 10.20 17.34 1.73
N ASP A 109 9.13 16.59 1.48
CA ASP A 109 8.40 15.96 2.57
C ASP A 109 9.16 14.75 3.07
N ASN A 110 9.45 14.73 4.36
CA ASN A 110 10.21 13.64 4.94
C ASN A 110 9.28 12.55 5.43
N ALA A 111 7.99 12.87 5.55
CA ALA A 111 7.00 11.92 6.02
C ALA A 111 6.81 10.79 5.02
N PHE A 112 6.57 11.16 3.77
CA PHE A 112 6.37 10.17 2.72
C PHE A 112 7.68 9.44 2.42
N THR A 113 8.76 10.20 2.26
CA THR A 113 10.07 9.65 1.99
C THR A 113 10.49 8.64 3.08
N ASN A 114 10.22 8.99 4.34
CA ASN A 114 10.55 8.08 5.44
C ASN A 114 9.59 6.90 5.47
N GLU A 115 8.32 7.17 5.15
CA GLU A 115 7.30 6.14 5.15
C GLU A 115 7.65 5.01 4.18
N VAL A 116 8.06 5.39 2.97
CA VAL A 116 8.46 4.42 1.96
C VAL A 116 9.66 3.60 2.43
N MET A 117 10.55 4.25 3.19
CA MET A 117 11.75 3.59 3.67
C MET A 117 11.37 2.56 4.71
N GLN A 118 10.50 2.95 5.63
CA GLN A 118 10.03 2.06 6.68
C GLN A 118 9.26 0.89 6.08
N LEU A 119 8.48 1.16 5.05
CA LEU A 119 7.71 0.12 4.37
C LEU A 119 8.64 -0.95 3.80
N VAL A 120 9.66 -0.52 3.07
CA VAL A 120 10.54 -1.46 2.41
C VAL A 120 11.47 -2.15 3.41
N LYS A 121 11.88 -1.43 4.45
CA LYS A 121 12.73 -2.01 5.50
C LYS A 121 11.92 -2.98 6.36
N MET A 122 10.60 -2.80 6.37
CA MET A 122 9.71 -3.69 7.11
C MET A 122 9.45 -4.98 6.34
N LEU A 123 9.17 -4.83 5.05
CA LEU A 123 8.90 -5.99 4.21
C LEU A 123 10.16 -6.81 3.98
N SER A 124 11.30 -6.16 4.12
CA SER A 124 12.57 -6.83 4.02
C SER A 124 13.13 -7.17 5.39
N ALA A 125 12.26 -7.15 6.40
CA ALA A 125 12.67 -7.50 7.76
C ALA A 125 12.50 -8.98 8.00
N ASP A 126 12.70 -9.75 6.95
CA ASP A 126 12.62 -11.20 7.00
C ASP A 126 13.91 -11.77 7.57
N SER A 127 14.69 -10.90 8.16
CA SER A 127 15.95 -11.26 8.78
C SER A 127 16.09 -10.49 10.09
N ALA A 128 15.67 -11.11 11.18
CA ALA A 128 15.70 -10.47 12.49
C ALA A 128 16.93 -10.88 13.26
N ASN A 129 17.99 -11.21 12.53
CA ASN A 129 19.24 -11.61 13.12
C ASN A 129 20.27 -10.50 12.98
N GLU A 130 21.20 -10.43 13.93
CA GLU A 130 22.25 -9.41 13.94
C GLU A 130 21.65 -8.01 14.02
N VAL A 131 20.61 -7.89 14.84
CA VAL A 131 19.92 -6.63 15.01
C VAL A 131 20.11 -6.09 16.42
N SER A 132 21.02 -6.72 17.16
CA SER A 132 21.29 -6.35 18.53
C SER A 132 22.62 -5.62 18.64
N THR A 133 22.72 -4.69 19.56
CA THR A 133 23.94 -3.92 19.78
C THR A 133 24.92 -4.68 20.66
N GLY B 1 -9.21 -29.52 8.48
CA GLY B 1 -7.80 -29.68 8.74
C GLY B 1 -7.00 -29.69 7.46
N SER B 2 -7.16 -28.64 6.66
CA SER B 2 -6.45 -28.52 5.40
C SER B 2 -5.06 -27.95 5.62
N GLY B 3 -4.09 -28.49 4.90
CA GLY B 3 -2.72 -28.01 5.01
C GLY B 3 -2.39 -27.03 3.90
N ASN B 4 -3.03 -25.87 3.93
CA ASN B 4 -2.82 -24.86 2.90
C ASN B 4 -1.42 -24.27 2.98
N SER B 5 -0.76 -24.22 1.85
CA SER B 5 0.60 -23.71 1.78
C SER B 5 0.70 -22.66 0.68
N GLN B 6 1.64 -21.72 0.84
CA GLN B 6 1.84 -20.62 -0.11
C GLN B 6 0.66 -19.63 -0.08
N PRO B 7 0.92 -18.36 -0.40
CA PRO B 7 -0.12 -17.33 -0.44
C PRO B 7 -1.20 -17.66 -1.47
N ILE B 8 -2.43 -17.32 -1.14
CA ILE B 8 -3.57 -17.62 -2.01
C ILE B 8 -3.63 -16.70 -3.22
N TRP B 9 -2.66 -15.78 -3.32
CA TRP B 9 -2.63 -14.82 -4.41
C TRP B 9 -2.16 -15.46 -5.72
N THR B 10 -3.00 -16.34 -6.25
CA THR B 10 -2.77 -16.93 -7.55
C THR B 10 -3.92 -16.56 -8.49
N ASN B 11 -5.14 -16.63 -7.96
CA ASN B 11 -6.32 -16.28 -8.73
C ASN B 11 -6.84 -14.91 -8.28
N PRO B 12 -6.95 -13.97 -9.23
CA PRO B 12 -7.38 -12.60 -8.95
C PRO B 12 -8.79 -12.56 -8.40
N ASN B 13 -9.67 -13.39 -8.95
CA ASN B 13 -11.05 -13.45 -8.52
C ASN B 13 -11.16 -13.90 -7.07
N ALA B 14 -10.37 -14.92 -6.72
CA ALA B 14 -10.35 -15.43 -5.35
C ALA B 14 -9.90 -14.36 -4.37
N ALA B 15 -8.83 -13.66 -4.72
CA ALA B 15 -8.32 -12.57 -3.90
C ALA B 15 -9.35 -11.45 -3.79
N MET B 16 -10.01 -11.17 -4.91
CA MET B 16 -11.04 -10.14 -4.95
C MET B 16 -12.23 -10.51 -4.07
N THR B 17 -12.47 -11.81 -3.93
CA THR B 17 -13.52 -12.29 -3.05
C THR B 17 -13.19 -11.92 -1.60
N MET B 18 -11.91 -12.03 -1.26
CA MET B 18 -11.41 -11.64 0.06
C MET B 18 -11.61 -10.15 0.25
N THR B 19 -11.22 -9.37 -0.76
CA THR B 19 -11.36 -7.92 -0.73
C THR B 19 -12.83 -7.53 -0.55
N ASN B 20 -13.72 -8.19 -1.27
CA ASN B 20 -15.14 -7.90 -1.24
C ASN B 20 -15.76 -8.28 0.10
N ASN B 21 -15.51 -9.51 0.54
CA ASN B 21 -16.06 -9.99 1.81
C ASN B 21 -15.52 -9.18 2.97
N LEU B 22 -14.29 -8.71 2.83
CA LEU B 22 -13.67 -7.85 3.83
C LEU B 22 -14.49 -6.58 4.01
N VAL B 23 -14.88 -5.98 2.90
CA VAL B 23 -15.69 -4.77 2.93
C VAL B 23 -17.06 -5.05 3.54
N GLN B 24 -17.65 -6.19 3.19
CA GLN B 24 -18.95 -6.56 3.75
C GLN B 24 -18.86 -6.74 5.26
N CYS B 25 -17.81 -7.40 5.72
CA CYS B 25 -17.61 -7.64 7.15
C CYS B 25 -17.35 -6.32 7.87
N ALA B 26 -16.54 -5.48 7.27
CA ALA B 26 -16.23 -4.17 7.84
C ALA B 26 -17.45 -3.27 7.87
N SER B 27 -18.29 -3.39 6.85
CA SER B 27 -19.46 -2.55 6.70
C SER B 27 -20.53 -2.88 7.75
N ARG B 28 -20.41 -4.05 8.36
CA ARG B 28 -21.37 -4.45 9.39
C ARG B 28 -20.69 -4.49 10.77
N SER B 29 -19.51 -3.91 10.86
CA SER B 29 -18.72 -3.97 12.09
C SER B 29 -19.30 -3.08 13.18
N GLY B 30 -19.71 -1.88 12.80
CA GLY B 30 -20.11 -0.89 13.78
C GLY B 30 -18.91 -0.22 14.41
N VAL B 31 -17.74 -0.44 13.81
CA VAL B 31 -16.51 0.12 14.32
C VAL B 31 -15.97 1.19 13.37
N LEU B 32 -16.01 0.88 12.08
CA LEU B 32 -15.44 1.76 11.08
C LEU B 32 -16.46 2.78 10.61
N THR B 33 -15.96 3.94 10.20
CA THR B 33 -16.80 5.01 9.70
C THR B 33 -16.90 4.93 8.17
N ALA B 34 -17.81 5.71 7.60
CA ALA B 34 -17.99 5.73 6.14
C ALA B 34 -16.73 6.23 5.47
N ASP B 35 -15.99 7.05 6.19
CA ASP B 35 -14.68 7.55 5.75
C ASP B 35 -13.74 6.37 5.50
N GLN B 36 -13.53 5.58 6.53
CA GLN B 36 -12.67 4.40 6.45
C GLN B 36 -13.25 3.38 5.47
N MET B 37 -14.57 3.24 5.50
CA MET B 37 -15.26 2.26 4.66
C MET B 37 -15.20 2.62 3.19
N ASP B 38 -15.24 3.91 2.88
CA ASP B 38 -15.20 4.35 1.49
C ASP B 38 -13.80 4.16 0.92
N ASP B 39 -12.79 4.23 1.80
CA ASP B 39 -11.43 3.89 1.41
C ASP B 39 -11.31 2.39 1.10
N MET B 40 -11.96 1.57 1.92
CA MET B 40 -11.96 0.13 1.71
C MET B 40 -12.82 -0.23 0.49
N GLY B 41 -13.86 0.55 0.27
CA GLY B 41 -14.71 0.37 -0.89
C GLY B 41 -13.94 0.62 -2.18
N MET B 42 -13.14 1.68 -2.20
CA MET B 42 -12.33 2.00 -3.37
C MET B 42 -11.26 0.92 -3.56
N MET B 43 -10.86 0.30 -2.46
CA MET B 43 -9.92 -0.83 -2.49
C MET B 43 -10.48 -1.94 -3.38
N ALA B 44 -11.72 -2.33 -3.11
CA ALA B 44 -12.37 -3.38 -3.89
C ALA B 44 -12.50 -2.98 -5.36
N ASP B 45 -12.87 -1.73 -5.60
CA ASP B 45 -13.12 -1.27 -6.97
C ASP B 45 -11.83 -1.04 -7.75
N SER B 46 -10.77 -0.65 -7.06
CA SER B 46 -9.48 -0.44 -7.72
C SER B 46 -8.89 -1.76 -8.19
N VAL B 47 -9.01 -2.81 -7.38
CA VAL B 47 -8.61 -4.14 -7.80
C VAL B 47 -9.44 -4.57 -9.00
N ASN B 48 -10.73 -4.27 -8.93
CA ASN B 48 -11.67 -4.59 -9.98
C ASN B 48 -11.32 -3.87 -11.28
N SER B 49 -11.10 -2.57 -11.18
CA SER B 49 -10.83 -1.74 -12.35
C SER B 49 -9.48 -2.10 -13.01
N GLN B 50 -8.52 -2.50 -12.21
CA GLN B 50 -7.23 -2.96 -12.74
C GLN B 50 -7.45 -4.20 -13.60
N MET B 51 -8.31 -5.09 -13.13
CA MET B 51 -8.61 -6.33 -13.83
C MET B 51 -9.26 -6.07 -15.19
N GLN B 52 -10.23 -5.17 -15.22
CA GLN B 52 -10.92 -4.86 -16.47
C GLN B 52 -10.03 -4.04 -17.40
N LYS B 53 -9.03 -3.37 -16.84
CA LYS B 53 -8.03 -2.70 -17.66
C LYS B 53 -7.14 -3.72 -18.37
N MET B 54 -6.75 -4.75 -17.64
CA MET B 54 -5.87 -5.79 -18.18
C MET B 54 -6.66 -6.77 -19.05
N GLY B 55 -7.67 -7.39 -18.46
CA GLY B 55 -8.47 -8.36 -19.17
C GLY B 55 -8.18 -9.77 -18.72
N PRO B 56 -8.36 -10.76 -19.59
CA PRO B 56 -8.11 -12.17 -19.26
C PRO B 56 -6.63 -12.47 -19.12
N ASN B 57 -6.28 -13.13 -18.01
CA ASN B 57 -4.90 -13.52 -17.72
C ASN B 57 -3.99 -12.32 -17.54
N PRO B 58 -3.89 -11.80 -16.30
CA PRO B 58 -3.02 -10.68 -15.99
C PRO B 58 -1.60 -11.14 -15.62
N PRO B 59 -0.64 -10.21 -15.66
CA PRO B 59 0.76 -10.49 -15.30
C PRO B 59 0.91 -10.81 -13.81
N GLN B 60 1.86 -11.66 -13.48
CA GLN B 60 2.03 -12.14 -12.12
C GLN B 60 2.52 -11.03 -11.20
N HIS B 61 3.36 -10.15 -11.74
CA HIS B 61 3.88 -9.04 -10.95
C HIS B 61 2.75 -8.07 -10.57
N ARG B 62 1.64 -8.14 -11.28
CA ARG B 62 0.49 -7.33 -10.91
C ARG B 62 -0.02 -7.78 -9.55
N LEU B 63 -0.11 -9.10 -9.38
CA LEU B 63 -0.60 -9.69 -8.13
C LEU B 63 0.35 -9.37 -6.98
N ARG B 64 1.67 -9.46 -7.24
CA ARG B 64 2.66 -9.20 -6.19
C ARG B 64 2.50 -7.78 -5.64
N ALA B 65 2.17 -6.84 -6.52
CA ALA B 65 1.99 -5.45 -6.11
C ALA B 65 0.61 -5.21 -5.51
N MET B 66 -0.41 -5.81 -6.10
CA MET B 66 -1.79 -5.65 -5.62
C MET B 66 -1.94 -6.16 -4.20
N ASN B 67 -1.19 -7.21 -3.88
CA ASN B 67 -1.16 -7.76 -2.52
C ASN B 67 -0.87 -6.66 -1.50
N THR B 68 0.24 -5.96 -1.72
CA THR B 68 0.67 -4.93 -0.81
C THR B 68 -0.26 -3.73 -0.83
N ALA B 69 -0.82 -3.44 -2.00
CA ALA B 69 -1.74 -2.31 -2.15
C ALA B 69 -3.00 -2.53 -1.32
N MET B 70 -3.67 -3.66 -1.56
CA MET B 70 -4.89 -4.01 -0.83
C MET B 70 -4.64 -4.00 0.68
N ALA B 71 -3.54 -4.61 1.10
CA ALA B 71 -3.20 -4.71 2.51
C ALA B 71 -2.95 -3.34 3.13
N ALA B 72 -2.22 -2.50 2.40
CA ALA B 72 -1.87 -1.17 2.89
C ALA B 72 -3.10 -0.28 3.02
N GLU B 73 -4.05 -0.46 2.11
CA GLU B 73 -5.29 0.31 2.15
C GLU B 73 -6.08 0.00 3.42
N VAL B 74 -6.11 -1.28 3.78
CA VAL B 74 -6.76 -1.70 5.02
C VAL B 74 -6.00 -1.20 6.24
N ALA B 75 -4.68 -1.36 6.20
CA ALA B 75 -3.83 -0.88 7.28
C ALA B 75 -4.00 0.62 7.51
N GLU B 76 -4.18 1.34 6.41
CA GLU B 76 -4.39 2.78 6.45
C GLU B 76 -5.64 3.14 7.26
N VAL B 77 -6.75 2.48 6.95
CA VAL B 77 -8.02 2.81 7.58
C VAL B 77 -8.06 2.34 9.04
N VAL B 78 -7.27 1.33 9.36
CA VAL B 78 -7.19 0.85 10.73
C VAL B 78 -6.27 1.75 11.56
N ALA B 79 -5.23 2.26 10.91
CA ALA B 79 -4.24 3.08 11.60
C ALA B 79 -4.74 4.50 11.81
N THR B 80 -5.31 5.08 10.77
CA THR B 80 -5.88 6.41 10.87
C THR B 80 -7.30 6.34 11.43
N SER B 81 -7.36 6.14 12.74
CA SER B 81 -8.62 6.04 13.45
C SER B 81 -8.43 6.61 14.86
N PRO B 82 -9.50 6.75 15.65
CA PRO B 82 -9.36 7.13 17.05
C PRO B 82 -8.56 6.10 17.82
N PRO B 83 -7.59 6.53 18.63
CA PRO B 83 -6.67 5.61 19.32
C PRO B 83 -7.40 4.77 20.36
N GLN B 84 -8.62 5.18 20.67
CA GLN B 84 -9.46 4.46 21.61
C GLN B 84 -10.22 3.34 20.91
N SER B 85 -10.23 3.38 19.58
CA SER B 85 -10.91 2.38 18.79
C SER B 85 -9.96 1.70 17.82
N TYR B 86 -8.67 2.04 17.93
CA TYR B 86 -7.63 1.46 17.08
C TYR B 86 -7.65 -0.05 17.16
N SER B 87 -7.47 -0.57 18.37
CA SER B 87 -7.46 -2.00 18.60
C SER B 87 -8.81 -2.62 18.28
N ALA B 88 -9.87 -1.81 18.36
CA ALA B 88 -11.21 -2.28 18.01
C ALA B 88 -11.30 -2.53 16.51
N VAL B 89 -10.93 -1.52 15.72
CA VAL B 89 -10.91 -1.63 14.27
C VAL B 89 -9.92 -2.72 13.85
N LEU B 90 -8.74 -2.72 14.47
CA LEU B 90 -7.69 -3.67 14.18
C LEU B 90 -8.19 -5.10 14.36
N ASN B 91 -8.76 -5.37 15.54
CA ASN B 91 -9.26 -6.70 15.86
C ASN B 91 -10.37 -7.11 14.90
N THR B 92 -11.23 -6.16 14.57
CA THR B 92 -12.35 -6.43 13.67
C THR B 92 -11.84 -6.80 12.28
N ILE B 93 -10.97 -5.97 11.73
CA ILE B 93 -10.39 -6.23 10.42
C ILE B 93 -9.62 -7.56 10.43
N GLY B 94 -8.78 -7.76 11.45
CA GLY B 94 -8.01 -8.98 11.54
C GLY B 94 -8.87 -10.22 11.51
N ALA B 95 -9.98 -10.19 12.24
CA ALA B 95 -10.91 -11.31 12.26
C ALA B 95 -11.61 -11.48 10.91
N CYS B 96 -12.06 -10.37 10.34
CA CYS B 96 -12.73 -10.39 9.04
C CYS B 96 -11.81 -10.95 7.95
N LEU B 97 -10.52 -10.63 8.04
CA LEU B 97 -9.52 -11.16 7.10
C LEU B 97 -9.53 -12.68 7.10
N ARG B 98 -9.45 -13.25 8.29
CA ARG B 98 -9.40 -14.69 8.47
C ARG B 98 -10.61 -15.37 7.83
N GLU B 99 -11.79 -14.81 8.06
CA GLU B 99 -13.02 -15.40 7.57
C GLU B 99 -13.19 -15.18 6.07
N SER B 100 -12.81 -14.00 5.60
CA SER B 100 -12.89 -13.69 4.18
C SER B 100 -12.04 -14.67 3.37
N MET B 101 -10.88 -15.02 3.90
CA MET B 101 -10.00 -15.96 3.24
C MET B 101 -10.64 -17.33 3.12
N MET B 102 -11.28 -17.78 4.19
CA MET B 102 -11.92 -19.08 4.18
C MET B 102 -13.13 -19.10 3.25
N GLN B 103 -13.79 -17.96 3.10
CA GLN B 103 -14.92 -17.85 2.20
C GLN B 103 -14.46 -17.68 0.76
N ALA B 104 -13.22 -17.22 0.60
CA ALA B 104 -12.66 -16.98 -0.73
C ALA B 104 -12.00 -18.23 -1.29
N THR B 105 -11.15 -18.86 -0.48
CA THR B 105 -10.43 -20.03 -0.91
C THR B 105 -10.96 -21.29 -0.25
N GLY B 106 -11.02 -21.25 1.08
CA GLY B 106 -11.45 -22.41 1.85
C GLY B 106 -10.57 -22.61 3.06
N SER B 107 -9.47 -21.89 3.10
CA SER B 107 -8.55 -21.96 4.22
C SER B 107 -8.09 -20.56 4.60
N VAL B 108 -7.29 -20.45 5.65
CA VAL B 108 -6.86 -19.14 6.13
C VAL B 108 -5.46 -18.80 5.63
N ASP B 109 -5.37 -17.80 4.77
CA ASP B 109 -4.09 -17.28 4.33
C ASP B 109 -3.49 -16.39 5.42
N ASN B 110 -2.37 -16.81 5.97
CA ASN B 110 -1.73 -16.08 7.05
C ASN B 110 -0.77 -15.04 6.52
N ALA B 111 -0.35 -15.22 5.26
CA ALA B 111 0.61 -14.33 4.65
C ALA B 111 0.05 -12.92 4.52
N PHE B 112 -1.14 -12.83 3.94
CA PHE B 112 -1.79 -11.53 3.74
C PHE B 112 -2.26 -10.96 5.07
N THR B 113 -2.91 -11.80 5.87
CA THR B 113 -3.41 -11.39 7.16
C THR B 113 -2.30 -10.85 8.06
N ASN B 114 -1.14 -11.50 8.05
CA ASN B 114 0.00 -11.04 8.85
C ASN B 114 0.57 -9.76 8.26
N GLU B 115 0.61 -9.69 6.94
CA GLU B 115 1.13 -8.52 6.22
C GLU B 115 0.38 -7.26 6.64
N VAL B 116 -0.95 -7.35 6.70
CA VAL B 116 -1.78 -6.23 7.11
C VAL B 116 -1.49 -5.82 8.55
N MET B 117 -1.21 -6.81 9.40
CA MET B 117 -0.95 -6.55 10.81
C MET B 117 0.34 -5.76 10.96
N GLN B 118 1.37 -6.19 10.25
CA GLN B 118 2.67 -5.53 10.29
C GLN B 118 2.58 -4.12 9.73
N LEU B 119 1.81 -3.98 8.65
CA LEU B 119 1.61 -2.69 8.02
C LEU B 119 0.95 -1.70 8.96
N VAL B 120 -0.15 -2.11 9.58
CA VAL B 120 -0.92 -1.21 10.43
C VAL B 120 -0.15 -0.85 11.70
N LYS B 121 0.66 -1.78 12.20
CA LYS B 121 1.47 -1.54 13.39
C LYS B 121 2.59 -0.56 13.08
N MET B 122 3.18 -0.71 11.91
CA MET B 122 4.28 0.16 11.48
C MET B 122 3.76 1.56 11.18
N LEU B 123 2.54 1.65 10.68
CA LEU B 123 1.93 2.95 10.40
C LEU B 123 1.45 3.58 11.70
N SER B 124 1.47 2.79 12.76
CA SER B 124 1.09 3.24 14.08
C SER B 124 2.27 3.18 15.02
N ALA B 125 3.46 3.31 14.45
CA ALA B 125 4.69 3.11 15.20
C ALA B 125 5.12 4.35 15.95
N ASP B 126 4.18 4.93 16.70
CA ASP B 126 4.49 5.98 17.63
C ASP B 126 4.88 5.34 18.95
N SER B 127 5.21 4.07 18.88
CA SER B 127 5.47 3.26 20.05
C SER B 127 6.84 3.55 20.65
N ALA B 128 6.93 4.67 21.35
CA ALA B 128 8.10 4.99 22.13
C ALA B 128 7.83 4.63 23.58
N ASN B 129 6.77 3.85 23.77
CA ASN B 129 6.30 3.44 25.08
C ASN B 129 7.35 2.59 25.79
N GLU B 130 7.26 2.55 27.10
CA GLU B 130 8.22 1.86 27.94
C GLU B 130 8.23 0.35 27.71
N VAL B 131 9.18 -0.10 26.91
CA VAL B 131 9.43 -1.53 26.71
C VAL B 131 10.65 -1.93 27.53
N SER B 132 11.13 -0.96 28.30
CA SER B 132 12.34 -1.12 29.10
C SER B 132 12.16 -2.16 30.21
N THR B 133 13.24 -2.88 30.50
CA THR B 133 13.25 -3.86 31.57
C THR B 133 13.42 -3.16 32.91
N GLY A 1 -2.15 10.14 11.80
CA GLY A 1 -1.62 10.47 10.45
C GLY A 1 -1.78 11.94 10.12
N SER A 2 -3.01 12.34 9.81
CA SER A 2 -3.31 13.73 9.51
C SER A 2 -3.15 14.58 10.77
N GLY A 3 -2.45 15.71 10.63
CA GLY A 3 -2.22 16.58 11.76
C GLY A 3 -0.83 16.38 12.34
N ASN A 4 -0.40 15.13 12.41
CA ASN A 4 0.93 14.78 12.91
C ASN A 4 1.99 15.39 12.00
N SER A 5 1.70 15.42 10.72
CA SER A 5 2.56 16.06 9.74
C SER A 5 1.72 16.45 8.53
N GLN A 6 2.32 17.13 7.60
CA GLN A 6 1.62 17.60 6.41
C GLN A 6 2.30 17.10 5.15
N PRO A 7 1.78 16.02 4.54
CA PRO A 7 2.29 15.50 3.27
C PRO A 7 1.81 16.36 2.10
N ILE A 8 2.37 16.12 0.92
CA ILE A 8 2.04 16.93 -0.26
C ILE A 8 0.74 16.44 -0.91
N TRP A 9 -0.02 15.62 -0.20
CA TRP A 9 -1.25 15.05 -0.72
C TRP A 9 -2.43 15.99 -0.51
N THR A 10 -2.16 17.29 -0.53
CA THR A 10 -3.21 18.29 -0.47
C THR A 10 -3.97 18.33 -1.78
N ASN A 11 -3.22 18.19 -2.87
CA ASN A 11 -3.81 18.08 -4.20
C ASN A 11 -3.36 16.79 -4.84
N PRO A 12 -4.28 16.09 -5.51
CA PRO A 12 -4.01 14.78 -6.10
C PRO A 12 -2.99 14.85 -7.23
N ASN A 13 -3.02 15.95 -7.98
CA ASN A 13 -2.11 16.13 -9.10
C ASN A 13 -0.71 16.44 -8.60
N ALA A 14 -0.62 17.16 -7.49
CA ALA A 14 0.66 17.50 -6.89
C ALA A 14 1.38 16.24 -6.44
N ALA A 15 0.65 15.37 -5.77
CA ALA A 15 1.19 14.09 -5.32
C ALA A 15 1.47 13.18 -6.50
N MET A 16 0.56 13.21 -7.49
CA MET A 16 0.70 12.38 -8.69
C MET A 16 1.98 12.77 -9.45
N THR A 17 2.38 14.03 -9.33
CA THR A 17 3.62 14.50 -9.93
C THR A 17 4.81 13.77 -9.31
N MET A 18 4.76 13.57 -7.99
CA MET A 18 5.81 12.84 -7.28
C MET A 18 5.84 11.39 -7.78
N THR A 19 4.65 10.83 -7.95
CA THR A 19 4.51 9.46 -8.46
C THR A 19 5.12 9.34 -9.86
N ASN A 20 4.82 10.32 -10.72
CA ASN A 20 5.31 10.32 -12.09
C ASN A 20 6.82 10.53 -12.13
N ASN A 21 7.29 11.55 -11.42
CA ASN A 21 8.72 11.86 -11.39
C ASN A 21 9.52 10.68 -10.86
N LEU A 22 8.93 9.97 -9.91
CA LEU A 22 9.56 8.80 -9.32
C LEU A 22 9.87 7.76 -10.41
N VAL A 23 8.90 7.53 -11.29
CA VAL A 23 9.06 6.56 -12.36
C VAL A 23 10.08 7.04 -13.38
N GLN A 24 10.01 8.32 -13.75
CA GLN A 24 10.95 8.90 -14.71
C GLN A 24 12.37 8.83 -14.16
N CYS A 25 12.51 9.11 -12.87
CA CYS A 25 13.78 9.09 -12.19
C CYS A 25 14.33 7.66 -12.08
N ALA A 26 13.44 6.70 -11.89
CA ALA A 26 13.82 5.29 -11.89
C ALA A 26 14.22 4.83 -13.29
N SER A 27 13.55 5.38 -14.29
CA SER A 27 13.84 5.06 -15.67
C SER A 27 15.18 5.64 -16.11
N ARG A 28 15.52 6.83 -15.60
CA ARG A 28 16.76 7.49 -15.98
C ARG A 28 17.93 7.01 -15.11
N SER A 29 17.64 6.11 -14.17
CA SER A 29 18.71 5.48 -13.39
C SER A 29 19.02 4.10 -13.95
N GLY A 30 17.97 3.33 -14.22
CA GLY A 30 18.15 2.05 -14.88
C GLY A 30 18.56 0.93 -13.93
N VAL A 31 18.38 1.15 -12.64
CA VAL A 31 18.72 0.14 -11.64
C VAL A 31 17.65 -0.95 -11.61
N LEU A 32 16.43 -0.57 -11.97
CA LEU A 32 15.30 -1.47 -11.88
C LEU A 32 15.11 -2.24 -13.18
N THR A 33 14.47 -3.39 -13.07
CA THR A 33 14.20 -4.24 -14.21
C THR A 33 12.84 -3.93 -14.81
N ALA A 34 12.50 -4.62 -15.90
CA ALA A 34 11.21 -4.41 -16.58
C ALA A 34 10.05 -4.69 -15.64
N ASP A 35 10.15 -5.75 -14.86
CA ASP A 35 9.12 -6.10 -13.87
C ASP A 35 8.91 -4.95 -12.90
N GLN A 36 10.00 -4.48 -12.32
CA GLN A 36 9.95 -3.43 -11.30
C GLN A 36 9.43 -2.13 -11.88
N MET A 37 9.89 -1.78 -13.07
CA MET A 37 9.47 -0.55 -13.73
C MET A 37 8.01 -0.62 -14.13
N ASP A 38 7.57 -1.79 -14.55
CA ASP A 38 6.19 -1.98 -14.99
C ASP A 38 5.25 -1.95 -13.78
N ASP A 39 5.78 -2.32 -12.61
CA ASP A 39 5.03 -2.18 -11.36
C ASP A 39 4.83 -0.71 -11.02
N MET A 40 5.92 0.05 -11.07
CA MET A 40 5.88 1.47 -10.76
C MET A 40 5.01 2.22 -11.77
N GLY A 41 5.06 1.78 -13.02
CA GLY A 41 4.20 2.35 -14.04
C GLY A 41 2.74 2.15 -13.72
N MET A 42 2.40 0.95 -13.26
CA MET A 42 1.05 0.62 -12.85
C MET A 42 0.64 1.45 -11.64
N MET A 43 1.60 1.68 -10.76
CA MET A 43 1.37 2.49 -9.57
C MET A 43 0.84 3.87 -9.96
N ALA A 44 1.50 4.49 -10.94
CA ALA A 44 1.09 5.80 -11.42
C ALA A 44 -0.29 5.75 -12.05
N ASP A 45 -0.56 4.67 -12.79
CA ASP A 45 -1.86 4.47 -13.42
C ASP A 45 -2.94 4.28 -12.36
N SER A 46 -2.59 3.57 -11.29
CA SER A 46 -3.49 3.35 -10.17
C SER A 46 -4.00 4.68 -9.60
N VAL A 47 -3.07 5.61 -9.37
CA VAL A 47 -3.42 6.93 -8.86
C VAL A 47 -4.33 7.66 -9.84
N ASN A 48 -4.05 7.47 -11.13
CA ASN A 48 -4.83 8.10 -12.18
C ASN A 48 -6.23 7.49 -12.29
N SER A 49 -6.33 6.21 -12.00
CA SER A 49 -7.56 5.44 -12.24
C SER A 49 -8.76 6.00 -11.49
N GLN A 50 -8.57 6.43 -10.26
CA GLN A 50 -9.69 6.95 -9.49
C GLN A 50 -9.90 8.42 -9.74
N MET A 51 -8.91 9.09 -10.29
CA MET A 51 -9.11 10.47 -10.69
C MET A 51 -9.89 10.54 -11.99
N GLN A 52 -9.66 9.57 -12.88
CA GLN A 52 -10.36 9.50 -14.15
C GLN A 52 -11.76 8.92 -13.96
N LYS A 53 -11.99 8.27 -12.82
CA LYS A 53 -13.33 7.87 -12.42
C LYS A 53 -14.22 9.09 -12.28
N MET A 54 -13.61 10.15 -11.79
CA MET A 54 -14.33 11.33 -11.36
C MET A 54 -13.96 12.54 -12.19
N GLY A 55 -14.31 13.72 -11.70
CA GLY A 55 -13.94 14.94 -12.36
C GLY A 55 -13.45 15.99 -11.37
N PRO A 56 -14.33 16.90 -10.94
CA PRO A 56 -13.98 17.98 -10.03
C PRO A 56 -14.02 17.58 -8.55
N ASN A 57 -12.91 17.81 -7.86
CA ASN A 57 -12.81 17.64 -6.40
C ASN A 57 -12.92 16.18 -5.98
N PRO A 58 -11.78 15.53 -5.75
CA PRO A 58 -11.74 14.15 -5.27
C PRO A 58 -11.97 14.05 -3.77
N PRO A 59 -12.34 12.87 -3.28
CA PRO A 59 -12.48 12.59 -1.86
C PRO A 59 -11.14 12.73 -1.14
N GLN A 60 -11.10 13.59 -0.13
CA GLN A 60 -9.88 13.87 0.61
C GLN A 60 -9.42 12.61 1.36
N HIS A 61 -10.38 11.84 1.85
CA HIS A 61 -10.06 10.62 2.57
C HIS A 61 -9.41 9.60 1.64
N ARG A 62 -9.68 9.72 0.35
CA ARG A 62 -9.07 8.85 -0.63
C ARG A 62 -7.58 9.21 -0.76
N LEU A 63 -7.28 10.49 -0.60
CA LEU A 63 -5.91 10.97 -0.69
C LEU A 63 -5.07 10.40 0.45
N ARG A 64 -5.61 10.45 1.67
CA ARG A 64 -4.89 9.91 2.82
C ARG A 64 -4.67 8.40 2.68
N ALA A 65 -5.64 7.72 2.08
CA ALA A 65 -5.56 6.27 1.92
C ALA A 65 -4.56 5.88 0.82
N MET A 66 -4.61 6.60 -0.30
CA MET A 66 -3.75 6.28 -1.43
C MET A 66 -2.32 6.76 -1.18
N ASN A 67 -2.16 7.62 -0.17
CA ASN A 67 -0.84 8.08 0.24
C ASN A 67 0.07 6.87 0.53
N THR A 68 -0.32 6.10 1.53
CA THR A 68 0.43 4.91 1.90
C THR A 68 0.39 3.85 0.80
N ALA A 69 -0.66 3.88 -0.02
CA ALA A 69 -0.78 2.95 -1.13
C ALA A 69 0.37 3.13 -2.12
N MET A 70 0.60 4.38 -2.52
CA MET A 70 1.70 4.71 -3.42
C MET A 70 3.04 4.28 -2.81
N ALA A 71 3.21 4.60 -1.54
CA ALA A 71 4.43 4.27 -0.82
C ALA A 71 4.64 2.75 -0.73
N ALA A 72 3.56 2.03 -0.43
CA ALA A 72 3.61 0.59 -0.29
C ALA A 72 4.00 -0.09 -1.59
N GLU A 73 3.45 0.41 -2.70
CA GLU A 73 3.75 -0.15 -4.01
C GLU A 73 5.24 0.02 -4.33
N VAL A 74 5.79 1.18 -4.01
CA VAL A 74 7.22 1.44 -4.19
C VAL A 74 8.05 0.47 -3.36
N ALA A 75 7.68 0.32 -2.09
CA ALA A 75 8.37 -0.60 -1.19
C ALA A 75 8.30 -2.02 -1.73
N GLU A 76 7.14 -2.39 -2.25
CA GLU A 76 6.96 -3.70 -2.86
C GLU A 76 7.95 -3.88 -4.02
N VAL A 77 7.99 -2.88 -4.90
CA VAL A 77 8.89 -2.91 -6.05
C VAL A 77 10.34 -3.13 -5.60
N VAL A 78 10.77 -2.37 -4.60
CA VAL A 78 12.14 -2.46 -4.09
C VAL A 78 12.38 -3.80 -3.41
N ALA A 79 11.41 -4.27 -2.63
CA ALA A 79 11.56 -5.50 -1.86
C ALA A 79 11.51 -6.74 -2.73
N THR A 80 11.03 -6.59 -3.96
CA THR A 80 10.92 -7.73 -4.87
C THR A 80 12.01 -7.67 -5.95
N SER A 81 13.05 -6.91 -5.69
CA SER A 81 14.19 -6.85 -6.59
C SER A 81 15.15 -8.00 -6.28
N PRO A 82 16.15 -8.25 -7.14
CA PRO A 82 17.15 -9.28 -6.86
C PRO A 82 17.95 -8.94 -5.61
N PRO A 83 18.24 -9.93 -4.76
CA PRO A 83 18.90 -9.71 -3.47
C PRO A 83 20.21 -8.97 -3.64
N GLN A 84 20.87 -9.21 -4.77
CA GLN A 84 22.19 -8.64 -5.03
C GLN A 84 22.07 -7.21 -5.55
N SER A 85 20.86 -6.76 -5.78
CA SER A 85 20.62 -5.43 -6.29
C SER A 85 19.62 -4.67 -5.43
N TYR A 86 19.15 -5.34 -4.36
CA TYR A 86 18.17 -4.76 -3.45
C TYR A 86 18.69 -3.45 -2.85
N SER A 87 19.93 -3.48 -2.38
CA SER A 87 20.56 -2.31 -1.79
C SER A 87 20.68 -1.18 -2.83
N ALA A 88 20.93 -1.55 -4.07
CA ALA A 88 21.09 -0.58 -5.15
C ALA A 88 19.75 0.08 -5.48
N VAL A 89 18.73 -0.73 -5.71
CA VAL A 89 17.40 -0.21 -6.01
C VAL A 89 16.87 0.62 -4.86
N LEU A 90 17.06 0.10 -3.63
CA LEU A 90 16.63 0.80 -2.43
C LEU A 90 17.27 2.18 -2.36
N ASN A 91 18.58 2.21 -2.51
CA ASN A 91 19.34 3.46 -2.50
C ASN A 91 18.84 4.42 -3.57
N THR A 92 18.52 3.88 -4.74
CA THR A 92 18.08 4.69 -5.86
C THR A 92 16.75 5.33 -5.55
N ILE A 93 15.78 4.53 -5.10
CA ILE A 93 14.47 5.04 -4.76
C ILE A 93 14.54 5.98 -3.57
N GLY A 94 15.26 5.59 -2.52
CA GLY A 94 15.36 6.41 -1.32
C GLY A 94 15.91 7.79 -1.62
N ALA A 95 16.93 7.86 -2.46
CA ALA A 95 17.51 9.14 -2.84
C ALA A 95 16.70 9.82 -3.94
N CYS A 96 15.80 9.07 -4.54
CA CYS A 96 14.97 9.59 -5.62
C CYS A 96 13.76 10.32 -5.05
N LEU A 97 13.21 9.81 -3.96
CA LEU A 97 12.04 10.41 -3.33
C LEU A 97 12.32 11.85 -2.91
N ARG A 98 13.52 12.07 -2.40
CA ARG A 98 13.96 13.41 -2.02
C ARG A 98 13.90 14.36 -3.22
N GLU A 99 14.41 13.87 -4.35
CA GLU A 99 14.46 14.67 -5.57
C GLU A 99 13.06 14.90 -6.14
N SER A 100 12.30 13.81 -6.27
CA SER A 100 10.96 13.88 -6.82
C SER A 100 10.09 14.88 -6.07
N MET A 101 10.22 14.90 -4.74
CA MET A 101 9.48 15.86 -3.93
C MET A 101 9.89 17.29 -4.24
N MET A 102 11.19 17.51 -4.38
CA MET A 102 11.73 18.84 -4.62
C MET A 102 11.39 19.34 -6.01
N GLN A 103 11.18 18.41 -6.94
CA GLN A 103 10.76 18.77 -8.29
C GLN A 103 9.25 18.93 -8.37
N ALA A 104 8.53 18.15 -7.55
CA ALA A 104 7.08 18.20 -7.55
C ALA A 104 6.56 19.45 -6.85
N THR A 105 6.90 19.60 -5.58
CA THR A 105 6.39 20.70 -4.79
C THR A 105 7.44 21.79 -4.61
N GLY A 106 8.69 21.38 -4.52
CA GLY A 106 9.77 22.32 -4.28
C GLY A 106 10.43 22.07 -2.95
N SER A 107 9.79 21.21 -2.15
CA SER A 107 10.29 20.86 -0.83
C SER A 107 10.25 19.34 -0.66
N VAL A 108 11.16 18.81 0.12
CA VAL A 108 11.20 17.37 0.31
C VAL A 108 10.49 16.97 1.60
N ASP A 109 9.39 16.24 1.45
CA ASP A 109 8.70 15.67 2.60
C ASP A 109 9.43 14.44 3.08
N ASN A 110 9.60 14.34 4.39
CA ASN A 110 10.33 13.22 4.97
C ASN A 110 9.37 12.16 5.45
N ALA A 111 8.09 12.51 5.56
CA ALA A 111 7.08 11.57 6.02
C ALA A 111 6.90 10.44 5.02
N PHE A 112 6.65 10.81 3.77
CA PHE A 112 6.45 9.84 2.70
C PHE A 112 7.75 9.10 2.41
N THR A 113 8.83 9.86 2.26
CA THR A 113 10.14 9.30 2.00
C THR A 113 10.57 8.30 3.09
N ASN A 114 10.24 8.57 4.34
CA ASN A 114 10.58 7.65 5.42
C ASN A 114 9.63 6.46 5.43
N GLU A 115 8.38 6.72 5.07
CA GLU A 115 7.34 5.68 5.09
C GLU A 115 7.75 4.50 4.22
N VAL A 116 8.20 4.77 2.98
CA VAL A 116 8.62 3.71 2.07
C VAL A 116 9.83 2.96 2.62
N MET A 117 10.67 3.68 3.38
CA MET A 117 11.87 3.09 3.93
C MET A 117 11.50 2.11 5.03
N GLN A 118 10.52 2.49 5.84
CA GLN A 118 10.03 1.63 6.90
C GLN A 118 9.30 0.43 6.29
N LEU A 119 8.51 0.71 5.26
CA LEU A 119 7.76 -0.31 4.56
C LEU A 119 8.66 -1.41 4.01
N VAL A 120 9.69 -1.00 3.29
CA VAL A 120 10.57 -1.94 2.62
C VAL A 120 11.43 -2.71 3.63
N LYS A 121 11.73 -2.07 4.77
CA LYS A 121 12.48 -2.72 5.84
C LYS A 121 11.59 -3.68 6.61
N MET A 122 10.29 -3.56 6.40
CA MET A 122 9.31 -4.41 7.05
C MET A 122 8.98 -5.63 6.18
N LEU A 123 8.77 -5.37 4.89
CA LEU A 123 8.41 -6.43 3.96
C LEU A 123 9.57 -7.38 3.71
N SER A 124 10.78 -6.86 3.76
CA SER A 124 11.96 -7.64 3.44
C SER A 124 12.65 -8.13 4.72
N ALA A 125 11.93 -8.10 5.83
CA ALA A 125 12.51 -8.40 7.13
C ALA A 125 12.44 -9.88 7.47
N ASP A 126 12.48 -10.72 6.45
CA ASP A 126 12.49 -12.16 6.65
C ASP A 126 13.90 -12.61 7.04
N SER A 127 14.03 -13.16 8.24
CA SER A 127 15.32 -13.60 8.73
C SER A 127 15.64 -15.00 8.22
N ALA A 128 16.19 -15.05 7.01
CA ALA A 128 16.54 -16.32 6.37
C ALA A 128 17.95 -16.76 6.79
N ASN A 129 18.32 -16.38 8.00
CA ASN A 129 19.64 -16.71 8.53
C ASN A 129 19.65 -18.13 9.06
N GLU A 130 20.23 -19.04 8.30
CA GLU A 130 20.35 -20.43 8.72
C GLU A 130 21.78 -20.73 9.12
N VAL A 131 22.07 -20.72 10.41
CA VAL A 131 23.41 -20.95 10.90
C VAL A 131 23.72 -22.45 10.95
N SER A 132 22.68 -23.26 10.79
CA SER A 132 22.83 -24.70 10.80
C SER A 132 22.16 -25.31 9.57
N THR A 133 22.79 -26.31 8.99
CA THR A 133 22.22 -26.99 7.82
C THR A 133 22.19 -28.50 8.04
N GLY B 1 6.79 -10.22 -2.42
CA GLY B 1 5.41 -10.48 -2.06
C GLY B 1 4.86 -11.69 -2.79
N SER B 2 5.60 -12.14 -3.79
CA SER B 2 5.22 -13.32 -4.56
C SER B 2 6.48 -14.00 -5.09
N GLY B 3 6.69 -15.24 -4.67
CA GLY B 3 7.89 -15.96 -5.03
C GLY B 3 8.59 -16.49 -3.81
N ASN B 4 8.99 -15.59 -2.92
CA ASN B 4 9.57 -15.98 -1.63
C ASN B 4 8.45 -16.31 -0.65
N SER B 5 7.23 -16.00 -1.04
CA SER B 5 6.06 -16.29 -0.26
C SER B 5 4.92 -16.73 -1.18
N GLN B 6 3.96 -17.46 -0.65
CA GLN B 6 2.86 -17.98 -1.45
C GLN B 6 1.52 -17.40 -0.99
N PRO B 7 1.10 -16.27 -1.55
CA PRO B 7 -0.19 -15.68 -1.26
C PRO B 7 -1.27 -16.15 -2.24
N ILE B 8 -2.48 -15.62 -2.09
CA ILE B 8 -3.57 -15.99 -2.98
C ILE B 8 -3.60 -15.08 -4.20
N TRP B 9 -2.64 -14.18 -4.30
CA TRP B 9 -2.60 -13.18 -5.36
C TRP B 9 -2.05 -13.76 -6.66
N THR B 10 -2.67 -14.85 -7.11
CA THR B 10 -2.34 -15.44 -8.39
C THR B 10 -3.47 -15.16 -9.38
N ASN B 11 -4.63 -14.80 -8.85
CA ASN B 11 -5.79 -14.51 -9.67
C ASN B 11 -6.48 -13.25 -9.17
N PRO B 12 -6.81 -12.33 -10.09
CA PRO B 12 -7.42 -11.03 -9.73
C PRO B 12 -8.76 -11.20 -9.03
N ASN B 13 -9.61 -12.05 -9.58
CA ASN B 13 -10.96 -12.23 -9.07
C ASN B 13 -10.92 -12.92 -7.71
N ALA B 14 -10.05 -13.90 -7.57
CA ALA B 14 -9.90 -14.62 -6.31
C ALA B 14 -9.46 -13.69 -5.18
N ALA B 15 -8.48 -12.85 -5.47
CA ALA B 15 -7.97 -11.90 -4.48
C ALA B 15 -9.02 -10.84 -4.18
N MET B 16 -9.73 -10.40 -5.21
CA MET B 16 -10.77 -9.39 -5.06
C MET B 16 -11.91 -9.91 -4.18
N THR B 17 -12.08 -11.23 -4.16
CA THR B 17 -13.09 -11.85 -3.32
C THR B 17 -12.77 -11.62 -1.84
N MET B 18 -11.47 -11.61 -1.52
CA MET B 18 -11.02 -11.34 -0.17
C MET B 18 -11.35 -9.89 0.19
N THR B 19 -11.10 -9.00 -0.75
CA THR B 19 -11.39 -7.58 -0.58
C THR B 19 -12.88 -7.35 -0.33
N ASN B 20 -13.71 -8.09 -1.08
CA ASN B 20 -15.16 -7.99 -0.96
C ASN B 20 -15.63 -8.47 0.41
N ASN B 21 -15.20 -9.66 0.80
CA ASN B 21 -15.57 -10.24 2.09
C ASN B 21 -15.12 -9.35 3.24
N LEU B 22 -14.00 -8.66 3.04
CA LEU B 22 -13.46 -7.78 4.07
C LEU B 22 -14.43 -6.63 4.35
N VAL B 23 -14.94 -6.02 3.29
CA VAL B 23 -15.90 -4.94 3.42
C VAL B 23 -17.20 -5.45 4.06
N GLN B 24 -17.62 -6.65 3.68
CA GLN B 24 -18.82 -7.26 4.25
C GLN B 24 -18.66 -7.45 5.76
N CYS B 25 -17.49 -7.89 6.19
CA CYS B 25 -17.18 -8.00 7.61
C CYS B 25 -17.32 -6.65 8.31
N ALA B 26 -16.69 -5.63 7.73
CA ALA B 26 -16.69 -4.30 8.33
C ALA B 26 -18.10 -3.73 8.41
N SER B 27 -18.88 -3.98 7.37
CA SER B 27 -20.24 -3.48 7.32
C SER B 27 -21.13 -4.17 8.36
N ARG B 28 -20.95 -5.47 8.53
CA ARG B 28 -21.77 -6.22 9.47
C ARG B 28 -21.33 -5.97 10.92
N SER B 29 -20.04 -5.69 11.11
CA SER B 29 -19.51 -5.42 12.44
C SER B 29 -19.95 -4.03 12.91
N GLY B 30 -19.70 -3.03 12.07
CA GLY B 30 -20.09 -1.67 12.40
C GLY B 30 -19.14 -1.01 13.37
N VAL B 31 -17.96 -1.60 13.54
CA VAL B 31 -16.95 -1.06 14.42
C VAL B 31 -16.15 0.02 13.69
N LEU B 32 -16.32 0.07 12.38
CA LEU B 32 -15.64 1.06 11.56
C LEU B 32 -16.56 2.24 11.29
N THR B 33 -15.96 3.41 11.08
CA THR B 33 -16.71 4.63 10.84
C THR B 33 -17.06 4.79 9.36
N ALA B 34 -17.82 5.83 9.03
CA ALA B 34 -18.18 6.11 7.64
C ALA B 34 -16.94 6.35 6.80
N ASP B 35 -15.97 7.03 7.39
CA ASP B 35 -14.64 7.21 6.79
C ASP B 35 -14.09 5.86 6.36
N GLN B 36 -13.90 5.01 7.35
CA GLN B 36 -13.23 3.74 7.17
C GLN B 36 -13.99 2.83 6.21
N MET B 37 -15.32 2.84 6.31
CA MET B 37 -16.15 2.01 5.44
C MET B 37 -16.04 2.44 3.99
N ASP B 38 -16.03 3.75 3.76
CA ASP B 38 -15.97 4.28 2.41
C ASP B 38 -14.55 4.13 1.84
N ASP B 39 -13.56 4.19 2.72
CA ASP B 39 -12.17 3.95 2.30
C ASP B 39 -12.01 2.51 1.83
N MET B 40 -12.54 1.56 2.59
CA MET B 40 -12.46 0.15 2.23
C MET B 40 -13.31 -0.14 1.00
N GLY B 41 -14.45 0.54 0.90
CA GLY B 41 -15.28 0.41 -0.29
C GLY B 41 -14.55 0.92 -1.53
N MET B 42 -13.89 2.07 -1.37
CA MET B 42 -13.07 2.63 -2.44
C MET B 42 -11.96 1.66 -2.82
N MET B 43 -11.35 1.07 -1.81
CA MET B 43 -10.29 0.07 -2.01
C MET B 43 -10.75 -1.02 -2.99
N ALA B 44 -11.95 -1.54 -2.79
CA ALA B 44 -12.49 -2.57 -3.65
C ALA B 44 -12.75 -2.05 -5.06
N ASP B 45 -13.24 -0.81 -5.15
CA ASP B 45 -13.57 -0.21 -6.43
C ASP B 45 -12.30 0.10 -7.22
N SER B 46 -11.24 0.46 -6.51
CA SER B 46 -9.94 0.70 -7.12
C SER B 46 -9.42 -0.57 -7.78
N VAL B 47 -9.48 -1.68 -7.04
CA VAL B 47 -9.04 -2.98 -7.54
C VAL B 47 -9.84 -3.36 -8.79
N ASN B 48 -11.11 -2.99 -8.79
CA ASN B 48 -11.99 -3.28 -9.93
C ASN B 48 -11.52 -2.55 -11.19
N SER B 49 -11.10 -1.30 -11.05
CA SER B 49 -10.59 -0.55 -12.19
C SER B 49 -9.39 -1.24 -12.81
N GLN B 50 -8.57 -1.84 -11.96
CA GLN B 50 -7.39 -2.56 -12.43
C GLN B 50 -7.74 -4.01 -12.76
N MET B 51 -9.00 -4.25 -13.11
CA MET B 51 -9.41 -5.51 -13.70
C MET B 51 -10.21 -5.26 -14.97
N GLN B 52 -10.95 -4.16 -14.99
CA GLN B 52 -11.75 -3.78 -16.15
C GLN B 52 -10.88 -3.12 -17.22
N LYS B 53 -9.77 -2.54 -16.78
CA LYS B 53 -8.80 -1.96 -17.70
C LYS B 53 -8.10 -3.04 -18.52
N MET B 54 -8.16 -4.26 -18.03
CA MET B 54 -7.49 -5.37 -18.68
C MET B 54 -8.51 -6.46 -19.03
N GLY B 55 -8.04 -7.56 -19.57
CA GLY B 55 -8.95 -8.60 -20.01
C GLY B 55 -8.65 -9.96 -19.41
N PRO B 56 -8.57 -11.00 -20.27
CA PRO B 56 -8.43 -12.39 -19.83
C PRO B 56 -6.99 -12.80 -19.56
N ASN B 57 -6.10 -11.83 -19.50
CA ASN B 57 -4.70 -12.09 -19.23
C ASN B 57 -4.01 -10.86 -18.65
N PRO B 58 -4.19 -10.62 -17.35
CA PRO B 58 -3.51 -9.55 -16.65
C PRO B 58 -2.16 -9.98 -16.06
N PRO B 59 -1.25 -9.02 -15.88
CA PRO B 59 0.09 -9.28 -15.34
C PRO B 59 0.06 -9.80 -13.90
N GLN B 60 0.92 -10.78 -13.64
CA GLN B 60 1.03 -11.40 -12.32
C GLN B 60 1.80 -10.48 -11.36
N HIS B 61 2.82 -9.79 -11.88
CA HIS B 61 3.62 -8.88 -11.07
C HIS B 61 2.74 -7.77 -10.52
N ARG B 62 1.71 -7.41 -11.28
CA ARG B 62 0.75 -6.41 -10.83
C ARG B 62 0.07 -6.88 -9.55
N LEU B 63 -0.20 -8.18 -9.46
CA LEU B 63 -0.87 -8.75 -8.30
C LEU B 63 0.03 -8.70 -7.07
N ARG B 64 1.32 -8.96 -7.26
CA ARG B 64 2.26 -8.89 -6.14
C ARG B 64 2.32 -7.47 -5.58
N ALA B 65 2.18 -6.48 -6.46
CA ALA B 65 2.20 -5.09 -6.04
C ALA B 65 0.85 -4.66 -5.45
N MET B 66 -0.23 -5.16 -6.02
CA MET B 66 -1.57 -4.84 -5.52
C MET B 66 -1.81 -5.49 -4.17
N ASN B 67 -1.05 -6.55 -3.88
CA ASN B 67 -1.05 -7.17 -2.56
C ASN B 67 -0.80 -6.12 -1.50
N THR B 68 0.30 -5.40 -1.66
CA THR B 68 0.69 -4.36 -0.73
C THR B 68 -0.31 -3.20 -0.75
N ALA B 69 -0.86 -2.92 -1.94
CA ALA B 69 -1.82 -1.83 -2.08
C ALA B 69 -3.08 -2.09 -1.25
N MET B 70 -3.70 -3.25 -1.45
CA MET B 70 -4.91 -3.60 -0.71
C MET B 70 -4.63 -3.63 0.79
N ALA B 71 -3.51 -4.22 1.16
CA ALA B 71 -3.14 -4.35 2.57
C ALA B 71 -2.89 -2.99 3.21
N ALA B 72 -2.14 -2.13 2.51
CA ALA B 72 -1.80 -0.81 3.03
C ALA B 72 -3.03 0.05 3.23
N GLU B 73 -3.99 -0.08 2.31
CA GLU B 73 -5.24 0.68 2.42
C GLU B 73 -6.00 0.29 3.68
N VAL B 74 -6.12 -1.01 3.93
CA VAL B 74 -6.78 -1.52 5.13
C VAL B 74 -6.08 -1.02 6.39
N ALA B 75 -4.74 -1.10 6.39
CA ALA B 75 -3.96 -0.64 7.52
C ALA B 75 -4.15 0.85 7.74
N GLU B 76 -4.16 1.61 6.65
CA GLU B 76 -4.43 3.04 6.72
C GLU B 76 -5.80 3.30 7.32
N VAL B 77 -6.76 2.46 6.95
CA VAL B 77 -8.12 2.56 7.45
C VAL B 77 -8.16 2.40 8.97
N VAL B 78 -7.48 1.38 9.47
CA VAL B 78 -7.47 1.11 10.90
C VAL B 78 -6.64 2.14 11.65
N ALA B 79 -5.57 2.62 11.02
CA ALA B 79 -4.67 3.57 11.67
C ALA B 79 -5.20 5.01 11.62
N THR B 80 -6.41 5.18 11.11
CA THR B 80 -7.04 6.50 11.09
C THR B 80 -8.25 6.51 12.04
N SER B 81 -8.32 5.52 12.91
CA SER B 81 -9.38 5.43 13.89
C SER B 81 -8.93 6.10 15.19
N PRO B 82 -9.88 6.53 16.05
CA PRO B 82 -9.56 7.11 17.35
C PRO B 82 -8.85 6.10 18.24
N PRO B 83 -7.98 6.57 19.15
CA PRO B 83 -7.19 5.69 20.02
C PRO B 83 -8.08 4.74 20.80
N GLN B 84 -9.23 5.24 21.19
CA GLN B 84 -10.18 4.49 22.00
C GLN B 84 -10.91 3.43 21.18
N SER B 85 -10.77 3.50 19.87
CA SER B 85 -11.48 2.56 18.99
C SER B 85 -10.49 1.73 18.19
N TYR B 86 -9.22 2.11 18.26
CA TYR B 86 -8.16 1.47 17.48
C TYR B 86 -8.13 -0.04 17.70
N SER B 87 -8.13 -0.46 18.95
CA SER B 87 -8.06 -1.87 19.29
C SER B 87 -9.27 -2.63 18.74
N ALA B 88 -10.45 -2.05 18.90
CA ALA B 88 -11.68 -2.67 18.44
C ALA B 88 -11.68 -2.86 16.93
N VAL B 89 -11.35 -1.79 16.20
CA VAL B 89 -11.29 -1.85 14.74
C VAL B 89 -10.19 -2.81 14.29
N LEU B 90 -9.02 -2.69 14.92
CA LEU B 90 -7.87 -3.51 14.56
C LEU B 90 -8.19 -4.99 14.70
N ASN B 91 -8.74 -5.35 15.85
CA ASN B 91 -9.09 -6.74 16.15
C ASN B 91 -10.09 -7.28 15.14
N THR B 92 -11.04 -6.45 14.75
CA THR B 92 -12.08 -6.87 13.83
C THR B 92 -11.50 -7.18 12.45
N ILE B 93 -10.71 -6.24 11.92
CA ILE B 93 -10.07 -6.45 10.62
C ILE B 93 -9.11 -7.63 10.68
N GLY B 94 -8.26 -7.67 11.69
CA GLY B 94 -7.27 -8.73 11.81
C GLY B 94 -7.90 -10.10 11.82
N ALA B 95 -8.99 -10.26 12.55
CA ALA B 95 -9.68 -11.53 12.62
C ALA B 95 -10.41 -11.84 11.32
N CYS B 96 -10.99 -10.82 10.71
CA CYS B 96 -11.77 -11.00 9.49
C CYS B 96 -10.89 -11.35 8.30
N LEU B 97 -9.64 -10.92 8.30
CA LEU B 97 -8.73 -11.28 7.21
C LEU B 97 -8.59 -12.80 7.12
N ARG B 98 -8.57 -13.44 8.28
CA ARG B 98 -8.52 -14.88 8.35
C ARG B 98 -9.78 -15.49 7.74
N GLU B 99 -10.93 -14.95 8.15
CA GLU B 99 -12.22 -15.45 7.71
C GLU B 99 -12.43 -15.18 6.24
N SER B 100 -12.20 -13.94 5.82
CA SER B 100 -12.37 -13.54 4.42
C SER B 100 -11.56 -14.44 3.49
N MET B 101 -10.33 -14.75 3.89
CA MET B 101 -9.48 -15.64 3.11
C MET B 101 -10.11 -17.04 3.03
N MET B 102 -10.57 -17.54 4.17
CA MET B 102 -11.12 -18.89 4.24
C MET B 102 -12.47 -18.98 3.53
N GLN B 103 -13.15 -17.84 3.39
CA GLN B 103 -14.41 -17.79 2.67
C GLN B 103 -14.19 -17.46 1.19
N ALA B 104 -12.95 -17.12 0.86
CA ALA B 104 -12.60 -16.77 -0.52
C ALA B 104 -11.88 -17.92 -1.22
N THR B 105 -10.79 -18.38 -0.63
CA THR B 105 -9.98 -19.44 -1.23
C THR B 105 -10.19 -20.76 -0.50
N GLY B 106 -10.90 -20.70 0.62
CA GLY B 106 -11.09 -21.88 1.43
C GLY B 106 -9.93 -22.10 2.38
N SER B 107 -8.99 -21.15 2.40
CA SER B 107 -7.81 -21.24 3.23
C SER B 107 -7.35 -19.84 3.65
N VAL B 108 -6.85 -19.71 4.86
CA VAL B 108 -6.38 -18.43 5.34
C VAL B 108 -4.91 -18.21 4.99
N ASP B 109 -4.66 -17.24 4.12
CA ASP B 109 -3.30 -16.83 3.81
C ASP B 109 -2.73 -16.03 4.98
N ASN B 110 -1.52 -16.36 5.38
CA ASN B 110 -0.90 -15.70 6.51
C ASN B 110 -0.07 -14.52 6.07
N ALA B 111 0.34 -14.51 4.81
CA ALA B 111 1.18 -13.44 4.29
C ALA B 111 0.44 -12.11 4.30
N PHE B 112 -0.77 -12.11 3.75
CA PHE B 112 -1.56 -10.90 3.67
C PHE B 112 -2.07 -10.49 5.05
N THR B 113 -2.60 -11.46 5.78
CA THR B 113 -3.13 -11.21 7.12
C THR B 113 -2.06 -10.66 8.06
N ASN B 114 -0.84 -11.18 7.96
CA ASN B 114 0.26 -10.69 8.78
C ASN B 114 0.71 -9.31 8.32
N GLU B 115 0.72 -9.12 7.00
CA GLU B 115 1.21 -7.87 6.41
C GLU B 115 0.49 -6.66 6.99
N VAL B 116 -0.84 -6.69 6.98
CA VAL B 116 -1.63 -5.55 7.45
C VAL B 116 -1.40 -5.28 8.94
N MET B 117 -1.14 -6.34 9.70
CA MET B 117 -0.97 -6.23 11.14
C MET B 117 0.35 -5.53 11.46
N GLN B 118 1.32 -5.69 10.58
CA GLN B 118 2.59 -5.00 10.72
C GLN B 118 2.47 -3.58 10.16
N LEU B 119 1.79 -3.48 9.02
CA LEU B 119 1.57 -2.20 8.35
C LEU B 119 0.92 -1.20 9.28
N VAL B 120 -0.21 -1.60 9.87
CA VAL B 120 -1.02 -0.69 10.65
C VAL B 120 -0.28 -0.21 11.89
N LYS B 121 0.45 -1.09 12.55
CA LYS B 121 1.18 -0.73 13.77
C LYS B 121 2.36 0.17 13.43
N MET B 122 2.96 -0.05 12.27
CA MET B 122 4.05 0.79 11.79
C MET B 122 3.52 2.19 11.49
N LEU B 123 2.30 2.26 10.96
CA LEU B 123 1.68 3.55 10.64
C LEU B 123 1.04 4.15 11.88
N SER B 124 1.21 3.48 13.01
CA SER B 124 0.67 3.95 14.28
C SER B 124 1.80 4.15 15.27
N ALA B 125 3.03 4.18 14.76
CA ALA B 125 4.21 4.25 15.62
C ALA B 125 4.53 5.68 16.00
N ASP B 126 3.54 6.53 15.91
CA ASP B 126 3.69 7.91 16.32
C ASP B 126 2.84 8.17 17.55
N SER B 127 3.48 8.21 18.69
CA SER B 127 2.80 8.50 19.94
C SER B 127 3.33 9.79 20.53
N ALA B 128 2.55 10.43 21.38
CA ALA B 128 2.90 11.73 21.93
C ALA B 128 3.63 11.58 23.26
N ASN B 129 4.46 10.54 23.36
CA ASN B 129 5.24 10.27 24.55
C ASN B 129 6.21 11.42 24.84
N GLU B 130 5.80 12.31 25.73
CA GLU B 130 6.66 13.39 26.16
C GLU B 130 6.93 13.27 27.65
N VAL B 131 8.19 13.10 28.00
CA VAL B 131 8.59 12.92 29.39
C VAL B 131 8.82 14.28 30.06
N SER B 132 9.04 15.29 29.23
CA SER B 132 9.24 16.64 29.72
C SER B 132 8.42 17.62 28.90
N THR B 133 7.78 18.56 29.56
CA THR B 133 7.04 19.59 28.87
C THR B 133 7.75 20.93 29.06
N GLY A 1 -1.05 26.80 8.57
CA GLY A 1 -1.29 25.33 8.54
C GLY A 1 -1.21 24.73 9.92
N SER A 2 -1.16 23.41 9.98
CA SER A 2 -1.09 22.70 11.25
C SER A 2 0.38 22.45 11.63
N GLY A 3 0.80 23.05 12.74
CA GLY A 3 2.17 22.89 13.19
C GLY A 3 2.43 21.55 13.83
N ASN A 4 2.57 20.53 12.99
CA ASN A 4 2.84 19.17 13.46
C ASN A 4 3.15 18.26 12.28
N SER A 5 2.21 18.21 11.33
CA SER A 5 2.37 17.36 10.16
C SER A 5 2.72 18.20 8.94
N GLN A 6 3.50 17.63 8.03
CA GLN A 6 3.80 18.28 6.77
C GLN A 6 3.33 17.39 5.61
N PRO A 7 2.04 17.45 5.28
CA PRO A 7 1.45 16.62 4.25
C PRO A 7 1.46 17.28 2.88
N ILE A 8 2.24 16.73 1.96
CA ILE A 8 2.32 17.26 0.61
C ILE A 8 1.13 16.81 -0.23
N TRP A 9 0.36 15.87 0.31
CA TRP A 9 -0.80 15.30 -0.39
C TRP A 9 -2.02 16.20 -0.26
N THR A 10 -1.79 17.50 -0.06
CA THR A 10 -2.86 18.47 -0.02
C THR A 10 -3.27 18.86 -1.44
N ASN A 11 -2.46 18.42 -2.40
CA ASN A 11 -2.71 18.66 -3.82
C ASN A 11 -2.50 17.35 -4.58
N PRO A 12 -3.55 16.87 -5.25
CA PRO A 12 -3.54 15.57 -5.90
C PRO A 12 -2.62 15.51 -7.13
N ASN A 13 -2.53 16.63 -7.85
CA ASN A 13 -1.71 16.69 -9.04
C ASN A 13 -0.24 16.88 -8.67
N ALA A 14 -0.01 17.59 -7.58
CA ALA A 14 1.34 17.79 -7.08
C ALA A 14 1.95 16.46 -6.65
N ALA A 15 1.17 15.68 -5.90
CA ALA A 15 1.61 14.36 -5.48
C ALA A 15 1.77 13.44 -6.69
N MET A 16 0.86 13.58 -7.65
CA MET A 16 0.92 12.80 -8.88
C MET A 16 2.20 13.11 -9.65
N THR A 17 2.68 14.34 -9.53
CA THR A 17 3.94 14.73 -10.15
C THR A 17 5.10 13.96 -9.53
N MET A 18 5.01 13.70 -8.23
CA MET A 18 6.03 12.93 -7.53
C MET A 18 6.02 11.49 -8.05
N THR A 19 4.82 10.95 -8.24
CA THR A 19 4.65 9.61 -8.79
C THR A 19 5.23 9.53 -10.21
N ASN A 20 4.95 10.57 -10.99
CA ASN A 20 5.42 10.66 -12.37
C ASN A 20 6.95 10.77 -12.43
N ASN A 21 7.51 11.61 -11.56
CA ASN A 21 8.96 11.81 -11.52
C ASN A 21 9.69 10.53 -11.14
N LEU A 22 9.10 9.74 -10.25
CA LEU A 22 9.69 8.47 -9.85
C LEU A 22 9.85 7.54 -11.05
N VAL A 23 8.82 7.45 -11.87
CA VAL A 23 8.87 6.61 -13.06
C VAL A 23 9.92 7.11 -14.03
N GLN A 24 10.04 8.43 -14.14
CA GLN A 24 11.04 9.04 -15.00
C GLN A 24 12.45 8.71 -14.52
N CYS A 25 12.72 8.98 -13.23
CA CYS A 25 14.06 8.77 -12.69
C CYS A 25 14.41 7.29 -12.66
N ALA A 26 13.43 6.44 -12.41
CA ALA A 26 13.64 4.99 -12.41
C ALA A 26 13.99 4.50 -13.81
N SER A 27 13.25 4.97 -14.81
CA SER A 27 13.46 4.54 -16.18
C SER A 27 14.79 5.06 -16.73
N ARG A 28 15.28 6.17 -16.18
CA ARG A 28 16.54 6.75 -16.64
C ARG A 28 17.71 6.32 -15.76
N SER A 29 17.43 5.56 -14.71
CA SER A 29 18.48 5.02 -13.88
C SER A 29 18.77 3.58 -14.30
N GLY A 30 17.70 2.81 -14.49
CA GLY A 30 17.84 1.46 -15.01
C GLY A 30 18.41 0.49 -13.99
N VAL A 31 18.17 0.75 -12.72
CA VAL A 31 18.57 -0.17 -11.67
C VAL A 31 17.48 -1.21 -11.45
N LEU A 32 16.25 -0.81 -11.78
CA LEU A 32 15.09 -1.64 -11.59
C LEU A 32 14.87 -2.54 -12.80
N THR A 33 14.19 -3.65 -12.57
CA THR A 33 13.94 -4.61 -13.63
C THR A 33 12.63 -4.30 -14.34
N ALA A 34 12.34 -5.05 -15.40
CA ALA A 34 11.13 -4.84 -16.18
C ALA A 34 9.89 -5.06 -15.32
N ASP A 35 9.95 -6.08 -14.45
CA ASP A 35 8.88 -6.36 -13.51
C ASP A 35 8.60 -5.13 -12.65
N GLN A 36 9.68 -4.60 -12.09
CA GLN A 36 9.60 -3.46 -11.19
C GLN A 36 9.09 -2.21 -11.91
N MET A 37 9.59 -1.97 -13.12
CA MET A 37 9.21 -0.78 -13.88
C MET A 37 7.74 -0.81 -14.26
N ASP A 38 7.24 -1.97 -14.66
CA ASP A 38 5.85 -2.11 -15.05
C ASP A 38 4.92 -1.93 -13.86
N ASP A 39 5.36 -2.39 -12.69
CA ASP A 39 4.60 -2.21 -11.45
C ASP A 39 4.48 -0.73 -11.11
N MET A 40 5.60 -0.02 -11.16
CA MET A 40 5.60 1.43 -10.92
C MET A 40 4.83 2.15 -12.02
N GLY A 41 4.84 1.57 -13.22
CA GLY A 41 4.09 2.12 -14.33
C GLY A 41 2.60 2.16 -14.03
N MET A 42 2.06 1.03 -13.55
CA MET A 42 0.64 0.97 -13.23
C MET A 42 0.34 1.76 -11.98
N MET A 43 1.38 2.00 -11.17
CA MET A 43 1.24 2.81 -9.97
C MET A 43 0.82 4.23 -10.35
N ALA A 44 1.55 4.82 -11.29
CA ALA A 44 1.24 6.16 -11.77
C ALA A 44 -0.12 6.17 -12.46
N ASP A 45 -0.39 5.12 -13.22
CA ASP A 45 -1.65 5.00 -13.94
C ASP A 45 -2.81 4.81 -12.96
N SER A 46 -2.52 4.15 -11.85
CA SER A 46 -3.50 3.97 -10.77
C SER A 46 -3.95 5.31 -10.23
N VAL A 47 -3.00 6.18 -9.95
CA VAL A 47 -3.31 7.51 -9.43
C VAL A 47 -4.14 8.29 -10.44
N ASN A 48 -3.84 8.08 -11.72
CA ASN A 48 -4.55 8.78 -12.79
C ASN A 48 -5.94 8.18 -13.03
N SER A 49 -6.07 6.87 -12.99
CA SER A 49 -7.36 6.22 -13.24
C SER A 49 -8.32 6.47 -12.08
N GLN A 50 -7.86 6.23 -10.87
CA GLN A 50 -8.68 6.40 -9.69
C GLN A 50 -9.10 7.86 -9.50
N MET A 51 -8.24 8.80 -9.92
CA MET A 51 -8.57 10.21 -9.80
C MET A 51 -9.73 10.56 -10.75
N GLN A 52 -9.73 9.95 -11.93
CA GLN A 52 -10.78 10.21 -12.91
C GLN A 52 -12.08 9.54 -12.50
N LYS A 53 -11.97 8.50 -11.69
CA LYS A 53 -13.13 7.83 -11.13
C LYS A 53 -13.84 8.74 -10.12
N MET A 54 -13.09 9.68 -9.54
CA MET A 54 -13.61 10.52 -8.47
C MET A 54 -13.85 11.95 -8.94
N GLY A 55 -12.92 12.47 -9.73
CA GLY A 55 -13.03 13.82 -10.21
C GLY A 55 -11.72 14.56 -10.09
N PRO A 56 -11.61 15.78 -10.63
CA PRO A 56 -10.37 16.57 -10.59
C PRO A 56 -10.00 16.99 -9.17
N ASN A 57 -10.99 16.97 -8.29
CA ASN A 57 -10.81 17.37 -6.90
C ASN A 57 -11.44 16.33 -5.97
N PRO A 58 -10.78 15.19 -5.80
CA PRO A 58 -11.24 14.13 -4.90
C PRO A 58 -11.28 14.57 -3.44
N PRO A 59 -12.09 13.86 -2.62
CA PRO A 59 -12.18 14.12 -1.19
C PRO A 59 -10.86 13.84 -0.48
N GLN A 60 -10.64 14.51 0.65
CA GLN A 60 -9.38 14.48 1.37
C GLN A 60 -8.93 13.05 1.73
N HIS A 61 -9.86 12.24 2.23
CA HIS A 61 -9.49 10.91 2.73
C HIS A 61 -9.00 10.00 1.61
N ARG A 62 -9.32 10.34 0.36
CA ARG A 62 -8.81 9.58 -0.78
C ARG A 62 -7.30 9.74 -0.85
N LEU A 63 -6.86 10.99 -0.73
CA LEU A 63 -5.44 11.31 -0.74
C LEU A 63 -4.77 10.72 0.49
N ARG A 64 -5.53 10.65 1.58
CA ARG A 64 -5.06 10.02 2.82
C ARG A 64 -4.56 8.59 2.55
N ALA A 65 -5.39 7.79 1.89
CA ALA A 65 -5.04 6.40 1.61
C ALA A 65 -4.06 6.31 0.45
N MET A 66 -4.17 7.23 -0.51
CA MET A 66 -3.30 7.23 -1.69
C MET A 66 -1.83 7.38 -1.30
N ASN A 67 -1.59 8.11 -0.22
CA ASN A 67 -0.23 8.29 0.29
C ASN A 67 0.45 6.94 0.50
N THR A 68 -0.20 6.09 1.28
CA THR A 68 0.36 4.80 1.61
C THR A 68 0.27 3.83 0.43
N ALA A 69 -0.75 4.01 -0.41
CA ALA A 69 -0.89 3.17 -1.60
C ALA A 69 0.31 3.33 -2.51
N MET A 70 0.60 4.57 -2.89
CA MET A 70 1.73 4.87 -3.76
C MET A 70 3.04 4.43 -3.11
N ALA A 71 3.17 4.71 -1.81
CA ALA A 71 4.38 4.37 -1.08
C ALA A 71 4.58 2.86 -1.02
N ALA A 72 3.51 2.13 -0.76
CA ALA A 72 3.56 0.68 -0.65
C ALA A 72 3.93 0.03 -1.97
N GLU A 73 3.39 0.56 -3.07
CA GLU A 73 3.67 0.04 -4.39
C GLU A 73 5.16 0.15 -4.71
N VAL A 74 5.75 1.32 -4.48
CA VAL A 74 7.17 1.52 -4.70
C VAL A 74 8.00 0.59 -3.80
N ALA A 75 7.59 0.49 -2.55
CA ALA A 75 8.31 -0.33 -1.57
C ALA A 75 8.27 -1.81 -1.96
N GLU A 76 7.13 -2.28 -2.41
CA GLU A 76 6.99 -3.67 -2.83
C GLU A 76 7.90 -3.94 -4.02
N VAL A 77 7.96 -2.97 -4.92
CA VAL A 77 8.85 -3.02 -6.08
C VAL A 77 10.30 -3.23 -5.65
N VAL A 78 10.78 -2.35 -4.78
CA VAL A 78 12.16 -2.39 -4.33
C VAL A 78 12.44 -3.64 -3.48
N ALA A 79 11.48 -4.01 -2.64
CA ALA A 79 11.65 -5.12 -1.72
C ALA A 79 11.72 -6.46 -2.45
N THR A 80 11.11 -6.54 -3.62
CA THR A 80 11.06 -7.79 -4.37
C THR A 80 12.14 -7.83 -5.45
N SER A 81 13.23 -7.13 -5.20
CA SER A 81 14.41 -7.23 -6.04
C SER A 81 15.38 -8.20 -5.39
N PRO A 82 16.35 -8.74 -6.15
CA PRO A 82 17.39 -9.61 -5.58
C PRO A 82 18.12 -8.88 -4.44
N PRO A 83 18.36 -9.56 -3.32
CA PRO A 83 18.90 -8.93 -2.11
C PRO A 83 20.30 -8.35 -2.33
N GLN A 84 20.91 -8.75 -3.44
CA GLN A 84 22.22 -8.28 -3.80
C GLN A 84 22.16 -6.93 -4.53
N SER A 85 20.98 -6.59 -5.04
CA SER A 85 20.79 -5.34 -5.75
C SER A 85 19.75 -4.48 -5.04
N TYR A 86 19.21 -5.02 -3.96
CA TYR A 86 18.19 -4.35 -3.15
C TYR A 86 18.64 -2.94 -2.76
N SER A 87 19.78 -2.88 -2.11
CA SER A 87 20.32 -1.64 -1.59
C SER A 87 20.57 -0.62 -2.72
N ALA A 88 20.83 -1.11 -3.92
CA ALA A 88 21.06 -0.24 -5.07
C ALA A 88 19.75 0.39 -5.54
N VAL A 89 18.73 -0.45 -5.71
CA VAL A 89 17.41 0.03 -6.11
C VAL A 89 16.83 0.94 -5.04
N LEU A 90 16.99 0.52 -3.78
CA LEU A 90 16.48 1.26 -2.63
C LEU A 90 17.03 2.69 -2.64
N ASN A 91 18.35 2.81 -2.75
CA ASN A 91 19.01 4.12 -2.78
C ASN A 91 18.51 4.97 -3.93
N THR A 92 18.35 4.33 -5.08
CA THR A 92 17.92 5.04 -6.29
C THR A 92 16.55 5.66 -6.09
N ILE A 93 15.62 4.88 -5.54
CA ILE A 93 14.29 5.36 -5.24
C ILE A 93 14.32 6.39 -4.11
N GLY A 94 15.07 6.08 -3.04
CA GLY A 94 15.13 6.99 -1.91
C GLY A 94 15.69 8.35 -2.28
N ALA A 95 16.73 8.36 -3.10
CA ALA A 95 17.34 9.61 -3.54
C ALA A 95 16.38 10.38 -4.44
N CYS A 96 15.69 9.65 -5.31
CA CYS A 96 14.73 10.28 -6.22
C CYS A 96 13.53 10.81 -5.43
N LEU A 97 13.14 10.08 -4.40
CA LEU A 97 12.02 10.45 -3.54
C LEU A 97 12.14 11.89 -3.05
N ARG A 98 13.26 12.19 -2.40
CA ARG A 98 13.48 13.49 -1.79
C ARG A 98 13.44 14.60 -2.84
N GLU A 99 14.16 14.39 -3.94
CA GLU A 99 14.26 15.38 -5.01
C GLU A 99 12.92 15.56 -5.72
N SER A 100 12.26 14.44 -5.98
CA SER A 100 10.93 14.46 -6.59
C SER A 100 9.96 15.32 -5.78
N MET A 101 10.06 15.25 -4.46
CA MET A 101 9.22 16.09 -3.60
C MET A 101 9.59 17.55 -3.75
N MET A 102 10.89 17.82 -3.85
CA MET A 102 11.38 19.19 -4.02
C MET A 102 10.86 19.79 -5.32
N GLN A 103 10.68 18.95 -6.33
CA GLN A 103 10.16 19.41 -7.61
C GLN A 103 8.64 19.44 -7.62
N ALA A 104 8.02 18.44 -7.01
CA ALA A 104 6.57 18.32 -7.01
C ALA A 104 5.90 19.42 -6.20
N THR A 105 6.29 19.54 -4.94
CA THR A 105 5.66 20.49 -4.04
C THR A 105 6.53 21.73 -3.84
N GLY A 106 7.85 21.51 -3.84
CA GLY A 106 8.76 22.59 -3.59
C GLY A 106 9.44 22.44 -2.24
N SER A 107 9.05 21.42 -1.51
CA SER A 107 9.62 21.14 -0.20
C SER A 107 9.98 19.67 -0.09
N VAL A 108 10.89 19.33 0.80
CA VAL A 108 11.24 17.93 1.02
C VAL A 108 10.28 17.30 2.00
N ASP A 109 9.44 16.44 1.48
CA ASP A 109 8.58 15.61 2.30
C ASP A 109 9.41 14.60 3.08
N ASN A 110 9.08 14.41 4.33
CA ASN A 110 9.74 13.41 5.14
C ASN A 110 8.70 12.49 5.77
N ALA A 111 7.51 12.50 5.20
CA ALA A 111 6.45 11.63 5.64
C ALA A 111 6.30 10.47 4.68
N PHE A 112 6.13 10.80 3.42
CA PHE A 112 6.02 9.81 2.36
C PHE A 112 7.37 9.14 2.12
N THR A 113 8.42 9.96 2.02
CA THR A 113 9.76 9.46 1.79
C THR A 113 10.19 8.54 2.93
N ASN A 114 9.84 8.92 4.14
CA ASN A 114 10.12 8.12 5.33
C ASN A 114 9.32 6.81 5.28
N GLU A 115 8.05 6.94 4.92
CA GLU A 115 7.14 5.80 4.90
C GLU A 115 7.64 4.73 3.95
N VAL A 116 8.02 5.13 2.75
CA VAL A 116 8.53 4.20 1.75
C VAL A 116 9.75 3.43 2.27
N MET A 117 10.63 4.14 2.97
CA MET A 117 11.85 3.53 3.49
C MET A 117 11.53 2.45 4.51
N GLN A 118 10.59 2.73 5.41
CA GLN A 118 10.21 1.77 6.43
C GLN A 118 9.41 0.62 5.81
N LEU A 119 8.56 0.96 4.86
CA LEU A 119 7.77 -0.03 4.12
C LEU A 119 8.69 -1.04 3.42
N VAL A 120 9.64 -0.54 2.66
CA VAL A 120 10.51 -1.39 1.86
C VAL A 120 11.43 -2.23 2.75
N LYS A 121 11.81 -1.69 3.89
CA LYS A 121 12.62 -2.42 4.85
C LYS A 121 11.81 -3.54 5.50
N MET A 122 10.57 -3.21 5.86
CA MET A 122 9.68 -4.19 6.49
C MET A 122 9.32 -5.30 5.50
N LEU A 123 9.03 -4.93 4.27
CA LEU A 123 8.63 -5.90 3.26
C LEU A 123 9.80 -6.78 2.81
N SER A 124 11.02 -6.36 3.14
CA SER A 124 12.20 -7.12 2.75
C SER A 124 12.84 -7.76 3.98
N ALA A 125 12.20 -7.60 5.13
CA ALA A 125 12.69 -8.19 6.36
C ALA A 125 12.17 -9.61 6.50
N ASP A 126 12.97 -10.55 6.05
CA ASP A 126 12.58 -11.95 6.07
C ASP A 126 12.89 -12.55 7.43
N SER A 127 11.93 -12.45 8.33
CA SER A 127 12.07 -12.97 9.68
C SER A 127 10.71 -13.33 10.26
N ALA A 128 10.71 -14.15 11.29
CA ALA A 128 9.48 -14.54 11.97
C ALA A 128 9.71 -14.55 13.47
N ASN A 129 10.68 -13.77 13.91
CA ASN A 129 11.11 -13.75 15.30
C ASN A 129 10.17 -12.91 16.16
N GLU A 130 10.38 -12.95 17.45
CA GLU A 130 9.57 -12.20 18.40
C GLU A 130 10.47 -11.52 19.44
N VAL A 131 10.41 -10.20 19.48
CA VAL A 131 11.23 -9.42 20.40
C VAL A 131 10.44 -9.03 21.65
N SER A 132 9.27 -9.62 21.79
CA SER A 132 8.40 -9.34 22.92
C SER A 132 8.38 -10.51 23.90
N THR A 133 8.14 -10.20 25.16
CA THR A 133 8.03 -11.21 26.20
C THR A 133 7.00 -10.80 27.24
N GLY B 1 4.50 -23.57 -4.84
CA GLY B 1 5.46 -24.66 -4.86
C GLY B 1 6.88 -24.19 -4.62
N SER B 2 7.01 -22.94 -4.19
CA SER B 2 8.32 -22.36 -3.93
C SER B 2 8.65 -22.48 -2.44
N GLY B 3 9.93 -22.39 -2.11
CA GLY B 3 10.36 -22.50 -0.71
C GLY B 3 10.13 -21.22 0.06
N ASN B 4 8.88 -20.77 0.07
CA ASN B 4 8.49 -19.55 0.77
C ASN B 4 7.01 -19.68 1.13
N SER B 5 6.45 -18.70 1.81
CA SER B 5 5.03 -18.73 2.13
C SER B 5 4.21 -18.60 0.86
N GLN B 6 3.13 -19.36 0.77
CA GLN B 6 2.31 -19.36 -0.42
C GLN B 6 1.12 -18.42 -0.27
N PRO B 7 1.07 -17.37 -1.09
CA PRO B 7 -0.03 -16.42 -1.11
C PRO B 7 -1.12 -16.81 -2.09
N ILE B 8 -2.36 -16.46 -1.77
CA ILE B 8 -3.51 -16.78 -2.60
C ILE B 8 -3.64 -15.77 -3.75
N TRP B 9 -2.71 -14.82 -3.80
CA TRP B 9 -2.73 -13.77 -4.81
C TRP B 9 -2.27 -14.29 -6.18
N THR B 10 -2.18 -15.60 -6.32
CA THR B 10 -1.96 -16.22 -7.61
C THR B 10 -3.26 -16.15 -8.42
N ASN B 11 -4.36 -15.95 -7.71
CA ASN B 11 -5.67 -15.81 -8.32
C ASN B 11 -6.27 -14.46 -7.93
N PRO B 12 -6.48 -13.57 -8.91
CA PRO B 12 -6.98 -12.22 -8.67
C PRO B 12 -8.45 -12.20 -8.26
N ASN B 13 -9.21 -13.18 -8.75
CA ASN B 13 -10.63 -13.28 -8.42
C ASN B 13 -10.79 -13.69 -6.96
N ALA B 14 -9.94 -14.62 -6.54
CA ALA B 14 -9.96 -15.10 -5.16
C ALA B 14 -9.63 -13.97 -4.20
N ALA B 15 -8.57 -13.23 -4.52
CA ALA B 15 -8.15 -12.09 -3.70
C ALA B 15 -9.24 -11.03 -3.66
N MET B 16 -9.85 -10.78 -4.81
CA MET B 16 -10.93 -9.80 -4.93
C MET B 16 -12.12 -10.17 -4.05
N THR B 17 -12.38 -11.46 -3.93
CA THR B 17 -13.43 -11.95 -3.06
C THR B 17 -13.13 -11.58 -1.61
N MET B 18 -11.85 -11.69 -1.25
CA MET B 18 -11.39 -11.34 0.09
C MET B 18 -11.60 -9.86 0.35
N THR B 19 -11.34 -9.04 -0.67
CA THR B 19 -11.52 -7.60 -0.59
C THR B 19 -12.99 -7.24 -0.30
N ASN B 20 -13.89 -7.93 -0.98
CA ASN B 20 -15.33 -7.69 -0.83
C ASN B 20 -15.82 -8.17 0.54
N ASN B 21 -15.31 -9.31 0.98
CA ASN B 21 -15.72 -9.89 2.26
C ASN B 21 -15.36 -8.96 3.42
N LEU B 22 -14.20 -8.31 3.33
CA LEU B 22 -13.76 -7.38 4.37
C LEU B 22 -14.75 -6.23 4.54
N VAL B 23 -15.27 -5.74 3.42
CA VAL B 23 -16.22 -4.64 3.47
C VAL B 23 -17.53 -5.09 4.11
N GLN B 24 -17.92 -6.33 3.81
CA GLN B 24 -19.14 -6.90 4.38
C GLN B 24 -19.06 -7.01 5.90
N CYS B 25 -17.98 -7.62 6.39
CA CYS B 25 -17.83 -7.82 7.82
C CYS B 25 -17.66 -6.49 8.55
N ALA B 26 -16.96 -5.55 7.91
CA ALA B 26 -16.79 -4.21 8.47
C ALA B 26 -18.13 -3.48 8.58
N SER B 27 -18.93 -3.58 7.52
CA SER B 27 -20.22 -2.91 7.49
C SER B 27 -21.16 -3.50 8.53
N ARG B 28 -21.14 -4.83 8.68
CA ARG B 28 -22.06 -5.49 9.62
C ARG B 28 -21.57 -5.36 11.06
N SER B 29 -20.28 -5.11 11.25
CA SER B 29 -19.74 -4.93 12.59
C SER B 29 -20.06 -3.52 13.10
N GLY B 30 -19.93 -2.54 12.22
CA GLY B 30 -20.30 -1.18 12.58
C GLY B 30 -19.26 -0.51 13.46
N VAL B 31 -18.05 -1.05 13.46
CA VAL B 31 -16.97 -0.47 14.24
C VAL B 31 -16.35 0.70 13.50
N LEU B 32 -16.20 0.53 12.20
CA LEU B 32 -15.54 1.53 11.37
C LEU B 32 -16.50 2.69 11.06
N THR B 33 -15.94 3.83 10.71
CA THR B 33 -16.71 5.03 10.44
C THR B 33 -17.02 5.13 8.94
N ALA B 34 -17.81 6.13 8.58
CA ALA B 34 -18.18 6.35 7.18
C ALA B 34 -16.94 6.61 6.33
N ASP B 35 -16.04 7.43 6.84
CA ASP B 35 -14.77 7.73 6.17
C ASP B 35 -13.98 6.44 5.94
N GLN B 36 -13.98 5.58 6.93
CA GLN B 36 -13.27 4.30 6.85
C GLN B 36 -13.94 3.34 5.87
N MET B 37 -15.26 3.21 5.99
CA MET B 37 -16.02 2.30 5.14
C MET B 37 -15.93 2.72 3.68
N ASP B 38 -15.98 4.03 3.43
CA ASP B 38 -15.88 4.57 2.09
C ASP B 38 -14.47 4.38 1.53
N ASP B 39 -13.49 4.39 2.42
CA ASP B 39 -12.10 4.14 2.04
C ASP B 39 -11.93 2.70 1.56
N MET B 40 -12.43 1.75 2.37
CA MET B 40 -12.39 0.34 2.01
C MET B 40 -13.24 0.07 0.77
N GLY B 41 -14.26 0.89 0.59
CA GLY B 41 -15.11 0.77 -0.59
C GLY B 41 -14.35 1.05 -1.87
N MET B 42 -13.52 2.08 -1.87
CA MET B 42 -12.72 2.41 -3.04
C MET B 42 -11.62 1.37 -3.23
N MET B 43 -11.22 0.74 -2.13
CA MET B 43 -10.25 -0.36 -2.20
C MET B 43 -10.76 -1.47 -3.11
N ALA B 44 -12.00 -1.88 -2.90
CA ALA B 44 -12.63 -2.89 -3.73
C ALA B 44 -12.76 -2.41 -5.17
N ASP B 45 -13.12 -1.13 -5.33
CA ASP B 45 -13.25 -0.53 -6.66
C ASP B 45 -11.89 -0.51 -7.36
N SER B 46 -10.85 -0.25 -6.60
CA SER B 46 -9.48 -0.24 -7.10
C SER B 46 -9.12 -1.58 -7.74
N VAL B 47 -9.38 -2.66 -7.03
CA VAL B 47 -9.07 -3.99 -7.53
C VAL B 47 -9.88 -4.30 -8.80
N ASN B 48 -11.13 -3.87 -8.82
CA ASN B 48 -12.02 -4.14 -9.95
C ASN B 48 -11.65 -3.28 -11.15
N SER B 49 -11.19 -2.07 -10.92
CA SER B 49 -10.83 -1.18 -12.02
C SER B 49 -9.47 -1.57 -12.61
N GLN B 50 -8.49 -1.82 -11.75
CA GLN B 50 -7.17 -2.17 -12.21
C GLN B 50 -7.12 -3.58 -12.77
N MET B 51 -8.12 -4.41 -12.43
CA MET B 51 -8.21 -5.74 -13.03
C MET B 51 -8.58 -5.60 -14.50
N GLN B 52 -9.40 -4.61 -14.81
CA GLN B 52 -9.78 -4.31 -16.18
C GLN B 52 -8.64 -3.62 -16.90
N LYS B 53 -7.83 -2.92 -16.12
CA LYS B 53 -6.62 -2.29 -16.63
C LYS B 53 -5.55 -3.33 -16.98
N MET B 54 -5.77 -4.57 -16.56
CA MET B 54 -4.83 -5.64 -16.83
C MET B 54 -5.44 -6.70 -17.75
N GLY B 55 -6.49 -7.37 -17.29
CA GLY B 55 -7.13 -8.40 -18.08
C GLY B 55 -7.68 -9.52 -17.22
N PRO B 56 -8.26 -10.57 -17.84
CA PRO B 56 -8.81 -11.73 -17.12
C PRO B 56 -7.72 -12.57 -16.46
N ASN B 57 -6.51 -12.44 -16.97
CA ASN B 57 -5.35 -13.13 -16.44
C ASN B 57 -4.22 -12.14 -16.25
N PRO B 58 -4.34 -11.27 -15.24
CA PRO B 58 -3.34 -10.24 -14.96
C PRO B 58 -1.98 -10.80 -14.60
N PRO B 59 -0.94 -10.00 -14.85
CA PRO B 59 0.44 -10.34 -14.47
C PRO B 59 0.60 -10.35 -12.96
N GLN B 60 1.11 -11.44 -12.42
CA GLN B 60 1.14 -11.63 -10.98
C GLN B 60 2.12 -10.69 -10.29
N HIS B 61 3.05 -10.10 -11.03
CA HIS B 61 3.92 -9.08 -10.44
C HIS B 61 3.11 -7.82 -10.15
N ARG B 62 2.14 -7.53 -11.00
CA ARG B 62 1.25 -6.42 -10.74
C ARG B 62 0.30 -6.78 -9.60
N LEU B 63 0.05 -8.07 -9.46
CA LEU B 63 -0.76 -8.59 -8.37
C LEU B 63 0.00 -8.50 -7.04
N ARG B 64 1.33 -8.67 -7.09
CA ARG B 64 2.14 -8.55 -5.89
C ARG B 64 2.11 -7.12 -5.39
N ALA B 65 2.06 -6.17 -6.32
CA ALA B 65 1.93 -4.76 -5.97
C ALA B 65 0.51 -4.45 -5.49
N MET B 66 -0.47 -5.12 -6.10
CA MET B 66 -1.87 -4.97 -5.67
C MET B 66 -2.08 -5.54 -4.28
N ASN B 67 -1.31 -6.58 -3.96
CA ASN B 67 -1.32 -7.16 -2.63
C ASN B 67 -1.03 -6.07 -1.59
N THR B 68 0.09 -5.40 -1.78
CA THR B 68 0.50 -4.33 -0.89
C THR B 68 -0.52 -3.19 -0.90
N ALA B 69 -1.09 -2.92 -2.08
CA ALA B 69 -2.10 -1.88 -2.22
C ALA B 69 -3.31 -2.14 -1.34
N MET B 70 -3.95 -3.30 -1.55
CA MET B 70 -5.12 -3.68 -0.77
C MET B 70 -4.81 -3.73 0.72
N ALA B 71 -3.68 -4.35 1.05
CA ALA B 71 -3.27 -4.49 2.44
C ALA B 71 -3.03 -3.13 3.09
N ALA B 72 -2.35 -2.25 2.37
CA ALA B 72 -2.03 -0.92 2.88
C ALA B 72 -3.28 -0.06 3.03
N GLU B 73 -4.25 -0.26 2.14
CA GLU B 73 -5.51 0.48 2.21
C GLU B 73 -6.27 0.11 3.49
N VAL B 74 -6.41 -1.19 3.75
CA VAL B 74 -7.05 -1.64 4.98
C VAL B 74 -6.29 -1.13 6.20
N ALA B 75 -4.97 -1.25 6.16
CA ALA B 75 -4.12 -0.80 7.25
C ALA B 75 -4.27 0.70 7.45
N GLU B 76 -4.31 1.45 6.36
CA GLU B 76 -4.52 2.89 6.42
C GLU B 76 -5.83 3.18 7.13
N VAL B 77 -6.89 2.50 6.71
CA VAL B 77 -8.22 2.67 7.29
C VAL B 77 -8.17 2.48 8.81
N VAL B 78 -7.66 1.33 9.23
CA VAL B 78 -7.60 0.99 10.64
C VAL B 78 -6.70 1.95 11.42
N ALA B 79 -5.58 2.34 10.81
CA ALA B 79 -4.61 3.20 11.49
C ALA B 79 -5.09 4.65 11.58
N THR B 80 -6.16 4.99 10.85
CA THR B 80 -6.68 6.34 10.88
C THR B 80 -7.78 6.48 11.94
N SER B 81 -8.24 5.35 12.46
CA SER B 81 -9.28 5.36 13.47
C SER B 81 -8.75 6.00 14.75
N PRO B 82 -9.62 6.71 15.51
CA PRO B 82 -9.24 7.33 16.77
C PRO B 82 -8.56 6.33 17.71
N PRO B 83 -7.60 6.81 18.53
CA PRO B 83 -6.79 5.94 19.40
C PRO B 83 -7.63 5.24 20.46
N GLN B 84 -8.90 5.61 20.53
CA GLN B 84 -9.84 5.03 21.48
C GLN B 84 -10.57 3.84 20.85
N SER B 85 -10.51 3.73 19.53
CA SER B 85 -11.24 2.69 18.82
C SER B 85 -10.31 1.86 17.94
N TYR B 86 -9.03 2.18 17.96
CA TYR B 86 -8.03 1.51 17.13
C TYR B 86 -8.06 0.00 17.35
N SER B 87 -8.07 -0.41 18.62
CA SER B 87 -8.03 -1.82 18.97
C SER B 87 -9.29 -2.54 18.50
N ALA B 88 -10.44 -1.90 18.65
CA ALA B 88 -11.71 -2.48 18.23
C ALA B 88 -11.76 -2.69 16.72
N VAL B 89 -11.34 -1.68 15.98
CA VAL B 89 -11.31 -1.77 14.52
C VAL B 89 -10.28 -2.81 14.07
N LEU B 90 -9.10 -2.75 14.67
CA LEU B 90 -8.01 -3.67 14.33
C LEU B 90 -8.43 -5.12 14.56
N ASN B 91 -9.06 -5.37 15.70
CA ASN B 91 -9.55 -6.71 16.04
C ASN B 91 -10.55 -7.21 15.00
N THR B 92 -11.47 -6.33 14.61
CA THR B 92 -12.53 -6.69 13.68
C THR B 92 -11.95 -7.08 12.34
N ILE B 93 -11.11 -6.23 11.79
CA ILE B 93 -10.47 -6.50 10.52
C ILE B 93 -9.57 -7.73 10.61
N GLY B 94 -8.74 -7.80 11.66
CA GLY B 94 -7.82 -8.91 11.81
C GLY B 94 -8.52 -10.25 11.84
N ALA B 95 -9.60 -10.34 12.60
CA ALA B 95 -10.35 -11.58 12.71
C ALA B 95 -11.09 -11.88 11.41
N CYS B 96 -11.49 -10.83 10.71
CA CYS B 96 -12.23 -10.98 9.46
C CYS B 96 -11.32 -11.48 8.35
N LEU B 97 -10.05 -11.05 8.36
CA LEU B 97 -9.10 -11.47 7.33
C LEU B 97 -8.98 -12.98 7.27
N ARG B 98 -8.96 -13.63 8.44
CA ARG B 98 -8.86 -15.08 8.50
C ARG B 98 -10.08 -15.71 7.83
N GLU B 99 -11.25 -15.21 8.19
CA GLU B 99 -12.51 -15.76 7.67
C GLU B 99 -12.65 -15.49 6.19
N SER B 100 -12.44 -14.24 5.79
CA SER B 100 -12.54 -13.83 4.40
C SER B 100 -11.71 -14.71 3.48
N MET B 101 -10.54 -15.14 3.95
CA MET B 101 -9.69 -16.02 3.16
C MET B 101 -10.31 -17.41 3.03
N MET B 102 -10.87 -17.90 4.12
CA MET B 102 -11.53 -19.20 4.13
C MET B 102 -12.77 -19.18 3.22
N GLN B 103 -13.45 -18.04 3.21
CA GLN B 103 -14.67 -17.88 2.41
C GLN B 103 -14.33 -17.59 0.96
N ALA B 104 -13.10 -17.16 0.70
CA ALA B 104 -12.67 -16.81 -0.64
C ALA B 104 -12.04 -17.99 -1.35
N THR B 105 -10.96 -18.52 -0.78
CA THR B 105 -10.21 -19.58 -1.43
C THR B 105 -10.55 -20.94 -0.83
N GLY B 106 -10.65 -20.98 0.49
CA GLY B 106 -10.82 -22.23 1.19
C GLY B 106 -9.65 -22.51 2.10
N SER B 107 -8.64 -21.67 1.99
CA SER B 107 -7.46 -21.75 2.84
C SER B 107 -7.09 -20.35 3.34
N VAL B 108 -6.79 -20.25 4.62
CA VAL B 108 -6.49 -18.96 5.21
C VAL B 108 -5.08 -18.51 4.86
N ASP B 109 -4.98 -17.53 3.98
CA ASP B 109 -3.71 -16.91 3.62
C ASP B 109 -3.14 -16.18 4.83
N ASN B 110 -2.10 -16.76 5.42
CA ASN B 110 -1.48 -16.19 6.60
C ASN B 110 -0.54 -15.05 6.23
N ALA B 111 -0.01 -15.10 5.01
CA ALA B 111 0.95 -14.10 4.57
C ALA B 111 0.30 -12.74 4.48
N PHE B 112 -0.89 -12.69 3.89
CA PHE B 112 -1.62 -11.44 3.74
C PHE B 112 -2.09 -10.93 5.09
N THR B 113 -2.75 -11.80 5.85
CA THR B 113 -3.25 -11.45 7.17
C THR B 113 -2.13 -10.93 8.07
N ASN B 114 -0.98 -11.59 8.03
CA ASN B 114 0.18 -11.16 8.81
C ASN B 114 0.68 -9.79 8.34
N GLU B 115 0.81 -9.64 7.03
CA GLU B 115 1.36 -8.42 6.45
C GLU B 115 0.48 -7.22 6.79
N VAL B 116 -0.83 -7.39 6.68
CA VAL B 116 -1.77 -6.31 6.98
C VAL B 116 -1.63 -5.86 8.43
N MET B 117 -1.42 -6.81 9.33
CA MET B 117 -1.29 -6.50 10.75
C MET B 117 -0.02 -5.71 10.99
N GLN B 118 1.05 -6.09 10.30
CA GLN B 118 2.32 -5.38 10.41
C GLN B 118 2.18 -3.96 9.88
N LEU B 119 1.53 -3.84 8.73
CA LEU B 119 1.30 -2.57 8.08
C LEU B 119 0.55 -1.60 9.00
N VAL B 120 -0.59 -2.05 9.51
CA VAL B 120 -1.45 -1.18 10.31
C VAL B 120 -0.77 -0.79 11.63
N LYS B 121 0.03 -1.69 12.18
CA LYS B 121 0.73 -1.42 13.42
C LYS B 121 1.92 -0.50 13.17
N MET B 122 2.59 -0.70 12.03
CA MET B 122 3.74 0.12 11.66
C MET B 122 3.32 1.55 11.35
N LEU B 123 2.18 1.70 10.70
CA LEU B 123 1.65 3.02 10.34
C LEU B 123 1.20 3.79 11.59
N SER B 124 1.16 3.09 12.72
CA SER B 124 0.77 3.70 13.98
C SER B 124 1.82 3.42 15.04
N ALA B 125 3.02 3.12 14.58
CA ALA B 125 4.10 2.71 15.46
C ALA B 125 4.89 3.92 15.94
N ASP B 126 4.86 4.10 17.24
CA ASP B 126 5.59 5.18 17.91
C ASP B 126 7.08 4.85 17.99
N SER B 127 7.46 3.81 17.29
CA SER B 127 8.84 3.35 17.26
C SER B 127 9.47 3.62 15.91
N ALA B 128 9.95 4.84 15.72
CA ALA B 128 10.65 5.22 14.51
C ALA B 128 11.85 6.09 14.86
N ASN B 129 12.17 6.10 16.14
CA ASN B 129 13.25 6.92 16.66
C ASN B 129 14.58 6.18 16.53
N GLU B 130 15.69 6.92 16.52
CA GLU B 130 16.99 6.32 16.38
C GLU B 130 17.46 5.70 17.70
N VAL B 131 17.06 4.45 17.92
CA VAL B 131 17.44 3.70 19.12
C VAL B 131 18.75 2.97 18.89
N SER B 132 19.37 3.22 17.75
CA SER B 132 20.64 2.63 17.41
C SER B 132 21.56 3.67 16.79
N THR B 133 22.86 3.51 16.98
CA THR B 133 23.82 4.48 16.50
C THR B 133 24.64 3.89 15.36
#